data_7DAG
#
_entry.id   7DAG
#
_cell.length_a   1.00
_cell.length_b   1.00
_cell.length_c   1.00
_cell.angle_alpha   90.00
_cell.angle_beta   90.00
_cell.angle_gamma   90.00
#
_symmetry.space_group_name_H-M   'P 1'
#
_entity_poly.entity_id   1
_entity_poly.type   'polypeptide(L)'
_entity_poly.pdbx_seq_one_letter_code
;MPVTNLAELDALVARVKAAQAEFATFSQEQVDKIFRAASLAANQARIPLAQMAVEESGMGIVEDKVIKNHFASEFIYNKY
KDEKTCGILEEDDNLGTMTIAEPVGIICGIVPTTNPTSTAIFKSLISLKTRNGIIFSPHPRAKNSTNAAAKLVLDAAIAA
GAPKDIIGWIDQPSVELSNALMKHDGIALILATGGPGMVKAAYSSGKPAIGVGAGNVPVVIDETADIKRAVASILMSKTF
DNGVVCASEQAAIVVSEVYDEVKERFATHKAHVLSKADADKVRKVLLIDGALNAKIVGQPAAAIAEMAGVKVPADTKVLV
GEGLGKVSYDDEFAHEKLSPTLGLFRADNFEDAVAQAVTMVEIGGIGHTSGLYTNQDVNADRIRYFGDKLKTARILVNIP
TTHGGIGDLYNFNVAPSLTLGCGSWGGNSISENVGPKHLINKKTVAKRAENMLWHKLPKSIYFRRGSLPIALSDLEGKKR
AFLVTDRFLFNNGYADDVVALLKAQGMEVQTFFEVEADPTLSVVEKGAAAMQSFQPDVILALGGGSPMDAAKIMWVMYEH
PDTHFEELAMRFMDIRKRIYKFPKMGKKAELVCITTTSGTGSEVTPFAVVTDDKTGAKYPLADYELTPQMAIVDANLVMN
MPKSLTAFGGYDAVTHALEAYVSVLANEYSDGQALQALKMLKEYLPSSYANGAKDPIAREKVHNAATIAGIAFANAFLGV
CHSMAHKIGAEFHLPHGLANALLIANVVRYNANDNPTKQTAFSQYDRPQARRRYAEVADHLGLSQPGDRTAQKIERLLTW
LDELKVNLDIPKSIQAAGVAEADFLAKVDELAVEAFDDQCTGANPRYPLIAELKEVLLASYYGKPFVEGQTFEGTTVIVK
KADQEAAKAPKAKK
;
_entity_poly.pdbx_strand_id   A,B,C,D,E,F,G,H
#
# COMPACT_ATOMS: atom_id res chain seq x y z
N PRO A 2 2.15 5.46 -53.36
CA PRO A 2 2.38 5.32 -54.81
C PRO A 2 3.81 5.70 -55.18
N VAL A 3 4.66 4.69 -55.36
CA VAL A 3 6.09 4.89 -55.50
C VAL A 3 6.51 4.36 -56.87
N THR A 4 6.48 5.23 -57.88
CA THR A 4 6.74 4.77 -59.25
C THR A 4 7.67 5.66 -60.08
N ASN A 5 7.73 6.96 -59.84
CA ASN A 5 8.45 7.86 -60.73
C ASN A 5 9.30 8.81 -59.91
N LEU A 6 10.40 9.25 -60.53
CA LEU A 6 11.37 10.09 -59.83
C LEU A 6 10.76 11.40 -59.36
N ALA A 7 9.61 11.79 -59.89
CA ALA A 7 8.87 12.88 -59.28
C ALA A 7 8.51 12.53 -57.85
N GLU A 8 7.62 11.54 -57.67
CA GLU A 8 7.28 11.13 -56.32
C GLU A 8 8.46 10.48 -55.62
N LEU A 9 9.38 9.87 -56.37
CA LEU A 9 10.54 9.29 -55.69
C LEU A 9 11.35 10.38 -55.02
N ASP A 10 11.63 11.46 -55.73
CA ASP A 10 12.41 12.55 -55.16
C ASP A 10 11.62 13.27 -54.09
N ALA A 11 10.30 13.39 -54.26
CA ALA A 11 9.47 13.99 -53.22
C ALA A 11 9.60 13.21 -51.92
N LEU A 12 9.38 11.89 -51.98
CA LEU A 12 9.51 11.09 -50.78
C LEU A 12 10.94 11.07 -50.27
N VAL A 13 11.92 11.18 -51.16
CA VAL A 13 13.29 11.33 -50.71
C VAL A 13 13.40 12.53 -49.81
N ALA A 14 12.89 13.67 -50.28
CA ALA A 14 12.90 14.88 -49.46
C ALA A 14 12.15 14.65 -48.15
N ARG A 15 11.08 13.88 -48.20
CA ARG A 15 10.25 13.68 -47.03
C ARG A 15 10.97 12.89 -45.95
N VAL A 16 11.37 11.65 -46.29
CA VAL A 16 12.11 10.84 -45.34
C VAL A 16 13.42 11.51 -44.97
N LYS A 17 13.95 12.36 -45.86
CA LYS A 17 15.26 12.96 -45.70
C LYS A 17 15.22 14.08 -44.66
N ALA A 18 14.18 14.91 -44.71
CA ALA A 18 13.90 15.85 -43.64
C ALA A 18 13.53 15.13 -42.35
N ALA A 19 12.75 14.04 -42.47
CA ALA A 19 12.38 13.27 -41.30
C ALA A 19 13.61 12.75 -40.58
N GLN A 20 14.61 12.30 -41.33
CA GLN A 20 15.88 11.95 -40.71
C GLN A 20 16.56 13.18 -40.12
N ALA A 21 16.47 14.32 -40.82
CA ALA A 21 17.14 15.52 -40.32
C ALA A 21 16.73 15.83 -38.90
N GLU A 22 15.43 15.87 -38.62
CA GLU A 22 15.05 16.19 -37.24
C GLU A 22 14.90 14.94 -36.39
N PHE A 23 14.87 13.76 -37.00
CA PHE A 23 14.94 12.53 -36.21
C PHE A 23 16.27 12.39 -35.51
N ALA A 24 17.36 12.72 -36.18
CA ALA A 24 18.70 12.48 -35.66
C ALA A 24 19.00 13.25 -34.40
N THR A 25 18.03 14.02 -33.90
CA THR A 25 18.21 14.90 -32.77
C THR A 25 17.74 14.29 -31.47
N PHE A 26 17.50 12.99 -31.46
CA PHE A 26 16.78 12.35 -30.38
C PHE A 26 17.74 11.83 -29.32
N SER A 27 17.27 11.77 -28.09
CA SER A 27 18.07 11.28 -26.98
C SER A 27 18.02 9.75 -26.92
N GLN A 28 19.10 9.17 -26.43
CA GLN A 28 19.25 7.72 -26.46
C GLN A 28 18.12 7.02 -25.69
N GLU A 29 17.85 7.51 -24.49
CA GLU A 29 16.87 6.91 -23.59
C GLU A 29 15.44 7.09 -24.07
N GLN A 30 15.22 7.74 -25.20
CA GLN A 30 13.89 7.73 -25.79
C GLN A 30 13.81 6.90 -27.06
N VAL A 31 14.88 6.84 -27.84
CA VAL A 31 14.89 5.93 -28.97
C VAL A 31 14.86 4.49 -28.46
N ASP A 32 15.34 4.26 -27.23
CA ASP A 32 15.31 2.92 -26.68
C ASP A 32 13.89 2.35 -26.65
N LYS A 33 12.92 3.17 -26.24
CA LYS A 33 11.55 2.68 -26.17
C LYS A 33 11.04 2.29 -27.53
N ILE A 34 11.29 3.14 -28.52
CA ILE A 34 10.93 2.84 -29.90
C ILE A 34 11.56 1.52 -30.30
N PHE A 35 12.82 1.33 -29.92
CA PHE A 35 13.51 0.08 -30.16
C PHE A 35 12.74 -1.11 -29.60
N ARG A 36 12.44 -1.06 -28.30
CA ARG A 36 11.82 -2.23 -27.68
C ARG A 36 10.49 -2.54 -28.35
N ALA A 37 9.70 -1.49 -28.56
CA ALA A 37 8.37 -1.69 -29.12
C ALA A 37 8.45 -2.23 -30.53
N ALA A 38 9.34 -1.68 -31.34
CA ALA A 38 9.48 -2.16 -32.70
C ALA A 38 9.89 -3.62 -32.72
N SER A 39 10.87 -3.97 -31.88
CA SER A 39 11.31 -5.35 -31.80
C SER A 39 10.15 -6.27 -31.43
N LEU A 40 9.41 -5.90 -30.39
CA LEU A 40 8.24 -6.66 -29.97
C LEU A 40 7.25 -6.86 -31.10
N ALA A 41 6.84 -5.76 -31.71
CA ALA A 41 5.71 -5.80 -32.63
C ALA A 41 6.10 -6.46 -33.94
N ALA A 42 7.38 -6.41 -34.29
CA ALA A 42 7.87 -7.26 -35.36
C ALA A 42 7.94 -8.70 -34.89
N ASN A 43 8.13 -8.88 -33.59
CA ASN A 43 8.44 -10.20 -33.08
C ASN A 43 7.27 -11.15 -33.13
N GLN A 44 6.08 -10.74 -32.71
CA GLN A 44 5.06 -11.79 -32.58
C GLN A 44 4.62 -12.32 -33.95
N ALA A 45 4.30 -11.42 -34.89
CA ALA A 45 3.56 -11.81 -36.10
C ALA A 45 4.50 -12.28 -37.22
N ARG A 46 5.32 -13.26 -36.86
CA ARG A 46 6.21 -13.90 -37.83
C ARG A 46 5.40 -14.79 -38.77
N ILE A 47 4.42 -15.49 -38.23
CA ILE A 47 3.63 -16.41 -39.04
C ILE A 47 2.99 -15.73 -40.22
N PRO A 48 2.33 -14.58 -40.08
CA PRO A 48 1.73 -13.96 -41.27
C PRO A 48 2.74 -13.72 -42.37
N LEU A 49 3.78 -12.96 -42.10
CA LEU A 49 4.62 -12.53 -43.21
C LEU A 49 5.36 -13.73 -43.77
N ALA A 50 5.58 -14.76 -42.94
CA ALA A 50 6.07 -16.02 -43.46
C ALA A 50 5.07 -16.63 -44.43
N GLN A 51 3.79 -16.60 -44.09
CA GLN A 51 2.76 -17.22 -44.91
C GLN A 51 2.61 -16.49 -46.25
N MET A 52 2.52 -15.18 -46.19
CA MET A 52 2.33 -14.42 -47.43
C MET A 52 3.65 -14.25 -48.18
N ALA A 53 4.77 -14.48 -47.51
CA ALA A 53 6.00 -14.75 -48.23
C ALA A 53 5.91 -16.08 -48.97
N VAL A 54 5.31 -17.08 -48.35
CA VAL A 54 5.11 -18.36 -49.03
C VAL A 54 4.34 -18.14 -50.33
N GLU A 55 3.26 -17.36 -50.25
CA GLU A 55 2.49 -17.14 -51.47
C GLU A 55 3.25 -16.27 -52.48
N GLU A 56 3.90 -15.19 -52.02
CA GLU A 56 4.48 -14.25 -52.98
C GLU A 56 5.75 -14.80 -53.62
N SER A 57 6.70 -15.28 -52.81
CA SER A 57 7.98 -15.73 -53.37
C SER A 57 7.80 -16.97 -54.23
N GLY A 58 7.14 -18.00 -53.70
CA GLY A 58 6.78 -19.14 -54.53
C GLY A 58 7.27 -20.48 -54.04
N MET A 59 8.38 -20.57 -53.33
CA MET A 59 8.89 -21.88 -52.97
C MET A 59 8.82 -22.06 -51.46
N GLY A 60 9.39 -23.16 -51.00
CA GLY A 60 9.99 -23.18 -49.69
C GLY A 60 9.07 -23.71 -48.62
N ILE A 61 9.62 -23.70 -47.41
CA ILE A 61 9.08 -24.40 -46.25
C ILE A 61 8.69 -23.32 -45.25
N VAL A 62 7.56 -23.51 -44.57
CA VAL A 62 6.98 -22.39 -43.82
C VAL A 62 7.75 -22.16 -42.52
N GLU A 63 7.92 -23.22 -41.71
CA GLU A 63 8.46 -23.01 -40.37
C GLU A 63 9.91 -22.60 -40.41
N ASP A 64 10.68 -23.10 -41.37
CA ASP A 64 12.02 -22.57 -41.56
C ASP A 64 11.97 -21.06 -41.60
N LYS A 65 10.99 -20.54 -42.32
CA LYS A 65 10.80 -19.11 -42.53
C LYS A 65 10.37 -18.44 -41.22
N VAL A 66 9.40 -19.05 -40.53
CA VAL A 66 8.86 -18.42 -39.32
C VAL A 66 9.93 -18.33 -38.23
N ILE A 67 10.60 -19.44 -37.97
CA ILE A 67 11.64 -19.42 -36.95
C ILE A 67 12.91 -18.73 -37.43
N LYS A 68 13.11 -18.56 -38.74
CA LYS A 68 14.22 -17.64 -39.02
C LYS A 68 13.82 -16.27 -38.54
N ASN A 69 12.54 -15.93 -38.68
CA ASN A 69 12.07 -14.66 -38.15
C ASN A 69 12.24 -14.60 -36.64
N HIS A 70 11.80 -15.64 -35.95
CA HIS A 70 12.09 -15.81 -34.53
C HIS A 70 13.56 -15.49 -34.23
N PHE A 71 14.44 -16.29 -34.80
CA PHE A 71 15.87 -16.20 -34.52
C PHE A 71 16.42 -14.83 -34.87
N ALA A 72 16.02 -14.31 -36.03
CA ALA A 72 16.55 -13.04 -36.51
C ALA A 72 16.16 -11.91 -35.59
N SER A 73 14.87 -11.78 -35.29
CA SER A 73 14.44 -10.72 -34.39
C SER A 73 15.13 -10.82 -33.05
N GLU A 74 15.12 -12.01 -32.46
CA GLU A 74 15.62 -12.15 -31.11
C GLU A 74 17.14 -11.99 -31.07
N PHE A 75 17.83 -12.51 -32.08
CA PHE A 75 19.24 -12.25 -32.26
C PHE A 75 19.52 -10.77 -32.38
N ILE A 76 18.70 -10.04 -33.13
CA ILE A 76 19.00 -8.63 -33.32
C ILE A 76 18.88 -7.91 -31.98
N TYR A 77 17.81 -8.18 -31.24
CA TYR A 77 17.60 -7.45 -30.01
C TYR A 77 18.63 -7.84 -28.97
N ASN A 78 18.78 -9.15 -28.75
CA ASN A 78 19.76 -9.60 -27.78
C ASN A 78 21.17 -9.22 -28.21
N LYS A 79 21.35 -9.08 -29.51
CA LYS A 79 22.61 -8.74 -30.13
C LYS A 79 23.07 -7.36 -29.75
N TYR A 80 22.14 -6.40 -29.68
CA TYR A 80 22.46 -5.00 -29.44
C TYR A 80 21.54 -4.34 -28.41
N LYS A 81 21.45 -4.89 -27.19
CA LYS A 81 20.52 -4.35 -26.19
C LYS A 81 20.55 -2.83 -26.11
N ASP A 82 21.66 -2.28 -25.60
CA ASP A 82 21.76 -0.83 -25.45
C ASP A 82 23.25 -0.56 -25.52
N GLU A 83 23.71 -0.04 -26.63
CA GLU A 83 25.11 0.29 -26.77
C GLU A 83 25.19 1.76 -27.10
N LYS A 84 25.99 2.49 -26.32
CA LYS A 84 25.95 3.95 -26.35
C LYS A 84 26.20 4.45 -27.76
N THR A 85 25.18 5.06 -28.35
CA THR A 85 25.26 5.56 -29.70
C THR A 85 24.80 7.00 -29.82
N CYS A 86 24.49 7.67 -28.72
CA CYS A 86 23.98 9.03 -28.75
C CYS A 86 24.98 9.93 -28.05
N GLY A 87 25.42 10.97 -28.74
CA GLY A 87 26.27 11.98 -28.14
C GLY A 87 27.65 11.51 -27.74
N ILE A 88 28.08 11.90 -26.53
CA ILE A 88 29.42 11.59 -26.05
C ILE A 88 29.62 10.09 -25.93
N LEU A 89 30.80 9.63 -26.34
CA LEU A 89 31.16 8.22 -26.20
C LEU A 89 32.12 8.13 -25.03
N GLU A 90 33.15 8.97 -24.99
CA GLU A 90 34.07 8.82 -23.88
C GLU A 90 34.74 10.15 -23.67
N GLU A 91 35.19 10.33 -22.44
CA GLU A 91 35.73 11.64 -22.16
C GLU A 91 37.12 11.49 -21.59
N ASP A 92 37.96 12.46 -21.89
CA ASP A 92 39.23 12.63 -21.18
C ASP A 92 39.27 14.06 -20.66
N ASP A 93 38.78 14.23 -19.44
CA ASP A 93 38.85 15.54 -18.81
C ASP A 93 40.29 15.95 -18.53
N ASN A 94 41.17 14.97 -18.34
CA ASN A 94 42.58 15.26 -18.12
C ASN A 94 43.18 15.98 -19.32
N LEU A 95 42.85 15.53 -20.53
CA LEU A 95 43.29 16.19 -21.74
C LEU A 95 42.13 16.85 -22.48
N GLY A 96 40.93 16.81 -21.92
CA GLY A 96 39.79 17.43 -22.55
C GLY A 96 39.51 16.92 -23.94
N THR A 97 39.72 15.62 -24.17
CA THR A 97 39.40 15.01 -25.45
C THR A 97 38.07 14.29 -25.31
N MET A 98 37.04 14.86 -25.92
CA MET A 98 35.71 14.24 -25.98
C MET A 98 35.58 13.48 -27.28
N THR A 99 35.24 12.19 -27.19
CA THR A 99 34.94 11.40 -28.37
C THR A 99 33.45 11.13 -28.40
N ILE A 100 32.80 11.63 -29.44
CA ILE A 100 31.38 11.43 -29.67
C ILE A 100 31.19 10.73 -31.01
N ALA A 101 29.93 10.51 -31.36
CA ALA A 101 29.55 9.83 -32.57
C ALA A 101 28.29 10.43 -33.16
N GLU A 102 28.00 10.07 -34.41
CA GLU A 102 26.87 10.68 -35.08
C GLU A 102 26.37 9.85 -36.25
N PRO A 103 25.07 9.88 -36.55
CA PRO A 103 24.53 9.10 -37.66
C PRO A 103 25.15 9.48 -39.00
N VAL A 104 24.91 8.65 -40.01
CA VAL A 104 25.55 8.85 -41.30
C VAL A 104 24.62 9.58 -42.25
N GLY A 105 23.46 9.01 -42.55
CA GLY A 105 22.56 9.65 -43.49
C GLY A 105 21.56 8.75 -44.18
N ILE A 106 21.46 8.87 -45.49
CA ILE A 106 20.44 8.18 -46.27
C ILE A 106 21.04 6.94 -46.91
N ILE A 107 20.39 5.81 -46.73
CA ILE A 107 20.92 4.54 -47.22
C ILE A 107 19.82 3.79 -47.96
N CYS A 108 20.23 3.11 -49.01
CA CYS A 108 19.36 2.22 -49.76
C CYS A 108 19.57 0.77 -49.33
N GLY A 109 18.51 -0.02 -49.44
CA GLY A 109 18.58 -1.43 -49.10
C GLY A 109 18.06 -2.30 -50.22
N ILE A 110 18.83 -3.32 -50.59
CA ILE A 110 18.48 -4.20 -51.69
C ILE A 110 18.01 -5.53 -51.11
N VAL A 111 16.84 -5.97 -51.52
CA VAL A 111 16.15 -7.11 -50.93
C VAL A 111 16.13 -8.24 -51.96
N PRO A 112 16.81 -9.35 -51.71
CA PRO A 112 16.70 -10.51 -52.59
C PRO A 112 15.48 -11.36 -52.24
N THR A 113 15.06 -12.15 -53.23
CA THR A 113 13.86 -12.94 -53.08
C THR A 113 14.03 -14.08 -52.09
N THR A 114 15.27 -14.52 -51.86
CA THR A 114 15.49 -15.69 -51.03
C THR A 114 15.05 -15.43 -49.58
N ASN A 115 15.33 -14.25 -49.05
CA ASN A 115 14.98 -13.90 -47.68
C ASN A 115 14.36 -12.51 -47.71
N PRO A 116 13.23 -12.36 -48.39
CA PRO A 116 12.66 -11.02 -48.59
C PRO A 116 12.27 -10.35 -47.29
N THR A 117 11.98 -11.13 -46.25
CA THR A 117 11.43 -10.62 -45.02
C THR A 117 12.47 -10.30 -43.97
N SER A 118 13.24 -11.32 -43.57
CA SER A 118 14.17 -11.15 -42.46
C SER A 118 15.16 -10.03 -42.74
N THR A 119 15.67 -9.96 -43.97
CA THR A 119 16.64 -8.93 -44.30
C THR A 119 16.05 -7.54 -44.12
N ALA A 120 14.81 -7.33 -44.53
CA ALA A 120 14.21 -6.01 -44.46
C ALA A 120 14.11 -5.52 -43.03
N ILE A 121 13.51 -6.34 -42.16
CA ILE A 121 13.36 -5.97 -40.77
C ILE A 121 14.72 -5.78 -40.13
N PHE A 122 15.66 -6.66 -40.47
CA PHE A 122 17.04 -6.55 -40.02
C PHE A 122 17.58 -5.15 -40.27
N LYS A 123 17.63 -4.78 -41.56
CA LYS A 123 18.20 -3.49 -41.93
C LYS A 123 17.46 -2.34 -41.28
N SER A 124 16.13 -2.38 -41.30
CA SER A 124 15.35 -1.27 -40.79
C SER A 124 15.59 -1.07 -39.30
N LEU A 125 15.58 -2.17 -38.55
CA LEU A 125 15.76 -2.13 -37.12
C LEU A 125 17.14 -1.59 -36.75
N ILE A 126 18.18 -2.14 -37.37
CA ILE A 126 19.50 -1.61 -37.06
C ILE A 126 19.62 -0.17 -37.52
N SER A 127 18.87 0.22 -38.55
CA SER A 127 18.91 1.61 -38.98
C SER A 127 18.36 2.53 -37.90
N LEU A 128 17.18 2.21 -37.39
CA LEU A 128 16.63 3.04 -36.32
C LEU A 128 17.55 3.02 -35.11
N LYS A 129 18.28 1.91 -34.89
CA LYS A 129 19.44 2.01 -34.02
C LYS A 129 20.33 3.19 -34.38
N THR A 130 20.86 3.22 -35.59
CA THR A 130 21.81 4.26 -35.98
C THR A 130 21.17 5.62 -36.20
N ARG A 131 19.91 5.80 -35.84
CA ARG A 131 19.18 7.02 -36.17
C ARG A 131 19.37 7.39 -37.65
N ASN A 132 18.93 6.48 -38.52
CA ASN A 132 19.16 6.57 -39.95
C ASN A 132 17.83 6.69 -40.67
N GLY A 133 17.90 6.78 -42.00
CA GLY A 133 16.75 6.63 -42.85
C GLY A 133 17.08 5.62 -43.92
N ILE A 134 16.19 4.68 -44.22
CA ILE A 134 16.56 3.58 -45.11
C ILE A 134 15.57 3.51 -46.25
N ILE A 135 16.10 3.20 -47.43
CA ILE A 135 15.35 3.07 -48.66
C ILE A 135 15.47 1.62 -49.11
N PHE A 136 14.37 1.07 -49.60
CA PHE A 136 14.32 -0.34 -49.95
C PHE A 136 14.13 -0.55 -51.44
N SER A 137 14.83 -1.54 -51.97
CA SER A 137 14.67 -1.96 -53.34
C SER A 137 14.19 -3.40 -53.35
N PRO A 138 12.90 -3.63 -53.13
CA PRO A 138 12.39 -5.01 -53.17
C PRO A 138 12.46 -5.59 -54.57
N HIS A 139 12.51 -6.90 -54.62
CA HIS A 139 12.48 -7.52 -55.93
C HIS A 139 11.04 -7.61 -56.43
N PRO A 140 10.82 -7.45 -57.73
CA PRO A 140 9.45 -7.55 -58.26
C PRO A 140 8.78 -8.88 -57.96
N ARG A 141 9.53 -9.98 -57.92
CA ARG A 141 9.06 -11.18 -57.24
C ARG A 141 8.48 -10.87 -55.87
N ALA A 142 9.31 -10.52 -54.91
CA ALA A 142 8.93 -10.49 -53.51
C ALA A 142 9.02 -9.04 -53.06
N LYS A 143 7.93 -8.35 -53.20
CA LYS A 143 7.83 -6.97 -52.78
C LYS A 143 6.63 -6.73 -51.89
N ASN A 144 5.49 -7.36 -52.19
CA ASN A 144 4.27 -7.09 -51.45
C ASN A 144 4.43 -7.45 -49.98
N SER A 145 5.00 -8.61 -49.69
CA SER A 145 5.26 -8.97 -48.31
C SER A 145 6.28 -8.03 -47.70
N THR A 146 7.29 -7.65 -48.46
CA THR A 146 8.27 -6.71 -47.97
C THR A 146 7.64 -5.37 -47.63
N ASN A 147 6.77 -4.87 -48.52
CA ASN A 147 6.11 -3.61 -48.24
C ASN A 147 5.15 -3.73 -47.08
N ALA A 148 4.56 -4.91 -46.91
CA ALA A 148 3.72 -5.16 -45.73
C ALA A 148 4.55 -5.04 -44.46
N ALA A 149 5.73 -5.64 -44.46
CA ALA A 149 6.62 -5.50 -43.32
C ALA A 149 6.98 -4.04 -43.12
N ALA A 150 7.23 -3.31 -44.21
CA ALA A 150 7.55 -1.89 -44.09
C ALA A 150 6.44 -1.15 -43.36
N LYS A 151 5.20 -1.30 -43.84
CA LYS A 151 4.04 -0.84 -43.07
C LYS A 151 4.14 -1.21 -41.61
N LEU A 152 4.24 -2.50 -41.33
CA LEU A 152 4.03 -2.98 -39.97
C LEU A 152 5.08 -2.41 -39.03
N VAL A 153 6.34 -2.47 -39.44
CA VAL A 153 7.40 -1.99 -38.57
C VAL A 153 7.33 -0.48 -38.42
N LEU A 154 7.04 0.25 -39.50
CA LEU A 154 6.86 1.69 -39.34
C LEU A 154 5.70 1.99 -38.43
N ASP A 155 4.65 1.19 -38.49
CA ASP A 155 3.50 1.46 -37.64
C ASP A 155 3.86 1.27 -36.18
N ALA A 156 4.58 0.20 -35.88
CA ALA A 156 5.09 0.03 -34.53
C ALA A 156 5.91 1.24 -34.11
N ALA A 157 6.82 1.69 -34.97
CA ALA A 157 7.69 2.80 -34.64
C ALA A 157 6.88 4.08 -34.40
N ILE A 158 5.92 4.36 -35.28
CA ILE A 158 5.10 5.55 -35.13
C ILE A 158 4.35 5.50 -33.82
N ALA A 159 3.84 4.33 -33.45
CA ALA A 159 3.22 4.25 -32.14
C ALA A 159 4.32 4.07 -31.11
N ALA A 160 5.37 4.88 -31.23
CA ALA A 160 6.37 5.02 -30.18
C ALA A 160 6.95 6.41 -30.12
N GLY A 161 6.49 7.35 -30.94
CA GLY A 161 7.06 8.68 -31.01
C GLY A 161 8.00 8.94 -32.17
N ALA A 162 7.94 8.13 -33.22
CA ALA A 162 8.85 8.31 -34.35
C ALA A 162 8.37 9.43 -35.27
N PRO A 163 9.28 10.01 -36.05
CA PRO A 163 8.85 10.92 -37.12
C PRO A 163 7.99 10.18 -38.13
N LYS A 164 7.16 10.95 -38.85
CA LYS A 164 6.01 10.39 -39.53
C LYS A 164 6.38 9.22 -40.45
N ASP A 165 7.61 9.24 -40.98
CA ASP A 165 8.14 8.07 -41.67
C ASP A 165 9.65 8.07 -41.53
N ILE A 166 10.23 6.88 -41.65
CA ILE A 166 11.68 6.72 -41.74
C ILE A 166 11.97 5.72 -42.85
N ILE A 167 10.94 5.00 -43.27
CA ILE A 167 11.03 4.03 -44.36
C ILE A 167 10.77 4.73 -45.68
N GLY A 168 11.51 4.32 -46.70
CA GLY A 168 11.05 4.44 -48.07
C GLY A 168 11.21 3.09 -48.75
N TRP A 169 10.32 2.82 -49.68
CA TRP A 169 10.39 1.58 -50.43
C TRP A 169 9.70 1.79 -51.76
N ILE A 170 9.98 0.90 -52.70
CA ILE A 170 9.57 1.08 -54.07
C ILE A 170 8.34 0.23 -54.35
N ASP A 171 7.37 0.82 -55.03
CA ASP A 171 6.28 0.06 -55.61
C ASP A 171 6.61 -0.23 -57.07
N GLN A 172 6.21 -1.41 -57.56
CA GLN A 172 6.65 -1.95 -58.84
C GLN A 172 8.10 -1.58 -59.10
N PRO A 173 9.04 -2.17 -58.37
CA PRO A 173 10.46 -1.84 -58.56
C PRO A 173 10.90 -2.15 -59.98
N SER A 174 11.75 -1.28 -60.52
CA SER A 174 12.27 -1.42 -61.87
C SER A 174 13.74 -1.03 -61.88
N VAL A 175 14.46 -1.53 -62.87
CA VAL A 175 15.92 -1.40 -62.87
C VAL A 175 16.35 0.06 -62.94
N GLU A 176 15.71 0.85 -63.80
CA GLU A 176 16.13 2.23 -63.97
C GLU A 176 15.88 3.04 -62.70
N LEU A 177 14.76 2.78 -62.03
CA LEU A 177 14.50 3.42 -60.75
C LEU A 177 15.59 3.07 -59.74
N SER A 178 15.97 1.79 -59.71
CA SER A 178 17.00 1.33 -58.80
C SER A 178 18.33 2.00 -59.08
N ASN A 179 18.69 2.14 -60.35
CA ASN A 179 19.94 2.82 -60.67
C ASN A 179 19.86 4.30 -60.33
N ALA A 180 18.68 4.89 -60.52
CA ALA A 180 18.52 6.31 -60.26
C ALA A 180 18.73 6.62 -58.78
N LEU A 181 18.07 5.86 -57.91
CA LEU A 181 18.25 6.13 -56.49
C LEU A 181 19.62 5.64 -56.03
N MET A 182 20.09 4.55 -56.61
CA MET A 182 21.40 4.02 -56.23
C MET A 182 22.49 5.01 -56.65
N LYS A 183 22.24 5.77 -57.70
CA LYS A 183 23.12 6.86 -58.10
C LYS A 183 22.60 8.21 -57.64
N HIS A 184 21.55 8.23 -56.82
CA HIS A 184 21.04 9.48 -56.27
C HIS A 184 22.12 10.14 -55.42
N ASP A 185 22.13 11.48 -55.46
CA ASP A 185 23.14 12.21 -54.69
C ASP A 185 22.88 12.13 -53.19
N GLY A 186 21.62 12.32 -52.79
CA GLY A 186 21.29 12.42 -51.39
C GLY A 186 21.57 11.21 -50.55
N ILE A 187 21.56 10.03 -51.16
CA ILE A 187 21.80 8.79 -50.43
C ILE A 187 23.23 8.80 -49.91
N ALA A 188 23.41 8.28 -48.70
CA ALA A 188 24.72 8.21 -48.08
C ALA A 188 25.38 6.86 -48.26
N LEU A 189 24.60 5.78 -48.34
CA LEU A 189 25.18 4.46 -48.43
C LEU A 189 24.19 3.49 -49.07
N ILE A 190 24.68 2.32 -49.42
CA ILE A 190 23.87 1.27 -50.02
C ILE A 190 24.25 -0.07 -49.39
N LEU A 191 23.24 -0.91 -49.16
CA LEU A 191 23.43 -2.26 -48.62
C LEU A 191 22.78 -3.26 -49.56
N ALA A 192 23.60 -3.99 -50.29
CA ALA A 192 23.14 -4.97 -51.26
C ALA A 192 23.56 -6.36 -50.83
N THR A 193 22.79 -7.36 -51.27
CA THR A 193 23.12 -8.75 -51.01
C THR A 193 22.39 -9.61 -52.03
N GLY A 194 22.89 -10.82 -52.24
CA GLY A 194 22.25 -11.74 -53.15
C GLY A 194 23.11 -12.15 -54.33
N GLY A 195 22.60 -11.91 -55.54
CA GLY A 195 23.28 -12.32 -56.75
C GLY A 195 24.64 -11.68 -56.87
N PRO A 196 25.63 -12.45 -57.32
CA PRO A 196 26.95 -11.86 -57.56
C PRO A 196 26.87 -10.69 -58.51
N GLY A 197 26.08 -10.83 -59.57
CA GLY A 197 25.96 -9.75 -60.54
C GLY A 197 25.46 -8.46 -59.93
N MET A 198 24.65 -8.58 -58.88
CA MET A 198 24.05 -7.41 -58.25
C MET A 198 25.09 -6.56 -57.53
N VAL A 199 25.88 -7.18 -56.66
CA VAL A 199 26.81 -6.43 -55.84
C VAL A 199 27.93 -5.85 -56.68
N LYS A 200 28.13 -6.37 -57.90
CA LYS A 200 29.22 -5.83 -58.69
C LYS A 200 28.82 -4.48 -59.27
N ALA A 201 27.57 -4.38 -59.74
CA ALA A 201 27.02 -3.09 -60.08
C ALA A 201 26.98 -2.20 -58.85
N ALA A 202 26.74 -2.79 -57.68
CA ALA A 202 26.78 -2.01 -56.45
C ALA A 202 28.15 -1.38 -56.23
N TYR A 203 29.22 -2.17 -56.36
CA TYR A 203 30.57 -1.63 -56.21
C TYR A 203 30.86 -0.61 -57.30
N SER A 204 30.26 -0.78 -58.47
CA SER A 204 30.41 0.17 -59.58
C SER A 204 29.52 1.38 -59.35
N SER A 205 29.82 2.12 -58.29
CA SER A 205 29.06 3.30 -57.93
C SER A 205 29.91 4.51 -57.58
N GLY A 206 31.20 4.35 -57.32
CA GLY A 206 31.99 5.46 -56.83
C GLY A 206 31.57 5.92 -55.46
N LYS A 207 30.80 5.11 -54.75
CA LYS A 207 30.23 5.45 -53.45
C LYS A 207 30.51 4.30 -52.50
N PRO A 208 30.52 4.57 -51.20
CA PRO A 208 30.77 3.49 -50.24
C PRO A 208 29.70 2.41 -50.36
N ALA A 209 30.15 1.15 -50.32
CA ALA A 209 29.25 0.04 -50.55
C ALA A 209 29.88 -1.22 -49.98
N ILE A 210 29.03 -2.06 -49.37
CA ILE A 210 29.44 -3.37 -48.87
C ILE A 210 28.37 -4.37 -49.22
N GLY A 211 28.78 -5.51 -49.76
CA GLY A 211 27.82 -6.51 -50.20
C GLY A 211 27.96 -7.82 -49.47
N VAL A 212 26.84 -8.34 -48.98
CA VAL A 212 26.80 -9.62 -48.29
C VAL A 212 26.54 -10.70 -49.32
N GLY A 213 27.53 -11.55 -49.55
CA GLY A 213 27.39 -12.66 -50.46
C GLY A 213 28.12 -13.88 -49.95
N ALA A 214 28.23 -14.90 -50.78
CA ALA A 214 28.95 -16.10 -50.42
C ALA A 214 29.48 -16.74 -51.71
N GLY A 215 30.42 -17.66 -51.54
CA GLY A 215 30.88 -18.50 -52.61
C GLY A 215 30.48 -19.95 -52.42
N ASN A 216 30.99 -20.79 -53.32
CA ASN A 216 30.81 -22.23 -53.17
C ASN A 216 31.42 -22.67 -51.84
N VAL A 217 30.60 -23.33 -51.02
CA VAL A 217 30.98 -23.69 -49.66
C VAL A 217 31.43 -25.15 -49.67
N PRO A 218 32.72 -25.43 -49.53
CA PRO A 218 33.21 -26.81 -49.59
C PRO A 218 33.35 -27.43 -48.21
N VAL A 219 33.09 -28.74 -48.18
CA VAL A 219 33.42 -29.57 -47.04
C VAL A 219 34.25 -30.74 -47.53
N VAL A 220 35.22 -31.15 -46.72
CA VAL A 220 36.02 -32.33 -47.02
C VAL A 220 35.93 -33.30 -45.85
N ILE A 221 35.97 -34.58 -46.18
CA ILE A 221 35.82 -35.70 -45.26
C ILE A 221 37.01 -36.62 -45.44
N ASP A 222 37.71 -36.91 -44.35
CA ASP A 222 38.83 -37.83 -44.39
C ASP A 222 38.39 -39.21 -43.92
N GLU A 223 39.36 -40.11 -43.84
CA GLU A 223 39.06 -41.49 -43.49
C GLU A 223 38.75 -41.66 -42.00
N THR A 224 39.31 -40.80 -41.16
CA THR A 224 39.24 -41.01 -39.73
C THR A 224 37.97 -40.43 -39.09
N ALA A 225 37.07 -39.87 -39.89
CA ALA A 225 35.79 -39.41 -39.39
C ALA A 225 34.74 -40.51 -39.48
N ASP A 226 33.74 -40.46 -38.62
CA ASP A 226 32.60 -41.37 -38.71
C ASP A 226 31.62 -40.85 -39.74
N ILE A 227 31.20 -41.72 -40.65
CA ILE A 227 30.49 -41.30 -41.85
C ILE A 227 29.12 -40.73 -41.50
N LYS A 228 28.36 -41.48 -40.70
CA LYS A 228 26.95 -41.20 -40.53
C LYS A 228 26.72 -39.86 -39.87
N ARG A 229 27.71 -39.41 -39.08
CA ARG A 229 27.61 -38.12 -38.41
C ARG A 229 27.46 -36.98 -39.42
N ALA A 230 28.48 -36.80 -40.26
CA ALA A 230 28.43 -35.79 -41.30
C ALA A 230 27.27 -36.05 -42.23
N VAL A 231 27.08 -37.30 -42.64
CA VAL A 231 25.92 -37.64 -43.47
C VAL A 231 24.68 -36.99 -42.89
N ALA A 232 24.44 -37.23 -41.60
CA ALA A 232 23.31 -36.62 -40.91
C ALA A 232 23.34 -35.12 -41.05
N SER A 233 24.37 -34.49 -40.48
CA SER A 233 24.35 -33.04 -40.34
C SER A 233 24.05 -32.38 -41.66
N ILE A 234 24.65 -32.89 -42.74
CA ILE A 234 24.44 -32.16 -43.97
C ILE A 234 23.17 -32.63 -44.67
N LEU A 235 22.56 -33.75 -44.28
CA LEU A 235 21.17 -33.89 -44.73
C LEU A 235 20.29 -32.79 -44.13
N MET A 236 20.43 -32.56 -42.82
CA MET A 236 19.64 -31.47 -42.23
C MET A 236 19.90 -30.14 -42.92
N SER A 237 21.17 -29.80 -43.14
CA SER A 237 21.45 -28.51 -43.77
C SER A 237 21.05 -28.51 -45.24
N LYS A 238 21.27 -29.62 -45.94
CA LYS A 238 20.96 -29.71 -47.37
C LYS A 238 19.47 -29.49 -47.59
N THR A 239 18.65 -30.11 -46.75
CA THR A 239 17.21 -30.01 -46.87
C THR A 239 16.65 -28.69 -46.34
N PHE A 240 17.41 -27.93 -45.56
CA PHE A 240 16.83 -26.69 -45.05
C PHE A 240 16.22 -25.79 -46.12
N ASP A 241 14.88 -25.72 -46.11
CA ASP A 241 14.06 -24.97 -47.08
C ASP A 241 14.70 -25.06 -48.46
N ASN A 242 14.93 -26.31 -48.88
CA ASN A 242 15.54 -26.61 -50.17
C ASN A 242 16.91 -25.96 -50.33
N GLY A 243 17.63 -25.78 -49.21
CA GLY A 243 18.99 -25.31 -49.25
C GLY A 243 19.17 -23.94 -49.87
N VAL A 244 18.36 -22.97 -49.46
CA VAL A 244 18.42 -21.62 -50.02
C VAL A 244 19.12 -20.64 -49.10
N VAL A 245 19.69 -21.09 -48.00
CA VAL A 245 20.34 -20.18 -47.06
C VAL A 245 21.74 -19.84 -47.55
N CYS A 246 22.22 -18.67 -47.14
CA CYS A 246 23.60 -18.31 -47.43
C CYS A 246 24.56 -19.30 -46.79
N ALA A 247 25.76 -19.37 -47.38
CA ALA A 247 26.84 -20.21 -46.86
C ALA A 247 26.40 -21.64 -46.61
N SER A 248 25.75 -22.24 -47.61
CA SER A 248 25.32 -23.62 -47.51
C SER A 248 26.17 -24.51 -48.40
N GLU A 249 26.05 -25.82 -48.17
CA GLU A 249 26.76 -26.83 -48.95
C GLU A 249 26.78 -26.53 -50.44
N GLN A 250 27.98 -26.67 -51.04
CA GLN A 250 28.09 -26.67 -52.49
C GLN A 250 28.99 -27.77 -53.04
N ALA A 251 29.92 -28.31 -52.26
CA ALA A 251 30.83 -29.31 -52.78
C ALA A 251 31.20 -30.31 -51.71
N ALA A 252 31.09 -31.59 -52.05
CA ALA A 252 31.41 -32.68 -51.14
C ALA A 252 32.71 -33.31 -51.59
N ILE A 253 33.71 -33.32 -50.71
CA ILE A 253 35.03 -33.84 -51.01
C ILE A 253 35.27 -35.05 -50.14
N VAL A 254 35.54 -36.19 -50.77
CA VAL A 254 35.67 -37.47 -50.09
C VAL A 254 37.02 -38.06 -50.41
N VAL A 255 37.76 -38.44 -49.37
CA VAL A 255 39.06 -39.06 -49.58
C VAL A 255 38.87 -40.50 -50.07
N SER A 256 39.98 -41.12 -50.46
CA SER A 256 39.95 -42.24 -51.41
C SER A 256 39.14 -43.42 -50.90
N GLU A 257 39.63 -44.11 -49.87
CA GLU A 257 39.14 -45.46 -49.59
C GLU A 257 37.92 -45.47 -48.66
N VAL A 258 37.34 -44.31 -48.36
CA VAL A 258 36.12 -44.30 -47.58
C VAL A 258 34.96 -43.90 -48.48
N TYR A 259 35.16 -44.02 -49.78
CA TYR A 259 34.35 -43.30 -50.75
C TYR A 259 33.02 -43.97 -51.06
N ASP A 260 33.07 -45.20 -51.58
CA ASP A 260 31.84 -45.84 -52.03
C ASP A 260 30.96 -46.20 -50.85
N GLU A 261 31.54 -46.41 -49.68
CA GLU A 261 30.71 -46.66 -48.50
C GLU A 261 29.93 -45.41 -48.11
N VAL A 262 30.57 -44.25 -48.14
CA VAL A 262 29.80 -43.03 -47.93
C VAL A 262 28.70 -42.94 -48.99
N LYS A 263 29.03 -43.35 -50.21
CA LYS A 263 28.05 -43.23 -51.29
C LYS A 263 26.83 -44.09 -51.04
N GLU A 264 27.03 -45.34 -50.63
CA GLU A 264 25.85 -46.14 -50.35
C GLU A 264 25.13 -45.62 -49.13
N ARG A 265 25.86 -44.98 -48.21
CA ARG A 265 25.19 -44.34 -47.08
C ARG A 265 24.18 -43.29 -47.53
N PHE A 266 24.57 -42.44 -48.48
CA PHE A 266 23.53 -41.67 -49.17
C PHE A 266 22.48 -42.56 -49.80
N ALA A 267 22.91 -43.61 -50.50
CA ALA A 267 21.93 -44.49 -51.11
C ALA A 267 21.06 -45.17 -50.05
N THR A 268 21.59 -45.38 -48.84
CA THR A 268 20.76 -45.87 -47.76
C THR A 268 19.77 -44.84 -47.28
N HIS A 269 19.77 -43.65 -47.88
CA HIS A 269 18.88 -42.59 -47.47
C HIS A 269 18.27 -41.99 -48.72
N LYS A 270 17.57 -40.88 -48.56
CA LYS A 270 16.75 -40.35 -49.64
C LYS A 270 17.58 -39.72 -50.74
N ALA A 271 18.88 -39.53 -50.53
CA ALA A 271 19.72 -38.97 -51.57
C ALA A 271 19.83 -39.94 -52.76
N HIS A 272 19.69 -39.39 -53.96
CA HIS A 272 19.79 -40.16 -55.20
C HIS A 272 21.15 -39.91 -55.83
N VAL A 273 22.02 -40.91 -55.79
CA VAL A 273 23.27 -40.80 -56.51
C VAL A 273 22.98 -40.77 -58.01
N LEU A 274 23.93 -40.26 -58.78
CA LEU A 274 23.73 -40.10 -60.21
C LEU A 274 25.06 -40.12 -60.94
N SER A 275 25.17 -40.96 -61.98
CA SER A 275 26.43 -41.00 -62.73
C SER A 275 26.23 -41.14 -64.25
N LYS A 276 25.06 -40.80 -64.77
CA LYS A 276 24.82 -41.04 -66.19
C LYS A 276 24.48 -39.76 -66.92
N ALA A 277 23.98 -39.90 -68.16
CA ALA A 277 23.55 -38.74 -68.94
C ALA A 277 22.62 -37.82 -68.16
N ASP A 278 22.01 -38.31 -67.09
CA ASP A 278 21.27 -37.44 -66.20
C ASP A 278 22.15 -36.36 -65.59
N ALA A 279 23.47 -36.58 -65.59
CA ALA A 279 24.38 -35.48 -65.26
C ALA A 279 24.10 -34.28 -66.16
N ASP A 280 24.19 -34.48 -67.48
CA ASP A 280 23.84 -33.41 -68.40
C ASP A 280 22.38 -33.03 -68.29
N LYS A 281 21.53 -34.03 -68.04
CA LYS A 281 20.09 -33.81 -67.99
C LYS A 281 19.71 -32.84 -66.90
N VAL A 282 20.52 -32.75 -65.85
CA VAL A 282 20.29 -31.75 -64.83
C VAL A 282 21.17 -30.54 -65.04
N ARG A 283 22.35 -30.72 -65.64
CA ARG A 283 23.27 -29.61 -65.84
C ARG A 283 22.76 -28.62 -66.87
N LYS A 284 21.85 -29.07 -67.75
CA LYS A 284 21.21 -28.13 -68.66
C LYS A 284 20.53 -27.02 -67.89
N VAL A 285 19.53 -27.38 -67.08
CA VAL A 285 18.77 -26.40 -66.32
C VAL A 285 19.59 -25.83 -65.17
N LEU A 286 20.61 -26.54 -64.71
CA LEU A 286 21.49 -26.01 -63.69
C LEU A 286 22.06 -24.67 -64.12
N LEU A 287 22.66 -24.63 -65.29
CA LEU A 287 23.29 -23.44 -65.83
C LEU A 287 22.85 -23.36 -67.29
N ILE A 288 21.70 -22.72 -67.52
CA ILE A 288 21.20 -22.62 -68.88
C ILE A 288 21.94 -21.54 -69.65
N ASP A 289 21.90 -20.31 -69.13
CA ASP A 289 22.48 -19.16 -69.79
C ASP A 289 23.93 -18.95 -69.44
N GLY A 290 24.53 -19.86 -68.69
CA GLY A 290 25.80 -19.58 -68.07
C GLY A 290 25.69 -18.68 -66.86
N ALA A 291 24.47 -18.38 -66.41
CA ALA A 291 24.25 -17.44 -65.33
C ALA A 291 23.20 -17.98 -64.36
N LEU A 292 23.30 -19.26 -64.05
CA LEU A 292 22.60 -19.85 -62.90
C LEU A 292 21.09 -19.69 -63.02
N ASN A 293 20.53 -20.45 -63.97
CA ASN A 293 19.09 -20.47 -64.26
C ASN A 293 18.26 -20.32 -62.99
N ALA A 294 17.27 -19.43 -63.03
CA ALA A 294 16.67 -18.85 -61.83
C ALA A 294 15.41 -19.56 -61.36
N LYS A 295 15.03 -20.67 -61.97
CA LYS A 295 14.01 -21.53 -61.38
C LYS A 295 14.45 -22.97 -61.21
N ILE A 296 15.58 -23.18 -60.54
CA ILE A 296 15.81 -24.35 -59.71
C ILE A 296 15.69 -24.00 -58.24
N VAL A 297 15.31 -22.76 -57.94
CA VAL A 297 15.51 -22.18 -56.63
C VAL A 297 14.47 -22.74 -55.66
N GLY A 298 14.95 -23.34 -54.57
CA GLY A 298 14.02 -23.84 -53.58
C GLY A 298 13.05 -24.85 -54.14
N GLN A 299 13.50 -25.69 -55.05
CA GLN A 299 12.48 -26.53 -55.61
C GLN A 299 12.71 -27.98 -55.18
N PRO A 300 11.64 -28.74 -54.95
CA PRO A 300 11.80 -30.09 -54.41
C PRO A 300 12.55 -31.01 -55.35
N ALA A 301 13.15 -32.04 -54.77
CA ALA A 301 14.01 -32.95 -55.53
C ALA A 301 13.24 -33.66 -56.63
N ALA A 302 12.04 -34.14 -56.34
CA ALA A 302 11.25 -34.77 -57.38
C ALA A 302 10.91 -33.78 -58.48
N ALA A 303 10.58 -32.55 -58.09
CA ALA A 303 10.24 -31.51 -59.06
C ALA A 303 11.42 -31.22 -59.97
N ILE A 304 12.61 -31.05 -59.40
CA ILE A 304 13.76 -30.70 -60.22
C ILE A 304 14.24 -31.90 -61.02
N ALA A 305 13.92 -33.11 -60.58
CA ALA A 305 14.28 -34.29 -61.36
C ALA A 305 13.42 -34.39 -62.62
N GLU A 306 12.10 -34.34 -62.46
CA GLU A 306 11.25 -34.42 -63.65
C GLU A 306 11.41 -33.17 -64.50
N MET A 307 11.56 -32.01 -63.87
CA MET A 307 11.71 -30.75 -64.59
C MET A 307 13.12 -30.61 -65.13
N ALA A 308 14.02 -31.53 -64.76
CA ALA A 308 15.22 -31.78 -65.53
C ALA A 308 15.01 -32.88 -66.55
N GLY A 309 13.93 -33.64 -66.45
CA GLY A 309 13.57 -34.62 -67.44
C GLY A 309 13.65 -36.07 -67.04
N VAL A 310 13.86 -36.39 -65.76
CA VAL A 310 13.97 -37.76 -65.31
C VAL A 310 13.06 -37.98 -64.12
N LYS A 311 12.53 -39.19 -64.00
CA LYS A 311 11.58 -39.48 -62.94
C LYS A 311 12.32 -40.16 -61.78
N VAL A 312 11.97 -39.76 -60.57
CA VAL A 312 12.73 -40.12 -59.37
C VAL A 312 11.78 -40.61 -58.30
N PRO A 313 12.24 -41.51 -57.43
CA PRO A 313 11.44 -41.86 -56.25
C PRO A 313 11.12 -40.63 -55.42
N ALA A 314 9.85 -40.56 -54.97
CA ALA A 314 9.26 -39.28 -54.58
C ALA A 314 9.90 -38.69 -53.33
N ASP A 315 10.05 -39.48 -52.27
CA ASP A 315 10.50 -38.95 -51.00
C ASP A 315 11.97 -38.55 -51.01
N THR A 316 12.66 -38.78 -52.12
CA THR A 316 14.05 -38.39 -52.24
C THR A 316 14.23 -36.92 -51.91
N LYS A 317 15.44 -36.56 -51.51
CA LYS A 317 15.66 -35.25 -50.93
C LYS A 317 16.66 -34.42 -51.70
N VAL A 318 17.73 -35.04 -52.17
CA VAL A 318 18.81 -34.34 -52.85
C VAL A 318 19.36 -35.30 -53.90
N LEU A 319 19.77 -34.73 -55.04
CA LEU A 319 20.43 -35.50 -56.07
C LEU A 319 21.93 -35.26 -55.99
N VAL A 320 22.72 -36.30 -56.24
CA VAL A 320 24.15 -36.32 -56.01
C VAL A 320 24.87 -36.52 -57.34
N GLY A 321 25.80 -35.62 -57.67
CA GLY A 321 26.49 -35.66 -58.95
C GLY A 321 27.91 -36.17 -58.82
N GLU A 322 28.32 -36.99 -59.80
CA GLU A 322 29.65 -37.56 -59.87
C GLU A 322 30.54 -36.90 -60.91
N GLY A 323 29.98 -36.37 -61.99
CA GLY A 323 30.78 -35.89 -63.10
C GLY A 323 31.57 -34.67 -62.73
N LEU A 324 32.42 -34.82 -61.71
CA LEU A 324 33.07 -33.72 -61.03
C LEU A 324 34.56 -34.00 -60.83
N GLY A 325 35.09 -35.02 -61.50
CA GLY A 325 36.52 -35.25 -61.44
C GLY A 325 37.33 -34.08 -61.97
N LYS A 326 36.75 -33.31 -62.87
CA LYS A 326 37.32 -32.04 -63.33
C LYS A 326 37.01 -30.94 -62.32
N VAL A 327 37.97 -30.03 -62.16
CA VAL A 327 37.86 -28.94 -61.20
C VAL A 327 38.10 -27.64 -61.97
N SER A 328 37.04 -26.88 -62.24
CA SER A 328 37.15 -25.59 -62.90
C SER A 328 35.80 -24.89 -62.85
N TYR A 329 35.77 -23.66 -63.39
CA TYR A 329 34.54 -22.90 -63.45
C TYR A 329 33.46 -23.61 -64.27
N ASP A 330 33.84 -24.20 -65.40
CA ASP A 330 32.86 -24.70 -66.34
C ASP A 330 31.94 -25.74 -65.74
N ASP A 331 32.34 -26.39 -64.66
CA ASP A 331 31.44 -27.32 -63.97
C ASP A 331 30.30 -26.53 -63.33
N GLU A 332 29.07 -26.94 -63.60
CA GLU A 332 27.93 -26.28 -62.96
C GLU A 332 27.85 -26.68 -61.49
N PHE A 333 28.30 -27.89 -61.16
CA PHE A 333 28.40 -28.27 -59.76
C PHE A 333 29.42 -27.41 -59.02
N ALA A 334 30.42 -26.89 -59.73
CA ALA A 334 31.40 -26.02 -59.10
C ALA A 334 30.76 -24.74 -58.59
N HIS A 335 29.90 -24.12 -59.40
CA HIS A 335 29.17 -22.96 -58.91
C HIS A 335 28.23 -23.39 -57.81
N GLU A 336 27.70 -22.41 -57.08
CA GLU A 336 26.73 -22.75 -56.06
C GLU A 336 25.41 -23.18 -56.68
N LYS A 337 24.63 -23.92 -55.90
CA LYS A 337 23.42 -24.58 -56.38
C LYS A 337 22.15 -24.02 -55.75
N LEU A 338 22.17 -23.69 -54.46
CA LEU A 338 21.08 -22.95 -53.81
C LEU A 338 19.77 -23.71 -53.93
N SER A 339 19.88 -25.03 -54.09
CA SER A 339 18.75 -25.92 -54.27
C SER A 339 19.13 -27.28 -53.73
N PRO A 340 18.18 -28.13 -53.41
CA PRO A 340 18.53 -29.42 -52.80
C PRO A 340 19.23 -30.34 -53.79
N THR A 341 20.41 -29.90 -54.24
CA THR A 341 21.26 -30.66 -55.13
C THR A 341 22.70 -30.56 -54.64
N LEU A 342 23.48 -31.59 -54.89
CA LEU A 342 24.88 -31.58 -54.50
C LEU A 342 25.70 -32.44 -55.43
N GLY A 343 26.93 -32.03 -55.69
CA GLY A 343 27.91 -32.84 -56.40
C GLY A 343 29.09 -33.10 -55.48
N LEU A 344 29.68 -34.28 -55.62
CA LEU A 344 30.78 -34.69 -54.76
C LEU A 344 32.07 -34.83 -55.56
N PHE A 345 33.18 -34.98 -54.83
CA PHE A 345 34.48 -35.28 -55.41
C PHE A 345 34.99 -36.62 -54.92
N ARG A 346 35.95 -37.15 -55.68
CA ARG A 346 36.72 -38.33 -55.30
C ARG A 346 38.15 -37.85 -55.04
N ALA A 347 38.48 -37.64 -53.77
CA ALA A 347 39.81 -37.19 -53.41
C ALA A 347 40.72 -38.37 -53.18
N ASP A 348 42.02 -38.12 -53.25
CA ASP A 348 43.04 -39.15 -53.10
C ASP A 348 43.55 -39.21 -51.66
N ASN A 349 44.10 -38.10 -51.16
CA ASN A 349 44.58 -38.08 -49.80
C ASN A 349 44.15 -36.80 -49.10
N PHE A 350 44.67 -36.57 -47.90
CA PHE A 350 44.36 -35.35 -47.17
C PHE A 350 44.75 -34.13 -47.98
N GLU A 351 45.95 -34.15 -48.53
CA GLU A 351 46.49 -33.00 -49.25
C GLU A 351 45.85 -32.82 -50.61
N ASP A 352 45.48 -33.91 -51.27
CA ASP A 352 44.69 -33.81 -52.50
C ASP A 352 43.38 -33.08 -52.22
N ALA A 353 42.70 -33.49 -51.15
CA ALA A 353 41.44 -32.84 -50.80
C ALA A 353 41.66 -31.37 -50.47
N VAL A 354 42.76 -31.07 -49.77
CA VAL A 354 43.05 -29.67 -49.44
C VAL A 354 43.25 -28.85 -50.70
N ALA A 355 44.02 -29.38 -51.64
CA ALA A 355 44.26 -28.65 -52.88
C ALA A 355 42.95 -28.42 -53.63
N GLN A 356 42.14 -29.47 -53.77
CA GLN A 356 40.87 -29.32 -54.43
C GLN A 356 40.01 -28.30 -53.71
N ALA A 357 40.07 -28.30 -52.38
CA ALA A 357 39.27 -27.36 -51.60
C ALA A 357 39.66 -25.93 -51.90
N VAL A 358 40.95 -25.63 -51.86
CA VAL A 358 41.40 -24.25 -52.08
C VAL A 358 41.03 -23.80 -53.48
N THR A 359 41.33 -24.65 -54.47
CA THR A 359 40.90 -24.35 -55.82
C THR A 359 39.39 -24.19 -55.89
N MET A 360 38.65 -24.90 -55.05
CA MET A 360 37.21 -24.81 -55.18
C MET A 360 36.73 -23.50 -54.61
N VAL A 361 37.34 -23.04 -53.52
CA VAL A 361 36.83 -21.83 -52.90
C VAL A 361 37.07 -20.66 -53.81
N GLU A 362 38.25 -20.59 -54.42
CA GLU A 362 38.58 -19.36 -55.12
C GLU A 362 37.53 -19.01 -56.17
N ILE A 363 36.83 -20.03 -56.67
CA ILE A 363 35.79 -19.81 -57.68
C ILE A 363 34.71 -18.90 -57.15
N GLY A 364 34.34 -19.08 -55.89
CA GLY A 364 33.36 -18.18 -55.29
C GLY A 364 33.83 -16.75 -55.26
N GLY A 365 35.14 -16.54 -55.09
CA GLY A 365 35.68 -15.20 -55.02
C GLY A 365 35.56 -14.54 -53.68
N ILE A 366 34.76 -15.11 -52.78
CA ILE A 366 34.59 -14.60 -51.42
C ILE A 366 34.90 -15.74 -50.46
N GLY A 367 35.83 -15.50 -49.55
CA GLY A 367 36.10 -16.49 -48.53
C GLY A 367 35.09 -16.38 -47.42
N HIS A 368 34.12 -17.28 -47.39
CA HIS A 368 33.02 -17.19 -46.45
C HIS A 368 33.02 -18.32 -45.42
N THR A 369 32.99 -19.57 -45.86
CA THR A 369 32.78 -20.68 -44.95
C THR A 369 33.43 -21.94 -45.53
N SER A 370 33.95 -22.78 -44.63
CA SER A 370 34.41 -24.08 -45.11
C SER A 370 34.42 -25.10 -43.97
N GLY A 371 34.30 -26.37 -44.32
CA GLY A 371 33.98 -27.42 -43.37
C GLY A 371 34.89 -28.63 -43.43
N LEU A 372 35.28 -29.11 -42.25
CA LEU A 372 36.13 -30.27 -42.09
C LEU A 372 35.41 -31.31 -41.25
N TYR A 373 35.32 -32.54 -41.78
CA TYR A 373 34.77 -33.65 -41.02
C TYR A 373 35.88 -34.67 -40.82
N THR A 374 36.26 -34.88 -39.57
CA THR A 374 37.45 -35.65 -39.27
C THR A 374 37.44 -36.06 -37.81
N ASN A 375 38.33 -36.98 -37.48
CA ASN A 375 38.66 -37.25 -36.09
C ASN A 375 39.39 -36.04 -35.53
N GLN A 376 39.26 -35.81 -34.23
CA GLN A 376 39.43 -34.47 -33.69
C GLN A 376 40.56 -34.33 -32.67
N ASP A 377 40.79 -35.34 -31.83
CA ASP A 377 41.93 -35.26 -30.92
C ASP A 377 42.98 -36.32 -31.21
N VAL A 378 42.93 -36.96 -32.36
CA VAL A 378 44.06 -37.77 -32.80
C VAL A 378 44.84 -36.95 -33.82
N ASN A 379 44.17 -36.00 -34.46
CA ASN A 379 44.71 -35.20 -35.54
C ASN A 379 44.50 -33.73 -35.18
N ALA A 380 45.54 -33.09 -34.66
CA ALA A 380 45.56 -31.64 -34.59
C ALA A 380 46.42 -31.05 -35.70
N ASP A 381 47.50 -31.75 -36.02
CA ASP A 381 48.30 -31.42 -37.19
C ASP A 381 47.42 -31.26 -38.41
N ARG A 382 46.53 -32.23 -38.64
CA ARG A 382 45.59 -32.11 -39.75
C ARG A 382 44.70 -30.91 -39.58
N ILE A 383 44.17 -30.71 -38.37
CA ILE A 383 43.28 -29.58 -38.13
C ILE A 383 43.88 -28.34 -38.74
N ARG A 384 45.06 -27.99 -38.28
CA ARG A 384 45.45 -26.63 -38.59
C ARG A 384 46.42 -26.57 -39.75
N TYR A 385 46.86 -27.72 -40.25
CA TYR A 385 47.30 -27.83 -41.64
C TYR A 385 46.19 -27.30 -42.56
N PHE A 386 45.01 -27.91 -42.43
CA PHE A 386 43.84 -27.50 -43.19
C PHE A 386 43.49 -26.06 -42.93
N GLY A 387 43.53 -25.65 -41.65
CA GLY A 387 43.27 -24.27 -41.33
C GLY A 387 44.26 -23.33 -41.99
N ASP A 388 45.51 -23.76 -42.11
CA ASP A 388 46.54 -22.93 -42.70
C ASP A 388 46.25 -22.66 -44.18
N LYS A 389 45.85 -23.70 -44.91
CA LYS A 389 45.63 -23.48 -46.34
C LYS A 389 44.35 -22.72 -46.64
N LEU A 390 43.30 -22.95 -45.87
CA LEU A 390 42.00 -22.44 -46.25
C LEU A 390 41.86 -20.99 -45.82
N LYS A 391 41.36 -20.17 -46.74
CA LYS A 391 41.07 -18.78 -46.47
C LYS A 391 39.63 -18.57 -46.90
N THR A 392 38.72 -18.98 -46.03
CA THR A 392 37.33 -18.54 -46.07
C THR A 392 37.23 -17.50 -44.97
N ALA A 393 36.01 -17.07 -44.68
CA ALA A 393 35.86 -16.23 -43.50
C ALA A 393 36.01 -17.06 -42.24
N ARG A 394 35.64 -18.33 -42.29
CA ARG A 394 35.22 -19.05 -41.10
C ARG A 394 35.27 -20.56 -41.31
N ILE A 395 35.96 -21.24 -40.40
CA ILE A 395 36.24 -22.66 -40.51
C ILE A 395 35.37 -23.36 -39.47
N LEU A 396 34.67 -24.41 -39.87
CA LEU A 396 33.95 -25.25 -38.91
C LEU A 396 34.41 -26.70 -39.07
N VAL A 397 34.65 -27.38 -37.96
CA VAL A 397 35.08 -28.77 -37.98
C VAL A 397 33.97 -29.63 -37.38
N ASN A 398 33.57 -30.65 -38.13
CA ASN A 398 32.57 -31.61 -37.67
C ASN A 398 31.27 -30.91 -37.29
N ILE A 399 30.91 -29.89 -38.05
CA ILE A 399 29.73 -29.07 -37.76
C ILE A 399 29.02 -28.70 -39.06
N PRO A 400 27.69 -28.73 -39.10
CA PRO A 400 26.97 -28.13 -40.23
C PRO A 400 27.07 -26.61 -40.19
N THR A 401 27.03 -26.01 -41.38
CA THR A 401 27.20 -24.57 -41.53
C THR A 401 25.86 -23.84 -41.53
N THR A 402 25.02 -24.15 -40.55
CA THR A 402 23.69 -23.58 -40.47
C THR A 402 23.34 -23.34 -39.02
N HIS A 403 22.04 -23.17 -38.76
CA HIS A 403 21.56 -22.70 -37.47
C HIS A 403 20.31 -23.48 -37.10
N GLY A 404 20.39 -24.22 -36.00
CA GLY A 404 19.25 -24.94 -35.47
C GLY A 404 19.42 -26.44 -35.51
N GLY A 405 19.81 -27.02 -34.38
CA GLY A 405 19.92 -28.46 -34.25
C GLY A 405 18.95 -28.98 -33.21
N ILE A 406 19.47 -29.44 -32.08
CA ILE A 406 18.63 -29.73 -30.92
C ILE A 406 18.70 -28.54 -29.97
N GLY A 407 17.53 -28.12 -29.51
CA GLY A 407 17.41 -27.05 -28.54
C GLY A 407 17.81 -25.68 -29.06
N ASP A 408 18.86 -25.12 -28.48
CA ASP A 408 19.23 -23.73 -28.68
C ASP A 408 19.54 -23.43 -30.14
N LEU A 409 20.64 -23.97 -30.65
CA LEU A 409 21.07 -23.75 -32.02
C LEU A 409 22.32 -24.59 -32.23
N TYR A 410 22.57 -25.06 -33.45
CA TYR A 410 23.83 -25.72 -33.79
C TYR A 410 24.46 -24.98 -34.97
N ASN A 411 25.48 -24.18 -34.68
CA ASN A 411 26.03 -24.05 -33.32
C ASN A 411 25.34 -22.88 -32.59
N PHE A 412 25.32 -22.95 -31.26
CA PHE A 412 24.40 -22.11 -30.50
C PHE A 412 24.89 -20.69 -30.26
N ASN A 413 26.15 -20.38 -30.55
CA ASN A 413 26.61 -19.00 -30.56
C ASN A 413 27.41 -18.76 -31.84
N VAL A 414 26.81 -18.03 -32.77
CA VAL A 414 27.40 -17.76 -34.08
C VAL A 414 26.50 -16.77 -34.80
N ALA A 415 27.13 -15.89 -35.56
CA ALA A 415 26.40 -15.01 -36.45
C ALA A 415 25.77 -15.82 -37.58
N PRO A 416 24.70 -15.32 -38.19
CA PRO A 416 24.08 -16.06 -39.27
C PRO A 416 24.99 -16.11 -40.49
N SER A 417 24.71 -17.08 -41.36
CA SER A 417 25.48 -17.18 -42.60
C SER A 417 25.33 -15.92 -43.44
N LEU A 418 24.24 -15.19 -43.26
CA LEU A 418 24.07 -13.88 -43.87
C LEU A 418 24.83 -12.87 -43.02
N THR A 419 24.55 -11.58 -43.22
CA THR A 419 25.13 -10.47 -42.45
C THR A 419 26.64 -10.39 -42.63
N LEU A 420 27.23 -11.15 -43.55
CA LEU A 420 28.68 -11.16 -43.77
C LEU A 420 28.97 -10.49 -45.11
N GLY A 421 29.41 -9.23 -45.05
CA GLY A 421 29.76 -8.48 -46.24
C GLY A 421 31.22 -8.08 -46.24
N CYS A 422 31.61 -7.40 -47.31
CA CYS A 422 32.95 -6.87 -47.44
C CYS A 422 32.93 -5.63 -48.30
N GLY A 423 33.91 -4.76 -48.07
CA GLY A 423 34.07 -3.57 -48.89
C GLY A 423 34.71 -3.83 -50.22
N SER A 424 35.12 -5.06 -50.49
CA SER A 424 35.70 -5.43 -51.77
C SER A 424 35.13 -6.76 -52.20
N TRP A 425 35.11 -6.99 -53.52
CA TRP A 425 34.70 -8.27 -54.06
C TRP A 425 35.96 -9.12 -54.16
N GLY A 426 37.07 -8.47 -54.53
CA GLY A 426 38.06 -8.90 -55.50
C GLY A 426 38.43 -10.36 -55.49
N GLY A 427 39.07 -10.75 -54.41
CA GLY A 427 39.54 -12.11 -54.27
C GLY A 427 40.02 -12.23 -52.86
N ASN A 428 39.80 -13.39 -52.26
CA ASN A 428 40.21 -13.65 -50.88
C ASN A 428 39.60 -12.63 -49.92
N SER A 429 38.57 -11.92 -50.37
CA SER A 429 37.95 -10.86 -49.57
C SER A 429 37.17 -11.54 -48.44
N ILE A 430 37.83 -11.64 -47.30
CA ILE A 430 37.26 -12.33 -46.15
C ILE A 430 36.12 -11.49 -45.60
N SER A 431 34.91 -12.04 -45.61
CA SER A 431 33.74 -11.28 -45.18
C SER A 431 33.83 -10.96 -43.70
N GLU A 432 33.28 -9.80 -43.34
CA GLU A 432 33.17 -9.39 -41.94
C GLU A 432 31.72 -9.03 -41.67
N ASN A 433 31.23 -9.47 -40.51
CA ASN A 433 29.85 -9.17 -40.18
C ASN A 433 29.75 -7.68 -39.82
N VAL A 434 28.54 -7.14 -39.94
CA VAL A 434 28.32 -5.70 -39.90
C VAL A 434 28.04 -5.26 -38.47
N GLY A 435 28.48 -4.04 -38.16
CA GLY A 435 28.27 -3.43 -36.87
C GLY A 435 28.01 -1.95 -36.98
N PRO A 436 27.41 -1.37 -35.94
CA PRO A 436 27.00 0.05 -36.01
C PRO A 436 28.14 1.04 -36.20
N LYS A 437 29.36 0.73 -35.76
CA LYS A 437 30.47 1.61 -36.08
C LYS A 437 30.68 1.71 -37.59
N HIS A 438 30.34 0.65 -38.34
CA HIS A 438 30.28 0.82 -39.78
C HIS A 438 29.18 1.77 -40.21
N LEU A 439 28.27 2.13 -39.32
CA LEU A 439 27.14 3.00 -39.63
C LEU A 439 27.21 4.33 -38.90
N ILE A 440 28.33 4.67 -38.29
CA ILE A 440 28.40 5.82 -37.39
C ILE A 440 29.72 6.55 -37.60
N ASN A 441 29.68 7.87 -37.47
CA ASN A 441 30.81 8.74 -37.75
C ASN A 441 31.38 9.28 -36.45
N LYS A 442 32.67 9.63 -36.47
CA LYS A 442 33.45 9.83 -35.27
C LYS A 442 33.67 11.30 -34.95
N LYS A 443 34.01 11.57 -33.69
CA LYS A 443 34.62 12.83 -33.30
C LYS A 443 35.52 12.66 -32.09
N THR A 444 36.71 13.22 -32.20
CA THR A 444 37.45 13.60 -31.01
C THR A 444 37.68 15.09 -31.06
N VAL A 445 37.50 15.70 -29.91
CA VAL A 445 37.85 17.09 -29.71
C VAL A 445 38.94 17.12 -28.65
N ALA A 446 40.05 17.75 -29.01
CA ALA A 446 41.21 17.82 -28.14
C ALA A 446 41.15 19.13 -27.39
N LYS A 447 41.54 19.11 -26.12
CA LYS A 447 41.53 20.33 -25.34
C LYS A 447 42.92 20.85 -25.06
N ARG A 448 43.07 22.09 -25.50
CA ARG A 448 43.69 23.14 -24.74
C ARG A 448 43.82 22.84 -23.25
N ALA A 449 45.06 22.86 -22.76
CA ALA A 449 45.33 22.63 -21.34
C ALA A 449 46.75 23.05 -20.98
N GLU A 450 47.01 23.03 -19.68
CA GLU A 450 48.28 23.45 -19.08
C GLU A 450 49.13 22.24 -18.69
N ASN A 451 50.35 22.49 -18.19
CA ASN A 451 51.41 21.51 -18.16
C ASN A 451 51.85 21.21 -16.72
N MET A 452 52.93 20.44 -16.55
CA MET A 452 53.60 20.21 -15.27
C MET A 452 55.07 20.60 -15.33
N LEU A 453 55.46 21.45 -14.39
CA LEU A 453 56.87 21.72 -14.14
C LEU A 453 57.28 21.05 -12.83
N TRP A 454 58.58 21.06 -12.55
CA TRP A 454 59.14 20.01 -11.71
C TRP A 454 60.23 20.54 -10.81
N HIS A 455 60.39 19.89 -9.66
CA HIS A 455 61.61 20.06 -8.88
C HIS A 455 61.74 18.86 -7.95
N LYS A 456 62.72 18.01 -8.20
CA LYS A 456 62.89 16.77 -7.45
C LYS A 456 64.36 16.61 -7.12
N LEU A 457 64.66 16.03 -5.97
CA LEU A 457 66.02 15.96 -5.48
C LEU A 457 66.29 14.59 -4.87
N PRO A 458 67.54 14.14 -4.88
CA PRO A 458 67.91 12.99 -4.08
C PRO A 458 67.66 13.28 -2.61
N LYS A 459 67.32 12.25 -1.86
CA LYS A 459 66.85 12.47 -0.50
C LYS A 459 67.98 12.82 0.46
N SER A 460 69.16 12.24 0.28
CA SER A 460 70.15 12.20 1.36
C SER A 460 71.51 12.63 0.87
N ILE A 461 72.10 13.61 1.54
CA ILE A 461 73.39 14.18 1.18
C ILE A 461 74.15 14.55 2.46
N TYR A 462 75.46 14.43 2.39
CA TYR A 462 76.36 14.84 3.47
C TYR A 462 77.42 15.79 2.92
N PHE A 463 77.98 16.64 3.78
CA PHE A 463 78.95 17.63 3.35
C PHE A 463 79.79 18.20 4.49
N ARG A 464 81.03 17.71 4.58
CA ARG A 464 82.31 18.07 5.24
C ARG A 464 83.48 17.15 5.06
N ARG A 465 84.61 17.81 5.24
CA ARG A 465 85.87 17.28 5.72
C ARG A 465 85.56 16.08 6.60
N GLY A 466 86.20 14.95 6.33
CA GLY A 466 86.02 13.79 7.18
C GLY A 466 84.58 13.36 7.26
N SER A 467 83.80 13.63 6.22
CA SER A 467 82.47 13.07 6.19
C SER A 467 82.54 11.56 6.25
N LEU A 468 83.49 10.99 5.51
CA LEU A 468 83.42 9.58 5.15
C LEU A 468 83.05 8.73 6.35
N PRO A 469 83.83 8.69 7.43
CA PRO A 469 83.49 7.76 8.51
C PRO A 469 82.14 8.05 9.11
N ILE A 470 81.87 9.33 9.39
CA ILE A 470 80.61 9.68 10.03
C ILE A 470 79.48 9.61 9.02
N ALA A 471 79.80 9.70 7.73
CA ALA A 471 78.76 9.52 6.72
C ALA A 471 78.34 8.05 6.64
N LEU A 472 79.31 7.16 6.53
CA LEU A 472 79.02 5.74 6.35
C LEU A 472 78.71 5.05 7.67
N SER A 473 78.85 5.75 8.79
CA SER A 473 78.54 5.13 10.07
C SER A 473 77.13 4.57 10.07
N ASP A 474 76.21 5.23 9.38
CA ASP A 474 74.80 4.86 9.38
C ASP A 474 74.48 3.81 8.39
N LEU A 475 75.47 2.99 8.03
CA LEU A 475 75.34 1.92 7.04
C LEU A 475 75.25 0.54 7.68
N GLU A 476 74.16 0.15 8.35
CA GLU A 476 74.23 -0.95 9.32
C GLU A 476 74.38 -2.31 8.66
N GLY A 477 73.28 -2.85 8.14
CA GLY A 477 73.17 -4.23 7.72
C GLY A 477 73.12 -4.42 6.23
N LYS A 478 73.20 -3.34 5.47
CA LYS A 478 73.42 -3.48 4.05
C LYS A 478 74.64 -4.36 3.89
N LYS A 479 74.49 -5.52 3.25
CA LYS A 479 75.53 -6.53 3.38
C LYS A 479 76.47 -6.56 2.18
N ARG A 480 75.95 -6.60 0.96
CA ARG A 480 76.87 -6.67 -0.16
C ARG A 480 77.11 -5.30 -0.76
N ALA A 481 78.32 -5.12 -1.25
CA ALA A 481 78.76 -3.82 -1.70
C ALA A 481 79.56 -4.05 -2.97
N PHE A 482 79.54 -3.04 -3.81
CA PHE A 482 80.27 -3.07 -5.06
C PHE A 482 80.90 -1.71 -5.29
N LEU A 483 82.13 -1.72 -5.76
CA LEU A 483 82.87 -0.51 -6.04
C LEU A 483 82.85 -0.22 -7.53
N VAL A 484 82.59 1.06 -7.85
CA VAL A 484 82.77 1.59 -9.19
C VAL A 484 83.71 2.77 -9.08
N THR A 485 84.78 2.74 -9.87
CA THR A 485 85.93 3.64 -9.78
C THR A 485 86.75 3.49 -11.05
N ASP A 486 87.86 4.22 -11.09
CA ASP A 486 88.86 4.22 -12.15
C ASP A 486 90.20 3.71 -11.64
N ARG A 487 90.96 3.10 -12.54
CA ARG A 487 92.24 2.52 -12.13
C ARG A 487 93.25 3.58 -11.70
N PHE A 488 93.11 4.82 -12.17
CA PHE A 488 94.00 5.86 -11.66
C PHE A 488 93.73 6.11 -10.19
N LEU A 489 92.47 6.36 -9.85
CA LEU A 489 92.11 6.68 -8.48
C LEU A 489 92.23 5.46 -7.58
N PHE A 490 91.75 4.31 -8.04
CA PHE A 490 92.00 3.07 -7.32
C PHE A 490 93.50 2.85 -7.16
N ASN A 491 94.28 3.23 -8.16
CA ASN A 491 95.73 3.12 -8.06
C ASN A 491 96.25 3.98 -6.92
N ASN A 492 95.68 5.17 -6.75
CA ASN A 492 96.06 6.00 -5.62
C ASN A 492 95.57 5.39 -4.32
N GLY A 493 96.14 5.86 -3.22
CA GLY A 493 95.74 5.37 -1.92
C GLY A 493 94.41 5.94 -1.49
N TYR A 494 93.38 5.70 -2.29
CA TYR A 494 92.03 6.19 -2.00
C TYR A 494 91.04 5.07 -1.80
N ALA A 495 90.99 4.12 -2.73
CA ALA A 495 90.04 3.02 -2.60
C ALA A 495 90.32 2.22 -1.33
N ASP A 496 91.59 1.95 -1.06
CA ASP A 496 92.01 1.29 0.17
C ASP A 496 91.27 1.85 1.39
N ASP A 497 91.12 3.17 1.45
CA ASP A 497 90.47 3.79 2.58
C ASP A 497 89.04 3.30 2.74
N VAL A 498 88.29 3.34 1.65
CA VAL A 498 86.88 2.97 1.71
C VAL A 498 86.72 1.47 1.91
N VAL A 499 87.57 0.64 1.30
CA VAL A 499 87.37 -0.79 1.55
C VAL A 499 87.73 -1.11 3.00
N ALA A 500 88.72 -0.40 3.56
CA ALA A 500 89.01 -0.58 4.97
C ALA A 500 87.80 -0.19 5.82
N LEU A 501 87.19 0.93 5.50
CA LEU A 501 85.99 1.32 6.24
C LEU A 501 84.83 0.38 5.97
N LEU A 502 84.90 -0.37 4.87
CA LEU A 502 83.87 -1.36 4.61
C LEU A 502 84.09 -2.58 5.48
N LYS A 503 85.36 -2.96 5.63
CA LYS A 503 85.73 -3.97 6.61
C LYS A 503 85.36 -3.53 8.01
N ALA A 504 85.26 -2.21 8.24
CA ALA A 504 85.03 -1.70 9.59
C ALA A 504 83.88 -2.43 10.26
N GLN A 505 82.81 -2.71 9.53
CA GLN A 505 81.85 -3.70 9.99
C GLN A 505 81.87 -4.94 9.12
N GLY A 506 82.53 -4.87 7.97
CA GLY A 506 82.94 -6.05 7.23
C GLY A 506 81.99 -6.42 6.13
N MET A 507 82.31 -6.00 4.90
CA MET A 507 81.41 -6.15 3.76
C MET A 507 82.10 -6.98 2.69
N GLU A 508 81.34 -7.85 2.05
CA GLU A 508 81.83 -8.54 0.86
C GLU A 508 81.73 -7.60 -0.34
N VAL A 509 82.90 -7.17 -0.82
CA VAL A 509 83.00 -6.11 -1.80
C VAL A 509 83.96 -6.55 -2.90
N GLN A 510 83.94 -5.81 -4.00
CA GLN A 510 84.94 -5.96 -5.04
C GLN A 510 85.07 -4.64 -5.78
N THR A 511 86.31 -4.21 -5.95
CA THR A 511 86.61 -2.98 -6.66
C THR A 511 86.44 -3.21 -8.16
N PHE A 512 85.88 -2.22 -8.83
CA PHE A 512 85.81 -2.21 -10.27
C PHE A 512 86.34 -0.86 -10.75
N PHE A 513 87.55 -0.88 -11.28
CA PHE A 513 88.27 0.29 -11.74
C PHE A 513 88.49 0.30 -13.25
N GLU A 514 87.55 -0.27 -14.00
CA GLU A 514 87.80 -0.61 -15.40
C GLU A 514 87.01 0.27 -16.36
N VAL A 515 86.89 1.55 -16.05
CA VAL A 515 86.26 2.52 -16.94
C VAL A 515 87.25 3.64 -17.24
N GLU A 516 87.39 3.99 -18.52
CA GLU A 516 88.25 5.11 -18.86
C GLU A 516 87.41 6.38 -18.93
N ALA A 517 87.85 7.34 -19.76
CA ALA A 517 87.18 8.63 -19.79
C ALA A 517 85.72 8.56 -20.22
N ASP A 518 85.20 7.40 -20.63
CA ASP A 518 83.85 7.40 -21.17
C ASP A 518 83.10 6.10 -20.95
N PRO A 519 81.77 6.17 -20.87
CA PRO A 519 80.96 4.96 -21.09
C PRO A 519 81.06 4.50 -22.54
N THR A 520 81.15 3.19 -22.73
CA THR A 520 81.68 2.64 -23.97
C THR A 520 80.74 1.73 -24.72
N LEU A 521 79.80 1.08 -24.03
CA LEU A 521 79.04 -0.08 -24.47
C LEU A 521 79.89 -1.34 -24.37
N SER A 522 81.08 -1.27 -23.79
CA SER A 522 81.98 -2.40 -23.65
C SER A 522 82.27 -2.72 -22.20
N VAL A 523 82.61 -1.73 -21.38
CA VAL A 523 82.76 -2.00 -19.95
C VAL A 523 81.39 -2.22 -19.33
N VAL A 524 80.38 -1.53 -19.84
CA VAL A 524 79.09 -1.50 -19.17
C VAL A 524 78.58 -2.93 -18.98
N GLU A 525 78.69 -3.75 -20.02
CA GLU A 525 78.18 -5.11 -19.89
C GLU A 525 79.11 -6.01 -19.09
N LYS A 526 80.43 -5.83 -19.15
CA LYS A 526 81.25 -6.69 -18.30
C LYS A 526 81.01 -6.36 -16.83
N GLY A 527 80.91 -5.08 -16.50
CA GLY A 527 80.59 -4.71 -15.13
C GLY A 527 79.25 -5.23 -14.70
N ALA A 528 78.24 -5.10 -15.57
CA ALA A 528 76.93 -5.63 -15.24
C ALA A 528 76.99 -7.13 -15.00
N ALA A 529 77.67 -7.85 -15.88
CA ALA A 529 77.75 -9.30 -15.73
C ALA A 529 78.49 -9.67 -14.46
N ALA A 530 79.60 -8.99 -14.17
CA ALA A 530 80.37 -9.32 -12.98
C ALA A 530 79.55 -9.10 -11.72
N MET A 531 78.92 -7.93 -11.61
CA MET A 531 78.18 -7.68 -10.38
C MET A 531 76.96 -8.59 -10.29
N GLN A 532 76.26 -8.85 -11.40
CA GLN A 532 75.12 -9.75 -11.33
C GLN A 532 75.58 -11.18 -11.06
N SER A 533 76.84 -11.47 -11.30
CA SER A 533 77.39 -12.70 -10.74
C SER A 533 77.54 -12.57 -9.24
N PHE A 534 77.91 -11.37 -8.79
CA PHE A 534 78.11 -11.14 -7.37
C PHE A 534 76.78 -10.95 -6.64
N GLN A 535 75.78 -10.41 -7.35
CA GLN A 535 74.54 -9.95 -6.73
C GLN A 535 74.78 -8.99 -5.58
N PRO A 536 75.52 -7.89 -5.76
CA PRO A 536 75.67 -6.95 -4.65
C PRO A 536 74.35 -6.28 -4.34
N ASP A 537 74.26 -5.74 -3.14
CA ASP A 537 73.04 -5.06 -2.74
C ASP A 537 73.25 -3.58 -2.47
N VAL A 538 74.50 -3.11 -2.49
CA VAL A 538 74.79 -1.69 -2.42
C VAL A 538 75.86 -1.37 -3.46
N ILE A 539 75.68 -0.26 -4.16
CA ILE A 539 76.60 0.13 -5.22
C ILE A 539 77.23 1.46 -4.83
N LEU A 540 78.56 1.50 -4.91
CA LEU A 540 79.36 2.63 -4.51
C LEU A 540 79.97 3.29 -5.74
N ALA A 541 79.48 4.47 -6.07
CA ALA A 541 79.96 5.22 -7.21
C ALA A 541 81.05 6.17 -6.74
N LEU A 542 82.20 6.13 -7.41
CA LEU A 542 83.34 6.91 -6.97
C LEU A 542 83.79 7.80 -8.14
N GLY A 543 84.20 9.02 -7.83
CA GLY A 543 84.95 9.78 -8.82
C GLY A 543 84.28 10.91 -9.58
N GLY A 544 84.63 11.04 -10.86
CA GLY A 544 84.22 12.16 -11.68
C GLY A 544 83.82 11.80 -13.09
N GLY A 545 82.59 12.14 -13.46
CA GLY A 545 82.07 11.86 -14.78
C GLY A 545 81.84 10.39 -15.04
N SER A 546 82.57 9.86 -16.01
CA SER A 546 82.26 8.55 -16.57
C SER A 546 82.06 7.45 -15.53
N PRO A 547 82.89 7.32 -14.48
CA PRO A 547 82.69 6.19 -13.56
C PRO A 547 81.30 6.10 -13.00
N MET A 548 80.68 7.22 -12.66
CA MET A 548 79.43 7.11 -11.91
C MET A 548 78.27 6.71 -12.82
N ASP A 549 77.97 7.53 -13.82
CA ASP A 549 76.80 7.32 -14.66
C ASP A 549 76.78 5.97 -15.37
N ALA A 550 77.92 5.55 -15.95
CA ALA A 550 77.99 4.21 -16.52
C ALA A 550 77.54 3.18 -15.50
N ALA A 551 78.07 3.27 -14.28
CA ALA A 551 77.57 2.45 -13.20
C ALA A 551 76.05 2.46 -13.17
N LYS A 552 75.46 3.66 -13.00
CA LYS A 552 74.01 3.77 -13.01
C LYS A 552 73.42 2.92 -14.10
N ILE A 553 73.89 3.13 -15.33
CA ILE A 553 73.39 2.38 -16.47
C ILE A 553 73.46 0.89 -16.20
N MET A 554 74.68 0.37 -16.01
CA MET A 554 74.78 -1.06 -15.77
C MET A 554 74.13 -1.44 -14.45
N TRP A 555 74.06 -0.48 -13.52
CA TRP A 555 73.26 -0.71 -12.32
C TRP A 555 71.86 -1.13 -12.71
N VAL A 556 71.20 -0.31 -13.54
CA VAL A 556 69.83 -0.63 -13.90
C VAL A 556 69.81 -1.88 -14.75
N MET A 557 70.91 -2.17 -15.43
CA MET A 557 70.94 -3.38 -16.23
C MET A 557 70.91 -4.60 -15.33
N TYR A 558 71.44 -4.47 -14.12
CA TYR A 558 71.27 -5.50 -13.11
C TYR A 558 69.82 -5.64 -12.71
N GLU A 559 69.10 -4.53 -12.65
CA GLU A 559 67.74 -4.57 -12.16
C GLU A 559 66.83 -5.32 -13.15
N HIS A 560 66.97 -5.03 -14.44
CA HIS A 560 66.32 -5.80 -15.50
C HIS A 560 67.36 -6.37 -16.47
N PRO A 561 67.85 -7.56 -16.20
CA PRO A 561 68.70 -8.25 -17.16
C PRO A 561 67.98 -8.56 -18.46
N ASP A 562 66.65 -8.60 -18.43
CA ASP A 562 65.87 -9.10 -19.55
C ASP A 562 65.87 -8.18 -20.75
N THR A 563 65.52 -6.91 -20.57
CA THR A 563 65.29 -6.02 -21.69
C THR A 563 66.58 -5.73 -22.45
N HIS A 564 66.43 -5.37 -23.72
CA HIS A 564 67.54 -4.72 -24.39
C HIS A 564 67.61 -3.24 -24.03
N PHE A 565 68.48 -2.52 -24.75
CA PHE A 565 69.01 -1.26 -24.22
C PHE A 565 68.60 -0.05 -25.06
N GLU A 566 68.44 -0.22 -26.38
CA GLU A 566 68.10 0.94 -27.19
C GLU A 566 66.92 1.61 -26.56
N GLU A 567 65.83 0.86 -26.49
CA GLU A 567 64.56 1.37 -26.04
C GLU A 567 64.68 1.99 -24.66
N LEU A 568 65.68 1.59 -23.88
CA LEU A 568 65.98 2.40 -22.72
C LEU A 568 66.42 3.79 -23.16
N ALA A 569 67.30 3.87 -24.17
CA ALA A 569 67.62 5.19 -24.73
C ALA A 569 66.52 5.71 -25.64
N MET A 570 66.01 4.87 -26.51
CA MET A 570 65.19 5.28 -27.62
C MET A 570 63.84 5.71 -27.09
N ARG A 571 63.41 5.04 -26.03
CA ARG A 571 62.18 5.29 -25.32
C ARG A 571 62.23 6.52 -24.44
N PHE A 572 63.38 6.83 -23.86
CA PHE A 572 63.47 7.91 -22.89
C PHE A 572 64.64 8.80 -23.33
N MET A 573 64.31 9.86 -24.07
CA MET A 573 65.34 10.71 -24.65
C MET A 573 65.56 12.00 -23.89
N ASP A 574 64.52 12.56 -23.27
CA ASP A 574 64.62 13.82 -22.54
C ASP A 574 63.44 13.91 -21.58
N ILE A 575 63.12 15.15 -21.22
CA ILE A 575 62.14 15.45 -20.20
C ILE A 575 60.75 15.58 -20.83
N ARG A 576 59.74 15.47 -19.97
CA ARG A 576 58.39 15.95 -20.19
C ARG A 576 57.59 15.09 -21.15
N LYS A 577 58.24 14.15 -21.82
CA LYS A 577 57.42 13.12 -22.44
C LYS A 577 57.27 11.96 -21.47
N ARG A 578 56.49 12.18 -20.42
CA ARG A 578 56.34 11.17 -19.38
C ARG A 578 55.40 10.07 -19.87
N ILE A 579 55.90 9.36 -20.87
CA ILE A 579 55.13 8.42 -21.66
C ILE A 579 56.05 7.24 -21.96
N TYR A 580 55.88 6.14 -21.22
CA TYR A 580 54.85 6.02 -20.20
C TYR A 580 55.30 5.54 -18.83
N LYS A 581 56.20 4.54 -18.76
CA LYS A 581 56.41 3.87 -17.49
C LYS A 581 57.88 3.90 -17.12
N PHE A 582 58.22 3.12 -16.09
CA PHE A 582 59.59 3.10 -15.65
C PHE A 582 60.18 1.75 -16.02
N PRO A 583 61.49 1.68 -16.21
CA PRO A 583 62.18 0.47 -15.80
C PRO A 583 62.24 0.50 -14.29
N LYS A 584 61.96 -0.64 -13.68
CA LYS A 584 61.35 -0.63 -12.36
C LYS A 584 62.39 -0.90 -11.28
N MET A 585 63.05 0.16 -10.80
CA MET A 585 64.10 0.05 -9.78
C MET A 585 63.70 0.72 -8.48
N GLY A 586 64.70 0.86 -7.60
CA GLY A 586 64.52 0.85 -6.17
C GLY A 586 64.54 -0.54 -5.59
N LYS A 587 65.16 -1.48 -6.29
CA LYS A 587 64.79 -2.89 -6.22
C LYS A 587 65.60 -3.65 -5.17
N LYS A 588 66.87 -3.86 -5.46
CA LYS A 588 67.73 -4.82 -4.79
C LYS A 588 69.13 -4.26 -4.59
N ALA A 589 69.30 -2.97 -4.85
CA ALA A 589 70.55 -2.26 -4.67
C ALA A 589 70.24 -0.79 -4.48
N GLU A 590 71.12 -0.11 -3.75
CA GLU A 590 71.00 1.33 -3.57
C GLU A 590 72.27 1.99 -4.09
N LEU A 591 72.20 3.31 -4.28
CA LEU A 591 73.27 4.10 -4.88
C LEU A 591 73.89 5.09 -3.91
N VAL A 592 75.19 4.96 -3.68
CA VAL A 592 75.92 5.88 -2.82
C VAL A 592 77.06 6.49 -3.62
N CYS A 593 76.99 7.80 -3.85
CA CYS A 593 77.90 8.46 -4.79
C CYS A 593 78.83 9.42 -4.07
N ILE A 594 80.07 9.46 -4.57
CA ILE A 594 81.13 10.31 -4.07
C ILE A 594 81.69 11.05 -5.26
N THR A 595 81.51 12.37 -5.27
CA THR A 595 82.15 13.16 -6.31
C THR A 595 83.62 13.35 -5.99
N THR A 596 84.41 13.68 -7.01
CA THR A 596 85.81 14.02 -6.78
C THR A 596 86.18 15.32 -7.46
N THR A 597 85.50 15.64 -8.55
CA THR A 597 85.85 16.80 -9.36
C THR A 597 84.92 17.96 -9.04
N SER A 598 85.50 19.10 -8.70
CA SER A 598 84.73 20.29 -8.41
C SER A 598 84.31 20.91 -9.74
N GLY A 599 83.04 20.74 -10.11
CA GLY A 599 82.54 21.32 -11.33
C GLY A 599 81.51 20.51 -12.09
N THR A 600 81.25 19.28 -11.65
CA THR A 600 80.23 18.46 -12.27
C THR A 600 79.07 18.24 -11.30
N GLY A 601 77.86 18.48 -11.80
CA GLY A 601 76.69 18.24 -11.00
C GLY A 601 76.08 16.91 -11.37
N SER A 602 76.88 16.07 -12.02
CA SER A 602 76.37 14.79 -12.51
C SER A 602 75.91 13.88 -11.39
N GLU A 603 76.61 13.90 -10.25
CA GLU A 603 76.31 12.95 -9.18
C GLU A 603 74.97 13.23 -8.52
N VAL A 604 74.26 14.26 -8.97
CA VAL A 604 72.92 14.51 -8.45
C VAL A 604 71.92 14.39 -9.60
N THR A 605 72.37 14.68 -10.81
CA THR A 605 71.46 14.65 -11.94
C THR A 605 71.07 13.22 -12.30
N PRO A 606 69.86 13.05 -12.81
CA PRO A 606 69.43 11.74 -13.32
C PRO A 606 69.82 11.57 -14.78
N PHE A 607 71.08 11.85 -15.10
CA PHE A 607 71.52 11.86 -16.47
C PHE A 607 72.64 10.84 -16.68
N ALA A 608 72.73 10.37 -17.91
CA ALA A 608 73.79 9.45 -18.30
C ALA A 608 74.09 9.63 -19.77
N VAL A 609 75.34 9.42 -20.13
CA VAL A 609 75.77 9.47 -21.52
C VAL A 609 76.56 8.20 -21.80
N VAL A 610 76.19 7.51 -22.87
CA VAL A 610 76.91 6.33 -23.28
C VAL A 610 77.27 6.47 -24.75
N THR A 611 78.41 5.90 -25.12
CA THR A 611 78.94 6.07 -26.47
C THR A 611 78.99 4.72 -27.16
N ASP A 612 78.57 4.70 -28.41
CA ASP A 612 78.53 3.47 -29.18
C ASP A 612 79.94 3.02 -29.57
N ASP A 613 80.05 1.79 -30.08
CA ASP A 613 81.38 1.29 -30.37
C ASP A 613 81.76 1.30 -31.85
N LYS A 614 80.81 1.34 -32.78
CA LYS A 614 81.24 1.49 -34.17
C LYS A 614 81.94 2.82 -34.34
N THR A 615 81.13 3.87 -34.31
CA THR A 615 81.45 5.24 -34.63
C THR A 615 81.26 6.18 -33.44
N GLY A 616 80.98 5.64 -32.26
CA GLY A 616 80.77 6.47 -31.10
C GLY A 616 79.46 7.23 -31.12
N ALA A 617 78.36 6.56 -31.45
CA ALA A 617 77.04 7.18 -31.38
C ALA A 617 76.72 7.57 -29.95
N LYS A 618 76.28 8.81 -29.76
CA LYS A 618 75.95 9.35 -28.46
C LYS A 618 74.54 8.90 -28.07
N TYR A 619 74.39 8.46 -26.83
CA TYR A 619 73.08 8.06 -26.33
C TYR A 619 72.89 8.78 -25.00
N PRO A 620 72.04 9.80 -24.97
CA PRO A 620 71.73 10.49 -23.70
C PRO A 620 70.52 9.92 -23.00
N LEU A 621 70.67 9.62 -21.71
CA LEU A 621 69.61 9.09 -20.87
C LEU A 621 69.25 10.11 -19.81
N ALA A 622 67.95 10.33 -19.63
CA ALA A 622 67.47 11.37 -18.73
C ALA A 622 66.09 11.02 -18.21
N ASP A 623 66.02 10.62 -16.94
CA ASP A 623 64.76 10.48 -16.23
C ASP A 623 65.00 10.34 -14.73
N TYR A 624 64.12 10.92 -13.93
CA TYR A 624 64.41 11.20 -12.53
C TYR A 624 64.66 9.96 -11.69
N GLU A 625 64.23 8.77 -12.09
CA GLU A 625 64.57 7.63 -11.25
C GLU A 625 66.05 7.29 -11.32
N LEU A 626 66.80 7.91 -12.22
CA LEU A 626 68.24 7.74 -12.24
C LEU A 626 68.95 8.44 -11.09
N THR A 627 68.29 9.33 -10.38
CA THR A 627 68.96 10.06 -9.31
C THR A 627 69.39 9.10 -8.22
N PRO A 628 70.66 9.14 -7.81
CA PRO A 628 71.09 8.33 -6.67
C PRO A 628 70.39 8.80 -5.42
N GLN A 629 70.07 7.85 -4.54
CA GLN A 629 69.44 8.28 -3.30
C GLN A 629 70.49 8.80 -2.32
N MET A 630 71.77 8.52 -2.58
CA MET A 630 72.81 8.88 -1.62
C MET A 630 73.91 9.70 -2.28
N ALA A 631 74.16 10.89 -1.73
CA ALA A 631 75.23 11.74 -2.24
C ALA A 631 76.07 12.26 -1.08
N ILE A 632 77.39 12.19 -1.24
CA ILE A 632 78.29 12.72 -0.22
C ILE A 632 79.30 13.63 -0.88
N VAL A 633 79.50 14.80 -0.30
CA VAL A 633 80.38 15.82 -0.82
C VAL A 633 81.39 16.12 0.27
N ASP A 634 82.51 15.42 0.25
CA ASP A 634 83.63 15.69 1.14
C ASP A 634 84.60 16.61 0.44
N ALA A 635 85.49 17.20 1.21
CA ALA A 635 86.57 17.97 0.63
C ALA A 635 87.88 17.21 0.63
N ASN A 636 88.14 16.38 1.65
CA ASN A 636 89.45 15.79 1.87
C ASN A 636 90.14 15.47 0.56
N LEU A 637 89.36 14.99 -0.41
CA LEU A 637 89.83 14.75 -1.76
C LEU A 637 90.66 15.89 -2.35
N VAL A 638 90.08 17.04 -2.71
CA VAL A 638 90.88 17.88 -3.57
C VAL A 638 91.41 19.10 -2.82
N MET A 639 92.56 18.89 -2.19
CA MET A 639 93.56 19.89 -1.89
C MET A 639 94.71 19.79 -2.86
N ASN A 640 94.96 18.60 -3.40
CA ASN A 640 96.14 18.36 -4.21
C ASN A 640 95.85 18.31 -5.71
N MET A 641 94.59 18.33 -6.12
CA MET A 641 94.31 18.34 -7.55
C MET A 641 94.77 19.66 -8.16
N PRO A 642 95.57 19.62 -9.22
CA PRO A 642 96.34 20.79 -9.62
C PRO A 642 95.58 21.74 -10.54
N LYS A 643 96.11 22.95 -10.63
CA LYS A 643 95.67 23.92 -11.61
C LYS A 643 96.12 23.45 -12.99
N SER A 644 95.31 23.73 -14.00
CA SER A 644 94.06 24.45 -13.82
C SER A 644 92.87 23.55 -14.10
N LEU A 645 93.04 22.26 -13.82
CA LEU A 645 91.89 21.37 -13.87
C LEU A 645 90.82 21.84 -12.90
N THR A 646 91.26 22.39 -11.78
CA THR A 646 90.41 23.22 -10.94
C THR A 646 89.60 24.18 -11.78
N ALA A 647 90.29 24.98 -12.60
CA ALA A 647 89.61 25.96 -13.42
C ALA A 647 88.65 25.28 -14.38
N PHE A 648 89.05 24.14 -14.94
CA PHE A 648 88.19 23.47 -15.90
C PHE A 648 86.85 23.11 -15.26
N GLY A 649 86.89 22.44 -14.11
CA GLY A 649 85.66 22.09 -13.44
C GLY A 649 84.86 23.31 -13.04
N GLY A 650 85.52 24.31 -12.46
CA GLY A 650 84.81 25.50 -12.02
C GLY A 650 84.11 26.20 -13.17
N TYR A 651 84.79 26.30 -14.31
CA TYR A 651 84.19 26.94 -15.47
C TYR A 651 83.03 26.11 -16.02
N ASP A 652 83.14 24.78 -15.98
CA ASP A 652 81.98 23.96 -16.35
C ASP A 652 80.78 24.29 -15.48
N ALA A 653 81.00 24.35 -14.17
CA ALA A 653 79.90 24.68 -13.27
C ALA A 653 79.37 26.08 -13.55
N VAL A 654 80.26 27.01 -13.84
CA VAL A 654 79.87 28.38 -14.15
C VAL A 654 78.91 28.39 -15.33
N THR A 655 79.31 27.71 -16.40
CA THR A 655 78.43 27.56 -17.55
C THR A 655 77.10 26.97 -17.15
N HIS A 656 77.14 25.86 -16.39
CA HIS A 656 75.91 25.22 -15.95
C HIS A 656 74.98 26.24 -15.33
N ALA A 657 75.52 27.07 -14.45
CA ALA A 657 74.68 28.01 -13.73
C ALA A 657 74.09 29.05 -14.67
N LEU A 658 74.94 29.75 -15.43
CA LEU A 658 74.40 30.88 -16.19
C LEU A 658 73.40 30.40 -17.21
N GLU A 659 73.68 29.26 -17.85
CA GLU A 659 72.67 28.73 -18.75
C GLU A 659 71.40 28.38 -18.01
N ALA A 660 71.52 27.80 -16.81
CA ALA A 660 70.32 27.34 -16.12
C ALA A 660 69.41 28.49 -15.81
N TYR A 661 69.97 29.60 -15.36
CA TYR A 661 69.11 30.71 -14.93
C TYR A 661 68.29 31.25 -16.09
N VAL A 662 68.89 31.36 -17.27
CA VAL A 662 68.23 32.01 -18.40
C VAL A 662 67.41 31.00 -19.18
N SER A 663 67.48 29.74 -18.79
CA SER A 663 66.76 28.69 -19.50
C SER A 663 65.26 28.96 -19.41
N VAL A 664 64.54 28.62 -20.50
CA VAL A 664 63.10 28.80 -20.47
C VAL A 664 62.45 27.86 -19.49
N LEU A 665 63.10 26.74 -19.18
CA LEU A 665 62.61 25.82 -18.18
C LEU A 665 62.84 26.32 -16.77
N ALA A 666 63.53 27.45 -16.62
CA ALA A 666 63.84 27.97 -15.31
C ALA A 666 62.57 28.32 -14.55
N ASN A 667 62.27 27.54 -13.52
CA ASN A 667 61.27 27.97 -12.56
C ASN A 667 61.92 28.93 -11.58
N GLU A 668 61.12 29.43 -10.65
CA GLU A 668 61.68 30.19 -9.55
C GLU A 668 62.59 29.33 -8.70
N TYR A 669 62.41 28.01 -8.76
CA TYR A 669 63.06 27.12 -7.80
C TYR A 669 64.57 27.14 -7.96
N SER A 670 65.04 27.03 -9.21
CA SER A 670 66.47 26.99 -9.48
C SER A 670 67.11 28.35 -9.32
N ASP A 671 66.33 29.42 -9.41
CA ASP A 671 66.91 30.74 -9.37
C ASP A 671 67.65 30.99 -8.06
N GLY A 672 67.07 30.53 -6.94
CA GLY A 672 67.66 30.84 -5.66
C GLY A 672 69.10 30.36 -5.54
N GLN A 673 69.30 29.05 -5.49
CA GLN A 673 70.66 28.56 -5.30
C GLN A 673 71.53 28.72 -6.55
N ALA A 674 70.95 28.88 -7.75
CA ALA A 674 71.79 29.27 -8.88
C ALA A 674 72.44 30.62 -8.63
N LEU A 675 71.63 31.61 -8.28
CA LEU A 675 72.13 32.92 -7.90
C LEU A 675 73.13 32.80 -6.77
N GLN A 676 72.84 31.92 -5.80
CA GLN A 676 73.72 31.77 -4.65
C GLN A 676 75.11 31.32 -5.09
N ALA A 677 75.16 30.24 -5.88
CA ALA A 677 76.45 29.72 -6.31
C ALA A 677 77.20 30.75 -7.13
N LEU A 678 76.51 31.43 -8.04
CA LEU A 678 77.16 32.46 -8.85
C LEU A 678 77.72 33.56 -7.98
N LYS A 679 76.94 34.07 -7.04
CA LYS A 679 77.45 35.12 -6.17
C LYS A 679 78.65 34.66 -5.38
N MET A 680 78.58 33.44 -4.84
CA MET A 680 79.59 33.02 -3.88
C MET A 680 80.85 32.55 -4.57
N LEU A 681 80.80 32.34 -5.87
CA LEU A 681 82.00 31.83 -6.52
C LEU A 681 83.00 32.92 -6.86
N LYS A 682 82.51 34.14 -7.09
CA LYS A 682 83.34 35.20 -7.67
C LYS A 682 84.52 35.55 -6.79
N GLU A 683 84.48 35.23 -5.51
CA GLU A 683 85.55 35.55 -4.58
C GLU A 683 86.54 34.39 -4.46
N TYR A 684 86.02 33.17 -4.46
CA TYR A 684 86.83 32.03 -4.09
C TYR A 684 87.46 31.34 -5.29
N LEU A 685 87.03 31.67 -6.51
CA LEU A 685 87.79 31.20 -7.66
C LEU A 685 89.21 31.74 -7.70
N PRO A 686 89.45 33.05 -7.67
CA PRO A 686 90.84 33.51 -7.79
C PRO A 686 91.72 33.00 -6.67
N SER A 687 91.17 32.96 -5.46
CA SER A 687 91.94 32.49 -4.31
C SER A 687 92.30 31.01 -4.47
N SER A 688 91.29 30.17 -4.71
CA SER A 688 91.56 28.73 -4.79
C SER A 688 92.48 28.42 -5.95
N TYR A 689 92.28 29.12 -7.07
CA TYR A 689 93.16 28.93 -8.21
C TYR A 689 94.59 29.31 -7.88
N ALA A 690 94.77 30.45 -7.19
CA ALA A 690 96.10 30.83 -6.76
C ALA A 690 96.54 30.05 -5.53
N ASN A 691 95.62 29.80 -4.60
CA ASN A 691 95.96 29.23 -3.31
C ASN A 691 95.28 27.89 -3.13
N GLY A 692 96.08 26.88 -2.82
CA GLY A 692 95.59 25.55 -2.57
C GLY A 692 96.77 24.61 -2.72
N ALA A 693 96.98 23.73 -1.76
CA ALA A 693 96.10 23.58 -0.61
C ALA A 693 96.36 24.54 0.53
N LYS A 694 97.14 25.59 0.27
CA LYS A 694 97.43 26.54 1.33
C LYS A 694 96.16 27.19 1.86
N ASP A 695 95.10 27.19 1.06
CA ASP A 695 93.83 27.79 1.44
C ASP A 695 92.75 26.71 1.51
N PRO A 696 92.66 25.98 2.61
CA PRO A 696 91.57 25.00 2.73
C PRO A 696 90.28 25.69 3.11
N ILE A 697 90.01 26.83 2.50
CA ILE A 697 88.76 27.55 2.66
C ILE A 697 88.10 27.58 1.30
N ALA A 698 88.75 28.25 0.34
CA ALA A 698 88.12 28.45 -0.95
C ALA A 698 87.84 27.13 -1.66
N ARG A 699 88.70 26.13 -1.46
CA ARG A 699 88.58 24.89 -2.22
C ARG A 699 87.26 24.18 -1.91
N GLU A 700 86.97 23.94 -0.64
CA GLU A 700 85.70 23.32 -0.32
C GLU A 700 84.54 24.26 -0.62
N LYS A 701 84.76 25.56 -0.54
CA LYS A 701 83.70 26.49 -0.90
C LYS A 701 83.28 26.32 -2.35
N VAL A 702 84.24 26.27 -3.27
CA VAL A 702 83.88 26.12 -4.67
C VAL A 702 83.39 24.70 -4.92
N HIS A 703 83.86 23.73 -4.14
CA HIS A 703 83.30 22.40 -4.24
C HIS A 703 81.80 22.42 -3.97
N ASN A 704 81.42 23.04 -2.86
CA ASN A 704 80.01 23.16 -2.54
C ASN A 704 79.27 23.95 -3.61
N ALA A 705 79.91 24.99 -4.14
CA ALA A 705 79.28 25.79 -5.18
C ALA A 705 78.97 24.94 -6.41
N ALA A 706 79.92 24.09 -6.81
CA ALA A 706 79.68 23.20 -7.93
C ALA A 706 78.54 22.24 -7.64
N THR A 707 78.50 21.72 -6.42
CA THR A 707 77.39 20.84 -6.05
C THR A 707 76.07 21.58 -6.16
N ILE A 708 76.04 22.84 -5.74
CA ILE A 708 74.83 23.65 -5.84
C ILE A 708 74.45 23.87 -7.29
N ALA A 709 75.44 24.09 -8.15
CA ALA A 709 75.14 24.22 -9.58
C ALA A 709 74.48 22.95 -10.08
N GLY A 710 75.00 21.79 -9.68
CA GLY A 710 74.37 20.54 -10.05
C GLY A 710 72.95 20.45 -9.55
N ILE A 711 72.71 20.95 -8.35
CA ILE A 711 71.35 21.07 -7.85
C ILE A 711 70.53 21.90 -8.84
N ALA A 712 71.12 22.99 -9.31
CA ALA A 712 70.40 23.94 -10.14
C ALA A 712 69.95 23.29 -11.43
N PHE A 713 70.89 22.94 -12.30
CA PHE A 713 70.42 22.48 -13.59
C PHE A 713 69.94 21.04 -13.54
N ALA A 714 69.75 20.48 -12.34
CA ALA A 714 69.10 19.18 -12.23
C ALA A 714 67.67 19.23 -12.72
N ASN A 715 67.05 20.41 -12.70
CA ASN A 715 65.70 20.59 -13.22
C ASN A 715 65.66 21.49 -14.44
N ALA A 716 66.48 22.52 -14.50
CA ALA A 716 66.60 23.36 -15.68
C ALA A 716 67.63 22.72 -16.59
N PHE A 717 67.23 22.42 -17.81
CA PHE A 717 68.13 21.72 -18.71
C PHE A 717 69.25 22.62 -19.22
N LEU A 718 70.14 22.02 -19.99
CA LEU A 718 71.35 22.70 -20.42
C LEU A 718 71.06 23.67 -21.56
N GLY A 719 72.05 24.50 -21.87
CA GLY A 719 72.00 25.41 -22.98
C GLY A 719 72.69 24.83 -24.21
N VAL A 720 72.48 25.52 -25.32
CA VAL A 720 73.01 25.05 -26.61
C VAL A 720 74.53 24.96 -26.54
N CYS A 721 75.15 25.92 -25.86
CA CYS A 721 76.59 25.89 -25.69
C CYS A 721 77.06 24.59 -25.09
N HIS A 722 76.27 24.00 -24.18
CA HIS A 722 76.79 22.84 -23.46
C HIS A 722 76.98 21.64 -24.37
N SER A 723 75.95 21.23 -25.11
CA SER A 723 76.13 20.11 -26.01
C SER A 723 77.07 20.48 -27.14
N MET A 724 77.04 21.74 -27.55
CA MET A 724 77.96 22.15 -28.61
C MET A 724 79.40 21.96 -28.16
N ALA A 725 79.69 22.29 -26.90
CA ALA A 725 81.01 22.06 -26.35
C ALA A 725 81.28 20.57 -26.16
N HIS A 726 80.24 19.81 -25.81
CA HIS A 726 80.34 18.36 -25.88
C HIS A 726 80.97 17.95 -27.20
N LYS A 727 80.50 18.58 -28.26
CA LYS A 727 80.97 18.18 -29.58
C LYS A 727 82.42 18.58 -29.78
N ILE A 728 82.73 19.87 -29.61
CA ILE A 728 84.11 20.32 -29.76
C ILE A 728 85.07 19.43 -28.98
N GLY A 729 84.71 19.11 -27.74
CA GLY A 729 85.50 18.14 -27.02
C GLY A 729 85.54 16.80 -27.72
N ALA A 730 84.44 16.42 -28.36
CA ALA A 730 84.34 15.09 -28.97
C ALA A 730 85.36 14.91 -30.08
N GLU A 731 85.42 15.82 -31.05
CA GLU A 731 86.30 15.51 -32.18
C GLU A 731 87.76 15.74 -31.83
N PHE A 732 88.07 16.80 -31.07
CA PHE A 732 89.46 17.16 -30.85
C PHE A 732 89.98 16.67 -29.52
N HIS A 733 89.26 15.79 -28.85
CA HIS A 733 89.67 15.22 -27.57
C HIS A 733 89.90 16.30 -26.51
N LEU A 734 89.31 17.46 -26.71
CA LEU A 734 89.43 18.54 -25.75
C LEU A 734 88.63 18.21 -24.49
N PRO A 735 89.13 18.57 -23.32
CA PRO A 735 88.38 18.27 -22.09
C PRO A 735 87.13 19.13 -22.00
N HIS A 736 86.14 18.60 -21.29
CA HIS A 736 84.96 19.38 -20.98
C HIS A 736 85.34 20.50 -20.01
N GLY A 737 84.51 21.51 -19.95
CA GLY A 737 84.67 22.52 -18.92
C GLY A 737 85.42 23.75 -19.38
N LEU A 738 86.46 23.55 -20.20
CA LEU A 738 87.12 24.67 -20.83
C LEU A 738 86.69 24.89 -22.27
N ALA A 739 86.25 23.83 -22.95
CA ALA A 739 85.76 23.99 -24.32
C ALA A 739 84.58 24.95 -24.35
N ASN A 740 83.58 24.69 -23.51
CA ASN A 740 82.48 25.64 -23.35
C ASN A 740 82.97 26.98 -22.83
N ALA A 741 83.97 26.96 -21.95
CA ALA A 741 84.47 28.20 -21.36
C ALA A 741 85.06 29.11 -22.42
N LEU A 742 85.38 28.56 -23.60
CA LEU A 742 85.85 29.39 -24.69
C LEU A 742 84.69 30.00 -25.47
N LEU A 743 83.48 29.59 -25.16
CA LEU A 743 82.33 29.94 -25.97
C LEU A 743 81.44 30.96 -25.30
N ILE A 744 81.34 30.91 -23.97
CA ILE A 744 80.25 31.56 -23.26
C ILE A 744 80.08 32.97 -23.77
N ALA A 745 81.21 33.64 -24.02
CA ALA A 745 81.19 35.03 -24.42
C ALA A 745 80.24 35.23 -25.58
N ASN A 746 80.61 34.71 -26.74
CA ASN A 746 79.77 34.93 -27.90
C ASN A 746 78.36 34.45 -27.64
N VAL A 747 78.24 33.41 -26.81
CA VAL A 747 76.94 32.80 -26.57
C VAL A 747 75.95 33.86 -26.07
N VAL A 748 76.36 34.64 -25.06
CA VAL A 748 75.41 35.60 -24.53
C VAL A 748 75.24 36.75 -25.50
N ARG A 749 76.26 37.02 -26.31
CA ARG A 749 76.10 38.00 -27.38
C ARG A 749 75.07 37.51 -28.39
N TYR A 750 74.94 36.20 -28.55
CA TYR A 750 73.81 35.69 -29.31
C TYR A 750 72.51 36.04 -28.60
N ASN A 751 72.49 35.87 -27.28
CA ASN A 751 71.35 36.29 -26.50
C ASN A 751 71.28 37.81 -26.41
N ALA A 752 72.36 38.50 -26.77
CA ALA A 752 72.36 39.96 -26.73
C ALA A 752 71.50 40.45 -27.88
N ASN A 753 70.19 40.44 -27.66
CA ASN A 753 69.24 40.84 -28.68
C ASN A 753 68.09 41.60 -28.03
N ASP A 754 67.62 42.64 -28.71
CA ASP A 754 66.49 43.38 -28.20
C ASP A 754 65.19 42.65 -28.53
N ASN A 755 64.92 42.46 -29.81
CA ASN A 755 63.68 41.81 -30.20
C ASN A 755 63.71 41.21 -31.61
N PRO A 756 64.63 40.31 -31.91
CA PRO A 756 64.58 39.63 -33.22
C PRO A 756 63.52 38.56 -33.19
N THR A 757 62.38 38.86 -33.81
CA THR A 757 61.29 37.89 -33.90
C THR A 757 61.38 37.13 -35.22
N LYS A 758 62.59 36.64 -35.49
CA LYS A 758 62.85 35.86 -36.69
C LYS A 758 62.54 34.39 -36.51
N GLN A 759 62.89 33.82 -35.36
CA GLN A 759 62.68 32.40 -35.13
C GLN A 759 62.20 32.11 -33.71
N THR A 760 62.03 33.14 -32.88
CA THR A 760 61.60 32.92 -31.51
C THR A 760 60.16 32.41 -31.47
N ALA A 761 59.87 31.63 -30.44
CA ALA A 761 58.55 31.04 -30.27
C ALA A 761 58.03 31.34 -28.88
N PHE A 762 56.82 31.87 -28.82
CA PHE A 762 56.11 32.08 -27.56
C PHE A 762 56.95 32.94 -26.63
N SER A 763 57.42 34.05 -27.18
CA SER A 763 58.39 34.88 -26.50
C SER A 763 57.78 35.56 -25.28
N GLN A 764 56.62 36.18 -25.46
CA GLN A 764 56.04 37.06 -24.45
C GLN A 764 55.10 36.31 -23.51
N TYR A 765 55.39 35.03 -23.26
CA TYR A 765 54.54 34.18 -22.44
C TYR A 765 55.02 34.11 -21.01
N ASP A 766 56.25 33.69 -20.80
CA ASP A 766 56.87 33.54 -19.50
C ASP A 766 58.26 34.14 -19.44
N ARG A 767 58.92 34.24 -20.59
CA ARG A 767 60.28 34.76 -20.65
C ARG A 767 60.23 36.13 -21.31
N PRO A 768 60.05 37.20 -20.57
CA PRO A 768 59.89 38.51 -21.20
C PRO A 768 61.11 38.92 -22.01
N GLN A 769 62.28 38.91 -21.39
CA GLN A 769 63.51 39.24 -22.09
C GLN A 769 64.71 38.79 -21.28
N ALA A 770 65.62 38.07 -21.94
CA ALA A 770 66.81 37.59 -21.27
C ALA A 770 67.69 38.75 -20.85
N ARG A 771 67.77 39.80 -21.67
CA ARG A 771 68.62 40.94 -21.35
C ARG A 771 68.34 41.45 -19.94
N ARG A 772 67.06 41.56 -19.59
CA ARG A 772 66.72 42.04 -18.26
C ARG A 772 67.26 41.08 -17.21
N ARG A 773 67.14 39.78 -17.49
CA ARG A 773 67.59 38.78 -16.53
C ARG A 773 69.08 38.93 -16.29
N TYR A 774 69.82 39.12 -17.38
CA TYR A 774 71.25 39.31 -17.28
C TYR A 774 71.57 40.55 -16.47
N ALA A 775 70.82 41.63 -16.69
CA ALA A 775 71.05 42.86 -15.93
C ALA A 775 70.75 42.66 -14.45
N GLU A 776 69.74 41.85 -14.16
CA GLU A 776 69.45 41.51 -12.77
C GLU A 776 70.63 40.79 -12.16
N VAL A 777 71.26 39.91 -12.94
CA VAL A 777 72.48 39.27 -12.48
C VAL A 777 73.56 40.33 -12.21
N ALA A 778 73.69 41.27 -13.14
CA ALA A 778 74.75 42.27 -13.05
C ALA A 778 74.64 43.09 -11.78
N ASP A 779 73.54 43.82 -11.65
CA ASP A 779 73.32 44.60 -10.44
C ASP A 779 73.21 43.70 -9.23
N HIS A 780 72.85 42.44 -9.43
CA HIS A 780 72.71 41.52 -8.31
C HIS A 780 74.07 41.14 -7.76
N LEU A 781 75.08 41.15 -8.61
CA LEU A 781 76.46 41.18 -8.16
C LEU A 781 76.89 42.57 -7.76
N GLY A 782 76.11 43.59 -8.11
CA GLY A 782 76.61 44.94 -8.08
C GLY A 782 77.68 45.20 -9.12
N LEU A 783 77.55 44.59 -10.30
CA LEU A 783 78.51 44.77 -11.38
C LEU A 783 78.11 45.91 -12.30
N SER A 784 77.41 46.91 -11.75
CA SER A 784 76.84 47.97 -12.56
C SER A 784 76.84 49.26 -11.76
N GLN A 785 77.03 50.37 -12.46
CA GLN A 785 76.80 51.67 -11.87
C GLN A 785 75.32 51.76 -11.47
N PRO A 786 75.01 52.37 -10.33
CA PRO A 786 73.61 52.54 -9.96
C PRO A 786 72.79 53.23 -11.04
N GLY A 787 73.37 54.20 -11.75
CA GLY A 787 72.71 54.76 -12.91
C GLY A 787 73.23 54.13 -14.19
N ASP A 788 72.50 53.16 -14.71
CA ASP A 788 72.93 52.41 -15.89
C ASP A 788 71.72 52.05 -16.73
N ARG A 789 71.98 51.75 -17.99
CA ARG A 789 71.02 51.02 -18.81
C ARG A 789 71.38 49.54 -18.82
N THR A 790 70.50 48.74 -19.41
CA THR A 790 70.72 47.30 -19.42
C THR A 790 72.04 46.96 -20.11
N ALA A 791 72.17 47.37 -21.37
CA ALA A 791 73.34 46.97 -22.16
C ALA A 791 74.63 47.38 -21.48
N GLN A 792 74.61 48.51 -20.77
CA GLN A 792 75.76 48.89 -19.96
C GLN A 792 76.11 47.78 -18.98
N LYS A 793 75.12 47.34 -18.22
CA LYS A 793 75.32 46.27 -17.26
C LYS A 793 75.78 45.00 -17.95
N ILE A 794 75.29 44.77 -19.17
CA ILE A 794 75.61 43.55 -19.89
C ILE A 794 77.07 43.52 -20.28
N GLU A 795 77.55 44.62 -20.85
CA GLU A 795 78.96 44.69 -21.23
C GLU A 795 79.84 44.62 -19.99
N ARG A 796 79.41 45.26 -18.89
CA ARG A 796 80.13 45.07 -17.64
C ARG A 796 80.17 43.60 -17.25
N LEU A 797 79.05 42.90 -17.39
CA LEU A 797 79.01 41.48 -17.06
C LEU A 797 80.06 40.71 -17.84
N LEU A 798 80.05 40.86 -19.15
CA LEU A 798 80.88 39.92 -19.89
C LEU A 798 82.31 40.40 -19.93
N THR A 799 82.55 41.69 -19.71
CA THR A 799 83.90 42.14 -19.42
C THR A 799 84.42 41.48 -18.16
N TRP A 800 83.62 41.53 -17.10
CA TRP A 800 83.94 40.82 -15.87
C TRP A 800 84.39 39.41 -16.16
N LEU A 801 83.55 38.64 -16.85
CA LEU A 801 83.97 37.28 -17.18
C LEU A 801 85.20 37.27 -18.05
N ASP A 802 85.38 38.27 -18.92
CA ASP A 802 86.51 38.28 -19.83
C ASP A 802 87.82 38.26 -19.07
N GLU A 803 88.13 39.32 -18.33
CA GLU A 803 89.44 39.26 -17.68
C GLU A 803 89.39 38.40 -16.42
N LEU A 804 88.21 37.99 -15.96
CA LEU A 804 88.18 36.95 -14.96
C LEU A 804 88.78 35.67 -15.50
N LYS A 805 88.33 35.23 -16.67
CA LYS A 805 88.89 34.05 -17.27
C LYS A 805 90.29 34.30 -17.80
N VAL A 806 90.65 35.57 -18.02
CA VAL A 806 92.06 35.92 -18.19
C VAL A 806 92.84 35.48 -16.97
N ASN A 807 92.30 35.74 -15.78
CA ASN A 807 93.05 35.49 -14.55
C ASN A 807 93.48 34.05 -14.44
N LEU A 808 92.76 33.13 -15.08
CA LEU A 808 93.03 31.72 -14.91
C LEU A 808 93.76 31.12 -16.11
N ASP A 809 94.46 31.95 -16.87
CA ASP A 809 95.50 31.50 -17.78
C ASP A 809 94.97 30.51 -18.81
N ILE A 810 94.08 31.01 -19.65
CA ILE A 810 93.43 30.19 -20.66
C ILE A 810 93.56 30.91 -22.00
N PRO A 811 93.67 30.18 -23.10
CA PRO A 811 93.75 30.83 -24.42
C PRO A 811 92.44 31.53 -24.74
N LYS A 812 92.55 32.55 -25.60
CA LYS A 812 91.41 33.39 -25.89
C LYS A 812 90.87 33.19 -27.29
N SER A 813 91.55 32.40 -28.10
CA SER A 813 91.06 31.95 -29.39
C SER A 813 91.42 30.48 -29.52
N ILE A 814 90.54 29.70 -30.14
CA ILE A 814 90.74 28.25 -30.14
C ILE A 814 91.97 27.89 -30.96
N GLN A 815 92.35 28.75 -31.90
CA GLN A 815 93.66 28.59 -32.53
C GLN A 815 94.77 28.75 -31.50
N ALA A 816 94.62 29.70 -30.58
CA ALA A 816 95.54 29.80 -29.46
C ALA A 816 95.43 28.59 -28.55
N ALA A 817 94.34 27.84 -28.65
CA ALA A 817 94.22 26.59 -27.93
C ALA A 817 94.91 25.44 -28.65
N GLY A 818 95.41 25.65 -29.86
CA GLY A 818 96.18 24.63 -30.53
C GLY A 818 95.37 23.71 -31.41
N VAL A 819 94.63 24.27 -32.36
CA VAL A 819 93.78 23.51 -33.27
C VAL A 819 94.13 23.88 -34.70
N ALA A 820 94.37 22.87 -35.53
CA ALA A 820 94.51 23.10 -36.95
C ALA A 820 93.19 23.57 -37.54
N GLU A 821 93.22 24.76 -38.14
CA GLU A 821 92.01 25.47 -38.51
C GLU A 821 91.53 25.21 -39.93
N ALA A 822 92.41 24.75 -40.83
CA ALA A 822 91.95 24.40 -42.16
C ALA A 822 90.85 23.35 -42.09
N ASP A 823 91.11 22.26 -41.36
CA ASP A 823 90.12 21.21 -41.15
C ASP A 823 88.98 21.70 -40.28
N PHE A 824 89.26 22.58 -39.31
CA PHE A 824 88.18 23.26 -38.62
C PHE A 824 87.15 23.77 -39.61
N LEU A 825 87.57 24.61 -40.55
CA LEU A 825 86.62 25.08 -41.55
C LEU A 825 86.06 23.91 -42.35
N ALA A 826 86.90 22.92 -42.66
CA ALA A 826 86.46 21.80 -43.48
C ALA A 826 85.29 21.06 -42.86
N LYS A 827 85.23 20.99 -41.53
CA LYS A 827 84.36 20.02 -40.88
C LYS A 827 83.41 20.67 -39.86
N VAL A 828 83.57 21.98 -39.63
CA VAL A 828 82.62 22.76 -38.86
C VAL A 828 81.24 22.69 -39.49
N ASP A 829 81.18 22.42 -40.78
CA ASP A 829 79.90 22.43 -41.48
C ASP A 829 78.94 21.40 -40.89
N GLU A 830 79.38 20.14 -40.79
CA GLU A 830 78.53 19.11 -40.20
C GLU A 830 78.60 19.15 -38.69
N LEU A 831 79.71 19.63 -38.14
CA LEU A 831 79.75 19.93 -36.72
C LEU A 831 78.57 20.79 -36.32
N ALA A 832 78.26 21.81 -37.11
CA ALA A 832 77.17 22.72 -36.78
C ALA A 832 75.82 22.05 -36.90
N VAL A 833 75.65 21.18 -37.90
CA VAL A 833 74.33 20.59 -38.08
C VAL A 833 74.02 19.65 -36.93
N GLU A 834 75.01 18.86 -36.48
CA GLU A 834 74.73 18.07 -35.29
C GLU A 834 74.70 18.93 -34.04
N ALA A 835 75.43 20.05 -34.04
CA ALA A 835 75.33 20.99 -32.93
C ALA A 835 73.93 21.55 -32.80
N PHE A 836 73.17 21.62 -33.89
CA PHE A 836 71.80 22.12 -33.80
C PHE A 836 70.94 21.22 -32.94
N ASP A 837 70.82 19.95 -33.32
CA ASP A 837 69.81 19.08 -32.74
C ASP A 837 70.31 18.29 -31.54
N ASP A 838 71.56 18.47 -31.13
CA ASP A 838 72.10 17.76 -29.99
C ASP A 838 71.40 18.23 -28.72
N GLN A 839 70.18 17.73 -28.52
CA GLN A 839 69.44 17.90 -27.27
C GLN A 839 69.54 19.32 -26.73
N CYS A 840 69.48 20.30 -27.63
CA CYS A 840 69.58 21.72 -27.28
C CYS A 840 68.62 22.61 -28.08
N THR A 841 67.30 22.39 -28.05
CA THR A 841 66.49 21.33 -27.43
C THR A 841 66.84 20.68 -26.08
N GLY A 842 67.19 21.46 -25.05
CA GLY A 842 67.39 22.89 -25.13
C GLY A 842 66.28 23.80 -24.70
N ALA A 843 66.49 24.41 -23.53
CA ALA A 843 65.67 25.51 -23.06
C ALA A 843 66.16 26.84 -23.61
N ASN A 844 66.92 26.81 -24.68
CA ASN A 844 67.41 28.03 -25.28
C ASN A 844 66.22 28.88 -25.69
N PRO A 845 66.12 30.09 -25.16
CA PRO A 845 64.93 30.90 -25.46
C PRO A 845 64.75 31.19 -26.95
N ARG A 846 65.84 31.30 -27.69
CA ARG A 846 65.73 31.62 -29.12
C ARG A 846 66.17 30.43 -29.96
N TYR A 847 65.50 30.26 -31.09
CA TYR A 847 66.03 29.38 -32.12
C TYR A 847 67.39 29.86 -32.60
N PRO A 848 68.33 28.93 -32.74
CA PRO A 848 69.43 29.09 -33.68
C PRO A 848 69.05 28.44 -35.00
N LEU A 849 69.71 28.88 -36.07
CA LEU A 849 69.74 28.10 -37.30
C LEU A 849 71.19 27.78 -37.61
N ILE A 850 71.40 26.92 -38.60
CA ILE A 850 72.73 26.42 -38.91
C ILE A 850 73.70 27.57 -39.15
N ALA A 851 73.22 28.66 -39.76
CA ALA A 851 74.11 29.76 -40.11
C ALA A 851 74.76 30.36 -38.88
N GLU A 852 73.96 30.74 -37.88
CA GLU A 852 74.48 31.47 -36.74
C GLU A 852 75.52 30.66 -35.97
N LEU A 853 75.27 29.35 -35.80
CA LEU A 853 76.25 28.49 -35.17
C LEU A 853 77.61 28.63 -35.84
N LYS A 854 77.62 28.63 -37.16
CA LYS A 854 78.87 28.70 -37.90
C LYS A 854 79.57 30.04 -37.65
N GLU A 855 78.82 31.13 -37.63
CA GLU A 855 79.39 32.43 -37.31
C GLU A 855 80.04 32.40 -35.93
N VAL A 856 79.32 31.85 -34.96
CA VAL A 856 79.82 31.81 -33.60
C VAL A 856 81.08 30.98 -33.52
N LEU A 857 81.08 29.83 -34.17
CA LEU A 857 82.23 28.94 -34.09
C LEU A 857 83.46 29.59 -34.68
N LEU A 858 83.33 30.22 -35.84
CA LEU A 858 84.48 30.88 -36.43
C LEU A 858 84.94 32.06 -35.57
N ALA A 859 84.00 32.84 -35.05
CA ALA A 859 84.38 33.99 -34.24
C ALA A 859 85.12 33.56 -32.98
N SER A 860 84.61 32.53 -32.32
CA SER A 860 85.26 32.02 -31.12
C SER A 860 86.63 31.46 -31.43
N TYR A 861 86.76 30.73 -32.53
CA TYR A 861 88.06 30.14 -32.87
C TYR A 861 89.11 31.22 -33.04
N TYR A 862 88.72 32.33 -33.67
CA TYR A 862 89.60 33.46 -33.87
C TYR A 862 89.55 34.42 -32.70
N GLY A 863 88.80 34.10 -31.65
CA GLY A 863 88.61 35.04 -30.56
C GLY A 863 87.88 36.29 -30.99
N LYS A 864 87.14 36.22 -32.03
CA LYS A 864 86.42 37.36 -32.55
C LYS A 864 85.10 37.53 -31.81
N PRO A 865 84.66 38.78 -31.63
CA PRO A 865 83.38 39.02 -30.93
C PRO A 865 82.21 38.83 -31.89
N PHE A 866 81.39 37.82 -31.62
CA PHE A 866 80.18 37.59 -32.39
C PHE A 866 79.19 38.70 -32.10
N VAL A 867 79.13 39.69 -33.00
CA VAL A 867 78.26 40.85 -32.81
C VAL A 867 77.64 41.20 -34.16
N GLU A 868 76.38 41.61 -34.12
CA GLU A 868 75.65 42.00 -35.32
C GLU A 868 74.85 43.26 -35.08
N PRO B 2 68.34 -1.03 -60.98
CA PRO B 2 67.81 -0.49 -62.23
C PRO B 2 66.34 -0.85 -62.41
N VAL B 3 65.45 0.10 -62.12
CA VAL B 3 64.03 -0.15 -62.01
C VAL B 3 63.33 0.72 -63.05
N THR B 4 63.15 0.20 -64.27
CA THR B 4 62.60 1.00 -65.35
C THR B 4 61.53 0.34 -66.20
N ASN B 5 61.54 -0.98 -66.36
CA ASN B 5 60.65 -1.62 -67.31
C ASN B 5 60.00 -2.83 -66.67
N LEU B 6 58.80 -3.15 -67.17
CA LEU B 6 58.01 -4.22 -66.57
C LEU B 6 58.71 -5.56 -66.65
N ALA B 7 59.73 -5.69 -67.49
CA ALA B 7 60.60 -6.86 -67.40
C ALA B 7 61.25 -6.93 -66.02
N GLU B 8 62.14 -5.97 -65.74
CA GLU B 8 62.76 -5.94 -64.42
C GLU B 8 61.75 -5.62 -63.34
N LEU B 9 60.68 -4.89 -63.66
CA LEU B 9 59.69 -4.62 -62.64
C LEU B 9 59.04 -5.91 -62.17
N ASP B 10 58.64 -6.76 -63.12
CA ASP B 10 58.01 -8.01 -62.75
C ASP B 10 59.02 -8.96 -62.12
N ALA B 11 60.27 -8.92 -62.58
CA ALA B 11 61.30 -9.74 -61.96
C ALA B 11 61.45 -9.39 -60.49
N LEU B 12 61.63 -8.10 -60.19
CA LEU B 12 61.75 -7.70 -58.80
C LEU B 12 60.47 -7.93 -58.03
N VAL B 13 59.32 -7.85 -58.71
CA VAL B 13 58.08 -8.21 -58.05
C VAL B 13 58.18 -9.64 -57.55
N ALA B 14 58.59 -10.55 -58.44
CA ALA B 14 58.76 -11.94 -58.04
C ALA B 14 59.77 -12.05 -56.90
N ARG B 15 60.80 -11.22 -56.93
CA ARG B 15 61.86 -11.32 -55.93
C ARG B 15 61.37 -10.92 -54.56
N VAL B 16 60.90 -9.69 -54.41
CA VAL B 16 60.37 -9.24 -53.14
C VAL B 16 59.18 -10.08 -52.73
N LYS B 17 58.48 -10.67 -53.71
CA LYS B 17 57.24 -11.39 -53.49
C LYS B 17 57.50 -12.75 -52.86
N ALA B 18 58.52 -13.45 -53.37
CA ALA B 18 59.03 -14.65 -52.72
C ALA B 18 59.65 -14.31 -51.36
N ALA B 19 60.38 -13.19 -51.30
CA ALA B 19 60.99 -12.76 -50.04
C ALA B 19 59.93 -12.56 -48.97
N GLN B 20 58.79 -11.99 -49.34
CA GLN B 20 57.68 -11.93 -48.41
C GLN B 20 57.15 -13.32 -48.09
N ALA B 21 57.10 -14.20 -49.10
CA ALA B 21 56.57 -15.53 -48.87
C ALA B 21 57.27 -16.22 -47.71
N GLU B 22 58.60 -16.25 -47.72
CA GLU B 22 59.26 -16.93 -46.61
C GLU B 22 59.59 -15.98 -45.47
N PHE B 23 59.47 -14.66 -45.68
CA PHE B 23 59.56 -13.73 -44.58
C PHE B 23 58.40 -13.90 -43.61
N ALA B 24 57.20 -14.10 -44.12
CA ALA B 24 55.99 -14.12 -43.29
C ALA B 24 55.99 -15.24 -42.29
N THR B 25 57.04 -16.05 -42.26
CA THR B 25 57.11 -17.25 -41.44
C THR B 25 57.85 -17.00 -40.13
N PHE B 26 58.07 -15.74 -39.77
CA PHE B 26 59.00 -15.40 -38.71
C PHE B 26 58.28 -15.28 -37.38
N SER B 27 59.01 -15.55 -36.30
CA SER B 27 58.45 -15.47 -34.97
C SER B 27 58.50 -14.03 -34.47
N GLN B 28 57.53 -13.69 -33.61
CA GLN B 28 57.37 -12.31 -33.16
C GLN B 28 58.63 -11.79 -32.47
N GLU B 29 59.16 -12.59 -31.55
CA GLU B 29 60.30 -12.21 -30.73
C GLU B 29 61.60 -12.14 -31.51
N GLN B 30 61.58 -12.41 -32.81
CA GLN B 30 62.75 -12.13 -33.63
C GLN B 30 62.56 -10.96 -34.56
N VAL B 31 61.33 -10.76 -35.07
CA VAL B 31 61.07 -9.55 -35.83
C VAL B 31 61.20 -8.33 -34.94
N ASP B 32 60.99 -8.51 -33.64
CA ASP B 32 61.13 -7.38 -32.71
C ASP B 32 62.51 -6.74 -32.80
N LYS B 33 63.55 -7.57 -32.85
CA LYS B 33 64.90 -7.04 -32.91
C LYS B 33 65.11 -6.22 -34.17
N ILE B 34 64.65 -6.76 -35.30
CA ILE B 34 64.72 -6.05 -36.57
C ILE B 34 64.00 -4.72 -36.42
N PHE B 35 62.86 -4.74 -35.75
CA PHE B 35 62.11 -3.52 -35.46
C PHE B 35 62.97 -2.50 -34.73
N ARG B 36 63.55 -2.91 -33.60
CA ARG B 36 64.27 -1.93 -32.78
C ARG B 36 65.42 -1.34 -33.59
N ALA B 37 66.17 -2.22 -34.25
CA ALA B 37 67.34 -1.77 -34.98
C ALA B 37 66.96 -0.84 -36.12
N ALA B 38 65.91 -1.20 -36.86
CA ALA B 38 65.49 -0.36 -37.96
C ALA B 38 65.07 1.01 -37.44
N SER B 39 64.29 1.03 -36.37
CA SER B 39 63.86 2.29 -35.79
C SER B 39 65.07 3.14 -35.39
N LEU B 40 66.02 2.54 -34.69
CA LEU B 40 67.23 3.23 -34.30
C LEU B 40 67.97 3.82 -35.49
N ALA B 41 68.24 2.98 -36.48
CA ALA B 41 69.15 3.37 -37.55
C ALA B 41 68.49 4.36 -38.48
N ALA B 42 67.16 4.32 -38.57
CA ALA B 42 66.46 5.40 -39.21
C ALA B 42 66.48 6.63 -38.33
N ASN B 43 66.55 6.42 -37.03
CA ASN B 43 66.34 7.49 -36.08
C ASN B 43 67.48 8.51 -36.09
N GLN B 44 68.72 8.08 -36.06
CA GLN B 44 69.74 9.11 -35.83
C GLN B 44 69.87 10.05 -37.03
N ALA B 45 70.00 9.50 -38.23
CA ALA B 45 70.46 10.27 -39.39
C ALA B 45 69.30 10.98 -40.10
N ARG B 46 68.56 11.75 -39.32
CA ARG B 46 67.49 12.59 -39.84
C ARG B 46 68.06 13.76 -40.62
N ILE B 47 69.13 14.34 -40.10
CA ILE B 47 69.72 15.52 -40.73
C ILE B 47 70.10 15.26 -42.17
N PRO B 48 70.78 14.17 -42.52
CA PRO B 48 71.13 13.98 -43.93
C PRO B 48 69.92 14.00 -44.83
N LEU B 49 68.96 13.10 -44.60
CA LEU B 49 67.89 12.97 -45.59
C LEU B 49 67.05 14.21 -45.60
N ALA B 50 67.00 14.93 -44.48
CA ALA B 50 66.40 16.26 -44.49
C ALA B 50 67.16 17.21 -45.41
N GLN B 51 68.50 17.16 -45.36
CA GLN B 51 69.31 18.08 -46.15
C GLN B 51 69.18 17.79 -47.63
N MET B 52 69.29 16.51 -48.00
CA MET B 52 69.23 16.17 -49.41
C MET B 52 67.78 16.14 -49.90
N ALA B 53 66.83 16.08 -48.97
CA ALA B 53 65.47 16.45 -49.33
C ALA B 53 65.39 17.93 -49.65
N VAL B 54 66.10 18.76 -48.87
CA VAL B 54 66.13 20.20 -49.17
C VAL B 54 66.62 20.42 -50.59
N GLU B 55 67.69 19.72 -50.98
CA GLU B 55 68.19 19.94 -52.34
C GLU B 55 67.24 19.34 -53.39
N GLU B 56 66.71 18.13 -53.15
CA GLU B 56 65.96 17.47 -54.21
C GLU B 56 64.58 18.10 -54.39
N SER B 57 63.81 18.25 -53.30
CA SER B 57 62.44 18.75 -53.44
C SER B 57 62.41 20.19 -53.89
N GLY B 58 63.17 21.07 -53.24
CA GLY B 58 63.32 22.42 -53.72
C GLY B 58 62.94 23.52 -52.77
N MET B 59 62.00 23.31 -51.86
CA MET B 59 61.57 24.43 -51.02
C MET B 59 61.96 24.15 -49.57
N GLY B 60 61.49 25.03 -48.70
CA GLY B 60 61.18 24.62 -47.36
C GLY B 60 62.29 24.88 -46.37
N ILE B 61 62.02 24.47 -45.15
CA ILE B 61 62.78 24.84 -43.96
C ILE B 61 63.39 23.55 -43.43
N VAL B 62 64.64 23.62 -42.97
CA VAL B 62 65.37 22.38 -42.71
C VAL B 62 64.90 21.72 -41.42
N GLU B 63 64.89 22.47 -40.32
CA GLU B 63 64.66 21.85 -39.02
C GLU B 63 63.22 21.36 -38.89
N ASP B 64 62.27 22.06 -39.49
CA ASP B 64 60.91 21.51 -39.55
C ASP B 64 60.98 20.08 -40.06
N LYS B 65 61.79 19.88 -41.09
CA LYS B 65 61.94 18.59 -41.74
C LYS B 65 62.66 17.60 -40.81
N VAL B 66 63.74 18.05 -40.17
CA VAL B 66 64.53 17.14 -39.35
C VAL B 66 63.72 16.65 -38.15
N ILE B 67 63.10 17.58 -37.43
CA ILE B 67 62.31 17.18 -36.28
C ILE B 67 60.97 16.59 -36.68
N LYS B 68 60.50 16.78 -37.92
CA LYS B 68 59.37 15.91 -38.23
C LYS B 68 59.87 14.48 -38.28
N ASN B 69 61.10 14.31 -38.76
CA ASN B 69 61.68 12.97 -38.75
C ASN B 69 61.84 12.45 -37.32
N HIS B 70 62.40 13.28 -36.45
CA HIS B 70 62.42 13.00 -35.02
C HIS B 70 61.06 12.51 -34.56
N PHE B 71 60.04 13.38 -34.66
CA PHE B 71 58.72 13.10 -34.14
C PHE B 71 58.13 11.85 -34.77
N ALA B 72 58.27 11.72 -36.09
CA ALA B 72 57.67 10.62 -36.81
C ALA B 72 58.25 9.30 -36.37
N SER B 73 59.58 9.18 -36.40
CA SER B 73 60.20 7.94 -35.96
C SER B 73 59.81 7.59 -34.54
N GLU B 74 59.93 8.55 -33.64
CA GLU B 74 59.73 8.26 -32.23
C GLU B 74 58.26 7.98 -31.95
N PHE B 75 57.36 8.72 -32.59
CA PHE B 75 55.94 8.42 -32.55
C PHE B 75 55.65 7.03 -33.06
N ILE B 76 56.32 6.61 -34.14
CA ILE B 76 56.00 5.30 -34.68
C ILE B 76 56.40 4.23 -33.69
N TYR B 77 57.60 4.36 -33.11
CA TYR B 77 58.07 3.30 -32.23
C TYR B 77 57.28 3.31 -30.94
N ASN B 78 57.18 4.47 -30.30
CA ASN B 78 56.41 4.55 -29.07
C ASN B 78 54.96 4.20 -29.31
N LYS B 79 54.50 4.44 -30.52
CA LYS B 79 53.15 4.21 -30.97
C LYS B 79 52.79 2.74 -30.94
N TYR B 80 53.72 1.88 -31.33
CA TYR B 80 53.47 0.45 -31.48
C TYR B 80 54.59 -0.43 -30.90
N LYS B 81 54.94 -0.24 -29.61
CA LYS B 81 56.06 -0.98 -29.02
C LYS B 81 56.06 -2.46 -29.40
N ASP B 82 55.11 -3.21 -28.87
CA ASP B 82 55.05 -4.64 -29.14
C ASP B 82 53.57 -4.99 -28.99
N GLU B 83 52.89 -5.21 -30.10
CA GLU B 83 51.49 -5.57 -30.05
C GLU B 83 51.36 -6.89 -30.78
N LYS B 84 50.75 -7.86 -30.13
CA LYS B 84 50.81 -9.24 -30.59
C LYS B 84 50.27 -9.32 -32.00
N THR B 85 51.15 -9.66 -32.94
CA THR B 85 50.79 -9.75 -34.35
C THR B 85 51.23 -11.05 -34.98
N CYS B 86 51.77 -11.99 -34.22
CA CYS B 86 52.27 -13.24 -34.75
C CYS B 86 51.46 -14.39 -34.17
N GLY B 87 50.89 -15.20 -35.06
CA GLY B 87 50.19 -16.39 -34.62
C GLY B 87 48.91 -16.17 -33.83
N ILE B 88 48.77 -16.93 -32.73
CA ILE B 88 47.56 -16.87 -31.93
C ILE B 88 47.37 -15.49 -31.33
N LEU B 89 46.12 -15.02 -31.33
CA LEU B 89 45.79 -13.75 -30.70
C LEU B 89 45.09 -14.06 -29.38
N GLU B 90 44.11 -14.95 -29.41
CA GLU B 90 43.45 -15.21 -28.14
C GLU B 90 42.85 -16.59 -28.20
N GLU B 91 42.67 -17.16 -27.02
CA GLU B 91 42.22 -18.52 -27.06
C GLU B 91 40.98 -18.65 -26.20
N ASP B 92 40.10 -19.55 -26.61
CA ASP B 92 39.01 -20.00 -25.74
C ASP B 92 39.10 -21.52 -25.68
N ASP B 93 39.84 -22.01 -24.69
CA ASP B 93 39.92 -23.46 -24.48
C ASP B 93 38.57 -24.02 -24.07
N ASN B 94 37.74 -23.20 -23.41
CA ASN B 94 36.40 -23.66 -23.02
C ASN B 94 35.59 -24.04 -24.23
N LEU B 95 35.64 -23.23 -25.28
CA LEU B 95 34.96 -23.54 -26.53
C LEU B 95 35.95 -23.85 -27.65
N GLY B 96 37.24 -23.89 -27.35
CA GLY B 96 38.21 -24.23 -28.36
C GLY B 96 38.20 -23.30 -29.55
N THR B 97 37.93 -22.02 -29.34
CA THR B 97 37.96 -21.04 -30.40
C THR B 97 39.29 -20.29 -30.33
N MET B 98 40.17 -20.59 -31.27
CA MET B 98 41.44 -19.87 -31.41
C MET B 98 41.30 -18.76 -32.41
N THR B 99 41.64 -17.54 -32.01
CA THR B 99 41.66 -16.42 -32.93
C THR B 99 43.11 -16.05 -33.17
N ILE B 100 43.53 -16.16 -34.43
CA ILE B 100 44.87 -15.80 -34.86
C ILE B 100 44.77 -14.73 -35.94
N ALA B 101 45.92 -14.33 -36.45
CA ALA B 101 46.02 -13.28 -37.45
C ALA B 101 47.15 -13.60 -38.43
N GLU B 102 47.15 -12.86 -39.54
CA GLU B 102 48.12 -13.17 -40.59
C GLU B 102 48.36 -12.00 -41.51
N PRO B 103 49.56 -11.86 -42.06
CA PRO B 103 49.85 -10.74 -42.98
C PRO B 103 48.96 -10.76 -44.21
N VAL B 104 48.96 -9.66 -44.96
CA VAL B 104 48.07 -9.50 -46.09
C VAL B 104 48.79 -9.87 -47.39
N GLY B 105 49.85 -9.15 -47.72
CA GLY B 105 50.53 -9.41 -48.97
C GLY B 105 51.36 -8.28 -49.54
N ILE B 106 51.18 -8.00 -50.83
CA ILE B 106 52.01 -7.04 -51.54
C ILE B 106 51.27 -5.72 -51.65
N ILE B 107 51.94 -4.64 -51.26
CA ILE B 107 51.30 -3.32 -51.23
C ILE B 107 52.20 -2.31 -51.91
N CYS B 108 51.58 -1.38 -52.61
CA CYS B 108 52.26 -0.25 -53.22
C CYS B 108 52.12 0.98 -52.33
N GLY B 109 53.13 1.85 -52.41
CA GLY B 109 53.12 3.08 -51.65
C GLY B 109 53.38 4.28 -52.55
N ILE B 110 52.55 5.30 -52.43
CA ILE B 110 52.64 6.50 -53.25
C ILE B 110 53.20 7.63 -52.40
N VAL B 111 54.27 8.25 -52.89
CA VAL B 111 55.04 9.21 -52.13
C VAL B 111 54.85 10.59 -52.75
N PRO B 112 54.22 11.53 -52.04
CA PRO B 112 54.14 12.90 -52.54
C PRO B 112 55.38 13.70 -52.20
N THR B 113 55.58 14.77 -52.97
CA THR B 113 56.79 15.58 -52.83
C THR B 113 56.80 16.35 -51.53
N THR B 114 55.65 16.62 -50.94
CA THR B 114 55.60 17.47 -49.76
C THR B 114 56.33 16.84 -48.58
N ASN B 115 56.18 15.54 -48.38
CA ASN B 115 56.82 14.82 -47.29
C ASN B 115 57.44 13.55 -47.85
N PRO B 116 58.40 13.69 -48.76
CA PRO B 116 58.91 12.51 -49.46
C PRO B 116 59.59 11.52 -48.53
N THR B 117 60.07 11.99 -47.38
CA THR B 117 60.89 11.18 -46.50
C THR B 117 60.09 10.49 -45.41
N SER B 118 59.42 11.28 -44.58
CA SER B 118 58.74 10.73 -43.42
C SER B 118 57.73 9.67 -43.81
N THR B 119 56.97 9.93 -44.87
CA THR B 119 55.97 8.97 -45.30
C THR B 119 56.59 7.63 -45.66
N ALA B 120 57.72 7.65 -46.36
CA ALA B 120 58.33 6.40 -46.81
C ALA B 120 58.75 5.54 -45.64
N ILE B 121 59.50 6.11 -44.71
CA ILE B 121 59.95 5.35 -43.56
C ILE B 121 58.76 4.90 -42.75
N PHE B 122 57.76 5.76 -42.61
CA PHE B 122 56.51 5.43 -41.95
C PHE B 122 55.94 4.12 -42.51
N LYS B 123 55.62 4.13 -43.79
CA LYS B 123 54.99 2.98 -44.42
C LYS B 123 55.88 1.75 -44.30
N SER B 124 57.17 1.90 -44.58
CA SER B 124 58.05 0.74 -44.59
C SER B 124 58.13 0.09 -43.22
N LEU B 125 58.30 0.92 -42.19
CA LEU B 125 58.41 0.45 -40.83
C LEU B 125 57.15 -0.27 -40.37
N ILE B 126 56.00 0.36 -40.58
CA ILE B 126 54.79 -0.33 -40.18
C ILE B 126 54.57 -1.58 -41.03
N SER B 127 55.09 -1.60 -42.26
CA SER B 127 54.98 -2.80 -43.07
C SER B 127 55.76 -3.94 -42.45
N LEU B 128 57.02 -3.71 -42.11
CA LEU B 128 57.78 -4.77 -41.48
C LEU B 128 57.14 -5.17 -40.15
N LYS B 129 56.46 -4.24 -39.47
CA LYS B 129 55.51 -4.67 -38.46
C LYS B 129 54.58 -5.76 -38.97
N THR B 130 53.82 -5.48 -40.01
CA THR B 130 52.81 -6.42 -40.49
C THR B 130 53.40 -7.60 -41.25
N ARG B 131 54.72 -7.79 -41.21
CA ARG B 131 55.37 -8.80 -42.03
C ARG B 131 54.87 -8.74 -43.47
N ASN B 132 55.10 -7.58 -44.10
CA ASN B 132 54.58 -7.26 -45.42
C ASN B 132 55.73 -7.07 -46.39
N GLY B 133 55.38 -6.77 -47.64
CA GLY B 133 56.32 -6.29 -48.62
C GLY B 133 55.76 -5.04 -49.26
N ILE B 134 56.55 -3.99 -49.42
CA ILE B 134 56.00 -2.71 -49.85
C ILE B 134 56.73 -2.23 -51.09
N ILE B 135 55.94 -1.63 -51.98
CA ILE B 135 56.43 -1.09 -53.25
C ILE B 135 56.20 0.41 -53.20
N PHE B 136 57.16 1.16 -53.72
CA PHE B 136 57.12 2.61 -53.62
C PHE B 136 56.98 3.26 -54.99
N SER B 137 56.17 4.31 -55.03
CA SER B 137 56.05 5.12 -56.22
C SER B 137 56.49 6.54 -55.90
N PRO B 138 57.80 6.79 -55.87
CA PRO B 138 58.28 8.14 -55.59
C PRO B 138 57.90 9.10 -56.71
N HIS B 139 57.83 10.36 -56.36
CA HIS B 139 57.57 11.35 -57.39
C HIS B 139 58.88 11.68 -58.12
N PRO B 140 58.82 11.92 -59.44
CA PRO B 140 60.05 12.27 -60.16
C PRO B 140 60.75 13.51 -59.63
N ARG B 141 60.00 14.48 -59.09
CA ARG B 141 60.60 15.46 -58.19
C ARG B 141 61.47 14.81 -57.13
N ALA B 142 60.86 14.13 -56.18
CA ALA B 142 61.53 13.73 -54.96
C ALA B 142 61.55 12.20 -54.96
N LYS B 143 62.60 11.67 -55.51
CA LYS B 143 62.79 10.23 -55.56
C LYS B 143 64.16 9.82 -55.04
N ASN B 144 65.20 10.60 -55.36
CA ASN B 144 66.55 10.22 -54.99
C ASN B 144 66.71 10.12 -53.48
N SER B 145 66.21 11.10 -52.75
CA SER B 145 66.24 11.02 -51.30
C SER B 145 65.38 9.86 -50.80
N THR B 146 64.23 9.66 -51.44
CA THR B 146 63.38 8.54 -51.06
C THR B 146 64.10 7.21 -51.28
N ASN B 147 64.75 7.06 -52.43
CA ASN B 147 65.46 5.82 -52.69
C ASN B 147 66.66 5.66 -51.75
N ALA B 148 67.26 6.79 -51.35
CA ALA B 148 68.32 6.74 -50.35
C ALA B 148 67.79 6.21 -49.04
N ALA B 149 66.62 6.69 -48.62
CA ALA B 149 66.00 6.14 -47.43
C ALA B 149 65.70 4.67 -47.60
N ALA B 150 65.24 4.28 -48.78
CA ALA B 150 64.96 2.87 -49.05
C ALA B 150 66.21 2.03 -48.80
N LYS B 151 67.31 2.40 -49.45
CA LYS B 151 68.61 1.83 -49.12
C LYS B 151 68.83 1.74 -47.62
N LEU B 152 68.77 2.88 -46.94
CA LEU B 152 69.26 2.95 -45.57
C LEU B 152 68.45 2.06 -44.65
N VAL B 153 67.13 2.14 -44.77
CA VAL B 153 66.28 1.35 -43.90
C VAL B 153 66.40 -0.13 -44.22
N LEU B 154 66.46 -0.48 -45.51
CA LEU B 154 66.67 -1.88 -45.83
C LEU B 154 68.01 -2.36 -45.31
N ASP B 155 69.02 -1.50 -45.32
CA ASP B 155 70.32 -1.92 -44.85
C ASP B 155 70.28 -2.19 -43.36
N ALA B 156 69.62 -1.32 -42.60
CA ALA B 156 69.42 -1.59 -41.19
C ALA B 156 68.71 -2.92 -41.01
N ALA B 157 67.64 -3.16 -41.77
CA ALA B 157 66.88 -4.40 -41.61
C ALA B 157 67.73 -5.61 -41.94
N ILE B 158 68.49 -5.55 -43.04
CA ILE B 158 69.34 -6.67 -43.42
C ILE B 158 70.34 -6.96 -42.33
N ALA B 159 70.91 -5.91 -41.75
CA ALA B 159 71.79 -6.18 -40.62
C ALA B 159 70.93 -6.39 -39.38
N ALA B 160 69.89 -7.20 -39.52
CA ALA B 160 69.14 -7.71 -38.39
C ALA B 160 68.59 -9.11 -38.64
N GLY B 161 68.88 -9.72 -39.78
CA GLY B 161 68.32 -11.01 -40.12
C GLY B 161 67.16 -10.98 -41.10
N ALA B 162 66.99 -9.90 -41.86
CA ALA B 162 65.86 -9.80 -42.77
C ALA B 162 66.15 -10.57 -44.07
N PRO B 163 65.10 -10.96 -44.80
CA PRO B 163 65.30 -11.49 -46.15
C PRO B 163 65.91 -10.42 -47.04
N LYS B 164 66.57 -10.88 -48.11
CA LYS B 164 67.56 -10.06 -48.80
C LYS B 164 66.98 -8.72 -49.23
N ASP B 165 65.68 -8.65 -49.49
CA ASP B 165 65.00 -7.38 -49.68
C ASP B 165 63.55 -7.53 -49.24
N ILE B 166 62.95 -6.41 -48.88
CA ILE B 166 61.50 -6.33 -48.62
C ILE B 166 60.97 -5.07 -49.31
N ILE B 167 61.89 -4.19 -49.68
CA ILE B 167 61.57 -2.95 -50.38
C ILE B 167 61.54 -3.22 -51.88
N GLY B 168 60.61 -2.58 -52.55
CA GLY B 168 60.77 -2.26 -53.95
C GLY B 168 60.44 -0.79 -54.16
N TRP B 169 61.12 -0.19 -55.13
CA TRP B 169 60.87 1.21 -55.43
C TRP B 169 61.27 1.44 -56.88
N ILE B 170 60.79 2.54 -57.42
CA ILE B 170 60.91 2.81 -58.85
C ILE B 170 62.04 3.79 -59.09
N ASP B 171 62.85 3.51 -60.10
CA ASP B 171 63.78 4.47 -60.63
C ASP B 171 63.14 5.14 -61.83
N GLN B 172 63.43 6.45 -62.01
CA GLN B 172 62.71 7.31 -62.96
C GLN B 172 61.24 6.92 -63.01
N PRO B 173 60.47 7.20 -61.97
CA PRO B 173 59.06 6.85 -61.97
C PRO B 173 58.32 7.53 -63.11
N SER B 174 57.37 6.79 -63.70
CA SER B 174 56.58 7.28 -64.81
C SER B 174 55.15 6.80 -64.65
N VAL B 175 54.22 7.52 -65.28
CA VAL B 175 52.80 7.29 -65.03
C VAL B 175 52.39 5.88 -65.45
N GLU B 176 52.83 5.42 -66.62
CA GLU B 176 52.40 4.12 -67.10
C GLU B 176 52.92 3.00 -66.22
N LEU B 177 54.16 3.13 -65.74
CA LEU B 177 54.69 2.16 -64.79
C LEU B 177 53.84 2.13 -63.52
N SER B 178 53.46 3.32 -63.04
CA SER B 178 52.63 3.41 -61.84
C SER B 178 51.28 2.75 -62.04
N ASN B 179 50.66 2.97 -63.19
CA ASN B 179 49.38 2.32 -63.44
C ASN B 179 49.55 0.82 -63.60
N ALA B 180 50.66 0.39 -64.20
CA ALA B 180 50.90 -1.03 -64.40
C ALA B 180 51.01 -1.76 -63.08
N LEU B 181 51.83 -1.25 -62.16
CA LEU B 181 51.95 -1.93 -60.89
C LEU B 181 50.71 -1.70 -60.04
N MET B 182 50.11 -0.53 -60.15
CA MET B 182 48.91 -0.24 -59.38
C MET B 182 47.77 -1.13 -59.85
N LYS B 183 47.80 -1.54 -61.11
CA LYS B 183 46.86 -2.51 -61.63
C LYS B 183 47.49 -3.90 -61.72
N HIS B 184 48.68 -4.08 -61.17
CA HIS B 184 49.31 -5.40 -61.14
C HIS B 184 48.44 -6.35 -60.34
N ASP B 185 48.42 -7.62 -60.76
CA ASP B 185 47.61 -8.62 -60.07
C ASP B 185 48.20 -8.95 -58.70
N GLY B 186 49.50 -9.17 -58.63
CA GLY B 186 50.13 -9.65 -57.43
C GLY B 186 50.03 -8.75 -56.22
N ILE B 187 49.89 -7.45 -56.42
CA ILE B 187 49.79 -6.50 -55.33
C ILE B 187 48.51 -6.77 -54.56
N ALA B 188 48.59 -6.65 -53.24
CA ALA B 188 47.43 -6.86 -52.38
C ALA B 188 46.74 -5.57 -52.00
N LEU B 189 47.47 -4.45 -51.92
CA LEU B 189 46.88 -3.20 -51.49
C LEU B 189 47.70 -2.03 -52.00
N ILE B 190 47.13 -0.84 -51.86
CA ILE B 190 47.79 0.40 -52.27
C ILE B 190 47.54 1.45 -51.20
N LEU B 191 48.56 2.27 -50.94
CA LEU B 191 48.48 3.37 -49.99
C LEU B 191 48.91 4.65 -50.69
N ALA B 192 47.94 5.51 -50.98
CA ALA B 192 48.17 6.76 -51.69
C ALA B 192 47.84 7.93 -50.79
N THR B 193 48.49 9.06 -51.05
CA THR B 193 48.21 10.29 -50.32
C THR B 193 48.70 11.46 -51.15
N GLY B 194 48.14 12.64 -50.89
CA GLY B 194 48.58 13.83 -51.59
C GLY B 194 47.49 14.50 -52.39
N GLY B 195 47.73 14.67 -53.69
CA GLY B 195 46.80 15.36 -54.56
C GLY B 195 45.45 14.68 -54.59
N PRO B 196 44.38 15.47 -54.58
CA PRO B 196 43.05 14.88 -54.72
C PRO B 196 42.94 14.07 -55.98
N GLY B 197 43.49 14.56 -57.09
CA GLY B 197 43.40 13.82 -58.34
C GLY B 197 44.03 12.45 -58.25
N MET B 198 45.05 12.32 -57.41
CA MET B 198 45.78 11.07 -57.29
C MET B 198 44.93 9.97 -56.66
N VAL B 199 44.32 10.26 -55.51
CA VAL B 199 43.59 9.22 -54.79
C VAL B 199 42.34 8.83 -55.53
N LYS B 200 41.87 9.68 -56.46
CA LYS B 200 40.65 9.31 -57.15
C LYS B 200 40.93 8.23 -58.17
N ALA B 201 42.04 8.36 -58.89
CA ALA B 201 42.52 7.26 -59.71
C ALA B 201 42.85 6.06 -58.84
N ALA B 202 43.31 6.30 -57.62
CA ALA B 202 43.55 5.19 -56.69
C ALA B 202 42.26 4.42 -56.40
N TYR B 203 41.19 5.13 -56.08
CA TYR B 203 39.90 4.48 -55.84
C TYR B 203 39.40 3.80 -57.10
N SER B 204 39.72 4.36 -58.26
CA SER B 204 39.35 3.77 -59.54
C SER B 204 40.30 2.61 -59.88
N SER B 205 40.22 1.57 -59.05
CA SER B 205 41.06 0.39 -59.22
C SER B 205 40.31 -0.93 -59.09
N GLY B 206 39.10 -0.94 -58.55
CA GLY B 206 38.44 -2.20 -58.26
C GLY B 206 39.15 -3.02 -57.20
N LYS B 207 40.05 -2.39 -56.45
CA LYS B 207 40.88 -3.06 -55.47
C LYS B 207 40.80 -2.26 -54.17
N PRO B 208 41.07 -2.90 -53.04
CA PRO B 208 41.02 -2.16 -51.77
C PRO B 208 42.02 -1.01 -51.77
N ALA B 209 41.58 0.13 -51.26
CA ALA B 209 42.40 1.33 -51.32
C ALA B 209 41.90 2.32 -50.28
N ILE B 210 42.84 3.00 -49.63
CA ILE B 210 42.54 4.07 -48.68
C ILE B 210 43.51 5.20 -48.92
N GLY B 211 42.98 6.43 -48.99
CA GLY B 211 43.80 7.57 -49.30
C GLY B 211 43.82 8.61 -48.20
N VAL B 212 45.01 9.04 -47.82
CA VAL B 212 45.19 10.05 -46.79
C VAL B 212 45.21 11.40 -47.47
N GLY B 213 44.18 12.20 -47.23
CA GLY B 213 44.11 13.54 -47.77
C GLY B 213 43.51 14.50 -46.78
N ALA B 214 43.20 15.71 -47.23
CA ALA B 214 42.56 16.70 -46.39
C ALA B 214 41.77 17.65 -47.28
N GLY B 215 40.88 18.41 -46.67
CA GLY B 215 40.18 19.49 -47.33
C GLY B 215 40.60 20.84 -46.79
N ASN B 216 39.91 21.86 -47.27
CA ASN B 216 40.10 23.20 -46.73
C ASN B 216 39.79 23.20 -45.23
N VAL B 217 40.76 23.65 -44.44
CA VAL B 217 40.66 23.57 -42.97
C VAL B 217 40.21 24.92 -42.46
N PRO B 218 38.97 25.05 -41.99
CA PRO B 218 38.47 26.35 -41.54
C PRO B 218 38.62 26.53 -40.04
N VAL B 219 38.87 27.78 -39.66
CA VAL B 219 38.77 28.22 -38.28
C VAL B 219 37.85 29.41 -38.22
N VAL B 220 37.08 29.51 -37.16
CA VAL B 220 36.21 30.66 -36.91
C VAL B 220 36.54 31.24 -35.55
N ILE B 221 36.42 32.57 -35.46
CA ILE B 221 36.75 33.37 -34.30
C ILE B 221 35.54 34.20 -33.95
N ASP B 222 35.09 34.12 -32.71
CA ASP B 222 33.97 34.93 -32.25
C ASP B 222 34.49 36.13 -31.46
N GLU B 223 33.55 36.90 -30.93
CA GLU B 223 33.91 38.14 -30.24
C GLU B 223 34.52 37.88 -28.87
N THR B 224 34.17 36.77 -28.24
CA THR B 224 34.54 36.56 -26.85
C THR B 224 35.92 35.92 -26.69
N ALA B 225 36.63 35.68 -27.79
CA ALA B 225 38.00 35.19 -27.71
C ALA B 225 38.99 36.35 -27.67
N ASP B 226 40.15 36.11 -27.08
CA ASP B 226 41.23 37.09 -27.13
C ASP B 226 41.99 36.96 -28.44
N ILE B 227 42.20 38.10 -29.10
CA ILE B 227 42.63 38.10 -30.50
C ILE B 227 44.05 37.56 -30.60
N LYS B 228 44.96 38.10 -29.79
CA LYS B 228 46.38 37.88 -30.00
C LYS B 228 46.74 36.42 -29.82
N ARG B 229 45.96 35.69 -29.04
CA ARG B 229 46.22 34.27 -28.82
C ARG B 229 46.15 33.50 -30.13
N ALA B 230 44.97 33.50 -30.76
CA ALA B 230 44.81 32.84 -32.05
C ALA B 230 45.75 33.44 -33.08
N VAL B 231 45.83 34.77 -33.12
CA VAL B 231 46.78 35.41 -34.01
C VAL B 231 48.13 34.73 -33.92
N ALA B 232 48.63 34.58 -32.69
CA ALA B 232 49.89 33.90 -32.45
C ALA B 232 49.85 32.49 -33.03
N SER B 233 48.97 31.65 -32.49
CA SER B 233 49.03 30.23 -32.80
C SER B 233 49.05 30.02 -34.30
N ILE B 234 48.23 30.77 -35.02
CA ILE B 234 48.19 30.45 -36.44
C ILE B 234 49.27 31.20 -37.20
N LEU B 235 49.94 32.20 -36.60
CA LEU B 235 51.21 32.55 -37.27
C LEU B 235 52.19 31.40 -37.21
N MET B 236 52.34 30.78 -36.04
CA MET B 236 53.25 29.65 -35.97
C MET B 236 52.86 28.55 -36.96
N SER B 237 51.58 28.20 -37.02
CA SER B 237 51.18 27.13 -37.94
C SER B 237 51.26 27.60 -39.40
N LYS B 238 50.89 28.85 -39.67
CA LYS B 238 50.89 29.36 -41.04
C LYS B 238 52.30 29.33 -41.60
N THR B 239 53.27 29.74 -40.80
CA THR B 239 54.66 29.77 -41.22
C THR B 239 55.32 28.42 -41.24
N PHE B 240 54.76 27.40 -40.59
CA PHE B 240 55.45 26.10 -40.60
C PHE B 240 55.83 25.61 -42.00
N ASP B 241 57.14 25.64 -42.27
CA ASP B 241 57.73 25.26 -43.56
C ASP B 241 56.82 25.71 -44.70
N ASN B 242 56.49 27.00 -44.67
CA ASN B 242 55.62 27.63 -45.66
C ASN B 242 54.25 26.95 -45.72
N GLY B 243 53.80 26.41 -44.60
CA GLY B 243 52.46 25.86 -44.51
C GLY B 243 52.16 24.73 -45.47
N VAL B 244 53.05 23.74 -45.53
CA VAL B 244 52.89 22.62 -46.44
C VAL B 244 52.42 21.35 -45.75
N VAL B 245 52.07 21.43 -44.48
CA VAL B 245 51.66 20.24 -43.74
C VAL B 245 50.19 19.95 -44.02
N CYS B 246 49.81 18.68 -43.90
CA CYS B 246 48.41 18.31 -44.00
C CYS B 246 47.59 19.01 -42.92
N ALA B 247 46.30 19.17 -43.20
CA ALA B 247 45.34 19.72 -42.26
C ALA B 247 45.82 21.05 -41.67
N SER B 248 46.23 21.96 -42.55
CA SER B 248 46.66 23.28 -42.13
C SER B 248 45.62 24.33 -42.52
N GLU B 249 45.78 25.52 -41.94
CA GLU B 249 44.91 26.65 -42.22
C GLU B 249 44.57 26.80 -43.69
N GLN B 250 43.28 27.02 -43.97
CA GLN B 250 42.86 27.45 -45.29
C GLN B 250 41.86 28.59 -45.30
N ALA B 251 41.11 28.80 -44.22
CA ALA B 251 40.09 29.84 -44.24
C ALA B 251 39.96 30.46 -42.86
N ALA B 252 39.98 31.78 -42.81
CA ALA B 252 39.84 32.53 -41.57
C ALA B 252 38.46 33.17 -41.53
N ILE B 253 37.69 32.85 -40.51
CA ILE B 253 36.32 33.34 -40.38
C ILE B 253 36.26 34.22 -39.15
N VAL B 254 35.85 35.47 -39.34
CA VAL B 254 35.86 36.48 -38.29
C VAL B 254 34.47 37.04 -38.15
N VAL B 255 33.95 37.03 -36.92
CA VAL B 255 32.63 37.60 -36.67
C VAL B 255 32.71 39.13 -36.72
N SER B 256 31.54 39.76 -36.68
CA SER B 256 31.35 41.10 -37.23
C SER B 256 32.24 42.14 -36.56
N GLU B 257 31.97 42.45 -35.30
CA GLU B 257 32.49 43.70 -34.72
C GLU B 257 33.88 43.53 -34.10
N VAL B 258 34.52 42.38 -34.28
CA VAL B 258 35.88 42.24 -33.80
C VAL B 258 36.83 42.20 -34.99
N TYR B 259 36.36 42.68 -36.13
CA TYR B 259 36.94 42.32 -37.42
C TYR B 259 38.17 43.16 -37.76
N ASP B 260 38.00 44.47 -37.87
CA ASP B 260 39.10 45.31 -38.33
C ASP B 260 40.22 45.38 -37.31
N GLU B 261 39.90 45.18 -36.03
CA GLU B 261 40.95 45.14 -35.04
C GLU B 261 41.81 43.90 -35.19
N VAL B 262 41.19 42.75 -35.44
CA VAL B 262 42.00 41.59 -35.78
C VAL B 262 42.84 41.89 -37.00
N LYS B 263 42.26 42.62 -37.96
CA LYS B 263 42.99 42.88 -39.19
C LYS B 263 44.23 43.72 -38.95
N GLU B 264 44.11 44.78 -38.15
CA GLU B 264 45.31 45.54 -37.89
C GLU B 264 46.28 44.75 -37.04
N ARG B 265 45.77 43.80 -36.24
CA ARG B 265 46.66 42.92 -35.51
C ARG B 265 47.56 42.13 -36.44
N PHE B 266 47.01 41.56 -37.50
CA PHE B 266 47.88 41.11 -38.59
C PHE B 266 48.75 42.22 -39.12
N ALA B 267 48.18 43.39 -39.37
CA ALA B 267 49.00 44.49 -39.86
C ALA B 267 50.06 44.89 -38.85
N THR B 268 49.80 44.69 -37.55
CA THR B 268 50.84 44.90 -36.55
C THR B 268 51.92 43.85 -36.63
N HIS B 269 51.81 42.89 -37.54
CA HIS B 269 52.78 41.82 -37.66
C HIS B 269 53.10 41.67 -39.14
N LYS B 270 53.85 40.62 -39.45
CA LYS B 270 54.42 40.48 -40.77
C LYS B 270 53.37 40.15 -41.83
N ALA B 271 52.15 39.81 -41.43
CA ALA B 271 51.11 39.52 -42.40
C ALA B 271 50.75 40.77 -43.19
N HIS B 272 50.63 40.62 -44.50
CA HIS B 272 50.26 41.71 -45.41
C HIS B 272 48.81 41.55 -45.80
N VAL B 273 47.95 42.43 -45.29
CA VAL B 273 46.58 42.44 -45.75
C VAL B 273 46.54 42.88 -47.21
N LEU B 274 45.45 42.54 -47.89
CA LEU B 274 45.36 42.83 -49.32
C LEU B 274 43.90 42.95 -49.73
N SER B 275 43.55 44.06 -50.41
CA SER B 275 42.17 44.23 -50.86
C SER B 275 42.04 44.81 -52.26
N LYS B 276 43.07 44.74 -53.09
CA LYS B 276 43.01 45.39 -54.39
C LYS B 276 43.20 44.41 -55.53
N ALA B 277 43.42 44.94 -56.74
CA ALA B 277 43.69 44.10 -57.90
C ALA B 277 44.76 43.06 -57.64
N ASP B 278 45.58 43.27 -56.60
CA ASP B 278 46.52 42.22 -56.20
C ASP B 278 45.78 40.96 -55.77
N ALA B 279 44.50 41.06 -55.44
CA ALA B 279 43.70 39.85 -55.29
C ALA B 279 43.78 38.99 -56.54
N ASP B 280 43.43 39.56 -57.69
CA ASP B 280 43.56 38.84 -58.96
C ASP B 280 45.03 38.55 -59.25
N LYS B 281 45.90 39.49 -58.89
CA LYS B 281 47.32 39.38 -59.19
C LYS B 281 47.93 38.15 -58.54
N VAL B 282 47.36 37.71 -57.43
CA VAL B 282 47.82 36.47 -56.83
C VAL B 282 46.91 35.31 -57.21
N ARG B 283 45.65 35.58 -57.49
CA ARG B 283 44.71 34.51 -57.82
C ARG B 283 45.00 33.91 -59.18
N LYS B 284 45.69 34.65 -60.04
CA LYS B 284 46.13 34.08 -61.31
C LYS B 284 46.98 32.85 -61.07
N VAL B 285 48.12 33.01 -60.39
CA VAL B 285 49.04 31.93 -60.13
C VAL B 285 48.49 30.98 -59.07
N LEU B 286 47.58 31.45 -58.22
CA LEU B 286 46.94 30.57 -57.25
C LEU B 286 46.30 29.38 -57.95
N LEU B 287 45.47 29.65 -58.94
CA LEU B 287 44.75 28.62 -59.68
C LEU B 287 44.87 29.00 -61.14
N ILE B 288 45.95 28.55 -61.78
CA ILE B 288 46.15 28.89 -63.19
C ILE B 288 45.28 28.02 -64.07
N ASP B 289 45.44 26.71 -63.96
CA ASP B 289 44.75 25.75 -64.81
C ASP B 289 43.40 25.35 -64.26
N GLY B 290 42.97 25.96 -63.17
CA GLY B 290 41.87 25.41 -62.41
C GLY B 290 42.23 24.20 -61.59
N ALA B 291 43.52 23.88 -61.50
CA ALA B 291 43.98 22.68 -60.81
C ALA B 291 45.20 22.98 -59.96
N LEU B 292 45.17 24.12 -59.26
CA LEU B 292 46.08 24.39 -58.15
C LEU B 292 47.54 24.38 -58.62
N ASN B 293 47.88 25.42 -59.39
CA ASN B 293 49.22 25.64 -59.94
C ASN B 293 50.30 25.19 -58.97
N ALA B 294 51.27 24.42 -59.47
CA ALA B 294 52.12 23.56 -58.65
C ALA B 294 53.44 24.19 -58.24
N LYS B 295 53.67 25.46 -58.56
CA LYS B 295 54.78 26.18 -57.94
C LYS B 295 54.38 27.47 -57.27
N ILE B 296 53.42 27.38 -56.35
CA ILE B 296 53.35 28.24 -55.19
C ILE B 296 53.79 27.49 -53.94
N VAL B 297 54.23 26.25 -54.11
CA VAL B 297 54.33 25.29 -53.02
C VAL B 297 55.53 25.63 -52.16
N GLY B 298 55.29 25.84 -50.87
CA GLY B 298 56.41 26.10 -49.98
C GLY B 298 57.23 27.30 -50.39
N GLN B 299 56.58 28.33 -50.90
CA GLN B 299 57.45 29.38 -51.37
C GLN B 299 57.31 30.60 -50.47
N PRO B 300 58.39 31.34 -50.25
CA PRO B 300 58.34 32.45 -49.30
C PRO B 300 57.39 33.56 -49.76
N ALA B 301 56.93 34.33 -48.78
CA ALA B 301 55.92 35.35 -49.05
C ALA B 301 56.43 36.40 -50.02
N ALA B 302 57.66 36.87 -49.83
CA ALA B 302 58.21 37.83 -50.77
C ALA B 302 58.30 37.23 -52.17
N ALA B 303 58.73 35.96 -52.24
CA ALA B 303 58.85 35.29 -53.52
C ALA B 303 57.52 35.20 -54.23
N ILE B 304 56.48 34.77 -53.50
CA ILE B 304 55.18 34.60 -54.15
C ILE B 304 54.54 35.94 -54.44
N ALA B 305 54.93 36.99 -53.72
CA ALA B 305 54.41 38.31 -54.03
C ALA B 305 54.97 38.84 -55.34
N GLU B 306 56.29 38.85 -55.47
CA GLU B 306 56.87 39.33 -56.72
C GLU B 306 56.55 38.38 -57.87
N MET B 307 56.55 37.08 -57.60
CA MET B 307 56.26 36.08 -58.62
C MET B 307 54.76 36.00 -58.89
N ALA B 308 53.97 36.70 -58.09
CA ALA B 308 52.62 37.07 -58.49
C ALA B 308 52.59 38.44 -59.16
N GLY B 309 53.66 39.21 -59.03
CA GLY B 309 53.79 40.47 -59.73
C GLY B 309 53.79 41.73 -58.91
N VAL B 310 53.85 41.63 -57.58
CA VAL B 310 53.82 42.81 -56.72
C VAL B 310 54.98 42.73 -55.74
N LYS B 311 55.50 43.89 -55.36
CA LYS B 311 56.65 43.93 -54.48
C LYS B 311 56.16 44.18 -53.05
N VAL B 312 56.77 43.47 -52.10
CA VAL B 312 56.27 43.40 -50.72
C VAL B 312 57.44 43.62 -49.76
N PRO B 313 57.15 44.21 -48.59
CA PRO B 313 58.18 44.24 -47.54
C PRO B 313 58.69 42.84 -47.21
N ALA B 314 60.02 42.75 -47.06
CA ALA B 314 60.69 41.45 -47.19
C ALA B 314 60.34 40.48 -46.08
N ASP B 315 60.41 40.92 -44.84
CA ASP B 315 60.25 40.00 -43.71
C ASP B 315 58.82 39.52 -43.55
N THR B 316 57.90 40.00 -44.39
CA THR B 316 56.51 39.58 -44.33
C THR B 316 56.43 38.06 -44.43
N LYS B 317 55.34 37.51 -43.92
CA LYS B 317 55.26 36.08 -43.74
C LYS B 317 54.13 35.44 -44.51
N VAL B 318 52.97 36.09 -44.55
CA VAL B 318 51.77 35.55 -45.17
C VAL B 318 51.00 36.71 -45.76
N LEU B 319 50.37 36.49 -46.90
CA LEU B 319 49.50 37.48 -47.51
C LEU B 319 48.05 37.11 -47.20
N VAL B 320 47.22 38.12 -46.97
CA VAL B 320 45.86 37.96 -46.45
C VAL B 320 44.87 38.49 -47.49
N GLY B 321 43.92 37.66 -47.89
CA GLY B 321 42.96 38.02 -48.92
C GLY B 321 41.60 38.37 -48.37
N GLU B 322 40.98 39.40 -48.96
CA GLU B 322 39.66 39.87 -48.59
C GLU B 322 38.58 39.48 -49.57
N GLY B 323 38.90 39.34 -50.86
CA GLY B 323 37.89 39.15 -51.88
C GLY B 323 37.21 37.81 -51.74
N LEU B 324 36.60 37.60 -50.58
CA LEU B 324 36.11 36.29 -50.15
C LEU B 324 34.70 36.39 -49.57
N GLY B 325 34.03 37.53 -49.78
CA GLY B 325 32.63 37.63 -49.38
C GLY B 325 31.74 36.61 -50.05
N LYS B 326 32.13 36.16 -51.25
CA LYS B 326 31.49 35.07 -51.94
C LYS B 326 32.01 33.74 -51.40
N VAL B 327 31.13 32.75 -51.33
CA VAL B 327 31.44 31.44 -50.80
C VAL B 327 31.06 30.41 -51.85
N SER B 328 32.05 29.85 -52.54
CA SER B 328 31.81 28.79 -53.52
C SER B 328 33.15 28.22 -53.97
N TYR B 329 33.06 27.21 -54.84
CA TYR B 329 34.28 26.58 -55.38
C TYR B 329 35.14 27.58 -56.13
N ASP B 330 34.52 28.45 -56.93
CA ASP B 330 35.27 29.28 -57.87
C ASP B 330 36.30 30.16 -57.17
N ASP B 331 36.13 30.44 -55.88
CA ASP B 331 37.15 31.18 -55.14
C ASP B 331 38.40 30.32 -55.00
N GLU B 332 39.54 30.88 -55.38
CA GLU B 332 40.80 30.15 -55.21
C GLU B 332 41.18 30.10 -53.74
N PHE B 333 40.81 31.13 -52.98
CA PHE B 333 41.00 31.07 -51.53
C PHE B 333 40.17 29.96 -50.91
N ALA B 334 39.04 29.61 -51.53
CA ALA B 334 38.23 28.52 -51.01
C ALA B 334 38.98 27.20 -51.04
N HIS B 335 39.64 26.90 -52.15
CA HIS B 335 40.48 25.71 -52.19
C HIS B 335 41.64 25.87 -51.22
N GLU B 336 42.31 24.77 -50.94
CA GLU B 336 43.48 24.85 -50.08
C GLU B 336 44.63 25.54 -50.80
N LYS B 337 45.55 26.07 -50.00
CA LYS B 337 46.62 26.93 -50.49
C LYS B 337 48.00 26.31 -50.32
N LEU B 338 48.26 25.61 -49.22
CA LEU B 338 49.46 24.79 -49.05
C LEU B 338 50.72 25.66 -49.19
N SER B 339 50.56 26.94 -48.92
CA SER B 339 51.62 27.93 -49.06
C SER B 339 51.34 29.04 -48.05
N PRO B 340 52.35 29.83 -47.70
CA PRO B 340 52.12 30.86 -46.68
C PRO B 340 51.20 31.97 -47.17
N THR B 341 49.97 31.60 -47.49
CA THR B 341 48.93 32.52 -47.92
C THR B 341 47.65 32.17 -47.20
N LEU B 342 46.80 33.18 -46.97
CA LEU B 342 45.52 32.95 -46.33
C LEU B 342 44.51 33.99 -46.79
N GLY B 343 43.26 33.57 -46.89
CA GLY B 343 42.14 34.47 -47.12
C GLY B 343 41.18 34.37 -45.94
N LEU B 344 40.57 35.49 -45.60
CA LEU B 344 39.67 35.56 -44.46
C LEU B 344 38.24 35.83 -44.91
N PHE B 345 37.32 35.68 -43.97
CA PHE B 345 35.92 36.04 -44.15
C PHE B 345 35.50 37.14 -43.19
N ARG B 346 34.40 37.79 -43.55
CA ARG B 346 33.72 38.75 -42.68
C ARG B 346 32.39 38.12 -42.29
N ALA B 347 32.33 37.51 -41.11
CA ALA B 347 31.11 36.88 -40.65
C ALA B 347 30.26 37.88 -39.89
N ASP B 348 28.97 37.56 -39.79
CA ASP B 348 28.01 38.42 -39.11
C ASP B 348 27.81 38.02 -37.66
N ASN B 349 27.39 36.78 -37.42
CA ASN B 349 27.22 36.32 -36.05
C ASN B 349 27.79 34.93 -35.88
N PHE B 350 27.54 34.33 -34.73
CA PHE B 350 28.01 32.97 -34.47
C PHE B 350 27.47 32.01 -35.53
N GLU B 351 26.18 32.10 -35.80
CA GLU B 351 25.50 31.18 -36.69
C GLU B 351 25.85 31.46 -38.15
N ASP B 352 26.06 32.71 -38.51
CA ASP B 352 26.57 33.03 -39.84
C ASP B 352 27.92 32.36 -40.06
N ALA B 353 28.81 32.49 -39.09
CA ALA B 353 30.11 31.85 -39.20
C ALA B 353 29.98 30.34 -39.30
N VAL B 354 29.06 29.77 -38.52
CA VAL B 354 28.86 28.32 -38.56
C VAL B 354 28.41 27.88 -39.95
N ALA B 355 27.45 28.60 -40.51
CA ALA B 355 26.96 28.26 -41.84
C ALA B 355 28.07 28.36 -42.87
N GLN B 356 28.83 29.47 -42.84
CA GLN B 356 29.94 29.59 -43.78
C GLN B 356 30.94 28.48 -43.57
N ALA B 357 31.17 28.09 -42.32
CA ALA B 357 32.12 27.02 -42.04
C ALA B 357 31.69 25.72 -42.66
N VAL B 358 30.44 25.32 -42.47
CA VAL B 358 29.97 24.05 -43.00
C VAL B 358 30.04 24.05 -44.52
N THR B 359 29.53 25.13 -45.12
CA THR B 359 29.67 25.28 -46.55
C THR B 359 31.13 25.25 -46.95
N MET B 360 32.02 25.73 -46.12
CA MET B 360 33.40 25.79 -46.54
C MET B 360 34.00 24.40 -46.51
N VAL B 361 33.64 23.61 -45.51
CA VAL B 361 34.29 22.31 -45.39
C VAL B 361 33.87 21.44 -46.54
N GLU B 362 32.58 21.47 -46.91
CA GLU B 362 32.13 20.47 -47.86
C GLU B 362 32.93 20.53 -49.16
N ILE B 363 33.50 21.70 -49.47
CA ILE B 363 34.30 21.86 -50.68
C ILE B 363 35.48 20.92 -50.68
N GLY B 364 36.12 20.74 -49.51
CA GLY B 364 37.20 19.79 -49.41
C GLY B 364 36.76 18.37 -49.73
N GLY B 365 35.53 18.02 -49.38
CA GLY B 365 35.01 16.70 -49.61
C GLY B 365 35.43 15.67 -48.58
N ILE B 366 36.40 16.01 -47.73
CA ILE B 366 36.85 15.16 -46.65
C ILE B 366 36.75 15.93 -45.35
N GLY B 367 36.04 15.36 -44.38
CA GLY B 367 35.98 15.99 -43.08
C GLY B 367 37.20 15.63 -42.28
N HIS B 368 38.15 16.56 -42.18
CA HIS B 368 39.43 16.28 -41.54
C HIS B 368 39.63 17.06 -40.25
N THR B 369 39.55 18.38 -40.29
CA THR B 369 39.94 19.19 -39.14
C THR B 369 39.17 20.51 -39.16
N SER B 370 38.84 21.00 -37.98
CA SER B 370 38.28 22.36 -37.93
C SER B 370 38.51 22.98 -36.57
N GLY B 371 38.54 24.31 -36.54
CA GLY B 371 39.04 25.05 -35.39
C GLY B 371 38.12 26.16 -34.90
N LEU B 372 37.98 26.24 -33.58
CA LEU B 372 37.18 27.24 -32.92
C LEU B 372 38.04 28.04 -31.96
N TYR B 373 38.00 29.37 -32.09
CA TYR B 373 38.70 30.25 -31.17
C TYR B 373 37.65 31.09 -30.45
N THR B 374 37.54 30.88 -29.15
CA THR B 374 36.43 31.44 -28.39
C THR B 374 36.75 31.41 -26.91
N ASN B 375 35.93 32.13 -26.15
CA ASN B 375 35.90 31.95 -24.71
C ASN B 375 35.31 30.58 -24.40
N GLN B 376 35.73 29.99 -23.28
CA GLN B 376 35.70 28.55 -23.16
C GLN B 376 34.81 28.03 -22.03
N ASP B 377 34.76 28.73 -20.90
CA ASP B 377 33.83 28.31 -19.84
C ASP B 377 32.73 29.32 -19.57
N VAL B 378 32.53 30.28 -20.47
CA VAL B 378 31.32 31.09 -20.41
C VAL B 378 30.35 30.56 -21.45
N ASN B 379 30.88 29.89 -22.47
CA ASN B 379 30.13 29.40 -23.62
C ASN B 379 30.43 27.91 -23.76
N ALA B 380 29.52 27.07 -23.26
CA ALA B 380 29.54 25.66 -23.62
C ALA B 380 28.48 25.35 -24.67
N ASP B 381 27.34 26.05 -24.54
CA ASP B 381 26.32 26.01 -25.57
C ASP B 381 26.92 26.28 -26.93
N ARG B 382 27.72 27.34 -27.04
CA ARG B 382 28.41 27.62 -28.29
C ARG B 382 29.34 26.49 -28.68
N ILE B 383 30.11 25.98 -27.71
CA ILE B 383 31.03 24.90 -28.01
C ILE B 383 30.33 23.85 -28.82
N ARG B 384 29.28 23.30 -28.27
CA ARG B 384 28.85 22.07 -28.89
C ARG B 384 27.66 22.28 -29.80
N TYR B 385 27.10 23.49 -29.83
CA TYR B 385 26.38 23.95 -31.01
C TYR B 385 27.27 23.81 -32.24
N PHE B 386 28.45 24.44 -32.17
CA PHE B 386 29.44 24.36 -33.23
C PHE B 386 29.85 22.93 -33.49
N GLY B 387 30.08 22.17 -32.43
CA GLY B 387 30.43 20.77 -32.59
C GLY B 387 29.33 20.00 -33.29
N ASP B 388 28.08 20.36 -33.03
CA ASP B 388 26.95 19.66 -33.63
C ASP B 388 26.92 19.86 -35.14
N LYS B 389 27.14 21.09 -35.59
CA LYS B 389 27.06 21.31 -37.03
C LYS B 389 28.26 20.77 -37.79
N LEU B 390 29.44 20.85 -37.21
CA LEU B 390 30.63 20.57 -37.99
C LEU B 390 30.88 19.07 -38.06
N LYS B 391 31.18 18.60 -39.26
CA LYS B 391 31.54 17.20 -39.48
C LYS B 391 32.86 17.24 -40.23
N THR B 392 33.93 17.44 -39.47
CA THR B 392 35.27 17.14 -39.93
C THR B 392 35.63 15.83 -39.24
N ALA B 393 36.88 15.42 -39.34
CA ALA B 393 37.28 14.29 -38.51
C ALA B 393 37.40 14.70 -37.06
N ARG B 394 37.73 15.96 -36.80
CA ARG B 394 38.39 16.32 -35.56
C ARG B 394 38.27 17.81 -35.29
N ILE B 395 37.80 18.15 -34.10
CA ILE B 395 37.48 19.52 -33.72
C ILE B 395 38.53 19.94 -32.70
N LEU B 396 39.14 21.12 -32.90
CA LEU B 396 40.02 21.69 -31.89
C LEU B 396 39.53 23.08 -31.52
N VAL B 397 39.52 23.38 -30.23
CA VAL B 397 39.09 24.69 -29.74
C VAL B 397 40.29 25.41 -29.15
N ASN B 398 40.52 26.64 -29.61
CA ASN B 398 41.58 27.49 -29.11
C ASN B 398 42.95 26.80 -29.22
N ILE B 399 43.14 26.07 -30.31
CA ILE B 399 44.36 25.30 -30.52
C ILE B 399 44.79 25.38 -31.99
N PRO B 400 46.07 25.52 -32.27
CA PRO B 400 46.54 25.33 -33.65
C PRO B 400 46.47 23.87 -34.06
N THR B 401 46.26 23.64 -35.35
CA THR B 401 46.08 22.29 -35.90
C THR B 401 47.39 21.70 -36.37
N THR B 402 48.41 21.77 -35.54
CA THR B 402 49.74 21.31 -35.91
C THR B 402 50.40 20.68 -34.69
N HIS B 403 51.72 20.53 -34.76
CA HIS B 403 52.47 19.74 -33.80
C HIS B 403 53.77 20.47 -33.46
N GLY B 404 53.91 20.84 -32.19
CA GLY B 404 55.13 21.46 -31.72
C GLY B 404 54.93 22.89 -31.27
N GLY B 405 54.79 23.09 -29.97
CA GLY B 405 54.70 24.41 -29.39
C GLY B 405 55.86 24.68 -28.45
N ILE B 406 55.59 24.75 -27.15
CA ILE B 406 56.65 24.74 -26.15
C ILE B 406 56.81 23.32 -25.63
N GLY B 407 58.05 22.86 -25.54
CA GLY B 407 58.38 21.57 -24.99
C GLY B 407 57.90 20.40 -25.81
N ASP B 408 56.99 19.61 -25.22
CA ASP B 408 56.61 18.32 -25.76
C ASP B 408 56.00 18.44 -27.15
N LEU B 409 54.80 19.02 -27.24
CA LEU B 409 54.09 19.18 -28.50
C LEU B 409 52.82 19.96 -28.19
N TYR B 410 52.32 20.74 -29.14
CA TYR B 410 51.00 21.38 -29.00
C TYR B 410 50.14 20.98 -30.19
N ASN B 411 49.22 20.05 -29.96
CA ASN B 411 48.97 19.48 -28.64
C ASN B 411 49.80 18.21 -28.44
N PHE B 412 50.12 17.88 -27.18
CA PHE B 412 51.19 16.92 -26.91
C PHE B 412 50.77 15.46 -27.01
N ASN B 413 49.47 15.16 -27.13
CA ASN B 413 49.03 13.81 -27.46
C ASN B 413 47.99 13.91 -28.56
N VAL B 414 48.39 13.53 -29.77
CA VAL B 414 47.54 13.61 -30.96
C VAL B 414 48.28 12.94 -32.10
N ALA B 415 47.51 12.28 -32.96
CA ALA B 415 48.03 11.75 -34.21
C ALA B 415 48.40 12.90 -35.14
N PRO B 416 49.32 12.68 -36.07
CA PRO B 416 49.70 13.77 -36.97
C PRO B 416 48.54 14.09 -37.91
N SER B 417 48.62 15.29 -38.49
CA SER B 417 47.61 15.69 -39.46
C SER B 417 47.58 14.75 -40.66
N LEU B 418 48.70 14.08 -40.93
CA LEU B 418 48.75 13.02 -41.92
C LEU B 418 48.20 11.75 -41.28
N THR B 419 48.44 10.60 -41.92
CA THR B 419 48.04 9.29 -41.42
C THR B 419 46.53 9.14 -41.31
N LEU B 420 45.76 10.10 -41.81
CA LEU B 420 44.30 10.07 -41.73
C LEU B 420 43.73 9.79 -43.12
N GLY B 421 43.32 8.55 -43.36
CA GLY B 421 42.75 8.15 -44.63
C GLY B 421 41.32 7.66 -44.46
N CYS B 422 40.72 7.30 -45.59
CA CYS B 422 39.38 6.73 -45.60
C CYS B 422 39.22 5.80 -46.78
N GLY B 423 38.34 4.82 -46.63
CA GLY B 423 38.02 3.92 -47.72
C GLY B 423 37.11 4.51 -48.76
N SER B 424 36.63 5.75 -48.55
CA SER B 424 35.79 6.43 -49.52
C SER B 424 36.24 7.87 -49.63
N TRP B 425 35.98 8.47 -50.79
CA TRP B 425 36.25 9.88 -50.99
C TRP B 425 34.99 10.62 -50.58
N GLY B 426 33.82 10.03 -50.89
CA GLY B 426 32.65 10.65 -51.48
C GLY B 426 32.28 12.01 -50.95
N GLY B 427 31.88 12.02 -49.70
CA GLY B 427 31.45 13.24 -49.08
C GLY B 427 31.27 12.91 -47.62
N ASN B 428 31.60 13.86 -46.76
CA ASN B 428 31.48 13.66 -45.31
C ASN B 428 32.30 12.46 -44.84
N SER B 429 33.22 12.00 -45.69
CA SER B 429 34.00 10.79 -45.38
C SER B 429 34.99 11.17 -44.29
N ILE B 430 34.60 10.88 -43.05
CA ILE B 430 35.40 11.24 -41.89
C ILE B 430 36.64 10.36 -41.85
N SER B 431 37.81 10.98 -41.95
CA SER B 431 39.04 10.22 -42.00
C SER B 431 39.28 9.47 -40.70
N GLU B 432 39.90 8.30 -40.81
CA GLU B 432 40.31 7.50 -39.68
C GLU B 432 41.78 7.19 -39.80
N ASN B 433 42.51 7.31 -38.70
CA ASN B 433 43.92 7.03 -38.75
C ASN B 433 44.12 5.51 -38.88
N VAL B 434 45.28 5.11 -39.41
CA VAL B 434 45.51 3.75 -39.84
C VAL B 434 46.10 2.93 -38.71
N GLY B 435 45.75 1.64 -38.68
CA GLY B 435 46.24 0.71 -37.71
C GLY B 435 46.47 -0.66 -38.32
N PRO B 436 47.29 -1.47 -37.64
CA PRO B 436 47.69 -2.77 -38.22
C PRO B 436 46.54 -3.75 -38.45
N LYS B 437 45.44 -3.67 -37.72
CA LYS B 437 44.29 -4.50 -38.07
C LYS B 437 43.77 -4.16 -39.46
N HIS B 438 43.94 -2.92 -39.90
CA HIS B 438 43.69 -2.65 -41.31
C HIS B 438 44.69 -3.35 -42.22
N LEU B 439 45.78 -3.89 -41.67
CA LEU B 439 46.81 -4.54 -42.44
C LEU B 439 46.92 -6.03 -42.15
N ILE B 440 45.95 -6.61 -41.47
CA ILE B 440 46.09 -7.98 -40.96
C ILE B 440 44.76 -8.71 -41.11
N ASN B 441 44.84 -10.00 -41.40
CA ASN B 441 43.68 -10.83 -41.70
C ASN B 441 43.41 -11.77 -40.54
N LYS B 442 42.15 -12.19 -40.40
CA LYS B 442 41.64 -12.80 -39.19
C LYS B 442 41.51 -14.31 -39.29
N LYS B 443 41.45 -14.95 -38.13
CA LYS B 443 40.95 -16.31 -38.01
C LYS B 443 40.33 -16.57 -36.66
N THR B 444 39.14 -17.16 -36.69
CA THR B 444 38.67 -17.92 -35.56
C THR B 444 38.45 -19.35 -36.00
N VAL B 445 38.88 -20.26 -35.15
CA VAL B 445 38.59 -21.66 -35.31
C VAL B 445 37.75 -22.08 -34.12
N ALA B 446 36.60 -22.66 -34.42
CA ALA B 446 35.66 -23.06 -33.40
C ALA B 446 35.87 -24.53 -33.12
N LYS B 447 35.78 -24.90 -31.85
CA LYS B 447 35.96 -26.29 -31.48
C LYS B 447 34.66 -26.98 -31.11
N ARG B 448 34.45 -28.04 -31.87
CA ARG B 448 34.00 -29.31 -31.34
C ARG B 448 34.19 -29.47 -29.84
N ALA B 449 33.09 -29.73 -29.14
CA ALA B 449 33.12 -29.95 -27.70
C ALA B 449 31.81 -30.55 -27.20
N GLU B 450 31.83 -30.94 -25.92
CA GLU B 450 30.73 -31.60 -25.25
C GLU B 450 29.96 -30.62 -24.34
N ASN B 451 28.89 -31.11 -23.72
CA ASN B 451 27.84 -30.24 -23.17
C ASN B 451 27.72 -30.41 -21.66
N MET B 452 26.69 -29.81 -21.05
CA MET B 452 26.30 -30.02 -19.65
C MET B 452 24.86 -30.48 -19.53
N LEU B 453 24.68 -31.60 -18.84
CA LEU B 453 23.36 -32.02 -18.40
C LEU B 453 23.23 -31.80 -16.90
N TRP B 454 22.03 -31.98 -16.39
CA TRP B 454 21.64 -31.27 -15.18
C TRP B 454 20.77 -32.12 -14.27
N HIS B 455 20.86 -31.86 -12.98
CA HIS B 455 19.82 -32.33 -12.06
C HIS B 455 19.88 -31.48 -10.80
N LYS B 456 18.87 -30.65 -10.59
CA LYS B 456 18.85 -29.71 -9.48
C LYS B 456 17.47 -29.76 -8.83
N LEU B 457 17.43 -29.56 -7.52
CA LEU B 457 16.20 -29.74 -6.77
C LEU B 457 16.06 -28.65 -5.72
N PRO B 458 14.82 -28.30 -5.36
CA PRO B 458 14.62 -27.45 -4.18
C PRO B 458 15.18 -28.14 -2.96
N LYS B 459 15.66 -27.36 -2.02
CA LYS B 459 16.41 -27.93 -0.91
C LYS B 459 15.52 -28.63 0.11
N SER B 460 14.32 -28.12 0.35
CA SER B 460 13.59 -28.47 1.56
C SER B 460 12.14 -28.82 1.25
N ILE B 461 11.73 -30.01 1.70
CA ILE B 461 10.39 -30.53 1.45
C ILE B 461 9.93 -31.31 2.68
N TYR B 462 8.63 -31.27 2.92
CA TYR B 462 7.99 -32.06 3.98
C TYR B 462 6.84 -32.87 3.39
N PHE B 463 6.50 -33.98 4.05
CA PHE B 463 5.45 -34.87 3.53
C PHE B 463 4.89 -35.80 4.60
N ARG B 464 3.68 -35.45 5.08
CA ARG B 464 2.59 -36.09 5.84
C ARG B 464 1.39 -35.24 6.17
N ARG B 465 0.32 -36.01 6.37
CA ARG B 465 -0.80 -35.73 7.24
C ARG B 465 -0.33 -34.83 8.36
N GLY B 466 -1.02 -33.72 8.57
CA GLY B 466 -0.67 -32.85 9.67
C GLY B 466 0.73 -32.35 9.59
N SER B 467 1.29 -32.26 8.39
CA SER B 467 2.58 -31.60 8.27
C SER B 467 2.50 -30.19 8.80
N LEU B 468 1.42 -29.51 8.46
CA LEU B 468 1.39 -28.05 8.54
C LEU B 468 2.00 -27.56 9.83
N PRO B 469 1.47 -27.90 11.01
CA PRO B 469 2.02 -27.29 12.24
C PRO B 469 3.47 -27.65 12.43
N ILE B 470 3.80 -28.93 12.26
CA ILE B 470 5.16 -29.36 12.50
C ILE B 470 6.06 -28.91 11.35
N ALA B 471 5.48 -28.65 10.19
CA ALA B 471 6.28 -28.10 9.09
C ALA B 471 6.66 -26.66 9.37
N LEU B 472 5.68 -25.84 9.74
CA LEU B 472 5.90 -24.42 9.94
C LEU B 472 6.48 -24.12 11.31
N SER B 473 6.59 -25.12 12.18
CA SER B 473 7.17 -24.89 13.49
C SER B 473 8.54 -24.25 13.39
N ASP B 474 9.30 -24.61 12.36
CA ASP B 474 10.67 -24.16 12.18
C ASP B 474 10.76 -22.83 11.52
N LEU B 475 9.71 -22.02 11.62
CA LEU B 475 9.62 -20.71 11.01
C LEU B 475 9.82 -19.56 11.99
N GLU B 476 11.02 -19.31 12.52
CA GLU B 476 11.16 -18.56 13.77
C GLU B 476 10.85 -17.08 13.59
N GLY B 477 11.81 -16.33 13.06
CA GLY B 477 11.81 -14.88 13.06
C GLY B 477 11.55 -14.27 11.71
N LYS B 478 11.32 -15.08 10.70
CA LYS B 478 10.79 -14.54 9.46
C LYS B 478 9.56 -13.74 9.82
N LYS B 479 9.56 -12.44 9.54
CA LYS B 479 8.56 -11.58 10.19
C LYS B 479 7.39 -11.29 9.26
N ARG B 480 7.64 -10.84 8.02
CA ARG B 480 6.50 -10.52 7.18
C ARG B 480 6.16 -11.66 6.25
N ALA B 481 4.86 -11.79 6.01
CA ALA B 481 4.35 -12.92 5.26
C ALA B 481 3.31 -12.40 4.32
N PHE B 482 3.16 -13.11 3.21
CA PHE B 482 2.17 -12.76 2.21
C PHE B 482 1.52 -14.05 1.72
N LEU B 483 0.22 -13.98 1.53
CA LEU B 483 -0.55 -15.11 1.04
C LEU B 483 -0.84 -14.95 -0.44
N VAL B 484 -0.65 -16.05 -1.17
CA VAL B 484 -1.10 -16.19 -2.55
C VAL B 484 -1.99 -17.41 -2.62
N THR B 485 -3.19 -17.22 -3.13
CA THR B 485 -4.29 -18.19 -3.09
C THR B 485 -5.36 -17.75 -4.06
N ASP B 486 -6.45 -18.51 -4.10
CA ASP B 486 -7.65 -18.27 -4.89
C ASP B 486 -8.85 -18.04 -4.00
N ARG B 487 -9.81 -17.24 -4.49
CA ARG B 487 -10.97 -16.90 -3.68
C ARG B 487 -11.85 -18.11 -3.41
N PHE B 488 -11.81 -19.15 -4.25
CA PHE B 488 -12.56 -20.35 -3.90
C PHE B 488 -11.98 -21.00 -2.65
N LEU B 489 -10.67 -21.25 -2.67
CA LEU B 489 -10.02 -21.93 -1.56
C LEU B 489 -9.97 -21.04 -0.33
N PHE B 490 -9.60 -19.78 -0.50
CA PHE B 490 -9.71 -18.82 0.59
C PHE B 490 -11.13 -18.76 1.11
N ASN B 491 -12.11 -18.90 0.21
CA ASN B 491 -13.50 -18.93 0.63
C ASN B 491 -13.76 -20.12 1.53
N ASN B 492 -13.16 -21.26 1.22
CA ASN B 492 -13.29 -22.41 2.10
C ASN B 492 -12.53 -22.17 3.39
N GLY B 493 -12.85 -22.97 4.40
CA GLY B 493 -12.19 -22.87 5.68
C GLY B 493 -10.79 -23.45 5.64
N TYR B 494 -9.95 -22.90 4.76
CA TYR B 494 -8.58 -23.35 4.61
C TYR B 494 -7.58 -22.27 4.94
N ALA B 495 -7.73 -21.09 4.34
CA ALA B 495 -6.79 -20.01 4.61
C ALA B 495 -6.80 -19.64 6.09
N ASP B 496 -7.99 -19.55 6.67
CA ASP B 496 -8.14 -19.32 8.11
C ASP B 496 -7.16 -20.15 8.92
N ASP B 497 -6.99 -21.42 8.56
CA ASP B 497 -6.10 -22.30 9.30
C ASP B 497 -4.68 -21.77 9.30
N VAL B 498 -4.17 -21.44 8.12
CA VAL B 498 -2.79 -20.99 8.02
C VAL B 498 -2.59 -19.60 8.62
N VAL B 499 -3.56 -18.70 8.47
CA VAL B 499 -3.34 -17.39 9.10
C VAL B 499 -3.39 -17.55 10.61
N ALA B 500 -4.22 -18.45 11.12
CA ALA B 500 -4.21 -18.71 12.55
C ALA B 500 -2.85 -19.25 12.99
N LEU B 501 -2.30 -20.18 12.23
CA LEU B 501 -0.96 -20.68 12.56
C LEU B 501 0.09 -19.61 12.36
N LEU B 502 -0.21 -18.59 11.58
CA LEU B 502 0.73 -17.49 11.42
C LEU B 502 0.68 -16.59 12.65
N LYS B 503 -0.52 -16.38 13.15
CA LYS B 503 -0.69 -15.73 14.44
C LYS B 503 -0.03 -16.53 15.56
N ALA B 504 0.13 -17.85 15.34
CA ALA B 504 0.64 -18.71 16.40
C ALA B 504 1.91 -18.13 17.02
N GLN B 505 2.80 -17.57 16.21
CA GLN B 505 3.82 -16.69 16.74
C GLN B 505 3.60 -15.25 16.31
N GLY B 506 2.71 -15.03 15.34
CA GLY B 506 2.15 -13.72 15.10
C GLY B 506 2.84 -12.98 13.98
N MET B 507 2.27 -13.03 12.78
CA MET B 507 2.90 -12.49 11.59
C MET B 507 2.00 -11.44 10.98
N GLU B 508 2.59 -10.37 10.49
CA GLU B 508 1.86 -9.40 9.68
C GLU B 508 1.71 -9.93 8.27
N VAL B 509 0.47 -10.29 7.93
CA VAL B 509 0.16 -11.03 6.71
C VAL B 509 -1.00 -10.35 6.00
N GLN B 510 -1.21 -10.73 4.76
CA GLN B 510 -2.41 -10.35 4.04
C GLN B 510 -2.69 -11.40 2.97
N THR B 511 -3.93 -11.86 2.93
CA THR B 511 -4.35 -12.85 1.95
C THR B 511 -4.52 -12.18 0.59
N PHE B 512 -4.10 -12.89 -0.44
CA PHE B 512 -4.33 -12.47 -1.81
C PHE B 512 -4.94 -13.65 -2.55
N PHE B 513 -6.24 -13.57 -2.79
CA PHE B 513 -7.03 -14.61 -3.44
C PHE B 513 -7.55 -14.19 -4.81
N GLU B 514 -6.81 -13.35 -5.52
CA GLU B 514 -7.35 -12.63 -6.67
C GLU B 514 -6.77 -13.14 -7.99
N VAL B 515 -6.58 -14.45 -8.11
CA VAL B 515 -6.14 -15.07 -9.37
C VAL B 515 -7.16 -16.11 -9.77
N GLU B 516 -7.56 -16.08 -11.05
CA GLU B 516 -8.48 -17.11 -11.53
C GLU B 516 -7.66 -18.24 -12.15
N ALA B 517 -8.25 -18.93 -13.12
CA ALA B 517 -7.59 -20.11 -13.67
C ALA B 517 -6.25 -19.81 -14.35
N ASP B 518 -5.84 -18.55 -14.48
CA ASP B 518 -4.64 -18.30 -15.26
C ASP B 518 -3.87 -17.06 -14.82
N PRO B 519 -2.56 -17.05 -15.01
CA PRO B 519 -1.82 -15.78 -15.02
C PRO B 519 -2.22 -14.93 -16.21
N THR B 520 -2.37 -13.63 -15.98
CA THR B 520 -3.16 -12.78 -16.86
C THR B 520 -2.41 -11.62 -17.48
N LEU B 521 -1.35 -11.14 -16.82
CA LEU B 521 -0.71 -9.84 -17.04
C LEU B 521 -1.53 -8.73 -16.40
N SER B 522 -2.58 -9.06 -15.64
CA SER B 522 -3.44 -8.08 -14.98
C SER B 522 -3.41 -8.23 -13.47
N VAL B 523 -3.56 -9.44 -12.95
CA VAL B 523 -3.40 -9.61 -11.51
C VAL B 523 -1.94 -9.49 -11.13
N VAL B 524 -1.05 -9.92 -12.03
CA VAL B 524 0.35 -10.04 -11.66
C VAL B 524 0.87 -8.71 -11.15
N GLU B 525 0.55 -7.62 -11.84
CA GLU B 525 1.05 -6.32 -11.42
C GLU B 525 0.30 -5.77 -10.22
N LYS B 526 -1.00 -6.02 -10.06
CA LYS B 526 -1.62 -5.51 -8.85
C LYS B 526 -1.07 -6.23 -7.63
N GLY B 527 -0.89 -7.54 -7.72
CA GLY B 527 -0.31 -8.28 -6.62
C GLY B 527 1.11 -7.81 -6.34
N ALA B 528 1.91 -7.60 -7.38
CA ALA B 528 3.25 -7.11 -7.18
C ALA B 528 3.23 -5.75 -6.49
N ALA B 529 2.38 -4.84 -6.96
CA ALA B 529 2.30 -3.51 -6.37
C ALA B 529 1.85 -3.58 -4.92
N ALA B 530 0.85 -4.41 -4.63
CA ALA B 530 0.33 -4.50 -3.27
C ALA B 530 1.40 -5.02 -2.33
N MET B 531 2.06 -6.11 -2.69
CA MET B 531 3.05 -6.66 -1.79
C MET B 531 4.25 -5.73 -1.67
N GLN B 532 4.69 -5.11 -2.76
CA GLN B 532 5.81 -4.19 -2.65
C GLN B 532 5.41 -2.94 -1.88
N SER B 533 4.11 -2.68 -1.76
CA SER B 533 3.68 -1.72 -0.76
C SER B 533 3.87 -2.29 0.63
N PHE B 534 3.61 -3.59 0.77
CA PHE B 534 3.72 -4.25 2.06
C PHE B 534 5.17 -4.54 2.41
N GLN B 535 6.01 -4.77 1.40
CA GLN B 535 7.36 -5.29 1.59
C GLN B 535 7.37 -6.57 2.42
N PRO B 536 6.63 -7.62 2.06
CA PRO B 536 6.73 -8.84 2.84
C PRO B 536 8.09 -9.48 2.67
N ASP B 537 8.43 -10.35 3.60
CA ASP B 537 9.71 -11.02 3.53
C ASP B 537 9.58 -12.52 3.38
N VAL B 538 8.36 -13.06 3.47
CA VAL B 538 8.10 -14.46 3.16
C VAL B 538 6.84 -14.53 2.31
N ILE B 539 6.88 -15.38 1.28
CA ILE B 539 5.77 -15.51 0.36
C ILE B 539 5.23 -16.93 0.45
N LEU B 540 3.92 -17.03 0.63
CA LEU B 540 3.24 -18.29 0.82
C LEU B 540 2.39 -18.61 -0.40
N ALA B 541 2.81 -19.60 -1.16
CA ALA B 541 2.11 -20.02 -2.35
C ALA B 541 1.15 -21.15 -1.99
N LEU B 542 -0.11 -20.99 -2.37
CA LEU B 542 -1.13 -21.94 -1.98
C LEU B 542 -1.81 -22.48 -3.23
N GLY B 543 -2.13 -23.77 -3.24
CA GLY B 543 -3.08 -24.26 -4.24
C GLY B 543 -2.56 -25.06 -5.43
N GLY B 544 -3.17 -24.84 -6.58
CA GLY B 544 -2.93 -25.64 -7.77
C GLY B 544 -2.86 -24.85 -9.06
N GLY B 545 -1.73 -24.98 -9.75
CA GLY B 545 -1.49 -24.29 -11.00
C GLY B 545 -1.34 -22.80 -10.84
N SER B 546 -2.27 -22.06 -11.44
CA SER B 546 -2.09 -20.62 -11.63
C SER B 546 -1.70 -19.86 -10.37
N PRO B 547 -2.28 -20.11 -9.19
CA PRO B 547 -1.91 -19.29 -8.03
C PRO B 547 -0.42 -19.26 -7.75
N MET B 548 0.27 -20.38 -7.90
CA MET B 548 1.64 -20.40 -7.43
C MET B 548 2.58 -19.67 -8.37
N ASP B 549 2.66 -20.14 -9.62
CA ASP B 549 3.63 -19.61 -10.56
C ASP B 549 3.49 -18.11 -10.82
N ALA B 550 2.26 -17.63 -11.01
CA ALA B 550 2.05 -16.19 -11.13
C ALA B 550 2.69 -15.47 -9.95
N ALA B 551 2.43 -15.95 -8.74
CA ALA B 551 3.14 -15.44 -7.58
C ALA B 551 4.63 -15.35 -7.86
N LYS B 552 5.26 -16.50 -8.18
CA LYS B 552 6.68 -16.51 -8.51
C LYS B 552 7.01 -15.33 -9.40
N ILE B 553 6.29 -15.20 -10.51
CA ILE B 553 6.53 -14.12 -11.45
C ILE B 553 6.50 -12.79 -10.72
N MET B 554 5.36 -12.43 -10.15
CA MET B 554 5.29 -11.15 -9.47
C MET B 554 6.21 -11.13 -8.28
N TRP B 555 6.47 -12.30 -7.70
CA TRP B 555 7.51 -12.37 -6.67
C TRP B 555 8.79 -11.76 -7.19
N VAL B 556 9.27 -12.25 -8.34
CA VAL B 556 10.53 -11.75 -8.85
C VAL B 556 10.35 -10.30 -9.28
N MET B 557 9.13 -9.91 -9.60
CA MET B 557 8.91 -8.51 -9.98
C MET B 557 9.14 -7.61 -8.77
N TYR B 558 8.86 -8.13 -7.58
CA TYR B 558 9.23 -7.43 -6.37
C TYR B 558 10.73 -7.31 -6.24
N GLU B 559 11.46 -8.34 -6.65
CA GLU B 559 12.91 -8.35 -6.47
C GLU B 559 13.56 -7.28 -7.33
N HIS B 560 13.16 -7.18 -8.59
CA HIS B 560 13.55 -6.08 -9.48
C HIS B 560 12.34 -5.34 -10.01
N PRO B 561 11.90 -4.31 -9.29
CA PRO B 561 10.86 -3.44 -9.81
C PRO B 561 11.29 -2.71 -11.08
N ASP B 562 12.60 -2.58 -11.30
CA ASP B 562 13.12 -1.73 -12.35
C ASP B 562 12.87 -2.25 -13.76
N THR B 563 13.26 -3.48 -14.04
CA THR B 563 13.25 -3.99 -15.40
C THR B 563 11.84 -4.14 -15.93
N HIS B 564 11.71 -4.10 -17.25
CA HIS B 564 10.50 -4.60 -17.86
C HIS B 564 10.51 -6.13 -17.95
N PHE B 565 9.52 -6.66 -18.67
CA PHE B 565 9.14 -8.05 -18.46
C PHE B 565 9.37 -8.94 -19.67
N GLU B 566 9.25 -8.37 -20.88
CA GLU B 566 9.41 -9.22 -22.06
C GLU B 566 10.71 -9.95 -21.91
N GLU B 567 11.78 -9.18 -21.84
CA GLU B 567 13.12 -9.71 -21.82
C GLU B 567 13.30 -10.71 -20.70
N LEU B 568 12.48 -10.63 -19.65
CA LEU B 568 12.44 -11.77 -18.76
C LEU B 568 11.94 -12.99 -19.51
N ALA B 569 10.86 -12.83 -20.29
CA ALA B 569 10.45 -13.96 -21.14
C ALA B 569 11.33 -14.10 -22.37
N MET B 570 11.64 -13.01 -23.02
CA MET B 570 12.21 -13.02 -24.35
C MET B 570 13.64 -13.49 -24.26
N ARG B 571 14.28 -13.13 -23.16
CA ARG B 571 15.64 -13.48 -22.80
C ARG B 571 15.78 -14.92 -22.36
N PHE B 572 14.78 -15.46 -21.68
CA PHE B 572 14.92 -16.80 -21.09
C PHE B 572 13.70 -17.59 -21.53
N MET B 573 13.85 -18.36 -22.59
CA MET B 573 12.74 -19.07 -23.18
C MET B 573 12.70 -20.55 -22.82
N ASP B 574 13.86 -21.17 -22.62
CA ASP B 574 13.92 -22.59 -22.31
C ASP B 574 15.29 -22.88 -21.68
N ILE B 575 15.68 -24.15 -21.77
CA ILE B 575 16.86 -24.66 -21.11
C ILE B 575 18.08 -24.50 -22.02
N ARG B 576 19.25 -24.56 -21.38
CA ARG B 576 20.53 -24.87 -22.00
C ARG B 576 21.10 -23.71 -22.79
N LYS B 577 20.32 -22.66 -23.01
CA LYS B 577 20.98 -21.43 -23.43
C LYS B 577 21.32 -20.60 -22.21
N ARG B 578 22.31 -21.07 -21.45
CA ARG B 578 22.66 -20.40 -20.21
C ARG B 578 23.47 -19.14 -20.51
N ILE B 579 22.76 -18.21 -21.14
CA ILE B 579 23.33 -17.01 -21.74
C ILE B 579 22.36 -15.86 -21.48
N TYR B 580 22.66 -15.03 -20.51
CA TYR B 580 23.89 -15.13 -19.72
C TYR B 580 23.73 -15.11 -18.21
N LYS B 581 22.87 -14.26 -17.67
CA LYS B 581 22.92 -13.99 -16.23
C LYS B 581 21.56 -14.24 -15.60
N PHE B 582 21.45 -13.82 -14.34
CA PHE B 582 20.20 -14.03 -13.66
C PHE B 582 19.52 -12.68 -13.47
N PRO B 583 18.21 -12.65 -13.37
CA PRO B 583 17.61 -11.67 -12.48
C PRO B 583 17.87 -12.15 -11.07
N LYS B 584 18.26 -11.22 -10.21
CA LYS B 584 19.13 -11.57 -9.11
C LYS B 584 18.34 -11.70 -7.81
N MET B 585 17.81 -12.90 -7.55
CA MET B 585 17.01 -13.17 -6.37
C MET B 585 17.68 -14.16 -5.43
N GLY B 586 16.89 -14.62 -4.46
CA GLY B 586 17.38 -15.02 -3.14
C GLY B 586 17.46 -13.87 -2.18
N LYS B 587 16.70 -12.81 -2.44
CA LYS B 587 17.05 -11.46 -2.01
C LYS B 587 16.48 -11.12 -0.65
N LYS B 588 15.17 -10.91 -0.60
CA LYS B 588 14.47 -10.26 0.48
C LYS B 588 13.15 -10.95 0.77
N ALA B 589 12.95 -12.13 0.19
CA ALA B 589 11.76 -12.94 0.38
C ALA B 589 12.13 -14.38 0.06
N GLU B 590 11.43 -15.30 0.72
CA GLU B 590 11.59 -16.72 0.41
C GLU B 590 10.25 -17.29 -0.01
N LEU B 591 10.29 -18.49 -0.59
CA LEU B 591 9.12 -19.14 -1.18
C LEU B 591 8.74 -20.42 -0.44
N VAL B 592 7.51 -20.45 0.06
CA VAL B 592 6.99 -21.63 0.72
C VAL B 592 5.71 -22.07 0.02
N CYS B 593 5.74 -23.24 -0.61
CA CYS B 593 4.67 -23.68 -1.49
C CYS B 593 3.91 -24.86 -0.93
N ILE B 594 2.61 -24.84 -1.15
CA ILE B 594 1.68 -25.88 -0.74
C ILE B 594 0.88 -26.29 -1.96
N THR B 595 1.06 -27.52 -2.40
CA THR B 595 0.23 -28.01 -3.48
C THR B 595 -1.13 -28.40 -2.94
N THR B 596 -2.12 -28.47 -3.84
CA THR B 596 -3.43 -28.97 -3.44
C THR B 596 -3.93 -30.02 -4.40
N THR B 597 -3.49 -29.96 -5.65
CA THR B 597 -4.00 -30.86 -6.68
C THR B 597 -3.00 -31.99 -6.91
N SER B 598 -3.50 -33.22 -6.83
CA SER B 598 -2.66 -34.38 -7.08
C SER B 598 -2.52 -34.55 -8.58
N GLY B 599 -1.36 -34.18 -9.12
CA GLY B 599 -1.14 -34.35 -10.54
C GLY B 599 -0.29 -33.28 -11.21
N THR B 600 0.04 -32.21 -10.49
CA THR B 600 0.91 -31.18 -11.02
C THR B 600 2.23 -31.17 -10.28
N GLY B 601 3.31 -31.16 -11.06
CA GLY B 601 4.63 -31.08 -10.47
C GLY B 601 5.13 -29.66 -10.55
N SER B 602 4.21 -28.73 -10.73
CA SER B 602 4.58 -27.32 -10.90
C SER B 602 5.26 -26.76 -9.67
N GLU B 603 4.82 -27.16 -8.48
CA GLU B 603 5.32 -26.54 -7.26
C GLU B 603 6.78 -26.90 -7.00
N VAL B 604 7.39 -27.71 -7.86
CA VAL B 604 8.81 -28.00 -7.73
C VAL B 604 9.55 -27.47 -8.95
N THR B 605 8.85 -27.42 -10.09
CA THR B 605 9.50 -27.00 -11.32
C THR B 605 9.80 -25.51 -11.29
N PRO B 606 10.86 -25.10 -11.95
CA PRO B 606 11.15 -23.68 -12.12
C PRO B 606 10.46 -23.11 -13.36
N PHE B 607 9.17 -23.38 -13.48
CA PHE B 607 8.45 -23.01 -14.69
C PHE B 607 7.32 -22.07 -14.35
N ALA B 608 6.94 -21.27 -15.34
CA ALA B 608 5.82 -20.35 -15.20
C ALA B 608 5.23 -20.11 -16.57
N VAL B 609 3.92 -19.90 -16.60
CA VAL B 609 3.20 -19.58 -17.82
C VAL B 609 2.37 -18.34 -17.54
N VAL B 610 2.49 -17.34 -18.40
CA VAL B 610 1.68 -16.14 -18.28
C VAL B 610 1.03 -15.87 -19.63
N THR B 611 -0.17 -15.31 -19.58
CA THR B 611 -0.97 -15.11 -20.77
C THR B 611 -1.19 -13.63 -21.00
N ASP B 612 -1.04 -13.20 -22.25
CA ASP B 612 -1.18 -11.80 -22.61
C ASP B 612 -2.64 -11.38 -22.54
N ASP B 613 -2.88 -10.06 -22.63
CA ASP B 613 -4.24 -9.59 -22.48
C ASP B 613 -4.92 -9.20 -23.79
N LYS B 614 -4.19 -8.89 -24.86
CA LYS B 614 -4.91 -8.66 -26.12
C LYS B 614 -5.61 -9.94 -26.54
N THR B 615 -4.80 -10.88 -26.99
CA THR B 615 -5.17 -12.12 -27.63
C THR B 615 -4.72 -13.34 -26.85
N GLY B 616 -4.19 -13.16 -25.64
CA GLY B 616 -3.73 -14.28 -24.85
C GLY B 616 -2.46 -14.90 -25.35
N ALA B 617 -1.47 -14.09 -25.68
CA ALA B 617 -0.16 -14.60 -26.07
C ALA B 617 0.47 -15.37 -24.92
N LYS B 618 0.94 -16.57 -25.21
CA LYS B 618 1.56 -17.44 -24.22
C LYS B 618 3.01 -17.02 -24.00
N TYR B 619 3.41 -16.95 -22.75
CA TYR B 619 4.79 -16.62 -22.41
C TYR B 619 5.27 -17.67 -21.43
N PRO B 620 6.12 -18.61 -21.87
CA PRO B 620 6.69 -19.60 -20.97
C PRO B 620 8.03 -19.18 -20.38
N LEU B 621 8.15 -19.29 -19.07
CA LEU B 621 9.36 -18.95 -18.32
C LEU B 621 9.95 -20.21 -17.71
N ALA B 622 11.26 -20.37 -17.86
CA ALA B 622 11.92 -21.59 -17.44
C ALA B 622 13.38 -21.31 -17.13
N ASP B 623 13.71 -21.29 -15.84
CA ASP B 623 15.10 -21.28 -15.39
C ASP B 623 15.18 -21.59 -13.90
N TYR B 624 16.21 -22.32 -13.51
CA TYR B 624 16.23 -23.02 -12.23
C TYR B 624 16.15 -22.10 -11.01
N GLU B 625 16.47 -20.82 -11.12
CA GLU B 625 16.31 -20.00 -9.93
C GLU B 625 14.84 -19.77 -9.59
N LEU B 626 13.93 -20.15 -10.48
CA LEU B 626 12.50 -20.09 -10.14
C LEU B 626 12.07 -21.14 -9.14
N THR B 627 12.88 -22.16 -8.89
CA THR B 627 12.46 -23.21 -7.97
C THR B 627 12.26 -22.65 -6.58
N PRO B 628 11.11 -22.90 -5.96
CA PRO B 628 10.92 -22.49 -4.57
C PRO B 628 11.87 -23.25 -3.68
N GLN B 629 12.36 -22.59 -2.64
CA GLN B 629 13.24 -23.31 -1.72
C GLN B 629 12.43 -24.17 -0.77
N MET B 630 11.13 -23.93 -0.67
CA MET B 630 10.32 -24.62 0.32
C MET B 630 9.11 -25.28 -0.32
N ALA B 631 8.99 -26.60 -0.12
CA ALA B 631 7.84 -27.35 -0.64
C ALA B 631 7.28 -28.25 0.45
N ILE B 632 5.95 -28.23 0.60
CA ILE B 632 5.29 -29.09 1.57
C ILE B 632 4.17 -29.85 0.87
N VAL B 633 4.12 -31.14 1.10
CA VAL B 633 3.16 -32.03 0.47
C VAL B 633 2.41 -32.70 1.61
N ASP B 634 1.30 -32.11 2.02
CA ASP B 634 0.40 -32.71 3.00
C ASP B 634 -0.70 -33.45 2.25
N ALA B 635 -1.39 -34.32 2.98
CA ALA B 635 -2.56 -34.95 2.43
C ALA B 635 -3.85 -34.32 2.91
N ASN B 636 -3.89 -33.85 4.17
CA ASN B 636 -5.14 -33.44 4.81
C ASN B 636 -6.10 -32.81 3.81
N LEU B 637 -5.54 -32.02 2.91
CA LEU B 637 -6.29 -31.42 1.82
C LEU B 637 -7.22 -32.40 1.09
N VAL B 638 -6.71 -33.34 0.30
CA VAL B 638 -7.68 -33.95 -0.61
C VAL B 638 -8.01 -35.37 -0.17
N MET B 639 -9.00 -35.44 0.71
CA MET B 639 -9.90 -36.56 0.89
C MET B 639 -11.25 -36.26 0.24
N ASN B 640 -11.61 -34.99 0.15
CA ASN B 640 -12.93 -34.60 -0.30
C ASN B 640 -12.98 -34.10 -1.74
N MET B 641 -11.83 -33.91 -2.38
CA MET B 641 -11.86 -33.48 -3.76
C MET B 641 -12.43 -34.59 -4.64
N PRO B 642 -13.43 -34.30 -5.46
CA PRO B 642 -14.26 -35.36 -6.03
C PRO B 642 -13.70 -35.94 -7.33
N LYS B 643 -14.22 -37.11 -7.67
CA LYS B 643 -14.00 -37.71 -8.98
C LYS B 643 -14.74 -36.89 -10.02
N SER B 644 -14.15 -36.81 -11.21
CA SER B 644 -12.88 -37.45 -11.51
C SER B 644 -11.79 -36.42 -11.73
N LEU B 645 -11.91 -35.28 -11.05
CA LEU B 645 -10.80 -34.34 -11.06
C LEU B 645 -9.55 -34.99 -10.52
N THR B 646 -9.74 -35.88 -9.55
CA THR B 646 -8.72 -36.85 -9.17
C THR B 646 -8.09 -37.47 -10.42
N ALA B 647 -8.94 -38.04 -11.28
CA ALA B 647 -8.44 -38.68 -12.49
C ALA B 647 -7.71 -37.69 -13.36
N PHE B 648 -8.22 -36.46 -13.46
CA PHE B 648 -7.60 -35.48 -14.32
C PHE B 648 -6.16 -35.22 -13.89
N GLY B 649 -5.97 -34.92 -12.61
CA GLY B 649 -4.62 -34.70 -12.12
C GLY B 649 -3.73 -35.92 -12.27
N GLY B 650 -4.25 -37.09 -11.90
CA GLY B 650 -3.45 -38.30 -12.00
C GLY B 650 -3.01 -38.57 -13.41
N TYR B 651 -3.91 -38.38 -14.37
CA TYR B 651 -3.56 -38.61 -15.77
C TYR B 651 -2.57 -37.58 -16.26
N ASP B 652 -2.67 -36.33 -15.79
CA ASP B 652 -1.63 -35.36 -16.13
C ASP B 652 -0.27 -35.84 -15.66
N ALA B 653 -0.20 -36.30 -14.41
CA ALA B 653 1.07 -36.80 -13.89
C ALA B 653 1.54 -38.00 -14.69
N VAL B 654 0.62 -38.87 -15.06
CA VAL B 654 0.95 -40.05 -15.83
C VAL B 654 1.64 -39.65 -17.13
N THR B 655 1.02 -38.72 -17.85
CA THR B 655 1.62 -38.18 -19.05
C THR B 655 3.01 -37.62 -18.76
N HIS B 656 3.12 -36.81 -17.71
CA HIS B 656 4.40 -36.23 -17.35
C HIS B 656 5.45 -37.31 -17.26
N ALA B 657 5.13 -38.40 -16.58
CA ALA B 657 6.11 -39.45 -16.37
C ALA B 657 6.50 -40.14 -17.67
N LEU B 658 5.51 -40.63 -18.42
CA LEU B 658 5.89 -41.44 -19.58
C LEU B 658 6.64 -40.61 -20.60
N GLU B 659 6.22 -39.37 -20.79
CA GLU B 659 7.01 -38.52 -21.67
C GLU B 659 8.40 -38.31 -21.12
N ALA B 660 8.54 -38.11 -19.81
CA ALA B 660 9.85 -37.78 -19.26
C ALA B 660 10.83 -38.92 -19.51
N TYR B 661 10.38 -40.15 -19.30
CA TYR B 661 11.32 -41.26 -19.41
C TYR B 661 11.88 -41.38 -20.82
N VAL B 662 11.05 -41.19 -21.83
CA VAL B 662 11.45 -41.43 -23.21
C VAL B 662 12.08 -40.18 -23.80
N SER B 663 12.08 -39.09 -23.03
CA SER B 663 12.63 -37.83 -23.53
C SER B 663 14.12 -37.99 -23.84
N VAL B 664 14.58 -37.31 -24.88
CA VAL B 664 16.00 -37.38 -25.20
C VAL B 664 16.83 -36.71 -24.12
N LEU B 665 16.24 -35.79 -23.38
CA LEU B 665 16.93 -35.17 -22.26
C LEU B 665 17.01 -36.08 -21.05
N ALA B 666 16.38 -37.25 -21.12
CA ALA B 666 16.36 -38.16 -19.98
C ALA B 666 17.77 -38.61 -19.64
N ASN B 667 18.28 -38.15 -18.51
CA ASN B 667 19.45 -38.77 -17.95
C ASN B 667 19.03 -40.02 -17.18
N GLU B 668 20.03 -40.71 -16.63
CA GLU B 668 19.73 -41.80 -15.72
C GLU B 668 19.00 -41.29 -14.49
N TYR B 669 19.15 -40.00 -14.18
CA TYR B 669 18.72 -39.49 -12.89
C TYR B 669 17.21 -39.58 -12.75
N SER B 670 16.48 -39.13 -13.78
CA SER B 670 15.02 -39.12 -13.73
C SER B 670 14.44 -40.51 -13.87
N ASP B 671 15.20 -41.44 -14.43
CA ASP B 671 14.65 -42.76 -14.68
C ASP B 671 14.21 -43.42 -13.38
N GLY B 672 15.00 -43.29 -12.32
CA GLY B 672 14.70 -44.00 -11.09
C GLY B 672 13.32 -43.67 -10.56
N GLN B 673 13.12 -42.46 -10.07
CA GLN B 673 11.83 -42.15 -9.48
C GLN B 673 10.72 -42.00 -10.51
N ALA B 674 11.03 -41.77 -11.80
CA ALA B 674 9.96 -41.86 -12.80
C ALA B 674 9.40 -43.27 -12.84
N LEU B 675 10.29 -44.26 -12.98
CA LEU B 675 9.89 -45.65 -12.91
C LEU B 675 9.15 -45.94 -11.62
N GLN B 676 9.63 -45.37 -10.52
CA GLN B 676 9.01 -45.61 -9.23
C GLN B 676 7.56 -45.16 -9.23
N ALA B 677 7.32 -43.92 -9.62
CA ALA B 677 5.97 -43.39 -9.61
C ALA B 677 5.07 -44.18 -10.54
N LEU B 678 5.57 -44.52 -11.73
CA LEU B 678 4.77 -45.30 -12.65
C LEU B 678 4.40 -46.65 -12.07
N LYS B 679 5.37 -47.35 -11.49
CA LYS B 679 5.08 -48.65 -10.91
C LYS B 679 4.06 -48.52 -9.80
N MET B 680 4.23 -47.52 -8.94
CA MET B 680 3.45 -47.47 -7.71
C MET B 680 2.06 -46.91 -7.97
N LEU B 681 1.84 -46.32 -9.13
CA LEU B 681 0.52 -45.73 -9.33
C LEU B 681 -0.53 -46.75 -9.78
N LYS B 682 -0.08 -47.80 -10.47
CA LYS B 682 -1.00 -48.71 -11.15
C LYS B 682 -1.96 -49.39 -10.21
N GLU B 683 -1.64 -49.45 -8.92
CA GLU B 683 -2.51 -50.11 -7.94
C GLU B 683 -3.45 -49.12 -7.29
N TYR B 684 -2.97 -47.92 -7.02
CA TYR B 684 -3.68 -46.99 -6.17
C TYR B 684 -4.56 -46.04 -6.95
N LEU B 685 -4.40 -45.96 -8.27
CA LEU B 685 -5.39 -45.22 -9.05
C LEU B 685 -6.78 -45.83 -8.97
N PRO B 686 -7.00 -47.11 -9.29
CA PRO B 686 -8.38 -47.62 -9.26
C PRO B 686 -8.98 -47.52 -7.89
N SER B 687 -8.20 -47.81 -6.85
CA SER B 687 -8.72 -47.73 -5.50
C SER B 687 -9.11 -46.31 -5.14
N SER B 688 -8.19 -45.37 -5.29
CA SER B 688 -8.49 -44.00 -4.88
C SER B 688 -9.62 -43.42 -5.69
N TYR B 689 -9.67 -43.75 -6.98
CA TYR B 689 -10.77 -43.30 -7.81
C TYR B 689 -12.10 -43.87 -7.33
N ALA B 690 -12.11 -45.16 -7.00
CA ALA B 690 -13.32 -45.75 -6.44
C ALA B 690 -13.49 -45.40 -4.98
N ASN B 691 -12.40 -45.37 -4.22
CA ASN B 691 -12.47 -45.23 -2.77
C ASN B 691 -11.77 -43.95 -2.33
N GLY B 692 -12.49 -43.13 -1.59
CA GLY B 692 -11.98 -41.90 -1.04
C GLY B 692 -13.17 -41.05 -0.67
N ALA B 693 -13.19 -40.50 0.54
CA ALA B 693 -12.08 -40.63 1.47
C ALA B 693 -12.08 -41.91 2.30
N LYS B 694 -12.90 -42.89 1.90
CA LYS B 694 -12.94 -44.13 2.65
C LYS B 694 -11.58 -44.81 2.70
N ASP B 695 -10.71 -44.49 1.74
CA ASP B 695 -9.39 -45.08 1.66
C ASP B 695 -8.33 -44.00 1.83
N PRO B 696 -8.02 -43.61 3.07
CA PRO B 696 -6.94 -42.64 3.26
C PRO B 696 -5.58 -43.30 3.15
N ILE B 697 -5.44 -44.20 2.18
CA ILE B 697 -4.18 -44.85 1.85
C ILE B 697 -3.83 -44.42 0.45
N ALA B 698 -4.65 -44.82 -0.52
CA ALA B 698 -4.30 -44.59 -1.91
C ALA B 698 -4.20 -43.11 -2.22
N ARG B 699 -5.01 -42.28 -1.56
CA ARG B 699 -5.06 -40.86 -1.92
C ARG B 699 -3.71 -40.19 -1.68
N GLU B 700 -3.17 -40.31 -0.48
CA GLU B 700 -1.86 -39.72 -0.26
C GLU B 700 -0.78 -40.43 -1.04
N LYS B 701 -0.97 -41.72 -1.33
CA LYS B 701 0.01 -42.42 -2.15
C LYS B 701 0.10 -41.79 -3.53
N VAL B 702 -1.03 -41.55 -4.18
CA VAL B 702 -0.98 -40.97 -5.51
C VAL B 702 -0.56 -39.51 -5.42
N HIS B 703 -0.87 -38.85 -4.30
CA HIS B 703 -0.36 -37.50 -4.11
C HIS B 703 1.16 -37.50 -4.16
N ASN B 704 1.78 -38.39 -3.39
CA ASN B 704 3.24 -38.49 -3.41
C ASN B 704 3.72 -38.88 -4.79
N ALA B 705 3.00 -39.76 -5.47
CA ALA B 705 3.40 -40.17 -6.81
C ALA B 705 3.44 -38.98 -7.75
N ALA B 706 2.43 -38.12 -7.68
CA ALA B 706 2.40 -36.93 -8.52
C ALA B 706 3.57 -36.02 -8.18
N THR B 707 3.86 -35.87 -6.89
CA THR B 707 5.02 -35.07 -6.51
C THR B 707 6.30 -35.64 -7.10
N ILE B 708 6.42 -36.96 -7.09
CA ILE B 708 7.58 -37.61 -7.67
C ILE B 708 7.66 -37.37 -9.16
N ALA B 709 6.50 -37.40 -9.83
CA ALA B 709 6.50 -37.08 -11.25
C ALA B 709 7.02 -35.67 -11.48
N GLY B 710 6.59 -34.73 -10.65
CA GLY B 710 7.11 -33.38 -10.74
C GLY B 710 8.61 -33.34 -10.53
N ILE B 711 9.11 -34.14 -9.61
CA ILE B 711 10.54 -34.31 -9.46
C ILE B 711 11.14 -34.75 -10.79
N ALA B 712 10.47 -35.70 -11.44
CA ALA B 712 11.02 -36.30 -12.64
C ALA B 712 11.17 -35.28 -13.75
N PHE B 713 10.05 -34.76 -14.26
CA PHE B 713 10.25 -33.90 -15.42
C PHE B 713 10.71 -32.51 -15.03
N ALA B 714 11.15 -32.31 -13.78
CA ALA B 714 11.79 -31.06 -13.42
C ALA B 714 13.09 -30.86 -14.16
N ASN B 715 13.71 -31.95 -14.64
CA ASN B 715 14.92 -31.87 -15.45
C ASN B 715 14.71 -32.36 -16.86
N ALA B 716 13.91 -33.39 -17.06
CA ALA B 716 13.55 -33.85 -18.39
C ALA B 716 12.34 -33.06 -18.85
N PHE B 717 12.47 -32.38 -19.97
CA PHE B 717 11.39 -31.52 -20.42
C PHE B 717 10.20 -32.30 -20.95
N LEU B 718 9.15 -31.57 -21.30
CA LEU B 718 7.88 -32.17 -21.67
C LEU B 718 7.94 -32.75 -23.08
N GLY B 719 6.91 -33.52 -23.42
CA GLY B 719 6.74 -34.06 -24.74
C GLY B 719 5.80 -33.21 -25.58
N VAL B 720 5.77 -33.52 -26.87
CA VAL B 720 4.98 -32.74 -27.81
C VAL B 720 3.50 -32.78 -27.42
N CYS B 721 3.06 -33.94 -26.94
CA CYS B 721 1.68 -34.07 -26.50
C CYS B 721 1.34 -33.04 -25.44
N HIS B 722 2.30 -32.68 -24.58
CA HIS B 722 1.92 -31.83 -23.46
C HIS B 722 1.53 -30.43 -23.91
N SER B 723 2.39 -29.75 -24.67
CA SER B 723 2.01 -28.43 -25.14
C SER B 723 0.84 -28.52 -26.12
N MET B 724 0.80 -29.59 -26.89
CA MET B 724 -0.31 -29.75 -27.81
C MET B 724 -1.62 -29.80 -27.05
N ALA B 725 -1.64 -30.51 -25.92
CA ALA B 725 -2.82 -30.55 -25.08
C ALA B 725 -3.05 -29.20 -24.39
N HIS B 726 -1.97 -28.51 -24.04
CA HIS B 726 -2.11 -27.11 -23.65
C HIS B 726 -2.99 -26.38 -24.63
N LYS B 727 -2.76 -26.63 -25.91
CA LYS B 727 -3.50 -25.90 -26.93
C LYS B 727 -4.96 -26.32 -26.95
N ILE B 728 -5.21 -27.62 -27.10
CA ILE B 728 -6.59 -28.12 -27.11
C ILE B 728 -7.37 -27.57 -25.92
N GLY B 729 -6.77 -27.60 -24.74
CA GLY B 729 -7.39 -26.94 -23.61
C GLY B 729 -7.59 -25.46 -23.86
N ALA B 730 -6.64 -24.83 -24.56
CA ALA B 730 -6.70 -23.38 -24.74
C ALA B 730 -7.93 -22.96 -25.52
N GLU B 731 -8.18 -23.53 -26.69
CA GLU B 731 -9.29 -22.99 -27.48
C GLU B 731 -10.64 -23.42 -26.92
N PHE B 732 -10.77 -24.66 -26.48
CA PHE B 732 -12.07 -25.19 -26.11
C PHE B 732 -12.31 -25.14 -24.61
N HIS B 733 -11.47 -24.44 -23.86
CA HIS B 733 -11.61 -24.30 -22.41
C HIS B 733 -11.59 -25.66 -21.71
N LEU B 734 -11.05 -26.66 -22.37
CA LEU B 734 -10.95 -27.99 -21.77
C LEU B 734 -9.90 -27.99 -20.66
N PRO B 735 -10.15 -28.69 -19.57
CA PRO B 735 -9.15 -28.72 -18.50
C PRO B 735 -7.91 -29.47 -18.92
N HIS B 736 -6.80 -29.10 -18.29
CA HIS B 736 -5.58 -29.85 -18.47
C HIS B 736 -5.73 -31.23 -17.84
N GLY B 737 -4.88 -32.16 -18.24
CA GLY B 737 -4.81 -33.43 -17.56
C GLY B 737 -5.64 -34.51 -18.20
N LEU B 738 -6.82 -34.16 -18.70
CA LEU B 738 -7.59 -35.10 -19.49
C LEU B 738 -7.47 -34.85 -20.99
N ALA B 739 -7.20 -33.61 -21.39
CA ALA B 739 -7.01 -33.33 -22.81
C ALA B 739 -5.86 -34.15 -23.36
N ASN B 740 -4.71 -34.08 -22.70
CA ASN B 740 -3.59 -34.94 -23.06
C ASN B 740 -3.93 -36.41 -22.89
N ALA B 741 -4.73 -36.72 -21.86
CA ALA B 741 -5.08 -38.11 -21.58
C ALA B 741 -5.88 -38.71 -22.73
N LEU B 742 -6.44 -37.87 -23.60
CA LEU B 742 -7.12 -38.38 -24.78
C LEU B 742 -6.15 -38.64 -25.92
N LEU B 743 -4.90 -38.25 -25.75
CA LEU B 743 -3.94 -38.26 -26.84
C LEU B 743 -2.92 -39.37 -26.70
N ILE B 744 -2.55 -39.71 -25.45
CA ILE B 744 -1.32 -40.46 -25.20
C ILE B 744 -1.25 -41.63 -26.15
N ALA B 745 -2.39 -42.28 -26.35
CA ALA B 745 -2.45 -43.50 -27.14
C ALA B 745 -1.77 -43.28 -28.48
N ASN B 746 -2.38 -42.47 -29.34
CA ASN B 746 -1.80 -42.28 -30.66
C ASN B 746 -0.38 -41.78 -30.55
N VAL B 747 -0.08 -41.03 -29.48
CA VAL B 747 1.22 -40.44 -29.33
C VAL B 747 2.30 -41.51 -29.38
N VAL B 748 2.13 -42.57 -28.60
CA VAL B 748 3.18 -43.58 -28.57
C VAL B 748 3.15 -44.38 -29.88
N ARG B 749 1.99 -44.47 -30.50
CA ARG B 749 1.91 -45.07 -31.82
C ARG B 749 2.70 -44.25 -32.82
N TYR B 750 2.79 -42.94 -32.60
CA TYR B 750 3.73 -42.15 -33.38
C TYR B 750 5.16 -42.59 -33.09
N ASN B 751 5.45 -42.80 -31.81
CA ASN B 751 6.74 -43.36 -31.43
C ASN B 751 6.84 -44.83 -31.81
N ALA B 752 5.71 -45.46 -32.15
CA ALA B 752 5.74 -46.86 -32.55
C ALA B 752 6.34 -46.94 -33.94
N ASN B 753 7.66 -46.89 -34.00
CA ASN B 753 8.38 -46.91 -35.26
C ASN B 753 9.65 -47.74 -35.12
N ASP B 754 9.96 -48.49 -36.16
CA ASP B 754 11.20 -49.28 -36.12
C ASP B 754 12.37 -48.38 -36.47
N ASN B 755 12.38 -47.79 -37.66
CA ASN B 755 13.50 -46.97 -38.08
C ASN B 755 13.16 -46.01 -39.20
N PRO B 756 12.20 -45.11 -39.02
CA PRO B 756 11.95 -44.09 -40.05
C PRO B 756 12.99 -42.99 -39.92
N THR B 757 13.97 -43.01 -40.82
CA THR B 757 15.01 -41.99 -40.82
C THR B 757 14.63 -40.88 -41.81
N LYS B 758 13.40 -40.41 -41.67
CA LYS B 758 12.87 -39.34 -42.50
C LYS B 758 13.19 -37.97 -41.94
N GLN B 759 13.09 -37.79 -40.63
CA GLN B 759 13.33 -36.50 -40.03
C GLN B 759 14.10 -36.59 -38.73
N THR B 760 14.45 -37.79 -38.29
CA THR B 760 15.16 -37.97 -37.04
C THR B 760 16.56 -37.39 -37.13
N ALA B 761 17.06 -36.92 -36.00
CA ALA B 761 18.39 -36.31 -35.92
C ALA B 761 19.19 -36.96 -34.82
N PHE B 762 20.39 -37.40 -35.17
CA PHE B 762 21.35 -37.92 -34.20
C PHE B 762 20.75 -39.08 -33.42
N SER B 763 20.18 -40.00 -34.17
CA SER B 763 19.38 -41.07 -33.59
C SER B 763 20.24 -42.03 -32.79
N GLN B 764 21.35 -42.48 -33.36
CA GLN B 764 22.14 -43.57 -32.80
C GLN B 764 23.25 -43.06 -31.89
N TYR B 765 23.01 -41.94 -31.21
CA TYR B 765 24.00 -41.31 -30.37
C TYR B 765 23.84 -41.70 -28.90
N ASP B 766 22.67 -41.44 -28.35
CA ASP B 766 22.35 -41.73 -26.97
C ASP B 766 21.00 -42.41 -26.82
N ARG B 767 20.11 -42.23 -27.78
CA ARG B 767 18.78 -42.80 -27.73
C ARG B 767 18.70 -43.91 -28.76
N PRO B 768 19.04 -45.13 -28.43
CA PRO B 768 19.07 -46.19 -29.46
C PRO B 768 17.72 -46.44 -30.09
N GLN B 769 16.70 -46.69 -29.27
CA GLN B 769 15.36 -46.90 -29.77
C GLN B 769 14.35 -46.79 -28.64
N ALA B 770 13.32 -45.97 -28.87
CA ALA B 770 12.29 -45.80 -27.86
C ALA B 770 11.52 -47.09 -27.63
N ARG B 771 11.29 -47.86 -28.70
CA ARG B 771 10.54 -49.11 -28.58
C ARG B 771 11.12 -49.98 -27.47
N ARG B 772 12.44 -50.10 -27.43
CA ARG B 772 13.06 -50.91 -26.40
C ARG B 772 12.75 -50.35 -25.04
N ARG B 773 12.80 -49.02 -24.92
CA ARG B 773 12.54 -48.38 -23.64
C ARG B 773 11.14 -48.69 -23.16
N TYR B 774 10.19 -48.61 -24.09
CA TYR B 774 8.81 -48.94 -23.77
C TYR B 774 8.69 -50.38 -23.32
N ALA B 775 9.39 -51.29 -24.00
CA ALA B 775 9.32 -52.69 -23.63
C ALA B 775 9.94 -52.92 -22.25
N GLU B 776 10.98 -52.16 -21.93
CA GLU B 776 11.55 -52.22 -20.59
C GLU B 776 10.53 -51.79 -19.57
N VAL B 777 9.74 -50.78 -19.90
CA VAL B 777 8.63 -50.39 -19.03
C VAL B 777 7.65 -51.56 -18.89
N ALA B 778 7.33 -52.20 -20.01
CA ALA B 778 6.32 -53.25 -20.03
C ALA B 778 6.71 -54.40 -19.11
N ASP B 779 7.82 -55.04 -19.43
CA ASP B 779 8.30 -56.13 -18.58
C ASP B 779 8.66 -55.62 -17.19
N HIS B 780 8.95 -54.33 -17.07
CA HIS B 780 9.32 -53.78 -15.78
C HIS B 780 8.11 -53.67 -14.88
N LEU B 781 6.93 -53.50 -15.47
CA LEU B 781 5.68 -53.76 -14.79
C LEU B 781 5.36 -55.25 -14.75
N GLY B 782 6.06 -56.06 -15.55
CA GLY B 782 5.58 -57.39 -15.83
C GLY B 782 4.33 -57.41 -16.66
N LEU B 783 4.20 -56.48 -17.60
CA LEU B 783 3.03 -56.39 -18.47
C LEU B 783 3.25 -57.19 -19.75
N SER B 784 4.05 -58.24 -19.67
CA SER B 784 4.44 -58.97 -20.86
C SER B 784 4.62 -60.44 -20.51
N GLN B 785 4.30 -61.31 -21.47
CA GLN B 785 4.67 -62.70 -21.35
C GLN B 785 6.19 -62.80 -21.29
N PRO B 786 6.73 -63.69 -20.47
CA PRO B 786 8.19 -63.87 -20.47
C PRO B 786 8.78 -64.15 -21.85
N GLY B 787 8.06 -64.91 -22.68
CA GLY B 787 8.47 -65.05 -24.06
C GLY B 787 7.69 -64.12 -24.96
N ASP B 788 8.28 -62.97 -25.30
CA ASP B 788 7.61 -61.95 -26.08
C ASP B 788 8.60 -61.27 -27.00
N ARG B 789 8.07 -60.62 -28.04
CA ARG B 789 8.83 -59.64 -28.77
C ARG B 789 8.46 -58.25 -28.26
N THR B 790 9.19 -57.25 -28.74
CA THR B 790 8.96 -55.88 -28.28
C THR B 790 7.53 -55.45 -28.56
N ALA B 791 7.12 -55.48 -29.83
CA ALA B 791 5.82 -54.96 -30.21
C ALA B 791 4.70 -55.65 -29.45
N GLN B 792 4.88 -56.92 -29.12
CA GLN B 792 3.93 -57.61 -28.26
C GLN B 792 3.79 -56.88 -26.93
N LYS B 793 4.93 -56.59 -26.30
CA LYS B 793 4.92 -55.87 -25.04
C LYS B 793 4.30 -54.49 -25.21
N ILE B 794 4.52 -53.88 -26.37
CA ILE B 794 4.05 -52.53 -26.61
C ILE B 794 2.53 -52.49 -26.68
N GLU B 795 1.95 -53.41 -27.44
CA GLU B 795 0.49 -53.47 -27.53
C GLU B 795 -0.10 -53.84 -26.19
N ARG B 796 0.56 -54.72 -25.44
CA ARG B 796 0.13 -54.97 -24.06
C ARG B 796 0.15 -53.69 -23.25
N LEU B 797 1.21 -52.90 -23.39
CA LEU B 797 1.30 -51.63 -22.67
C LEU B 797 0.11 -50.74 -22.96
N LEU B 798 -0.17 -50.50 -24.23
CA LEU B 798 -1.14 -49.46 -24.46
C LEU B 798 -2.54 -50.01 -24.37
N THR B 799 -2.71 -51.32 -24.51
CA THR B 799 -3.97 -51.93 -24.09
C THR B 799 -4.23 -51.72 -22.61
N TRP B 800 -3.20 -52.00 -21.80
CA TRP B 800 -3.28 -51.71 -20.37
C TRP B 800 -3.78 -50.32 -20.13
N LEU B 801 -3.12 -49.32 -20.72
CA LEU B 801 -3.61 -47.96 -20.52
C LEU B 801 -5.00 -47.78 -21.09
N ASP B 802 -5.35 -48.49 -22.16
CA ASP B 802 -6.65 -48.32 -22.79
C ASP B 802 -7.77 -48.62 -21.82
N GLU B 803 -7.90 -49.86 -21.39
CA GLU B 803 -9.04 -50.09 -20.50
C GLU B 803 -8.74 -49.65 -19.07
N LEU B 804 -7.49 -49.31 -18.77
CA LEU B 804 -7.25 -48.60 -17.51
C LEU B 804 -7.97 -47.27 -17.51
N LYS B 805 -7.78 -46.48 -18.56
CA LYS B 805 -8.47 -45.21 -18.65
C LYS B 805 -9.96 -45.40 -18.95
N VAL B 806 -10.33 -46.57 -19.47
CA VAL B 806 -11.75 -46.96 -19.44
C VAL B 806 -12.26 -46.95 -18.02
N ASN B 807 -11.46 -47.52 -17.10
CA ASN B 807 -11.94 -47.69 -15.73
C ASN B 807 -12.36 -46.38 -15.10
N LEU B 808 -11.80 -45.26 -15.56
CA LEU B 808 -12.04 -43.98 -14.92
C LEU B 808 -13.01 -43.12 -15.71
N ASP B 809 -13.85 -43.74 -16.55
CA ASP B 809 -15.07 -43.12 -17.05
C ASP B 809 -14.77 -41.83 -17.81
N ILE B 810 -14.07 -42.00 -18.92
CA ILE B 810 -13.67 -40.87 -19.76
C ILE B 810 -14.07 -41.18 -21.18
N PRO B 811 -14.42 -40.16 -21.97
CA PRO B 811 -14.76 -40.40 -23.37
C PRO B 811 -13.55 -40.89 -24.15
N LYS B 812 -13.83 -41.61 -25.22
CA LYS B 812 -12.76 -42.24 -25.99
C LYS B 812 -12.54 -41.60 -27.34
N SER B 813 -13.39 -40.67 -27.72
CA SER B 813 -13.18 -39.82 -28.88
C SER B 813 -13.58 -38.41 -28.49
N ILE B 814 -12.86 -37.42 -29.02
CA ILE B 814 -13.07 -36.06 -28.53
C ILE B 814 -14.45 -35.56 -28.94
N GLN B 815 -15.02 -36.13 -30.01
CA GLN B 815 -16.43 -35.89 -30.28
C GLN B 815 -17.29 -36.42 -29.15
N ALA B 816 -16.94 -37.59 -28.61
CA ALA B 816 -17.60 -38.08 -27.41
C ALA B 816 -17.31 -37.19 -26.22
N ALA B 817 -16.27 -36.36 -26.30
CA ALA B 817 -16.02 -35.37 -25.27
C ALA B 817 -16.86 -34.11 -25.46
N GLY B 818 -17.60 -33.99 -26.55
CA GLY B 818 -18.50 -32.89 -26.72
C GLY B 818 -17.91 -31.68 -27.43
N VAL B 819 -17.38 -31.90 -28.63
CA VAL B 819 -16.75 -30.84 -29.41
C VAL B 819 -17.39 -30.80 -30.79
N ALA B 820 -17.82 -29.61 -31.21
CA ALA B 820 -18.25 -29.41 -32.58
C ALA B 820 -17.08 -29.60 -33.53
N GLU B 821 -17.23 -30.56 -34.44
CA GLU B 821 -16.11 -31.04 -35.25
C GLU B 821 -15.94 -30.34 -36.58
N ALA B 822 -16.99 -29.71 -37.11
CA ALA B 822 -16.84 -28.95 -38.34
C ALA B 822 -15.76 -27.88 -38.17
N ASP B 823 -15.87 -27.09 -37.11
CA ASP B 823 -14.87 -26.07 -36.81
C ASP B 823 -13.57 -26.70 -36.36
N PHE B 824 -13.63 -27.85 -35.68
CA PHE B 824 -12.42 -28.63 -35.44
C PHE B 824 -11.61 -28.74 -36.72
N LEU B 825 -12.22 -29.29 -37.78
CA LEU B 825 -11.49 -29.38 -39.03
C LEU B 825 -11.13 -28.00 -39.55
N ALA B 826 -12.03 -27.03 -39.35
CA ALA B 826 -11.79 -25.69 -39.88
C ALA B 826 -10.52 -25.07 -39.31
N LYS B 827 -10.18 -25.39 -38.06
CA LYS B 827 -9.19 -24.60 -37.34
C LYS B 827 -8.05 -25.44 -36.77
N VAL B 828 -8.14 -26.76 -36.92
CA VAL B 828 -7.03 -27.66 -36.62
C VAL B 828 -5.82 -27.32 -37.47
N ASP B 829 -6.04 -26.67 -38.61
CA ASP B 829 -4.94 -26.39 -39.51
C ASP B 829 -3.89 -25.51 -38.84
N GLU B 830 -4.31 -24.37 -38.29
CA GLU B 830 -3.37 -23.49 -37.60
C GLU B 830 -3.11 -23.98 -36.18
N LEU B 831 -4.08 -24.68 -35.60
CA LEU B 831 -3.81 -25.39 -34.35
C LEU B 831 -2.56 -26.24 -34.47
N ALA B 832 -2.42 -26.96 -35.58
CA ALA B 832 -1.28 -27.84 -35.77
C ALA B 832 0.02 -27.06 -35.94
N VAL B 833 -0.03 -25.94 -36.64
CA VAL B 833 1.21 -25.22 -36.89
C VAL B 833 1.75 -24.64 -35.60
N GLU B 834 0.87 -24.09 -34.75
CA GLU B 834 1.38 -23.66 -33.46
C GLU B 834 1.68 -24.85 -32.56
N ALA B 835 0.99 -25.97 -32.74
CA ALA B 835 1.32 -27.19 -32.03
C ALA B 835 2.73 -27.65 -32.35
N PHE B 836 3.24 -27.35 -33.54
CA PHE B 836 4.60 -27.75 -33.88
C PHE B 836 5.62 -27.07 -32.97
N ASP B 837 5.65 -25.75 -32.97
CA ASP B 837 6.74 -25.00 -32.37
C ASP B 837 6.50 -24.64 -30.91
N ASP B 838 5.36 -25.04 -30.34
CA ASP B 838 5.07 -24.73 -28.94
C ASP B 838 6.04 -25.50 -28.04
N GLN B 839 7.26 -24.98 -27.95
CA GLN B 839 8.26 -25.46 -26.99
C GLN B 839 8.28 -26.99 -26.89
N CYS B 840 8.17 -27.64 -28.04
CA CYS B 840 8.16 -29.11 -28.12
C CYS B 840 8.94 -29.65 -29.33
N THR B 841 10.23 -29.36 -29.49
CA THR B 841 11.14 -28.48 -28.75
C THR B 841 11.08 -28.27 -27.23
N GLY B 842 10.96 -29.33 -26.43
CA GLY B 842 10.76 -30.70 -26.90
C GLY B 842 11.94 -31.61 -27.00
N ALA B 843 12.00 -32.55 -26.06
CA ALA B 843 12.91 -33.67 -26.12
C ALA B 843 12.33 -34.81 -26.92
N ASN B 844 11.35 -34.53 -27.76
CA ASN B 844 10.75 -35.55 -28.59
C ASN B 844 11.84 -36.15 -29.47
N PRO B 845 12.07 -37.46 -29.35
CA PRO B 845 13.18 -38.06 -30.12
C PRO B 845 13.03 -37.89 -31.62
N ARG B 846 11.82 -37.86 -32.15
CA ARG B 846 11.62 -37.73 -33.58
C ARG B 846 11.01 -36.38 -33.93
N TYR B 847 11.42 -35.83 -35.06
CA TYR B 847 10.67 -34.74 -35.65
C TYR B 847 9.24 -35.15 -35.97
N PRO B 848 8.29 -34.30 -35.63
CA PRO B 848 7.01 -34.26 -36.34
C PRO B 848 7.09 -33.22 -37.45
N LEU B 849 6.23 -33.38 -38.45
CA LEU B 849 5.92 -32.27 -39.35
C LEU B 849 4.44 -31.99 -39.26
N ILE B 850 4.03 -30.89 -39.88
CA ILE B 850 2.65 -30.43 -39.75
C ILE B 850 1.67 -31.52 -40.12
N ALA B 851 2.01 -32.34 -41.12
CA ALA B 851 1.08 -33.34 -41.60
C ALA B 851 0.71 -34.33 -40.50
N GLU B 852 1.71 -34.93 -39.85
CA GLU B 852 1.45 -35.99 -38.90
C GLU B 852 0.60 -35.52 -37.73
N LEU B 853 0.86 -34.31 -37.24
CA LEU B 853 0.02 -33.75 -36.19
C LEU B 853 -1.44 -33.79 -36.59
N LYS B 854 -1.74 -33.39 -37.82
CA LYS B 854 -3.11 -33.34 -38.27
C LYS B 854 -3.73 -34.73 -38.30
N GLU B 855 -2.98 -35.73 -38.76
CA GLU B 855 -3.46 -37.10 -38.74
C GLU B 855 -3.80 -37.52 -37.33
N VAL B 856 -2.89 -37.24 -36.40
CA VAL B 856 -3.09 -37.63 -35.01
C VAL B 856 -4.32 -36.96 -34.44
N LEU B 857 -4.47 -35.67 -34.70
CA LEU B 857 -5.58 -34.92 -34.13
C LEU B 857 -6.90 -35.47 -34.62
N LEU B 858 -7.01 -35.72 -35.92
CA LEU B 858 -8.26 -36.26 -36.45
C LEU B 858 -8.51 -37.66 -35.91
N ALA B 859 -7.47 -38.50 -35.84
CA ALA B 859 -7.66 -39.87 -35.36
C ALA B 859 -8.12 -39.87 -33.91
N SER B 860 -7.50 -39.04 -33.07
CA SER B 860 -7.88 -38.96 -31.67
C SER B 860 -9.29 -38.43 -31.52
N TYR B 861 -9.66 -37.42 -32.30
CA TYR B 861 -11.01 -36.86 -32.18
C TYR B 861 -12.05 -37.92 -32.47
N TYR B 862 -11.80 -38.75 -33.46
CA TYR B 862 -12.69 -39.84 -33.80
C TYR B 862 -12.39 -41.10 -33.02
N GLY B 863 -11.44 -41.05 -32.09
CA GLY B 863 -11.01 -42.25 -31.40
C GLY B 863 -10.38 -43.26 -32.32
N LYS B 864 -9.87 -42.83 -33.41
CA LYS B 864 -9.27 -43.71 -34.39
C LYS B 864 -7.82 -43.99 -34.01
N PRO B 865 -7.34 -45.21 -34.30
CA PRO B 865 -5.93 -45.55 -33.99
C PRO B 865 -5.00 -45.00 -35.05
N PHE B 866 -4.15 -44.06 -34.66
CA PHE B 866 -3.12 -43.52 -35.56
C PHE B 866 -2.09 -44.60 -35.82
N VAL B 867 -2.22 -45.26 -36.97
CA VAL B 867 -1.31 -46.36 -37.32
C VAL B 867 -0.99 -46.26 -38.80
N GLU B 868 0.25 -46.57 -39.13
CA GLU B 868 0.71 -46.53 -40.52
C GLU B 868 1.56 -47.75 -40.84
N PRO C 2 -22.37 -25.97 67.21
CA PRO C 2 -21.86 -26.65 68.41
C PRO C 2 -20.75 -27.63 68.06
N VAL C 3 -19.49 -27.21 68.27
CA VAL C 3 -18.32 -27.93 67.78
C VAL C 3 -17.49 -28.33 68.99
N THR C 4 -17.76 -29.51 69.55
CA THR C 4 -17.08 -29.91 70.79
C THR C 4 -16.56 -31.33 70.82
N ASN C 5 -17.18 -32.28 70.13
CA ASN C 5 -16.83 -33.68 70.28
C ASN C 5 -16.68 -34.34 68.92
N LEU C 6 -15.85 -35.37 68.88
CA LEU C 6 -15.52 -36.02 67.62
C LEU C 6 -16.74 -36.64 66.96
N ALA C 7 -17.84 -36.80 67.71
CA ALA C 7 -19.10 -37.12 67.06
C ALA C 7 -19.49 -36.02 66.10
N GLU C 8 -19.80 -34.84 66.64
CA GLU C 8 -20.15 -33.72 65.77
C GLU C 8 -18.95 -33.26 64.97
N LEU C 9 -17.72 -33.46 65.48
CA LEU C 9 -16.57 -33.07 64.68
C LEU C 9 -16.50 -33.88 63.40
N ASP C 10 -16.66 -35.21 63.53
CA ASP C 10 -16.60 -36.05 62.34
C ASP C 10 -17.81 -35.83 61.46
N ALA C 11 -18.96 -35.56 62.05
CA ALA C 11 -20.15 -35.24 61.26
C ALA C 11 -19.89 -34.01 60.39
N LEU C 12 -19.45 -32.92 60.99
CA LEU C 12 -19.16 -31.73 60.22
C LEU C 12 -18.00 -31.95 59.26
N VAL C 13 -17.06 -32.83 59.62
CA VAL C 13 -16.01 -33.19 58.67
C VAL C 13 -16.66 -33.75 57.41
N ALA C 14 -17.56 -34.71 57.59
CA ALA C 14 -18.26 -35.28 56.45
C ALA C 14 -19.02 -34.19 55.69
N ARG C 15 -19.58 -33.23 56.42
CA ARG C 15 -20.40 -32.21 55.79
C ARG C 15 -19.57 -31.30 54.90
N VAL C 16 -18.58 -30.62 55.49
CA VAL C 16 -17.73 -29.75 54.70
C VAL C 16 -16.98 -30.55 53.65
N LYS C 17 -16.78 -31.86 53.90
CA LYS C 17 -15.96 -32.71 53.06
C LYS C 17 -16.70 -33.08 51.79
N ALA C 18 -17.98 -33.41 51.92
CA ALA C 18 -18.86 -33.53 50.76
C ALA C 18 -19.05 -32.19 50.06
N ALA C 19 -19.19 -31.12 50.84
CA ALA C 19 -19.34 -29.80 50.26
C ALA C 19 -18.15 -29.46 49.38
N GLN C 20 -16.95 -29.81 49.82
CA GLN C 20 -15.79 -29.67 48.95
C GLN C 20 -15.89 -30.59 47.75
N ALA C 21 -16.40 -31.81 47.95
CA ALA C 21 -16.48 -32.76 46.85
C ALA C 21 -17.22 -32.16 45.66
N GLU C 22 -18.41 -31.61 45.89
CA GLU C 22 -19.12 -31.06 44.73
C GLU C 22 -18.81 -29.59 44.52
N PHE C 23 -18.16 -28.93 45.49
CA PHE C 23 -17.65 -27.59 45.25
C PHE C 23 -16.56 -27.58 44.20
N ALA C 24 -15.66 -28.56 44.25
CA ALA C 24 -14.48 -28.57 43.39
C ALA C 24 -14.81 -28.67 41.93
N THR C 25 -16.09 -28.70 41.59
CA THR C 25 -16.55 -28.92 40.23
C THR C 25 -16.90 -27.62 39.52
N PHE C 26 -16.47 -26.49 40.07
CA PHE C 26 -16.98 -25.20 39.64
C PHE C 26 -16.09 -24.60 38.58
N SER C 27 -16.67 -23.78 37.71
CA SER C 27 -15.93 -23.12 36.66
C SER C 27 -15.26 -21.85 37.18
N GLN C 28 -14.14 -21.51 36.58
CA GLN C 28 -13.30 -20.42 37.08
C GLN C 28 -14.08 -19.10 37.09
N GLU C 29 -14.76 -18.81 35.99
CA GLU C 29 -15.47 -17.55 35.81
C GLU C 29 -16.71 -17.43 36.68
N GLN C 30 -17.01 -18.43 37.49
CA GLN C 30 -18.05 -18.26 38.49
C GLN C 30 -17.52 -18.19 39.90
N VAL C 31 -16.42 -18.90 40.20
CA VAL C 31 -15.77 -18.72 41.48
C VAL C 31 -15.21 -17.32 41.59
N ASP C 32 -14.89 -16.70 40.46
CA ASP C 32 -14.37 -15.33 40.48
C ASP C 32 -15.33 -14.39 41.19
N LYS C 33 -16.62 -14.50 40.91
CA LYS C 33 -17.59 -13.60 41.52
C LYS C 33 -17.62 -13.79 43.03
N ILE C 34 -17.63 -15.04 43.47
CA ILE C 34 -17.56 -15.35 44.89
C ILE C 34 -16.32 -14.71 45.48
N PHE C 35 -15.20 -14.81 44.75
CA PHE C 35 -13.98 -14.16 45.17
C PHE C 35 -14.17 -12.67 45.40
N ARG C 36 -14.67 -11.96 44.39
CA ARG C 36 -14.76 -10.50 44.51
C ARG C 36 -15.64 -10.15 45.69
N ALA C 37 -16.80 -10.80 45.78
CA ALA C 37 -17.74 -10.46 46.82
C ALA C 37 -17.17 -10.75 48.20
N ALA C 38 -16.53 -11.90 48.35
CA ALA C 38 -15.95 -12.23 49.64
C ALA C 38 -14.90 -11.22 50.03
N SER C 39 -14.03 -10.86 49.09
CA SER C 39 -13.00 -9.87 49.37
C SER C 39 -13.63 -8.55 49.81
N LEU C 40 -14.63 -8.09 49.07
CA LEU C 40 -15.34 -6.86 49.41
C LEU C 40 -15.91 -6.91 50.82
N ALA C 41 -16.68 -7.96 51.10
CA ALA C 41 -17.48 -8.00 52.31
C ALA C 41 -16.60 -8.24 53.52
N ALA C 42 -15.47 -8.89 53.33
CA ALA C 42 -14.46 -8.91 54.37
C ALA C 42 -13.80 -7.55 54.47
N ASN C 43 -13.75 -6.83 53.36
CA ASN C 43 -12.95 -5.64 53.28
C ASN C 43 -13.50 -4.50 54.12
N GLN C 44 -14.79 -4.20 54.05
CA GLN C 44 -15.18 -2.96 54.70
C GLN C 44 -15.08 -3.05 56.23
N ALA C 45 -15.63 -4.11 56.83
CA ALA C 45 -15.88 -4.15 58.27
C ALA C 45 -14.65 -4.64 59.04
N ARG C 46 -13.53 -3.98 58.78
CA ARG C 46 -12.29 -4.24 59.53
C ARG C 46 -12.40 -3.72 60.96
N ILE C 47 -13.01 -2.56 61.11
CA ILE C 47 -13.11 -1.94 62.42
C ILE C 47 -13.78 -2.85 63.44
N PRO C 48 -14.93 -3.48 63.15
CA PRO C 48 -15.54 -4.35 64.15
C PRO C 48 -14.59 -5.42 64.63
N LEU C 49 -14.11 -6.27 63.72
CA LEU C 49 -13.39 -7.43 64.20
C LEU C 49 -12.08 -7.01 64.85
N ALA C 50 -11.55 -5.86 64.43
CA ALA C 50 -10.43 -5.28 65.16
C ALA C 50 -10.84 -4.92 66.58
N GLN C 51 -12.02 -4.34 66.75
CA GLN C 51 -12.46 -3.89 68.07
C GLN C 51 -12.71 -5.07 69.00
N MET C 52 -13.42 -6.07 68.50
CA MET C 52 -13.75 -7.21 69.34
C MET C 52 -12.56 -8.16 69.44
N ALA C 53 -11.59 -8.04 68.53
CA ALA C 53 -10.29 -8.62 68.79
C ALA C 53 -9.60 -7.89 69.94
N VAL C 54 -9.75 -6.57 70.00
CA VAL C 54 -9.20 -5.82 71.12
C VAL C 54 -9.75 -6.36 72.43
N GLU C 55 -11.06 -6.58 72.49
CA GLU C 55 -11.62 -7.09 73.74
C GLU C 55 -11.21 -8.54 73.99
N GLU C 56 -11.24 -9.40 72.96
CA GLU C 56 -11.03 -10.83 73.23
C GLU C 56 -9.56 -11.14 73.49
N SER C 57 -8.65 -10.68 72.64
CA SER C 57 -7.24 -11.04 72.80
C SER C 57 -6.65 -10.41 74.05
N GLY C 58 -6.82 -9.10 74.23
CA GLY C 58 -6.45 -8.48 75.47
C GLY C 58 -5.47 -7.33 75.38
N MET C 59 -4.59 -7.29 74.38
CA MET C 59 -3.59 -6.24 74.37
C MET C 59 -3.82 -5.33 73.17
N GLY C 60 -2.88 -4.42 72.96
CA GLY C 60 -2.58 -3.97 71.64
C GLY C 60 -3.30 -2.69 71.25
N ILE C 61 -3.04 -2.31 70.01
CA ILE C 61 -3.37 -0.99 69.48
C ILE C 61 -4.40 -1.23 68.38
N VAL C 62 -5.40 -0.35 68.29
CA VAL C 62 -6.55 -0.67 67.45
C VAL C 62 -6.21 -0.48 65.97
N GLU C 63 -5.71 0.69 65.60
CA GLU C 63 -5.57 1.02 64.19
C GLU C 63 -4.50 0.16 63.52
N ASP C 64 -3.44 -0.18 64.26
CA ASP C 64 -2.49 -1.15 63.71
C ASP C 64 -3.26 -2.38 63.22
N LYS C 65 -4.24 -2.80 64.01
CA LYS C 65 -5.04 -3.97 63.73
C LYS C 65 -5.97 -3.72 62.54
N VAL C 66 -6.62 -2.56 62.52
CA VAL C 66 -7.60 -2.28 61.46
C VAL C 66 -6.91 -2.18 60.11
N ILE C 67 -5.84 -1.40 60.04
CA ILE C 67 -5.14 -1.28 58.77
C ILE C 67 -4.27 -2.49 58.45
N LYS C 68 -3.96 -3.36 59.44
CA LYS C 68 -3.40 -4.60 58.93
C LYS C 68 -4.48 -5.33 58.17
N ASN C 69 -5.73 -5.22 58.64
CA ASN C 69 -6.83 -5.81 57.90
C ASN C 69 -6.96 -5.18 56.52
N HIS C 70 -6.97 -3.85 56.47
CA HIS C 70 -6.88 -3.13 55.21
C HIS C 70 -5.82 -3.74 54.31
N PHE C 71 -4.57 -3.68 54.75
CA PHE C 71 -3.43 -4.10 53.95
C PHE C 71 -3.55 -5.56 53.56
N ALA C 72 -3.95 -6.41 54.49
CA ALA C 72 -4.01 -7.84 54.25
C ALA C 72 -5.05 -8.16 53.18
N SER C 73 -6.27 -7.68 53.37
CA SER C 73 -7.31 -7.94 52.37
C SER C 73 -6.89 -7.43 51.00
N GLU C 74 -6.42 -6.18 50.95
CA GLU C 74 -6.16 -5.58 49.65
C GLU C 74 -4.94 -6.21 49.00
N PHE C 75 -3.93 -6.52 49.80
CA PHE C 75 -2.80 -7.32 49.32
C PHE C 75 -3.24 -8.66 48.79
N ILE C 76 -4.17 -9.32 49.46
CA ILE C 76 -4.56 -10.64 49.00
C ILE C 76 -5.23 -10.53 47.65
N TYR C 77 -6.15 -9.57 47.50
CA TYR C 77 -6.89 -9.48 46.26
C TYR C 77 -5.99 -9.00 45.14
N ASN C 78 -5.27 -7.90 45.36
CA ASN C 78 -4.38 -7.40 44.35
C ASN C 78 -3.28 -8.41 44.05
N LYS C 79 -2.96 -9.21 45.03
CA LYS C 79 -1.93 -10.22 44.99
C LYS C 79 -2.26 -11.31 43.98
N TYR C 80 -3.52 -11.72 43.90
CA TYR C 80 -3.96 -12.84 43.08
C TYR C 80 -5.24 -12.54 42.29
N LYS C 81 -5.27 -11.46 41.49
CA LYS C 81 -6.50 -11.08 40.79
C LYS C 81 -7.21 -12.26 40.14
N ASP C 82 -6.62 -12.84 39.11
CA ASP C 82 -7.23 -13.95 38.41
C ASP C 82 -6.07 -14.72 37.80
N GLU C 83 -5.74 -15.85 38.40
CA GLU C 83 -4.65 -16.66 37.88
C GLU C 83 -5.23 -18.03 37.59
N LYS C 84 -5.02 -18.50 36.37
CA LYS C 84 -5.76 -19.66 35.87
C LYS C 84 -5.53 -20.84 36.79
N THR C 85 -6.60 -21.27 37.45
CA THR C 85 -6.55 -22.37 38.40
C THR C 85 -7.60 -23.42 38.14
N CYS C 86 -8.38 -23.29 37.08
CA CYS C 86 -9.47 -24.23 36.80
C CYS C 86 -9.16 -24.95 35.50
N GLY C 87 -9.15 -26.28 35.54
CA GLY C 87 -9.00 -27.07 34.35
C GLY C 87 -7.65 -26.99 33.66
N ILE C 88 -7.68 -26.85 32.33
CA ILE C 88 -6.46 -26.82 31.53
C ILE C 88 -5.59 -25.64 31.90
N LEU C 89 -4.28 -25.87 31.98
CA LEU C 89 -3.32 -24.80 32.24
C LEU C 89 -2.65 -24.48 30.92
N GLU C 90 -2.17 -25.49 30.20
CA GLU C 90 -1.49 -25.15 28.97
C GLU C 90 -1.60 -26.33 28.04
N GLU C 91 -1.49 -26.03 26.76
CA GLU C 91 -1.71 -27.13 25.85
C GLU C 91 -0.53 -27.20 24.90
N ASP C 92 -0.22 -28.42 24.49
CA ASP C 92 0.67 -28.63 23.35
C ASP C 92 -0.06 -29.54 22.37
N ASP C 93 -0.78 -28.91 21.44
CA ASP C 93 -1.45 -29.66 20.40
C ASP C 93 -0.45 -30.36 19.49
N ASN C 94 0.74 -29.77 19.35
CA ASN C 94 1.78 -30.39 18.54
C ASN C 94 2.16 -31.76 19.07
N LEU C 95 2.30 -31.89 20.38
CA LEU C 95 2.56 -33.16 21.02
C LEU C 95 1.39 -33.64 21.85
N GLY C 96 0.27 -32.92 21.82
CA GLY C 96 -0.90 -33.35 22.56
C GLY C 96 -0.67 -33.51 24.03
N THR C 97 0.17 -32.67 24.63
CA THR C 97 0.42 -32.69 26.06
C THR C 97 -0.42 -31.60 26.70
N MET C 98 -1.48 -31.99 27.39
CA MET C 98 -2.31 -31.07 28.16
C MET C 98 -1.83 -31.06 29.61
N THR C 99 -1.53 -29.87 30.12
CA THR C 99 -1.20 -29.72 31.53
C THR C 99 -2.36 -29.01 32.20
N ILE C 100 -2.98 -29.69 33.17
CA ILE C 100 -4.07 -29.15 33.95
C ILE C 100 -3.67 -29.19 35.42
N ALA C 101 -4.60 -28.74 36.27
CA ALA C 101 -4.39 -28.67 37.70
C ALA C 101 -5.67 -28.99 38.45
N GLU C 102 -5.52 -29.22 39.75
CA GLU C 102 -6.68 -29.66 40.52
C GLU C 102 -6.52 -29.39 42.01
N PRO C 103 -7.60 -29.12 42.73
CA PRO C 103 -7.49 -28.86 44.17
C PRO C 103 -6.92 -30.04 44.94
N VAL C 104 -6.55 -29.80 46.19
CA VAL C 104 -5.88 -30.80 47.00
C VAL C 104 -6.87 -31.54 47.87
N GLY C 105 -7.55 -30.83 48.77
CA GLY C 105 -8.45 -31.49 49.68
C GLY C 105 -8.78 -30.76 50.97
N ILE C 106 -8.69 -31.47 52.08
CA ILE C 106 -9.11 -30.96 53.37
C ILE C 106 -7.89 -30.49 54.15
N ILE C 107 -7.95 -29.27 54.66
CA ILE C 107 -6.80 -28.67 55.33
C ILE C 107 -7.27 -28.06 56.65
N CYS C 108 -6.40 -28.18 57.64
CA CYS C 108 -6.61 -27.53 58.93
C CYS C 108 -5.80 -26.24 59.01
N GLY C 109 -6.32 -25.30 59.78
CA GLY C 109 -5.65 -24.03 60.00
C GLY C 109 -5.49 -23.71 61.47
N ILE C 110 -4.29 -23.34 61.86
CA ILE C 110 -3.97 -23.05 63.25
C ILE C 110 -3.83 -21.55 63.41
N VAL C 111 -4.58 -21.00 64.36
CA VAL C 111 -4.71 -19.56 64.53
C VAL C 111 -4.03 -19.14 65.82
N PRO C 112 -2.95 -18.37 65.76
CA PRO C 112 -2.34 -17.84 66.99
C PRO C 112 -3.04 -16.57 67.45
N THR C 113 -2.87 -16.28 68.74
CA THR C 113 -3.55 -15.15 69.36
C THR C 113 -3.02 -13.82 68.86
N THR C 114 -1.79 -13.78 68.36
CA THR C 114 -1.19 -12.50 67.99
C THR C 114 -1.92 -11.85 66.83
N ASN C 115 -2.33 -12.64 65.84
CA ASN C 115 -3.05 -12.12 64.68
C ASN C 115 -4.24 -13.03 64.42
N PRO C 116 -5.17 -13.09 65.37
CA PRO C 116 -6.26 -14.07 65.25
C PRO C 116 -7.14 -13.82 64.06
N THR C 117 -7.19 -12.60 63.55
CA THR C 117 -8.13 -12.21 62.53
C THR C 117 -7.56 -12.30 61.13
N SER C 118 -6.48 -11.55 60.86
CA SER C 118 -5.94 -11.47 59.52
C SER C 118 -5.58 -12.84 58.97
N THR C 119 -4.97 -13.67 59.81
CA THR C 119 -4.57 -15.00 59.35
C THR C 119 -5.77 -15.82 58.90
N ALA C 120 -6.87 -15.75 59.65
CA ALA C 120 -8.02 -16.58 59.32
C ALA C 120 -8.59 -16.22 57.97
N ILE C 121 -8.86 -14.94 57.75
CA ILE C 121 -9.41 -14.50 56.48
C ILE C 121 -8.43 -14.80 55.36
N PHE C 122 -7.15 -14.58 55.62
CA PHE C 122 -6.09 -14.93 54.69
C PHE C 122 -6.25 -16.36 54.19
N LYS C 123 -6.17 -17.31 55.13
CA LYS C 123 -6.22 -18.71 54.76
C LYS C 123 -7.53 -19.05 54.06
N SER C 124 -8.64 -18.58 54.60
CA SER C 124 -9.94 -18.95 54.03
C SER C 124 -10.07 -18.46 52.60
N LEU C 125 -9.68 -17.21 52.38
CA LEU C 125 -9.79 -16.60 51.07
C LEU C 125 -8.93 -17.32 50.05
N ILE C 126 -7.67 -17.55 50.39
CA ILE C 126 -6.83 -18.26 49.44
C ILE C 126 -7.33 -19.69 49.26
N SER C 127 -7.98 -20.25 50.27
CA SER C 127 -8.55 -21.59 50.13
C SER C 127 -9.64 -21.59 49.07
N LEU C 128 -10.60 -20.69 49.19
CA LEU C 128 -11.64 -20.64 48.18
C LEU C 128 -11.04 -20.34 46.81
N LYS C 129 -9.93 -19.61 46.76
CA LYS C 129 -9.12 -19.65 45.55
C LYS C 129 -8.86 -21.07 45.09
N THR C 130 -8.21 -21.89 45.91
CA THR C 130 -7.82 -23.23 45.51
C THR C 130 -8.98 -24.20 45.45
N ARG C 131 -10.22 -23.74 45.54
CA ARG C 131 -11.38 -24.63 45.64
C ARG C 131 -11.13 -25.71 46.70
N ASN C 132 -10.92 -25.26 47.94
CA ASN C 132 -10.52 -26.11 49.04
C ASN C 132 -11.61 -26.11 50.11
N GLY C 133 -11.36 -26.86 51.18
CA GLY C 133 -12.14 -26.76 52.40
C GLY C 133 -11.19 -26.60 53.56
N ILE C 134 -11.45 -25.69 54.48
CA ILE C 134 -10.46 -25.37 55.50
C ILE C 134 -11.08 -25.52 56.88
N ILE C 135 -10.27 -26.04 57.79
CA ILE C 135 -10.65 -26.28 59.17
C ILE C 135 -9.79 -25.39 60.05
N PHE C 136 -10.38 -24.82 61.07
CA PHE C 136 -9.69 -23.84 61.91
C PHE C 136 -9.50 -24.34 63.32
N SER C 137 -8.33 -24.06 63.86
CA SER C 137 -8.04 -24.34 65.27
C SER C 137 -7.76 -23.03 65.98
N PRO C 138 -8.80 -22.28 66.35
CA PRO C 138 -8.59 -21.03 67.07
C PRO C 138 -8.00 -21.28 68.45
N HIS C 139 -7.32 -20.28 68.95
CA HIS C 139 -6.83 -20.40 70.31
C HIS C 139 -7.95 -20.09 71.31
N PRO C 140 -8.00 -20.79 72.44
CA PRO C 140 -9.04 -20.49 73.44
C PRO C 140 -9.03 -19.05 73.92
N ARG C 141 -7.86 -18.41 74.00
CA ARG C 141 -7.81 -16.96 74.03
C ARG C 141 -8.70 -16.32 72.97
N ALA C 142 -8.30 -16.43 71.72
CA ALA C 142 -8.88 -15.64 70.66
C ALA C 142 -9.58 -16.60 69.71
N LYS C 143 -10.82 -16.84 69.98
CA LYS C 143 -11.65 -17.71 69.15
C LYS C 143 -12.95 -17.05 68.75
N ASN C 144 -13.58 -16.30 69.66
CA ASN C 144 -14.88 -15.74 69.38
C ASN C 144 -14.83 -14.78 68.20
N SER C 145 -13.83 -13.90 68.18
CA SER C 145 -13.68 -13.02 67.02
C SER C 145 -13.35 -13.81 65.77
N THR C 146 -12.52 -14.85 65.91
CA THR C 146 -12.21 -15.70 64.78
C THR C 146 -13.46 -16.38 64.24
N ASN C 147 -14.28 -16.91 65.14
CA ASN C 147 -15.50 -17.57 64.69
C ASN C 147 -16.48 -16.57 64.09
N ALA C 148 -16.45 -15.33 64.60
CA ALA C 148 -17.26 -14.27 64.00
C ALA C 148 -16.81 -14.02 62.57
N ALA C 149 -15.51 -13.95 62.34
CA ALA C 149 -15.00 -13.81 60.99
C ALA C 149 -15.42 -14.99 60.15
N ALA C 150 -15.37 -16.20 60.72
CA ALA C 150 -15.79 -17.38 59.99
C ALA C 150 -17.23 -17.25 59.50
N LYS C 151 -18.14 -16.93 60.42
CA LYS C 151 -19.49 -16.53 60.03
C LYS C 151 -19.48 -15.54 58.89
N LEU C 152 -18.82 -14.41 59.08
CA LEU C 152 -19.02 -13.28 58.17
C LEU C 152 -18.55 -13.63 56.77
N VAL C 153 -17.36 -14.22 56.67
CA VAL C 153 -16.82 -14.55 55.36
C VAL C 153 -17.62 -15.65 54.71
N LEU C 154 -18.04 -16.66 55.47
CA LEU C 154 -18.90 -17.68 54.88
C LEU C 154 -20.21 -17.08 54.42
N ASP C 155 -20.72 -16.10 55.15
CA ASP C 155 -21.99 -15.49 54.75
C ASP C 155 -21.84 -14.75 53.45
N ALA C 156 -20.75 -14.00 53.31
CA ALA C 156 -20.47 -13.37 52.03
C ALA C 156 -20.41 -14.42 50.92
N ALA C 157 -19.69 -15.51 51.17
CA ALA C 157 -19.53 -16.54 50.14
C ALA C 157 -20.88 -17.16 49.78
N ILE C 158 -21.68 -17.48 50.79
CA ILE C 158 -22.99 -18.08 50.53
C ILE C 158 -23.83 -17.14 49.70
N ALA C 159 -23.79 -15.85 50.01
CA ALA C 159 -24.50 -14.93 49.14
C ALA C 159 -23.65 -14.65 47.92
N ALA C 160 -23.11 -15.72 47.34
CA ALA C 160 -22.49 -15.65 46.02
C ALA C 160 -22.65 -16.94 45.24
N GLY C 161 -23.37 -17.93 45.78
CA GLY C 161 -23.49 -19.22 45.13
C GLY C 161 -22.61 -20.33 45.68
N ALA C 162 -22.10 -20.19 46.90
CA ALA C 162 -21.21 -21.19 47.46
C ALA C 162 -21.99 -22.37 48.02
N PRO C 163 -21.36 -23.54 48.14
CA PRO C 163 -21.98 -24.65 48.86
C PRO C 163 -22.20 -24.26 50.32
N LYS C 164 -23.15 -24.95 50.96
CA LYS C 164 -23.76 -24.42 52.18
C LYS C 164 -22.73 -24.08 53.24
N ASP C 165 -21.58 -24.78 53.24
CA ASP C 165 -20.45 -24.37 54.06
C ASP C 165 -19.18 -24.82 53.37
N ILE C 166 -18.09 -24.13 53.70
CA ILE C 166 -16.74 -24.54 53.29
C ILE C 166 -15.82 -24.39 54.49
N ILE C 167 -16.29 -23.66 55.50
CA ILE C 167 -15.58 -23.45 56.75
C ILE C 167 -15.90 -24.57 57.73
N GLY C 168 -14.90 -25.00 58.47
CA GLY C 168 -15.12 -25.61 59.77
C GLY C 168 -14.22 -24.93 60.77
N TRP C 169 -14.69 -24.86 62.00
CA TRP C 169 -13.91 -24.26 63.07
C TRP C 169 -14.39 -24.85 64.38
N ILE C 170 -13.56 -24.69 65.39
CA ILE C 170 -13.77 -25.38 66.66
C ILE C 170 -14.38 -24.41 67.66
N ASP C 171 -15.37 -24.88 68.41
CA ASP C 171 -15.86 -24.18 69.58
C ASP C 171 -15.17 -24.79 70.80
N GLN C 172 -14.88 -23.94 71.80
CA GLN C 172 -14.03 -24.30 72.93
C GLN C 172 -12.90 -25.22 72.47
N PRO C 173 -11.94 -24.71 71.70
CA PRO C 173 -10.84 -25.56 71.24
C PRO C 173 -10.06 -26.15 72.40
N SER C 174 -9.64 -27.41 72.22
CA SER C 174 -8.90 -28.14 73.22
C SER C 174 -7.83 -28.96 72.54
N VAL C 175 -6.79 -29.31 73.31
CA VAL C 175 -5.59 -29.91 72.73
C VAL C 175 -5.92 -31.25 72.09
N GLU C 176 -6.70 -32.09 72.77
CA GLU C 176 -6.96 -33.43 72.25
C GLU C 176 -7.79 -33.36 70.97
N LEU C 177 -8.74 -32.44 70.91
CA LEU C 177 -9.49 -32.23 69.67
C LEU C 177 -8.56 -31.83 68.54
N SER C 178 -7.63 -30.92 68.84
CA SER C 178 -6.67 -30.46 67.84
C SER C 178 -5.80 -31.60 67.34
N ASN C 179 -5.33 -32.46 68.25
CA ASN C 179 -4.52 -33.59 67.80
C ASN C 179 -5.36 -34.56 67.01
N ALA C 180 -6.62 -34.74 67.39
CA ALA C 180 -7.49 -35.68 66.70
C ALA C 180 -7.70 -35.27 65.26
N LEU C 181 -8.06 -34.01 65.04
CA LEU C 181 -8.27 -33.59 63.66
C LEU C 181 -6.95 -33.45 62.94
N MET C 182 -5.91 -33.02 63.65
CA MET C 182 -4.60 -32.87 63.04
C MET C 182 -4.05 -34.22 62.63
N LYS C 183 -4.46 -35.28 63.34
CA LYS C 183 -4.15 -36.64 62.96
C LYS C 183 -5.32 -37.32 62.26
N HIS C 184 -6.38 -36.57 61.95
CA HIS C 184 -7.50 -37.12 61.21
C HIS C 184 -7.04 -37.61 59.84
N ASP C 185 -7.65 -38.70 59.38
CA ASP C 185 -7.26 -39.25 58.08
C ASP C 185 -7.71 -38.35 56.94
N GLY C 186 -8.95 -37.87 56.98
CA GLY C 186 -9.53 -37.16 55.87
C GLY C 186 -8.86 -35.87 55.51
N ILE C 187 -8.19 -35.22 56.45
CA ILE C 187 -7.51 -33.96 56.19
C ILE C 187 -6.38 -34.20 55.22
N ALA C 188 -6.19 -33.26 54.30
CA ALA C 188 -5.13 -33.35 53.32
C ALA C 188 -3.88 -32.58 53.71
N LEU C 189 -4.03 -31.49 54.46
CA LEU C 189 -2.88 -30.68 54.83
C LEU C 189 -3.17 -29.89 56.09
N ILE C 190 -2.12 -29.28 56.62
CA ILE C 190 -2.21 -28.46 57.82
C ILE C 190 -1.37 -27.21 57.64
N LEU C 191 -1.87 -26.08 58.12
CA LEU C 191 -1.15 -24.81 58.08
C LEU C 191 -1.08 -24.23 59.49
N ALA C 192 0.11 -24.29 60.08
CA ALA C 192 0.34 -23.83 61.43
C ALA C 192 1.30 -22.65 61.43
N THR C 193 1.19 -21.81 62.44
CA THR C 193 2.08 -20.68 62.61
C THR C 193 2.04 -20.24 64.07
N GLY C 194 3.09 -19.55 64.50
CA GLY C 194 3.13 -19.04 65.85
C GLY C 194 4.25 -19.60 66.69
N GLY C 195 3.92 -20.19 67.82
CA GLY C 195 4.90 -20.70 68.74
C GLY C 195 5.79 -21.75 68.11
N PRO C 196 7.09 -21.69 68.41
CA PRO C 196 7.99 -22.73 67.90
C PRO C 196 7.53 -24.11 68.33
N GLY C 197 7.08 -24.25 69.57
CA GLY C 197 6.64 -25.55 70.05
C GLY C 197 5.50 -26.10 69.24
N MET C 198 4.67 -25.22 68.69
CA MET C 198 3.49 -25.63 67.95
C MET C 198 3.85 -26.32 66.64
N VAL C 199 4.70 -25.66 65.84
CA VAL C 199 4.98 -26.19 64.51
C VAL C 199 5.82 -27.45 64.61
N LYS C 200 6.45 -27.70 65.75
CA LYS C 200 7.26 -28.90 65.83
C LYS C 200 6.37 -30.11 65.98
N ALA C 201 5.34 -30.00 66.81
CA ALA C 201 4.30 -31.02 66.83
C ALA C 201 3.62 -31.11 65.47
N ALA C 202 3.50 -29.97 64.79
CA ALA C 202 2.96 -30.00 63.42
C ALA C 202 3.80 -30.87 62.50
N TYR C 203 5.11 -30.67 62.50
CA TYR C 203 5.99 -31.50 61.68
C TYR C 203 5.94 -32.96 62.13
N SER C 204 5.72 -33.18 63.41
CA SER C 204 5.59 -34.53 63.96
C SER C 204 4.19 -35.08 63.65
N SER C 205 3.93 -35.27 62.36
CA SER C 205 2.65 -35.77 61.90
C SER C 205 2.73 -36.85 60.84
N GLY C 206 3.89 -37.05 60.21
CA GLY C 206 3.95 -37.96 59.09
C GLY C 206 3.13 -37.51 57.90
N LYS C 207 2.73 -36.25 57.88
CA LYS C 207 1.86 -35.69 56.87
C LYS C 207 2.49 -34.40 56.36
N PRO C 208 2.14 -33.97 55.15
CA PRO C 208 2.71 -32.72 54.64
C PRO C 208 2.33 -31.54 55.53
N ALA C 209 3.31 -30.68 55.79
CA ALA C 209 3.10 -29.58 56.73
C ALA C 209 4.15 -28.51 56.47
N ILE C 210 3.71 -27.26 56.57
CA ILE C 210 4.61 -26.11 56.46
C ILE C 210 4.21 -25.11 57.53
N GLY C 211 5.20 -24.60 58.25
CA GLY C 211 4.94 -23.70 59.35
C GLY C 211 5.56 -22.33 59.16
N VAL C 212 4.75 -21.29 59.35
CA VAL C 212 5.20 -19.91 59.23
C VAL C 212 5.68 -19.46 60.61
N GLY C 213 6.97 -19.25 60.74
CA GLY C 213 7.53 -18.75 61.98
C GLY C 213 8.65 -17.77 61.72
N ALA C 214 9.38 -17.41 62.77
CA ALA C 214 10.52 -16.52 62.63
C ALA C 214 11.50 -16.82 63.75
N GLY C 215 12.72 -16.32 63.61
CA GLY C 215 13.70 -16.35 64.65
C GLY C 215 14.02 -14.96 65.16
N ASN C 216 15.01 -14.91 66.05
CA ASN C 216 15.52 -13.62 66.51
C ASN C 216 16.02 -12.80 65.32
N VAL C 217 15.49 -11.60 65.16
CA VAL C 217 15.76 -10.78 63.99
C VAL C 217 16.85 -9.77 64.37
N PRO C 218 18.07 -9.92 63.87
CA PRO C 218 19.15 -9.03 64.24
C PRO C 218 19.33 -7.90 63.24
N VAL C 219 19.72 -6.75 63.79
CA VAL C 219 20.22 -5.63 62.99
C VAL C 219 21.57 -5.24 63.54
N VAL C 220 22.46 -4.83 62.65
CA VAL C 220 23.77 -4.32 63.02
C VAL C 220 23.95 -2.93 62.41
N ILE C 221 24.66 -2.08 63.15
CA ILE C 221 24.90 -0.68 62.83
C ILE C 221 26.40 -0.45 62.87
N ASP C 222 26.95 0.08 61.79
CA ASP C 222 28.37 0.41 61.75
C ASP C 222 28.56 1.90 62.01
N GLU C 223 29.82 2.33 61.91
CA GLU C 223 30.16 3.71 62.23
C GLU C 223 29.72 4.67 61.14
N THR C 224 29.63 4.21 59.90
CA THR C 224 29.42 5.11 58.77
C THR C 224 27.96 5.39 58.50
N ALA C 225 27.05 4.85 59.31
CA ALA C 225 25.64 5.19 59.18
C ALA C 225 25.29 6.38 60.07
N ASP C 226 24.24 7.11 59.67
CA ASP C 226 23.72 8.18 60.51
C ASP C 226 22.79 7.60 61.57
N ILE C 227 23.01 8.00 62.81
CA ILE C 227 22.39 7.31 63.94
C ILE C 227 20.88 7.51 63.94
N LYS C 228 20.46 8.76 63.83
CA LYS C 228 19.07 9.10 64.10
C LYS C 228 18.12 8.43 63.12
N ARG C 229 18.62 8.11 61.93
CA ARG C 229 17.80 7.46 60.92
C ARG C 229 17.31 6.10 61.42
N ALA C 230 18.25 5.20 61.69
CA ALA C 230 17.90 3.89 62.23
C ALA C 230 17.18 4.03 63.55
N VAL C 231 17.69 4.90 64.43
CA VAL C 231 16.99 5.16 65.69
C VAL C 231 15.50 5.36 65.42
N ALA C 232 15.20 6.26 64.49
CA ALA C 232 13.82 6.51 64.10
C ALA C 232 13.14 5.23 63.65
N SER C 233 13.63 4.64 62.57
CA SER C 233 12.91 3.56 61.92
C SER C 233 12.56 2.48 62.92
N ILE C 234 13.51 2.16 63.80
CA ILE C 234 13.18 1.05 64.67
C ILE C 234 12.44 1.51 65.91
N LEU C 235 12.38 2.82 66.21
CA LEU C 235 11.32 3.18 67.15
C LEU C 235 9.94 2.90 66.57
N MET C 236 9.71 3.31 65.32
CA MET C 236 8.42 3.01 64.72
C MET C 236 8.13 1.51 64.72
N SER C 237 9.10 0.69 64.31
CA SER C 237 8.83 -0.74 64.28
C SER C 237 8.74 -1.33 65.69
N LYS C 238 9.59 -0.86 66.60
CA LYS C 238 9.59 -1.39 67.96
C LYS C 238 8.25 -1.16 68.62
N THR C 239 7.70 0.03 68.44
CA THR C 239 6.42 0.39 69.04
C THR C 239 5.22 -0.20 68.31
N PHE C 240 5.38 -0.70 67.08
CA PHE C 240 4.19 -1.24 66.41
C PHE C 240 3.42 -2.27 67.23
N ASP C 241 2.24 -1.86 67.69
CA ASP C 241 1.34 -2.66 68.54
C ASP C 241 2.17 -3.48 69.53
N ASN C 242 3.04 -2.78 70.25
CA ASN C 242 3.93 -3.37 71.24
C ASN C 242 4.83 -4.44 70.61
N GLY C 243 5.17 -4.28 69.34
CA GLY C 243 6.12 -5.16 68.69
C GLY C 243 5.72 -6.62 68.66
N VAL C 244 4.49 -6.91 68.25
CA VAL C 244 4.00 -8.28 68.22
C VAL C 244 3.97 -8.85 66.81
N VAL C 245 4.51 -8.15 65.82
CA VAL C 245 4.46 -8.63 64.44
C VAL C 245 5.58 -9.63 64.22
N CYS C 246 5.38 -10.54 63.26
CA CYS C 246 6.44 -11.45 62.86
C CYS C 246 7.64 -10.67 62.34
N ALA C 247 8.81 -11.31 62.43
CA ALA C 247 10.05 -10.76 61.86
C ALA C 247 10.30 -9.34 62.35
N SER C 248 10.20 -9.13 63.66
CA SER C 248 10.48 -7.83 64.24
C SER C 248 11.80 -7.84 65.01
N GLU C 249 12.27 -6.64 65.33
CA GLU C 249 13.49 -6.47 66.10
C GLU C 249 13.63 -7.46 67.26
N GLN C 250 14.82 -8.05 67.37
CA GLN C 250 15.18 -8.79 68.57
C GLN C 250 16.56 -8.49 69.11
N ALA C 251 17.49 -8.00 68.30
CA ALA C 251 18.85 -7.78 68.78
C ALA C 251 19.45 -6.57 68.08
N ALA C 252 20.03 -5.68 68.88
CA ALA C 252 20.67 -4.47 68.39
C ALA C 252 22.18 -4.63 68.51
N ILE C 253 22.87 -4.53 67.40
CA ILE C 253 24.32 -4.74 67.35
C ILE C 253 24.96 -3.42 66.96
N VAL C 254 25.84 -2.90 67.82
CA VAL C 254 26.44 -1.59 67.66
C VAL C 254 27.95 -1.74 67.65
N VAL C 255 28.59 -1.19 66.62
CA VAL C 255 30.04 -1.24 66.54
C VAL C 255 30.65 -0.26 67.55
N SER C 256 31.96 -0.34 67.71
CA SER C 256 32.64 0.10 68.93
C SER C 256 32.41 1.57 69.23
N GLU C 257 32.99 2.46 68.42
CA GLU C 257 33.16 3.84 68.85
C GLU C 257 31.97 4.73 68.52
N VAL C 258 30.87 4.15 68.05
CA VAL C 258 29.67 4.96 67.85
C VAL C 258 28.63 4.59 68.90
N TYR C 259 29.07 3.97 69.97
CA TYR C 259 28.21 3.18 70.84
C TYR C 259 27.44 4.04 71.83
N ASP C 260 28.15 4.74 72.71
CA ASP C 260 27.48 5.46 73.78
C ASP C 260 26.68 6.64 73.25
N GLU C 261 27.08 7.18 72.10
CA GLU C 261 26.28 8.24 71.51
C GLU C 261 24.95 7.71 70.99
N VAL C 262 24.95 6.55 70.36
CA VAL C 262 23.67 5.94 70.03
C VAL C 262 22.86 5.73 71.31
N LYS C 263 23.55 5.34 72.39
CA LYS C 263 22.83 5.04 73.61
C LYS C 263 22.14 6.28 74.17
N GLU C 264 22.84 7.41 74.20
CA GLU C 264 22.16 8.59 74.70
C GLU C 264 21.08 9.03 73.73
N ARG C 265 21.24 8.71 72.44
CA ARG C 265 20.17 8.99 71.49
C ARG C 265 18.89 8.28 71.86
N PHE C 266 18.97 7.00 72.21
CA PHE C 266 17.83 6.40 72.91
C PHE C 266 17.46 7.16 74.17
N ALA C 267 18.44 7.51 74.99
CA ALA C 267 18.13 8.26 76.20
C ALA C 267 17.53 9.62 75.86
N THR C 268 17.87 10.19 74.71
CA THR C 268 17.20 11.41 74.27
C THR C 268 15.77 11.16 73.86
N HIS C 269 15.31 9.92 73.93
CA HIS C 269 13.96 9.57 73.53
C HIS C 269 13.37 8.68 74.61
N LYS C 270 12.20 8.12 74.32
CA LYS C 270 11.43 7.45 75.35
C LYS C 270 12.03 6.12 75.76
N ALA C 271 13.03 5.63 75.03
CA ALA C 271 13.67 4.38 75.40
C ALA C 271 14.42 4.53 76.72
N HIS C 272 14.25 3.55 77.60
CA HIS C 272 14.92 3.51 78.90
C HIS C 272 16.07 2.54 78.84
N VAL C 273 17.31 3.06 78.84
CA VAL C 273 18.45 2.18 78.96
C VAL C 273 18.43 1.52 80.34
N LEU C 274 19.15 0.40 80.45
CA LEU C 274 19.14 -0.35 81.69
C LEU C 274 20.42 -1.17 81.82
N SER C 275 21.10 -1.04 82.97
CA SER C 275 22.32 -1.81 83.17
C SER C 275 22.48 -2.38 84.58
N LYS C 276 21.40 -2.50 85.35
CA LYS C 276 21.55 -2.93 86.73
C LYS C 276 20.77 -4.20 87.01
N ALA C 277 20.61 -4.52 88.30
CA ALA C 277 19.83 -5.68 88.71
C ALA C 277 18.46 -5.71 88.06
N ASP C 278 17.99 -4.58 87.54
CA ASP C 278 16.76 -4.58 86.75
C ASP C 278 16.92 -5.44 85.50
N ALA C 279 18.16 -5.73 85.09
CA ALA C 279 18.35 -6.76 84.07
C ALA C 279 17.70 -8.06 84.50
N ASP C 280 18.09 -8.59 85.66
CA ASP C 280 17.45 -9.78 86.20
C ASP C 280 15.98 -9.52 86.51
N LYS C 281 15.68 -8.30 86.97
CA LYS C 281 14.33 -7.96 87.38
C LYS C 281 13.35 -8.08 86.23
N VAL C 282 13.83 -7.90 85.01
CA VAL C 282 12.98 -8.11 83.87
C VAL C 282 13.20 -9.50 83.26
N ARG C 283 14.40 -10.06 83.42
CA ARG C 283 14.71 -11.35 82.83
C ARG C 283 13.97 -12.47 83.54
N LYS C 284 13.55 -12.24 84.78
CA LYS C 284 12.72 -13.22 85.47
C LYS C 284 11.45 -13.49 84.66
N VAL C 285 10.63 -12.46 84.46
CA VAL C 285 9.38 -12.61 83.75
C VAL C 285 9.60 -12.77 82.24
N LEU C 286 10.75 -12.34 81.74
CA LEU C 286 11.07 -12.56 80.34
C LEU C 286 11.00 -14.04 80.01
N LEU C 287 11.71 -14.86 80.78
CA LEU C 287 11.78 -16.29 80.57
C LEU C 287 11.60 -16.92 81.95
N ILE C 288 10.35 -17.15 82.33
CA ILE C 288 10.10 -17.74 83.65
C ILE C 288 10.35 -19.23 83.62
N ASP C 289 9.65 -19.94 82.75
CA ASP C 289 9.70 -21.38 82.67
C ASP C 289 10.80 -21.89 81.76
N GLY C 290 11.63 -20.99 81.24
CA GLY C 290 12.47 -21.35 80.12
C GLY C 290 11.75 -21.43 78.81
N ALA C 291 10.48 -21.03 78.77
CA ALA C 291 9.65 -21.17 77.58
C ALA C 291 8.84 -19.91 77.35
N LEU C 292 9.49 -18.74 77.51
CA LEU C 292 8.98 -17.48 77.00
C LEU C 292 7.61 -17.14 77.62
N ASN C 293 7.65 -16.81 78.91
CA ASN C 293 6.47 -16.45 79.69
C ASN C 293 5.47 -15.65 78.87
N ALA C 294 4.19 -16.04 78.95
CA ALA C 294 3.21 -15.71 77.94
C ALA C 294 2.37 -14.47 78.25
N LYS C 295 2.67 -13.75 79.33
CA LYS C 295 2.10 -12.42 79.52
C LYS C 295 3.14 -11.34 79.73
N ILE C 296 4.10 -11.24 78.81
CA ILE C 296 4.71 -9.98 78.44
C ILE C 296 4.18 -9.49 77.11
N VAL C 297 3.22 -10.21 76.55
CA VAL C 297 2.89 -10.09 75.14
C VAL C 297 2.10 -8.81 74.90
N GLY C 298 2.61 -7.96 74.02
CA GLY C 298 1.88 -6.76 73.70
C GLY C 298 1.62 -5.88 74.91
N GLN C 299 2.57 -5.82 75.82
CA GLN C 299 2.18 -5.06 76.99
C GLN C 299 2.99 -3.77 77.05
N PRO C 300 2.40 -2.68 77.54
CA PRO C 300 3.09 -1.38 77.51
C PRO C 300 4.33 -1.38 78.37
N ALA C 301 5.24 -0.47 78.03
CA ALA C 301 6.55 -0.43 78.68
C ALA C 301 6.40 -0.14 80.18
N ALA C 302 5.56 0.81 80.55
CA ALA C 302 5.35 1.08 81.96
C ALA C 302 4.77 -0.14 82.67
N ALA C 303 3.83 -0.82 82.00
CA ALA C 303 3.21 -2.01 82.58
C ALA C 303 4.25 -3.09 82.81
N ILE C 304 5.09 -3.37 81.82
CA ILE C 304 6.07 -4.44 81.97
C ILE C 304 7.18 -4.04 82.92
N ALA C 305 7.41 -2.74 83.09
CA ALA C 305 8.41 -2.31 84.06
C ALA C 305 7.93 -2.56 85.49
N GLU C 306 6.75 -2.06 85.82
CA GLU C 306 6.26 -2.29 87.18
C GLU C 306 5.94 -3.77 87.40
N MET C 307 5.41 -4.44 86.37
CA MET C 307 5.06 -5.85 86.48
C MET C 307 6.31 -6.71 86.37
N ALA C 308 7.45 -6.10 86.05
CA ALA C 308 8.74 -6.70 86.35
C ALA C 308 9.26 -6.25 87.70
N GLY C 309 8.68 -5.22 88.30
CA GLY C 309 9.01 -4.80 89.63
C GLY C 309 9.70 -3.46 89.79
N VAL C 310 9.80 -2.66 88.73
CA VAL C 310 10.49 -1.38 88.82
C VAL C 310 9.60 -0.30 88.22
N LYS C 311 9.70 0.91 88.75
CA LYS C 311 8.84 1.99 88.31
C LYS C 311 9.60 2.85 87.29
N VAL C 312 8.90 3.25 86.23
CA VAL C 312 9.52 3.85 85.06
C VAL C 312 8.75 5.11 84.68
N PRO C 313 9.43 6.10 84.10
CA PRO C 313 8.71 7.24 83.51
C PRO C 313 7.69 6.78 82.48
N ALA C 314 6.50 7.38 82.53
CA ALA C 314 5.31 6.75 81.96
C ALA C 314 5.36 6.66 80.44
N ASP C 315 5.69 7.77 79.77
CA ASP C 315 5.60 7.82 78.32
C ASP C 315 6.68 6.99 77.64
N THR C 316 7.58 6.38 78.42
CA THR C 316 8.62 5.54 77.86
C THR C 316 8.01 4.45 76.96
N LYS C 317 8.81 3.96 76.05
CA LYS C 317 8.27 3.12 74.99
C LYS C 317 8.88 1.72 74.98
N VAL C 318 10.17 1.62 75.21
CA VAL C 318 10.89 0.36 75.14
C VAL C 318 12.01 0.41 76.17
N LEU C 319 12.29 -0.73 76.78
CA LEU C 319 13.40 -0.86 77.71
C LEU C 319 14.55 -1.53 76.99
N VAL C 320 15.77 -1.09 77.30
CA VAL C 320 16.98 -1.45 76.56
C VAL C 320 17.93 -2.19 77.51
N GLY C 321 18.35 -3.39 77.12
CA GLY C 321 19.18 -4.24 77.96
C GLY C 321 20.63 -4.26 77.51
N GLU C 322 21.54 -4.23 78.50
CA GLU C 322 22.97 -4.26 78.27
C GLU C 322 23.61 -5.61 78.58
N GLY C 323 23.06 -6.37 79.53
CA GLY C 323 23.71 -7.57 80.01
C GLY C 323 23.73 -8.64 78.94
N LEU C 324 24.37 -8.31 77.81
CA LEU C 324 24.29 -9.09 76.58
C LEU C 324 25.67 -9.27 75.96
N GLY C 325 26.73 -8.97 76.71
CA GLY C 325 28.07 -9.25 76.22
C GLY C 325 28.29 -10.72 75.94
N LYS C 326 27.57 -11.59 76.63
CA LYS C 326 27.55 -13.01 76.36
C LYS C 326 26.58 -13.31 75.21
N VAL C 327 26.94 -14.27 74.39
CA VAL C 327 26.16 -14.64 73.21
C VAL C 327 25.89 -16.13 73.30
N SER C 328 24.65 -16.51 73.65
CA SER C 328 24.24 -17.90 73.69
C SER C 328 22.74 -17.98 73.91
N TYR C 329 22.23 -19.21 73.92
CA TYR C 329 20.80 -19.43 74.16
C TYR C 329 20.35 -18.89 75.51
N ASP C 330 21.17 -19.11 76.54
CA ASP C 330 20.72 -18.83 77.91
C ASP C 330 20.31 -17.39 78.12
N ASP C 331 20.79 -16.47 77.28
CA ASP C 331 20.33 -15.09 77.37
C ASP C 331 18.87 -15.00 76.95
N GLU C 332 18.04 -14.39 77.79
CA GLU C 332 16.65 -14.20 77.43
C GLU C 332 16.51 -13.15 76.35
N PHE C 333 17.41 -12.17 76.34
CA PHE C 333 17.45 -11.20 75.25
C PHE C 333 17.78 -11.88 73.92
N ALA C 334 18.53 -12.98 73.98
CA ALA C 334 18.85 -13.71 72.76
C ALA C 334 17.59 -14.26 72.08
N HIS C 335 16.70 -14.87 72.86
CA HIS C 335 15.44 -15.29 72.30
C HIS C 335 14.64 -14.08 71.86
N GLU C 336 13.59 -14.31 71.08
CA GLU C 336 12.74 -13.21 70.69
C GLU C 336 11.91 -12.72 71.87
N LYS C 337 11.46 -11.47 71.77
CA LYS C 337 10.81 -10.77 72.86
C LYS C 337 9.34 -10.47 72.60
N LEU C 338 8.98 -10.11 71.37
CA LEU C 338 7.58 -10.01 70.94
C LEU C 338 6.83 -9.00 71.82
N SER C 339 7.59 -8.07 72.39
CA SER C 339 7.07 -7.06 73.29
C SER C 339 7.96 -5.84 73.17
N PRO C 340 7.47 -4.67 73.58
CA PRO C 340 8.29 -3.46 73.40
C PRO C 340 9.51 -3.46 74.31
N THR C 341 10.39 -4.43 74.10
CA THR C 341 11.64 -4.56 74.82
C THR C 341 12.74 -4.89 73.82
N LEU C 342 13.96 -4.45 74.13
CA LEU C 342 15.09 -4.76 73.28
C LEU C 342 16.37 -4.80 74.09
N GLY C 343 17.27 -5.69 73.69
CA GLY C 343 18.63 -5.73 74.22
C GLY C 343 19.61 -5.47 73.10
N LEU C 344 20.71 -4.80 73.43
CA LEU C 344 21.71 -4.43 72.44
C LEU C 344 23.01 -5.16 72.70
N PHE C 345 23.92 -5.06 71.72
CA PHE C 345 25.28 -5.55 71.84
C PHE C 345 26.28 -4.42 71.72
N ARG C 346 27.49 -4.70 72.20
CA ARG C 346 28.65 -3.83 72.02
C ARG C 346 29.61 -4.57 71.09
N ALA C 347 29.58 -4.24 69.81
CA ALA C 347 30.45 -4.88 68.84
C ALA C 347 31.76 -4.13 68.74
N ASP C 348 32.77 -4.83 68.24
CA ASP C 348 34.10 -4.27 68.09
C ASP C 348 34.33 -3.69 66.71
N ASN C 349 34.20 -4.51 65.67
CA ASN C 349 34.35 -4.03 64.31
C ASN C 349 33.26 -4.57 63.41
N PHE C 350 33.40 -4.33 62.11
CA PHE C 350 32.43 -4.85 61.16
C PHE C 350 32.32 -6.35 61.26
N GLU C 351 33.45 -7.03 61.29
CA GLU C 351 33.50 -8.48 61.28
C GLU C 351 33.09 -9.07 62.61
N ASP C 352 33.41 -8.39 63.71
CA ASP C 352 32.89 -8.81 65.01
C ASP C 352 31.36 -8.81 65.00
N ALA C 353 30.79 -7.72 64.50
CA ALA C 353 29.34 -7.63 64.42
C ALA C 353 28.77 -8.72 63.53
N VAL C 354 29.45 -9.00 62.40
CA VAL C 354 28.98 -10.04 61.50
C VAL C 354 28.97 -11.40 62.21
N ALA C 355 30.05 -11.71 62.92
CA ALA C 355 30.12 -12.98 63.62
C ALA C 355 29.02 -13.08 64.66
N GLN C 356 28.84 -12.03 65.47
CA GLN C 356 27.77 -12.04 66.46
C GLN C 356 26.43 -12.20 65.79
N ALA C 357 26.26 -11.57 64.62
CA ALA C 357 24.99 -11.65 63.91
C ALA C 357 24.69 -13.08 63.50
N VAL C 358 25.65 -13.75 62.87
CA VAL C 358 25.42 -15.11 62.39
C VAL C 358 25.12 -16.03 63.57
N THR C 359 25.96 -15.94 64.60
CA THR C 359 25.68 -16.70 65.81
C THR C 359 24.31 -16.34 66.37
N MET C 360 23.87 -15.11 66.19
CA MET C 360 22.61 -14.74 66.79
C MET C 360 21.47 -15.35 66.01
N VAL C 361 21.59 -15.40 64.69
CA VAL C 361 20.46 -15.87 63.90
C VAL C 361 20.27 -17.34 64.17
N GLU C 362 21.36 -18.10 64.23
CA GLU C 362 21.17 -19.55 64.25
C GLU C 362 20.29 -19.98 65.41
N ILE C 363 20.25 -19.17 66.47
CA ILE C 363 19.43 -19.49 67.64
C ILE C 363 17.97 -19.58 67.26
N GLY C 364 17.51 -18.69 66.38
CA GLY C 364 16.14 -18.77 65.90
C GLY C 364 15.86 -20.07 65.17
N GLY C 365 16.86 -20.61 64.47
CA GLY C 365 16.69 -21.83 63.72
C GLY C 365 16.03 -21.65 62.38
N ILE C 366 15.45 -20.47 62.12
CA ILE C 366 14.84 -20.15 60.84
C ILE C 366 15.47 -18.88 60.32
N GLY C 367 16.01 -18.94 59.11
CA GLY C 367 16.54 -17.75 58.50
C GLY C 367 15.43 -16.94 57.88
N HIS C 368 15.01 -15.87 58.55
CA HIS C 368 13.86 -15.09 58.12
C HIS C 368 14.23 -13.69 57.66
N THR C 369 14.88 -12.89 58.51
CA THR C 369 15.07 -11.48 58.21
C THR C 369 16.32 -10.98 58.91
N SER C 370 17.02 -10.05 58.27
CA SER C 370 18.12 -9.40 58.97
C SER C 370 18.42 -8.04 58.37
N GLY C 371 18.98 -7.15 59.19
CA GLY C 371 19.04 -5.73 58.87
C GLY C 371 20.42 -5.11 59.03
N LEU C 372 20.78 -4.28 58.05
CA LEU C 372 22.04 -3.57 58.02
C LEU C 372 21.78 -2.08 57.96
N TYR C 373 22.38 -1.32 58.88
CA TYR C 373 22.30 0.13 58.85
C TYR C 373 23.70 0.67 58.64
N THR C 374 23.92 1.31 57.50
CA THR C 374 25.25 1.66 57.08
C THR C 374 25.19 2.72 56.00
N ASN C 375 26.35 3.30 55.73
CA ASN C 375 26.52 4.09 54.51
C ASN C 375 26.49 3.15 53.32
N GLN C 376 26.04 3.66 52.18
CA GLN C 376 25.44 2.79 51.16
C GLN C 376 26.18 2.78 49.82
N ASP C 377 26.72 3.92 49.39
CA ASP C 377 27.51 3.92 48.16
C ASP C 377 28.97 4.26 48.40
N VAL C 378 29.43 4.22 49.64
CA VAL C 378 30.87 4.26 49.89
C VAL C 378 31.33 2.84 50.18
N ASN C 379 30.40 2.01 50.63
CA ASN C 379 30.67 0.63 51.05
C ASN C 379 29.73 -0.29 50.28
N ALA C 380 30.23 -0.89 49.22
CA ALA C 380 29.54 -2.03 48.62
C ALA C 380 30.19 -3.35 49.03
N ASP C 381 31.51 -3.32 49.17
CA ASP C 381 32.24 -4.43 49.75
C ASP C 381 31.61 -4.86 51.05
N ARG C 382 31.36 -3.89 51.93
CA ARG C 382 30.68 -4.21 53.19
C ARG C 382 29.30 -4.78 52.94
N ILE C 383 28.54 -4.16 52.02
CA ILE C 383 27.20 -4.63 51.74
C ILE C 383 27.23 -6.13 51.58
N ARG C 384 28.00 -6.59 50.63
CA ARG C 384 27.75 -7.97 50.25
C ARG C 384 28.75 -8.92 50.85
N TYR C 385 29.77 -8.40 51.54
CA TYR C 385 30.42 -9.16 52.60
C TYR C 385 29.38 -9.65 53.60
N PHE C 386 28.63 -8.69 54.15
CA PHE C 386 27.55 -8.98 55.09
C PHE C 386 26.52 -9.89 54.46
N GLY C 387 26.15 -9.60 53.22
CA GLY C 387 25.20 -10.46 52.53
C GLY C 387 25.72 -11.87 52.39
N ASP C 388 27.02 -12.02 52.18
CA ASP C 388 27.62 -13.33 52.01
C ASP C 388 27.49 -14.17 53.27
N LYS C 389 27.76 -13.57 54.43
CA LYS C 389 27.72 -14.37 55.64
C LYS C 389 26.30 -14.68 56.09
N LEU C 390 25.38 -13.75 55.90
CA LEU C 390 24.08 -13.90 56.53
C LEU C 390 23.19 -14.80 55.69
N LYS C 391 22.54 -15.73 56.36
CA LYS C 391 21.57 -16.61 55.73
C LYS C 391 20.30 -16.49 56.55
N THR C 392 19.56 -15.42 56.31
CA THR C 392 18.16 -15.33 56.68
C THR C 392 17.38 -15.57 55.42
N ALA C 393 16.08 -15.36 55.46
CA ALA C 393 15.36 -15.39 54.20
C ALA C 393 15.67 -14.16 53.37
N ARG C 394 15.96 -13.04 54.02
CA ARG C 394 15.74 -11.74 53.42
C ARG C 394 16.53 -10.66 54.13
N ILE C 395 17.29 -9.90 53.35
CA ILE C 395 18.24 -8.91 53.86
C ILE C 395 17.65 -7.54 53.55
N LEU C 396 17.60 -6.65 54.54
CA LEU C 396 17.23 -5.26 54.28
C LEU C 396 18.34 -4.35 54.78
N VAL C 397 18.69 -3.34 53.99
CA VAL C 397 19.72 -2.38 54.35
C VAL C 397 19.07 -1.03 54.57
N ASN C 398 19.34 -0.42 55.74
CA ASN C 398 18.85 0.91 56.07
C ASN C 398 17.33 0.98 55.96
N ILE C 399 16.66 -0.09 56.38
CA ILE C 399 15.21 -0.19 56.27
C ILE C 399 14.64 -0.89 57.51
N PRO C 400 13.52 -0.42 58.04
CA PRO C 400 12.80 -1.21 59.06
C PRO C 400 12.16 -2.44 58.44
N THR C 401 12.05 -3.49 59.24
CA THR C 401 11.52 -4.78 58.78
C THR C 401 10.02 -4.90 59.01
N THR C 402 9.28 -3.88 58.60
CA THR C 402 7.85 -3.83 58.82
C THR C 402 7.18 -3.19 57.62
N HIS C 403 5.94 -2.75 57.83
CA HIS C 403 5.07 -2.33 56.73
C HIS C 403 4.31 -1.09 57.16
N GLY C 404 4.54 0.02 56.46
CA GLY C 404 3.81 1.24 56.69
C GLY C 404 4.69 2.37 57.22
N GLY C 405 5.10 3.25 56.31
CA GLY C 405 5.87 4.42 56.70
C GLY C 405 5.10 5.69 56.37
N ILE C 406 5.57 6.45 55.37
CA ILE C 406 4.78 7.53 54.80
C ILE C 406 4.11 7.02 53.54
N GLY C 407 2.82 7.31 53.42
CA GLY C 407 2.05 6.96 52.24
C GLY C 407 1.83 5.49 52.03
N ASP C 408 2.37 4.96 50.94
CA ASP C 408 2.06 3.62 50.47
C ASP C 408 2.43 2.56 51.49
N LEU C 409 3.73 2.36 51.71
CA LEU C 409 4.23 1.36 52.64
C LEU C 409 5.74 1.51 52.67
N TYR C 410 6.38 1.20 53.79
CA TYR C 410 7.85 1.12 53.85
C TYR C 410 8.24 -0.27 54.35
N ASN C 411 8.69 -1.12 53.43
CA ASN C 411 8.86 -0.75 52.02
C ASN C 411 7.59 -1.08 51.23
N PHE C 412 7.37 -0.36 50.12
CA PHE C 412 6.05 -0.35 49.51
C PHE C 412 5.76 -1.53 48.60
N ASN C 413 6.75 -2.36 48.27
CA ASN C 413 6.49 -3.63 47.59
C ASN C 413 7.28 -4.71 48.31
N VAL C 414 6.58 -5.55 49.06
CA VAL C 414 7.17 -6.61 49.86
C VAL C 414 6.05 -7.45 50.45
N ALA C 415 6.30 -8.75 50.55
CA ALA C 415 5.41 -9.64 51.25
C ALA C 415 5.44 -9.33 52.74
N PRO C 416 4.38 -9.67 53.47
CA PRO C 416 4.39 -9.38 54.90
C PRO C 416 5.40 -10.26 55.63
N SER C 417 5.78 -9.82 56.82
CA SER C 417 6.69 -10.61 57.64
C SER C 417 6.11 -11.98 57.96
N LEU C 418 4.80 -12.11 57.94
CA LEU C 418 4.13 -13.39 58.03
C LEU C 418 4.15 -14.04 56.66
N THR C 419 3.34 -15.07 56.46
CA THR C 419 3.18 -15.78 55.19
C THR C 419 4.46 -16.46 54.75
N LEU C 420 5.50 -16.51 55.59
CA LEU C 420 6.78 -17.11 55.25
C LEU C 420 6.94 -18.39 56.04
N GLY C 421 6.72 -19.53 55.36
CA GLY C 421 6.86 -20.83 55.97
C GLY C 421 7.93 -21.66 55.27
N CYS C 422 8.12 -22.87 55.81
CA CYS C 422 9.05 -23.81 55.22
C CYS C 422 8.60 -25.23 55.51
N GLY C 423 8.97 -26.14 54.63
CA GLY C 423 8.68 -27.54 54.84
C GLY C 423 9.59 -28.22 55.83
N SER C 424 10.58 -27.50 56.36
CA SER C 424 11.47 -28.04 57.36
C SER C 424 11.69 -26.99 58.44
N TRP C 425 12.00 -27.45 59.65
CA TRP C 425 12.36 -26.55 60.73
C TRP C 425 13.86 -26.36 60.66
N GLY C 426 14.58 -27.45 60.31
CA GLY C 426 15.81 -27.92 60.94
C GLY C 426 16.81 -26.87 61.32
N GLY C 427 17.38 -26.25 60.31
CA GLY C 427 18.39 -25.25 60.52
C GLY C 427 18.63 -24.63 59.17
N ASN C 428 18.90 -23.32 59.17
CA ASN C 428 19.13 -22.60 57.94
C ASN C 428 17.96 -22.72 56.98
N SER C 429 16.80 -23.15 57.48
CA SER C 429 15.63 -23.39 56.65
C SER C 429 15.08 -22.03 56.22
N ILE C 430 15.50 -21.60 55.03
CA ILE C 430 15.14 -20.29 54.52
C ILE C 430 13.67 -20.30 54.15
N SER C 431 12.90 -19.46 54.82
CA SER C 431 11.45 -19.44 54.61
C SER C 431 11.12 -18.99 53.20
N GLU C 432 10.03 -19.56 52.67
CA GLU C 432 9.51 -19.17 51.37
C GLU C 432 8.03 -18.82 51.54
N ASN C 433 7.62 -17.73 50.90
CA ASN C 433 6.24 -17.34 51.01
C ASN C 433 5.38 -18.31 50.20
N VAL C 434 4.10 -18.39 50.56
CA VAL C 434 3.21 -19.44 50.08
C VAL C 434 2.51 -18.99 48.81
N GLY C 435 2.26 -19.96 47.93
CA GLY C 435 1.57 -19.74 46.69
C GLY C 435 0.65 -20.90 46.33
N PRO C 436 -0.32 -20.64 45.45
CA PRO C 436 -1.33 -21.66 45.15
C PRO C 436 -0.79 -22.94 44.52
N LYS C 437 0.33 -22.90 43.81
CA LYS C 437 0.93 -24.15 43.36
C LYS C 437 1.32 -25.03 44.52
N HIS C 438 1.64 -24.45 45.67
CA HIS C 438 1.77 -25.27 46.87
C HIS C 438 0.44 -25.86 47.30
N LEU C 439 -0.67 -25.40 46.74
CA LEU C 439 -1.99 -25.85 47.10
C LEU C 439 -2.71 -26.58 45.98
N ILE C 440 -2.00 -26.95 44.91
CA ILE C 440 -2.65 -27.44 43.70
C ILE C 440 -1.82 -28.58 43.12
N ASN C 441 -2.50 -29.56 42.55
CA ASN C 441 -1.90 -30.78 42.04
C ASN C 441 -1.90 -30.78 40.52
N LYS C 442 -0.94 -31.50 39.94
CA LYS C 442 -0.57 -31.34 38.54
C LYS C 442 -1.14 -32.44 37.65
N LYS C 443 -1.18 -32.15 36.35
CA LYS C 443 -1.32 -33.17 35.33
C LYS C 443 -0.67 -32.75 34.03
N THR C 444 0.11 -33.66 33.48
CA THR C 444 0.36 -33.63 32.05
C THR C 444 -0.14 -34.93 31.45
N VAL C 445 -0.79 -34.79 30.32
CA VAL C 445 -1.19 -35.92 29.51
C VAL C 445 -0.44 -35.80 28.19
N ALA C 446 0.27 -36.86 27.86
CA ALA C 446 1.09 -36.89 26.65
C ALA C 446 0.28 -37.56 25.56
N LYS C 447 0.42 -37.05 24.35
CA LYS C 447 -0.30 -37.63 23.24
C LYS C 447 0.59 -38.40 22.29
N ARG C 448 0.20 -39.65 22.16
CA ARG C 448 0.11 -40.33 20.89
C ARG C 448 0.11 -39.39 19.68
N ALA C 449 1.08 -39.60 18.79
CA ALA C 449 1.18 -38.82 17.57
C ALA C 449 2.15 -39.46 16.58
N GLU C 450 2.16 -38.89 15.37
CA GLU C 450 2.95 -39.37 14.25
C GLU C 450 4.19 -38.50 14.03
N ASN C 451 5.04 -38.88 13.07
CA ASN C 451 6.43 -38.44 13.00
C ASN C 451 6.69 -37.65 11.72
N MET C 452 7.96 -37.32 11.46
CA MET C 452 8.44 -36.74 10.20
C MET C 452 9.52 -37.58 9.56
N LEU C 453 9.30 -37.94 8.31
CA LEU C 453 10.35 -38.51 7.47
C LEU C 453 10.78 -37.48 6.44
N TRP C 454 11.85 -37.79 5.72
CA TRP C 454 12.69 -36.74 5.18
C TRP C 454 13.23 -37.10 3.80
N HIS C 455 13.47 -36.06 3.00
CA HIS C 455 14.32 -36.23 1.83
C HIS C 455 14.84 -34.86 1.42
N LYS C 456 16.14 -34.65 1.59
CA LYS C 456 16.74 -33.35 1.33
C LYS C 456 18.04 -33.56 0.56
N LEU C 457 18.37 -32.63 -0.32
CA LEU C 457 19.49 -32.80 -1.22
C LEU C 457 20.27 -31.50 -1.34
N PRO C 458 21.57 -31.58 -1.63
CA PRO C 458 22.31 -30.39 -2.03
C PRO C 458 21.70 -29.82 -3.30
N LYS C 459 21.77 -28.51 -3.43
CA LYS C 459 21.02 -27.84 -4.50
C LYS C 459 21.66 -28.05 -5.87
N SER C 460 22.99 -28.08 -5.94
CA SER C 460 23.66 -27.85 -7.22
C SER C 460 24.74 -28.90 -7.46
N ILE C 461 24.65 -29.56 -8.62
CA ILE C 461 25.56 -30.64 -8.99
C ILE C 461 25.81 -30.57 -10.50
N TYR C 462 27.02 -30.95 -10.89
CA TYR C 462 27.41 -31.06 -12.29
C TYR C 462 27.96 -32.45 -12.56
N PHE C 463 27.89 -32.90 -13.81
CA PHE C 463 28.34 -34.25 -14.16
C PHE C 463 28.59 -34.43 -15.66
N ARG C 464 29.88 -34.42 -16.02
CA ARG C 464 30.68 -34.82 -17.19
C ARG C 464 32.18 -34.59 -17.13
N ARG C 465 32.80 -35.41 -17.95
CA ARG C 465 34.05 -35.18 -18.63
C ARG C 465 34.21 -33.68 -18.84
N GLY C 466 35.34 -33.14 -18.43
CA GLY C 466 35.60 -31.73 -18.66
C GLY C 466 34.56 -30.85 -18.04
N SER C 467 33.92 -31.31 -16.97
CA SER C 467 33.06 -30.42 -16.23
C SER C 467 33.82 -29.21 -15.76
N LEU C 468 35.04 -29.45 -15.26
CA LEU C 468 35.71 -28.47 -14.43
C LEU C 468 35.60 -27.07 -15.00
N PRO C 469 36.10 -26.77 -16.21
CA PRO C 469 36.07 -25.38 -16.65
C PRO C 469 34.66 -24.85 -16.77
N ILE C 470 33.78 -25.64 -17.37
CA ILE C 470 32.42 -25.19 -17.59
C ILE C 470 31.65 -25.22 -16.28
N ALA C 471 32.10 -26.04 -15.32
CA ALA C 471 31.46 -26.04 -14.00
C ALA C 471 31.81 -24.77 -13.25
N LEU C 472 33.09 -24.43 -13.19
CA LEU C 472 33.54 -23.29 -12.42
C LEU C 472 33.39 -21.99 -13.16
N SER C 473 32.99 -22.03 -14.44
CA SER C 473 32.78 -20.80 -15.18
C SER C 473 31.84 -19.86 -14.46
N ASP C 474 30.85 -20.42 -13.76
CA ASP C 474 29.81 -19.64 -13.11
C ASP C 474 30.22 -19.17 -11.76
N LEU C 475 31.51 -19.04 -11.52
CA LEU C 475 32.08 -18.63 -10.23
C LEU C 475 32.56 -17.17 -10.25
N GLU C 476 31.68 -16.17 -10.27
CA GLU C 476 32.09 -14.83 -10.72
C GLU C 476 33.00 -14.13 -9.71
N GLY C 477 32.39 -13.57 -8.67
CA GLY C 477 33.03 -12.63 -7.77
C GLY C 477 33.32 -13.20 -6.41
N LYS C 478 33.01 -14.47 -6.19
CA LYS C 478 33.52 -15.12 -5.01
C LYS C 478 35.02 -14.91 -4.99
N LYS C 479 35.54 -14.25 -3.97
CA LYS C 479 36.91 -13.74 -4.10
C LYS C 479 37.93 -14.63 -3.41
N ARG C 480 37.71 -15.02 -2.16
CA ARG C 480 38.73 -15.83 -1.53
C ARG C 480 38.38 -17.31 -1.59
N ALA C 481 39.44 -18.11 -1.70
CA ALA C 481 39.27 -19.52 -1.95
C ALA C 481 40.28 -20.24 -1.08
N PHE C 482 39.93 -21.45 -0.72
CA PHE C 482 40.79 -22.30 0.08
C PHE C 482 40.72 -23.71 -0.46
N LEU C 483 41.86 -24.36 -0.51
CA LEU C 483 41.98 -25.72 -0.98
C LEU C 483 42.07 -26.69 0.19
N VAL C 484 41.30 -27.77 0.09
CA VAL C 484 41.43 -28.91 0.97
C VAL C 484 41.64 -30.14 0.10
N THR C 485 42.72 -30.86 0.38
CA THR C 485 43.26 -31.93 -0.44
C THR C 485 44.27 -32.72 0.39
N ASP C 486 44.88 -33.70 -0.26
CA ASP C 486 45.92 -34.58 0.28
C ASP C 486 47.23 -34.38 -0.47
N ARG C 487 48.34 -34.60 0.24
CA ARG C 487 49.64 -34.37 -0.37
C ARG C 487 49.94 -35.35 -1.50
N PHE C 488 49.31 -36.53 -1.50
CA PHE C 488 49.50 -37.41 -2.65
C PHE C 488 48.88 -36.79 -3.90
N LEU C 489 47.62 -36.40 -3.81
CA LEU C 489 46.92 -35.85 -4.96
C LEU C 489 47.45 -34.48 -5.33
N PHE C 490 47.66 -33.61 -4.34
CA PHE C 490 48.36 -32.37 -4.60
C PHE C 490 49.72 -32.61 -5.20
N ASN C 491 50.38 -33.69 -4.78
CA ASN C 491 51.66 -34.04 -5.37
C ASN C 491 51.51 -34.36 -6.85
N ASN C 492 50.43 -35.03 -7.22
CA ASN C 492 50.17 -35.27 -8.62
C ASN C 492 49.81 -33.97 -9.32
N GLY C 493 49.90 -33.99 -10.65
CA GLY C 493 49.55 -32.83 -11.43
C GLY C 493 48.06 -32.62 -11.52
N TYR C 494 47.42 -32.45 -10.36
CA TYR C 494 45.99 -32.25 -10.29
C TYR C 494 45.64 -30.90 -9.68
N ALA C 495 46.18 -30.59 -8.51
CA ALA C 495 45.88 -29.31 -7.88
C ALA C 495 46.28 -28.15 -8.77
N ASP C 496 47.47 -28.24 -9.37
CA ASP C 496 47.92 -27.25 -10.34
C ASP C 496 46.82 -26.85 -11.30
N ASP C 497 46.05 -27.82 -11.79
CA ASP C 497 45.00 -27.54 -12.75
C ASP C 497 43.97 -26.58 -12.16
N VAL C 498 43.49 -26.88 -10.96
CA VAL C 498 42.44 -26.07 -10.36
C VAL C 498 42.99 -24.72 -9.91
N VAL C 499 44.22 -24.64 -9.41
CA VAL C 499 44.68 -23.31 -9.04
C VAL C 499 44.90 -22.47 -10.28
N ALA C 500 45.32 -23.10 -11.39
CA ALA C 500 45.41 -22.36 -12.64
C ALA C 500 44.05 -21.83 -13.05
N LEU C 501 43.03 -22.68 -12.97
CA LEU C 501 41.69 -22.21 -13.29
C LEU C 501 41.18 -21.19 -12.28
N LEU C 502 41.79 -21.16 -11.10
CA LEU C 502 41.42 -20.14 -10.13
C LEU C 502 42.04 -18.82 -10.50
N LYS C 503 43.29 -18.88 -10.97
CA LYS C 503 43.92 -17.72 -11.58
C LYS C 503 43.15 -17.25 -12.80
N ALA C 504 42.40 -18.15 -13.43
CA ALA C 504 41.74 -17.82 -14.69
C ALA C 504 40.96 -16.50 -14.58
N GLN C 505 40.31 -16.28 -13.45
CA GLN C 505 39.87 -14.93 -13.12
C GLN C 505 40.63 -14.36 -11.94
N GLY C 506 41.37 -15.23 -11.23
CA GLY C 506 42.40 -14.78 -10.32
C GLY C 506 41.95 -14.71 -8.89
N MET C 507 42.23 -15.75 -8.10
CA MET C 507 41.73 -15.89 -6.75
C MET C 507 42.89 -15.98 -5.78
N GLU C 508 42.77 -15.33 -4.64
CA GLU C 508 43.73 -15.54 -3.55
C GLU C 508 43.40 -16.85 -2.84
N VAL C 509 44.27 -17.83 -3.01
CA VAL C 509 44.03 -19.20 -2.61
C VAL C 509 45.25 -19.72 -1.86
N GLN C 510 45.06 -20.85 -1.18
CA GLN C 510 46.18 -21.58 -0.62
C GLN C 510 45.79 -23.05 -0.52
N THR C 511 46.69 -23.91 -0.99
CA THR C 511 46.49 -25.34 -0.94
C THR C 511 46.70 -25.84 0.48
N PHE C 512 45.85 -26.76 0.90
CA PHE C 512 46.03 -27.46 2.16
C PHE C 512 45.94 -28.95 1.87
N PHE C 513 47.08 -29.61 1.88
CA PHE C 513 47.22 -31.03 1.58
C PHE C 513 47.66 -31.84 2.79
N GLU C 514 47.25 -31.44 3.99
CA GLU C 514 47.86 -31.94 5.21
C GLU C 514 46.93 -32.86 6.01
N VAL C 515 46.16 -33.68 5.31
CA VAL C 515 45.31 -34.68 5.95
C VAL C 515 45.68 -36.06 5.43
N GLU C 516 45.85 -37.02 6.34
CA GLU C 516 46.12 -38.37 5.89
C GLU C 516 44.80 -39.14 5.82
N ALA C 517 44.87 -40.46 6.01
CA ALA C 517 43.68 -41.28 5.81
C ALA C 517 42.52 -40.93 6.75
N ASP C 518 42.71 -40.02 7.71
CA ASP C 518 41.62 -39.83 8.68
C ASP C 518 41.57 -38.42 9.24
N PRO C 519 40.38 -37.97 9.64
CA PRO C 519 40.28 -36.84 10.57
C PRO C 519 40.84 -37.23 11.94
N THR C 520 41.57 -36.30 12.55
CA THR C 520 42.50 -36.65 13.61
C THR C 520 42.26 -35.98 14.93
N LEU C 521 41.64 -34.79 14.93
CA LEU C 521 41.62 -33.81 16.01
C LEU C 521 42.93 -33.05 16.08
N SER C 522 43.82 -33.24 15.11
CA SER C 522 45.11 -32.57 15.07
C SER C 522 45.27 -31.69 13.84
N VAL C 523 44.94 -32.21 12.65
CA VAL C 523 44.96 -31.33 11.48
C VAL C 523 43.78 -30.39 11.53
N VAL C 524 42.67 -30.85 12.09
CA VAL C 524 41.43 -30.08 11.99
C VAL C 524 41.64 -28.68 12.54
N GLU C 525 42.29 -28.56 13.68
CA GLU C 525 42.49 -27.25 14.26
C GLU C 525 43.58 -26.45 13.56
N LYS C 526 44.65 -27.07 13.06
CA LYS C 526 45.62 -26.25 12.34
C LYS C 526 45.00 -25.71 11.06
N GLY C 527 44.25 -26.54 10.35
CA GLY C 527 43.57 -26.06 9.16
C GLY C 527 42.58 -24.96 9.47
N ALA C 528 41.80 -25.15 10.55
CA ALA C 528 40.86 -24.11 10.95
C ALA C 528 41.59 -22.82 11.26
N ALA C 529 42.67 -22.89 12.03
CA ALA C 529 43.41 -21.70 12.40
C ALA C 529 44.02 -21.03 11.18
N ALA C 530 44.59 -21.81 10.27
CA ALA C 530 45.20 -21.24 9.08
C ALA C 530 44.18 -20.51 8.23
N MET C 531 43.06 -21.16 7.95
CA MET C 531 42.08 -20.52 7.09
C MET C 531 41.45 -19.32 7.79
N GLN C 532 41.17 -19.42 9.09
CA GLN C 532 40.60 -18.27 9.78
C GLN C 532 41.63 -17.16 9.91
N SER C 533 42.91 -17.47 9.75
CA SER C 533 43.87 -16.40 9.52
C SER C 533 43.67 -15.82 8.13
N PHE C 534 43.35 -16.68 7.16
CA PHE C 534 43.17 -16.24 5.80
C PHE C 534 41.80 -15.58 5.61
N GLN C 535 40.81 -16.01 6.38
CA GLN C 535 39.41 -15.64 6.15
C GLN C 535 38.96 -15.93 4.72
N PRO C 536 39.10 -17.14 4.21
CA PRO C 536 38.60 -17.41 2.86
C PRO C 536 37.08 -17.33 2.84
N ASP C 537 36.54 -17.15 1.64
CA ASP C 537 35.10 -17.07 1.52
C ASP C 537 34.54 -18.20 0.66
N VAL C 538 35.39 -19.01 0.05
CA VAL C 538 34.95 -20.22 -0.65
C VAL C 538 35.89 -21.34 -0.27
N ILE C 539 35.33 -22.52 -0.02
CA ILE C 539 36.11 -23.67 0.41
C ILE C 539 35.96 -24.75 -0.64
N LEU C 540 37.10 -25.27 -1.07
CA LEU C 540 37.19 -26.27 -2.14
C LEU C 540 37.61 -27.61 -1.56
N ALA C 541 36.68 -28.54 -1.53
CA ALA C 541 36.92 -29.87 -1.00
C ALA C 541 37.33 -30.78 -2.15
N LEU C 542 38.45 -31.47 -2.00
CA LEU C 542 39.00 -32.28 -3.07
C LEU C 542 39.16 -33.71 -2.58
N GLY C 543 38.88 -34.69 -3.44
CA GLY C 543 39.33 -36.03 -3.15
C GLY C 543 38.35 -37.08 -2.66
N GLY C 544 38.80 -37.94 -1.74
CA GLY C 544 38.05 -39.10 -1.31
C GLY C 544 38.13 -39.36 0.18
N GLY C 545 36.96 -39.39 0.83
CA GLY C 545 36.87 -39.64 2.25
C GLY C 545 37.42 -38.51 3.10
N SER C 546 38.47 -38.81 3.85
CA SER C 546 38.92 -37.93 4.92
C SER C 546 39.10 -36.48 4.50
N PRO C 547 39.70 -36.15 3.35
CA PRO C 547 39.91 -34.72 3.05
C PRO C 547 38.65 -33.88 3.12
N MET C 548 37.53 -34.39 2.66
CA MET C 548 36.38 -33.52 2.53
C MET C 548 35.72 -33.25 3.88
N ASP C 549 35.24 -34.29 4.54
CA ASP C 549 34.47 -34.13 5.77
C ASP C 549 35.23 -33.39 6.87
N ALA C 550 36.50 -33.73 7.10
CA ALA C 550 37.30 -32.97 8.04
C ALA C 550 37.23 -31.49 7.73
N ALA C 551 37.44 -31.14 6.45
CA ALA C 551 37.22 -29.78 6.01
C ALA C 551 35.89 -29.25 6.55
N LYS C 552 34.79 -29.91 6.19
CA LYS C 552 33.48 -29.52 6.68
C LYS C 552 33.56 -29.17 8.16
N ILE C 553 34.08 -30.11 8.95
CA ILE C 553 34.20 -29.89 10.38
C ILE C 553 34.93 -28.59 10.66
N MET C 554 36.19 -28.50 10.25
CA MET C 554 36.93 -27.28 10.53
C MET C 554 36.31 -26.11 9.79
N TRP C 555 35.64 -26.39 8.67
CA TRP C 555 34.86 -25.34 8.02
C TRP C 555 33.92 -24.71 9.02
N VAL C 556 33.10 -25.55 9.67
CA VAL C 556 32.12 -25.00 10.61
C VAL C 556 32.85 -24.41 11.80
N MET C 557 34.06 -24.90 12.08
CA MET C 557 34.80 -24.33 13.19
C MET C 557 35.19 -22.90 12.88
N TYR C 558 35.39 -22.60 11.61
CA TYR C 558 35.57 -21.22 11.19
C TYR C 558 34.31 -20.41 11.44
N GLU C 559 33.14 -21.02 11.24
CA GLU C 559 31.90 -20.28 11.35
C GLU C 559 31.66 -19.85 12.79
N HIS C 560 31.85 -20.76 13.74
CA HIS C 560 31.85 -20.44 15.17
C HIS C 560 33.17 -20.82 15.81
N PRO C 561 34.13 -19.91 15.84
CA PRO C 561 35.36 -20.13 16.60
C PRO C 561 35.10 -20.27 18.09
N ASP C 562 33.96 -19.76 18.57
CA ASP C 562 33.71 -19.64 20.00
C ASP C 562 33.48 -20.97 20.70
N THR C 563 32.55 -21.77 20.20
CA THR C 563 32.11 -22.97 20.92
C THR C 563 33.22 -24.01 20.98
N HIS C 564 33.14 -24.88 21.98
CA HIS C 564 33.90 -26.11 21.91
C HIS C 564 33.20 -27.15 21.04
N PHE C 565 33.72 -28.37 21.06
CA PHE C 565 33.48 -29.30 19.97
C PHE C 565 32.69 -30.53 20.38
N GLU C 566 32.86 -30.99 21.64
CA GLU C 566 32.16 -32.20 22.03
C GLU C 566 30.71 -32.01 21.69
N GLU C 567 30.13 -31.02 22.30
CA GLU C 567 28.71 -30.75 22.20
C GLU C 567 28.28 -30.61 20.75
N LEU C 568 29.20 -30.25 19.86
CA LEU C 568 28.88 -30.44 18.46
C LEU C 568 28.67 -31.92 18.18
N ALA C 569 29.56 -32.77 18.68
CA ALA C 569 29.31 -34.21 18.55
C ALA C 569 28.25 -34.70 19.55
N MET C 570 28.37 -34.28 20.78
CA MET C 570 27.66 -34.87 21.89
C MET C 570 26.20 -34.50 21.77
N ARG C 571 25.97 -33.29 21.27
CA ARG C 571 24.67 -32.72 21.04
C ARG C 571 23.98 -33.29 19.82
N PHE C 572 24.72 -33.64 18.78
CA PHE C 572 24.11 -34.06 17.53
C PHE C 572 24.76 -35.39 17.15
N MET C 573 24.11 -36.49 17.51
CA MET C 573 24.69 -37.81 17.31
C MET C 573 24.13 -38.54 16.10
N ASP C 574 22.87 -38.32 15.77
CA ASP C 574 22.23 -39.00 14.65
C ASP C 574 21.00 -38.20 14.24
N ILE C 575 20.07 -38.90 13.59
CA ILE C 575 18.90 -38.30 12.98
C ILE C 575 17.75 -38.24 13.98
N ARG C 576 16.80 -37.37 13.66
CA ARG C 576 15.44 -37.41 14.17
C ARG C 576 15.32 -36.91 15.60
N LYS C 577 16.44 -36.71 16.28
CA LYS C 577 16.34 -35.91 17.48
C LYS C 577 16.59 -34.46 17.14
N ARG C 578 15.63 -33.85 16.45
CA ARG C 578 15.80 -32.47 15.98
C ARG C 578 15.60 -31.51 17.16
N ILE C 579 16.54 -31.62 18.08
CA ILE C 579 16.47 -30.98 19.39
C ILE C 579 17.88 -30.51 19.74
N TYR C 580 18.13 -29.21 19.57
CA TYR C 580 17.12 -28.25 19.13
C TYR C 580 17.51 -27.35 17.97
N LYS C 581 18.74 -26.84 17.93
CA LYS C 581 19.04 -25.73 17.02
C LYS C 581 20.22 -26.09 16.14
N PHE C 582 20.70 -25.07 15.43
CA PHE C 582 21.83 -25.31 14.56
C PHE C 582 23.05 -24.62 15.14
N PRO C 583 24.23 -25.11 14.85
CA PRO C 583 25.34 -24.18 14.68
C PRO C 583 25.11 -23.48 13.35
N LYS C 584 25.32 -22.17 13.36
CA LYS C 584 24.56 -21.32 12.45
C LYS C 584 25.40 -20.93 11.24
N MET C 585 25.38 -21.76 10.21
CA MET C 585 26.16 -21.55 8.98
C MET C 585 25.27 -21.29 7.77
N GLY C 586 25.92 -21.32 6.60
CA GLY C 586 25.51 -20.54 5.45
C GLY C 586 26.11 -19.15 5.45
N LYS C 587 27.21 -18.97 6.17
CA LYS C 587 27.55 -17.67 6.75
C LYS C 587 28.43 -16.83 5.83
N LYS C 588 29.68 -17.24 5.69
CA LYS C 588 30.77 -16.45 5.15
C LYS C 588 31.66 -17.27 4.25
N ALA C 589 31.23 -18.49 3.94
CA ALA C 589 31.95 -19.40 3.07
C ALA C 589 30.95 -20.38 2.48
N GLU C 590 31.25 -20.86 1.28
CA GLU C 590 30.43 -21.89 0.64
C GLU C 590 31.30 -23.11 0.38
N LEU C 591 30.65 -24.23 0.08
CA LEU C 591 31.30 -25.52 -0.09
C LEU C 591 31.19 -26.04 -1.52
N VAL C 592 32.35 -26.28 -2.15
CA VAL C 592 32.39 -26.86 -3.48
C VAL C 592 33.21 -28.13 -3.44
N CYS C 593 32.57 -29.26 -3.70
CA CYS C 593 33.18 -30.56 -3.49
C CYS C 593 33.42 -31.30 -4.79
N ILE C 594 34.55 -31.99 -4.84
CA ILE C 594 34.97 -32.80 -5.97
C ILE C 594 35.31 -34.18 -5.44
N THR C 595 34.52 -35.18 -5.84
CA THR C 595 34.88 -36.53 -5.48
C THR C 595 36.00 -37.03 -6.37
N THR C 596 36.69 -38.07 -5.91
CA THR C 596 37.70 -38.71 -6.75
C THR C 596 37.52 -40.21 -6.78
N THR C 597 36.97 -40.77 -5.71
CA THR C 597 36.85 -42.22 -5.59
C THR C 597 35.44 -42.67 -5.94
N SER C 598 35.35 -43.62 -6.85
CA SER C 598 34.05 -44.15 -7.25
C SER C 598 33.62 -45.15 -6.18
N GLY C 599 32.68 -44.75 -5.34
CA GLY C 599 32.18 -45.65 -4.33
C GLY C 599 31.81 -45.03 -3.00
N THR C 600 32.10 -43.74 -2.83
CA THR C 600 31.70 -43.04 -1.61
C THR C 600 30.66 -41.99 -1.94
N GLY C 601 29.58 -42.01 -1.14
CA GLY C 601 28.55 -41.02 -1.30
C GLY C 601 28.71 -39.94 -0.27
N SER C 602 29.92 -39.84 0.29
CA SER C 602 30.17 -38.89 1.36
C SER C 602 30.01 -37.46 0.91
N GLU C 603 30.42 -37.15 -0.33
CA GLU C 603 30.43 -35.77 -0.78
C GLU C 603 29.03 -35.20 -0.95
N VAL C 604 28.00 -36.00 -0.69
CA VAL C 604 26.64 -35.49 -0.71
C VAL C 604 26.03 -35.61 0.68
N THR C 605 26.50 -36.59 1.44
CA THR C 605 25.92 -36.82 2.75
C THR C 605 26.32 -35.71 3.72
N PRO C 606 25.46 -35.41 4.67
CA PRO C 606 25.79 -34.47 5.75
C PRO C 606 26.46 -35.18 6.91
N PHE C 607 27.46 -35.99 6.61
CA PHE C 607 28.07 -36.83 7.62
C PHE C 607 29.55 -36.50 7.76
N ALA C 608 30.07 -36.77 8.94
CA ALA C 608 31.49 -36.59 9.21
C ALA C 608 31.91 -37.56 10.29
N VAL C 609 33.15 -38.00 10.21
CA VAL C 609 33.74 -38.87 11.22
C VAL C 609 35.06 -38.27 11.63
N VAL C 610 35.26 -38.11 12.93
CA VAL C 610 36.53 -37.61 13.45
C VAL C 610 37.01 -38.57 14.52
N THR C 611 38.33 -38.70 14.62
CA THR C 611 38.93 -39.67 15.50
C THR C 611 39.75 -38.96 16.57
N ASP C 612 39.61 -39.42 17.80
CA ASP C 612 40.29 -38.79 18.93
C ASP C 612 41.78 -39.11 18.90
N ASP C 613 42.55 -38.42 19.74
CA ASP C 613 43.99 -38.62 19.68
C ASP C 613 44.56 -39.49 20.79
N LYS C 614 43.89 -39.64 21.94
CA LYS C 614 44.43 -40.61 22.90
C LYS C 614 44.42 -42.00 22.31
N THR C 615 43.21 -42.53 22.20
CA THR C 615 42.89 -43.90 21.84
C THR C 615 42.08 -43.99 20.56
N GLY C 616 41.89 -42.90 19.85
CA GLY C 616 41.11 -42.91 18.63
C GLY C 616 39.63 -43.08 18.85
N ALA C 617 39.05 -42.33 19.79
CA ALA C 617 37.61 -42.33 20.00
C ALA C 617 36.90 -41.83 18.76
N LYS C 618 35.90 -42.59 18.30
CA LYS C 618 35.13 -42.25 17.12
C LYS C 618 34.07 -41.22 17.48
N TYR C 619 33.94 -40.19 16.64
CA TYR C 619 32.92 -39.19 16.84
C TYR C 619 32.18 -39.03 15.52
N PRO C 620 30.96 -39.54 15.43
CA PRO C 620 30.15 -39.37 14.22
C PRO C 620 29.25 -38.14 14.27
N LEU C 621 29.30 -37.33 13.23
CA LEU C 621 28.50 -36.13 13.09
C LEU C 621 27.51 -36.29 11.95
N ALA C 622 26.26 -35.92 12.19
CA ALA C 622 25.20 -36.15 11.23
C ALA C 622 24.09 -35.14 11.42
N ASP C 623 24.00 -34.17 10.51
CA ASP C 623 22.85 -33.28 10.43
C ASP C 623 22.88 -32.51 9.11
N TYR C 624 21.70 -32.28 8.54
CA TYR C 624 21.59 -31.91 7.14
C TYR C 624 22.25 -30.59 6.78
N GLU C 625 22.51 -29.69 7.72
CA GLU C 625 23.20 -28.49 7.29
C GLU C 625 24.65 -28.76 6.92
N LEU C 626 25.16 -29.96 7.18
CA LEU C 626 26.49 -30.32 6.73
C LEU C 626 26.56 -30.57 5.23
N THR C 627 25.44 -30.70 4.54
CA THR C 627 25.49 -30.98 3.11
C THR C 627 26.15 -29.83 2.37
N PRO C 628 27.15 -30.10 1.55
CA PRO C 628 27.71 -29.04 0.71
C PRO C 628 26.67 -28.55 -0.28
N GLN C 629 26.69 -27.26 -0.56
CA GLN C 629 25.74 -26.76 -1.54
C GLN C 629 26.22 -27.07 -2.96
N MET C 630 27.50 -27.41 -3.12
CA MET C 630 28.06 -27.58 -4.45
C MET C 630 28.73 -28.93 -4.60
N ALA C 631 28.29 -29.71 -5.59
CA ALA C 631 28.89 -31.01 -5.87
C ALA C 631 29.17 -31.15 -7.36
N ILE C 632 30.36 -31.62 -7.70
CA ILE C 632 30.72 -31.85 -9.09
C ILE C 632 31.27 -33.26 -9.23
N VAL C 633 30.77 -33.97 -10.22
CA VAL C 633 31.14 -35.35 -10.48
C VAL C 633 31.68 -35.39 -11.90
N ASP C 634 32.99 -35.24 -12.03
CA ASP C 634 33.67 -35.39 -13.30
C ASP C 634 34.19 -36.81 -13.41
N ALA C 635 34.54 -37.21 -14.62
CA ALA C 635 35.20 -38.49 -14.80
C ALA C 635 36.69 -38.32 -15.01
N ASN C 636 37.13 -37.25 -15.68
CA ASN C 636 38.52 -37.12 -16.13
C ASN C 636 39.49 -37.76 -15.15
N LEU C 637 39.22 -37.57 -13.87
CA LEU C 637 39.96 -38.21 -12.80
C LEU C 637 40.23 -39.70 -13.02
N VAL C 638 39.25 -40.59 -12.93
CA VAL C 638 39.69 -41.97 -12.79
C VAL C 638 39.42 -42.75 -14.06
N MET C 639 40.41 -42.67 -14.96
CA MET C 639 40.75 -43.66 -15.96
C MET C 639 41.95 -44.46 -15.52
N ASN C 640 42.83 -43.86 -14.71
CA ASN C 640 44.09 -44.48 -14.37
C ASN C 640 44.12 -45.07 -12.96
N MET C 641 43.10 -44.86 -12.16
CA MET C 641 43.10 -45.47 -10.83
C MET C 641 42.97 -46.98 -10.96
N PRO C 642 43.86 -47.75 -10.35
CA PRO C 642 44.04 -49.15 -10.71
C PRO C 642 43.09 -50.10 -9.99
N LYS C 643 42.97 -51.29 -10.56
CA LYS C 643 42.31 -52.40 -9.91
C LYS C 643 43.15 -52.86 -8.73
N SER C 644 42.49 -53.31 -7.67
CA SER C 644 41.04 -53.35 -7.62
C SER C 644 40.49 -52.36 -6.61
N LEU C 645 41.21 -51.25 -6.44
CA LEU C 645 40.65 -50.16 -5.64
C LEU C 645 39.33 -49.71 -6.25
N THR C 646 39.26 -49.75 -7.58
CA THR C 646 37.99 -49.69 -8.28
C THR C 646 36.97 -50.60 -7.60
N ALA C 647 37.33 -51.87 -7.46
CA ALA C 647 36.41 -52.84 -6.86
C ALA C 647 36.08 -52.44 -5.44
N PHE C 648 37.06 -51.93 -4.70
CA PHE C 648 36.80 -51.57 -3.31
C PHE C 648 35.71 -50.51 -3.22
N GLY C 649 35.87 -49.42 -3.98
CA GLY C 649 34.85 -48.39 -3.97
C GLY C 649 33.51 -48.89 -4.46
N GLY C 650 33.52 -49.63 -5.56
CA GLY C 650 32.26 -50.13 -6.10
C GLY C 650 31.52 -51.01 -5.12
N TYR C 651 32.25 -51.88 -4.43
CA TYR C 651 31.62 -52.75 -3.45
C TYR C 651 31.12 -51.97 -2.25
N ASP C 652 31.84 -50.91 -1.84
CA ASP C 652 31.30 -50.05 -0.80
C ASP C 652 29.96 -49.47 -1.21
N ALA C 653 29.89 -48.95 -2.43
CA ALA C 653 28.63 -48.40 -2.92
C ALA C 653 27.55 -49.46 -2.98
N VAL C 654 27.93 -50.67 -3.41
CA VAL C 654 26.98 -51.77 -3.50
C VAL C 654 26.36 -52.02 -2.14
N THR C 655 27.20 -52.15 -1.12
CA THR C 655 26.72 -52.30 0.24
C THR C 655 25.79 -51.16 0.61
N HIS C 656 26.22 -49.92 0.34
CA HIS C 656 25.39 -48.76 0.66
C HIS C 656 24.00 -48.95 0.11
N ALA C 657 23.91 -49.37 -1.15
CA ALA C 657 22.61 -49.49 -1.80
C ALA C 657 21.77 -50.57 -1.16
N LEU C 658 22.29 -51.80 -1.08
CA LEU C 658 21.43 -52.89 -0.65
C LEU C 658 20.98 -52.67 0.78
N GLU C 659 21.87 -52.17 1.64
CA GLU C 659 21.40 -51.84 2.97
C GLU C 659 20.35 -50.75 2.94
N ALA C 660 20.52 -49.73 2.09
CA ALA C 660 19.60 -48.61 2.11
C ALA C 660 18.20 -49.07 1.76
N TYR C 661 18.07 -49.94 0.76
CA TYR C 661 16.73 -50.31 0.31
C TYR C 661 15.97 -51.03 1.41
N VAL C 662 16.64 -51.91 2.15
CA VAL C 662 15.95 -52.76 3.12
C VAL C 662 15.85 -52.05 4.46
N SER C 663 16.46 -50.87 4.56
CA SER C 663 16.45 -50.13 5.82
C SER C 663 15.02 -49.79 6.20
N VAL C 664 14.75 -49.81 7.51
CA VAL C 664 13.41 -49.45 7.97
C VAL C 664 13.14 -47.98 7.72
N LEU C 665 14.18 -47.16 7.62
CA LEU C 665 14.03 -45.76 7.29
C LEU C 665 13.74 -45.55 5.81
N ALA C 666 13.78 -46.61 5.02
CA ALA C 666 13.57 -46.48 3.58
C ALA C 666 12.18 -45.96 3.29
N ASN C 667 12.11 -44.72 2.81
CA ASN C 667 10.88 -44.25 2.20
C ASN C 667 10.82 -44.76 0.77
N GLU C 668 9.72 -44.43 0.10
CA GLU C 668 9.65 -44.68 -1.33
C GLU C 668 10.71 -43.89 -2.08
N TYR C 669 11.20 -42.80 -1.48
CA TYR C 669 12.01 -41.85 -2.21
C TYR C 669 13.33 -42.46 -2.64
N SER C 670 13.99 -43.14 -1.72
CA SER C 670 15.30 -43.74 -2.00
C SER C 670 15.19 -44.98 -2.87
N ASP C 671 14.02 -45.60 -2.90
CA ASP C 671 13.87 -46.85 -3.63
C ASP C 671 14.17 -46.64 -5.11
N GLY C 672 13.70 -45.54 -5.68
CA GLY C 672 13.85 -45.35 -7.12
C GLY C 672 15.29 -45.41 -7.57
N GLN C 673 16.08 -44.41 -7.21
CA GLN C 673 17.45 -44.39 -7.70
C GLN C 673 18.34 -45.44 -7.01
N ALA C 674 17.96 -45.95 -5.84
CA ALA C 674 18.70 -47.10 -5.33
C ALA C 674 18.58 -48.28 -6.28
N LEU C 675 17.34 -48.63 -6.63
CA LEU C 675 17.08 -49.65 -7.62
C LEU C 675 17.81 -49.34 -8.92
N GLN C 676 17.81 -48.07 -9.31
CA GLN C 676 18.45 -47.68 -10.56
C GLN C 676 19.93 -48.02 -10.53
N ALA C 677 20.63 -47.57 -9.49
CA ALA C 677 22.06 -47.81 -9.41
C ALA C 677 22.36 -49.30 -9.37
N LEU C 678 21.59 -50.04 -8.59
CA LEU C 678 21.80 -51.48 -8.51
C LEU C 678 21.62 -52.14 -9.87
N LYS C 679 20.54 -51.80 -10.57
CA LYS C 679 20.32 -52.39 -11.88
C LYS C 679 21.45 -52.05 -12.83
N MET C 680 21.87 -50.80 -12.82
CA MET C 680 22.78 -50.33 -13.86
C MET C 680 24.21 -50.72 -13.57
N LEU C 681 24.49 -51.18 -12.36
CA LEU C 681 25.88 -51.50 -12.07
C LEU C 681 26.28 -52.89 -12.55
N LYS C 682 25.32 -53.81 -12.60
CA LYS C 682 25.62 -55.21 -12.81
C LYS C 682 26.32 -55.48 -14.13
N GLU C 683 26.21 -54.57 -15.09
CA GLU C 683 26.84 -54.74 -16.39
C GLU C 683 28.21 -54.11 -16.45
N TYR C 684 28.36 -52.96 -15.81
CA TYR C 684 29.53 -52.13 -16.01
C TYR C 684 30.61 -52.40 -14.97
N LEU C 685 30.29 -53.10 -13.89
CA LEU C 685 31.36 -53.55 -13.02
C LEU C 685 32.34 -54.49 -13.70
N PRO C 686 31.91 -55.62 -14.30
CA PRO C 686 32.92 -56.52 -14.88
C PRO C 686 33.72 -55.87 -15.98
N SER C 687 33.06 -55.04 -16.80
CA SER C 687 33.76 -54.37 -17.88
C SER C 687 34.79 -53.40 -17.34
N SER C 688 34.37 -52.49 -16.46
CA SER C 688 35.30 -51.47 -15.97
C SER C 688 36.43 -52.11 -15.20
N TYR C 689 36.13 -53.16 -14.43
CA TYR C 689 37.17 -53.87 -13.71
C TYR C 689 38.16 -54.50 -14.67
N ALA C 690 37.66 -55.13 -15.73
CA ALA C 690 38.55 -55.69 -16.74
C ALA C 690 39.09 -54.61 -17.66
N ASN C 691 38.25 -53.64 -18.03
CA ASN C 691 38.60 -52.66 -19.05
C ASN C 691 38.63 -51.26 -18.46
N GLY C 692 39.74 -50.57 -18.64
CA GLY C 692 39.92 -49.22 -18.19
C GLY C 692 41.40 -48.96 -18.16
N ALA C 693 41.84 -47.85 -18.74
CA ALA C 693 40.96 -46.85 -19.33
C ALA C 693 40.53 -47.16 -20.75
N LYS C 694 40.74 -48.39 -21.21
CA LYS C 694 40.35 -48.73 -22.57
C LYS C 694 38.86 -48.55 -22.78
N ASP C 695 38.08 -48.58 -21.71
CA ASP C 695 36.63 -48.44 -21.78
C ASP C 695 36.22 -47.17 -21.04
N PRO C 696 36.30 -46.01 -21.68
CA PRO C 696 35.81 -44.79 -21.03
C PRO C 696 34.30 -44.70 -21.13
N ILE C 697 33.63 -45.84 -20.92
CA ILE C 697 32.17 -45.91 -20.85
C ILE C 697 31.83 -46.36 -19.45
N ALA C 698 32.23 -47.59 -19.12
CA ALA C 698 31.80 -48.17 -17.85
C ALA C 698 32.32 -47.38 -16.67
N ARG C 699 33.51 -46.77 -16.79
CA ARG C 699 34.12 -46.10 -15.65
C ARG C 699 33.26 -44.94 -15.16
N GLU C 700 32.91 -44.02 -16.05
CA GLU C 700 32.06 -42.93 -15.62
C GLU C 700 30.67 -43.42 -15.27
N LYS C 701 30.22 -44.50 -15.91
CA LYS C 701 28.92 -45.06 -15.54
C LYS C 701 28.90 -45.48 -14.09
N VAL C 702 29.90 -46.24 -13.65
CA VAL C 702 29.91 -46.68 -12.26
C VAL C 702 30.20 -45.50 -11.34
N HIS C 703 30.94 -44.50 -11.83
CA HIS C 703 31.10 -43.29 -11.05
C HIS C 703 29.76 -42.66 -10.73
N ASN C 704 28.93 -42.49 -11.76
CA ASN C 704 27.61 -41.93 -11.55
C ASN C 704 26.78 -42.84 -10.66
N ALA C 705 26.93 -44.15 -10.83
CA ALA C 705 26.18 -45.08 -9.99
C ALA C 705 26.54 -44.90 -8.53
N ALA C 706 27.82 -44.73 -8.22
CA ALA C 706 28.23 -44.50 -6.84
C ALA C 706 27.66 -43.20 -6.32
N THR C 707 27.67 -42.17 -7.16
CA THR C 707 27.06 -40.91 -6.75
C THR C 707 25.59 -41.10 -6.42
N ILE C 708 24.90 -41.89 -7.24
CA ILE C 708 23.48 -42.17 -7.00
C ILE C 708 23.31 -42.92 -5.70
N ALA C 709 24.20 -43.86 -5.41
CA ALA C 709 24.12 -44.56 -4.14
C ALA C 709 24.24 -43.57 -2.98
N GLY C 710 25.17 -42.63 -3.10
CA GLY C 710 25.29 -41.59 -2.09
C GLY C 710 24.02 -40.78 -1.96
N ILE C 711 23.37 -40.50 -3.08
CA ILE C 711 22.05 -39.89 -3.04
C ILE C 711 21.12 -40.75 -2.20
N ALA C 712 21.19 -42.06 -2.42
CA ALA C 712 20.25 -42.97 -1.79
C ALA C 712 20.40 -42.94 -0.27
N PHE C 713 21.54 -43.42 0.24
CA PHE C 713 21.56 -43.52 1.69
C PHE C 713 21.83 -42.18 2.34
N ALA C 714 21.73 -41.08 1.60
CA ALA C 714 21.77 -39.76 2.22
C ALA C 714 20.59 -39.54 3.14
N ASN C 715 19.49 -40.26 2.94
CA ASN C 715 18.33 -40.20 3.82
C ASN C 715 18.08 -41.51 4.55
N ALA C 716 18.30 -42.64 3.91
CA ALA C 716 18.20 -43.94 4.57
C ALA C 716 19.55 -44.23 5.19
N PHE C 717 19.56 -44.45 6.50
CA PHE C 717 20.82 -44.64 7.19
C PHE C 717 21.44 -46.01 6.88
N LEU C 718 22.64 -46.21 7.42
CA LEU C 718 23.44 -47.38 7.09
C LEU C 718 22.90 -48.62 7.82
N GLY C 719 23.42 -49.78 7.41
CA GLY C 719 23.13 -51.03 8.05
C GLY C 719 24.22 -51.41 9.05
N VAL C 720 23.90 -52.44 9.82
CA VAL C 720 24.80 -52.88 10.89
C VAL C 720 26.14 -53.29 10.31
N CYS C 721 26.11 -53.94 9.14
CA CYS C 721 27.32 -54.33 8.48
C CYS C 721 28.24 -53.16 8.26
N HIS C 722 27.69 -51.96 7.99
CA HIS C 722 28.57 -50.87 7.61
C HIS C 722 29.47 -50.42 8.76
N SER C 723 28.89 -50.10 9.91
CA SER C 723 29.75 -49.71 11.03
C SER C 723 30.57 -50.88 11.51
N MET C 724 30.01 -52.08 11.43
CA MET C 724 30.78 -53.25 11.82
C MET C 724 32.04 -53.37 10.97
N ALA C 725 31.92 -53.12 9.67
CA ALA C 725 33.08 -53.12 8.79
C ALA C 725 33.99 -51.93 9.07
N HIS C 726 33.40 -50.79 9.44
CA HIS C 726 34.19 -49.70 9.99
C HIS C 726 35.14 -50.23 11.03
N LYS C 727 34.62 -51.10 11.89
CA LYS C 727 35.44 -51.60 12.99
C LYS C 727 36.54 -52.51 12.48
N ILE C 728 36.16 -53.56 11.73
CA ILE C 728 37.17 -54.48 11.19
C ILE C 728 38.28 -53.71 10.49
N GLY C 729 37.91 -52.72 9.69
CA GLY C 729 38.93 -51.85 9.13
C GLY C 729 39.72 -51.15 10.21
N ALA C 730 39.06 -50.77 11.30
CA ALA C 730 39.71 -49.99 12.33
C ALA C 730 40.88 -50.73 12.97
N GLU C 731 40.66 -51.96 13.45
CA GLU C 731 41.76 -52.58 14.19
C GLU C 731 42.85 -53.09 13.26
N PHE C 732 42.48 -53.67 12.13
CA PHE C 732 43.46 -54.33 11.28
C PHE C 732 43.92 -53.47 10.13
N HIS C 733 43.60 -52.17 10.15
CA HIS C 733 44.01 -51.23 9.11
C HIS C 733 43.51 -51.65 7.73
N LEU C 734 42.48 -52.47 7.70
CA LEU C 734 41.91 -52.91 6.44
C LEU C 734 41.16 -51.76 5.79
N PRO C 735 41.23 -51.63 4.47
CA PRO C 735 40.51 -50.54 3.81
C PRO C 735 39.01 -50.74 3.88
N HIS C 736 38.29 -49.63 3.84
CA HIS C 736 36.85 -49.70 3.72
C HIS C 736 36.48 -50.25 2.34
N GLY C 737 35.25 -50.74 2.24
CA GLY C 737 34.73 -51.09 0.93
C GLY C 737 34.89 -52.56 0.60
N LEU C 738 36.01 -53.15 0.98
CA LEU C 738 36.16 -54.60 0.86
C LEU C 738 35.92 -55.32 2.17
N ALA C 739 36.17 -54.67 3.30
CA ALA C 739 35.90 -55.30 4.58
C ALA C 739 34.43 -55.67 4.70
N ASN C 740 33.55 -54.71 4.45
CA ASN C 740 32.13 -55.01 4.38
C ASN C 740 31.82 -55.99 3.26
N ALA C 741 32.54 -55.89 2.15
CA ALA C 741 32.28 -56.76 1.01
C ALA C 741 32.54 -58.21 1.36
N LEU C 742 33.28 -58.47 2.44
CA LEU C 742 33.46 -59.83 2.91
C LEU C 742 32.31 -60.29 3.77
N LEU C 743 31.41 -59.40 4.12
CA LEU C 743 30.38 -59.68 5.10
C LEU C 743 29.01 -59.87 4.49
N ILE C 744 28.73 -59.13 3.41
CA ILE C 744 27.35 -58.93 2.96
C ILE C 744 26.62 -60.25 2.96
N ALA C 745 27.32 -61.29 2.51
CA ALA C 745 26.71 -62.59 2.34
C ALA C 745 26.00 -63.00 3.60
N ASN C 746 26.76 -63.28 4.66
CA ASN C 746 26.13 -63.75 5.87
C ASN C 746 25.10 -62.73 6.36
N VAL C 747 25.34 -61.46 6.07
CA VAL C 747 24.47 -60.41 6.56
C VAL C 747 23.04 -60.67 6.12
N VAL C 748 22.85 -60.94 4.83
CA VAL C 748 21.47 -61.11 4.37
C VAL C 748 20.94 -62.46 4.85
N ARG C 749 21.83 -63.42 5.06
CA ARG C 749 21.42 -64.66 5.67
C ARG C 749 20.94 -64.42 7.09
N TYR C 750 21.48 -63.41 7.77
CA TYR C 750 20.87 -62.99 9.01
C TYR C 750 19.46 -62.46 8.77
N ASN C 751 19.30 -61.68 7.71
CA ASN C 751 17.98 -61.24 7.31
C ASN C 751 17.18 -62.38 6.70
N ALA C 752 17.84 -63.49 6.37
CA ALA C 752 17.14 -64.63 5.79
C ALA C 752 16.36 -65.30 6.91
N ASN C 753 15.20 -64.72 7.22
CA ASN C 753 14.36 -65.22 8.29
C ASN C 753 12.91 -65.11 7.90
N ASP C 754 12.12 -66.12 8.27
CA ASP C 754 10.70 -66.06 7.97
C ASP C 754 9.99 -65.20 9.00
N ASN C 755 10.06 -65.57 10.27
CA ASN C 755 9.37 -64.82 11.31
C ASN C 755 9.93 -65.06 12.70
N PRO C 756 11.20 -64.79 12.96
CA PRO C 756 11.71 -64.88 14.33
C PRO C 756 11.29 -63.65 15.11
N THR C 757 10.28 -63.79 15.95
CA THR C 757 9.81 -62.69 16.77
C THR C 757 10.47 -62.76 18.15
N LYS C 758 11.79 -62.91 18.11
CA LYS C 758 12.60 -62.98 19.32
C LYS C 758 13.02 -61.60 19.82
N GLN C 759 13.39 -60.71 18.91
CA GLN C 759 13.85 -59.38 19.32
C GLN C 759 13.32 -58.30 18.39
N THR C 760 12.55 -58.64 17.38
CA THR C 760 12.04 -57.65 16.45
C THR C 760 11.04 -56.73 17.13
N ALA C 761 10.98 -55.49 16.64
CA ALA C 761 10.10 -54.49 17.21
C ALA C 761 9.27 -53.86 16.10
N PHE C 762 7.96 -53.84 16.31
CA PHE C 762 7.04 -53.15 15.42
C PHE C 762 7.19 -53.66 14.00
N SER C 763 7.15 -54.98 13.89
CA SER C 763 7.49 -55.64 12.64
C SER C 763 6.42 -55.39 11.58
N GLN C 764 5.15 -55.56 11.93
CA GLN C 764 4.07 -55.56 10.97
C GLN C 764 3.46 -54.18 10.79
N TYR C 765 4.27 -53.14 10.93
CA TYR C 765 3.81 -51.76 10.87
C TYR C 765 4.00 -51.16 9.48
N ASP C 766 5.23 -51.15 9.01
CA ASP C 766 5.61 -50.60 7.73
C ASP C 766 6.52 -51.53 6.94
N ARG C 767 7.24 -52.40 7.63
CA ARG C 767 8.17 -53.31 6.99
C ARG C 767 7.58 -54.72 7.08
N PRO C 768 6.80 -55.15 6.12
CA PRO C 768 6.14 -56.45 6.24
C PRO C 768 7.14 -57.61 6.33
N GLN C 769 8.04 -57.69 5.36
CA GLN C 769 9.06 -58.73 5.37
C GLN C 769 10.17 -58.37 4.41
N ALA C 770 11.41 -58.44 4.91
CA ALA C 770 12.56 -58.15 4.07
C ALA C 770 12.69 -59.16 2.95
N ARG C 771 12.40 -60.44 3.24
CA ARG C 771 12.53 -61.48 2.22
C ARG C 771 11.80 -61.09 0.94
N ARG C 772 10.59 -60.57 1.08
CA ARG C 772 9.84 -60.18 -0.10
C ARG C 772 10.58 -59.09 -0.84
N ARG C 773 11.14 -58.14 -0.10
CA ARG C 773 11.86 -57.03 -0.71
C ARG C 773 13.03 -57.53 -1.52
N TYR C 774 13.76 -58.48 -0.94
CA TYR C 774 14.88 -59.08 -1.62
C TYR C 774 14.43 -59.78 -2.90
N ALA C 775 13.30 -60.50 -2.82
CA ALA C 775 12.79 -61.18 -4.00
C ALA C 775 12.36 -60.19 -5.07
N GLU C 776 11.83 -59.05 -4.65
CA GLU C 776 11.51 -57.99 -5.60
C GLU C 776 12.77 -57.53 -6.30
N VAL C 777 13.86 -57.42 -5.56
CA VAL C 777 15.14 -57.11 -6.17
C VAL C 777 15.51 -58.19 -7.17
N ALA C 778 15.34 -59.45 -6.79
CA ALA C 778 15.76 -60.58 -7.62
C ALA C 778 15.06 -60.57 -8.96
N ASP C 779 13.73 -60.70 -8.93
CA ASP C 779 12.96 -60.65 -10.16
C ASP C 779 13.10 -59.30 -10.83
N HIS C 780 13.42 -58.27 -10.06
CA HIS C 780 13.55 -56.94 -10.63
C HIS C 780 14.81 -56.83 -11.47
N LEU C 781 15.82 -57.59 -11.11
CA LEU C 781 16.92 -57.88 -12.03
C LEU C 781 16.55 -58.94 -13.04
N GLY C 782 15.46 -59.66 -12.81
CA GLY C 782 15.24 -60.90 -13.53
C GLY C 782 16.21 -61.99 -13.13
N LEU C 783 16.60 -62.03 -11.86
CA LEU C 783 17.52 -63.04 -11.35
C LEU C 783 16.79 -64.26 -10.84
N SER C 784 15.62 -64.55 -11.41
CA SER C 784 14.77 -65.60 -10.90
C SER C 784 14.01 -66.24 -12.05
N GLN C 785 13.77 -67.54 -11.92
CA GLN C 785 12.85 -68.20 -12.81
C GLN C 785 11.46 -67.57 -12.64
N PRO C 786 10.71 -67.39 -13.72
CA PRO C 786 9.35 -66.87 -13.58
C PRO C 786 8.50 -67.67 -12.61
N GLY C 787 8.66 -68.99 -12.58
CA GLY C 787 8.03 -69.78 -11.55
C GLY C 787 8.99 -70.08 -10.41
N ASP C 788 8.91 -69.31 -9.34
CA ASP C 788 9.84 -69.43 -8.23
C ASP C 788 9.12 -69.15 -6.92
N ARG C 789 9.70 -69.62 -5.83
CA ARG C 789 9.35 -69.11 -4.51
C ARG C 789 10.38 -68.06 -4.10
N THR C 790 10.09 -67.40 -2.98
CA THR C 790 10.98 -66.34 -2.52
C THR C 790 12.39 -66.85 -2.30
N ALA C 791 12.54 -67.85 -1.42
CA ALA C 791 13.87 -68.32 -1.04
C ALA C 791 14.67 -68.77 -2.25
N GLN C 792 13.99 -69.31 -3.25
CA GLN C 792 14.66 -69.61 -4.51
C GLN C 792 15.32 -68.36 -5.08
N LYS C 793 14.54 -67.29 -5.19
CA LYS C 793 15.06 -66.03 -5.69
C LYS C 793 16.19 -65.52 -4.82
N ILE C 794 16.08 -65.77 -3.51
CA ILE C 794 17.06 -65.24 -2.56
C ILE C 794 18.41 -65.92 -2.76
N GLU C 795 18.40 -67.25 -2.86
CA GLU C 795 19.64 -67.98 -3.08
C GLU C 795 20.21 -67.63 -4.44
N ARG C 796 19.35 -67.43 -5.45
CA ARG C 796 19.86 -66.91 -6.72
C ARG C 796 20.52 -65.56 -6.53
N LEU C 797 19.91 -64.69 -5.75
CA LEU C 797 20.49 -63.38 -5.49
C LEU C 797 21.90 -63.51 -4.93
N LEU C 798 22.05 -64.27 -3.86
CA LEU C 798 23.33 -64.16 -3.20
C LEU C 798 24.35 -65.07 -3.87
N THR C 799 23.90 -66.07 -4.61
CA THR C 799 24.80 -66.75 -5.53
C THR C 799 25.35 -65.78 -6.56
N TRP C 800 24.45 -65.02 -7.18
CA TRP C 800 24.86 -63.96 -8.10
C TRP C 800 25.97 -63.14 -7.50
N LEU C 801 25.73 -62.57 -6.32
CA LEU C 801 26.79 -61.79 -5.69
C LEU C 801 28.03 -62.64 -5.40
N ASP C 802 27.84 -63.92 -5.10
CA ASP C 802 28.96 -64.77 -4.74
C ASP C 802 29.98 -64.83 -5.86
N GLU C 803 29.61 -65.42 -6.99
CA GLU C 803 30.65 -65.49 -8.02
C GLU C 803 30.81 -64.18 -8.76
N LEU C 804 29.90 -63.22 -8.56
CA LEU C 804 30.19 -61.88 -9.03
C LEU C 804 31.42 -61.32 -8.34
N LYS C 805 31.44 -61.40 -7.00
CA LYS C 805 32.61 -60.95 -6.26
C LYS C 805 33.77 -61.90 -6.43
N VAL C 806 33.52 -63.15 -6.82
CA VAL C 806 34.58 -63.99 -7.34
C VAL C 806 35.27 -63.30 -8.51
N ASN C 807 34.47 -62.74 -9.42
CA ASN C 807 35.02 -62.20 -10.65
C ASN C 807 36.07 -61.14 -10.38
N LEU C 808 36.00 -60.47 -9.23
CA LEU C 808 36.88 -59.35 -8.96
C LEU C 808 38.00 -59.71 -8.00
N ASP C 809 38.33 -60.99 -7.90
CA ASP C 809 39.60 -61.44 -7.35
C ASP C 809 39.79 -60.97 -5.91
N ILE C 810 38.92 -61.47 -5.05
CA ILE C 810 38.94 -61.10 -3.64
C ILE C 810 38.92 -62.38 -2.81
N PRO C 811 39.56 -62.37 -1.65
CA PRO C 811 39.54 -63.56 -0.79
C PRO C 811 38.15 -63.84 -0.29
N LYS C 812 37.89 -65.11 0.03
CA LYS C 812 36.56 -65.54 0.40
C LYS C 812 36.43 -65.88 1.87
N SER C 813 37.54 -65.88 2.60
CA SER C 813 37.54 -65.98 4.04
C SER C 813 38.58 -64.99 4.55
N ILE C 814 38.30 -64.38 5.69
CA ILE C 814 39.16 -63.29 6.14
C ILE C 814 40.54 -63.83 6.52
N GLN C 815 40.62 -65.11 6.88
CA GLN C 815 41.92 -65.74 6.99
C GLN C 815 42.63 -65.74 5.64
N ALA C 816 41.89 -66.00 4.56
CA ALA C 816 42.45 -65.85 3.22
C ALA C 816 42.76 -64.39 2.93
N ALA C 817 42.20 -63.46 3.69
CA ALA C 817 42.58 -62.06 3.58
C ALA C 817 43.85 -61.74 4.35
N GLY C 818 44.38 -62.67 5.13
CA GLY C 818 45.64 -62.46 5.78
C GLY C 818 45.53 -61.88 7.18
N VAL C 819 44.79 -62.54 8.06
CA VAL C 819 44.58 -62.08 9.42
C VAL C 819 44.94 -63.21 10.38
N ALA C 820 45.77 -62.89 11.37
CA ALA C 820 46.04 -63.82 12.45
C ALA C 820 44.77 -64.03 13.27
N GLU C 821 44.34 -65.29 13.34
CA GLU C 821 43.01 -65.62 13.85
C GLU C 821 42.96 -65.95 15.32
N ALA C 822 44.09 -66.33 15.93
CA ALA C 822 44.09 -66.55 17.37
C ALA C 822 43.63 -65.29 18.10
N ASP C 823 44.25 -64.15 17.77
CA ASP C 823 43.86 -62.87 18.36
C ASP C 823 42.49 -62.43 17.85
N PHE C 824 42.16 -62.76 16.61
CA PHE C 824 40.78 -62.58 16.16
C PHE C 824 39.82 -63.12 17.21
N LEU C 825 39.95 -64.40 17.54
CA LEU C 825 39.07 -64.94 18.59
C LEU C 825 39.28 -64.22 19.90
N ALA C 826 40.53 -63.85 20.20
CA ALA C 826 40.83 -63.23 21.48
C ALA C 826 40.07 -61.91 21.66
N LYS C 827 39.83 -61.18 20.57
CA LYS C 827 39.42 -59.79 20.70
C LYS C 827 38.13 -59.48 19.94
N VAL C 828 37.60 -60.47 19.21
CA VAL C 828 36.27 -60.38 18.62
C VAL C 828 35.22 -60.16 19.69
N ASP C 829 35.52 -60.56 20.92
CA ASP C 829 34.53 -60.48 21.99
C ASP C 829 34.09 -59.03 22.20
N GLU C 830 35.05 -58.13 22.42
CA GLU C 830 34.72 -56.73 22.62
C GLU C 830 34.50 -56.02 21.28
N LEU C 831 35.13 -56.53 20.23
CA LEU C 831 34.78 -56.08 18.89
C LEU C 831 33.28 -56.17 18.67
N ALA C 832 32.66 -57.28 19.09
CA ALA C 832 31.24 -57.46 18.87
C ALA C 832 30.41 -56.50 19.73
N VAL C 833 30.85 -56.26 20.97
CA VAL C 833 30.03 -55.41 21.82
C VAL C 833 30.01 -53.98 21.30
N GLU C 834 31.15 -53.48 20.84
CA GLU C 834 31.10 -52.16 20.21
C GLU C 834 30.44 -52.22 18.84
N ALA C 835 30.54 -53.37 18.17
CA ALA C 835 29.81 -53.55 16.92
C ALA C 835 28.31 -53.45 17.11
N PHE C 836 27.82 -53.78 18.30
CA PHE C 836 26.38 -53.66 18.55
C PHE C 836 25.92 -52.21 18.46
N ASP C 837 26.48 -51.35 19.31
CA ASP C 837 25.93 -50.01 19.51
C ASP C 837 26.54 -48.97 18.58
N ASP C 838 27.46 -49.35 17.70
CA ASP C 838 28.07 -48.39 16.78
C ASP C 838 27.02 -47.91 15.79
N GLN C 839 26.18 -46.99 16.25
CA GLN C 839 25.24 -46.26 15.40
C GLN C 839 24.56 -47.17 14.38
N CYS C 840 24.19 -48.36 14.82
CA CYS C 840 23.53 -49.36 13.96
C CYS C 840 22.43 -50.14 14.67
N THR C 841 21.38 -49.50 15.22
CA THR C 841 21.09 -48.06 15.37
C THR C 841 21.46 -46.99 14.33
N GLY C 842 21.23 -47.22 13.04
CA GLY C 842 20.73 -48.48 12.51
C GLY C 842 19.27 -48.62 12.22
N ALA C 843 18.95 -48.60 10.93
CA ALA C 843 17.65 -48.97 10.43
C ALA C 843 17.52 -50.47 10.23
N ASN C 844 18.38 -51.24 10.87
CA ASN C 844 18.33 -52.68 10.75
C ASN C 844 16.97 -53.15 11.24
N PRO C 845 16.19 -53.81 10.39
CA PRO C 845 14.85 -54.21 10.78
C PRO C 845 14.81 -55.10 12.00
N ARG C 846 15.82 -55.94 12.20
CA ARG C 846 15.81 -56.85 13.33
C ARG C 846 16.91 -56.47 14.33
N TYR C 847 16.61 -56.65 15.61
CA TYR C 847 17.65 -56.65 16.61
C TYR C 847 18.68 -57.74 16.35
N PRO C 848 19.96 -57.38 16.45
CA PRO C 848 20.99 -58.36 16.78
C PRO C 848 21.21 -58.36 18.29
N LEU C 849 21.74 -59.46 18.80
CA LEU C 849 22.36 -59.46 20.12
C LEU C 849 23.81 -59.85 19.95
N ILE C 850 24.56 -59.72 21.05
CA ILE C 850 26.00 -59.93 20.99
C ILE C 850 26.33 -61.30 20.41
N ALA C 851 25.51 -62.31 20.73
CA ALA C 851 25.82 -63.66 20.29
C ALA C 851 25.87 -63.77 18.77
N GLU C 852 24.83 -63.30 18.09
CA GLU C 852 24.74 -63.50 16.65
C GLU C 852 25.88 -62.83 15.90
N LEU C 853 26.26 -61.62 16.34
CA LEU C 853 27.42 -60.96 15.74
C LEU C 853 28.63 -61.87 15.76
N LYS C 854 28.87 -62.52 16.88
CA LYS C 854 30.04 -63.37 17.03
C LYS C 854 29.96 -64.56 16.06
N GLU C 855 28.78 -65.16 15.93
CA GLU C 855 28.61 -66.24 14.96
C GLU C 855 28.94 -65.77 13.56
N VAL C 856 28.41 -64.60 13.20
CA VAL C 856 28.64 -64.07 11.86
C VAL C 856 30.10 -63.81 11.63
N LEU C 857 30.77 -63.19 12.61
CA LEU C 857 32.18 -62.85 12.44
C LEU C 857 33.02 -64.08 12.24
N LEU C 858 32.80 -65.11 13.06
CA LEU C 858 33.59 -66.33 12.88
C LEU C 858 33.27 -67.00 11.55
N ALA C 859 32.00 -67.05 11.16
CA ALA C 859 31.63 -67.70 9.92
C ALA C 859 32.26 -66.99 8.73
N SER C 860 32.21 -65.66 8.73
CA SER C 860 32.80 -64.89 7.65
C SER C 860 34.31 -65.07 7.61
N TYR C 861 34.95 -65.07 8.77
CA TYR C 861 36.40 -65.22 8.79
C TYR C 861 36.83 -66.53 8.15
N TYR C 862 36.08 -67.58 8.43
CA TYR C 862 36.33 -68.89 7.85
C TYR C 862 35.62 -69.07 6.52
N GLY C 863 34.96 -68.04 6.02
CA GLY C 863 34.16 -68.19 4.82
C GLY C 863 33.01 -69.14 5.00
N LYS C 864 32.58 -69.34 6.20
CA LYS C 864 31.51 -70.26 6.48
C LYS C 864 30.16 -69.58 6.28
N PRO C 865 29.15 -70.33 5.83
CA PRO C 865 27.82 -69.75 5.62
C PRO C 865 27.06 -69.66 6.94
N PHE C 866 26.78 -68.44 7.39
CA PHE C 866 25.98 -68.22 8.59
C PHE C 866 24.54 -68.63 8.30
N VAL C 867 24.18 -69.82 8.72
CA VAL C 867 22.85 -70.37 8.47
C VAL C 867 22.37 -71.10 9.71
N GLU C 868 21.08 -70.98 10.00
CA GLU C 868 20.49 -71.62 11.15
C GLU C 868 19.14 -72.24 10.79
N PRO D 2 39.30 -46.61 52.64
CA PRO D 2 38.79 -47.50 53.68
C PRO D 2 37.68 -46.84 54.48
N VAL D 3 36.43 -47.18 54.16
CA VAL D 3 35.26 -46.47 54.67
C VAL D 3 34.43 -47.47 55.46
N THR D 4 34.69 -47.59 56.77
CA THR D 4 34.02 -48.62 57.57
C THR D 4 33.50 -48.15 58.93
N ASN D 5 34.11 -47.17 59.56
CA ASN D 5 33.76 -46.84 60.94
C ASN D 5 33.62 -45.32 61.08
N LEU D 6 32.79 -44.94 62.05
CA LEU D 6 32.46 -43.53 62.22
C LEU D 6 33.68 -42.71 62.57
N ALA D 7 34.77 -43.33 62.98
CA ALA D 7 36.04 -42.62 63.05
C ALA D 7 36.43 -42.10 61.68
N GLU D 8 36.75 -43.01 60.76
CA GLU D 8 37.08 -42.57 59.41
C GLU D 8 35.87 -41.98 58.71
N LEU D 9 34.65 -42.40 59.07
CA LEU D 9 33.50 -41.79 58.43
C LEU D 9 33.42 -40.31 58.75
N ASP D 10 33.58 -39.97 60.03
CA ASP D 10 33.52 -38.57 60.42
C ASP D 10 34.73 -37.80 59.90
N ALA D 11 35.89 -38.47 59.85
CA ALA D 11 37.06 -37.82 59.28
C ALA D 11 36.81 -37.43 57.83
N LEU D 12 36.36 -38.37 57.02
CA LEU D 12 36.07 -38.05 55.63
C LEU D 12 34.91 -37.09 55.50
N VAL D 13 33.97 -37.12 56.45
CA VAL D 13 32.92 -36.11 56.47
C VAL D 13 33.57 -34.74 56.55
N ALA D 14 34.47 -34.56 57.52
CA ALA D 14 35.16 -33.30 57.66
C ALA D 14 35.92 -32.97 56.38
N ARG D 15 36.47 -33.98 55.73
CA ARG D 15 37.29 -33.74 54.54
C ARG D 15 36.47 -33.22 53.38
N VAL D 16 35.48 -34.01 52.95
CA VAL D 16 34.62 -33.58 51.86
C VAL D 16 33.87 -32.31 52.25
N LYS D 17 33.67 -32.11 53.56
CA LYS D 17 32.85 -31.01 54.08
C LYS D 17 33.60 -29.68 53.98
N ALA D 18 34.88 -29.69 54.33
CA ALA D 18 35.75 -28.57 54.05
C ALA D 18 35.94 -28.36 52.55
N ALA D 19 36.08 -29.46 51.81
CA ALA D 19 36.23 -29.39 50.37
C ALA D 19 35.03 -28.69 49.74
N GLN D 20 33.84 -28.98 50.23
CA GLN D 20 32.68 -28.21 49.80
C GLN D 20 32.77 -26.77 50.25
N ALA D 21 33.28 -26.53 51.46
CA ALA D 21 33.36 -25.17 51.97
C ALA D 21 34.09 -24.26 50.99
N GLU D 22 35.29 -24.66 50.56
CA GLU D 22 35.99 -23.76 49.64
C GLU D 22 35.67 -24.08 48.19
N PHE D 23 35.03 -25.21 47.91
CA PHE D 23 34.52 -25.44 46.57
C PHE D 23 33.42 -24.46 46.20
N ALA D 24 32.52 -24.18 47.13
CA ALA D 24 31.34 -23.37 46.85
C ALA D 24 31.67 -21.96 46.44
N THR D 25 32.95 -21.63 46.35
CA THR D 25 33.41 -20.29 46.08
C THR D 25 33.74 -20.06 44.62
N PHE D 26 33.34 -20.97 43.75
CA PHE D 26 33.83 -21.02 42.39
C PHE D 26 32.93 -20.22 41.45
N SER D 27 33.52 -19.70 40.39
CA SER D 27 32.78 -18.94 39.40
C SER D 27 32.11 -19.88 38.40
N GLN D 28 30.98 -19.42 37.87
CA GLN D 28 30.15 -20.28 37.02
C GLN D 28 30.93 -20.74 35.79
N GLU D 29 31.60 -19.81 35.13
CA GLU D 29 32.30 -20.06 33.89
C GLU D 29 33.55 -20.92 34.08
N GLN D 30 33.85 -21.35 35.30
CA GLN D 30 34.90 -22.33 35.47
C GLN D 30 34.36 -23.69 35.89
N VAL D 31 33.28 -23.71 36.67
CA VAL D 31 32.63 -24.99 36.94
C VAL D 31 32.06 -25.58 35.67
N ASP D 32 31.75 -24.73 34.68
CA ASP D 32 31.22 -25.22 33.43
C ASP D 32 32.18 -26.21 32.78
N LYS D 33 33.47 -25.91 32.78
CA LYS D 33 34.44 -26.79 32.15
C LYS D 33 34.47 -28.14 32.85
N ILE D 34 34.49 -28.11 34.18
CA ILE D 34 34.42 -29.34 34.96
C ILE D 34 33.18 -30.12 34.56
N PHE D 35 32.06 -29.41 34.40
CA PHE D 35 30.83 -30.02 33.95
C PHE D 35 31.03 -30.76 32.63
N ARG D 36 31.53 -30.05 31.61
CA ARG D 36 31.61 -30.66 30.29
C ARG D 36 32.50 -31.90 30.35
N ALA D 37 33.65 -31.76 31.00
CA ALA D 37 34.61 -32.85 31.04
C ALA D 37 34.04 -34.04 31.78
N ALA D 38 33.40 -33.79 32.92
CA ALA D 38 32.83 -34.89 33.68
C ALA D 38 31.76 -35.60 32.86
N SER D 39 30.89 -34.85 32.20
CA SER D 39 29.87 -35.45 31.36
C SER D 39 30.50 -36.31 30.29
N LEU D 40 31.50 -35.78 29.59
CA LEU D 40 32.21 -36.53 28.56
C LEU D 40 32.78 -37.83 29.10
N ALA D 41 33.54 -37.73 30.17
CA ALA D 41 34.35 -38.85 30.63
C ALA D 41 33.48 -39.90 31.27
N ALA D 42 32.34 -39.49 31.82
CA ALA D 42 31.34 -40.48 32.20
C ALA D 42 30.67 -41.03 30.96
N ASN D 43 30.63 -40.24 29.90
CA ASN D 43 29.83 -40.59 28.75
C ASN D 43 30.37 -41.77 27.97
N GLN D 44 31.66 -41.80 27.67
CA GLN D 44 32.06 -42.84 26.72
C GLN D 44 31.96 -44.25 27.35
N ALA D 45 32.52 -44.43 28.55
CA ALA D 45 32.76 -45.77 29.08
C ALA D 45 31.54 -46.33 29.81
N ARG D 46 30.41 -46.33 29.10
CA ARG D 46 29.18 -46.93 29.60
C ARG D 46 29.29 -48.45 29.61
N ILE D 47 29.91 -49.00 28.56
CA ILE D 47 30.00 -50.45 28.45
C ILE D 47 30.68 -51.07 29.65
N PRO D 48 31.83 -50.59 30.13
CA PRO D 48 32.44 -51.23 31.30
C PRO D 48 31.50 -51.30 32.47
N LEU D 49 31.01 -50.17 32.95
CA LEU D 49 30.29 -50.21 34.22
C LEU D 49 28.99 -50.96 34.04
N ALA D 50 28.45 -50.97 32.82
CA ALA D 50 27.34 -51.86 32.53
C ALA D 50 27.75 -53.31 32.69
N GLN D 51 28.93 -53.68 32.20
CA GLN D 51 29.38 -55.07 32.23
C GLN D 51 29.63 -55.53 33.66
N MET D 52 30.34 -54.71 34.42
CA MET D 52 30.66 -55.11 35.78
C MET D 52 29.48 -54.87 36.72
N ALA D 53 28.52 -54.07 36.29
CA ALA D 53 27.21 -54.12 36.92
C ALA D 53 26.52 -55.45 36.64
N VAL D 54 26.67 -55.96 35.41
CA VAL D 54 26.12 -57.28 35.10
C VAL D 54 26.68 -58.31 36.06
N GLU D 55 27.99 -58.28 36.28
CA GLU D 55 28.55 -59.27 37.19
C GLU D 55 28.14 -59.02 38.64
N GLU D 56 28.17 -57.76 39.10
CA GLU D 56 27.96 -57.51 40.51
C GLU D 56 26.49 -57.67 40.91
N SER D 57 25.58 -57.01 40.18
CA SER D 57 24.17 -57.05 40.58
C SER D 57 23.58 -58.44 40.42
N GLY D 58 23.76 -59.05 39.26
CA GLY D 58 23.38 -60.45 39.10
C GLY D 58 22.40 -60.75 38.00
N MET D 59 21.53 -59.84 37.62
CA MET D 59 20.52 -60.19 36.62
C MET D 59 20.75 -59.37 35.36
N GLY D 60 19.81 -59.50 34.44
CA GLY D 60 19.50 -58.41 33.55
C GLY D 60 20.22 -58.49 32.23
N ILE D 61 19.96 -57.45 31.42
CA ILE D 61 20.29 -57.42 30.02
C ILE D 61 21.31 -56.30 29.85
N VAL D 62 22.30 -56.52 28.99
CA VAL D 62 23.46 -55.61 29.00
C VAL D 62 23.12 -54.29 28.31
N GLU D 63 22.61 -54.35 27.08
CA GLU D 63 22.47 -53.14 26.29
C GLU D 63 21.40 -52.22 26.87
N ASP D 64 20.34 -52.79 27.44
CA ASP D 64 19.41 -51.95 28.17
C ASP D 64 20.17 -51.06 29.14
N LYS D 65 21.14 -51.66 29.81
CA LYS D 65 21.94 -50.98 30.82
C LYS D 65 22.86 -49.95 30.16
N VAL D 66 23.52 -50.33 29.07
CA VAL D 66 24.49 -49.44 28.44
C VAL D 66 23.80 -48.20 27.88
N ILE D 67 22.72 -48.40 27.13
CA ILE D 67 22.02 -47.25 26.57
C ILE D 67 21.16 -46.55 27.61
N LYS D 68 20.85 -47.18 28.75
CA LYS D 68 20.29 -46.27 29.74
C LYS D 68 21.37 -45.31 30.17
N ASN D 69 22.62 -45.77 30.22
CA ASN D 69 23.71 -44.87 30.53
C ASN D 69 23.85 -43.79 29.45
N HIS D 70 23.85 -44.22 28.19
CA HIS D 70 23.75 -43.28 27.07
C HIS D 70 22.69 -42.22 27.34
N PHE D 71 21.44 -42.66 27.45
CA PHE D 71 20.31 -41.76 27.55
C PHE D 71 20.43 -40.89 28.79
N ALA D 72 20.83 -41.48 29.92
CA ALA D 72 20.89 -40.75 31.17
C ALA D 72 21.92 -39.64 31.10
N SER D 73 23.14 -39.97 30.71
CA SER D 73 24.18 -38.96 30.61
C SER D 73 23.76 -37.84 29.66
N GLU D 74 23.30 -38.22 28.47
CA GLU D 74 23.02 -37.22 27.45
C GLU D 74 21.80 -36.39 27.83
N PHE D 75 20.79 -37.03 28.40
CA PHE D 75 19.66 -36.31 28.97
C PHE D 75 20.11 -35.34 30.05
N ILE D 76 21.04 -35.75 30.90
CA ILE D 76 21.43 -34.86 31.98
C ILE D 76 22.09 -33.62 31.41
N TYR D 77 23.00 -33.82 30.46
CA TYR D 77 23.75 -32.69 29.94
C TYR D 77 22.84 -31.80 29.11
N ASN D 78 22.13 -32.39 28.16
CA ASN D 78 21.22 -31.61 27.33
C ASN D 78 20.13 -30.99 28.17
N LYS D 79 19.81 -31.63 29.28
CA LYS D 79 18.79 -31.24 30.21
C LYS D 79 19.11 -29.93 30.89
N TYR D 80 20.38 -29.70 31.24
CA TYR D 80 20.81 -28.54 32.00
C TYR D 80 22.10 -27.91 31.45
N LYS D 81 22.13 -27.53 30.16
CA LYS D 81 23.34 -26.99 29.55
C LYS D 81 24.06 -25.99 30.44
N ASP D 82 23.46 -24.81 30.62
CA ASP D 82 24.08 -23.76 31.42
C ASP D 82 22.90 -22.94 31.94
N GLU D 83 22.57 -23.11 33.20
CA GLU D 83 21.49 -22.34 33.78
C GLU D 83 22.08 -21.59 34.96
N LYS D 84 21.86 -20.28 34.99
CA LYS D 84 22.60 -19.42 35.91
C LYS D 84 22.37 -19.88 37.33
N THR D 85 23.44 -20.34 37.96
CA THR D 85 23.39 -20.85 39.32
C THR D 85 24.45 -20.25 40.22
N CYS D 86 25.23 -19.28 39.73
CA CYS D 86 26.31 -18.69 40.50
C CYS D 86 26.00 -17.23 40.73
N GLY D 87 25.99 -16.82 42.00
CA GLY D 87 25.83 -15.42 42.33
C GLY D 87 24.48 -14.80 42.01
N ILE D 88 24.51 -13.61 41.41
CA ILE D 88 23.29 -12.87 41.12
C ILE D 88 22.42 -13.63 40.14
N LEU D 89 21.10 -13.62 40.39
CA LEU D 89 20.16 -14.24 39.47
C LEU D 89 19.48 -13.11 38.72
N GLU D 90 18.99 -12.10 39.42
CA GLU D 90 18.32 -11.05 38.67
C GLU D 90 18.42 -9.77 39.47
N GLU D 91 18.32 -8.68 38.74
CA GLU D 91 18.53 -7.44 39.45
C GLU D 91 17.35 -6.52 39.19
N ASP D 92 17.03 -5.73 40.19
CA ASP D 92 16.14 -4.58 40.01
C ASP D 92 16.87 -3.35 40.51
N ASP D 93 17.59 -2.69 39.60
CA ASP D 93 18.26 -1.45 39.95
C ASP D 93 17.25 -0.36 40.28
N ASN D 94 16.06 -0.43 39.69
CA ASN D 94 15.01 0.54 39.99
C ASN D 94 14.64 0.51 41.47
N LEU D 95 14.51 -0.67 42.04
CA LEU D 95 14.24 -0.84 43.45
C LEU D 95 15.42 -1.44 44.19
N GLY D 96 16.53 -1.67 43.50
CA GLY D 96 17.71 -2.21 44.15
C GLY D 96 17.48 -3.54 44.82
N THR D 97 16.65 -4.38 44.23
CA THR D 97 16.41 -5.72 44.76
C THR D 97 17.24 -6.70 43.94
N MET D 98 18.30 -7.21 44.55
CA MET D 98 19.13 -8.25 43.96
C MET D 98 18.67 -9.61 44.44
N THR D 99 18.36 -10.50 43.50
CA THR D 99 18.04 -11.88 43.85
C THR D 99 19.20 -12.75 43.41
N ILE D 100 19.81 -13.42 44.38
CA ILE D 100 20.91 -14.34 44.14
C ILE D 100 20.52 -15.71 44.69
N ALA D 101 21.44 -16.65 44.57
CA ALA D 101 21.24 -18.02 44.99
C ALA D 101 22.53 -18.61 45.56
N GLU D 102 22.38 -19.75 46.22
CA GLU D 102 23.54 -20.32 46.90
C GLU D 102 23.37 -21.81 47.16
N PRO D 103 24.47 -22.58 47.16
CA PRO D 103 24.37 -24.02 47.41
C PRO D 103 23.79 -24.34 48.77
N VAL D 104 23.42 -25.60 48.97
CA VAL D 104 22.75 -26.00 50.20
C VAL D 104 23.75 -26.58 51.20
N GLY D 105 24.43 -27.66 50.84
CA GLY D 105 25.34 -28.27 51.78
C GLY D 105 25.66 -29.74 51.54
N ILE D 106 25.58 -30.54 52.59
CA ILE D 106 26.01 -31.93 52.55
C ILE D 106 24.79 -32.82 52.38
N ILE D 107 24.84 -33.72 51.41
CA ILE D 107 23.70 -34.57 51.09
C ILE D 107 24.15 -36.00 50.97
N CYS D 108 23.30 -36.91 51.42
CA CYS D 108 23.51 -38.33 51.26
C CYS D 108 22.71 -38.85 50.08
N GLY D 109 23.23 -39.91 49.46
CA GLY D 109 22.56 -40.54 48.35
C GLY D 109 22.40 -42.03 48.55
N ILE D 110 21.19 -42.54 48.34
CA ILE D 110 20.88 -43.94 48.55
C ILE D 110 20.75 -44.62 47.20
N VAL D 111 21.49 -45.70 47.01
CA VAL D 111 21.64 -46.35 45.72
C VAL D 111 20.95 -47.71 45.78
N PRO D 112 19.87 -47.92 45.03
CA PRO D 112 19.27 -49.25 44.96
C PRO D 112 19.97 -50.13 43.93
N THR D 113 19.79 -51.43 44.10
CA THR D 113 20.47 -52.40 43.26
C THR D 113 19.95 -52.39 41.83
N THR D 114 18.71 -51.95 41.63
CA THR D 114 18.11 -52.04 40.31
C THR D 114 18.84 -51.18 39.28
N ASN D 115 19.25 -49.98 39.68
CA ASN D 115 19.97 -49.06 38.79
C ASN D 115 21.15 -48.50 39.56
N PRO D 116 22.09 -49.36 39.94
CA PRO D 116 23.17 -48.92 40.81
C PRO D 116 24.06 -47.88 40.17
N THR D 117 24.10 -47.84 38.85
CA THR D 117 25.04 -47.00 38.12
C THR D 117 24.46 -45.65 37.72
N SER D 118 23.38 -45.66 36.94
CA SER D 118 22.84 -44.43 36.39
C SER D 118 22.48 -43.46 37.50
N THR D 119 21.86 -43.95 38.56
CA THR D 119 21.47 -43.07 39.66
C THR D 119 22.66 -42.36 40.27
N ALA D 120 23.76 -43.07 40.46
CA ALA D 120 24.93 -42.49 41.12
C ALA D 120 25.49 -41.33 40.31
N ILE D 121 25.75 -41.58 39.03
CA ILE D 121 26.30 -40.53 38.18
C ILE D 121 25.32 -39.38 38.08
N PHE D 122 24.04 -39.71 37.97
CA PHE D 122 22.98 -38.71 37.97
C PHE D 122 23.13 -37.76 39.15
N LYS D 123 23.06 -38.30 40.35
CA LYS D 123 23.10 -37.48 41.55
C LYS D 123 24.41 -36.70 41.62
N SER D 124 25.53 -37.36 41.35
CA SER D 124 26.82 -36.70 41.51
C SER D 124 26.96 -35.53 40.55
N LEU D 125 26.57 -35.75 39.30
CA LEU D 125 26.67 -34.72 38.28
C LEU D 125 25.80 -33.52 38.60
N ILE D 126 24.54 -33.76 38.94
CA ILE D 126 23.71 -32.62 39.29
C ILE D 126 24.20 -31.97 40.56
N SER D 127 24.87 -32.73 41.44
CA SER D 127 25.42 -32.11 42.63
C SER D 127 26.51 -31.12 42.28
N LEU D 128 27.47 -31.55 41.46
CA LEU D 128 28.51 -30.61 41.06
C LEU D 128 27.91 -29.43 40.32
N LYS D 129 26.80 -29.64 39.60
CA LYS D 129 25.99 -28.50 39.24
C LYS D 129 25.72 -27.57 40.41
N THR D 130 25.08 -28.07 41.46
CA THR D 130 24.70 -27.23 42.58
C THR D 130 25.85 -26.83 43.47
N ARG D 131 27.09 -27.07 43.07
CA ARG D 131 28.25 -26.86 43.94
C ARG D 131 28.00 -27.47 45.31
N ASN D 132 27.80 -28.79 45.32
CA ASN D 132 27.40 -29.54 46.51
C ASN D 132 28.49 -30.54 46.87
N GLY D 133 28.25 -31.28 47.94
CA GLY D 133 29.03 -32.45 48.27
C GLY D 133 28.07 -33.61 48.51
N ILE D 134 28.35 -34.79 47.99
CA ILE D 134 27.35 -35.85 48.04
C ILE D 134 27.98 -37.09 48.66
N ILE D 135 27.18 -37.77 49.46
CA ILE D 135 27.56 -38.98 50.17
C ILE D 135 26.69 -40.10 49.62
N PHE D 136 27.29 -41.28 49.44
CA PHE D 136 26.61 -42.39 48.81
C PHE D 136 26.42 -43.55 49.79
N SER D 137 25.25 -44.17 49.71
CA SER D 137 24.96 -45.38 50.46
C SER D 137 24.68 -46.49 49.47
N PRO D 138 25.72 -47.10 48.90
CA PRO D 138 25.51 -48.21 47.97
C PRO D 138 24.94 -49.42 48.69
N HIS D 139 24.25 -50.24 47.92
CA HIS D 139 23.76 -51.48 48.51
C HIS D 139 24.88 -52.51 48.56
N PRO D 140 24.93 -53.34 49.61
CA PRO D 140 25.98 -54.37 49.67
C PRO D 140 25.97 -55.33 48.49
N ARG D 141 24.80 -55.63 47.91
CA ARG D 141 24.75 -56.16 46.56
C ARG D 141 25.64 -55.38 45.60
N ALA D 142 25.23 -54.17 45.26
CA ALA D 142 25.82 -53.45 44.15
C ALA D 142 26.51 -52.22 44.72
N LYS D 143 27.75 -52.38 45.04
CA LYS D 143 28.57 -51.31 45.57
C LYS D 143 29.87 -51.15 44.81
N ASN D 144 30.50 -52.26 44.42
CA ASN D 144 31.80 -52.20 43.79
C ASN D 144 31.75 -51.42 42.49
N SER D 145 30.75 -51.70 41.65
CA SER D 145 30.59 -50.93 40.42
C SER D 145 30.27 -49.48 40.75
N THR D 146 29.43 -49.26 41.76
CA THR D 146 29.12 -47.90 42.17
C THR D 146 30.37 -47.16 42.63
N ASN D 147 31.20 -47.81 43.43
CA ASN D 147 32.43 -47.16 43.90
C ASN D 147 33.39 -46.94 42.74
N ALA D 148 33.37 -47.85 41.75
CA ALA D 148 34.16 -47.65 40.56
C ALA D 148 33.73 -46.40 39.82
N ALA D 149 32.41 -46.21 39.68
CA ALA D 149 31.91 -44.99 39.08
C ALA D 149 32.32 -43.78 39.90
N ALA D 150 32.27 -43.91 41.23
CA ALA D 150 32.70 -42.81 42.09
C ALA D 150 34.12 -42.40 41.78
N LYS D 151 35.05 -43.37 41.81
CA LYS D 151 36.39 -43.15 41.30
C LYS D 151 36.39 -42.41 39.97
N LEU D 152 35.72 -42.98 38.98
CA LEU D 152 35.90 -42.51 37.61
C LEU D 152 35.43 -41.09 37.45
N VAL D 153 34.26 -40.79 37.97
CA VAL D 153 33.70 -39.45 37.82
C VAL D 153 34.52 -38.45 38.63
N LEU D 154 34.93 -38.81 39.85
CA LEU D 154 35.79 -37.91 40.59
C LEU D 154 37.10 -37.69 39.87
N ASP D 155 37.61 -38.70 39.19
CA ASP D 155 38.87 -38.55 38.50
C ASP D 155 38.72 -37.57 37.35
N ALA D 156 37.64 -37.71 36.59
CA ALA D 156 37.34 -36.72 35.57
C ALA D 156 37.28 -35.32 36.16
N ALA D 157 36.56 -35.18 37.28
CA ALA D 157 36.41 -33.86 37.89
C ALA D 157 37.75 -33.30 38.34
N ILE D 158 38.57 -34.13 38.99
CA ILE D 158 39.86 -33.68 39.46
C ILE D 158 40.71 -33.23 38.30
N ALA D 159 40.67 -33.96 37.18
CA ALA D 159 41.37 -33.47 36.02
C ALA D 159 40.52 -32.41 35.34
N ALA D 160 39.97 -31.51 36.14
CA ALA D 160 39.36 -30.30 35.63
C ALA D 160 39.53 -29.11 36.57
N GLY D 161 40.23 -29.26 37.69
CA GLY D 161 40.36 -28.22 38.68
C GLY D 161 39.47 -28.35 39.89
N ALA D 162 38.97 -29.55 40.19
CA ALA D 162 38.08 -29.72 41.32
C ALA D 162 38.87 -29.84 42.62
N PRO D 163 38.24 -29.54 43.76
CA PRO D 163 38.87 -29.85 45.05
C PRO D 163 39.08 -31.34 45.19
N LYS D 164 40.03 -31.71 46.05
CA LYS D 164 40.64 -33.03 45.98
C LYS D 164 39.62 -34.16 46.04
N ASP D 165 38.48 -33.91 46.68
CA ASP D 165 37.35 -34.82 46.59
C ASP D 165 36.06 -34.03 46.77
N ILE D 166 34.97 -34.57 46.24
CA ILE D 166 33.64 -34.05 46.49
C ILE D 166 32.71 -35.24 46.76
N ILE D 167 33.18 -36.43 46.43
CA ILE D 167 32.47 -37.68 46.66
C ILE D 167 32.81 -38.21 48.05
N GLY D 168 31.80 -38.75 48.71
CA GLY D 168 32.03 -39.76 49.72
C GLY D 168 31.13 -40.94 49.44
N TRP D 169 31.61 -42.12 49.80
CA TRP D 169 30.83 -43.33 49.62
C TRP D 169 31.31 -44.36 50.62
N ILE D 170 30.48 -45.37 50.83
CA ILE D 170 30.70 -46.32 51.90
C ILE D 170 31.30 -47.58 51.34
N ASP D 171 32.30 -48.11 52.03
CA ASP D 171 32.78 -49.46 51.78
C ASP D 171 32.11 -50.39 52.78
N GLN D 172 31.82 -51.63 52.33
CA GLN D 172 30.97 -52.57 53.05
C GLN D 172 29.85 -51.82 53.76
N PRO D 173 28.88 -51.29 53.02
CA PRO D 173 27.78 -50.56 53.66
C PRO D 173 27.01 -51.44 54.62
N SER D 174 26.59 -50.84 55.73
CA SER D 174 25.85 -51.53 56.77
C SER D 174 24.77 -50.61 57.31
N VAL D 175 23.74 -51.21 57.90
CA VAL D 175 22.54 -50.46 58.27
C VAL D 175 22.86 -49.39 59.30
N GLU D 176 23.64 -49.74 60.33
CA GLU D 176 23.92 -48.79 61.40
C GLU D 176 24.72 -47.61 60.90
N LEU D 177 25.69 -47.86 60.01
CA LEU D 177 26.43 -46.78 59.38
C LEU D 177 25.49 -45.86 58.61
N SER D 178 24.56 -46.46 57.87
CA SER D 178 23.60 -45.69 57.09
C SER D 178 22.72 -44.83 57.99
N ASN D 179 22.26 -45.37 59.10
CA ASN D 179 21.46 -44.57 60.00
C ASN D 179 22.29 -43.48 60.66
N ALA D 180 23.56 -43.79 60.96
CA ALA D 180 24.42 -42.80 61.60
C ALA D 180 24.63 -41.59 60.71
N LEU D 181 24.99 -41.83 59.45
CA LEU D 181 25.20 -40.67 58.58
C LEU D 181 23.87 -40.05 58.20
N MET D 182 22.83 -40.86 58.04
CA MET D 182 21.52 -40.34 57.69
C MET D 182 20.97 -39.49 58.83
N LYS D 183 21.38 -39.79 60.05
CA LYS D 183 21.08 -38.97 61.20
C LYS D 183 22.25 -38.08 61.59
N HIS D 184 23.30 -38.05 60.79
CA HIS D 184 24.42 -37.16 61.05
C HIS D 184 23.96 -35.71 61.03
N ASP D 185 24.57 -34.89 61.88
CA ASP D 185 24.18 -33.49 61.96
C ASP D 185 24.62 -32.72 60.73
N GLY D 186 25.86 -32.92 60.29
CA GLY D 186 26.44 -32.13 59.24
C GLY D 186 25.76 -32.23 57.90
N ILE D 187 25.09 -33.34 57.62
CA ILE D 187 24.42 -33.54 56.34
C ILE D 187 23.28 -32.54 56.24
N ALA D 188 23.09 -32.01 55.03
CA ALA D 188 22.02 -31.05 54.78
C ALA D 188 20.78 -31.70 54.20
N LEU D 189 20.92 -32.79 53.43
CA LEU D 189 19.78 -33.39 52.80
C LEU D 189 20.07 -34.86 52.49
N ILE D 190 19.02 -35.58 52.11
CA ILE D 190 19.12 -36.99 51.75
C ILE D 190 18.27 -37.24 50.52
N LEU D 191 18.78 -38.09 49.62
CA LEU D 191 18.05 -38.49 48.42
C LEU D 191 17.99 -40.00 48.38
N ALA D 192 16.80 -40.54 48.63
CA ALA D 192 16.57 -41.98 48.66
C ALA D 192 15.61 -42.38 47.56
N THR D 193 15.73 -43.63 47.12
CA THR D 193 14.83 -44.17 46.12
C THR D 193 14.88 -45.69 46.21
N GLY D 194 13.83 -46.34 45.72
CA GLY D 194 13.80 -47.78 45.70
C GLY D 194 12.66 -48.38 46.51
N GLY D 195 13.01 -49.24 47.47
CA GLY D 195 12.02 -49.93 48.26
C GLY D 195 11.14 -48.97 49.03
N PRO D 196 9.83 -49.27 49.08
CA PRO D 196 8.94 -48.45 49.89
C PRO D 196 9.40 -48.36 51.32
N GLY D 197 9.84 -49.48 51.89
CA GLY D 197 10.29 -49.49 53.27
C GLY D 197 11.44 -48.53 53.51
N MET D 198 12.27 -48.32 52.48
CA MET D 198 13.44 -47.48 52.61
C MET D 198 13.07 -46.01 52.81
N VAL D 199 12.23 -45.49 51.92
CA VAL D 199 11.93 -44.06 51.95
C VAL D 199 11.10 -43.71 53.17
N LYS D 200 10.47 -44.70 53.80
CA LYS D 200 9.67 -44.36 54.96
C LYS D 200 10.55 -44.08 56.15
N ALA D 201 11.60 -44.90 56.32
CA ALA D 201 12.63 -44.56 57.28
C ALA D 201 13.31 -43.26 56.90
N ALA D 202 13.42 -43.00 55.59
CA ALA D 202 13.96 -41.72 55.15
C ALA D 202 13.12 -40.55 55.65
N TYR D 203 11.81 -40.62 55.46
CA TYR D 203 10.92 -39.57 55.96
C TYR D 203 10.98 -39.49 57.47
N SER D 204 11.20 -40.62 58.14
CA SER D 204 11.34 -40.66 59.58
C SER D 204 12.73 -40.17 59.99
N SER D 205 13.00 -38.90 59.72
CA SER D 205 14.28 -38.30 60.04
C SER D 205 14.19 -36.93 60.68
N GLY D 206 13.04 -36.27 60.65
CA GLY D 206 12.97 -34.90 61.11
C GLY D 206 13.78 -33.94 60.28
N LYS D 207 14.17 -34.35 59.09
CA LYS D 207 15.04 -33.60 58.21
C LYS D 207 14.42 -33.57 56.83
N PRO D 208 14.76 -32.58 56.01
CA PRO D 208 14.19 -32.54 54.65
C PRO D 208 14.57 -33.77 53.87
N ALA D 209 13.60 -34.32 53.14
CA ALA D 209 13.80 -35.57 52.45
C ALA D 209 12.76 -35.71 51.35
N ILE D 210 13.19 -36.23 50.21
CA ILE D 210 12.30 -36.54 49.10
C ILE D 210 12.70 -37.88 48.52
N GLY D 211 11.70 -38.74 48.29
CA GLY D 211 11.97 -40.08 47.82
C GLY D 211 11.35 -40.37 46.48
N VAL D 212 12.16 -40.91 45.57
CA VAL D 212 11.70 -41.28 44.24
C VAL D 212 11.23 -42.73 44.29
N GLY D 213 9.93 -42.93 44.14
CA GLY D 213 9.37 -44.26 44.10
C GLY D 213 8.25 -44.35 43.10
N ALA D 214 7.52 -45.47 43.12
CA ALA D 214 6.39 -45.65 42.23
C ALA D 214 5.41 -46.61 42.91
N GLY D 215 4.19 -46.63 42.39
CA GLY D 215 3.21 -47.61 42.78
C GLY D 215 2.90 -48.58 41.65
N ASN D 216 1.91 -49.44 41.91
CA ASN D 216 1.39 -50.30 40.87
C ASN D 216 0.89 -49.47 39.69
N VAL D 217 1.42 -49.74 38.51
CA VAL D 217 1.15 -48.93 37.33
C VAL D 217 0.06 -49.63 36.52
N PRO D 218 -1.16 -49.11 36.49
CA PRO D 218 -2.24 -49.78 35.78
C PRO D 218 -2.44 -49.23 34.37
N VAL D 219 -2.82 -50.14 33.48
CA VAL D 219 -3.32 -49.77 32.16
C VAL D 219 -4.67 -50.43 31.97
N VAL D 220 -5.57 -49.73 31.29
CA VAL D 220 -6.87 -50.27 30.94
C VAL D 220 -7.06 -50.18 29.44
N ILE D 221 -7.76 -51.17 28.90
CA ILE D 221 -8.01 -51.34 27.47
C ILE D 221 -9.50 -51.47 27.28
N ASP D 222 -10.06 -50.65 26.40
CA ASP D 222 -11.46 -50.72 26.08
C ASP D 222 -11.67 -51.47 24.77
N GLU D 223 -12.93 -51.53 24.33
CA GLU D 223 -13.27 -52.32 23.15
C GLU D 223 -12.83 -51.62 21.86
N THR D 224 -12.75 -50.30 21.88
CA THR D 224 -12.54 -49.56 20.64
C THR D 224 -11.08 -49.40 20.28
N ALA D 225 -10.17 -49.96 21.06
CA ALA D 225 -8.75 -49.95 20.70
C ALA D 225 -8.40 -51.19 19.88
N ASP D 226 -7.37 -51.08 19.06
CA ASP D 226 -6.84 -52.23 18.35
C ASP D 226 -5.90 -53.01 19.26
N ILE D 227 -6.11 -54.33 19.32
CA ILE D 227 -5.50 -55.15 20.36
C ILE D 227 -3.98 -55.22 20.16
N LYS D 228 -3.56 -55.53 18.95
CA LYS D 228 -2.17 -55.91 18.72
C LYS D 228 -1.24 -54.75 19.01
N ARG D 229 -1.73 -53.53 18.89
CA ARG D 229 -0.92 -52.35 19.16
C ARG D 229 -0.42 -52.35 20.61
N ALA D 230 -1.36 -52.30 21.56
CA ALA D 230 -1.01 -52.35 22.96
C ALA D 230 -0.28 -53.64 23.29
N VAL D 231 -0.79 -54.76 22.77
CA VAL D 231 -0.09 -56.03 22.97
C VAL D 231 1.39 -55.85 22.69
N ALA D 232 1.70 -55.29 21.52
CA ALA D 232 3.07 -54.99 21.14
C ALA D 232 3.75 -54.13 22.19
N SER D 233 3.25 -52.91 22.35
CA SER D 233 3.99 -51.93 23.15
C SER D 233 4.33 -52.50 24.50
N ILE D 234 3.39 -53.22 25.12
CA ILE D 234 3.72 -53.64 26.46
C ILE D 234 4.46 -54.96 26.45
N LEU D 235 4.53 -55.70 25.33
CA LEU D 235 5.59 -56.71 25.32
C LEU D 235 6.97 -56.06 25.37
N MET D 236 7.18 -55.03 24.56
CA MET D 236 8.48 -54.36 24.63
C MET D 236 8.77 -53.84 26.04
N SER D 237 7.81 -53.17 26.66
CA SER D 237 8.07 -52.65 28.00
C SER D 237 8.16 -53.76 29.04
N LYS D 238 7.32 -54.79 28.91
CA LYS D 238 7.32 -55.88 29.88
C LYS D 238 8.67 -56.58 29.89
N THR D 239 9.21 -56.82 28.71
CA THR D 239 10.49 -57.50 28.58
C THR D 239 11.68 -56.61 28.88
N PHE D 240 11.53 -55.29 28.92
CA PHE D 240 12.71 -54.47 29.19
C PHE D 240 13.49 -54.88 30.44
N ASP D 241 14.68 -55.44 30.22
CA ASP D 241 15.58 -55.97 31.26
C ASP D 241 14.75 -56.62 32.37
N ASN D 242 13.88 -57.53 31.96
CA ASN D 242 12.99 -58.26 32.86
C ASN D 242 12.10 -57.31 33.66
N GLY D 243 11.75 -56.16 33.06
CA GLY D 243 10.80 -55.25 33.66
C GLY D 243 11.19 -54.72 35.02
N VAL D 244 12.42 -54.23 35.15
CA VAL D 244 12.92 -53.72 36.42
C VAL D 244 12.94 -52.21 36.48
N VAL D 245 12.40 -51.53 35.47
CA VAL D 245 12.45 -50.06 35.46
C VAL D 245 11.33 -49.51 36.32
N CYS D 246 11.53 -48.30 36.83
CA CYS D 246 10.47 -47.61 37.55
C CYS D 246 9.27 -47.39 36.64
N ALA D 247 8.10 -47.25 37.26
CA ALA D 247 6.85 -46.93 36.57
C ALA D 247 6.60 -47.87 35.40
N SER D 248 6.70 -49.17 35.66
CA SER D 248 6.43 -50.17 34.63
C SER D 248 5.12 -50.88 34.92
N GLU D 249 4.65 -51.61 33.91
CA GLU D 249 3.42 -52.39 34.01
C GLU D 249 3.28 -53.13 35.33
N GLN D 250 2.10 -53.04 35.93
CA GLN D 250 1.75 -53.91 37.04
C GLN D 250 0.36 -54.52 36.95
N ALA D 251 -0.57 -53.92 36.22
CA ALA D 251 -1.92 -54.45 36.17
C ALA D 251 -2.53 -54.23 34.80
N ALA D 252 -3.11 -55.29 34.24
CA ALA D 252 -3.75 -55.24 32.93
C ALA D 252 -5.26 -55.31 33.14
N ILE D 253 -5.97 -54.29 32.66
CA ILE D 253 -7.41 -54.19 32.83
C ILE D 253 -8.05 -54.27 31.46
N VAL D 254 -8.93 -55.25 31.29
CA VAL D 254 -9.52 -55.57 29.99
C VAL D 254 -11.04 -55.50 30.14
N VAL D 255 -11.69 -54.73 29.26
CA VAL D 255 -13.14 -54.65 29.29
C VAL D 255 -13.73 -55.94 28.72
N SER D 256 -15.05 -56.05 28.85
CA SER D 256 -15.72 -57.36 28.85
C SER D 256 -15.49 -58.15 27.58
N GLU D 257 -16.08 -57.69 26.47
CA GLU D 257 -16.25 -58.58 25.32
C GLU D 257 -15.05 -58.57 24.37
N VAL D 258 -13.96 -57.93 24.75
CA VAL D 258 -12.76 -58.01 23.92
C VAL D 258 -11.72 -58.87 24.63
N TYR D 259 -12.17 -59.67 25.58
CA TYR D 259 -11.29 -60.20 26.61
C TYR D 259 -10.52 -61.44 26.15
N ASP D 260 -11.23 -62.50 25.80
CA ASP D 260 -10.55 -63.76 25.50
C ASP D 260 -9.75 -63.66 24.20
N GLU D 261 -10.16 -62.77 23.30
CA GLU D 261 -9.37 -62.57 22.10
C GLU D 261 -8.04 -61.91 22.41
N VAL D 262 -8.04 -60.91 23.29
CA VAL D 262 -6.76 -60.39 23.75
C VAL D 262 -5.95 -61.50 24.38
N LYS D 263 -6.63 -62.39 25.11
CA LYS D 263 -5.90 -63.44 25.82
C LYS D 263 -5.22 -64.39 24.85
N GLU D 264 -5.92 -64.80 23.81
CA GLU D 264 -5.24 -65.68 22.87
C GLU D 264 -4.16 -64.92 22.11
N ARG D 265 -4.33 -63.60 21.97
CA ARG D 265 -3.26 -62.81 21.37
C ARG D 265 -1.98 -62.91 22.17
N PHE D 266 -2.05 -62.79 23.49
CA PHE D 266 -0.90 -63.24 24.29
C PHE D 266 -0.53 -64.69 24.02
N ALA D 267 -1.52 -65.57 23.97
CA ALA D 267 -1.20 -66.97 23.69
C ALA D 267 -0.60 -67.13 22.29
N THR D 268 -0.95 -66.24 21.36
CA THR D 268 -0.29 -66.25 20.06
C THR D 268 1.15 -65.77 20.15
N HIS D 269 1.61 -65.40 21.34
CA HIS D 269 2.95 -64.91 21.53
C HIS D 269 3.55 -65.61 22.73
N LYS D 270 4.72 -65.15 23.16
CA LYS D 270 5.50 -65.87 24.14
C LYS D 270 4.89 -65.80 25.54
N ALA D 271 3.90 -64.94 25.75
CA ALA D 271 3.25 -64.86 27.05
C ALA D 271 2.51 -66.15 27.36
N HIS D 272 2.69 -66.65 28.58
CA HIS D 272 2.03 -67.85 29.07
C HIS D 272 0.86 -67.47 29.97
N VAL D 273 -0.36 -67.65 29.48
CA VAL D 273 -1.51 -67.45 30.35
C VAL D 273 -1.49 -68.52 31.44
N LEU D 274 -2.21 -68.24 32.53
CA LEU D 274 -2.19 -69.15 33.67
C LEU D 274 -3.46 -68.99 34.48
N SER D 275 -4.15 -70.11 34.77
CA SER D 275 -5.37 -70.03 35.55
C SER D 275 -5.52 -71.17 36.58
N LYS D 276 -4.45 -71.84 36.95
CA LYS D 276 -4.58 -72.99 37.83
C LYS D 276 -3.81 -72.82 39.12
N ALA D 277 -3.64 -73.91 39.87
CA ALA D 277 -2.86 -73.90 41.10
C ALA D 277 -1.49 -73.25 40.90
N ASP D 278 -1.03 -73.17 39.66
CA ASP D 278 0.19 -72.42 39.40
C ASP D 278 0.05 -70.95 39.76
N ALA D 279 -1.20 -70.47 39.89
CA ALA D 279 -1.40 -69.16 40.50
C ALA D 279 -0.74 -69.11 41.87
N ASP D 280 -1.13 -70.03 42.76
CA ASP D 280 -0.48 -70.11 44.07
C ASP D 280 0.99 -70.48 43.93
N LYS D 281 1.28 -71.34 42.95
CA LYS D 281 2.63 -71.84 42.77
C LYS D 281 3.61 -70.73 42.47
N VAL D 282 3.13 -69.64 41.89
CA VAL D 282 3.98 -68.48 41.70
C VAL D 282 3.77 -67.45 42.79
N ARG D 283 2.56 -67.39 43.37
CA ARG D 283 2.25 -66.40 44.38
C ARG D 283 2.99 -66.68 45.67
N LYS D 284 3.42 -67.94 45.88
CA LYS D 284 4.26 -68.23 47.04
C LYS D 284 5.52 -67.36 47.01
N VAL D 285 6.33 -67.54 45.98
CA VAL D 285 7.59 -66.82 45.86
C VAL D 285 7.35 -65.35 45.51
N LEU D 286 6.20 -65.03 44.92
CA LEU D 286 5.87 -63.63 44.65
C LEU D 286 5.94 -62.81 45.92
N LEU D 287 5.24 -63.25 46.95
CA LEU D 287 5.18 -62.56 48.22
C LEU D 287 5.36 -63.63 49.29
N ILE D 288 6.61 -63.91 49.64
CA ILE D 288 6.86 -64.95 50.63
C ILE D 288 6.61 -64.41 52.04
N ASP D 289 7.31 -63.34 52.40
CA ASP D 289 7.27 -62.77 53.73
C ASP D 289 6.16 -61.74 53.89
N GLY D 290 5.34 -61.57 52.86
CA GLY D 290 4.49 -60.40 52.81
C GLY D 290 5.21 -59.14 52.44
N ALA D 291 6.48 -59.23 52.04
CA ALA D 291 7.30 -58.06 51.78
C ALA D 291 8.11 -58.28 50.50
N LEU D 292 7.46 -58.84 49.47
CA LEU D 292 7.98 -58.80 48.10
C LEU D 292 9.35 -59.49 48.00
N ASN D 293 9.30 -60.81 48.13
CA ASN D 293 10.49 -61.67 48.06
C ASN D 293 11.49 -61.18 47.03
N ALA D 294 12.76 -61.11 47.42
CA ALA D 294 13.75 -60.28 46.75
C ALA D 294 14.58 -61.00 45.71
N LYS D 295 14.27 -62.26 45.40
CA LYS D 295 14.85 -62.89 44.22
C LYS D 295 13.81 -63.47 43.28
N ILE D 296 12.85 -62.64 42.86
CA ILE D 296 12.23 -62.75 41.55
C ILE D 296 12.76 -61.65 40.63
N VAL D 297 13.73 -60.88 41.11
CA VAL D 297 14.05 -59.59 40.51
C VAL D 297 14.84 -59.81 39.23
N GLY D 298 14.33 -59.28 38.13
CA GLY D 298 15.05 -59.39 36.88
C GLY D 298 15.31 -60.82 36.49
N GLN D 299 14.37 -61.71 36.75
CA GLN D 299 14.75 -63.07 36.43
C GLN D 299 13.95 -63.58 35.24
N PRO D 300 14.54 -64.40 34.40
CA PRO D 300 13.85 -64.82 33.17
C PRO D 300 12.61 -65.65 33.47
N ALA D 301 11.69 -65.64 32.49
CA ALA D 301 10.40 -66.27 32.68
C ALA D 301 10.53 -67.77 32.93
N ALA D 302 11.40 -68.44 32.16
CA ALA D 302 11.60 -69.86 32.40
C ALA D 302 12.17 -70.09 33.79
N ALA D 303 13.11 -69.24 34.19
CA ALA D 303 13.74 -69.37 35.50
C ALA D 303 12.71 -69.22 36.61
N ILE D 304 11.86 -68.19 36.52
CA ILE D 304 10.89 -67.96 37.58
C ILE D 304 9.78 -68.99 37.54
N ALA D 305 9.55 -69.61 36.37
CA ALA D 305 8.54 -70.67 36.31
C ALA D 305 9.02 -71.91 37.04
N GLU D 306 10.21 -72.40 36.68
CA GLU D 306 10.71 -73.60 37.37
C GLU D 306 11.02 -73.29 38.82
N MET D 307 11.55 -72.10 39.10
CA MET D 307 11.90 -71.70 40.45
C MET D 307 10.66 -71.30 41.23
N ALA D 308 9.52 -71.22 40.55
CA ALA D 308 8.23 -71.30 41.22
C ALA D 308 7.71 -72.72 41.27
N GLY D 309 8.30 -73.63 40.50
CA GLY D 309 7.96 -75.04 40.57
C GLY D 309 7.28 -75.65 39.38
N VAL D 310 7.16 -74.94 38.26
CA VAL D 310 6.48 -75.45 37.08
C VAL D 310 7.37 -75.27 35.86
N LYS D 311 7.28 -76.19 34.91
CA LYS D 311 8.13 -76.15 33.74
C LYS D 311 7.35 -75.49 32.59
N VAL D 312 8.06 -74.63 31.85
CA VAL D 312 7.43 -73.75 30.87
C VAL D 312 8.20 -73.81 29.56
N PRO D 313 7.52 -73.62 28.43
CA PRO D 313 8.24 -73.46 27.16
C PRO D 313 9.25 -72.32 27.24
N ALA D 314 10.45 -72.58 26.69
CA ALA D 314 11.63 -71.82 27.09
C ALA D 314 11.58 -70.36 26.63
N ASP D 315 11.25 -70.13 25.36
CA ASP D 315 11.32 -68.78 24.81
C ASP D 315 10.24 -67.85 25.36
N THR D 316 9.36 -68.37 26.20
CA THR D 316 8.30 -67.56 26.80
C THR D 316 8.92 -66.35 27.51
N LYS D 317 8.12 -65.32 27.66
CA LYS D 317 8.66 -64.03 28.09
C LYS D 317 8.05 -63.54 29.38
N VAL D 318 6.75 -63.73 29.56
CA VAL D 318 6.04 -63.22 30.71
C VAL D 318 4.93 -64.20 31.03
N LEU D 319 4.65 -64.39 32.32
CA LEU D 319 3.55 -65.21 32.76
C LEU D 319 2.38 -64.31 33.14
N VAL D 320 1.17 -64.75 32.84
CA VAL D 320 -0.05 -63.95 32.93
C VAL D 320 -0.99 -64.58 33.95
N GLY D 321 -1.41 -63.79 34.95
CA GLY D 321 -2.24 -64.30 36.03
C GLY D 321 -3.69 -63.87 35.90
N GLU D 322 -4.59 -64.82 36.21
CA GLU D 322 -6.03 -64.59 36.16
C GLU D 322 -6.66 -64.43 37.54
N GLY D 323 -6.12 -65.05 38.57
CA GLY D 323 -6.76 -65.07 39.87
C GLY D 323 -6.79 -63.71 40.50
N LEU D 324 -7.43 -62.77 39.80
CA LEU D 324 -7.35 -61.35 40.11
C LEU D 324 -8.73 -60.70 40.07
N GLY D 325 -9.78 -61.51 40.05
CA GLY D 325 -11.13 -60.95 40.14
C GLY D 325 -11.35 -60.18 41.43
N LYS D 326 -10.63 -60.54 42.48
CA LYS D 326 -10.60 -59.78 43.72
C LYS D 326 -9.64 -58.60 43.59
N VAL D 327 -10.00 -57.49 44.22
CA VAL D 327 -9.22 -56.26 44.16
C VAL D 327 -8.95 -55.83 45.59
N SER D 328 -7.71 -56.03 46.06
CA SER D 328 -7.31 -55.58 47.38
C SER D 328 -5.80 -55.76 47.52
N TYR D 329 -5.29 -55.35 48.69
CA TYR D 329 -3.86 -55.49 48.97
C TYR D 329 -3.41 -56.94 48.93
N ASP D 330 -4.22 -57.83 49.49
CA ASP D 330 -3.77 -59.21 49.71
C ASP D 330 -3.36 -59.91 48.42
N ASP D 331 -3.84 -59.44 47.26
CA ASP D 331 -3.39 -60.00 46.00
C ASP D 331 -1.93 -59.63 45.78
N GLU D 332 -1.10 -60.64 45.49
CA GLU D 332 0.30 -60.35 45.19
C GLU D 332 0.43 -59.71 43.82
N PHE D 333 -0.47 -60.04 42.90
CA PHE D 333 -0.50 -59.34 41.62
C PHE D 333 -0.85 -57.87 41.79
N ALA D 334 -1.59 -57.53 42.86
CA ALA D 334 -1.91 -56.14 43.12
C ALA D 334 -0.66 -55.33 43.40
N HIS D 335 0.23 -55.83 44.23
CA HIS D 335 1.50 -55.15 44.44
C HIS D 335 2.30 -55.17 43.14
N GLU D 336 3.34 -54.34 43.10
CA GLU D 336 4.19 -54.36 41.92
C GLU D 336 5.03 -55.64 41.87
N LYS D 337 5.47 -55.96 40.66
CA LYS D 337 6.12 -57.24 40.38
C LYS D 337 7.59 -57.09 40.01
N LEU D 338 7.94 -56.06 39.24
CA LEU D 338 9.35 -55.70 38.99
C LEU D 338 10.10 -56.86 38.35
N SER D 339 9.34 -57.72 37.67
CA SER D 339 9.86 -58.92 37.04
C SER D 339 8.98 -59.24 35.86
N PRO D 340 9.46 -60.01 34.89
CA PRO D 340 8.63 -60.27 33.70
C PRO D 340 7.43 -61.13 34.01
N THR D 341 6.54 -60.59 34.86
CA THR D 341 5.30 -61.22 35.22
C THR D 341 4.19 -60.19 35.20
N LEU D 342 2.98 -60.62 34.90
CA LEU D 342 1.83 -59.71 34.88
C LEU D 342 0.56 -60.47 35.21
N GLY D 343 -0.34 -59.79 35.91
CA GLY D 343 -1.70 -60.27 36.14
C GLY D 343 -2.68 -59.32 35.50
N LEU D 344 -3.78 -59.86 34.99
CA LEU D 344 -4.78 -59.07 34.30
C LEU D 344 -6.09 -59.06 35.07
N PHE D 345 -6.99 -58.18 34.64
CA PHE D 345 -8.36 -58.11 35.15
C PHE D 345 -9.36 -58.40 34.05
N ARG D 346 -10.57 -58.76 34.48
CA ARG D 346 -11.73 -58.89 33.61
C ARG D 346 -12.69 -57.76 33.98
N ALA D 347 -12.65 -56.68 33.22
CA ALA D 347 -13.53 -55.55 33.50
C ALA D 347 -14.85 -55.72 32.76
N ASP D 348 -15.86 -55.00 33.24
CA ASP D 348 -17.20 -55.07 32.67
C ASP D 348 -17.42 -53.96 31.64
N ASN D 349 -17.29 -52.71 32.06
CA ASN D 349 -17.46 -51.60 31.14
C ASN D 349 -16.36 -50.57 31.33
N PHE D 350 -16.50 -49.42 30.66
CA PHE D 350 -15.53 -48.36 30.81
C PHE D 350 -15.42 -47.93 32.26
N GLU D 351 -16.56 -47.72 32.91
CA GLU D 351 -16.61 -47.22 34.26
C GLU D 351 -16.19 -48.26 35.28
N ASP D 352 -16.50 -49.53 35.03
CA ASP D 352 -15.97 -50.60 35.87
C ASP D 352 -14.45 -50.59 35.85
N ALA D 353 -13.88 -50.49 34.66
CA ALA D 353 -12.43 -50.45 34.55
C ALA D 353 -11.87 -49.22 35.26
N VAL D 354 -12.54 -48.09 35.13
CA VAL D 354 -12.08 -46.88 35.80
C VAL D 354 -12.06 -47.06 37.31
N ALA D 355 -13.14 -47.63 37.85
CA ALA D 355 -13.21 -47.85 39.28
C ALA D 355 -12.10 -48.79 39.74
N GLN D 356 -11.93 -49.91 39.03
CA GLN D 356 -10.87 -50.83 39.39
C GLN D 356 -9.52 -50.13 39.30
N ALA D 357 -9.34 -49.28 38.31
CA ALA D 357 -8.08 -48.57 38.14
C ALA D 357 -7.78 -47.69 39.33
N VAL D 358 -8.75 -46.87 39.75
CA VAL D 358 -8.51 -45.95 40.86
C VAL D 358 -8.21 -46.73 42.13
N THR D 359 -9.04 -47.74 42.40
CA THR D 359 -8.76 -48.61 43.53
C THR D 359 -7.39 -49.25 43.38
N MET D 360 -6.95 -49.50 42.17
CA MET D 360 -5.69 -50.21 42.03
C MET D 360 -4.55 -49.26 42.33
N VAL D 361 -4.68 -48.00 41.91
CA VAL D 361 -3.55 -47.09 42.08
C VAL D 361 -3.36 -46.83 43.55
N GLU D 362 -4.44 -46.62 44.30
CA GLU D 362 -4.26 -46.15 45.66
C GLU D 362 -3.37 -47.08 46.46
N ILE D 363 -3.32 -48.35 46.08
CA ILE D 363 -2.51 -49.34 46.77
C ILE D 363 -1.03 -48.95 46.72
N GLY D 364 -0.59 -48.43 45.58
CA GLY D 364 0.78 -47.95 45.49
C GLY D 364 1.06 -46.82 46.46
N GLY D 365 0.06 -45.97 46.72
CA GLY D 365 0.23 -44.85 47.61
C GLY D 365 0.89 -43.66 46.97
N ILE D 366 1.46 -43.81 45.78
CA ILE D 366 2.07 -42.72 45.04
C ILE D 366 1.43 -42.67 43.66
N GLY D 367 0.89 -41.52 43.30
CA GLY D 367 0.35 -41.36 41.97
C GLY D 367 1.47 -41.06 41.00
N HIS D 368 1.88 -42.06 40.22
CA HIS D 368 3.04 -41.93 39.35
C HIS D 368 2.66 -41.97 37.87
N THR D 369 2.01 -43.04 37.42
CA THR D 369 1.82 -43.25 35.99
C THR D 369 0.57 -44.08 35.77
N SER D 370 -0.13 -43.81 34.68
CA SER D 370 -1.23 -44.69 34.30
C SER D 370 -1.53 -44.61 32.82
N GLY D 371 -2.09 -45.68 32.27
CA GLY D 371 -2.16 -45.87 30.83
C GLY D 371 -3.53 -46.24 30.30
N LEU D 372 -3.89 -45.60 29.19
CA LEU D 372 -5.15 -45.83 28.51
C LEU D 372 -4.89 -46.29 27.09
N TYR D 373 -5.49 -47.41 26.70
CA TYR D 373 -5.41 -47.88 25.33
C TYR D 373 -6.82 -47.87 24.75
N THR D 374 -7.03 -47.03 23.76
CA THR D 374 -8.38 -46.76 23.28
C THR D 374 -8.32 -46.11 21.92
N ASN D 375 -9.48 -46.06 21.27
CA ASN D 375 -9.66 -45.20 20.12
C ASN D 375 -9.62 -43.75 20.59
N GLN D 376 -9.18 -42.85 19.72
CA GLN D 376 -8.58 -41.60 20.18
C GLN D 376 -9.32 -40.34 19.72
N ASP D 377 -9.86 -40.33 18.50
CA ASP D 377 -10.65 -39.18 18.08
C ASP D 377 -12.12 -39.53 17.85
N VAL D 378 -12.58 -40.69 18.31
CA VAL D 378 -14.01 -40.92 18.36
C VAL D 378 -14.47 -40.71 19.80
N ASN D 379 -13.54 -40.83 20.73
CA ASN D 379 -13.80 -40.77 22.17
C ASN D 379 -12.87 -39.72 22.76
N ALA D 380 -13.37 -38.51 22.98
CA ALA D 380 -12.68 -37.56 23.84
C ALA D 380 -13.32 -37.49 25.20
N ASP D 381 -14.65 -37.63 25.22
CA ASP D 381 -15.38 -37.79 26.46
C ASP D 381 -14.74 -38.86 27.32
N ARG D 382 -14.48 -40.03 26.73
CA ARG D 382 -13.80 -41.09 27.45
C ARG D 382 -12.43 -40.65 27.89
N ILE D 383 -11.67 -40.02 27.00
CA ILE D 383 -10.32 -39.57 27.35
C ILE D 383 -10.35 -38.91 28.70
N ARG D 384 -11.13 -37.85 28.80
CA ARG D 384 -10.88 -37.03 29.95
C ARG D 384 -11.87 -37.27 31.07
N TYR D 385 -12.89 -38.09 30.82
CA TYR D 385 -13.54 -38.83 31.90
C TYR D 385 -12.50 -39.60 32.70
N PHE D 386 -11.75 -40.44 31.98
CA PHE D 386 -10.67 -41.22 32.58
C PHE D 386 -9.64 -40.32 33.21
N GLY D 387 -9.26 -39.25 32.51
CA GLY D 387 -8.32 -38.31 33.07
C GLY D 387 -8.84 -37.68 34.36
N ASP D 388 -10.14 -37.45 34.42
CA ASP D 388 -10.73 -36.82 35.60
C ASP D 388 -10.61 -37.72 36.82
N LYS D 389 -10.88 -39.01 36.65
CA LYS D 389 -10.83 -39.88 37.83
C LYS D 389 -9.41 -40.19 38.27
N LEU D 390 -8.49 -40.34 37.34
CA LEU D 390 -7.19 -40.86 37.69
C LEU D 390 -6.31 -39.76 38.25
N LYS D 391 -5.64 -40.08 39.35
CA LYS D 391 -4.67 -39.16 39.96
C LYS D 391 -3.41 -39.98 40.12
N THR D 392 -2.67 -40.11 39.03
CA THR D 392 -1.27 -40.50 39.08
C THR D 392 -0.49 -39.22 38.86
N ALA D 393 0.81 -39.34 38.67
CA ALA D 393 1.53 -38.14 38.27
C ALA D 393 1.22 -37.79 36.82
N ARG D 394 0.92 -38.79 36.00
CA ARG D 394 1.15 -38.67 34.58
C ARG D 394 0.35 -39.71 33.81
N ILE D 395 -0.42 -39.25 32.82
CA ILE D 395 -1.36 -40.07 32.07
C ILE D 395 -0.77 -40.25 30.69
N LEU D 396 -0.72 -41.48 30.20
CA LEU D 396 -0.36 -41.73 28.80
C LEU D 396 -1.46 -42.52 28.11
N VAL D 397 -1.81 -42.11 26.89
CA VAL D 397 -2.85 -42.80 26.12
C VAL D 397 -2.19 -43.47 24.92
N ASN D 398 -2.46 -44.76 24.77
CA ASN D 398 -1.97 -45.54 23.62
C ASN D 398 -0.45 -45.46 23.52
N ILE D 399 0.22 -45.47 24.67
CA ILE D 399 1.67 -45.34 24.73
C ILE D 399 2.25 -46.25 25.80
N PRO D 400 3.36 -46.92 25.55
CA PRO D 400 4.09 -47.59 26.63
C PRO D 400 4.73 -46.59 27.58
N THR D 401 4.84 -46.98 28.84
CA THR D 401 5.36 -46.10 29.89
C THR D 401 6.86 -46.26 30.07
N THR D 402 7.60 -46.24 28.97
CA THR D 402 9.04 -46.47 29.01
C THR D 402 9.70 -45.56 27.99
N HIS D 403 10.95 -45.89 27.65
CA HIS D 403 11.81 -45.01 26.88
C HIS D 403 12.57 -45.84 25.85
N GLY D 404 12.34 -45.56 24.57
CA GLY D 404 13.06 -46.21 23.50
C GLY D 404 12.19 -47.09 22.64
N GLY D 405 11.77 -46.56 21.49
CA GLY D 405 11.01 -47.32 20.52
C GLY D 405 11.77 -47.44 19.22
N ILE D 406 11.31 -46.76 18.17
CA ILE D 406 12.09 -46.60 16.96
C ILE D 406 12.76 -45.24 16.99
N GLY D 407 14.05 -45.23 16.67
CA GLY D 407 14.82 -44.00 16.59
C GLY D 407 15.04 -43.30 17.90
N ASP D 408 14.49 -42.09 18.02
CA ASP D 408 14.81 -41.19 19.12
C ASP D 408 14.44 -41.78 20.47
N LEU D 409 13.13 -41.92 20.73
CA LEU D 409 12.64 -42.44 21.99
C LEU D 409 11.13 -42.53 21.87
N TYR D 410 10.49 -43.47 22.55
CA TYR D 410 9.03 -43.50 22.65
C TYR D 410 8.63 -43.50 24.11
N ASN D 411 8.18 -42.34 24.61
CA ASN D 411 8.00 -41.14 23.76
C ASN D 411 9.28 -40.28 23.81
N PHE D 412 9.49 -39.49 22.74
CA PHE D 412 10.81 -38.92 22.52
C PHE D 412 11.11 -37.66 23.31
N ASN D 413 10.12 -37.06 23.98
CA ASN D 413 10.37 -35.99 24.93
C ASN D 413 9.58 -36.28 26.20
N VAL D 414 10.29 -36.70 27.25
CA VAL D 414 9.70 -37.09 28.52
C VAL D 414 10.82 -37.35 29.50
N ALA D 415 10.56 -36.99 30.76
CA ALA D 415 11.47 -37.33 31.84
C ALA D 415 11.43 -38.84 32.06
N PRO D 416 12.49 -39.42 32.62
CA PRO D 416 12.49 -40.86 32.86
C PRO D 416 11.48 -41.23 33.93
N SER D 417 11.11 -42.50 33.93
CA SER D 417 10.20 -43.00 34.96
C SER D 417 10.78 -42.82 36.35
N LEU D 418 12.10 -42.76 36.45
CA LEU D 418 12.76 -42.41 37.70
C LEU D 418 12.74 -40.88 37.83
N THR D 419 13.56 -40.35 38.73
CA THR D 419 13.70 -38.91 38.96
C THR D 419 12.42 -38.26 39.44
N LEU D 420 11.39 -39.04 39.78
CA LEU D 420 10.10 -38.52 40.23
C LEU D 420 9.95 -38.81 41.71
N GLY D 421 10.18 -37.78 42.54
CA GLY D 421 10.03 -37.91 43.97
C GLY D 421 8.96 -36.97 44.51
N CYS D 422 8.77 -37.04 45.82
CA CYS D 422 7.84 -36.17 46.52
C CYS D 422 8.31 -35.95 47.94
N GLY D 423 7.92 -34.81 48.50
CA GLY D 423 8.22 -34.52 49.88
C GLY D 423 7.31 -35.23 50.86
N SER D 424 6.32 -35.97 50.38
CA SER D 424 5.44 -36.73 51.23
C SER D 424 5.21 -38.09 50.61
N TRP D 425 4.91 -39.08 51.47
CA TRP D 425 4.54 -40.40 50.99
C TRP D 425 3.05 -40.40 50.80
N GLY D 426 2.33 -39.71 51.69
CA GLY D 426 1.10 -40.14 52.36
C GLY D 426 0.09 -40.86 51.51
N GLY D 427 -0.46 -40.12 50.57
CA GLY D 427 -1.48 -40.66 49.72
C GLY D 427 -1.72 -39.63 48.66
N ASN D 428 -1.99 -40.07 47.44
CA ASN D 428 -2.24 -39.17 46.33
C ASN D 428 -1.06 -38.22 46.11
N SER D 429 0.09 -38.54 46.69
CA SER D 429 1.26 -37.67 46.62
C SER D 429 1.80 -37.74 45.20
N ILE D 430 1.39 -36.78 44.39
CA ILE D 430 1.74 -36.74 42.98
C ILE D 430 3.22 -36.40 42.87
N SER D 431 4.00 -37.31 42.29
CA SER D 431 5.44 -37.12 42.22
C SER D 431 5.77 -35.94 41.30
N GLU D 432 6.85 -35.25 41.64
CA GLU D 432 7.38 -34.17 40.83
C GLU D 432 8.84 -34.44 40.56
N ASN D 433 9.26 -34.22 39.31
CA ASN D 433 10.64 -34.45 38.98
C ASN D 433 11.50 -33.36 39.61
N VAL D 434 12.78 -33.67 39.81
CA VAL D 434 13.66 -32.85 40.63
C VAL D 434 14.36 -31.80 39.77
N GLY D 435 14.61 -30.65 40.37
CA GLY D 435 15.31 -29.55 39.73
C GLY D 435 16.21 -28.82 40.69
N PRO D 436 17.18 -28.08 40.15
CA PRO D 436 18.19 -27.44 40.99
C PRO D 436 17.66 -26.42 41.97
N LYS D 437 16.53 -25.77 41.69
CA LYS D 437 15.94 -24.90 42.71
C LYS D 437 15.54 -25.70 43.95
N HIS D 438 15.22 -26.97 43.80
CA HIS D 438 15.11 -27.82 44.98
C HIS D 438 16.44 -28.01 45.69
N LEU D 439 17.54 -27.64 45.05
CA LEU D 439 18.87 -27.82 45.60
C LEU D 439 19.58 -26.51 45.90
N ILE D 440 18.87 -25.39 45.87
CA ILE D 440 19.52 -24.08 45.92
C ILE D 440 18.69 -23.15 46.78
N ASN D 441 19.37 -22.26 47.51
CA ASN D 441 18.76 -21.37 48.49
C ASN D 441 18.75 -19.95 47.95
N LYS D 442 17.79 -19.15 48.43
CA LYS D 442 17.43 -17.89 47.80
C LYS D 442 17.99 -16.68 48.52
N LYS D 443 18.03 -15.57 47.80
CA LYS D 443 18.18 -14.25 48.40
C LYS D 443 17.52 -13.17 47.56
N THR D 444 16.73 -12.35 48.23
CA THR D 444 16.48 -11.02 47.71
C THR D 444 16.98 -10.01 48.72
N VAL D 445 17.62 -8.98 48.19
CA VAL D 445 18.02 -7.84 48.97
C VAL D 445 17.27 -6.65 48.41
N ALA D 446 16.55 -5.96 49.28
CA ALA D 446 15.74 -4.84 48.90
C ALA D 446 16.53 -3.57 49.15
N LYS D 447 16.40 -2.61 48.24
CA LYS D 447 17.12 -1.36 48.40
C LYS D 447 16.22 -0.21 48.80
N ARG D 448 16.61 0.34 49.93
CA ARG D 448 16.70 1.77 50.13
C ARG D 448 16.70 2.59 48.83
N ALA D 449 15.72 3.49 48.73
CA ALA D 449 15.62 4.35 47.56
C ALA D 449 14.66 5.51 47.82
N GLU D 450 14.64 6.44 46.87
CA GLU D 450 13.84 7.67 46.94
C GLU D 450 12.60 7.56 46.05
N ASN D 451 11.75 8.60 46.07
CA ASN D 451 10.37 8.51 45.64
C ASN D 451 10.09 9.43 44.45
N MET D 452 8.82 9.57 44.05
CA MET D 452 8.35 10.54 43.08
C MET D 452 7.26 11.43 43.65
N LEU D 453 7.48 12.73 43.56
CA LEU D 453 6.44 13.71 43.80
C LEU D 453 5.99 14.32 42.47
N TRP D 454 4.92 15.10 42.52
CA TRP D 454 4.08 15.25 41.35
C TRP D 454 3.53 16.65 41.20
N HIS D 455 3.28 17.05 39.96
CA HIS D 455 2.43 18.21 39.72
C HIS D 455 1.92 18.12 38.29
N LYS D 456 0.62 17.89 38.14
CA LYS D 456 0.01 17.68 36.84
C LYS D 456 -1.28 18.46 36.78
N LEU D 457 -1.61 18.97 35.60
CA LEU D 457 -2.75 19.87 35.45
C LEU D 457 -3.52 19.54 34.19
N PRO D 458 -4.82 19.83 34.17
CA PRO D 458 -5.56 19.79 32.91
C PRO D 458 -4.95 20.79 31.94
N LYS D 459 -5.03 20.45 30.65
CA LYS D 459 -4.29 21.23 29.67
C LYS D 459 -4.93 22.58 29.39
N SER D 460 -6.25 22.67 29.39
CA SER D 460 -6.94 23.77 28.74
C SER D 460 -8.01 24.37 29.65
N ILE D 461 -7.92 25.68 29.86
CA ILE D 461 -8.83 26.40 30.75
C ILE D 461 -9.10 27.79 30.16
N TYR D 462 -10.30 28.28 30.39
CA TYR D 462 -10.69 29.64 30.01
C TYR D 462 -11.25 30.37 31.22
N PHE D 463 -11.17 31.71 31.21
CA PHE D 463 -11.63 32.49 32.35
C PHE D 463 -11.88 33.96 32.01
N ARG D 464 -13.17 34.30 31.87
CA ARG D 464 -13.98 35.53 31.85
C ARG D 464 -15.46 35.39 31.65
N ARG D 465 -16.10 36.44 32.14
CA ARG D 465 -17.35 37.00 31.69
C ARG D 465 -17.51 36.67 30.22
N GLY D 466 -18.64 36.10 29.85
CA GLY D 466 -18.91 35.83 28.45
C GLY D 466 -17.86 34.94 27.83
N SER D 467 -17.22 34.09 28.63
CA SER D 467 -16.35 33.10 28.04
C SER D 467 -17.12 32.24 27.07
N LEU D 468 -18.33 31.85 27.47
CA LEU D 468 -19.01 30.73 26.84
C LEU D 468 -18.89 30.78 25.34
N PRO D 469 -19.40 31.81 24.65
CA PRO D 469 -19.37 31.75 23.18
C PRO D 469 -17.96 31.68 22.64
N ILE D 470 -17.08 32.52 23.17
CA ILE D 470 -15.72 32.57 22.66
C ILE D 470 -14.95 31.35 23.15
N ALA D 471 -15.39 30.75 24.25
CA ALA D 471 -14.76 29.51 24.70
C ALA D 471 -15.10 28.35 23.78
N LEU D 472 -16.37 28.18 23.49
CA LEU D 472 -16.84 27.06 22.68
C LEU D 472 -16.67 27.31 21.19
N SER D 473 -16.28 28.52 20.80
CA SER D 473 -16.08 28.80 19.39
C SER D 473 -15.13 27.80 18.76
N ASP D 474 -14.15 27.34 19.51
CA ASP D 474 -13.10 26.45 19.01
C ASP D 474 -13.50 25.03 19.03
N LEU D 475 -14.81 24.75 19.00
CA LEU D 475 -15.36 23.40 19.06
C LEU D 475 -15.85 22.91 17.68
N GLU D 476 -14.97 22.58 16.73
CA GLU D 476 -15.39 22.55 15.32
C GLU D 476 -16.28 21.35 15.01
N GLY D 477 -15.68 20.19 14.85
CA GLY D 477 -16.32 19.01 14.28
C GLY D 477 -16.61 17.92 15.28
N LYS D 478 -16.29 18.17 16.55
CA LYS D 478 -16.79 17.27 17.58
C LYS D 478 -18.29 17.19 17.39
N LYS D 479 -18.81 16.00 17.13
CA LYS D 479 -20.18 15.94 16.59
C LYS D 479 -21.20 15.61 17.67
N ARG D 480 -20.98 14.57 18.47
CA ARG D 480 -22.00 14.25 19.46
C ARG D 480 -21.65 14.81 20.82
N ALA D 481 -22.69 15.20 21.53
CA ALA D 481 -22.53 15.92 22.77
C ALA D 481 -23.54 15.36 23.74
N PHE D 482 -23.19 15.43 25.02
CA PHE D 482 -24.04 14.97 26.08
C PHE D 482 -23.97 15.97 27.22
N LEU D 483 -25.12 16.23 27.81
CA LEU D 483 -25.24 17.15 28.93
C LEU D 483 -25.32 16.38 30.24
N VAL D 484 -24.55 16.84 31.22
CA VAL D 484 -24.67 16.43 32.60
C VAL D 484 -24.90 17.66 33.44
N THR D 485 -25.97 17.64 34.22
CA THR D 485 -26.51 18.78 34.94
C THR D 485 -27.52 18.28 35.97
N ASP D 486 -28.13 19.22 36.67
CA ASP D 486 -29.17 19.02 37.68
C ASP D 486 -30.48 19.65 37.23
N ARG D 487 -31.58 19.06 37.69
CA ARG D 487 -32.89 19.55 37.26
C ARG D 487 -33.18 20.95 37.80
N PHE D 488 -32.56 21.36 38.90
CA PHE D 488 -32.74 22.74 39.34
C PHE D 488 -32.15 23.70 38.32
N LEU D 489 -30.88 23.47 37.98
CA LEU D 489 -30.19 24.37 37.06
C LEU D 489 -30.72 24.25 35.65
N PHE D 490 -30.92 23.02 35.18
CA PHE D 490 -31.61 22.82 33.92
C PHE D 490 -32.98 23.47 33.94
N ASN D 491 -33.65 23.44 35.10
CA ASN D 491 -34.93 24.12 35.24
C ASN D 491 -34.77 25.61 35.02
N ASN D 492 -33.69 26.19 35.51
CA ASN D 492 -33.43 27.60 35.26
C ASN D 492 -33.09 27.81 33.80
N GLY D 493 -33.17 29.06 33.36
CA GLY D 493 -32.83 29.40 31.99
C GLY D 493 -31.34 29.41 31.76
N TYR D 494 -30.70 28.26 32.02
CA TYR D 494 -29.26 28.13 31.84
C TYR D 494 -28.91 27.09 30.79
N ALA D 495 -29.46 25.89 30.90
CA ALA D 495 -29.15 24.85 29.93
C ALA D 495 -29.56 25.28 28.53
N ASP D 496 -30.74 25.89 28.41
CA ASP D 496 -31.20 26.44 27.14
C ASP D 496 -30.10 27.22 26.42
N ASP D 497 -29.33 28.00 27.17
CA ASP D 497 -28.28 28.80 26.57
C ASP D 497 -27.25 27.93 25.87
N VAL D 498 -26.77 26.91 26.57
CA VAL D 498 -25.72 26.07 26.01
C VAL D 498 -26.26 25.18 24.89
N VAL D 499 -27.50 24.68 25.01
CA VAL D 499 -27.97 23.87 23.88
C VAL D 499 -28.19 24.74 22.66
N ALA D 500 -28.60 26.00 22.87
CA ALA D 500 -28.70 26.91 21.74
C ALA D 500 -27.34 27.12 21.11
N LEU D 501 -26.31 27.35 21.93
CA LEU D 501 -24.97 27.49 21.38
C LEU D 501 -24.48 26.19 20.77
N LEU D 502 -25.08 25.07 21.15
CA LEU D 502 -24.70 23.81 20.53
C LEU D 502 -25.33 23.71 19.16
N LYS D 503 -26.57 24.15 19.05
CA LYS D 503 -27.21 24.32 17.75
C LYS D 503 -26.45 25.31 16.89
N ALA D 504 -25.69 26.21 17.52
CA ALA D 504 -25.03 27.28 16.77
C ALA D 504 -24.26 26.72 15.58
N GLN D 505 -23.60 25.58 15.75
CA GLN D 505 -23.16 24.81 14.60
C GLN D 505 -23.93 23.50 14.49
N GLY D 506 -24.66 23.13 15.54
CA GLY D 506 -25.69 22.12 15.44
C GLY D 506 -25.23 20.75 15.86
N MET D 507 -25.52 20.38 17.11
CA MET D 507 -25.01 19.16 17.70
C MET D 507 -26.18 18.28 18.13
N GLU D 508 -26.04 16.98 17.92
CA GLU D 508 -26.99 16.03 18.49
C GLU D 508 -26.66 15.82 19.96
N VAL D 509 -27.54 16.32 20.82
CA VAL D 509 -27.30 16.42 22.26
C VAL D 509 -28.51 15.89 23.00
N GLN D 510 -28.33 15.64 24.29
CA GLN D 510 -29.44 15.36 25.18
C GLN D 510 -29.05 15.78 26.59
N THR D 511 -29.95 16.52 27.23
CA THR D 511 -29.74 16.97 28.59
C THR D 511 -29.95 15.81 29.55
N PHE D 512 -29.11 15.74 30.57
CA PHE D 512 -29.28 14.78 31.66
C PHE D 512 -29.18 15.58 32.95
N PHE D 513 -30.33 15.80 33.58
CA PHE D 513 -30.46 16.57 34.81
C PHE D 513 -30.90 15.72 35.99
N GLU D 514 -30.50 14.45 36.02
CA GLU D 514 -31.10 13.48 36.92
C GLU D 514 -30.16 13.05 38.04
N VAL D 515 -29.40 13.98 38.58
CA VAL D 515 -28.54 13.73 39.74
C VAL D 515 -28.91 14.70 40.85
N GLU D 516 -29.08 14.18 42.06
CA GLU D 516 -29.35 15.06 43.19
C GLU D 516 -28.03 15.40 43.87
N ALA D 517 -28.09 15.67 45.17
CA ALA D 517 -26.91 16.15 45.87
C ALA D 517 -25.75 15.14 45.88
N ASP D 518 -25.92 13.93 45.35
CA ASP D 518 -24.84 12.96 45.51
C ASP D 518 -24.79 11.94 44.39
N PRO D 519 -23.60 11.42 44.09
CA PRO D 519 -23.51 10.16 43.35
C PRO D 519 -24.05 9.01 44.19
N THR D 520 -24.79 8.11 43.53
CA THR D 520 -25.72 7.24 44.23
C THR D 520 -25.46 5.75 44.05
N LEU D 521 -24.86 5.36 42.94
CA LEU D 521 -24.82 4.01 42.40
C LEU D 521 -26.14 3.68 41.70
N SER D 522 -27.04 4.65 41.55
CA SER D 522 -28.33 4.45 40.91
C SER D 522 -28.48 5.30 39.66
N VAL D 523 -28.16 6.59 39.73
CA VAL D 523 -28.18 7.38 38.51
C VAL D 523 -27.00 7.02 37.64
N VAL D 524 -25.89 6.65 38.26
CA VAL D 524 -24.65 6.48 37.51
C VAL D 524 -24.86 5.49 36.38
N GLU D 525 -25.50 4.37 36.66
CA GLU D 525 -25.70 3.37 35.63
C GLU D 525 -26.79 3.76 34.64
N LYS D 526 -27.86 4.44 35.05
CA LYS D 526 -28.83 4.83 34.04
C LYS D 526 -28.22 5.84 33.08
N GLY D 527 -27.47 6.79 33.61
CA GLY D 527 -26.80 7.75 32.75
C GLY D 527 -25.81 7.07 31.83
N ALA D 528 -25.03 6.14 32.38
CA ALA D 528 -24.09 5.40 31.54
C ALA D 528 -24.82 4.66 30.43
N ALA D 529 -25.90 3.96 30.78
CA ALA D 529 -26.63 3.20 29.78
C ALA D 529 -27.24 4.10 28.73
N ALA D 530 -27.81 5.23 29.16
CA ALA D 530 -28.44 6.15 28.21
C ALA D 530 -27.42 6.69 27.23
N MET D 531 -26.30 7.20 27.74
CA MET D 531 -25.32 7.77 26.83
C MET D 531 -24.69 6.70 25.95
N GLN D 532 -24.40 5.52 26.50
CA GLN D 532 -23.84 4.48 25.65
C GLN D 532 -24.86 3.97 24.65
N SER D 533 -26.14 4.23 24.90
CA SER D 533 -27.11 4.07 23.82
C SER D 533 -26.91 5.16 22.80
N PHE D 534 -26.59 6.37 23.26
CA PHE D 534 -26.41 7.51 22.37
C PHE D 534 -25.05 7.46 21.69
N GLN D 535 -24.05 6.89 22.36
CA GLN D 535 -22.65 6.98 21.93
C GLN D 535 -22.21 8.42 21.71
N PRO D 536 -22.36 9.32 22.67
CA PRO D 536 -21.85 10.67 22.45
C PRO D 536 -20.33 10.67 22.36
N ASP D 537 -19.80 11.73 21.79
CA ASP D 537 -18.36 11.83 21.66
C ASP D 537 -17.79 13.02 22.42
N VAL D 538 -18.65 13.88 22.98
CA VAL D 538 -18.21 14.94 23.87
C VAL D 538 -19.15 14.98 25.05
N ILE D 539 -18.58 15.15 26.25
CA ILE D 539 -19.37 15.15 27.47
C ILE D 539 -19.23 16.51 28.13
N LEU D 540 -20.36 17.10 28.47
CA LEU D 540 -20.45 18.43 29.03
C LEU D 540 -20.87 18.35 30.49
N ALA D 541 -19.94 18.65 31.38
CA ALA D 541 -20.18 18.62 32.80
C ALA D 541 -20.58 20.01 33.26
N LEU D 542 -21.71 20.09 33.96
CA LEU D 542 -22.25 21.39 34.35
C LEU D 542 -22.41 21.41 35.87
N GLY D 543 -22.14 22.55 36.48
CA GLY D 543 -22.59 22.75 37.85
C GLY D 543 -21.59 22.66 39.00
N GLY D 544 -22.06 22.09 40.12
CA GLY D 544 -21.30 22.08 41.36
C GLY D 544 -21.37 20.78 42.12
N GLY D 545 -20.21 20.19 42.37
CA GLY D 545 -20.11 18.93 43.10
C GLY D 545 -20.66 17.75 42.33
N SER D 546 -21.70 17.15 42.88
CA SER D 546 -22.16 15.84 42.42
C SER D 546 -22.34 15.73 40.91
N PRO D 547 -22.93 16.69 40.20
CA PRO D 547 -23.15 16.48 38.76
C PRO D 547 -21.89 16.13 38.00
N MET D 548 -20.77 16.74 38.32
CA MET D 548 -19.62 16.56 37.45
C MET D 548 -18.96 15.21 37.66
N ASP D 549 -18.48 14.95 38.87
CA ASP D 549 -17.71 13.74 39.13
C ASP D 549 -18.46 12.44 38.83
N ALA D 550 -19.73 12.35 39.23
CA ALA D 550 -20.53 11.19 38.85
C ALA D 550 -20.46 10.98 37.34
N ALA D 551 -20.67 12.06 36.58
CA ALA D 551 -20.44 12.00 35.15
C ALA D 551 -19.13 11.32 34.83
N LYS D 552 -18.02 11.90 35.33
CA LYS D 552 -16.71 11.29 35.13
C LYS D 552 -16.79 9.79 35.31
N ILE D 553 -17.31 9.37 36.46
CA ILE D 553 -17.43 7.95 36.76
C ILE D 553 -18.15 7.24 35.64
N MET D 554 -19.41 7.59 35.41
CA MET D 554 -20.15 6.90 34.36
C MET D 554 -19.53 7.20 33.01
N TRP D 555 -18.87 8.34 32.88
CA TRP D 555 -18.09 8.58 31.67
C TRP D 555 -17.14 7.42 31.43
N VAL D 556 -16.33 7.11 32.43
CA VAL D 556 -15.35 6.04 32.25
C VAL D 556 -16.08 4.72 32.11
N MET D 557 -17.28 4.62 32.66
CA MET D 557 -18.02 3.38 32.51
C MET D 557 -18.42 3.17 31.07
N TYR D 558 -18.62 4.27 30.33
CA TYR D 558 -18.80 4.18 28.90
C TYR D 558 -17.54 3.68 28.22
N GLU D 559 -16.38 4.07 28.73
CA GLU D 559 -15.12 3.72 28.07
C GLU D 559 -14.88 2.22 28.16
N HIS D 560 -15.08 1.64 29.34
CA HIS D 560 -15.07 0.19 29.55
C HIS D 560 -16.38 -0.29 30.13
N PRO D 561 -17.34 -0.63 29.28
CA PRO D 561 -18.57 -1.28 29.74
C PRO D 561 -18.31 -2.62 30.39
N ASP D 562 -17.17 -3.24 30.08
CA ASP D 562 -16.92 -4.62 30.46
C ASP D 562 -16.68 -4.81 31.95
N THR D 563 -15.75 -4.07 32.53
CA THR D 563 -15.32 -4.33 33.89
C THR D 563 -16.42 -4.04 34.90
N HIS D 564 -16.34 -4.67 36.06
CA HIS D 564 -17.10 -4.18 37.20
C HIS D 564 -16.39 -2.99 37.86
N PHE D 565 -16.91 -2.61 39.02
CA PHE D 565 -16.68 -1.25 39.51
C PHE D 565 -15.89 -1.21 40.81
N GLU D 566 -16.06 -2.23 41.67
CA GLU D 566 -15.35 -2.17 42.94
C GLU D 566 -13.90 -1.92 42.65
N GLU D 567 -13.32 -2.84 41.93
CA GLU D 567 -11.90 -2.83 41.64
C GLU D 567 -11.48 -1.52 41.01
N LEU D 568 -12.39 -0.82 40.37
CA LEU D 568 -12.08 0.57 40.06
C LEU D 568 -11.87 1.35 41.34
N ALA D 569 -12.75 1.18 42.32
CA ALA D 569 -12.50 1.79 43.63
C ALA D 569 -11.45 1.02 44.43
N MET D 570 -11.56 -0.29 44.46
CA MET D 570 -10.85 -1.11 45.41
C MET D 570 -9.38 -1.14 44.99
N ARG D 571 -9.16 -1.09 43.70
CA ARG D 571 -7.85 -1.06 43.07
C ARG D 571 -7.17 0.29 43.19
N PHE D 572 -7.92 1.38 43.17
CA PHE D 572 -7.30 2.70 43.13
C PHE D 572 -7.96 3.52 44.24
N MET D 573 -7.31 3.56 45.39
CA MET D 573 -7.89 4.20 46.56
C MET D 573 -7.33 5.59 46.83
N ASP D 574 -6.07 5.83 46.51
CA ASP D 574 -5.43 7.12 46.76
C ASP D 574 -4.21 7.23 45.87
N ILE D 575 -3.28 8.08 46.30
CA ILE D 575 -2.11 8.46 45.52
C ILE D 575 -0.96 7.50 45.81
N ARG D 576 0.00 7.50 44.88
CA ARG D 576 1.36 7.04 45.08
C ARG D 576 1.47 5.51 45.12
N LYS D 577 0.36 4.81 45.17
CA LYS D 577 0.47 3.40 44.83
C LYS D 577 0.21 3.22 43.35
N ARG D 578 1.17 3.66 42.54
CA ARG D 578 0.99 3.62 41.09
C ARG D 578 1.19 2.20 40.59
N ILE D 579 0.25 1.35 41.01
CA ILE D 579 0.33 -0.10 40.87
C ILE D 579 -1.08 -0.59 40.54
N TYR D 580 -1.33 -0.88 39.27
CA TYR D 580 -0.33 -0.79 38.21
C TYR D 580 -0.71 -0.01 36.97
N LYS D 581 -1.94 -0.16 36.47
CA LYS D 581 -2.24 0.31 35.13
C LYS D 581 -3.43 1.26 35.15
N PHE D 582 -3.91 1.57 33.95
CA PHE D 582 -5.04 2.48 33.89
C PHE D 582 -6.25 1.69 33.44
N PRO D 583 -7.45 2.13 33.80
CA PRO D 583 -8.55 1.96 32.86
C PRO D 583 -8.33 2.96 31.75
N LYS D 584 -8.54 2.51 30.53
CA LYS D 584 -7.79 3.06 29.42
C LYS D 584 -8.63 4.06 28.63
N MET D 585 -8.61 5.33 29.05
CA MET D 585 -9.40 6.39 28.43
C MET D 585 -8.51 7.44 27.77
N GLY D 586 -9.16 8.54 27.39
CA GLY D 586 -8.76 9.36 26.26
C GLY D 586 -9.35 8.88 24.96
N LYS D 587 -10.45 8.13 25.03
CA LYS D 587 -10.80 7.14 24.03
C LYS D 587 -11.67 7.71 22.92
N LYS D 588 -12.92 7.98 23.26
CA LYS D 588 -14.01 8.22 22.33
C LYS D 588 -14.92 9.33 22.79
N ALA D 589 -14.48 10.06 23.83
CA ALA D 589 -15.20 11.19 24.39
C ALA D 589 -14.19 12.08 25.09
N GLU D 590 -14.51 13.37 25.13
CA GLU D 590 -13.69 14.33 25.88
C GLU D 590 -14.56 15.00 26.92
N LEU D 591 -13.91 15.67 27.87
CA LEU D 591 -14.55 16.26 29.03
C LEU D 591 -14.45 17.79 29.03
N VAL D 592 -15.60 18.45 29.03
CA VAL D 592 -15.65 19.91 29.11
C VAL D 592 -16.47 20.31 30.32
N CYS D 593 -15.83 20.94 31.29
CA CYS D 593 -16.45 21.19 32.59
C CYS D 593 -16.67 22.67 32.84
N ILE D 594 -17.81 22.95 33.47
CA ILE D 594 -18.24 24.30 33.83
C ILE D 594 -18.56 24.27 35.31
N THR D 595 -17.79 24.99 36.10
CA THR D 595 -18.14 25.12 37.51
C THR D 595 -19.27 26.13 37.67
N THR D 596 -19.96 26.06 38.81
CA THR D 596 -20.96 27.06 39.11
C THR D 596 -20.77 27.61 40.51
N THR D 597 -20.23 26.80 41.41
CA THR D 597 -20.11 27.18 42.81
C THR D 597 -18.70 27.68 43.10
N SER D 598 -18.61 28.86 43.68
CA SER D 598 -17.31 29.41 44.05
C SER D 598 -16.88 28.77 45.35
N GLY D 599 -15.93 27.84 45.27
CA GLY D 599 -15.43 27.21 46.46
C GLY D 599 -15.05 25.74 46.33
N THR D 600 -15.34 25.13 45.18
CA THR D 600 -14.95 23.75 44.94
C THR D 600 -13.90 23.69 43.85
N GLY D 601 -12.83 22.96 44.13
CA GLY D 601 -11.79 22.77 43.15
C GLY D 601 -11.95 21.42 42.49
N SER D 602 -13.16 20.86 42.60
CA SER D 602 -13.41 19.53 42.08
C SER D 602 -13.25 19.46 40.56
N GLU D 603 -13.67 20.51 39.86
CA GLU D 603 -13.68 20.46 38.40
C GLU D 603 -12.28 20.43 37.82
N VAL D 604 -11.25 20.46 38.65
CA VAL D 604 -9.89 20.31 38.15
C VAL D 604 -9.27 19.06 38.76
N THR D 605 -9.74 18.67 39.94
CA THR D 605 -9.15 17.51 40.60
C THR D 605 -9.54 16.23 39.90
N PRO D 606 -8.69 15.23 39.95
CA PRO D 606 -9.03 13.90 39.43
C PRO D 606 -9.69 13.04 40.51
N PHE D 607 -10.69 13.61 41.17
CA PHE D 607 -11.30 12.95 42.30
C PHE D 607 -12.77 12.71 42.05
N ALA D 608 -13.29 11.68 42.71
CA ALA D 608 -14.71 11.37 42.63
C ALA D 608 -15.12 10.69 43.92
N VAL D 609 -16.37 10.91 44.31
CA VAL D 609 -16.95 10.27 45.48
C VAL D 609 -18.27 9.67 45.05
N VAL D 610 -18.47 8.40 45.35
CA VAL D 610 -19.73 7.73 45.07
C VAL D 610 -20.22 7.06 46.33
N THR D 611 -21.54 7.00 46.49
CA THR D 611 -22.14 6.51 47.72
C THR D 611 -22.95 5.26 47.41
N ASP D 612 -22.80 4.25 48.27
CA ASP D 612 -23.49 2.99 48.07
C ASP D 612 -24.97 3.13 48.37
N ASP D 613 -25.75 2.10 48.01
CA ASP D 613 -27.18 2.21 48.18
C ASP D 613 -27.75 1.47 49.38
N LYS D 614 -27.07 0.46 49.92
CA LYS D 614 -27.61 -0.12 51.16
C LYS D 614 -27.60 0.91 52.25
N THR D 615 -26.40 1.21 52.72
CA THR D 615 -26.07 2.02 53.87
C THR D 615 -25.26 3.26 53.53
N GLY D 616 -25.07 3.54 52.24
CA GLY D 616 -24.30 4.69 51.84
C GLY D 616 -22.82 4.54 52.07
N ALA D 617 -22.24 3.40 51.69
CA ALA D 617 -20.80 3.21 51.77
C ALA D 617 -20.09 4.22 50.85
N LYS D 618 -19.10 4.90 51.41
CA LYS D 618 -18.33 5.89 50.69
C LYS D 618 -17.27 5.21 49.84
N TYR D 619 -17.14 5.63 48.59
CA TYR D 619 -16.12 5.10 47.71
C TYR D 619 -15.38 6.29 47.10
N PRO D 620 -14.16 6.56 47.55
CA PRO D 620 -13.36 7.63 46.96
C PRO D 620 -12.46 7.16 45.84
N LEU D 621 -12.51 7.86 44.72
CA LEU D 621 -11.71 7.58 43.53
C LEU D 621 -10.73 8.71 43.29
N ALA D 622 -9.47 8.35 43.03
CA ALA D 622 -8.42 9.34 42.91
C ALA D 622 -7.31 8.80 42.03
N ASP D 623 -7.22 9.33 40.80
CA ASP D 623 -6.07 9.10 39.93
C ASP D 623 -6.11 10.07 38.76
N TYR D 624 -4.92 10.53 38.34
CA TYR D 624 -4.82 11.72 37.51
C TYR D 624 -5.48 11.59 36.15
N GLU D 625 -5.74 10.40 35.63
CA GLU D 625 -6.43 10.38 34.35
C GLU D 625 -7.89 10.83 34.47
N LEU D 626 -8.39 10.99 35.70
CA LEU D 626 -9.72 11.55 35.89
C LEU D 626 -9.80 13.03 35.60
N THR D 627 -8.68 13.72 35.48
CA THR D 627 -8.73 15.16 35.25
C THR D 627 -9.38 15.45 33.92
N PRO D 628 -10.39 16.32 33.88
CA PRO D 628 -10.95 16.74 32.60
C PRO D 628 -9.92 17.50 31.80
N GLN D 629 -9.95 17.32 30.49
CA GLN D 629 -9.00 18.07 29.69
C GLN D 629 -9.48 19.50 29.48
N MET D 630 -10.76 19.77 29.75
CA MET D 630 -11.32 21.07 29.45
C MET D 630 -11.99 21.68 30.67
N ALA D 631 -11.56 22.88 31.06
CA ALA D 631 -12.16 23.59 32.17
C ALA D 631 -12.44 25.04 31.79
N ILE D 632 -13.64 25.51 32.12
CA ILE D 632 -13.99 26.90 31.85
C ILE D 632 -14.54 27.52 33.12
N VAL D 633 -14.05 28.70 33.45
CA VAL D 633 -14.41 29.42 34.67
C VAL D 633 -14.95 30.76 34.21
N ASP D 634 -16.26 30.83 34.02
CA ASP D 634 -16.95 32.08 33.73
C ASP D 634 -17.47 32.66 35.03
N ALA D 635 -17.82 33.94 34.98
CA ALA D 635 -18.49 34.54 36.12
C ALA D 635 -19.98 34.68 35.90
N ASN D 636 -20.42 34.93 34.65
CA ASN D 636 -21.80 35.31 34.38
C ASN D 636 -22.78 34.61 35.32
N LEU D 637 -22.50 33.35 35.59
CA LEU D 637 -23.24 32.56 36.55
C LEU D 637 -23.51 33.28 37.88
N VAL D 638 -22.53 33.50 38.74
CA VAL D 638 -22.96 33.85 40.08
C VAL D 638 -22.71 35.32 40.37
N MET D 639 -23.69 36.13 39.99
CA MET D 639 -24.03 37.41 40.58
C MET D 639 -25.24 37.27 41.49
N ASN D 640 -26.10 36.30 41.20
CA ASN D 640 -27.37 36.19 41.90
C ASN D 640 -27.40 35.08 42.94
N MET D 641 -26.37 34.25 43.03
CA MET D 641 -26.37 33.22 44.05
C MET D 641 -26.24 33.86 45.43
N PRO D 642 -27.12 33.55 46.36
CA PRO D 642 -27.30 34.38 47.55
C PRO D 642 -26.34 34.03 48.68
N LYS D 643 -26.23 34.98 49.61
CA LYS D 643 -25.57 34.75 50.88
C LYS D 643 -26.41 33.80 51.72
N SER D 644 -25.74 32.96 52.50
CA SER D 644 -24.29 32.94 52.56
C SER D 644 -23.75 31.64 51.98
N LEU D 645 -24.46 31.10 51.00
CA LEU D 645 -23.90 29.98 50.25
C LEU D 645 -22.59 30.39 49.61
N THR D 646 -22.51 31.65 49.19
CA THR D 646 -21.25 32.29 48.90
C THR D 646 -20.22 31.98 49.97
N ALA D 647 -20.59 32.28 51.22
CA ALA D 647 -19.67 32.05 52.33
C ALA D 647 -19.32 30.58 52.44
N PHE D 648 -20.30 29.71 52.23
CA PHE D 648 -20.05 28.28 52.37
C PHE D 648 -18.95 27.83 51.40
N GLY D 649 -19.12 28.17 50.12
CA GLY D 649 -18.10 27.80 49.15
C GLY D 649 -16.76 28.44 49.45
N GLY D 650 -16.76 29.73 49.76
CA GLY D 650 -15.52 30.41 50.04
C GLY D 650 -14.77 29.80 51.20
N TYR D 651 -15.50 29.45 52.26
CA TYR D 651 -14.86 28.84 53.41
C TYR D 651 -14.36 27.44 53.10
N ASP D 652 -15.08 26.69 52.25
CA ASP D 652 -14.54 25.40 51.81
C ASP D 652 -13.20 25.60 51.12
N ALA D 653 -13.13 26.57 50.20
CA ALA D 653 -11.87 26.84 49.51
C ALA D 653 -10.79 27.27 50.49
N VAL D 654 -11.17 28.08 51.47
CA VAL D 654 -10.23 28.55 52.47
C VAL D 654 -9.61 27.37 53.18
N THR D 655 -10.45 26.45 53.65
CA THR D 655 -9.96 25.23 54.27
C THR D 655 -9.02 24.49 53.32
N HIS D 656 -9.46 24.31 52.07
CA HIS D 656 -8.64 23.62 51.09
C HIS D 656 -7.23 24.21 51.07
N ALA D 657 -7.15 25.54 51.02
CA ALA D 657 -5.86 26.17 50.91
C ALA D 657 -5.01 25.96 52.15
N LEU D 658 -5.54 26.31 53.33
CA LEU D 658 -4.66 26.27 54.50
C LEU D 658 -4.21 24.85 54.79
N GLU D 659 -5.09 23.89 54.61
CA GLU D 659 -4.63 22.52 54.77
C GLU D 659 -3.58 22.17 53.73
N ALA D 660 -3.75 22.62 52.48
CA ALA D 660 -2.83 22.21 51.44
C ALA D 660 -1.43 22.70 51.74
N TYR D 661 -1.31 23.94 52.21
CA TYR D 661 0.03 24.49 52.41
C TYR D 661 0.80 23.72 53.46
N VAL D 662 0.14 23.32 54.54
CA VAL D 662 0.82 22.70 55.67
C VAL D 662 0.93 21.20 55.47
N SER D 663 0.32 20.70 54.40
CA SER D 663 0.33 19.27 54.15
C SER D 663 1.77 18.78 53.95
N VAL D 664 2.04 17.57 54.42
CA VAL D 664 3.37 17.01 54.24
C VAL D 664 3.65 16.74 52.77
N LEU D 665 2.61 16.55 51.97
CA LEU D 665 2.76 16.38 50.54
C LEU D 665 3.04 17.69 49.84
N ALA D 666 3.00 18.80 50.56
CA ALA D 666 3.20 20.11 49.94
C ALA D 666 4.60 20.21 49.34
N ASN D 667 4.66 20.23 48.03
CA ASN D 667 5.88 20.64 47.37
C ASN D 667 5.95 22.16 47.34
N GLU D 668 7.04 22.68 46.80
CA GLU D 668 7.11 24.11 46.54
C GLU D 668 6.05 24.53 45.54
N TYR D 669 5.56 23.59 44.74
CA TYR D 669 4.74 23.95 43.59
C TYR D 669 3.42 24.56 44.02
N SER D 670 2.76 23.93 44.97
CA SER D 670 1.45 24.40 45.43
C SER D 670 1.57 25.65 46.29
N ASP D 671 2.74 25.88 46.87
CA ASP D 671 2.87 27.01 47.79
C ASP D 671 2.58 28.32 47.08
N GLY D 672 3.05 28.48 45.85
CA GLY D 672 2.89 29.76 45.18
C GLY D 672 1.45 30.20 45.08
N GLN D 673 0.67 29.51 44.26
CA GLN D 673 -0.72 29.96 44.08
C GLN D 673 -1.59 29.68 45.29
N ALA D 674 -1.22 28.76 46.19
CA ALA D 674 -1.95 28.67 47.45
C ALA D 674 -1.83 29.98 48.23
N LEU D 675 -0.59 30.42 48.43
CA LEU D 675 -0.34 31.71 49.04
C LEU D 675 -1.07 32.82 48.31
N GLN D 676 -1.07 32.74 46.98
CA GLN D 676 -1.71 33.79 46.18
C GLN D 676 -3.20 33.87 46.51
N ALA D 677 -3.89 32.74 46.44
CA ALA D 677 -5.32 32.74 46.71
C ALA D 677 -5.62 33.22 48.11
N LEU D 678 -4.84 32.74 49.08
CA LEU D 678 -5.06 33.17 50.46
C LEU D 678 -4.87 34.67 50.61
N LYS D 679 -3.80 35.21 50.05
CA LYS D 679 -3.58 36.64 50.16
C LYS D 679 -4.72 37.41 49.51
N MET D 680 -5.13 36.97 48.33
CA MET D 680 -6.05 37.79 47.54
C MET D 680 -7.49 37.64 48.01
N LEU D 681 -7.76 36.66 48.85
CA LEU D 681 -9.14 36.51 49.26
C LEU D 681 -9.55 37.43 50.40
N LYS D 682 -8.58 37.81 51.24
CA LYS D 682 -8.89 38.48 52.49
C LYS D 682 -9.59 39.82 52.28
N GLU D 683 -9.49 40.40 51.09
CA GLU D 683 -10.11 41.69 50.81
C GLU D 683 -11.49 41.51 50.19
N TYR D 684 -11.63 40.51 49.33
CA TYR D 684 -12.81 40.40 48.50
C TYR D 684 -13.88 39.53 49.10
N LEU D 685 -13.56 38.75 50.13
CA LEU D 685 -14.64 38.09 50.86
C LEU D 685 -15.61 39.06 51.51
N PRO D 686 -15.19 40.00 52.36
CA PRO D 686 -16.19 40.86 53.01
C PRO D 686 -16.99 41.65 52.01
N SER D 687 -16.33 42.15 50.96
CA SER D 687 -17.04 42.93 49.96
C SER D 687 -18.07 42.09 49.24
N SER D 688 -17.65 40.95 48.68
CA SER D 688 -18.57 40.13 47.90
C SER D 688 -19.70 39.62 48.76
N TYR D 689 -19.40 39.26 50.01
CA TYR D 689 -20.44 38.83 50.94
C TYR D 689 -21.44 39.96 51.20
N ALA D 690 -20.94 41.17 51.42
CA ALA D 690 -21.82 42.30 51.60
C ALA D 690 -22.37 42.80 50.26
N ASN D 691 -21.54 42.80 49.22
CA ASN D 691 -21.88 43.42 47.95
C ASN D 691 -21.91 42.38 46.84
N GLY D 692 -23.02 42.32 46.14
CA GLY D 692 -23.20 41.43 45.02
C GLY D 692 -24.68 41.30 44.79
N ALA D 693 -25.13 41.46 43.55
CA ALA D 693 -24.24 41.68 42.41
C ALA D 693 -23.82 43.12 42.20
N LYS D 694 -24.04 43.98 43.20
CA LYS D 694 -23.65 45.36 43.05
C LYS D 694 -22.16 45.51 42.81
N ASP D 695 -21.38 44.50 43.20
CA ASP D 695 -19.93 44.53 43.04
C ASP D 695 -19.51 43.40 42.11
N PRO D 696 -19.60 43.60 40.79
CA PRO D 696 -19.10 42.57 39.88
C PRO D 696 -17.59 42.62 39.77
N ILE D 697 -16.92 42.83 40.89
CA ILE D 697 -15.46 42.79 40.98
C ILE D 697 -15.12 41.64 41.89
N ALA D 698 -15.52 41.75 43.16
CA ALA D 698 -15.09 40.76 44.14
C ALA D 698 -15.60 39.38 43.80
N ARG D 699 -16.79 39.28 43.20
CA ARG D 699 -17.40 37.98 42.97
C ARG D 699 -16.55 37.12 42.05
N GLU D 700 -16.20 37.63 40.87
CA GLU D 700 -15.35 36.85 40.00
C GLU D 700 -13.96 36.71 40.57
N LYS D 701 -13.51 37.68 41.37
CA LYS D 701 -12.21 37.53 42.01
C LYS D 701 -12.17 36.31 42.92
N VAL D 702 -13.18 36.15 43.79
CA VAL D 702 -13.18 35.00 44.67
C VAL D 702 -13.47 33.74 43.88
N HIS D 703 -14.21 33.85 42.78
CA HIS D 703 -14.38 32.69 41.92
C HIS D 703 -13.02 32.18 41.43
N ASN D 704 -12.21 33.10 40.91
CA ASN D 704 -10.88 32.70 40.46
C ASN D 704 -10.05 32.18 41.62
N ALA D 705 -10.20 32.79 42.79
CA ALA D 705 -9.45 32.32 43.95
C ALA D 705 -9.79 30.89 44.28
N ALA D 706 -11.08 30.55 44.24
CA ALA D 706 -11.49 29.18 44.50
C ALA D 706 -10.92 28.24 43.46
N THR D 707 -10.93 28.66 42.20
CA THR D 707 -10.32 27.84 41.16
C THR D 707 -8.84 27.61 41.45
N ILE D 708 -8.15 28.65 41.90
CA ILE D 708 -6.74 28.51 42.24
C ILE D 708 -6.56 27.56 43.41
N ALA D 709 -7.45 27.62 44.40
CA ALA D 709 -7.38 26.66 45.48
C ALA D 709 -7.49 25.24 44.95
N GLY D 710 -8.42 25.02 44.03
CA GLY D 710 -8.54 23.72 43.41
C GLY D 710 -7.27 23.31 42.70
N ILE D 711 -6.63 24.26 42.04
CA ILE D 711 -5.31 24.02 41.48
C ILE D 711 -4.37 23.54 42.57
N ALA D 712 -4.44 24.20 43.73
CA ALA D 712 -3.50 23.92 44.81
C ALA D 712 -3.64 22.49 45.30
N PHE D 713 -4.78 22.17 45.93
CA PHE D 713 -4.80 20.84 46.52
C PHE D 713 -5.06 19.76 45.49
N ALA D 714 -4.97 20.08 44.20
CA ALA D 714 -5.00 19.05 43.18
C ALA D 714 -3.82 18.10 43.29
N ASN D 715 -2.72 18.55 43.89
CA ASN D 715 -1.56 17.72 44.14
C ASN D 715 -1.31 17.47 45.61
N ALA D 716 -1.53 18.47 46.46
CA ALA D 716 -1.43 18.30 47.89
C ALA D 716 -2.78 17.81 48.40
N PHE D 717 -2.78 16.66 49.05
CA PHE D 717 -4.04 16.08 49.47
C PHE D 717 -4.67 16.83 50.64
N LEU D 718 -5.86 16.39 51.03
CA LEU D 718 -6.65 17.10 52.01
C LEU D 718 -6.12 16.86 53.42
N GLY D 719 -6.64 17.64 54.37
CA GLY D 719 -6.34 17.47 55.77
C GLY D 719 -7.42 16.66 56.47
N VAL D 720 -7.10 16.29 57.71
CA VAL D 720 -8.00 15.44 58.48
C VAL D 720 -9.34 16.13 58.67
N CYS D 721 -9.31 17.44 58.87
CA CYS D 721 -10.53 18.20 59.02
C CYS D 721 -11.45 17.99 57.84
N HIS D 722 -10.91 17.83 56.63
CA HIS D 722 -11.78 17.81 55.47
C HIS D 722 -12.67 16.58 55.45
N SER D 723 -12.09 15.38 55.55
CA SER D 723 -12.95 14.20 55.57
C SER D 723 -13.77 14.16 56.84
N MET D 724 -13.22 14.65 57.94
CA MET D 724 -13.97 14.68 59.17
C MET D 724 -15.24 15.52 59.00
N ALA D 725 -15.13 16.65 58.30
CA ALA D 725 -16.29 17.46 58.00
C ALA D 725 -17.19 16.80 56.98
N HIS D 726 -16.60 16.05 56.04
CA HIS D 726 -17.39 15.16 55.21
C HIS D 726 -18.35 14.37 56.07
N LYS D 727 -17.83 13.86 57.17
CA LYS D 727 -18.63 13.00 58.02
C LYS D 727 -19.74 13.79 58.71
N ILE D 728 -19.36 14.86 59.43
CA ILE D 728 -20.36 15.68 60.11
C ILE D 728 -21.48 16.07 59.15
N GLY D 729 -21.12 16.49 57.94
CA GLY D 729 -22.14 16.70 56.94
C GLY D 729 -22.93 15.45 56.65
N ALA D 730 -22.27 14.30 56.68
CA ALA D 730 -22.91 13.05 56.29
C ALA D 730 -24.08 12.70 57.22
N GLU D 731 -23.85 12.68 58.54
CA GLU D 731 -24.95 12.19 59.38
C GLU D 731 -26.04 13.24 59.54
N PHE D 732 -25.68 14.51 59.68
CA PHE D 732 -26.66 15.53 60.01
C PHE D 732 -27.13 16.32 58.81
N HIS D 733 -26.81 15.85 57.60
CA HIS D 733 -27.22 16.50 56.36
C HIS D 733 -26.73 17.93 56.28
N LEU D 734 -25.69 18.25 57.03
CA LEU D 734 -25.13 19.58 57.00
C LEU D 734 -24.37 19.80 55.69
N PRO D 735 -24.45 20.99 55.12
CA PRO D 735 -23.74 21.24 53.86
C PRO D 735 -22.23 21.24 54.08
N HIS D 736 -21.51 20.91 53.02
CA HIS D 736 -20.07 21.04 53.04
C HIS D 736 -19.71 22.52 53.09
N GLY D 737 -18.48 22.79 53.50
CA GLY D 737 -17.97 24.15 53.39
C GLY D 737 -18.12 24.97 54.64
N LEU D 738 -19.24 24.80 55.34
CA LEU D 738 -19.39 25.42 56.65
C LEU D 738 -19.15 24.45 57.78
N ALA D 739 -19.39 23.16 57.56
CA ALA D 739 -19.12 22.16 58.59
C ALA D 739 -17.65 22.18 58.98
N ASN D 740 -16.77 22.10 57.99
CA ASN D 740 -15.35 22.26 58.25
C ASN D 740 -15.04 23.65 58.79
N ALA D 741 -15.77 24.66 58.30
CA ALA D 741 -15.51 26.03 58.72
C ALA D 741 -15.77 26.21 60.21
N LEU D 742 -16.50 25.27 60.82
CA LEU D 742 -16.69 25.32 62.26
C LEU D 742 -15.53 24.66 63.00
N LEU D 743 -14.63 24.03 62.27
CA LEU D 743 -13.60 23.20 62.87
C LEU D 743 -12.22 23.85 62.84
N ILE D 744 -11.95 24.62 61.77
CA ILE D 744 -10.58 24.96 61.43
C ILE D 744 -9.85 25.43 62.66
N ALA D 745 -10.54 26.21 63.49
CA ALA D 745 -9.93 26.82 64.65
C ALA D 745 -9.20 25.77 65.47
N ASN D 746 -9.97 24.88 66.10
CA ASN D 746 -9.34 23.90 66.95
C ASN D 746 -8.31 23.10 66.18
N VAL D 747 -8.56 22.93 64.87
CA VAL D 747 -7.69 22.10 64.06
C VAL D 747 -6.25 22.61 64.14
N VAL D 748 -6.06 23.92 63.95
CA VAL D 748 -4.68 24.41 63.95
C VAL D 748 -4.15 24.42 65.37
N ARG D 749 -5.05 24.56 66.35
CA ARG D 749 -4.63 24.41 67.74
C ARG D 749 -4.14 23.00 68.00
N TYR D 750 -4.68 22.02 67.28
CA TYR D 750 -4.07 20.70 67.31
C TYR D 750 -2.66 20.76 66.74
N ASN D 751 -2.51 21.48 65.63
CA ASN D 751 -1.18 21.70 65.08
C ASN D 751 -0.39 22.67 65.94
N ALA D 752 -1.05 23.37 66.86
CA ALA D 752 -0.34 24.30 67.73
C ALA D 752 0.44 23.48 68.74
N ASN D 753 1.59 22.99 68.32
CA ASN D 753 2.43 22.17 69.16
C ASN D 753 3.89 22.50 68.91
N ASP D 754 4.68 22.50 69.99
CA ASP D 754 6.11 22.77 69.83
C ASP D 754 6.81 21.50 69.37
N ASN D 755 6.74 20.44 70.16
CA ASN D 755 7.44 19.21 69.81
C ASN D 755 6.89 17.98 70.52
N PRO D 756 5.61 17.65 70.36
CA PRO D 756 5.12 16.39 70.92
C PRO D 756 5.52 15.24 70.02
N THR D 757 6.54 14.50 70.45
CA THR D 757 7.01 13.34 69.71
C THR D 757 6.35 12.08 70.25
N LYS D 758 5.03 12.16 70.38
CA LYS D 758 4.22 11.04 70.86
C LYS D 758 3.81 10.10 69.75
N GLN D 759 3.43 10.64 68.59
CA GLN D 759 2.98 9.80 67.49
C GLN D 759 3.50 10.29 66.14
N THR D 760 4.27 11.37 66.12
CA THR D 760 4.78 11.90 64.86
C THR D 760 5.77 10.95 64.24
N ALA D 761 5.83 10.98 62.90
CA ALA D 761 6.71 10.11 62.16
C ALA D 761 7.54 10.93 61.18
N PHE D 762 8.85 10.73 61.23
CA PHE D 762 9.77 11.32 60.27
C PHE D 762 9.62 12.82 60.26
N SER D 763 9.65 13.39 61.47
CA SER D 763 9.32 14.79 61.65
C SER D 763 10.38 15.70 61.05
N GLN D 764 11.65 15.43 61.33
CA GLN D 764 12.73 16.34 61.00
C GLN D 764 13.34 16.03 59.64
N TYR D 765 12.53 15.53 58.71
CA TYR D 765 12.99 15.12 57.40
C TYR D 765 12.79 16.20 56.35
N ASP D 766 11.57 16.65 56.18
CA ASP D 766 11.18 17.66 55.22
C ASP D 766 10.26 18.72 55.82
N ARG D 767 9.55 18.37 56.89
CA ARG D 767 8.62 19.29 57.52
C ARG D 767 9.20 19.69 58.87
N PRO D 768 9.99 20.75 58.94
CA PRO D 768 10.65 21.08 60.20
C PRO D 768 9.65 21.39 61.31
N GLN D 769 8.74 22.33 61.06
CA GLN D 769 7.72 22.67 62.04
C GLN D 769 6.61 23.45 61.37
N ALA D 770 5.38 23.01 61.62
CA ALA D 770 4.22 23.69 61.04
C ALA D 770 4.08 25.10 61.61
N ARG D 771 4.39 25.26 62.91
CA ARG D 771 4.26 26.57 63.54
C ARG D 771 4.97 27.64 62.74
N ARG D 772 6.19 27.34 62.29
CA ARG D 772 6.93 28.31 61.51
C ARG D 772 6.19 28.62 60.23
N ARG D 773 5.63 27.60 59.60
CA ARG D 773 4.92 27.78 58.35
C ARG D 773 3.74 28.72 58.55
N TYR D 774 3.01 28.50 59.64
CA TYR D 774 1.88 29.35 59.96
C TYR D 774 2.34 30.78 60.18
N ALA D 775 3.46 30.96 60.88
CA ALA D 775 3.97 32.31 61.12
C ALA D 775 4.39 32.98 59.82
N GLU D 776 4.93 32.18 58.88
CA GLU D 776 5.25 32.72 57.57
C GLU D 776 3.99 33.20 56.89
N VAL D 777 2.90 32.46 57.05
CA VAL D 777 1.61 32.93 56.55
C VAL D 777 1.24 34.25 57.21
N ALA D 778 1.42 34.32 58.52
CA ALA D 778 0.98 35.48 59.29
C ALA D 778 1.69 36.74 58.83
N ASP D 779 3.01 36.76 58.95
CA ASP D 779 3.78 37.91 58.48
C ASP D 779 3.65 38.07 56.98
N HIS D 780 3.32 36.98 56.28
CA HIS D 780 3.19 37.06 54.83
C HIS D 780 1.93 37.80 54.44
N LEU D 781 0.92 37.74 55.29
CA LEU D 781 -0.18 38.69 55.23
C LEU D 781 0.18 40.01 55.89
N GLY D 782 1.28 40.04 56.64
CA GLY D 782 1.49 41.14 57.56
C GLY D 782 0.53 41.14 58.71
N LEU D 783 0.15 39.97 59.20
CA LEU D 783 -0.78 39.83 60.32
C LEU D 783 -0.04 39.79 61.65
N SER D 784 1.12 40.42 61.71
CA SER D 784 1.98 40.30 62.87
C SER D 784 2.73 41.60 63.08
N GLN D 785 2.97 41.94 64.34
CA GLN D 785 3.90 43.00 64.65
C GLN D 785 5.28 42.63 64.11
N PRO D 786 6.03 43.59 63.57
CA PRO D 786 7.39 43.27 63.13
C PRO D 786 8.25 42.64 64.21
N GLY D 787 8.09 43.07 65.46
CA GLY D 787 8.72 42.37 66.56
C GLY D 787 7.77 41.42 67.24
N ASP D 788 7.84 40.13 66.88
CA ASP D 788 6.92 39.13 67.39
C ASP D 788 7.64 37.81 67.57
N ARG D 789 7.06 36.95 68.39
CA ARG D 789 7.41 35.54 68.36
C ARG D 789 6.39 34.79 67.53
N THR D 790 6.67 33.51 67.29
CA THR D 790 5.79 32.70 66.46
C THR D 790 4.38 32.67 67.02
N ALA D 791 4.24 32.20 68.26
CA ALA D 791 2.92 31.99 68.83
C ALA D 791 2.11 33.28 68.83
N GLN D 792 2.78 34.42 69.00
CA GLN D 792 2.11 35.70 68.84
C GLN D 792 1.45 35.79 67.48
N LYS D 793 2.22 35.52 66.43
CA LYS D 793 1.69 35.57 65.07
C LYS D 793 0.58 34.57 64.91
N ILE D 794 0.68 33.42 65.59
CA ILE D 794 -0.29 32.36 65.43
C ILE D 794 -1.63 32.77 66.00
N GLU D 795 -1.62 33.33 67.21
CA GLU D 795 -2.86 33.79 67.81
C GLU D 795 -3.45 34.94 67.02
N ARG D 796 -2.59 35.81 66.49
CA ARG D 796 -3.09 36.82 65.56
C ARG D 796 -3.77 36.18 64.36
N LEU D 797 -3.15 35.15 63.80
CA LEU D 797 -3.74 34.45 62.68
C LEU D 797 -5.13 33.96 62.99
N LEU D 798 -5.28 33.22 64.07
CA LEU D 798 -6.56 32.57 64.20
C LEU D 798 -7.58 33.49 64.82
N THR D 799 -7.13 34.55 65.50
CA THR D 799 -8.05 35.64 65.83
C THR D 799 -8.59 36.28 64.57
N TRP D 800 -7.70 36.59 63.63
CA TRP D 800 -8.10 37.08 62.33
C TRP D 800 -9.21 36.23 61.75
N LEU D 801 -8.98 34.93 61.63
CA LEU D 801 -10.04 34.08 61.12
C LEU D 801 -11.26 34.10 62.01
N ASP D 802 -11.08 34.25 63.32
CA ASP D 802 -12.20 34.21 64.24
C ASP D 802 -13.22 35.28 63.92
N GLU D 803 -12.85 36.54 64.08
CA GLU D 803 -13.89 37.53 63.80
C GLU D 803 -14.05 37.77 62.31
N LEU D 804 -13.16 37.25 61.48
CA LEU D 804 -13.45 37.23 60.05
C LEU D 804 -14.67 36.38 59.78
N LYS D 805 -14.69 35.17 60.31
CA LYS D 805 -15.85 34.31 60.13
C LYS D 805 -17.02 34.79 60.97
N VAL D 806 -16.76 35.60 62.01
CA VAL D 806 -17.84 36.36 62.62
C VAL D 806 -18.52 37.22 61.58
N ASN D 807 -17.72 37.88 60.73
CA ASN D 807 -18.28 38.86 59.80
C ASN D 807 -19.32 38.23 58.89
N LEU D 808 -19.25 36.93 58.67
CA LEU D 808 -20.13 36.28 57.71
C LEU D 808 -21.24 35.50 58.39
N ASP D 809 -21.57 35.85 59.63
CA ASP D 809 -22.85 35.49 60.24
C ASP D 809 -23.03 33.97 60.29
N ILE D 810 -22.16 33.33 61.06
CA ILE D 810 -22.17 31.88 61.20
C ILE D 810 -22.16 31.55 62.68
N PRO D 811 -22.79 30.45 63.09
CA PRO D 811 -22.77 30.06 64.50
C PRO D 811 -21.37 29.69 64.93
N LYS D 812 -21.12 29.82 66.22
CA LYS D 812 -19.78 29.63 66.75
C LYS D 812 -19.65 28.37 67.58
N SER D 813 -20.75 27.68 67.84
CA SER D 813 -20.76 26.37 68.43
C SER D 813 -21.80 25.54 67.68
N ILE D 814 -21.50 24.26 67.51
CA ILE D 814 -22.36 23.46 66.64
C ILE D 814 -23.74 23.28 67.27
N GLN D 815 -23.82 23.40 68.60
CA GLN D 815 -25.13 23.52 69.23
C GLN D 815 -25.83 24.77 68.76
N ALA D 816 -25.10 25.89 68.64
CA ALA D 816 -25.66 27.07 68.03
C ALA D 816 -25.98 26.85 66.56
N ALA D 817 -25.42 25.81 65.96
CA ALA D 817 -25.80 25.44 64.61
C ALA D 817 -27.07 24.59 64.57
N GLY D 818 -27.58 24.19 65.72
CA GLY D 818 -28.86 23.49 65.75
C GLY D 818 -28.74 21.98 65.68
N VAL D 819 -27.99 21.40 66.60
CA VAL D 819 -27.78 19.95 66.65
C VAL D 819 -28.14 19.44 68.03
N ALA D 820 -28.98 18.40 68.08
CA ALA D 820 -29.23 17.71 69.33
C ALA D 820 -27.96 17.01 69.81
N GLU D 821 -27.52 17.39 71.01
CA GLU D 821 -26.20 17.03 71.49
C GLU D 821 -26.15 15.75 72.31
N ALA D 822 -27.27 15.31 72.88
CA ALA D 822 -27.27 14.04 73.57
C ALA D 822 -26.81 12.92 72.65
N ASP D 823 -27.43 12.84 71.47
CA ASP D 823 -27.03 11.85 70.47
C ASP D 823 -25.68 12.17 69.88
N PHE D 824 -25.34 13.45 69.76
CA PHE D 824 -23.96 13.81 69.44
C PHE D 824 -23.00 13.02 70.30
N LEU D 825 -23.12 13.14 71.62
CA LEU D 825 -22.25 12.36 72.48
C LEU D 825 -22.45 10.88 72.26
N ALA D 826 -23.70 10.46 72.03
CA ALA D 826 -24.00 9.04 71.88
C ALA D 826 -23.24 8.42 70.71
N LYS D 827 -22.99 9.19 69.66
CA LYS D 827 -22.59 8.59 68.39
C LYS D 827 -21.30 9.20 67.84
N VAL D 828 -20.77 10.22 68.51
CA VAL D 828 -19.45 10.75 68.22
C VAL D 828 -18.39 9.67 68.39
N ASP D 829 -18.69 8.66 69.18
CA ASP D 829 -17.70 7.63 69.47
C ASP D 829 -17.26 6.92 68.20
N GLU D 830 -18.22 6.41 67.42
CA GLU D 830 -17.89 5.74 66.17
C GLU D 830 -17.67 6.75 65.05
N LEU D 831 -18.31 7.92 65.16
CA LEU D 831 -17.96 9.01 64.28
C LEU D 831 -16.46 9.26 64.28
N ALA D 832 -15.84 9.24 65.46
CA ALA D 832 -14.41 9.51 65.55
C ALA D 832 -13.59 8.38 64.96
N VAL D 833 -14.02 7.14 65.14
CA VAL D 833 -13.20 6.04 64.65
C VAL D 833 -13.18 6.04 63.14
N GLU D 834 -14.33 6.29 62.50
CA GLU D 834 -14.27 6.42 61.05
C GLU D 834 -13.63 7.74 60.64
N ALA D 835 -13.72 8.77 61.47
CA ALA D 835 -13.00 10.00 61.21
C ALA D 835 -11.50 9.78 61.17
N PHE D 836 -11.00 8.78 61.90
CA PHE D 836 -9.57 8.50 61.87
C PHE D 836 -9.10 8.10 60.48
N ASP D 837 -9.66 7.01 59.96
CA ASP D 837 -9.12 6.37 58.78
C ASP D 837 -9.73 6.87 57.49
N ASP D 838 -10.64 7.82 57.53
CA ASP D 838 -11.27 8.35 56.32
C ASP D 838 -10.22 9.12 55.52
N GLN D 839 -9.36 8.37 54.82
CA GLN D 839 -8.43 8.91 53.84
C GLN D 839 -7.75 10.19 54.33
N CYS D 840 -7.38 10.19 55.61
CA CYS D 840 -6.74 11.33 56.24
C CYS D 840 -5.62 10.94 57.22
N THR D 841 -4.58 10.21 56.80
CA THR D 841 -4.28 9.57 55.51
C THR D 841 -4.66 10.18 54.15
N GLY D 842 -4.43 11.48 53.92
CA GLY D 842 -3.94 12.41 54.91
C GLY D 842 -2.46 12.73 54.94
N ALA D 843 -2.16 13.93 54.48
CA ALA D 843 -0.84 14.53 54.65
C ALA D 843 -0.73 15.24 55.98
N ASN D 844 -1.59 14.90 56.93
CA ASN D 844 -1.53 15.51 58.24
C ASN D 844 -0.17 15.23 58.85
N PRO D 845 0.60 16.26 59.17
CA PRO D 845 1.95 16.02 59.68
C PRO D 845 2.00 15.19 60.94
N ARG D 846 0.98 15.29 61.80
CA ARG D 846 0.99 14.54 63.04
C ARG D 846 -0.09 13.47 63.03
N TYR D 847 0.21 12.34 63.64
CA TYR D 847 -0.83 11.39 63.99
C TYR D 847 -1.87 12.01 64.92
N PRO D 848 -3.15 11.80 64.63
CA PRO D 848 -4.18 11.81 65.66
C PRO D 848 -4.39 10.40 66.18
N LEU D 849 -4.92 10.30 67.39
CA LEU D 849 -5.53 9.06 67.85
C LEU D 849 -6.98 9.35 68.16
N ILE D 850 -7.73 8.27 68.42
CA ILE D 850 -9.17 8.41 68.60
C ILE D 850 -9.50 9.41 69.68
N ALA D 851 -8.68 9.46 70.74
CA ALA D 851 -8.99 10.35 71.86
C ALA D 851 -9.05 11.81 71.43
N GLU D 852 -8.00 12.28 70.76
CA GLU D 852 -7.91 13.71 70.45
C GLU D 852 -9.07 14.17 69.56
N LEU D 853 -9.45 13.36 68.58
CA LEU D 853 -10.61 13.67 67.75
C LEU D 853 -11.81 13.97 68.62
N LYS D 854 -12.05 13.14 69.62
CA LYS D 854 -13.21 13.30 70.46
C LYS D 854 -13.15 14.61 71.24
N GLU D 855 -11.97 14.96 71.76
CA GLU D 855 -11.79 16.23 72.44
C GLU D 855 -12.13 17.38 71.51
N VAL D 856 -11.60 17.32 70.29
CA VAL D 856 -11.83 18.39 69.34
C VAL D 856 -13.30 18.51 69.00
N LEU D 857 -13.96 17.37 68.77
CA LEU D 857 -15.36 17.41 68.39
C LEU D 857 -16.22 18.03 69.48
N LEU D 858 -15.99 17.62 70.73
CA LEU D 858 -16.77 18.20 71.81
C LEU D 858 -16.46 19.68 71.98
N ALA D 859 -15.18 20.06 71.88
CA ALA D 859 -14.83 21.46 72.07
C ALA D 859 -15.46 22.32 70.99
N SER D 860 -15.41 21.87 69.75
CA SER D 860 -16.00 22.63 68.65
C SER D 860 -17.51 22.72 68.81
N TYR D 861 -18.16 21.62 69.21
CA TYR D 861 -19.61 21.65 69.35
C TYR D 861 -20.03 22.70 70.36
N TYR D 862 -19.28 22.81 71.46
CA TYR D 862 -19.53 23.80 72.48
C TYR D 862 -18.83 25.11 72.19
N GLY D 863 -18.17 25.22 71.05
CA GLY D 863 -17.37 26.41 70.76
C GLY D 863 -16.22 26.58 71.73
N LYS D 864 -15.78 25.52 72.32
CA LYS D 864 -14.70 25.57 73.29
C LYS D 864 -13.36 25.53 72.58
N PRO D 865 -12.35 26.21 73.12
CA PRO D 865 -11.02 26.20 72.49
C PRO D 865 -10.26 24.94 72.87
N PHE D 866 -9.98 24.10 71.88
CA PHE D 866 -9.18 22.90 72.09
C PHE D 866 -7.74 23.32 72.37
N VAL D 867 -7.38 23.33 73.64
CA VAL D 867 -6.05 23.76 74.05
C VAL D 867 -5.57 22.85 75.17
N GLU D 868 -4.28 22.54 75.16
CA GLU D 868 -3.67 21.68 76.16
C GLU D 868 -2.32 22.24 76.61
N PRO E 2 -51.05 64.92 -16.14
CA PRO E 2 -50.50 65.88 -17.09
C PRO E 2 -49.03 66.15 -16.84
N VAL E 3 -48.16 65.51 -17.62
CA VAL E 3 -46.73 65.47 -17.36
C VAL E 3 -46.03 66.12 -18.54
N THR E 4 -45.82 67.44 -18.49
CA THR E 4 -45.27 68.14 -19.64
C THR E 4 -44.16 69.15 -19.33
N ASN E 5 -44.16 69.77 -18.17
CA ASN E 5 -43.24 70.87 -17.91
C ASN E 5 -42.58 70.69 -16.55
N LEU E 6 -41.38 71.24 -16.43
CA LEU E 6 -40.58 71.05 -15.23
C LEU E 6 -41.25 71.63 -14.00
N ALA E 7 -42.26 72.47 -14.17
CA ALA E 7 -43.12 72.83 -13.05
C ALA E 7 -43.79 71.59 -12.49
N GLU E 8 -44.70 71.00 -13.28
CA GLU E 8 -45.35 69.77 -12.82
C GLU E 8 -44.36 68.62 -12.74
N LEU E 9 -43.29 68.63 -13.55
CA LEU E 9 -42.32 67.55 -13.44
C LEU E 9 -41.67 67.58 -12.07
N ASP E 10 -41.23 68.75 -11.63
CA ASP E 10 -40.59 68.85 -10.33
C ASP E 10 -41.59 68.62 -9.21
N ALA E 11 -42.84 69.07 -9.40
CA ALA E 11 -43.88 68.80 -8.41
C ALA E 11 -44.06 67.30 -8.21
N LEU E 12 -44.26 66.57 -9.30
CA LEU E 12 -44.41 65.12 -9.18
C LEU E 12 -43.14 64.46 -8.70
N VAL E 13 -41.98 65.04 -9.02
CA VAL E 13 -40.74 64.54 -8.45
C VAL E 13 -40.83 64.58 -6.94
N ALA E 14 -41.21 65.74 -6.41
CA ALA E 14 -41.37 65.87 -4.97
C ALA E 14 -42.39 64.87 -4.45
N ARG E 15 -43.44 64.62 -5.23
CA ARG E 15 -44.51 63.75 -4.77
C ARG E 15 -44.05 62.31 -4.65
N VAL E 16 -43.60 61.73 -5.76
CA VAL E 16 -43.11 60.36 -5.72
C VAL E 16 -41.91 60.26 -4.79
N LYS E 17 -41.18 61.37 -4.60
CA LYS E 17 -39.93 61.39 -3.85
C LYS E 17 -40.20 61.29 -2.36
N ALA E 18 -41.19 62.05 -1.88
CA ALA E 18 -41.70 61.88 -0.53
C ALA E 18 -42.34 60.50 -0.36
N ALA E 19 -43.09 60.06 -1.38
CA ALA E 19 -43.73 58.75 -1.32
C ALA E 19 -42.69 57.65 -1.13
N GLN E 20 -41.56 57.77 -1.80
CA GLN E 20 -40.45 56.86 -1.53
C GLN E 20 -39.92 57.05 -0.13
N ALA E 21 -39.84 58.30 0.33
CA ALA E 21 -39.28 58.55 1.66
C ALA E 21 -40.00 57.73 2.73
N GLU E 22 -41.33 57.79 2.75
CA GLU E 22 -42.01 57.00 3.80
C GLU E 22 -42.36 55.61 3.32
N PHE E 23 -42.25 55.34 2.02
CA PHE E 23 -42.37 53.96 1.54
C PHE E 23 -41.23 53.09 2.03
N ALA E 24 -40.02 53.62 2.02
CA ALA E 24 -38.83 52.83 2.34
C ALA E 24 -38.82 52.30 3.74
N THR E 25 -39.87 52.58 4.51
CA THR E 25 -39.94 52.24 5.92
C THR E 25 -40.71 50.95 6.17
N PHE E 26 -40.95 50.17 5.13
CA PHE E 26 -41.89 49.07 5.20
C PHE E 26 -41.20 47.77 5.56
N SER E 27 -41.94 46.88 6.21
CA SER E 27 -41.41 45.59 6.59
C SER E 27 -41.49 44.61 5.43
N GLN E 28 -40.55 43.66 5.42
CA GLN E 28 -40.41 42.75 4.29
C GLN E 28 -41.69 41.95 4.07
N GLU E 29 -42.23 41.39 5.14
CA GLU E 29 -43.38 40.51 5.09
C GLU E 29 -44.66 41.24 4.75
N GLN E 30 -44.62 42.55 4.53
CA GLN E 30 -45.79 43.23 4.00
C GLN E 30 -45.59 43.69 2.56
N VAL E 31 -44.36 44.06 2.19
CA VAL E 31 -44.10 44.34 0.78
C VAL E 31 -44.26 43.06 -0.03
N ASP E 32 -44.08 41.91 0.60
CA ASP E 32 -44.25 40.65 -0.13
C ASP E 32 -45.64 40.53 -0.74
N LYS E 33 -46.66 40.91 0.01
CA LYS E 33 -48.02 40.79 -0.49
C LYS E 33 -48.22 41.68 -1.71
N ILE E 34 -47.74 42.92 -1.60
CA ILE E 34 -47.78 43.84 -2.73
C ILE E 34 -47.10 43.21 -3.92
N PHE E 35 -45.95 42.58 -3.67
CA PHE E 35 -45.23 41.86 -4.71
C PHE E 35 -46.12 40.83 -5.39
N ARG E 36 -46.72 39.92 -4.61
CA ARG E 36 -47.47 38.83 -5.22
C ARG E 36 -48.61 39.39 -6.04
N ALA E 37 -49.33 40.34 -5.46
CA ALA E 37 -50.50 40.89 -6.13
C ALA E 37 -50.11 41.61 -7.40
N ALA E 38 -49.05 42.41 -7.35
CA ALA E 38 -48.62 43.12 -8.54
C ALA E 38 -48.22 42.15 -9.63
N SER E 39 -47.47 41.11 -9.27
CA SER E 39 -47.06 40.11 -10.25
C SER E 39 -48.28 39.47 -10.88
N LEU E 40 -49.25 39.05 -10.06
CA LEU E 40 -50.47 38.46 -10.56
C LEU E 40 -51.20 39.38 -11.54
N ALA E 41 -51.43 40.60 -11.10
CA ALA E 41 -52.33 41.48 -11.84
C ALA E 41 -51.67 41.99 -13.10
N ALA E 42 -50.34 42.06 -13.11
CA ALA E 42 -49.64 42.26 -14.36
C ALA E 42 -49.69 40.99 -15.18
N ASN E 43 -49.79 39.84 -14.52
CA ASN E 43 -49.62 38.58 -15.19
C ASN E 43 -50.76 38.25 -16.13
N GLN E 44 -52.00 38.39 -15.71
CA GLN E 44 -53.04 37.83 -16.59
C GLN E 44 -53.16 38.63 -17.89
N ALA E 45 -53.27 39.95 -17.81
CA ALA E 45 -53.71 40.76 -18.94
C ALA E 45 -52.55 41.14 -19.86
N ARG E 46 -51.84 40.12 -20.30
CA ARG E 46 -50.77 40.29 -21.28
C ARG E 46 -51.33 40.60 -22.65
N ILE E 47 -52.43 39.93 -23.00
CA ILE E 47 -53.02 40.11 -24.31
C ILE E 47 -53.37 41.57 -24.59
N PRO E 48 -54.04 42.29 -23.69
CA PRO E 48 -54.35 43.69 -24.02
C PRO E 48 -53.13 44.49 -24.37
N LEU E 49 -52.16 44.58 -23.45
CA LEU E 49 -51.07 45.52 -23.69
C LEU E 49 -50.25 45.07 -24.87
N ALA E 50 -50.23 43.76 -25.13
CA ALA E 50 -49.65 43.28 -26.38
C ALA E 50 -50.40 43.83 -27.58
N GLN E 51 -51.73 43.82 -27.52
CA GLN E 51 -52.55 44.24 -28.65
C GLN E 51 -52.39 45.74 -28.92
N MET E 52 -52.48 46.53 -27.86
CA MET E 52 -52.39 47.96 -28.04
C MET E 52 -50.93 48.41 -28.19
N ALA E 53 -49.99 47.55 -27.82
CA ALA E 53 -48.63 47.72 -28.30
C ALA E 53 -48.56 47.48 -29.80
N VAL E 54 -49.30 46.48 -30.29
CA VAL E 54 -49.36 46.24 -31.73
C VAL E 54 -49.81 47.50 -32.44
N GLU E 55 -50.87 48.13 -31.94
CA GLU E 55 -51.35 49.33 -32.61
C GLU E 55 -50.37 50.50 -32.45
N GLU E 56 -49.84 50.71 -31.23
CA GLU E 56 -49.04 51.91 -31.00
C GLU E 56 -47.67 51.83 -31.66
N SER E 57 -46.93 50.74 -31.42
CA SER E 57 -45.57 50.66 -31.94
C SER E 57 -45.55 50.57 -33.45
N GLY E 58 -46.33 49.65 -34.03
CA GLY E 58 -46.50 49.63 -35.47
C GLY E 58 -46.15 48.33 -36.16
N MET E 59 -45.22 47.54 -35.64
CA MET E 59 -44.82 46.35 -36.38
C MET E 59 -45.23 45.11 -35.60
N GLY E 60 -44.79 43.97 -36.11
CA GLY E 60 -44.50 42.85 -35.25
C GLY E 60 -45.63 41.87 -35.13
N ILE E 61 -45.37 40.86 -34.31
CA ILE E 61 -46.16 39.64 -34.23
C ILE E 61 -46.76 39.62 -32.83
N VAL E 62 -48.02 39.19 -32.72
CA VAL E 62 -48.74 39.42 -31.46
C VAL E 62 -48.27 38.43 -30.39
N GLU E 63 -48.30 37.14 -30.69
CA GLU E 63 -48.08 36.14 -29.65
C GLU E 63 -46.64 36.17 -29.15
N ASP E 64 -45.68 36.45 -30.04
CA ASP E 64 -44.32 36.67 -29.55
C ASP E 64 -44.36 37.67 -28.40
N LYS E 65 -45.15 38.71 -28.57
CA LYS E 65 -45.27 39.79 -27.60
C LYS E 65 -45.99 39.29 -26.34
N VAL E 66 -47.08 38.56 -26.52
CA VAL E 66 -47.88 38.14 -25.37
C VAL E 66 -47.09 37.17 -24.50
N ILE E 67 -46.49 36.16 -25.10
CA ILE E 67 -45.71 35.21 -24.33
C ILE E 67 -44.36 35.76 -23.92
N LYS E 68 -43.86 36.84 -24.55
CA LYS E 68 -42.72 37.42 -23.86
C LYS E 68 -43.20 37.99 -22.55
N ASN E 69 -44.42 38.53 -22.53
CA ASN E 69 -44.98 39.01 -21.29
C ASN E 69 -45.15 37.87 -20.29
N HIS E 70 -45.75 36.77 -20.75
CA HIS E 70 -45.78 35.53 -19.97
C HIS E 70 -44.42 35.24 -19.35
N PHE E 71 -43.43 35.01 -20.21
CA PHE E 71 -42.10 34.59 -19.77
C PHE E 71 -41.48 35.62 -18.85
N ALA E 72 -41.61 36.90 -19.20
CA ALA E 72 -40.97 37.95 -18.42
C ALA E 72 -41.54 38.03 -17.03
N SER E 73 -42.86 38.12 -16.92
CA SER E 73 -43.48 38.19 -15.60
C SER E 73 -43.11 36.96 -14.77
N GLU E 74 -43.26 35.78 -15.35
CA GLU E 74 -43.07 34.57 -14.56
C GLU E 74 -41.61 34.36 -14.21
N PHE E 75 -40.72 34.68 -15.14
CA PHE E 75 -39.29 34.73 -14.85
C PHE E 75 -38.98 35.70 -13.74
N ILE E 76 -39.60 36.86 -13.73
CA ILE E 76 -39.26 37.83 -12.71
C ILE E 76 -39.67 37.30 -11.35
N TYR E 77 -40.88 36.75 -11.25
CA TYR E 77 -41.35 36.30 -9.95
C TYR E 77 -40.58 35.08 -9.49
N ASN E 78 -40.51 34.07 -10.35
CA ASN E 78 -39.77 32.87 -10.00
C ASN E 78 -38.30 33.20 -9.76
N LYS E 79 -37.83 34.22 -10.42
CA LYS E 79 -36.46 34.68 -10.38
C LYS E 79 -36.08 35.19 -9.00
N TYR E 80 -36.99 35.89 -8.32
CA TYR E 80 -36.72 36.53 -7.04
C TYR E 80 -37.84 36.31 -6.02
N LYS E 81 -38.22 35.07 -5.72
CA LYS E 81 -39.34 34.81 -4.81
C LYS E 81 -39.31 35.68 -3.58
N ASP E 82 -38.35 35.45 -2.69
CA ASP E 82 -38.26 36.21 -1.45
C ASP E 82 -36.79 36.15 -1.07
N GLU E 83 -36.09 37.26 -1.28
CA GLU E 83 -34.69 37.31 -0.93
C GLU E 83 -34.53 38.46 0.03
N LYS E 84 -33.91 38.17 1.18
CA LYS E 84 -33.94 39.11 2.29
C LYS E 84 -33.38 40.45 1.87
N THR E 85 -34.23 41.46 1.85
CA THR E 85 -33.84 42.80 1.42
C THR E 85 -34.26 43.87 2.41
N CYS E 86 -34.80 43.50 3.56
CA CYS E 86 -35.28 44.47 4.55
C CYS E 86 -34.45 44.31 5.81
N GLY E 87 -33.86 45.42 6.27
CA GLY E 87 -33.15 45.43 7.52
C GLY E 87 -31.89 44.58 7.60
N ILE E 88 -31.75 43.82 8.68
CA ILE E 88 -30.56 43.03 8.92
C ILE E 88 -30.40 41.96 7.85
N LEU E 89 -29.16 41.77 7.40
CA LEU E 89 -28.85 40.71 6.43
C LEU E 89 -28.18 39.60 7.20
N GLU E 90 -27.18 39.91 8.01
CA GLU E 90 -26.54 38.81 8.70
C GLU E 90 -25.93 39.35 9.96
N GLU E 91 -25.75 38.45 10.90
CA GLU E 91 -25.28 38.96 12.16
C GLU E 91 -24.06 38.17 12.58
N ASP E 92 -23.15 38.85 13.28
CA ASP E 92 -22.08 38.18 14.00
C ASP E 92 -22.15 38.67 15.44
N ASP E 93 -22.89 37.94 16.26
CA ASP E 93 -22.96 38.26 17.68
C ASP E 93 -21.61 38.05 18.35
N ASN E 94 -20.80 37.13 17.82
CA ASN E 94 -19.47 36.90 18.37
C ASN E 94 -18.62 38.15 18.29
N LEU E 95 -18.67 38.85 17.16
CA LEU E 95 -17.97 40.11 16.99
C LEU E 95 -18.92 41.29 16.89
N GLY E 96 -20.22 41.05 17.05
CA GLY E 96 -21.18 42.13 17.00
C GLY E 96 -21.15 42.91 15.72
N THR E 97 -20.91 42.25 14.59
CA THR E 97 -20.93 42.88 13.29
C THR E 97 -22.27 42.58 12.64
N MET E 98 -23.14 43.57 12.57
CA MET E 98 -24.42 43.48 11.87
C MET E 98 -24.26 44.03 10.46
N THR E 99 -24.62 43.21 9.47
CA THR E 99 -24.66 43.67 8.09
C THR E 99 -26.10 43.79 7.67
N ILE E 100 -26.50 45.01 7.33
CA ILE E 100 -27.84 45.32 6.85
C ILE E 100 -27.72 45.94 5.46
N ALA E 101 -28.88 46.29 4.91
CA ALA E 101 -28.98 46.86 3.58
C ALA E 101 -30.09 47.92 3.53
N GLU E 102 -30.08 48.69 2.45
CA GLU E 102 -31.03 49.79 2.36
C GLU E 102 -31.26 50.24 0.94
N PRO E 103 -32.46 50.73 0.61
CA PRO E 103 -32.74 51.19 -0.75
C PRO E 103 -31.84 52.33 -1.18
N VAL E 104 -31.84 52.63 -2.48
CA VAL E 104 -30.93 53.62 -3.03
C VAL E 104 -31.62 54.97 -3.15
N GLY E 105 -32.69 55.04 -3.94
CA GLY E 105 -33.34 56.33 -4.13
C GLY E 105 -34.17 56.47 -5.39
N ILE E 106 -33.97 57.56 -6.11
CA ILE E 106 -34.79 57.91 -7.26
C ILE E 106 -34.07 57.52 -8.53
N ILE E 107 -34.76 56.79 -9.40
CA ILE E 107 -34.16 56.27 -10.61
C ILE E 107 -35.06 56.57 -11.80
N CYS E 108 -34.43 56.86 -12.93
CA CYS E 108 -35.12 57.03 -14.19
C CYS E 108 -35.02 55.77 -15.02
N GLY E 109 -36.03 55.55 -15.85
CA GLY E 109 -36.06 54.42 -16.74
C GLY E 109 -36.32 54.82 -18.17
N ILE E 110 -35.50 54.32 -19.09
CA ILE E 110 -35.60 54.66 -20.50
C ILE E 110 -36.19 53.48 -21.25
N VAL E 111 -37.25 53.74 -21.99
CA VAL E 111 -38.06 52.70 -22.62
C VAL E 111 -37.87 52.77 -24.13
N PRO E 112 -37.27 51.77 -24.75
CA PRO E 112 -37.20 51.74 -26.22
C PRO E 112 -38.46 51.16 -26.83
N THR E 113 -38.66 51.50 -28.10
CA THR E 113 -39.88 51.11 -28.80
C THR E 113 -39.94 49.62 -29.05
N THR E 114 -38.79 48.95 -29.10
CA THR E 114 -38.78 47.53 -29.47
C THR E 114 -39.51 46.68 -28.46
N ASN E 115 -39.35 46.97 -27.17
CA ASN E 115 -40.01 46.21 -26.10
C ASN E 115 -40.59 47.21 -25.12
N PRO E 116 -41.54 48.02 -25.57
CA PRO E 116 -42.02 49.11 -24.71
C PRO E 116 -42.70 48.61 -23.45
N THR E 117 -43.21 47.39 -23.48
CA THR E 117 -44.03 46.86 -22.39
C THR E 117 -43.24 46.07 -21.37
N SER E 118 -42.59 45.00 -21.81
CA SER E 118 -41.93 44.10 -20.89
C SER E 118 -40.90 44.82 -20.04
N THR E 119 -40.13 45.71 -20.67
CA THR E 119 -39.10 46.44 -19.95
C THR E 119 -39.69 47.26 -18.82
N ALA E 120 -40.82 47.93 -19.07
CA ALA E 120 -41.40 48.81 -18.08
C ALA E 120 -41.82 48.04 -16.84
N ILE E 121 -42.60 46.98 -17.04
CA ILE E 121 -43.07 46.18 -15.91
C ILE E 121 -41.88 45.57 -15.20
N PHE E 122 -40.89 45.10 -15.97
CA PHE E 122 -39.65 44.59 -15.42
C PHE E 122 -39.05 45.55 -14.41
N LYS E 123 -38.72 46.75 -14.89
CA LYS E 123 -38.05 47.73 -14.04
C LYS E 123 -38.92 48.08 -12.85
N SER E 124 -40.21 48.32 -13.07
CA SER E 124 -41.08 48.77 -11.98
C SER E 124 -41.18 47.71 -10.89
N LEU E 125 -41.36 46.46 -11.29
CA LEU E 125 -41.51 45.37 -10.36
C LEU E 125 -40.24 45.17 -9.54
N ILE E 126 -39.09 45.11 -10.20
CA ILE E 126 -37.87 44.96 -9.43
C ILE E 126 -37.63 46.19 -8.57
N SER E 127 -38.13 47.35 -8.99
CA SER E 127 -37.99 48.54 -8.16
C SER E 127 -38.75 48.38 -6.86
N LEU E 128 -40.02 48.01 -6.96
CA LEU E 128 -40.79 47.82 -5.73
C LEU E 128 -40.17 46.72 -4.88
N LYS E 129 -39.51 45.73 -5.51
CA LYS E 129 -38.57 44.93 -4.77
C LYS E 129 -37.61 45.76 -3.93
N THR E 130 -36.83 46.62 -4.57
CA THR E 130 -35.81 47.39 -3.87
C THR E 130 -36.36 48.52 -3.03
N ARG E 131 -37.68 48.59 -2.84
CA ARG E 131 -38.30 49.73 -2.18
C ARG E 131 -37.78 51.04 -2.77
N ASN E 132 -38.02 51.21 -4.06
CA ASN E 132 -37.48 52.32 -4.84
C ASN E 132 -38.61 53.19 -5.36
N GLY E 133 -38.24 54.24 -6.08
CA GLY E 133 -39.18 55.00 -6.88
C GLY E 133 -38.62 55.13 -8.28
N ILE E 134 -39.43 54.93 -9.31
CA ILE E 134 -38.88 54.86 -10.66
C ILE E 134 -39.60 55.86 -11.55
N ILE E 135 -38.81 56.46 -12.44
CA ILE E 135 -39.27 57.45 -13.39
C ILE E 135 -39.07 56.87 -14.77
N PHE E 136 -40.03 57.10 -15.66
CA PHE E 136 -40.02 56.50 -16.98
C PHE E 136 -39.86 57.54 -18.07
N SER E 137 -39.07 57.19 -19.07
CA SER E 137 -38.92 58.01 -20.27
C SER E 137 -39.40 57.20 -21.45
N PRO E 138 -40.71 57.12 -21.68
CA PRO E 138 -41.21 56.39 -22.84
C PRO E 138 -40.84 57.08 -24.13
N HIS E 139 -40.78 56.29 -25.19
CA HIS E 139 -40.53 56.90 -26.48
C HIS E 139 -41.82 57.49 -27.04
N PRO E 140 -41.74 58.63 -27.74
CA PRO E 140 -42.97 59.21 -28.32
C PRO E 140 -43.69 58.28 -29.27
N ARG E 141 -42.97 57.42 -30.00
CA ARG E 141 -43.60 56.23 -30.58
C ARG E 141 -44.48 55.50 -29.58
N ALA E 142 -43.86 54.84 -28.63
CA ALA E 142 -44.56 53.86 -27.80
C ALA E 142 -44.56 54.41 -26.38
N LYS E 143 -45.58 55.14 -26.07
CA LYS E 143 -45.76 55.70 -24.74
C LYS E 143 -47.12 55.40 -24.17
N ASN E 144 -48.18 55.43 -25.00
CA ASN E 144 -49.53 55.26 -24.50
C ASN E 144 -49.70 53.89 -23.86
N SER E 145 -49.22 52.84 -24.53
CA SER E 145 -49.29 51.51 -23.93
C SER E 145 -48.43 51.44 -22.68
N THR E 146 -47.26 52.08 -22.72
CA THR E 146 -46.41 52.12 -21.54
C THR E 146 -47.10 52.81 -20.38
N ASN E 147 -47.73 53.95 -20.65
CA ASN E 147 -48.42 54.66 -19.59
C ASN E 147 -49.62 53.86 -19.09
N ALA E 148 -50.25 53.10 -19.99
CA ALA E 148 -51.32 52.22 -19.58
C ALA E 148 -50.81 51.16 -18.61
N ALA E 149 -49.65 50.57 -18.93
CA ALA E 149 -49.05 49.64 -18.00
C ALA E 149 -48.72 50.32 -16.68
N ALA E 150 -48.24 51.57 -16.74
CA ALA E 150 -47.94 52.30 -15.52
C ALA E 150 -49.18 52.41 -14.64
N LYS E 151 -50.28 52.91 -15.21
CA LYS E 151 -51.58 52.83 -14.55
C LYS E 151 -51.81 51.47 -13.93
N LEU E 152 -51.78 50.42 -14.76
CA LEU E 152 -52.30 49.12 -14.32
C LEU E 152 -51.49 48.57 -13.18
N VAL E 153 -50.16 48.62 -13.29
CA VAL E 153 -49.32 48.07 -12.26
C VAL E 153 -49.42 48.91 -10.99
N LEU E 154 -49.44 50.23 -11.12
CA LEU E 154 -49.64 51.04 -9.93
C LEU E 154 -50.98 50.76 -9.28
N ASP E 155 -52.00 50.47 -10.09
CA ASP E 155 -53.30 50.22 -9.51
C ASP E 155 -53.29 48.93 -8.71
N ALA E 156 -52.65 47.89 -9.27
CA ALA E 156 -52.46 46.67 -8.51
C ALA E 156 -51.74 46.96 -7.21
N ALA E 157 -50.66 47.73 -7.27
CA ALA E 157 -49.89 48.01 -6.07
C ALA E 157 -50.71 48.77 -5.04
N ILE E 158 -51.44 49.78 -5.49
CA ILE E 158 -52.27 50.57 -4.57
C ILE E 158 -53.29 49.67 -3.91
N ALA E 159 -53.89 48.76 -4.67
CA ALA E 159 -54.78 47.82 -4.01
C ALA E 159 -53.95 46.73 -3.37
N ALA E 160 -52.89 47.12 -2.68
CA ALA E 160 -52.15 46.24 -1.80
C ALA E 160 -51.58 46.95 -0.60
N GLY E 161 -51.84 48.25 -0.43
CA GLY E 161 -51.25 49.01 0.65
C GLY E 161 -50.08 49.90 0.27
N ALA E 162 -49.91 50.21 -1.01
CA ALA E 162 -48.77 51.01 -1.44
C ALA E 162 -49.02 52.49 -1.19
N PRO E 163 -47.95 53.30 -1.09
CA PRO E 163 -48.13 54.75 -1.08
C PRO E 163 -48.74 55.22 -2.39
N LYS E 164 -49.37 56.39 -2.34
CA LYS E 164 -50.35 56.76 -3.35
C LYS E 164 -49.79 56.68 -4.77
N ASP E 165 -48.48 56.86 -4.92
CA ASP E 165 -47.82 56.57 -6.18
C ASP E 165 -46.38 56.18 -5.89
N ILE E 166 -45.80 55.43 -6.82
CA ILE E 166 -44.37 55.13 -6.81
C ILE E 166 -43.83 55.30 -8.22
N ILE E 167 -44.76 55.36 -9.18
CA ILE E 167 -44.44 55.56 -10.58
C ILE E 167 -44.38 57.06 -10.88
N GLY E 168 -43.44 57.43 -11.73
CA GLY E 168 -43.58 58.63 -12.52
C GLY E 168 -43.28 58.29 -13.96
N TRP E 169 -43.95 58.99 -14.88
CA TRP E 169 -43.71 58.77 -16.29
C TRP E 169 -44.09 60.04 -17.02
N ILE E 170 -43.61 60.15 -18.25
CA ILE E 170 -43.71 61.39 -19.00
C ILE E 170 -44.85 61.28 -20.00
N ASP E 171 -45.64 62.35 -20.10
CA ASP E 171 -46.58 62.51 -21.18
C ASP E 171 -45.92 63.38 -22.24
N GLN E 172 -46.22 63.09 -23.52
CA GLN E 172 -45.51 63.65 -24.67
C GLN E 172 -44.03 63.81 -24.34
N PRO E 173 -43.29 62.72 -24.22
CA PRO E 173 -41.86 62.82 -23.91
C PRO E 173 -41.11 63.62 -24.96
N SER E 174 -40.15 64.42 -24.49
CA SER E 174 -39.34 65.26 -25.35
C SER E 174 -37.90 65.25 -24.85
N VAL E 175 -36.98 65.56 -25.76
CA VAL E 175 -35.56 65.38 -25.46
C VAL E 175 -35.12 66.26 -24.30
N GLU E 176 -35.54 67.53 -24.29
CA GLU E 176 -35.08 68.44 -23.25
C GLU E 176 -35.60 68.03 -21.89
N LEU E 177 -36.85 67.56 -21.83
CA LEU E 177 -37.38 67.02 -20.58
C LEU E 177 -36.55 65.84 -20.10
N SER E 178 -36.20 64.96 -21.03
CA SER E 178 -35.40 63.79 -20.70
C SER E 178 -34.03 64.18 -20.17
N ASN E 179 -33.40 65.16 -20.79
CA ASN E 179 -32.10 65.60 -20.29
C ASN E 179 -32.24 66.28 -18.94
N ALA E 180 -33.34 67.03 -18.74
CA ALA E 180 -33.55 67.73 -17.49
C ALA E 180 -33.67 66.76 -16.32
N LEU E 181 -34.52 65.74 -16.47
CA LEU E 181 -34.65 64.79 -15.37
C LEU E 181 -33.43 63.90 -15.30
N MET E 182 -32.85 63.57 -16.44
CA MET E 182 -31.67 62.72 -16.44
C MET E 182 -30.50 63.45 -15.79
N LYS E 183 -30.50 64.78 -15.86
CA LYS E 183 -29.55 65.60 -15.13
C LYS E 183 -30.15 66.19 -13.87
N HIS E 184 -31.35 65.76 -13.49
CA HIS E 184 -31.95 66.21 -12.25
C HIS E 184 -31.09 65.79 -11.07
N ASP E 185 -31.06 66.63 -10.04
CA ASP E 185 -30.25 66.34 -8.87
C ASP E 185 -30.84 65.19 -8.06
N GLY E 186 -32.15 65.23 -7.83
CA GLY E 186 -32.79 64.29 -6.94
C GLY E 186 -32.72 62.84 -7.35
N ILE E 187 -32.59 62.57 -8.64
CA ILE E 187 -32.53 61.20 -9.13
C ILE E 187 -31.25 60.55 -8.62
N ALA E 188 -31.36 59.28 -8.25
CA ALA E 188 -30.21 58.53 -7.76
C ALA E 188 -29.55 57.69 -8.84
N LEU E 189 -30.30 57.23 -9.84
CA LEU E 189 -29.72 56.37 -10.86
C LEU E 189 -30.56 56.44 -12.13
N ILE E 190 -30.01 55.87 -13.19
CA ILE E 190 -30.68 55.83 -14.49
C ILE E 190 -30.46 54.45 -15.10
N LEU E 191 -31.50 53.94 -15.75
CA LEU E 191 -31.45 52.65 -16.45
C LEU E 191 -31.89 52.86 -17.88
N ALA E 192 -30.92 52.80 -18.80
CA ALA E 192 -31.17 53.01 -20.22
C ALA E 192 -30.87 51.75 -21.00
N THR E 193 -31.52 51.60 -22.14
CA THR E 193 -31.28 50.48 -23.03
C THR E 193 -31.77 50.85 -24.41
N GLY E 194 -31.23 50.16 -25.42
CA GLY E 194 -31.67 50.40 -26.78
C GLY E 194 -30.58 50.89 -27.70
N GLY E 195 -30.80 52.04 -28.32
CA GLY E 195 -29.86 52.58 -29.29
C GLY E 195 -28.50 52.83 -28.67
N PRO E 196 -27.45 52.52 -29.42
CA PRO E 196 -26.10 52.83 -28.93
C PRO E 196 -25.95 54.28 -28.61
N GLY E 197 -26.49 55.16 -29.47
CA GLY E 197 -26.38 56.58 -29.23
C GLY E 197 -26.99 57.01 -27.91
N MET E 198 -28.02 56.30 -27.48
CA MET E 198 -28.73 56.65 -26.26
C MET E 198 -27.87 56.44 -25.02
N VAL E 199 -27.30 55.25 -24.87
CA VAL E 199 -26.57 54.93 -23.66
C VAL E 199 -25.29 55.73 -23.57
N LYS E 200 -24.82 56.28 -24.69
CA LYS E 200 -23.58 57.03 -24.61
C LYS E 200 -23.83 58.39 -23.96
N ALA E 201 -24.93 59.03 -24.34
CA ALA E 201 -25.39 60.20 -23.60
C ALA E 201 -25.70 59.83 -22.16
N ALA E 202 -26.19 58.61 -21.94
CA ALA E 202 -26.43 58.15 -20.58
C ALA E 202 -25.14 58.13 -19.77
N TYR E 203 -24.07 57.54 -20.32
CA TYR E 203 -22.79 57.52 -19.64
C TYR E 203 -22.26 58.94 -19.46
N SER E 204 -22.57 59.82 -20.39
CA SER E 204 -22.16 61.22 -20.30
C SER E 204 -23.08 61.98 -19.34
N SER E 205 -23.01 61.58 -18.07
CA SER E 205 -23.82 62.18 -17.02
C SER E 205 -23.07 62.51 -15.74
N GLY E 206 -21.86 61.99 -15.55
CA GLY E 206 -21.19 62.16 -14.28
C GLY E 206 -21.90 61.47 -13.13
N LYS E 207 -22.83 60.57 -13.43
CA LYS E 207 -23.66 59.90 -12.46
C LYS E 207 -23.62 58.41 -12.74
N PRO E 208 -23.90 57.58 -11.74
CA PRO E 208 -23.89 56.13 -11.97
C PRO E 208 -24.90 55.74 -13.02
N ALA E 209 -24.48 54.85 -13.93
CA ALA E 209 -25.32 54.49 -15.07
C ALA E 209 -24.86 53.15 -15.62
N ILE E 210 -25.82 52.33 -16.01
CA ILE E 210 -25.54 51.06 -16.67
C ILE E 210 -26.53 50.88 -17.81
N GLY E 211 -26.01 50.51 -18.97
CA GLY E 211 -26.84 50.40 -20.15
C GLY E 211 -26.89 49.01 -20.73
N VAL E 212 -28.10 48.52 -20.97
CA VAL E 212 -28.31 47.20 -21.55
C VAL E 212 -28.34 47.35 -23.06
N GLY E 213 -27.32 46.83 -23.73
CA GLY E 213 -27.27 46.84 -25.18
C GLY E 213 -26.69 45.56 -25.72
N ALA E 214 -26.41 45.54 -27.02
CA ALA E 214 -25.79 44.39 -27.64
C ALA E 214 -24.99 44.87 -28.85
N GLY E 215 -24.13 44.00 -29.35
CA GLY E 215 -23.43 44.21 -30.59
C GLY E 215 -23.87 43.24 -31.66
N ASN E 216 -23.19 43.30 -32.80
CA ASN E 216 -23.41 42.33 -33.85
C ASN E 216 -23.13 40.92 -33.31
N VAL E 217 -24.11 40.03 -33.44
CA VAL E 217 -24.05 38.70 -32.84
C VAL E 217 -23.62 37.73 -33.93
N PRO E 218 -22.40 37.22 -33.89
CA PRO E 218 -21.92 36.32 -34.93
C PRO E 218 -22.10 34.85 -34.56
N VAL E 219 -22.38 34.07 -35.60
CA VAL E 219 -22.31 32.61 -35.51
C VAL E 219 -21.40 32.12 -36.61
N VAL E 220 -20.65 31.06 -36.32
CA VAL E 220 -19.81 30.40 -37.31
C VAL E 220 -20.16 28.94 -37.37
N ILE E 221 -20.07 28.38 -38.57
CA ILE E 221 -20.43 27.00 -38.90
C ILE E 221 -19.24 26.36 -39.57
N ASP E 222 -18.81 25.21 -39.04
CA ASP E 222 -17.71 24.47 -39.64
C ASP E 222 -18.26 23.32 -40.48
N GLU E 223 -17.34 22.53 -41.02
CA GLU E 223 -17.72 21.45 -41.93
C GLU E 223 -18.35 20.29 -41.20
N THR E 224 -18.00 20.08 -39.93
CA THR E 224 -18.40 18.87 -39.23
C THR E 224 -19.76 18.97 -38.57
N ALA E 225 -20.46 20.10 -38.73
CA ALA E 225 -21.82 20.23 -38.23
C ALA E 225 -22.81 19.80 -39.30
N ASP E 226 -23.99 19.36 -38.86
CA ASP E 226 -25.08 19.07 -39.78
C ASP E 226 -25.82 20.36 -40.13
N ILE E 227 -26.03 20.58 -41.42
CA ILE E 227 -26.44 21.90 -41.91
C ILE E 227 -27.85 22.21 -41.44
N LYS E 228 -28.78 21.28 -41.64
CA LYS E 228 -30.19 21.58 -41.50
C LYS E 228 -30.53 21.95 -40.08
N ARG E 229 -29.75 21.46 -39.12
CA ARG E 229 -30.00 21.78 -37.72
C ARG E 229 -29.90 23.28 -37.46
N ALA E 230 -28.71 23.84 -37.70
CA ALA E 230 -28.52 25.27 -37.55
C ALA E 230 -29.44 26.04 -38.47
N VAL E 231 -29.55 25.59 -39.73
CA VAL E 231 -30.49 26.23 -40.65
C VAL E 231 -31.83 26.41 -39.96
N ALA E 232 -32.35 25.33 -39.38
CA ALA E 232 -33.60 25.38 -38.65
C ALA E 232 -33.53 26.42 -37.54
N SER E 233 -32.65 26.20 -36.57
CA SER E 233 -32.68 26.99 -35.35
C SER E 233 -32.67 28.47 -35.69
N ILE E 234 -31.85 28.86 -36.66
CA ILE E 234 -31.78 30.29 -36.87
C ILE E 234 -32.86 30.76 -37.83
N LEU E 235 -33.56 29.87 -38.55
CA LEU E 235 -34.81 30.39 -39.11
C LEU E 235 -35.79 30.76 -38.01
N MET E 236 -35.95 29.90 -37.01
CA MET E 236 -36.84 30.26 -35.91
C MET E 236 -36.42 31.57 -35.25
N SER E 237 -35.13 31.72 -34.95
CA SER E 237 -34.70 32.96 -34.29
C SER E 237 -34.77 34.15 -35.24
N LYS E 238 -34.40 33.95 -36.51
CA LYS E 238 -34.38 35.04 -37.48
C LYS E 238 -35.77 35.61 -37.64
N THR E 239 -36.78 34.73 -37.73
CA THR E 239 -38.16 35.14 -37.91
C THR E 239 -38.80 35.66 -36.64
N PHE E 240 -38.24 35.41 -35.46
CA PHE E 240 -38.90 35.89 -34.26
C PHE E 240 -39.26 37.38 -34.29
N ASP E 241 -40.55 37.66 -34.41
CA ASP E 241 -41.13 39.01 -34.51
C ASP E 241 -40.21 39.89 -35.35
N ASN E 242 -39.89 39.39 -36.54
CA ASN E 242 -39.01 40.07 -37.49
C ASN E 242 -37.63 40.34 -36.89
N GLY E 243 -37.19 39.48 -35.98
CA GLY E 243 -35.84 39.56 -35.45
C GLY E 243 -35.52 40.86 -34.74
N VAL E 244 -36.39 41.29 -33.83
CA VAL E 244 -36.20 42.54 -33.11
C VAL E 244 -35.72 42.34 -31.68
N VAL E 245 -35.40 41.11 -31.30
CA VAL E 245 -34.98 40.84 -29.93
C VAL E 245 -33.50 41.18 -29.77
N CYS E 246 -33.10 41.51 -28.54
CA CYS E 246 -31.70 41.71 -28.25
C CYS E 246 -30.91 40.43 -28.52
N ALA E 247 -29.62 40.62 -28.78
CA ALA E 247 -28.68 39.51 -28.96
C ALA E 247 -29.18 38.50 -29.99
N SER E 248 -29.59 39.00 -31.15
CA SER E 248 -30.05 38.14 -32.23
C SER E 248 -29.02 38.11 -33.36
N GLU E 249 -29.20 37.14 -34.25
CA GLU E 249 -28.35 36.97 -35.42
C GLU E 249 -27.99 38.29 -36.09
N GLN E 250 -26.70 38.45 -36.40
CA GLN E 250 -26.26 39.53 -37.28
C GLN E 250 -25.28 39.09 -38.35
N ALA E 251 -24.54 38.01 -38.17
CA ALA E 251 -23.55 37.62 -39.15
C ALA E 251 -23.45 36.10 -39.23
N ALA E 252 -23.48 35.59 -40.45
CA ALA E 252 -23.38 34.16 -40.71
C ALA E 252 -22.01 33.87 -41.31
N ILE E 253 -21.25 33.01 -40.65
CA ILE E 253 -19.89 32.69 -41.06
C ILE E 253 -19.86 31.21 -41.44
N VAL E 254 -19.47 30.94 -42.68
CA VAL E 254 -19.51 29.60 -43.25
C VAL E 254 -18.12 29.23 -43.74
N VAL E 255 -17.64 28.07 -43.29
CA VAL E 255 -16.33 27.61 -43.73
C VAL E 255 -16.43 27.11 -45.18
N SER E 256 -15.26 26.83 -45.76
CA SER E 256 -15.08 26.86 -47.21
C SER E 256 -16.00 25.88 -47.94
N GLU E 257 -15.76 24.58 -47.79
CA GLU E 257 -16.31 23.62 -48.73
C GLU E 257 -17.70 23.12 -48.34
N VAL E 258 -18.32 23.72 -47.32
CA VAL E 258 -19.69 23.35 -47.01
C VAL E 258 -20.62 24.49 -47.40
N TYR E 259 -20.15 25.38 -48.25
CA TYR E 259 -20.68 26.71 -48.39
C TYR E 259 -21.92 26.76 -49.27
N ASP E 260 -21.77 26.40 -50.55
CA ASP E 260 -22.87 26.55 -51.49
C ASP E 260 -24.00 25.59 -51.17
N GLU E 261 -23.70 24.47 -50.54
CA GLU E 261 -24.78 23.56 -50.13
C GLU E 261 -25.61 24.18 -49.02
N VAL E 262 -24.98 24.81 -48.04
CA VAL E 262 -25.77 25.56 -47.07
C VAL E 262 -26.60 26.62 -47.79
N LYS E 263 -26.01 27.24 -48.82
CA LYS E 263 -26.71 28.30 -49.50
C LYS E 263 -27.97 27.80 -50.18
N GLU E 264 -27.88 26.67 -50.88
CA GLU E 264 -29.10 26.18 -51.50
C GLU E 264 -30.07 25.70 -50.44
N ARG E 265 -29.56 25.27 -49.28
CA ARG E 265 -30.45 24.93 -48.18
C ARG E 265 -31.32 26.10 -47.77
N PHE E 266 -30.74 27.29 -47.63
CA PHE E 266 -31.58 28.48 -47.58
C PHE E 266 -32.47 28.60 -48.81
N ALA E 267 -31.90 28.40 -50.01
CA ALA E 267 -32.74 28.48 -51.20
C ALA E 267 -33.83 27.41 -51.20
N THR E 268 -33.57 26.27 -50.55
CA THR E 268 -34.64 25.29 -50.38
C THR E 268 -35.70 25.75 -49.41
N HIS E 269 -35.56 26.94 -48.85
CA HIS E 269 -36.51 27.46 -47.89
C HIS E 269 -36.81 28.90 -48.27
N LYS E 270 -37.53 29.59 -47.39
CA LYS E 270 -38.08 30.89 -47.74
C LYS E 270 -37.01 31.97 -47.81
N ALA E 271 -35.79 31.69 -47.38
CA ALA E 271 -34.72 32.68 -47.45
C ALA E 271 -34.37 32.95 -48.90
N HIS E 272 -34.23 34.24 -49.24
CA HIS E 272 -33.86 34.68 -50.58
C HIS E 272 -32.39 35.08 -50.59
N VAL E 273 -31.56 34.26 -51.23
CA VAL E 273 -30.17 34.66 -51.42
C VAL E 273 -30.13 35.87 -52.34
N LEU E 274 -29.02 36.60 -52.28
CA LEU E 274 -28.90 37.82 -53.06
C LEU E 274 -27.44 38.13 -53.34
N SER E 275 -27.09 38.37 -54.61
CA SER E 275 -25.70 38.69 -54.94
C SER E 275 -25.56 39.79 -55.99
N LYS E 276 -26.58 40.61 -56.22
CA LYS E 276 -26.50 41.59 -57.29
C LYS E 276 -26.65 43.01 -56.78
N ALA E 277 -26.87 43.95 -57.71
CA ALA E 277 -27.10 45.35 -57.34
C ALA E 277 -28.17 45.49 -56.27
N ASP E 278 -29.00 44.48 -56.08
CA ASP E 278 -29.93 44.49 -54.96
C ASP E 278 -29.19 44.52 -53.62
N ALA E 279 -27.91 44.15 -53.61
CA ALA E 279 -27.09 44.42 -52.43
C ALA E 279 -27.15 45.90 -52.08
N ASP E 280 -26.77 46.77 -53.03
CA ASP E 280 -26.88 48.21 -52.80
C ASP E 280 -28.34 48.62 -52.63
N LYS E 281 -29.23 47.96 -53.38
CA LYS E 281 -30.63 48.32 -53.36
C LYS E 281 -31.24 48.16 -51.99
N VAL E 282 -30.69 47.28 -51.17
CA VAL E 282 -31.14 47.16 -49.81
C VAL E 282 -30.21 47.92 -48.86
N ARG E 283 -28.94 48.06 -49.21
CA ARG E 283 -27.99 48.73 -48.34
C ARG E 283 -28.25 50.21 -48.27
N LYS E 284 -28.94 50.77 -49.27
CA LYS E 284 -29.34 52.17 -49.19
C LYS E 284 -30.18 52.40 -47.93
N VAL E 285 -31.33 51.73 -47.85
CA VAL E 285 -32.24 51.90 -46.73
C VAL E 285 -31.70 51.24 -45.47
N LEU E 286 -30.80 50.26 -45.61
CA LEU E 286 -30.17 49.66 -44.45
C LEU E 286 -29.50 50.72 -43.59
N LEU E 287 -28.66 51.52 -44.20
CA LEU E 287 -27.91 52.57 -43.52
C LEU E 287 -28.02 53.80 -44.39
N ILE E 288 -29.08 54.58 -44.19
CA ILE E 288 -29.26 55.78 -45.01
C ILE E 288 -28.36 56.90 -44.53
N ASP E 289 -28.49 57.27 -43.26
CA ASP E 289 -27.78 58.39 -42.68
C ASP E 289 -26.43 58.00 -42.11
N GLY E 290 -26.03 56.74 -42.29
CA GLY E 290 -24.93 56.22 -41.52
C GLY E 290 -25.30 55.88 -40.10
N ALA E 291 -26.58 55.94 -39.75
CA ALA E 291 -27.04 55.75 -38.37
C ALA E 291 -28.28 54.87 -38.36
N LEU E 292 -28.26 53.81 -39.16
CA LEU E 292 -29.20 52.69 -39.02
C LEU E 292 -30.65 53.16 -39.16
N ASN E 293 -31.00 53.51 -40.41
CA ASN E 293 -32.33 53.98 -40.79
C ASN E 293 -33.43 53.26 -40.02
N ALA E 294 -34.37 54.02 -39.47
CA ALA E 294 -35.22 53.58 -38.37
C ALA E 294 -36.56 53.00 -38.81
N LYS E 295 -36.80 52.85 -40.10
CA LYS E 295 -37.94 52.05 -40.54
C LYS E 295 -37.56 50.94 -41.51
N ILE E 296 -36.61 50.09 -41.11
CA ILE E 296 -36.58 48.69 -41.49
C ILE E 296 -37.03 47.82 -40.34
N VAL E 297 -37.46 48.43 -39.24
CA VAL E 297 -37.56 47.75 -37.95
C VAL E 297 -38.78 46.86 -37.95
N GLY E 298 -38.57 45.58 -37.69
CA GLY E 298 -39.70 44.67 -37.60
C GLY E 298 -40.52 44.64 -38.86
N GLN E 299 -39.89 44.74 -40.01
CA GLN E 299 -40.76 44.81 -41.15
C GLN E 299 -40.66 43.54 -41.98
N PRO E 300 -41.76 43.09 -42.58
CA PRO E 300 -41.73 41.80 -43.28
C PRO E 300 -40.80 41.82 -44.48
N ALA E 301 -40.36 40.61 -44.85
CA ALA E 301 -39.35 40.48 -45.91
C ALA E 301 -39.86 41.02 -47.23
N ALA E 302 -41.10 40.71 -47.60
CA ALA E 302 -41.65 41.25 -48.83
C ALA E 302 -41.71 42.77 -48.77
N ALA E 303 -42.12 43.29 -47.61
CA ALA E 303 -42.22 44.74 -47.44
C ALA E 303 -40.87 45.40 -47.61
N ILE E 304 -39.83 44.87 -46.96
CA ILE E 304 -38.52 45.50 -47.04
C ILE E 304 -37.90 45.27 -48.41
N ALA E 305 -38.32 44.23 -49.13
CA ALA E 305 -37.81 44.03 -50.47
C ALA E 305 -38.35 45.08 -51.43
N GLU E 306 -39.67 45.22 -51.47
CA GLU E 306 -40.24 46.24 -52.37
C GLU E 306 -39.88 47.63 -51.90
N MET E 307 -39.86 47.86 -50.57
CA MET E 307 -39.54 49.15 -50.01
C MET E 307 -38.04 49.41 -50.05
N ALA E 308 -37.26 48.39 -50.42
CA ALA E 308 -35.92 48.60 -50.92
C ALA E 308 -35.90 48.73 -52.43
N GLY E 309 -36.99 48.36 -53.11
CA GLY E 309 -37.11 48.58 -54.54
C GLY E 309 -37.14 47.35 -55.41
N VAL E 310 -37.23 46.15 -54.84
CA VAL E 310 -37.23 44.93 -55.64
C VAL E 310 -38.40 44.05 -55.21
N LYS E 311 -38.95 43.30 -56.15
CA LYS E 311 -40.12 42.48 -55.85
C LYS E 311 -39.66 41.06 -55.58
N VAL E 312 -40.27 40.43 -54.57
CA VAL E 312 -39.80 39.17 -54.02
C VAL E 312 -40.98 38.21 -53.88
N PRO E 313 -40.73 36.90 -54.00
CA PRO E 313 -41.77 35.93 -53.65
C PRO E 313 -42.27 36.13 -52.23
N ALA E 314 -43.60 36.06 -52.07
CA ALA E 314 -44.25 36.66 -50.91
C ALA E 314 -43.91 35.97 -49.61
N ASP E 315 -44.00 34.65 -49.56
CA ASP E 315 -43.85 33.92 -48.30
C ASP E 315 -42.41 33.91 -47.81
N THR E 316 -41.48 34.50 -48.57
CA THR E 316 -40.10 34.57 -48.16
C THR E 316 -39.99 35.21 -46.77
N LYS E 317 -38.90 34.91 -46.09
CA LYS E 317 -38.81 35.25 -44.69
C LYS E 317 -37.65 36.17 -44.37
N VAL E 318 -36.50 35.95 -45.01
CA VAL E 318 -35.29 36.70 -44.74
C VAL E 318 -34.52 36.81 -46.04
N LEU E 319 -33.86 37.95 -46.24
CA LEU E 319 -32.99 38.14 -47.39
C LEU E 319 -31.55 37.95 -46.94
N VAL E 320 -30.74 37.36 -47.81
CA VAL E 320 -29.39 36.91 -47.48
C VAL E 320 -28.39 37.66 -48.36
N GLY E 321 -27.41 38.30 -47.73
CA GLY E 321 -26.45 39.13 -48.45
C GLY E 321 -25.09 38.46 -48.58
N GLU E 322 -24.50 38.62 -49.76
CA GLU E 322 -23.17 38.08 -50.07
C GLU E 322 -22.07 39.12 -50.08
N GLY E 323 -22.37 40.37 -50.40
CA GLY E 323 -21.33 41.37 -50.60
C GLY E 323 -20.65 41.71 -49.29
N LEU E 324 -20.04 40.68 -48.69
CA LEU E 324 -19.55 40.74 -47.32
C LEU E 324 -18.15 40.14 -47.22
N GLY E 325 -17.49 39.91 -48.36
CA GLY E 325 -16.11 39.47 -48.32
C GLY E 325 -15.19 40.44 -47.61
N LYS E 326 -15.55 41.72 -47.63
CA LYS E 326 -14.88 42.76 -46.85
C LYS E 326 -15.39 42.74 -45.42
N VAL E 327 -14.49 43.01 -44.47
CA VAL E 327 -14.80 42.99 -43.05
C VAL E 327 -14.38 44.33 -42.47
N SER E 328 -15.36 45.20 -42.19
CA SER E 328 -15.08 46.49 -41.56
C SER E 328 -16.40 47.13 -41.17
N TYR E 329 -16.30 48.31 -40.54
CA TYR E 329 -17.48 49.06 -40.14
C TYR E 329 -18.36 49.43 -41.33
N ASP E 330 -17.73 49.85 -42.43
CA ASP E 330 -18.48 50.44 -43.54
C ASP E 330 -19.53 49.50 -44.12
N ASP E 331 -19.38 48.19 -43.91
CA ASP E 331 -20.42 47.26 -44.33
C ASP E 331 -21.66 47.46 -43.48
N GLU E 332 -22.82 47.64 -44.12
CA GLU E 332 -24.06 47.76 -43.38
C GLU E 332 -24.47 46.42 -42.80
N PHE E 333 -24.12 45.34 -43.48
CA PHE E 333 -24.34 44.01 -42.92
C PHE E 333 -23.50 43.80 -41.65
N ALA E 334 -22.37 44.48 -41.55
CA ALA E 334 -21.55 44.37 -40.36
C ALA E 334 -22.27 44.90 -39.13
N HIS E 335 -22.92 46.05 -39.25
CA HIS E 335 -23.73 46.54 -38.15
C HIS E 335 -24.90 45.59 -37.93
N GLU E 336 -25.57 45.74 -36.80
CA GLU E 336 -26.76 44.94 -36.57
C GLU E 336 -27.90 45.38 -37.46
N LYS E 337 -28.84 44.47 -37.66
CA LYS E 337 -29.92 44.64 -38.62
C LYS E 337 -31.29 44.74 -37.98
N LEU E 338 -31.56 43.96 -36.94
CA LEU E 338 -32.76 44.12 -36.11
C LEU E 338 -34.02 43.97 -36.96
N SER E 339 -33.88 43.26 -38.06
CA SER E 339 -34.95 43.05 -39.02
C SER E 339 -34.71 41.71 -39.69
N PRO E 340 -35.73 41.12 -40.30
CA PRO E 340 -35.53 39.79 -40.90
C PRO E 340 -34.63 39.84 -42.11
N THR E 341 -33.38 40.24 -41.89
CA THR E 341 -32.35 40.28 -42.91
C THR E 341 -31.07 39.72 -42.34
N LEU E 342 -30.25 39.12 -43.21
CA LEU E 342 -28.97 38.58 -42.77
C LEU E 342 -27.97 38.60 -43.91
N GLY E 343 -26.72 38.84 -43.56
CA GLY E 343 -25.61 38.69 -44.49
C GLY E 343 -24.67 37.61 -43.99
N LEU E 344 -24.07 36.87 -44.92
CA LEU E 344 -23.20 35.77 -44.57
C LEU E 344 -21.76 36.06 -45.00
N PHE E 345 -20.86 35.21 -44.53
CA PHE E 345 -19.46 35.23 -44.94
C PHE E 345 -19.07 33.93 -45.62
N ARG E 346 -17.98 34.01 -46.37
CA ARG E 346 -17.32 32.84 -46.95
C ARG E 346 -15.99 32.68 -46.23
N ALA E 347 -15.95 31.79 -45.24
CA ALA E 347 -14.73 31.55 -44.50
C ALA E 347 -13.89 30.47 -45.16
N ASP E 348 -12.61 30.46 -44.84
CA ASP E 348 -11.67 29.50 -45.41
C ASP E 348 -11.50 28.29 -44.51
N ASN E 349 -11.06 28.49 -43.28
CA ASN E 349 -10.90 27.38 -42.36
C ASN E 349 -11.46 27.74 -40.99
N PHE E 350 -11.23 26.87 -40.02
CA PHE E 350 -11.68 27.12 -38.66
C PHE E 350 -11.11 28.44 -38.14
N GLU E 351 -9.81 28.63 -38.33
CA GLU E 351 -9.11 29.79 -37.81
C GLU E 351 -9.44 31.06 -38.57
N ASP E 352 -9.66 30.95 -39.88
CA ASP E 352 -10.15 32.08 -40.65
C ASP E 352 -11.47 32.56 -40.09
N ALA E 353 -12.39 31.62 -39.85
CA ALA E 353 -13.69 31.98 -39.29
C ALA E 353 -13.52 32.60 -37.91
N VAL E 354 -12.61 32.07 -37.11
CA VAL E 354 -12.39 32.63 -35.77
C VAL E 354 -11.91 34.07 -35.87
N ALA E 355 -10.95 34.32 -36.75
CA ALA E 355 -10.43 35.67 -36.91
C ALA E 355 -11.53 36.62 -37.36
N GLN E 356 -12.30 36.21 -38.37
CA GLN E 356 -13.39 37.06 -38.83
C GLN E 356 -14.39 37.29 -37.71
N ALA E 357 -14.63 36.27 -36.89
CA ALA E 357 -15.57 36.40 -35.79
C ALA E 357 -15.11 37.45 -34.80
N VAL E 358 -13.86 37.37 -34.37
CA VAL E 358 -13.36 38.32 -33.36
C VAL E 358 -13.40 39.73 -33.92
N THR E 359 -12.90 39.91 -35.14
CA THR E 359 -13.01 41.19 -35.79
C THR E 359 -14.46 41.61 -35.90
N MET E 360 -15.38 40.67 -36.04
CA MET E 360 -16.75 41.08 -36.25
C MET E 360 -17.34 41.56 -34.94
N VAL E 361 -16.97 40.90 -33.84
CA VAL E 361 -17.61 41.27 -32.57
C VAL E 361 -17.16 42.65 -32.18
N GLU E 362 -15.87 42.95 -32.35
CA GLU E 362 -15.38 44.19 -31.76
C GLU E 362 -16.17 45.40 -32.28
N ILE E 363 -16.74 45.28 -33.46
CA ILE E 363 -17.53 46.37 -34.05
C ILE E 363 -18.70 46.73 -33.15
N GLY E 364 -19.35 45.72 -32.58
CA GLY E 364 -20.42 46.00 -31.64
C GLY E 364 -19.95 46.79 -30.43
N GLY E 365 -18.72 46.55 -29.99
CA GLY E 365 -18.18 47.23 -28.84
C GLY E 365 -18.61 46.64 -27.52
N ILE E 366 -19.59 45.75 -27.52
CA ILE E 366 -20.06 45.06 -26.32
C ILE E 366 -19.98 43.57 -26.59
N GLY E 367 -19.28 42.86 -25.72
CA GLY E 367 -19.25 41.41 -25.84
C GLY E 367 -20.49 40.82 -25.20
N HIS E 368 -21.45 40.42 -26.02
CA HIS E 368 -22.73 39.95 -25.53
C HIS E 368 -22.97 38.46 -25.79
N THR E 369 -22.91 38.02 -27.04
CA THR E 369 -23.32 36.68 -27.38
C THR E 369 -22.58 36.21 -28.62
N SER E 370 -22.28 34.92 -28.67
CA SER E 370 -21.73 34.38 -29.91
C SER E 370 -21.99 32.89 -30.01
N GLY E 371 -22.04 32.39 -31.24
CA GLY E 371 -22.58 31.05 -31.52
C GLY E 371 -21.68 30.18 -32.38
N LEU E 372 -21.58 28.92 -31.98
CA LEU E 372 -20.78 27.92 -32.69
C LEU E 372 -21.69 26.76 -33.09
N TYR E 373 -21.67 26.41 -34.37
CA TYR E 373 -22.39 25.24 -34.86
C TYR E 373 -21.36 24.25 -35.38
N THR E 374 -21.27 23.11 -34.73
CA THR E 374 -20.19 22.18 -34.99
C THR E 374 -20.53 20.81 -34.44
N ASN E 375 -19.73 19.83 -34.83
CA ASN E 375 -19.73 18.55 -34.15
C ASN E 375 -19.13 18.74 -32.77
N GLN E 376 -19.55 17.92 -31.81
CA GLN E 376 -19.51 18.31 -30.41
C GLN E 376 -18.62 17.42 -29.53
N ASP E 377 -18.60 16.11 -29.79
CA ASP E 377 -17.69 15.26 -29.02
C ASP E 377 -16.61 14.63 -29.87
N VAL E 378 -16.40 15.12 -31.10
CA VAL E 378 -15.21 14.74 -31.83
C VAL E 378 -14.22 15.88 -31.72
N ASN E 379 -14.72 17.09 -31.46
CA ASN E 379 -13.95 18.32 -31.41
C ASN E 379 -14.21 18.99 -30.07
N ALA E 380 -13.31 18.80 -29.11
CA ALA E 380 -13.29 19.66 -27.93
C ALA E 380 -12.21 20.71 -28.03
N ASP E 381 -11.09 20.33 -28.64
CA ASP E 381 -10.04 21.27 -28.98
C ASP E 381 -10.63 22.46 -29.71
N ARG E 382 -11.44 22.19 -30.74
CA ARG E 382 -12.11 23.28 -31.45
C ARG E 382 -13.02 24.06 -30.52
N ILE E 383 -13.80 23.36 -29.69
CA ILE E 383 -14.71 24.05 -28.79
C ILE E 383 -13.97 25.17 -28.10
N ARG E 384 -12.91 24.83 -27.40
CA ARG E 384 -12.47 25.84 -26.47
C ARG E 384 -11.26 26.58 -27.00
N TYR E 385 -10.72 26.17 -28.15
CA TYR E 385 -9.98 27.09 -29.01
C TYR E 385 -10.85 28.30 -29.30
N PHE E 386 -12.04 28.05 -29.87
CA PHE E 386 -13.01 29.08 -30.17
C PHE E 386 -13.40 29.85 -28.92
N GLY E 387 -13.63 29.13 -27.83
CA GLY E 387 -13.95 29.79 -26.58
C GLY E 387 -12.83 30.70 -26.12
N ASP E 388 -11.59 30.30 -26.37
CA ASP E 388 -10.45 31.09 -25.93
C ASP E 388 -10.40 32.42 -26.66
N LYS E 389 -10.63 32.41 -27.97
CA LYS E 389 -10.52 33.68 -28.69
C LYS E 389 -11.70 34.60 -28.45
N LEU E 390 -12.89 34.06 -28.31
CA LEU E 390 -14.07 34.91 -28.31
C LEU E 390 -14.28 35.51 -26.94
N LYS E 391 -14.55 36.81 -26.93
CA LYS E 391 -14.89 37.51 -25.71
C LYS E 391 -16.20 38.24 -25.99
N THR E 392 -17.29 37.49 -25.91
CA THR E 392 -18.62 38.05 -25.77
C THR E 392 -18.96 37.88 -24.31
N ALA E 393 -20.21 38.14 -23.96
CA ALA E 393 -20.61 37.79 -22.61
C ALA E 393 -20.75 36.29 -22.47
N ARG E 394 -21.12 35.60 -23.54
CA ARG E 394 -21.80 34.33 -23.42
C ARG E 394 -21.71 33.54 -24.73
N ILE E 395 -21.26 32.30 -24.63
CA ILE E 395 -20.97 31.44 -25.77
C ILE E 395 -22.05 30.37 -25.79
N LEU E 396 -22.67 30.15 -26.96
CA LEU E 396 -23.58 29.02 -27.12
C LEU E 396 -23.11 28.16 -28.29
N VAL E 397 -23.13 26.84 -28.10
CA VAL E 397 -22.72 25.92 -29.16
C VAL E 397 -23.94 25.13 -29.61
N ASN E 398 -24.18 25.13 -30.91
CA ASN E 398 -25.27 24.36 -31.52
C ASN E 398 -26.62 24.75 -30.91
N ILE E 399 -26.79 26.03 -30.62
CA ILE E 399 -27.99 26.54 -29.96
C ILE E 399 -28.38 27.89 -30.56
N PRO E 400 -29.67 28.13 -30.78
CA PRO E 400 -30.11 29.50 -31.09
C PRO E 400 -30.01 30.40 -29.88
N THR E 401 -29.77 31.68 -30.14
CA THR E 401 -29.57 32.66 -29.07
C THR E 401 -30.86 33.35 -28.68
N THR E 402 -31.91 32.57 -28.45
CA THR E 402 -33.22 33.11 -28.13
C THR E 402 -33.89 32.22 -27.09
N HIS E 403 -35.20 32.36 -26.98
CA HIS E 403 -35.96 31.77 -25.90
C HIS E 403 -37.26 31.22 -26.45
N GLY E 404 -37.44 29.90 -26.33
CA GLY E 404 -38.68 29.26 -26.73
C GLY E 404 -38.51 28.33 -27.91
N GLY E 405 -38.40 27.03 -27.63
CA GLY E 405 -38.33 26.02 -28.65
C GLY E 405 -39.51 25.08 -28.56
N ILE E 406 -39.27 23.83 -28.16
CA ILE E 406 -40.34 22.93 -27.79
C ILE E 406 -40.49 22.94 -26.28
N GLY E 407 -41.73 23.06 -25.82
CA GLY E 407 -42.04 23.01 -24.41
C GLY E 407 -41.53 24.18 -23.60
N ASP E 408 -40.62 23.90 -22.67
CA ASP E 408 -40.21 24.86 -21.65
C ASP E 408 -39.58 26.10 -22.27
N LEU E 409 -38.39 25.95 -22.86
CA LEU E 409 -37.66 27.05 -23.46
C LEU E 409 -36.41 26.46 -24.08
N TYR E 410 -35.90 27.04 -25.16
CA TYR E 410 -34.60 26.67 -25.71
C TYR E 410 -33.71 27.90 -25.77
N ASN E 411 -32.77 28.00 -24.83
CA ASN E 411 -32.55 26.96 -23.83
C ASN E 411 -33.37 27.25 -22.56
N PHE E 412 -33.70 26.21 -21.80
CA PHE E 412 -34.76 26.32 -20.80
C PHE E 412 -34.31 26.92 -19.49
N ASN E 413 -33.02 27.10 -19.26
CA ASN E 413 -32.56 27.89 -18.12
C ASN E 413 -31.48 28.87 -18.60
N VAL E 414 -31.85 30.14 -18.69
CA VAL E 414 -30.99 31.20 -19.20
C VAL E 414 -31.69 32.53 -18.98
N ALA E 415 -30.90 33.55 -18.66
CA ALA E 415 -31.40 34.91 -18.61
C ALA E 415 -31.77 35.37 -20.01
N PRO E 416 -32.67 36.34 -20.13
CA PRO E 416 -33.05 36.81 -21.47
C PRO E 416 -31.88 37.54 -22.12
N SER E 417 -31.96 37.65 -23.46
CA SER E 417 -30.94 38.40 -24.18
C SER E 417 -30.89 39.85 -23.74
N LEU E 418 -31.97 40.36 -23.19
CA LEU E 418 -31.99 41.67 -22.56
C LEU E 418 -31.45 41.52 -21.15
N THR E 419 -31.65 42.52 -20.30
CA THR E 419 -31.25 42.53 -18.90
C THR E 419 -29.74 42.44 -18.73
N LEU E 420 -28.97 42.56 -19.80
CA LEU E 420 -27.51 42.46 -19.76
C LEU E 420 -26.92 43.85 -20.01
N GLY E 421 -26.49 44.50 -18.93
CA GLY E 421 -25.88 45.81 -19.03
C GLY E 421 -24.45 45.79 -18.51
N CYS E 422 -23.82 46.96 -18.59
CA CYS E 422 -22.47 47.15 -18.07
C CYS E 422 -22.29 48.58 -17.62
N GLY E 423 -21.39 48.77 -16.66
CA GLY E 423 -21.04 50.10 -16.22
C GLY E 423 -20.12 50.85 -17.15
N SER E 424 -19.67 50.20 -18.22
CA SER E 424 -18.81 50.85 -19.21
C SER E 424 -19.29 50.45 -20.60
N TRP E 425 -19.02 51.32 -21.58
CA TRP E 425 -19.29 51.00 -22.96
C TRP E 425 -18.06 50.33 -23.52
N GLY E 426 -16.88 50.80 -23.09
CA GLY E 426 -15.70 51.09 -23.88
C GLY E 426 -15.36 50.10 -24.97
N GLY E 427 -14.99 48.92 -24.53
CA GLY E 427 -14.58 47.89 -25.45
C GLY E 427 -14.42 46.65 -24.62
N ASN E 428 -14.78 45.51 -25.19
CA ASN E 428 -14.69 44.23 -24.50
C ASN E 428 -15.49 44.24 -23.20
N SER E 429 -16.40 45.22 -23.05
CA SER E 429 -17.16 45.38 -21.82
C SER E 429 -18.18 44.25 -21.77
N ILE E 430 -17.81 43.19 -21.06
CA ILE E 430 -18.62 41.99 -20.98
C ILE E 430 -19.85 42.30 -20.14
N SER E 431 -21.03 42.19 -20.74
CA SER E 431 -22.25 42.54 -20.04
C SER E 431 -22.51 41.60 -18.87
N GLU E 432 -23.10 42.14 -17.82
CA GLU E 432 -23.52 41.37 -16.67
C GLU E 432 -24.99 41.63 -16.40
N ASN E 433 -25.73 40.57 -16.11
CA ASN E 433 -27.15 40.75 -15.86
C ASN E 433 -27.32 41.43 -14.49
N VAL E 434 -28.46 42.08 -14.30
CA VAL E 434 -28.67 42.98 -13.18
C VAL E 434 -29.26 42.22 -12.00
N GLY E 435 -28.89 42.65 -10.80
CA GLY E 435 -29.39 42.10 -9.57
C GLY E 435 -29.59 43.16 -8.51
N PRO E 436 -30.41 42.84 -7.50
CA PRO E 436 -30.78 43.84 -6.50
C PRO E 436 -29.62 44.39 -5.68
N LYS E 437 -28.53 43.65 -5.50
CA LYS E 437 -27.37 44.25 -4.85
C LYS E 437 -26.83 45.41 -5.67
N HIS E 438 -27.00 45.39 -6.98
CA HIS E 438 -26.74 46.61 -7.75
C HIS E 438 -27.70 47.72 -7.41
N LEU E 439 -28.79 47.42 -6.70
CA LEU E 439 -29.80 48.40 -6.36
C LEU E 439 -29.90 48.68 -4.87
N ILE E 440 -28.93 48.23 -4.09
CA ILE E 440 -29.06 48.23 -2.63
C ILE E 440 -27.72 48.61 -2.02
N ASN E 441 -27.77 49.35 -0.90
CA ASN E 441 -26.60 49.90 -0.24
C ASN E 441 -26.33 49.14 1.04
N LYS E 442 -25.07 49.14 1.47
CA LYS E 442 -24.57 48.21 2.48
C LYS E 442 -24.42 48.85 3.84
N LYS E 443 -24.36 47.99 4.86
CA LYS E 443 -23.86 48.36 6.17
C LYS E 443 -23.24 47.18 6.89
N THR E 444 -22.05 47.39 7.42
CA THR E 444 -21.59 46.60 8.53
C THR E 444 -21.35 47.52 9.71
N VAL E 445 -21.78 47.06 10.86
CA VAL E 445 -21.47 47.71 12.12
C VAL E 445 -20.65 46.72 12.92
N ALA E 446 -19.48 47.18 13.35
CA ALA E 446 -18.55 46.37 14.08
C ALA E 446 -18.76 46.62 15.57
N LYS E 447 -18.67 45.57 16.36
CA LYS E 447 -18.84 45.74 17.79
C LYS E 447 -17.54 45.60 18.56
N ARG E 448 -17.29 46.69 19.28
CA ARG E 448 -16.84 46.64 20.65
C ARG E 448 -17.05 45.30 21.34
N ALA E 449 -15.95 44.72 21.82
CA ALA E 449 -16.02 43.45 22.54
C ALA E 449 -14.71 43.17 23.28
N GLU E 450 -14.74 42.12 24.09
CA GLU E 450 -13.64 41.71 24.95
C GLU E 450 -12.91 40.49 24.35
N ASN E 451 -11.83 40.05 25.02
CA ASN E 451 -10.81 39.22 24.41
C ASN E 451 -10.71 37.86 25.11
N MET E 452 -9.70 37.06 24.75
CA MET E 452 -9.33 35.83 25.44
C MET E 452 -7.89 35.84 25.91
N LEU E 453 -7.71 35.59 27.19
CA LEU E 453 -6.39 35.31 27.74
C LEU E 453 -6.29 33.83 28.07
N TRP E 454 -5.09 33.38 28.42
CA TRP E 454 -4.74 31.99 28.19
C TRP E 454 -3.87 31.44 29.30
N HIS E 455 -3.98 30.12 29.52
CA HIS E 455 -2.96 29.42 30.28
C HIS E 455 -3.06 27.94 29.94
N LYS E 456 -2.06 27.43 29.24
CA LYS E 456 -2.07 26.05 28.76
C LYS E 456 -0.71 25.44 29.02
N LEU E 457 -0.69 24.14 29.31
CA LEU E 457 0.53 23.47 29.73
C LEU E 457 0.64 22.11 29.09
N PRO E 458 1.87 21.62 28.88
CA PRO E 458 2.03 20.21 28.51
C PRO E 458 1.47 19.33 29.61
N LYS E 459 0.95 18.17 29.20
CA LYS E 459 0.19 17.36 30.14
C LYS E 459 1.08 16.65 31.16
N SER E 460 2.27 16.20 30.75
CA SER E 460 2.98 15.19 31.51
C SER E 460 4.43 15.58 31.73
N ILE E 461 4.86 15.57 32.99
CA ILE E 461 6.20 15.96 33.38
C ILE E 461 6.66 15.09 34.54
N TYR E 462 7.96 14.82 34.59
CA TYR E 462 8.59 14.10 35.70
C TYR E 462 9.75 14.92 36.23
N PHE E 463 10.11 14.68 37.50
CA PHE E 463 11.17 15.46 38.13
C PHE E 463 11.73 14.80 39.38
N ARG E 464 12.92 14.19 39.23
CA ARG E 464 14.00 13.70 40.08
C ARG E 464 15.20 13.05 39.41
N ARG E 465 16.26 13.12 40.18
CA ARG E 465 17.36 12.19 40.22
C ARG E 465 16.87 10.82 39.79
N GLY E 466 17.53 10.21 38.82
CA GLY E 466 17.16 8.89 38.41
C GLY E 466 15.74 8.80 37.93
N SER E 467 15.21 9.90 37.40
CA SER E 467 13.92 9.82 36.77
C SER E 467 13.95 8.82 35.64
N LEU E 468 15.04 8.87 34.87
CA LEU E 468 15.04 8.26 33.54
C LEU E 468 14.40 6.89 33.55
N PRO E 469 14.92 5.90 34.29
CA PRO E 469 14.34 4.56 34.17
C PRO E 469 12.89 4.54 34.58
N ILE E 470 12.58 5.16 35.71
CA ILE E 470 11.22 5.12 36.21
C ILE E 470 10.34 6.05 35.39
N ALA E 471 10.94 7.03 34.71
CA ALA E 471 10.16 7.87 33.82
C ALA E 471 9.75 7.11 32.58
N LEU E 472 10.70 6.45 31.94
CA LEU E 472 10.45 5.75 30.69
C LEU E 472 9.85 4.38 30.90
N SER E 473 9.74 3.93 32.14
CA SER E 473 9.14 2.63 32.41
C SER E 473 7.76 2.53 31.78
N ASP E 474 7.03 3.63 31.75
CA ASP E 474 5.64 3.66 31.27
C ASP E 474 5.56 3.82 29.80
N LEU E 475 6.59 3.41 29.07
CA LEU E 475 6.67 3.51 27.63
C LEU E 475 6.44 2.18 26.91
N GLU E 476 5.22 1.63 26.88
CA GLU E 476 5.05 0.19 26.63
C GLU E 476 5.35 -0.17 25.17
N GLY E 477 4.38 0.08 24.29
CA GLY E 477 4.36 -0.45 22.94
C GLY E 477 4.64 0.59 21.88
N LYS E 478 4.90 1.82 22.28
CA LYS E 478 5.43 2.77 21.32
C LYS E 478 6.65 2.12 20.70
N LYS E 479 6.63 1.92 19.38
CA LYS E 479 7.61 0.99 18.81
C LYS E 479 8.79 1.72 18.18
N ARG E 480 8.56 2.72 17.34
CA ARG E 480 9.71 3.35 16.73
C ARG E 480 10.09 4.63 17.46
N ALA E 481 11.38 4.89 17.47
CA ALA E 481 11.92 5.97 18.27
C ALA E 481 12.98 6.64 17.42
N PHE E 482 13.17 7.92 17.69
CA PHE E 482 14.16 8.71 17.01
C PHE E 482 14.83 9.63 18.02
N LEU E 483 16.14 9.75 17.88
CA LEU E 483 16.94 10.59 18.75
C LEU E 483 17.25 11.91 18.08
N VAL E 484 17.08 13.00 18.84
CA VAL E 484 17.56 14.31 18.47
C VAL E 484 18.46 14.79 19.59
N THR E 485 19.69 15.18 19.21
CA THR E 485 20.78 15.46 20.13
C THR E 485 21.87 16.19 19.36
N ASP E 486 22.97 16.48 20.05
CA ASP E 486 24.18 17.10 19.54
C ASP E 486 25.37 16.15 19.63
N ARG E 487 26.31 16.32 18.70
CA ARG E 487 27.45 15.41 18.67
C ARG E 487 28.35 15.57 19.89
N PHE E 488 28.33 16.72 20.55
CA PHE E 488 29.10 16.82 21.79
C PHE E 488 28.50 15.90 22.86
N LEU E 489 27.20 16.04 23.09
CA LEU E 489 26.55 15.25 24.13
C LEU E 489 26.46 13.79 23.74
N PHE E 490 26.07 13.51 22.50
CA PHE E 490 26.14 12.15 21.99
C PHE E 490 27.57 11.60 22.12
N ASN E 491 28.56 12.46 21.92
CA ASN E 491 29.94 12.06 22.08
C ASN E 491 30.21 11.64 23.51
N ASN E 492 29.63 12.36 24.48
CA ASN E 492 29.75 11.95 25.87
C ASN E 492 28.97 10.67 26.11
N GLY E 493 29.29 10.01 27.22
CA GLY E 493 28.60 8.78 27.59
C GLY E 493 27.21 9.06 28.12
N TYR E 494 26.38 9.70 27.30
CA TYR E 494 25.02 10.03 27.68
C TYR E 494 24.00 9.36 26.79
N ALA E 495 24.13 9.49 25.47
CA ALA E 495 23.17 8.87 24.56
C ALA E 495 23.16 7.37 24.75
N ASP E 496 24.34 6.76 24.88
CA ASP E 496 24.46 5.34 25.17
C ASP E 496 23.48 4.89 26.25
N ASP E 497 23.33 5.69 27.30
CA ASP E 497 22.45 5.33 28.39
C ASP E 497 21.01 5.17 27.91
N VAL E 498 20.51 6.16 27.17
CA VAL E 498 19.14 6.13 26.73
C VAL E 498 18.90 5.08 25.65
N VAL E 499 19.87 4.87 24.74
CA VAL E 499 19.61 3.82 23.76
C VAL E 499 19.64 2.46 24.44
N ALA E 500 20.47 2.29 25.47
CA ALA E 500 20.45 1.05 26.23
C ALA E 500 19.08 0.86 26.88
N LEU E 501 18.55 1.93 27.49
CA LEU E 501 17.23 1.82 28.08
C LEU E 501 16.15 1.65 27.03
N LEU E 502 16.46 2.01 25.78
CA LEU E 502 15.51 1.78 24.71
C LEU E 502 15.51 0.32 24.32
N LYS E 503 16.71 -0.27 24.28
CA LYS E 503 16.85 -1.70 24.14
C LYS E 503 16.18 -2.44 25.29
N ALA E 504 16.04 -1.77 26.44
CA ALA E 504 15.52 -2.44 27.63
C ALA E 504 14.24 -3.20 27.32
N GLN E 505 13.36 -2.62 26.52
CA GLN E 505 12.31 -3.41 25.89
C GLN E 505 12.52 -3.53 24.39
N GLY E 506 13.42 -2.72 23.84
CA GLY E 506 13.97 -2.98 22.52
C GLY E 506 13.29 -2.18 21.43
N MET E 507 13.87 -1.06 21.05
CA MET E 507 13.27 -0.12 20.12
C MET E 507 14.16 0.06 18.91
N GLU E 508 13.55 0.13 17.73
CA GLU E 508 14.29 0.52 16.54
C GLU E 508 14.47 2.03 16.53
N VAL E 509 15.72 2.46 16.73
CA VAL E 509 16.06 3.85 16.98
C VAL E 509 17.23 4.23 16.09
N GLN E 510 17.46 5.54 15.99
CA GLN E 510 18.68 6.05 15.38
C GLN E 510 18.98 7.41 15.98
N THR E 511 20.23 7.59 16.38
CA THR E 511 20.69 8.85 16.95
C THR E 511 20.86 9.87 15.84
N PHE E 512 20.47 11.10 16.13
CA PHE E 512 20.73 12.23 15.23
C PHE E 512 21.37 13.33 16.08
N PHE E 513 22.66 13.50 15.90
CA PHE E 513 23.48 14.45 16.64
C PHE E 513 24.03 15.56 15.75
N GLU E 514 23.28 15.95 14.72
CA GLU E 514 23.82 16.75 13.63
C GLU E 514 23.28 18.18 13.64
N VAL E 515 23.12 18.77 14.82
CA VAL E 515 22.71 20.16 14.95
C VAL E 515 23.76 20.90 15.77
N GLU E 516 24.18 22.07 15.29
CA GLU E 516 25.11 22.87 16.06
C GLU E 516 24.32 23.87 16.90
N ALA E 517 24.93 25.01 17.20
CA ALA E 517 24.30 25.96 18.11
C ALA E 517 22.97 26.52 17.59
N ASP E 518 22.55 26.19 16.37
CA ASP E 518 21.35 26.86 15.86
C ASP E 518 20.56 26.01 14.88
N PRO E 519 19.25 26.22 14.80
CA PRO E 519 18.50 25.79 13.61
C PRO E 519 18.91 26.59 12.40
N THR E 520 19.03 25.91 11.26
CA THR E 520 19.82 26.40 10.15
C THR E 520 19.06 26.58 8.85
N LEU E 521 17.99 25.82 8.64
CA LEU E 521 17.34 25.57 7.36
C LEU E 521 18.13 24.56 6.54
N SER E 522 19.16 23.95 7.12
CA SER E 522 20.00 22.97 6.44
C SER E 522 19.95 21.60 7.11
N VAL E 523 20.11 21.55 8.44
CA VAL E 523 19.92 20.27 9.11
C VAL E 523 18.46 19.90 9.14
N VAL E 524 17.59 20.91 9.23
CA VAL E 524 16.18 20.65 9.48
C VAL E 524 15.63 19.69 8.42
N GLU E 525 15.96 19.95 7.16
CA GLU E 525 15.43 19.10 6.10
C GLU E 525 16.14 17.77 6.01
N LYS E 526 17.44 17.68 6.29
CA LYS E 526 18.05 16.36 6.25
C LYS E 526 17.48 15.48 7.36
N GLY E 527 17.32 16.06 8.55
CA GLY E 527 16.73 15.30 9.63
C GLY E 527 15.30 14.89 9.31
N ALA E 528 14.52 15.81 8.75
CA ALA E 528 13.16 15.48 8.36
C ALA E 528 13.15 14.34 7.35
N ALA E 529 14.00 14.44 6.33
CA ALA E 529 14.04 13.40 5.30
C ALA E 529 14.47 12.07 5.88
N ALA E 530 15.48 12.08 6.75
CA ALA E 530 15.98 10.84 7.32
C ALA E 530 14.90 10.16 8.14
N MET E 531 14.26 10.91 9.04
CA MET E 531 13.27 10.28 9.88
C MET E 531 12.05 9.85 9.06
N GLN E 532 11.62 10.67 8.09
CA GLN E 532 10.49 10.25 7.29
C GLN E 532 10.86 9.08 6.40
N SER E 533 12.15 8.85 6.18
CA SER E 533 12.55 7.56 5.63
C SER E 533 12.35 6.48 6.67
N PHE E 534 12.62 6.81 7.94
CA PHE E 534 12.50 5.84 9.01
C PHE E 534 11.04 5.64 9.42
N GLN E 535 10.23 6.69 9.28
CA GLN E 535 8.88 6.74 9.85
C GLN E 535 8.87 6.42 11.33
N PRO E 536 9.63 7.10 12.17
CA PRO E 536 9.54 6.82 13.60
C PRO E 536 8.19 7.23 14.14
N ASP E 537 7.85 6.68 15.29
CA ASP E 537 6.58 7.02 15.90
C ASP E 537 6.74 7.69 17.25
N VAL E 538 7.95 7.78 17.78
CA VAL E 538 8.23 8.56 18.97
C VAL E 538 9.50 9.36 18.72
N ILE E 539 9.50 10.61 19.15
CA ILE E 539 10.64 11.49 18.93
C ILE E 539 11.18 11.91 20.28
N LEU E 540 12.49 11.76 20.44
CA LEU E 540 13.20 12.01 21.68
C LEU E 540 14.07 13.24 21.52
N ALA E 541 13.68 14.32 22.18
CA ALA E 541 14.41 15.58 22.14
C ALA E 541 15.37 15.62 23.32
N LEU E 542 16.63 15.89 23.04
CA LEU E 542 17.67 15.84 24.06
C LEU E 542 18.37 17.19 24.10
N GLY E 543 18.72 17.65 25.29
CA GLY E 543 19.68 18.75 25.39
C GLY E 543 19.20 20.15 25.72
N GLY E 544 19.84 21.13 25.09
CA GLY E 544 19.62 22.54 25.42
C GLY E 544 19.55 23.45 24.21
N GLY E 545 18.44 24.16 24.09
CA GLY E 545 18.22 25.09 23.00
C GLY E 545 18.04 24.42 21.67
N SER E 546 18.97 24.69 20.76
CA SER E 546 18.78 24.35 19.35
C SER E 546 18.35 22.91 19.09
N PRO E 547 18.91 21.89 19.74
CA PRO E 547 18.50 20.52 19.39
C PRO E 547 17.02 20.28 19.48
N MET E 548 16.35 20.84 20.48
CA MET E 548 14.97 20.43 20.69
C MET E 548 14.03 21.09 19.66
N ASP E 549 13.97 22.41 19.65
CA ASP E 549 13.02 23.12 18.82
C ASP E 549 13.15 22.82 17.33
N ALA E 550 14.37 22.80 16.81
CA ALA E 550 14.56 22.39 15.42
C ALA E 550 13.89 21.05 15.18
N ALA E 551 14.14 20.08 16.06
CA ALA E 551 13.39 18.84 16.00
C ALA E 551 11.91 19.10 15.84
N LYS E 552 11.31 19.81 16.79
CA LYS E 552 9.90 20.16 16.69
C LYS E 552 9.55 20.56 15.27
N ILE E 553 10.30 21.54 14.75
CA ILE E 553 10.06 22.04 13.40
C ILE E 553 10.05 20.88 12.41
N MET E 554 11.19 20.20 12.28
CA MET E 554 11.23 19.10 11.32
C MET E 554 10.29 18.00 11.75
N TRP E 555 10.02 17.89 13.05
CA TRP E 555 8.98 16.98 13.49
C TRP E 555 7.69 17.28 12.74
N VAL E 556 7.24 18.52 12.80
CA VAL E 556 5.98 18.86 12.14
C VAL E 556 6.14 18.73 10.65
N MET E 557 7.37 18.87 10.15
CA MET E 557 7.58 18.71 8.72
C MET E 557 7.31 17.27 8.31
N TYR E 558 7.57 16.33 9.22
CA TYR E 558 7.18 14.96 9.00
C TYR E 558 5.66 14.83 8.94
N GLU E 559 4.96 15.61 9.76
CA GLU E 559 3.51 15.46 9.84
C GLU E 559 2.86 15.90 8.53
N HIS E 560 3.28 17.04 7.99
CA HIS E 560 2.88 17.48 6.66
C HIS E 560 4.10 17.67 5.77
N PRO E 561 4.51 16.64 5.07
CA PRO E 561 5.55 16.79 4.05
C PRO E 561 5.14 17.71 2.92
N ASP E 562 3.83 17.91 2.73
CA ASP E 562 3.31 18.59 1.55
C ASP E 562 3.59 20.08 1.54
N THR E 563 3.22 20.79 2.60
CA THR E 563 3.27 22.24 2.59
C THR E 563 4.69 22.77 2.52
N HIS E 564 4.84 23.99 2.01
CA HIS E 564 6.07 24.70 2.25
C HIS E 564 6.08 25.34 3.65
N PHE E 565 7.09 26.18 3.88
CA PHE E 565 7.49 26.47 5.25
C PHE E 565 7.29 27.93 5.64
N GLU E 566 7.43 28.85 4.68
CA GLU E 566 7.30 30.26 5.05
C GLU E 566 6.00 30.40 5.80
N GLU E 567 4.93 30.09 5.11
CA GLU E 567 3.60 30.28 5.61
C GLU E 567 3.41 29.60 6.95
N LEU E 568 4.20 28.58 7.25
CA LEU E 568 4.25 28.15 8.64
C LEU E 568 4.78 29.27 9.50
N ALA E 569 5.86 29.93 9.07
CA ALA E 569 6.31 31.11 9.80
C ALA E 569 5.44 32.34 9.51
N MET E 570 5.14 32.56 8.26
CA MET E 570 4.60 33.81 7.78
C MET E 570 3.16 33.92 8.28
N ARG E 571 2.51 32.78 8.34
CA ARG E 571 1.15 32.61 8.80
C ARG E 571 1.02 32.71 10.30
N PHE E 572 2.01 32.25 11.05
CA PHE E 572 1.89 32.17 12.50
C PHE E 572 3.12 32.85 13.08
N MET E 573 2.98 34.12 13.42
CA MET E 573 4.13 34.90 13.87
C MET E 573 4.18 35.10 15.37
N ASP E 574 3.03 35.16 16.04
CA ASP E 574 2.98 35.37 17.48
C ASP E 574 1.61 34.92 17.98
N ILE E 575 1.24 35.47 19.13
CA ILE E 575 0.04 35.06 19.86
C ILE E 575 -1.16 35.88 19.39
N ARG E 576 -2.34 35.32 19.69
CA ARG E 576 -3.60 36.04 19.76
C ARG E 576 -4.17 36.37 18.39
N LYS E 577 -3.40 36.18 17.33
CA LYS E 577 -4.07 36.16 16.04
C LYS E 577 -4.44 34.73 15.70
N ARG E 578 -5.44 34.21 16.42
CA ARG E 578 -5.82 32.81 16.24
C ARG E 578 -6.64 32.67 14.96
N ILE E 579 -5.94 32.90 13.86
CA ILE E 579 -6.51 33.05 12.53
C ILE E 579 -5.56 32.38 11.55
N TYR E 580 -5.90 31.16 11.12
CA TYR E 580 -7.13 30.50 11.51
C TYR E 580 -7.00 29.07 12.03
N LYS E 581 -6.16 28.24 11.43
CA LYS E 581 -6.25 26.81 11.69
C LYS E 581 -4.90 26.28 12.13
N PHE E 582 -4.81 24.96 12.20
CA PHE E 582 -3.57 24.36 12.63
C PHE E 582 -2.91 23.69 11.43
N PRO E 583 -1.60 23.56 11.43
CA PRO E 583 -1.03 22.36 10.82
C PRO E 583 -1.31 21.23 11.78
N LYS E 584 -1.73 20.10 11.22
CA LYS E 584 -2.62 19.22 11.95
C LYS E 584 -1.85 18.03 12.53
N MET E 585 -1.32 18.21 13.74
CA MET E 585 -0.52 17.19 14.42
C MET E 585 -1.20 16.68 15.68
N GLY E 586 -0.42 15.92 16.45
CA GLY E 586 -0.92 14.85 17.30
C GLY E 586 -1.04 13.54 16.57
N LYS E 587 -0.28 13.38 15.49
CA LYS E 587 -0.66 12.50 14.39
C LYS E 587 -0.12 11.09 14.54
N LYS E 588 1.18 10.95 14.36
CA LYS E 588 1.87 9.69 14.14
C LYS E 588 3.18 9.64 14.88
N ALA E 589 3.41 10.61 15.76
CA ALA E 589 4.60 10.69 16.58
C ALA E 589 4.28 11.52 17.81
N GLU E 590 4.97 11.22 18.91
CA GLU E 590 4.82 12.01 20.12
C GLU E 590 6.18 12.59 20.49
N LEU E 591 6.17 13.55 21.40
CA LEU E 591 7.35 14.31 21.79
C LEU E 591 7.75 14.07 23.25
N VAL E 592 8.97 13.58 23.44
CA VAL E 592 9.50 13.39 24.79
C VAL E 592 10.79 14.17 24.93
N CYS E 593 10.79 15.17 25.81
CA CYS E 593 11.88 16.13 25.88
C CYS E 593 12.64 16.01 27.19
N ILE E 594 13.96 16.19 27.08
CA ILE E 594 14.89 16.15 28.19
C ILE E 594 15.72 17.42 28.12
N THR E 595 15.56 18.28 29.12
CA THR E 595 16.42 19.45 29.18
C THR E 595 17.78 19.05 29.73
N THR E 596 18.78 19.90 29.47
CA THR E 596 20.08 19.67 30.07
C THR E 596 20.61 20.93 30.71
N THR E 597 20.20 22.09 30.20
CA THR E 597 20.74 23.36 30.67
C THR E 597 19.77 24.00 31.65
N SER E 598 20.27 24.36 32.82
CA SER E 598 19.46 25.02 33.82
C SER E 598 19.34 26.50 33.44
N GLY E 599 18.19 26.88 32.92
CA GLY E 599 17.99 28.28 32.56
C GLY E 599 17.15 28.53 31.34
N THR E 600 16.79 27.48 30.60
CA THR E 600 15.91 27.63 29.45
C THR E 600 14.58 26.97 29.71
N GLY E 601 13.52 27.71 29.43
CA GLY E 601 12.19 27.17 29.58
C GLY E 601 11.66 26.74 28.23
N SER E 602 12.58 26.55 27.28
CA SER E 602 12.18 26.22 25.92
C SER E 602 11.47 24.89 25.84
N GLU E 603 11.90 23.90 26.63
CA GLU E 603 11.37 22.55 26.49
C GLU E 603 9.92 22.47 26.94
N VAL E 604 9.33 23.58 27.39
CA VAL E 604 7.91 23.59 27.71
C VAL E 604 7.19 24.56 26.79
N THR E 605 7.91 25.59 26.33
CA THR E 605 7.28 26.59 25.50
C THR E 605 6.95 26.04 24.11
N PRO E 606 5.90 26.54 23.50
CA PRO E 606 5.58 26.20 22.12
C PRO E 606 6.28 27.13 21.14
N PHE E 607 7.58 27.31 21.33
CA PHE E 607 8.32 28.29 20.56
C PHE E 607 9.44 27.61 19.79
N ALA E 608 9.82 28.24 18.68
CA ALA E 608 10.92 27.76 17.88
C ALA E 608 11.54 28.95 17.16
N VAL E 609 12.85 28.86 16.94
CA VAL E 609 13.58 29.87 16.20
C VAL E 609 14.38 29.15 15.13
N VAL E 610 14.27 29.60 13.89
CA VAL E 610 15.05 29.04 12.81
C VAL E 610 15.73 30.18 12.07
N THR E 611 16.92 29.91 11.55
CA THR E 611 17.74 30.93 10.94
C THR E 611 17.94 30.61 9.48
N ASP E 612 17.80 31.64 8.63
CA ASP E 612 17.92 31.46 7.19
C ASP E 612 19.38 31.23 6.80
N ASP E 613 19.60 30.82 5.55
CA ASP E 613 20.96 30.49 5.14
C ASP E 613 21.65 31.56 4.31
N LYS E 614 20.94 32.45 3.64
CA LYS E 614 21.68 33.53 2.97
C LYS E 614 22.40 34.37 4.01
N THR E 615 21.62 35.15 4.74
CA THR E 615 22.01 36.17 5.66
C THR E 615 21.57 35.90 7.09
N GLY E 616 21.02 34.71 7.35
CA GLY E 616 20.57 34.38 8.68
C GLY E 616 19.31 35.11 9.09
N ALA E 617 18.30 35.14 8.22
CA ALA E 617 17.01 35.71 8.56
C ALA E 617 16.37 34.93 9.70
N LYS E 618 15.92 35.64 10.73
CA LYS E 618 15.30 35.05 11.90
C LYS E 618 13.85 34.72 11.58
N TYR E 619 13.41 33.53 11.97
CA TYR E 619 12.02 33.13 11.80
C TYR E 619 11.54 32.61 13.14
N PRO E 620 10.72 33.38 13.85
CA PRO E 620 10.14 32.89 15.12
C PRO E 620 8.79 32.23 14.93
N LEU E 621 8.65 31.04 15.51
CA LEU E 621 7.42 30.26 15.48
C LEU E 621 6.84 30.14 16.87
N ALA E 622 5.53 30.37 16.98
CA ALA E 622 4.88 30.44 18.27
C ALA E 622 3.41 30.07 18.13
N ASP E 623 3.05 28.87 18.58
CA ASP E 623 1.66 28.47 18.74
C ASP E 623 1.57 27.19 19.57
N TYR E 624 0.53 27.10 20.40
CA TYR E 624 0.50 26.16 21.51
C TYR E 624 0.55 24.71 21.08
N GLU E 625 0.20 24.34 19.84
CA GLU E 625 0.34 22.94 19.52
C GLU E 625 1.79 22.51 19.41
N LEU E 626 2.74 23.45 19.44
CA LEU E 626 4.15 23.09 19.48
C LEU E 626 4.58 22.53 20.83
N THR E 627 3.78 22.66 21.87
CA THR E 627 4.19 22.18 23.18
C THR E 627 4.37 20.68 23.15
N PRO E 628 5.51 20.16 23.60
CA PRO E 628 5.67 18.71 23.72
C PRO E 628 4.71 18.18 24.75
N GLN E 629 4.20 16.97 24.50
CA GLN E 629 3.31 16.41 25.51
C GLN E 629 4.11 15.80 26.65
N MET E 630 5.41 15.59 26.45
CA MET E 630 6.22 14.90 27.45
C MET E 630 7.44 15.71 27.84
N ALA E 631 7.58 15.99 29.13
CA ALA E 631 8.75 16.71 29.64
C ALA E 631 9.31 16.00 30.87
N ILE E 632 10.62 15.84 30.90
CA ILE E 632 11.28 15.23 32.04
C ILE E 632 12.42 16.13 32.48
N VAL E 633 12.49 16.37 33.78
CA VAL E 633 13.48 17.26 34.37
C VAL E 633 14.21 16.41 35.41
N ASP E 634 15.31 15.80 35.00
CA ASP E 634 16.20 15.09 35.90
C ASP E 634 17.31 16.02 36.32
N ALA E 635 18.01 15.64 37.38
CA ALA E 635 19.20 16.36 37.76
C ALA E 635 20.47 15.66 37.34
N ASN E 636 20.49 14.31 37.35
CA ASN E 636 21.72 13.54 37.19
C ASN E 636 22.68 14.22 36.24
N LEU E 637 22.14 14.79 35.18
CA LEU E 637 22.89 15.58 34.22
C LEU E 637 23.84 16.59 34.87
N VAL E 638 23.36 17.67 35.47
CA VAL E 638 24.35 18.72 35.71
C VAL E 638 24.70 18.82 37.18
N MET E 639 25.67 18.00 37.56
CA MET E 639 26.60 18.20 38.66
C MET E 639 27.94 18.68 38.15
N ASN E 640 28.29 18.30 36.92
CA ASN E 640 29.62 18.56 36.39
C ASN E 640 29.67 19.71 35.40
N MET E 641 28.54 20.27 35.00
CA MET E 641 28.59 21.41 34.09
C MET E 641 29.18 22.61 34.82
N PRO E 642 30.20 23.25 34.25
CA PRO E 642 31.06 24.15 35.03
C PRO E 642 30.52 25.57 35.11
N LYS E 643 31.07 26.30 36.07
CA LYS E 643 30.87 27.73 36.17
C LYS E 643 31.62 28.41 35.02
N SER E 644 31.05 29.50 34.53
CA SER E 644 29.80 30.04 35.03
C SER E 644 28.70 29.91 33.99
N LEU E 645 28.78 28.86 33.18
CA LEU E 645 27.67 28.55 32.29
C LEU E 645 26.42 28.30 33.12
N THR E 646 26.61 27.72 34.30
CA THR E 646 25.58 27.74 35.33
C THR E 646 24.99 29.12 35.47
N ALA E 647 25.86 30.12 35.68
CA ALA E 647 25.39 31.49 35.85
C ALA E 647 24.67 31.97 34.62
N PHE E 648 25.16 31.60 33.44
CA PHE E 648 24.54 32.07 32.21
C PHE E 648 23.08 31.61 32.14
N GLY E 649 22.87 30.31 32.32
CA GLY E 649 21.51 29.80 32.30
C GLY E 649 20.64 30.40 33.39
N GLY E 650 21.18 30.46 34.62
CA GLY E 650 20.39 31.00 35.71
C GLY E 650 19.98 32.43 35.47
N TYR E 651 20.89 33.24 34.94
CA TYR E 651 20.58 34.63 34.65
C TYR E 651 19.56 34.74 33.51
N ASP E 652 19.64 33.86 32.52
CA ASP E 652 18.60 33.85 31.50
C ASP E 652 17.24 33.60 32.12
N ALA E 653 17.15 32.61 33.00
CA ALA E 653 15.89 32.32 33.66
C ALA E 653 15.44 33.51 34.51
N VAL E 654 16.39 34.15 35.17
CA VAL E 654 16.08 35.31 36.01
C VAL E 654 15.41 36.38 35.18
N THR E 655 16.03 36.70 34.04
CA THR E 655 15.44 37.65 33.11
C THR E 655 14.05 37.21 32.71
N HIS E 656 13.91 35.94 32.32
CA HIS E 656 12.61 35.42 31.91
C HIS E 656 11.57 35.75 32.97
N ALA E 657 11.90 35.50 34.22
CA ALA E 657 10.93 35.70 35.29
C ALA E 657 10.57 37.17 35.45
N LEU E 658 11.57 38.02 35.65
CA LEU E 658 11.23 39.41 35.99
C LEU E 658 10.48 40.07 34.86
N GLU E 659 10.89 39.80 33.62
CA GLU E 659 10.11 40.33 32.52
C GLU E 659 8.69 39.78 32.53
N ALA E 660 8.54 38.48 32.82
CA ALA E 660 7.22 37.89 32.72
C ALA E 660 6.25 38.53 33.69
N TYR E 661 6.71 38.79 34.92
CA TYR E 661 5.80 39.30 35.92
C TYR E 661 5.26 40.67 35.54
N VAL E 662 6.12 41.53 34.98
CA VAL E 662 5.73 42.90 34.71
C VAL E 662 5.09 43.02 33.34
N SER E 663 5.07 41.92 32.60
CA SER E 663 4.50 41.95 31.26
C SER E 663 3.03 42.32 31.31
N VAL E 664 2.58 43.06 30.29
CA VAL E 664 1.16 43.42 30.26
C VAL E 664 0.30 42.19 30.02
N LEU E 665 0.86 41.15 29.43
CA LEU E 665 0.15 39.90 29.25
C LEU E 665 0.05 39.10 30.54
N ALA E 666 0.71 39.56 31.60
CA ALA E 666 0.72 38.82 32.85
C ALA E 666 -0.68 38.70 33.41
N ASN E 667 -1.22 37.49 33.39
CA ASN E 667 -2.40 37.21 34.19
C ASN E 667 -1.97 36.94 35.62
N GLU E 668 -2.96 36.69 36.46
CA GLU E 668 -2.67 36.23 37.81
C GLU E 668 -1.98 34.88 37.77
N TYR E 669 -2.14 34.14 36.67
CA TYR E 669 -1.74 32.74 36.66
C TYR E 669 -0.22 32.60 36.77
N SER E 670 0.50 33.38 35.99
CA SER E 670 1.96 33.31 35.99
C SER E 670 2.57 33.92 37.24
N ASP E 671 1.84 34.80 37.91
CA ASP E 671 2.41 35.49 39.05
C ASP E 671 2.84 34.51 40.13
N GLY E 672 2.02 33.48 40.38
CA GLY E 672 2.31 32.59 41.48
C GLY E 672 3.68 31.94 41.36
N GLN E 673 3.85 31.05 40.40
CA GLN E 673 5.13 30.36 40.31
C GLN E 673 6.25 31.25 39.80
N ALA E 674 5.96 32.37 39.12
CA ALA E 674 7.04 33.31 38.84
C ALA E 674 7.63 33.84 40.14
N LEU E 675 6.76 34.35 41.02
CA LEU E 675 7.18 34.77 42.34
C LEU E 675 7.89 33.65 43.07
N GLN E 676 7.39 32.44 42.94
CA GLN E 676 7.99 31.31 43.63
C GLN E 676 9.43 31.12 43.19
N ALA E 677 9.65 31.03 41.88
CA ALA E 677 11.00 30.80 41.38
C ALA E 677 11.94 31.93 41.78
N LEU E 678 11.46 33.17 41.67
CA LEU E 678 12.28 34.30 42.06
C LEU E 678 12.66 34.23 43.53
N LYS E 679 11.69 33.97 44.40
CA LYS E 679 11.98 33.88 45.83
C LYS E 679 12.98 32.77 46.10
N MET E 680 12.78 31.61 45.47
CA MET E 680 13.55 30.44 45.86
C MET E 680 14.93 30.44 45.23
N LEU E 681 15.18 31.31 44.27
CA LEU E 681 16.48 31.26 43.64
C LEU E 681 17.54 32.02 44.42
N LYS E 682 17.13 33.05 45.15
CA LYS E 682 18.07 33.99 45.74
C LYS E 682 19.03 33.34 46.72
N GLU E 683 18.69 32.16 47.24
CA GLU E 683 19.54 31.46 48.19
C GLU E 683 20.46 30.48 47.50
N TYR E 684 19.96 29.80 46.49
CA TYR E 684 20.65 28.67 45.91
C TYR E 684 21.51 29.04 44.73
N LEU E 685 21.38 30.24 44.20
CA LEU E 685 22.37 30.69 43.22
C LEU E 685 23.77 30.80 43.81
N PRO E 686 24.01 31.56 44.88
CA PRO E 686 25.39 31.69 45.36
C PRO E 686 25.98 30.35 45.76
N SER E 687 25.18 29.50 46.40
CA SER E 687 25.68 28.21 46.82
C SER E 687 26.04 27.35 45.62
N SER E 688 25.11 27.17 44.68
CA SER E 688 25.38 26.29 43.55
C SER E 688 26.52 26.82 42.71
N TYR E 689 26.60 28.14 42.55
CA TYR E 689 27.71 28.74 41.82
C TYR E 689 29.03 28.46 42.52
N ALA E 690 29.06 28.61 43.85
CA ALA E 690 30.26 28.28 44.59
C ALA E 690 30.41 26.77 44.78
N ASN E 691 29.30 26.08 45.03
CA ASN E 691 29.34 24.68 45.42
C ASN E 691 28.61 23.83 44.39
N GLY E 692 29.32 22.82 43.89
CA GLY E 692 28.78 21.89 42.94
C GLY E 692 29.95 21.20 42.27
N ALA E 693 29.93 19.88 42.20
CA ALA E 693 28.81 19.07 42.66
C ALA E 693 28.82 18.76 44.14
N LYS E 694 29.65 19.47 44.91
CA LYS E 694 29.70 19.21 46.35
C LYS E 694 28.35 19.44 46.99
N ASP E 695 27.49 20.24 46.37
CA ASP E 695 26.19 20.55 46.90
C ASP E 695 25.11 20.03 45.95
N PRO E 696 24.76 18.75 46.04
CA PRO E 696 23.67 18.24 45.21
C PRO E 696 22.33 18.60 45.80
N ILE E 697 22.22 19.84 46.29
CA ILE E 697 20.97 20.40 46.79
C ILE E 697 20.63 21.57 45.89
N ALA E 698 21.48 22.60 45.92
CA ALA E 698 21.15 23.81 45.20
C ALA E 698 21.04 23.58 43.70
N ARG E 699 21.82 22.65 43.15
CA ARG E 699 21.86 22.47 41.71
C ARG E 699 20.50 22.05 41.17
N GLU E 700 19.94 20.98 41.71
CA GLU E 700 18.61 20.58 41.25
C GLU E 700 17.56 21.60 41.64
N LYS E 701 17.77 22.32 42.74
CA LYS E 701 16.82 23.36 43.11
C LYS E 701 16.74 24.43 42.03
N VAL E 702 17.88 24.93 41.57
CA VAL E 702 17.85 25.96 40.55
C VAL E 702 17.41 25.36 39.22
N HIS E 703 17.69 24.07 39.00
CA HIS E 703 17.15 23.42 37.82
C HIS E 703 15.63 23.49 37.80
N ASN E 704 15.01 23.11 38.93
CA ASN E 704 13.56 23.19 39.02
C ASN E 704 13.10 24.63 38.89
N ALA E 705 13.85 25.57 39.46
CA ALA E 705 13.48 26.98 39.37
C ALA E 705 13.44 27.43 37.92
N ALA E 706 14.44 27.03 37.14
CA ALA E 706 14.46 27.38 35.72
C ALA E 706 13.28 26.76 35.00
N THR E 707 12.95 25.52 35.32
CA THR E 707 11.78 24.90 34.72
C THR E 707 10.52 25.69 35.05
N ILE E 708 10.42 26.15 36.30
CA ILE E 708 9.27 26.95 36.71
C ILE E 708 9.23 28.26 35.94
N ALA E 709 10.39 28.87 35.72
CA ALA E 709 10.41 30.08 34.91
C ALA E 709 9.87 29.80 33.52
N GLY E 710 10.28 28.68 32.93
CA GLY E 710 9.74 28.29 31.65
C GLY E 710 8.24 28.12 31.68
N ILE E 711 7.74 27.55 32.78
CA ILE E 711 6.30 27.51 32.99
C ILE E 711 5.73 28.91 32.94
N ALA E 712 6.43 29.85 33.59
CA ALA E 712 5.91 31.20 33.72
C ALA E 712 5.76 31.87 32.37
N PHE E 713 6.88 32.14 31.69
CA PHE E 713 6.69 32.92 30.47
C PHE E 713 6.20 32.06 29.32
N ALA E 714 5.75 30.84 29.58
CA ALA E 714 5.08 30.06 28.56
C ALA E 714 3.78 30.72 28.11
N ASN E 715 3.20 31.56 28.95
CA ASN E 715 1.99 32.31 28.60
C ASN E 715 2.23 33.81 28.55
N ALA E 716 3.06 34.34 29.44
CA ALA E 716 3.44 35.74 29.39
C ALA E 716 4.65 35.85 28.48
N PHE E 717 4.53 36.67 27.43
CA PHE E 717 5.61 36.75 26.47
C PHE E 717 6.82 37.50 27.00
N LEU E 718 7.87 37.54 26.18
CA LEU E 718 9.14 38.08 26.61
C LEU E 718 9.12 39.60 26.64
N GLY E 719 10.17 40.17 27.24
CA GLY E 719 10.37 41.60 27.26
C GLY E 719 11.31 42.05 26.16
N VAL E 720 11.37 43.37 25.99
CA VAL E 720 12.17 43.95 24.91
C VAL E 720 13.63 43.56 25.08
N CYS E 721 14.09 43.53 26.32
CA CYS E 721 15.46 43.14 26.60
C CYS E 721 15.76 41.77 26.01
N HIS E 722 14.79 40.86 26.00
CA HIS E 722 15.12 39.50 25.61
C HIS E 722 15.51 39.41 24.13
N SER E 723 14.66 39.90 23.23
CA SER E 723 15.03 39.85 21.82
C SER E 723 16.21 40.77 21.55
N MET E 724 16.27 41.88 22.27
CA MET E 724 17.40 42.77 22.08
C MET E 724 18.71 42.05 22.40
N ALA E 725 18.71 41.24 23.46
CA ALA E 725 19.88 40.44 23.79
C ALA E 725 20.08 39.33 22.78
N HIS E 726 18.99 38.77 22.26
CA HIS E 726 19.09 37.89 21.10
C HIS E 726 19.99 38.53 20.06
N LYS E 727 19.78 39.81 19.84
CA LYS E 727 20.52 40.50 18.79
C LYS E 727 21.99 40.63 19.16
N ILE E 728 22.26 41.24 20.32
CA ILE E 728 23.65 41.39 20.76
C ILE E 728 24.40 40.07 20.68
N GLY E 729 23.77 38.99 21.13
CA GLY E 729 24.37 37.69 20.91
C GLY E 729 24.56 37.39 19.45
N ALA E 730 23.61 37.84 18.61
CA ALA E 730 23.64 37.49 17.19
C ALA E 730 24.89 38.03 16.51
N GLU E 731 25.17 39.33 16.63
CA GLU E 731 26.28 39.85 15.82
C GLU E 731 27.64 39.45 16.42
N PHE E 732 27.77 39.48 17.74
CA PHE E 732 29.07 39.29 18.35
C PHE E 732 29.29 37.88 18.85
N HIS E 733 28.42 36.94 18.47
CA HIS E 733 28.53 35.54 18.86
C HIS E 733 28.52 35.37 20.37
N LEU E 734 27.99 36.35 21.08
CA LEU E 734 27.92 36.27 22.53
C LEU E 734 26.85 35.26 22.93
N PRO E 735 27.08 34.48 23.98
CA PRO E 735 26.07 33.51 24.40
C PRO E 735 24.84 34.20 24.96
N HIS E 736 23.71 33.51 24.84
CA HIS E 736 22.51 33.97 25.50
C HIS E 736 22.67 33.87 27.01
N GLY E 737 21.84 34.60 27.73
CA GLY E 737 21.78 34.42 29.16
C GLY E 737 22.63 35.39 29.93
N LEU E 738 23.82 35.71 29.42
CA LEU E 738 24.62 36.76 30.01
C LEU E 738 24.52 38.08 29.24
N ALA E 739 24.24 38.01 27.94
CA ALA E 739 24.07 39.23 27.17
C ALA E 739 22.93 40.07 27.75
N ASN E 740 21.77 39.46 27.93
CA ASN E 740 20.68 40.12 28.62
C ASN E 740 21.04 40.48 30.04
N ALA E 741 21.82 39.61 30.70
CA ALA E 741 22.18 39.85 32.08
C ALA E 741 23.01 41.11 32.23
N LEU E 742 23.58 41.60 31.13
CA LEU E 742 24.28 42.88 31.17
C LEU E 742 23.34 44.06 31.02
N LEU E 743 22.08 43.78 30.73
CA LEU E 743 21.14 44.83 30.35
C LEU E 743 20.14 45.12 31.45
N ILE E 744 19.75 44.09 32.20
CA ILE E 744 18.53 44.15 33.01
C ILE E 744 18.49 45.45 33.76
N ALA E 745 19.64 45.85 34.29
CA ALA E 745 19.73 47.02 35.14
C ALA E 745 19.07 48.21 34.47
N ASN E 746 19.68 48.70 33.39
CA ASN E 746 19.13 49.87 32.74
C ASN E 746 17.70 49.63 32.34
N VAL E 747 17.38 48.37 32.02
CA VAL E 747 16.05 48.04 31.52
C VAL E 747 15.00 48.50 32.52
N VAL E 748 15.17 48.15 33.79
CA VAL E 748 14.13 48.51 34.75
C VAL E 748 14.19 50.00 35.02
N ARG E 749 15.37 50.60 34.87
CA ARG E 749 15.47 52.04 34.96
C ARG E 749 14.68 52.70 33.84
N TYR E 750 14.58 52.03 32.69
CA TYR E 750 13.65 52.50 31.69
C TYR E 750 12.22 52.41 32.21
N ASN E 751 11.91 51.30 32.89
CA ASN E 751 10.62 51.17 33.55
C ASN E 751 10.55 52.06 34.78
N ALA E 752 11.69 52.58 35.24
CA ALA E 752 11.69 53.45 36.41
C ALA E 752 11.11 54.79 35.98
N ASN E 753 9.78 54.86 35.92
CA ASN E 753 9.10 56.05 35.49
C ASN E 753 7.84 56.24 36.33
N ASP E 754 7.55 57.49 36.67
CA ASP E 754 6.33 57.77 37.41
C ASP E 754 5.14 57.79 36.46
N ASN E 755 5.16 58.70 35.49
CA ASN E 755 4.02 58.81 34.58
C ASN E 755 4.37 59.51 33.28
N PRO E 756 5.32 59.00 32.49
CA PRO E 756 5.56 59.59 31.17
C PRO E 756 4.52 59.10 30.20
N THR E 757 3.55 59.95 29.90
CA THR E 757 2.49 59.62 28.95
C THR E 757 2.87 60.14 27.56
N LYS E 758 4.10 59.81 27.17
CA LYS E 758 4.62 60.20 25.87
C LYS E 758 4.27 59.20 24.78
N GLN E 759 4.35 57.90 25.08
CA GLN E 759 4.08 56.88 24.09
C GLN E 759 3.29 55.71 24.66
N THR E 760 2.95 55.75 25.94
CA THR E 760 2.21 54.65 26.56
C THR E 760 0.81 54.57 25.99
N ALA E 761 0.28 53.35 25.97
CA ALA E 761 -1.04 53.09 25.44
C ALA E 761 -1.86 52.31 26.45
N PHE E 762 -3.05 52.81 26.74
CA PHE E 762 -4.03 52.11 27.57
C PHE E 762 -3.42 51.79 28.92
N SER E 763 -2.82 52.82 29.51
CA SER E 763 -2.02 52.64 30.72
C SER E 763 -2.88 52.26 31.91
N GLN E 764 -3.97 52.98 32.14
CA GLN E 764 -4.76 52.85 33.35
C GLN E 764 -5.87 51.85 33.21
N TYR E 765 -5.67 50.82 32.41
CA TYR E 765 -6.68 49.82 32.13
C TYR E 765 -6.55 48.59 33.01
N ASP E 766 -5.40 47.96 32.97
CA ASP E 766 -5.08 46.75 33.73
C ASP E 766 -3.73 46.83 34.41
N ARG E 767 -2.83 47.65 33.88
CA ARG E 767 -1.49 47.78 34.43
C ARG E 767 -1.39 49.14 35.09
N PRO E 768 -1.71 49.27 36.36
CA PRO E 768 -1.71 50.61 36.97
C PRO E 768 -0.34 51.25 36.97
N GLN E 769 0.66 50.56 37.49
CA GLN E 769 2.02 51.08 37.50
C GLN E 769 3.00 49.96 37.79
N ALA E 770 4.02 49.86 36.94
CA ALA E 770 5.04 48.83 37.14
C ALA E 770 5.82 49.07 38.42
N ARG E 771 6.08 50.34 38.76
CA ARG E 771 6.85 50.65 39.96
C ARG E 771 6.27 49.94 41.17
N ARG E 772 4.94 49.98 41.30
CA ARG E 772 4.31 49.33 42.44
C ARG E 772 4.59 47.83 42.40
N ARG E 773 4.53 47.25 41.20
CA ARG E 773 4.75 45.82 41.05
C ARG E 773 6.15 45.46 41.51
N TYR E 774 7.12 46.27 41.11
CA TYR E 774 8.49 46.07 41.50
C TYR E 774 8.63 46.16 43.01
N ALA E 775 7.95 47.14 43.62
CA ALA E 775 8.02 47.29 45.07
C ALA E 775 7.39 46.09 45.78
N GLU E 776 6.33 45.54 45.19
CA GLU E 776 5.74 44.33 45.73
C GLU E 776 6.74 43.20 45.69
N VAL E 777 7.53 43.13 44.62
CA VAL E 777 8.61 42.16 44.57
C VAL E 777 9.59 42.42 45.69
N ALA E 778 9.95 43.69 45.89
CA ALA E 778 10.98 44.05 46.86
C ALA E 778 10.59 43.63 48.26
N ASP E 779 9.49 44.18 48.76
CA ASP E 779 9.00 43.78 50.08
C ASP E 779 8.62 42.31 50.10
N HIS E 780 8.31 41.75 48.94
CA HIS E 780 7.91 40.35 48.89
C HIS E 780 9.11 39.45 49.11
N LEU E 781 10.29 39.91 48.73
CA LEU E 781 11.53 39.34 49.22
C LEU E 781 11.87 39.83 50.60
N GLY E 782 11.20 40.88 51.07
CA GLY E 782 11.69 41.61 52.23
C GLY E 782 12.97 42.36 51.93
N LEU E 783 13.10 42.90 50.73
CA LEU E 783 14.28 43.67 50.33
C LEU E 783 14.10 45.14 50.61
N SER E 784 13.32 45.47 51.63
CA SER E 784 12.95 46.85 51.90
C SER E 784 12.79 47.05 53.39
N GLN E 785 13.13 48.24 53.85
CA GLN E 785 12.79 48.65 55.20
C GLN E 785 11.27 48.67 55.31
N PRO E 786 10.71 48.23 56.45
CA PRO E 786 9.26 48.32 56.62
C PRO E 786 8.71 49.72 56.39
N GLY E 787 9.44 50.75 56.81
CA GLY E 787 9.07 52.10 56.45
C GLY E 787 9.85 52.59 55.24
N ASP E 788 9.25 52.51 54.06
CA ASP E 788 9.92 52.86 52.82
C ASP E 788 8.93 53.49 51.86
N ARG E 789 9.47 54.22 50.89
CA ARG E 789 8.70 54.56 49.70
C ARG E 789 9.06 53.58 48.59
N THR E 790 8.31 53.69 47.48
CA THR E 790 8.52 52.76 46.38
C THR E 790 9.95 52.85 45.87
N ALA E 791 10.38 54.02 45.43
CA ALA E 791 11.68 54.16 44.80
C ALA E 791 12.80 53.68 45.71
N GLN E 792 12.63 53.84 47.02
CA GLN E 792 13.57 53.25 47.96
C GLN E 792 13.67 51.75 47.74
N LYS E 793 12.53 51.08 47.73
CA LYS E 793 12.50 49.64 47.50
C LYS E 793 13.11 49.30 46.15
N ILE E 794 12.90 50.17 45.17
CA ILE E 794 13.35 49.90 43.80
C ILE E 794 14.87 49.91 43.74
N GLU E 795 15.47 50.95 44.33
CA GLU E 795 16.93 51.02 44.34
C GLU E 795 17.51 49.88 45.15
N ARG E 796 16.85 49.52 46.26
CA ARG E 796 17.26 48.31 46.97
C ARG E 796 17.21 47.09 46.07
N LEU E 797 16.14 46.96 45.29
CA LEU E 797 16.01 45.85 44.37
C LEU E 797 17.21 45.77 43.43
N LEU E 798 17.49 46.86 42.74
CA LEU E 798 18.45 46.68 41.68
C LEU E 798 19.86 46.76 42.21
N THR E 799 20.06 47.35 43.38
CA THR E 799 21.32 47.16 44.10
C THR E 799 21.54 45.70 44.43
N TRP E 800 20.51 45.06 45.00
CA TRP E 800 20.55 43.63 45.23
C TRP E 800 21.04 42.89 44.01
N LEU E 801 20.37 43.09 42.88
CA LEU E 801 20.84 42.42 41.67
C LEU E 801 22.24 42.85 41.29
N ASP E 802 22.61 44.10 41.58
CA ASP E 802 23.92 44.60 41.18
C ASP E 802 25.03 43.77 41.79
N GLU E 803 25.17 43.81 43.11
CA GLU E 803 26.29 43.04 43.64
C GLU E 803 25.96 41.56 43.73
N LEU E 804 24.71 41.17 43.53
CA LEU E 804 24.44 39.77 43.33
C LEU E 804 25.14 39.26 42.08
N LYS E 805 24.96 39.96 40.97
CA LYS E 805 25.63 39.57 39.74
C LYS E 805 27.12 39.90 39.81
N VAL E 806 27.52 40.79 40.71
CA VAL E 806 28.93 40.88 41.08
C VAL E 806 29.42 39.53 41.57
N ASN E 807 28.63 38.88 42.43
CA ASN E 807 29.08 37.67 43.09
C ASN E 807 29.46 36.60 42.08
N LEU E 808 28.90 36.64 40.88
CA LEU E 808 29.11 35.58 39.91
C LEU E 808 30.08 35.99 38.81
N ASP E 809 30.94 36.97 39.08
CA ASP E 809 32.16 37.19 38.32
C ASP E 809 31.86 37.45 36.84
N ILE E 810 31.18 38.56 36.60
CA ILE E 810 30.78 38.94 35.26
C ILE E 810 31.21 40.38 35.04
N PRO E 811 31.55 40.74 33.80
CA PRO E 811 31.93 42.13 33.52
C PRO E 811 30.74 43.05 33.70
N LYS E 812 31.05 44.31 33.99
CA LYS E 812 30.01 45.28 34.32
C LYS E 812 29.79 46.31 33.23
N SER E 813 30.64 46.32 32.22
CA SER E 813 30.45 47.10 31.01
C SER E 813 30.81 46.21 29.83
N ILE E 814 30.09 46.36 28.73
CA ILE E 814 30.27 45.43 27.63
C ILE E 814 31.65 45.60 27.01
N GLN E 815 32.24 46.79 27.16
CA GLN E 815 33.65 46.93 26.82
C GLN E 815 34.51 46.04 27.71
N ALA E 816 34.16 45.96 29.01
CA ALA E 816 34.81 45.00 29.88
C ALA E 816 34.48 43.58 29.49
N ALA E 817 33.43 43.38 28.69
CA ALA E 817 33.14 42.07 28.13
C ALA E 817 33.97 41.77 26.89
N GLY E 818 34.73 42.75 26.38
CA GLY E 818 35.63 42.48 25.27
C GLY E 818 35.02 42.73 23.91
N VAL E 819 34.51 43.93 23.68
CA VAL E 819 33.89 44.30 22.42
C VAL E 819 34.56 45.56 21.88
N ALA E 820 34.97 45.51 20.62
CA ALA E 820 35.43 46.72 19.94
C ALA E 820 34.27 47.69 19.78
N GLU E 821 34.45 48.89 20.34
CA GLU E 821 33.36 49.83 20.52
C GLU E 821 33.21 50.83 19.38
N ALA E 822 34.26 51.07 18.60
CA ALA E 822 34.10 51.95 17.45
C ALA E 822 33.01 51.44 16.52
N ASP E 823 33.09 50.16 16.15
CA ASP E 823 32.07 49.54 15.33
C ASP E 823 30.76 49.37 16.09
N PHE E 824 30.83 49.14 17.40
CA PHE E 824 29.63 49.23 18.21
C PHE E 824 28.85 50.48 17.87
N LEU E 825 29.48 51.65 18.01
CA LEU E 825 28.77 52.87 17.64
C LEU E 825 28.41 52.86 16.17
N ALA E 826 29.28 52.31 15.33
CA ALA E 826 29.04 52.33 13.89
C ALA E 826 27.74 51.60 13.52
N LYS E 827 27.39 50.56 14.27
CA LYS E 827 26.38 49.62 13.80
C LYS E 827 25.24 49.42 14.80
N VAL E 828 25.35 50.03 15.98
CA VAL E 828 24.26 50.10 16.93
C VAL E 828 23.05 50.79 16.32
N ASP E 829 23.28 51.61 15.30
CA ASP E 829 22.19 52.39 14.72
C ASP E 829 21.12 51.46 14.15
N GLU E 830 21.51 50.53 13.28
CA GLU E 830 20.54 49.60 12.72
C GLU E 830 20.27 48.44 13.68
N LEU E 831 21.24 48.13 14.54
CA LEU E 831 20.96 47.23 15.64
C LEU E 831 19.73 47.68 16.41
N ALA E 832 19.61 48.97 16.68
CA ALA E 832 18.48 49.48 17.45
C ALA E 832 17.18 49.40 16.66
N VAL E 833 17.24 49.65 15.35
CA VAL E 833 15.99 49.65 14.61
C VAL E 833 15.42 48.25 14.54
N GLU E 834 16.27 47.25 14.32
CA GLU E 834 15.72 45.90 14.39
C GLU E 834 15.43 45.49 15.83
N ALA E 835 16.14 46.05 16.79
CA ALA E 835 15.81 45.82 18.19
C ALA E 835 14.41 46.31 18.52
N PHE E 836 13.93 47.32 17.81
CA PHE E 836 12.58 47.81 18.07
C PHE E 836 11.54 46.75 17.78
N ASP E 837 11.49 46.28 16.54
CA ASP E 837 10.37 45.47 16.07
C ASP E 837 10.58 43.98 16.25
N ASP E 838 11.71 43.57 16.82
CA ASP E 838 11.97 42.14 17.03
C ASP E 838 11.01 41.60 18.08
N GLN E 839 9.77 41.35 17.65
CA GLN E 839 8.77 40.65 18.44
C GLN E 839 8.76 41.10 19.90
N CYS E 840 8.92 42.41 20.10
CA CYS E 840 8.94 43.01 21.44
C CYS E 840 8.20 44.35 21.51
N THR E 841 6.90 44.43 21.19
CA THR E 841 5.96 43.44 20.64
C THR E 841 5.99 41.93 21.00
N GLY E 842 6.11 41.58 22.27
CA GLY E 842 6.33 42.48 23.37
C GLY E 842 5.16 42.94 24.20
N ALA E 843 5.12 42.39 25.42
CA ALA E 843 4.22 42.87 26.44
C ALA E 843 4.83 44.02 27.22
N ASN E 844 5.83 44.69 26.65
CA ASN E 844 6.45 45.82 27.30
C ASN E 844 5.38 46.87 27.55
N PRO E 845 5.16 47.24 28.81
CA PRO E 845 4.09 48.19 29.11
C PRO E 845 4.25 49.53 28.40
N ARG E 846 5.47 49.97 28.18
CA ARG E 846 5.69 51.27 27.55
C ARG E 846 6.30 51.10 26.16
N TYR E 847 5.90 51.96 25.25
CA TYR E 847 6.63 52.12 24.01
C TYR E 847 8.08 52.53 24.27
N PRO E 848 9.01 51.88 23.58
CA PRO E 848 10.30 52.50 23.28
C PRO E 848 10.22 53.17 21.91
N LEU E 849 11.11 54.13 21.70
CA LEU E 849 11.41 54.58 20.35
C LEU E 849 12.89 54.35 20.11
N ILE E 850 13.30 54.54 18.85
CA ILE E 850 14.66 54.21 18.46
C ILE E 850 15.68 54.93 19.34
N ALA E 851 15.36 56.17 19.74
CA ALA E 851 16.32 56.95 20.51
C ALA E 851 16.67 56.27 21.82
N GLU E 852 15.66 55.90 22.62
CA GLU E 852 15.94 55.39 23.95
C GLU E 852 16.76 54.11 23.92
N LEU E 853 16.47 53.22 22.98
CA LEU E 853 17.28 52.03 22.81
C LEU E 853 18.75 52.38 22.71
N LYS E 854 19.05 53.38 21.89
CA LYS E 854 20.43 53.76 21.67
C LYS E 854 21.08 54.27 22.96
N GLU E 855 20.35 55.07 23.73
CA GLU E 855 20.85 55.53 25.01
C GLU E 855 21.16 54.36 25.91
N VAL E 856 20.25 53.41 25.99
CA VAL E 856 20.43 52.25 26.84
C VAL E 856 21.63 51.44 26.41
N LEU E 857 21.77 51.22 25.11
CA LEU E 857 22.86 50.40 24.61
C LEU E 857 24.21 51.04 24.94
N LEU E 858 24.33 52.34 24.70
CA LEU E 858 25.60 52.98 25.01
C LEU E 858 25.87 52.98 26.52
N ALA E 859 24.83 53.23 27.33
CA ALA E 859 25.03 53.27 28.77
C ALA E 859 25.47 51.92 29.29
N SER E 860 24.82 50.85 28.82
CA SER E 860 25.18 49.51 29.25
C SER E 860 26.58 49.14 28.80
N TYR E 861 26.95 49.51 27.57
CA TYR E 861 28.28 49.17 27.08
C TYR E 861 29.35 49.78 27.96
N TYR E 862 29.12 51.02 28.39
CA TYR E 862 30.04 51.72 29.27
C TYR E 862 29.73 51.44 30.73
N GLY E 863 28.77 50.57 31.02
CA GLY E 863 28.35 50.36 32.39
C GLY E 863 27.74 51.60 33.01
N LYS E 864 27.26 52.48 32.22
CA LYS E 864 26.68 53.72 32.70
C LYS E 864 25.22 53.50 33.11
N PRO E 865 24.76 54.21 34.14
CA PRO E 865 23.37 54.08 34.58
C PRO E 865 22.44 54.89 33.69
N PHE E 866 21.57 54.21 32.96
CA PHE E 866 20.56 54.88 32.15
C PHE E 866 19.54 55.52 33.06
N VAL E 867 19.69 56.83 33.27
CA VAL E 867 18.82 57.57 34.18
C VAL E 867 18.52 58.92 33.56
N GLU E 868 17.29 59.38 33.74
CA GLU E 868 16.85 60.66 33.20
C GLU E 868 16.01 61.42 34.23
N PRO F 2 14.93 54.69 -18.07
CA PRO F 2 14.70 56.08 -18.46
C PRO F 2 13.28 56.28 -18.97
N VAL F 3 12.41 56.81 -18.13
CA VAL F 3 10.97 56.86 -18.39
C VAL F 3 10.55 58.32 -18.40
N THR F 4 10.60 58.96 -19.57
CA THR F 4 10.33 60.39 -19.65
C THR F 4 9.42 60.84 -20.79
N ASN F 5 9.41 60.15 -21.92
CA ASN F 5 8.69 60.64 -23.08
C ASN F 5 7.86 59.53 -23.70
N LEU F 6 6.78 59.94 -24.37
CA LEU F 6 5.83 58.99 -24.90
C LEU F 6 6.45 58.08 -25.95
N ALA F 7 7.61 58.44 -26.48
CA ALA F 7 8.39 57.49 -27.26
C ALA F 7 8.73 56.27 -26.41
N GLU F 8 9.59 56.47 -25.40
CA GLU F 8 9.92 55.37 -24.53
C GLU F 8 8.73 54.93 -23.70
N LEU F 9 7.80 55.84 -23.41
CA LEU F 9 6.63 55.42 -22.65
C LEU F 9 5.83 54.39 -23.45
N ASP F 10 5.59 54.67 -24.72
CA ASP F 10 4.84 53.73 -25.54
C ASP F 10 5.63 52.47 -25.81
N ALA F 11 6.95 52.61 -25.96
CA ALA F 11 7.79 51.43 -26.12
C ALA F 11 7.65 50.50 -24.93
N LEU F 12 7.84 51.02 -23.72
CA LEU F 12 7.69 50.19 -22.54
C LEU F 12 6.27 49.71 -22.35
N VAL F 13 5.29 50.50 -22.82
CA VAL F 13 3.92 50.02 -22.82
C VAL F 13 3.83 48.74 -23.61
N ALA F 14 4.38 48.76 -24.83
CA ALA F 14 4.38 47.57 -25.66
C ALA F 14 5.12 46.44 -24.97
N ARG F 15 6.19 46.78 -24.24
CA ARG F 15 7.01 45.76 -23.61
C ARG F 15 6.26 45.04 -22.50
N VAL F 16 5.84 45.79 -21.49
CA VAL F 16 5.08 45.19 -20.39
C VAL F 16 3.79 44.59 -20.92
N LYS F 17 3.28 45.11 -22.04
CA LYS F 17 1.98 44.74 -22.58
C LYS F 17 2.05 43.36 -23.24
N ALA F 18 3.10 43.14 -24.01
CA ALA F 18 3.41 41.80 -24.49
C ALA F 18 3.75 40.86 -23.35
N ALA F 19 4.51 41.35 -22.37
CA ALA F 19 4.86 40.54 -21.21
C ALA F 19 3.61 40.06 -20.49
N GLN F 20 2.61 40.92 -20.37
CA GLN F 20 1.32 40.45 -19.85
C GLN F 20 0.68 39.46 -20.79
N ALA F 21 0.79 39.70 -22.10
CA ALA F 21 0.15 38.80 -23.05
C ALA F 21 0.56 37.35 -22.82
N GLU F 22 1.86 37.09 -22.74
CA GLU F 22 2.24 35.69 -22.54
C GLU F 22 2.37 35.35 -21.06
N PHE F 23 2.37 36.35 -20.17
CA PHE F 23 2.28 36.05 -18.74
C PHE F 23 0.94 35.44 -18.39
N ALA F 24 -0.14 35.94 -18.95
CA ALA F 24 -1.49 35.53 -18.57
C ALA F 24 -1.77 34.07 -18.84
N THR F 25 -0.79 33.35 -19.36
CA THR F 25 -0.94 31.97 -19.79
C THR F 25 -0.48 30.98 -18.74
N PHE F 26 -0.27 31.44 -17.51
CA PHE F 26 0.43 30.66 -16.51
C PHE F 26 -0.55 29.86 -15.67
N SER F 27 -0.07 28.73 -15.16
CA SER F 27 -0.89 27.88 -14.31
C SER F 27 -0.87 28.37 -12.87
N GLN F 28 -1.96 28.11 -12.16
CA GLN F 28 -2.14 28.66 -10.82
C GLN F 28 -1.03 28.20 -9.88
N GLU F 29 -0.75 26.91 -9.90
CA GLU F 29 0.21 26.30 -8.99
C GLU F 29 1.64 26.67 -9.31
N GLN F 30 1.88 27.51 -10.31
CA GLN F 30 3.21 28.07 -10.49
C GLN F 30 3.28 29.54 -10.17
N VAL F 31 2.20 30.29 -10.42
CA VAL F 31 2.17 31.67 -9.96
C VAL F 31 2.17 31.72 -8.45
N ASP F 32 1.69 30.66 -7.80
CA ASP F 32 1.69 30.62 -6.34
C ASP F 32 3.09 30.81 -5.78
N LYS F 33 4.08 30.14 -6.37
CA LYS F 33 5.44 30.25 -5.86
C LYS F 33 5.95 31.67 -5.99
N ILE F 34 5.71 32.29 -7.15
CA ILE F 34 6.07 33.68 -7.35
C ILE F 34 5.41 34.53 -6.27
N PHE F 35 4.15 34.23 -5.99
CA PHE F 35 3.43 34.91 -4.92
C PHE F 35 4.17 34.81 -3.59
N ARG F 36 4.48 33.59 -3.16
CA ARG F 36 5.07 33.43 -1.83
C ARG F 36 6.39 34.18 -1.77
N ALA F 37 7.21 34.00 -2.79
CA ALA F 37 8.52 34.60 -2.78
C ALA F 37 8.44 36.12 -2.80
N ALA F 38 7.55 36.67 -3.62
CA ALA F 38 7.41 38.11 -3.66
C ALA F 38 6.97 38.64 -2.32
N SER F 39 5.98 37.99 -1.70
CA SER F 39 5.52 38.41 -0.40
C SER F 39 6.65 38.40 0.60
N LEU F 40 7.40 37.31 0.65
CA LEU F 40 8.55 37.19 1.55
C LEU F 40 9.55 38.33 1.34
N ALA F 41 9.97 38.51 0.09
CA ALA F 41 11.10 39.38 -0.17
C ALA F 41 10.70 40.84 -0.03
N ALA F 42 9.43 41.13 -0.24
CA ALA F 42 8.92 42.44 0.16
C ALA F 42 8.83 42.51 1.68
N ASN F 43 8.61 41.36 2.32
CA ASN F 43 8.27 41.36 3.72
C ASN F 43 9.43 41.77 4.61
N GLN F 44 10.63 41.24 4.40
CA GLN F 44 11.62 41.51 5.45
C GLN F 44 12.05 42.97 5.45
N ALA F 45 12.41 43.53 4.29
CA ALA F 45 13.13 44.80 4.23
C ALA F 45 12.18 46.00 4.25
N ARG F 46 11.34 46.01 5.27
CA ARG F 46 10.44 47.14 5.50
C ARG F 46 11.21 48.35 6.01
N ILE F 47 12.19 48.10 6.88
CA ILE F 47 12.95 49.19 7.46
C ILE F 47 13.61 50.07 6.42
N PRO F 48 14.30 49.52 5.40
CA PRO F 48 14.91 50.42 4.41
C PRO F 48 13.92 51.35 3.77
N LEU F 49 12.89 50.81 3.12
CA LEU F 49 12.05 51.68 2.33
C LEU F 49 11.29 52.63 3.22
N ALA F 50 11.05 52.22 4.47
CA ALA F 50 10.53 53.16 5.46
C ALA F 50 11.52 54.31 5.69
N GLN F 51 12.80 53.98 5.81
CA GLN F 51 13.82 54.98 6.12
C GLN F 51 13.99 55.97 4.97
N MET F 52 14.10 55.44 3.76
CA MET F 52 14.31 56.31 2.61
C MET F 52 13.00 56.93 2.16
N ALA F 53 11.87 56.39 2.59
CA ALA F 53 10.63 57.16 2.54
C ALA F 53 10.70 58.33 3.52
N VAL F 54 11.28 58.11 4.70
CA VAL F 54 11.46 59.21 5.64
C VAL F 54 12.23 60.34 4.98
N GLU F 55 13.32 60.00 4.30
CA GLU F 55 14.10 61.07 3.68
C GLU F 55 13.36 61.68 2.49
N GLU F 56 12.73 60.87 1.63
CA GLU F 56 12.17 61.41 0.40
C GLU F 56 10.90 62.21 0.66
N SER F 57 9.93 61.62 1.38
CA SER F 57 8.65 62.29 1.57
C SER F 57 8.80 63.54 2.42
N GLY F 58 9.44 63.43 3.58
CA GLY F 58 9.76 64.60 4.36
C GLY F 58 9.26 64.64 5.77
N MET F 59 8.14 64.00 6.09
CA MET F 59 7.60 64.13 7.43
C MET F 59 7.66 62.78 8.14
N GLY F 60 7.07 62.75 9.33
CA GLY F 60 6.47 61.53 9.80
C GLY F 60 7.38 60.72 10.70
N ILE F 61 6.82 59.59 11.11
CA ILE F 61 7.35 58.76 12.19
C ILE F 61 7.76 57.45 11.56
N VAL F 62 8.89 56.89 12.00
CA VAL F 62 9.48 55.79 11.25
C VAL F 62 8.71 54.49 11.48
N GLU F 63 8.53 54.11 12.75
CA GLU F 63 7.99 52.78 13.04
C GLU F 63 6.54 52.66 12.60
N ASP F 64 5.76 53.74 12.71
CA ASP F 64 4.44 53.71 12.12
C ASP F 64 4.52 53.21 10.70
N LYS F 65 5.52 53.70 9.97
CA LYS F 65 5.74 53.38 8.58
C LYS F 65 6.19 51.92 8.43
N VAL F 66 7.14 51.50 9.26
CA VAL F 66 7.69 50.15 9.13
C VAL F 66 6.63 49.10 9.42
N ILE F 67 5.91 49.25 10.53
CA ILE F 67 4.88 48.27 10.85
C ILE F 67 3.63 48.47 10.02
N LYS F 68 3.43 49.62 9.37
CA LYS F 68 2.35 49.55 8.40
C LYS F 68 2.78 48.61 7.29
N ASN F 69 4.07 48.63 6.96
CA ASN F 69 4.56 47.68 5.98
C ASN F 69 4.39 46.25 6.46
N HIS F 70 4.81 45.98 7.69
CA HIS F 70 4.51 44.71 8.35
C HIS F 70 3.06 44.32 8.13
N PHE F 71 2.14 45.13 8.65
CA PHE F 71 0.72 44.82 8.65
C PHE F 71 0.21 44.66 7.23
N ALA F 72 0.62 45.55 6.32
CA ALA F 72 0.12 45.54 4.97
C ALA F 72 0.53 44.27 4.24
N SER F 73 1.82 43.95 4.26
CA SER F 73 2.27 42.74 3.60
C SER F 73 1.57 41.52 4.17
N GLU F 74 1.56 41.41 5.49
CA GLU F 74 1.06 40.19 6.10
C GLU F 74 -0.45 40.08 5.94
N PHE F 75 -1.15 41.20 6.05
CA PHE F 75 -2.56 41.26 5.70
C PHE F 75 -2.82 40.84 4.27
N ILE F 76 -1.98 41.29 3.35
CA ILE F 76 -2.24 40.95 1.96
C ILE F 76 -2.11 39.45 1.76
N TYR F 77 -1.05 38.87 2.30
CA TYR F 77 -0.83 37.45 2.07
C TYR F 77 -1.86 36.62 2.79
N ASN F 78 -2.04 36.88 4.08
CA ASN F 78 -3.03 36.14 4.85
C ASN F 78 -4.42 36.39 4.29
N LYS F 79 -4.62 37.55 3.70
CA LYS F 79 -5.85 38.01 3.13
C LYS F 79 -6.29 37.15 1.96
N TYR F 80 -5.34 36.73 1.11
CA TYR F 80 -5.63 36.01 -0.11
C TYR F 80 -4.70 34.81 -0.33
N LYS F 81 -4.61 33.88 0.62
CA LYS F 81 -3.68 32.74 0.50
C LYS F 81 -3.68 32.13 -0.88
N ASP F 82 -4.77 31.45 -1.25
CA ASP F 82 -4.84 30.79 -2.54
C ASP F 82 -6.33 30.74 -2.85
N GLU F 83 -6.78 31.58 -3.75
CA GLU F 83 -8.17 31.58 -4.13
C GLU F 83 -8.21 31.36 -5.63
N LYS F 84 -9.00 30.37 -6.04
CA LYS F 84 -8.93 29.87 -7.40
C LYS F 84 -9.16 31.00 -8.39
N THR F 85 -8.13 31.34 -9.15
CA THR F 85 -8.20 32.43 -10.11
C THR F 85 -7.71 32.02 -11.49
N CYS F 86 -7.38 30.76 -11.70
CA CYS F 86 -6.85 30.29 -12.97
C CYS F 86 -7.83 29.31 -13.59
N GLY F 87 -8.24 29.58 -14.81
CA GLY F 87 -9.07 28.65 -15.55
C GLY F 87 -10.47 28.43 -15.00
N ILE F 88 -10.89 27.16 -14.93
CA ILE F 88 -12.23 26.82 -14.50
C ILE F 88 -12.46 27.24 -13.07
N LEU F 89 -13.66 27.78 -12.80
CA LEU F 89 -14.05 28.15 -11.45
C LEU F 89 -15.01 27.09 -10.96
N GLU F 90 -16.02 26.75 -11.75
CA GLU F 90 -16.95 25.76 -11.24
C GLU F 90 -17.59 25.07 -12.41
N GLU F 91 -18.04 23.86 -12.14
CA GLU F 91 -18.54 23.12 -13.27
C GLU F 91 -19.94 22.63 -12.96
N ASP F 92 -20.76 22.57 -14.00
CA ASP F 92 -22.03 21.83 -13.91
C ASP F 92 -22.03 20.83 -15.06
N ASP F 93 -21.54 19.63 -14.77
CA ASP F 93 -21.58 18.57 -15.77
C ASP F 93 -23.01 18.16 -16.08
N ASN F 94 -23.92 18.32 -15.11
CA ASN F 94 -25.32 18.01 -15.34
C ASN F 94 -25.91 18.86 -16.45
N LEU F 95 -25.58 20.14 -16.47
CA LEU F 95 -26.00 21.04 -17.53
C LEU F 95 -24.83 21.51 -18.37
N GLY F 96 -23.63 21.00 -18.11
CA GLY F 96 -22.48 21.38 -18.90
C GLY F 96 -22.21 22.86 -18.91
N THR F 97 -22.44 23.54 -17.79
CA THR F 97 -22.14 24.95 -17.68
C THR F 97 -20.83 25.09 -16.93
N MET F 98 -19.78 25.46 -17.65
CA MET F 98 -18.47 25.75 -17.07
C MET F 98 -18.34 27.25 -16.83
N THR F 99 -18.04 27.62 -15.59
CA THR F 99 -17.76 29.01 -15.27
C THR F 99 -16.27 29.14 -15.01
N ILE F 100 -15.61 29.95 -15.83
CA ILE F 100 -14.19 30.23 -15.69
C ILE F 100 -14.01 31.73 -15.52
N ALA F 101 -12.76 32.15 -15.41
CA ALA F 101 -12.39 33.53 -15.21
C ALA F 101 -11.10 33.88 -15.95
N GLU F 102 -10.83 35.17 -16.06
CA GLU F 102 -9.69 35.59 -16.86
C GLU F 102 -9.20 36.98 -16.48
N PRO F 103 -7.90 37.24 -16.60
CA PRO F 103 -7.39 38.58 -16.27
C PRO F 103 -7.99 39.68 -17.11
N VAL F 104 -7.78 40.92 -16.70
CA VAL F 104 -8.40 42.06 -17.36
C VAL F 104 -7.45 42.68 -18.38
N GLY F 105 -6.30 43.17 -17.93
CA GLY F 105 -5.40 43.83 -18.84
C GLY F 105 -4.41 44.81 -18.22
N ILE F 106 -4.32 45.99 -18.81
CA ILE F 106 -3.30 46.97 -18.42
C ILE F 106 -3.94 48.01 -17.52
N ILE F 107 -3.30 48.25 -16.37
CA ILE F 107 -3.86 49.15 -15.38
C ILE F 107 -2.78 50.13 -14.93
N CYS F 108 -3.20 51.36 -14.67
CA CYS F 108 -2.35 52.38 -14.10
C CYS F 108 -2.60 52.49 -12.61
N GLY F 109 -1.55 52.89 -11.88
CA GLY F 109 -1.65 53.08 -10.45
C GLY F 109 -1.15 54.44 -10.03
N ILE F 110 -1.94 55.15 -9.23
CA ILE F 110 -1.60 56.49 -8.79
C ILE F 110 -1.17 56.44 -7.34
N VAL F 111 0.00 56.99 -7.06
CA VAL F 111 0.65 56.85 -5.77
C VAL F 111 0.66 58.22 -5.07
N PRO F 112 -0.06 58.38 -3.97
CA PRO F 112 0.04 59.62 -3.20
C PRO F 112 1.23 59.61 -2.26
N THR F 113 1.64 60.82 -1.88
CA THR F 113 2.83 60.97 -1.05
C THR F 113 2.63 60.46 0.37
N THR F 114 1.38 60.40 0.84
CA THR F 114 1.14 60.03 2.22
C THR F 114 1.58 58.60 2.51
N ASN F 115 1.32 57.68 1.60
CA ASN F 115 1.68 56.27 1.77
C ASN F 115 2.33 55.81 0.48
N PRO F 116 3.47 56.39 0.12
CA PRO F 116 4.05 56.09 -1.19
C PRO F 116 4.47 54.66 -1.34
N THR F 117 4.73 53.97 -0.23
CA THR F 117 5.30 52.64 -0.26
C THR F 117 4.26 51.54 -0.19
N SER F 118 3.47 51.52 0.88
CA SER F 118 2.53 50.43 1.10
C SER F 118 1.57 50.27 -0.06
N THR F 119 1.07 51.38 -0.58
CA THR F 119 0.13 51.32 -1.69
C THR F 119 0.73 50.65 -2.91
N ALA F 120 1.99 50.97 -3.22
CA ALA F 120 2.61 50.43 -4.41
C ALA F 120 2.72 48.92 -4.34
N ILE F 121 3.30 48.42 -3.26
CA ILE F 121 3.46 46.98 -3.11
C ILE F 121 2.11 46.31 -3.07
N PHE F 122 1.15 46.93 -2.39
CA PHE F 122 -0.22 46.47 -2.37
C PHE F 122 -0.74 46.20 -3.77
N LYS F 123 -0.78 47.25 -4.59
CA LYS F 123 -1.33 47.14 -5.93
C LYS F 123 -0.55 46.12 -6.75
N SER F 124 0.77 46.17 -6.69
CA SER F 124 1.57 45.29 -7.53
C SER F 124 1.34 43.83 -7.18
N LEU F 125 1.32 43.54 -5.90
CA LEU F 125 1.14 42.17 -5.43
C LEU F 125 -0.23 41.63 -5.82
N ILE F 126 -1.28 42.39 -5.55
CA ILE F 126 -2.58 41.92 -5.95
C ILE F 126 -2.68 41.83 -7.47
N SER F 127 -1.91 42.64 -8.19
CA SER F 127 -1.92 42.54 -9.63
C SER F 127 -1.36 41.21 -10.09
N LEU F 128 -0.19 40.85 -9.59
CA LEU F 128 0.37 39.57 -9.96
C LEU F 128 -0.55 38.44 -9.53
N LYS F 129 -1.30 38.63 -8.44
CA LYS F 129 -2.46 37.78 -8.24
C LYS F 129 -3.32 37.67 -9.48
N THR F 130 -3.84 38.78 -9.96
CA THR F 130 -4.77 38.77 -11.09
C THR F 130 -4.10 38.50 -12.42
N ARG F 131 -2.83 38.10 -12.43
CA ARG F 131 -2.08 37.97 -13.69
C ARG F 131 -2.26 39.21 -14.55
N ASN F 132 -1.84 40.35 -14.01
CA ASN F 132 -2.07 41.66 -14.62
C ASN F 132 -0.73 42.30 -14.97
N GLY F 133 -0.80 43.50 -15.53
CA GLY F 133 0.35 44.36 -15.67
C GLY F 133 -0.01 45.72 -15.13
N ILE F 134 0.86 46.35 -14.33
CA ILE F 134 0.47 47.56 -13.64
C ILE F 134 1.46 48.66 -13.96
N ILE F 135 0.93 49.87 -14.11
CA ILE F 135 1.68 51.07 -14.41
C ILE F 135 1.53 52.01 -13.23
N PHE F 136 2.62 52.67 -12.87
CA PHE F 136 2.64 53.51 -11.67
C PHE F 136 2.81 54.98 -12.02
N SER F 137 2.10 55.82 -11.30
CA SER F 137 2.26 57.26 -11.40
C SER F 137 2.70 57.78 -10.04
N PRO F 138 3.98 57.67 -9.72
CA PRO F 138 4.48 58.20 -8.45
C PRO F 138 4.38 59.72 -8.41
N HIS F 139 4.30 60.23 -7.22
CA HIS F 139 4.33 61.69 -7.10
C HIS F 139 5.76 62.20 -7.17
N PRO F 140 5.99 63.36 -7.79
CA PRO F 140 7.36 63.89 -7.85
C PRO F 140 8.00 64.11 -6.49
N ARG F 141 7.22 64.45 -5.46
CA ARG F 141 7.67 64.24 -4.09
C ARG F 141 8.26 62.86 -3.88
N ALA F 142 7.42 61.84 -3.88
CA ALA F 142 7.81 60.53 -3.39
C ALA F 142 7.75 59.59 -4.58
N LYS F 143 8.86 59.47 -5.26
CA LYS F 143 8.98 58.59 -6.39
C LYS F 143 10.19 57.67 -6.28
N ASN F 144 11.30 58.19 -5.76
CA ASN F 144 12.53 57.41 -5.73
C ASN F 144 12.37 56.16 -4.86
N SER F 145 11.77 56.32 -3.68
CA SER F 145 11.51 55.15 -2.85
C SER F 145 10.51 54.23 -3.53
N THR F 146 9.51 54.81 -4.19
CA THR F 146 8.53 53.99 -4.91
C THR F 146 9.21 53.20 -6.02
N ASN F 147 10.08 53.85 -6.78
CA ASN F 147 10.77 53.15 -7.86
C ASN F 147 11.72 52.11 -7.30
N ALA F 148 12.29 52.38 -6.12
CA ALA F 148 13.11 51.38 -5.46
C ALA F 148 12.30 50.16 -5.11
N ALA F 149 11.10 50.36 -4.58
CA ALA F 149 10.20 49.24 -4.33
C ALA F 149 9.87 48.52 -5.62
N ALA F 150 9.65 49.27 -6.70
CA ALA F 150 9.36 48.65 -7.98
C ALA F 150 10.49 47.72 -8.38
N LYS F 151 11.72 48.21 -8.40
CA LYS F 151 12.89 47.35 -8.53
C LYS F 151 12.79 46.12 -7.66
N LEU F 152 12.65 46.32 -6.36
CA LEU F 152 12.85 45.23 -5.41
C LEU F 152 11.81 44.13 -5.62
N VAL F 153 10.56 44.52 -5.75
CA VAL F 153 9.50 43.54 -5.90
C VAL F 153 9.61 42.85 -7.25
N LEU F 154 9.91 43.59 -8.32
CA LEU F 154 10.12 42.94 -9.59
C LEU F 154 11.29 41.98 -9.53
N ASP F 155 12.32 42.33 -8.77
CA ASP F 155 13.48 41.45 -8.70
C ASP F 155 13.11 40.15 -8.01
N ALA F 156 12.36 40.25 -6.91
CA ALA F 156 11.85 39.05 -6.27
C ALA F 156 11.06 38.22 -7.27
N ALA F 157 10.16 38.86 -8.01
CA ALA F 157 9.31 38.14 -8.95
C ALA F 157 10.15 37.47 -10.04
N ILE F 158 11.12 38.19 -10.60
CA ILE F 158 11.97 37.63 -11.64
C ILE F 158 12.71 36.42 -11.11
N ALA F 159 13.20 36.51 -9.88
CA ALA F 159 13.81 35.31 -9.31
C ALA F 159 12.71 34.40 -8.80
N ALA F 160 11.68 34.22 -9.61
CA ALA F 160 10.68 33.19 -9.38
C ALA F 160 10.12 32.62 -10.67
N GLY F 161 10.60 33.06 -11.84
CA GLY F 161 10.07 32.63 -13.11
C GLY F 161 9.13 33.62 -13.79
N ALA F 162 9.17 34.90 -13.42
CA ALA F 162 8.27 35.87 -14.01
C ALA F 162 8.78 36.34 -15.37
N PRO F 163 7.89 36.85 -16.22
CA PRO F 163 8.34 37.52 -17.45
C PRO F 163 9.18 38.74 -17.10
N LYS F 164 10.01 39.13 -18.06
CA LYS F 164 11.16 39.98 -17.75
C LYS F 164 10.76 41.25 -17.01
N ASP F 165 9.54 41.74 -17.24
CA ASP F 165 8.99 42.80 -16.41
C ASP F 165 7.48 42.65 -16.39
N ILE F 166 6.87 43.20 -15.34
CA ILE F 166 5.42 43.32 -15.24
C ILE F 166 5.10 44.72 -14.73
N ILE F 167 6.12 45.38 -14.19
CA ILE F 167 6.01 46.74 -13.68
C ILE F 167 6.29 47.72 -14.80
N GLY F 168 5.55 48.82 -14.79
CA GLY F 168 6.01 50.05 -15.39
C GLY F 168 5.81 51.16 -14.39
N TRP F 169 6.70 52.14 -14.45
CA TRP F 169 6.61 53.29 -13.56
C TRP F 169 7.30 54.46 -14.23
N ILE F 170 7.00 55.65 -13.74
CA ILE F 170 7.42 56.87 -14.40
C ILE F 170 8.63 57.44 -13.68
N ASP F 171 9.61 57.89 -14.45
CA ASP F 171 10.70 58.70 -13.92
C ASP F 171 10.34 60.16 -14.20
N GLN F 172 10.73 61.05 -13.27
CA GLN F 172 10.28 62.44 -13.23
C GLN F 172 8.83 62.52 -13.70
N PRO F 173 7.88 62.04 -12.90
CA PRO F 173 6.48 62.12 -13.31
C PRO F 173 6.03 63.55 -13.54
N SER F 174 5.20 63.73 -14.56
CA SER F 174 4.67 65.03 -14.93
C SER F 174 3.21 64.89 -15.32
N VAL F 175 2.48 65.99 -15.24
CA VAL F 175 1.02 65.93 -15.38
C VAL F 175 0.64 65.46 -16.78
N GLU F 176 1.28 65.99 -17.81
CA GLU F 176 0.89 65.65 -19.17
C GLU F 176 1.16 64.17 -19.46
N LEU F 177 2.28 63.65 -18.96
CA LEU F 177 2.55 62.23 -19.09
C LEU F 177 1.45 61.41 -18.42
N SER F 178 1.04 61.84 -17.23
CA SER F 178 0.00 61.15 -16.49
C SER F 178 -1.31 61.15 -17.24
N ASN F 179 -1.68 62.28 -17.84
CA ASN F 179 -2.90 62.33 -18.60
C ASN F 179 -2.79 61.48 -19.87
N ALA F 180 -1.61 61.46 -20.46
CA ALA F 180 -1.41 60.70 -21.69
C ALA F 180 -1.61 59.21 -21.44
N LEU F 181 -0.97 58.67 -20.40
CA LEU F 181 -1.15 57.25 -20.16
C LEU F 181 -2.53 56.99 -19.57
N MET F 182 -3.03 57.91 -18.76
CA MET F 182 -4.34 57.75 -18.17
C MET F 182 -5.41 57.78 -19.25
N LYS F 183 -5.15 58.48 -20.34
CA LYS F 183 -5.99 58.45 -21.52
C LYS F 183 -5.45 57.55 -22.61
N HIS F 184 -4.39 56.78 -22.30
CA HIS F 184 -3.87 55.83 -23.25
C HIS F 184 -4.93 54.78 -23.59
N ASP F 185 -4.92 54.33 -24.85
CA ASP F 185 -5.91 53.35 -25.28
C ASP F 185 -5.64 51.98 -24.65
N GLY F 186 -4.39 51.55 -24.66
CA GLY F 186 -4.05 50.21 -24.25
C GLY F 186 -4.36 49.86 -22.81
N ILE F 187 -4.38 50.84 -21.93
CA ILE F 187 -4.65 50.62 -20.52
C ILE F 187 -6.08 50.12 -20.37
N ALA F 188 -6.27 49.17 -19.46
CA ALA F 188 -7.58 48.61 -19.20
C ALA F 188 -8.27 49.26 -18.01
N LEU F 189 -7.52 49.72 -17.02
CA LEU F 189 -8.12 50.29 -15.83
C LEU F 189 -7.15 51.24 -15.15
N ILE F 190 -7.67 51.98 -14.18
CA ILE F 190 -6.88 52.93 -13.40
C ILE F 190 -7.28 52.82 -11.94
N LEU F 191 -6.30 52.92 -11.05
CA LEU F 191 -6.52 52.89 -9.61
C LEU F 191 -5.89 54.14 -9.00
N ALA F 192 -6.72 55.08 -8.60
CA ALA F 192 -6.28 56.34 -8.02
C ALA F 192 -6.73 56.44 -6.58
N THR F 193 -5.99 57.22 -5.79
CA THR F 193 -6.34 57.47 -4.41
C THR F 193 -5.62 58.74 -3.96
N GLY F 194 -6.17 59.36 -2.91
CA GLY F 194 -5.54 60.55 -2.37
C GLY F 194 -6.40 61.79 -2.43
N GLY F 195 -5.88 62.83 -3.07
CA GLY F 195 -6.57 64.10 -3.15
C GLY F 195 -7.92 63.98 -3.82
N PRO F 196 -8.93 64.67 -3.28
CA PRO F 196 -10.23 64.67 -3.95
C PRO F 196 -10.14 65.14 -5.37
N GLY F 197 -9.34 66.18 -5.62
CA GLY F 197 -9.20 66.70 -6.96
C GLY F 197 -8.67 65.67 -7.94
N MET F 198 -7.86 64.74 -7.43
CA MET F 198 -7.24 63.74 -8.28
C MET F 198 -8.26 62.75 -8.83
N VAL F 199 -9.07 62.16 -7.96
CA VAL F 199 -9.98 61.11 -8.38
C VAL F 199 -11.08 61.69 -9.25
N LYS F 200 -11.30 63.01 -9.21
CA LYS F 200 -12.37 63.54 -10.02
C LYS F 200 -11.94 63.60 -11.48
N ALA F 201 -10.70 64.02 -11.71
CA ALA F 201 -10.11 63.86 -13.04
C ALA F 201 -10.05 62.39 -13.43
N ALA F 202 -9.83 61.52 -12.44
CA ALA F 202 -9.85 60.08 -12.72
C ALA F 202 -11.20 59.65 -13.26
N TYR F 203 -12.29 60.04 -12.60
CA TYR F 203 -13.62 59.71 -13.07
C TYR F 203 -13.90 60.34 -14.43
N SER F 204 -13.31 61.52 -14.67
CA SER F 204 -13.44 62.19 -15.96
C SER F 204 -12.51 61.56 -16.99
N SER F 205 -12.81 60.30 -17.30
CA SER F 205 -12.01 59.55 -18.26
C SER F 205 -12.83 58.76 -19.28
N GLY F 206 -14.13 58.58 -19.06
CA GLY F 206 -14.90 57.72 -19.94
C GLY F 206 -14.47 56.27 -19.86
N LYS F 207 -13.72 55.91 -18.84
CA LYS F 207 -13.14 54.58 -18.68
C LYS F 207 -13.45 54.11 -17.27
N PRO F 208 -13.45 52.79 -17.04
CA PRO F 208 -13.73 52.29 -15.70
C PRO F 208 -12.70 52.80 -14.71
N ALA F 209 -13.17 53.21 -13.54
CA ALA F 209 -12.29 53.83 -12.55
C ALA F 209 -12.93 53.76 -11.18
N ILE F 210 -12.12 53.49 -10.18
CA ILE F 210 -12.55 53.49 -8.78
C ILE F 210 -11.50 54.18 -7.95
N GLY F 211 -11.94 55.09 -7.09
CA GLY F 211 -11.00 55.88 -6.30
C GLY F 211 -11.17 55.67 -4.81
N VAL F 212 -10.06 55.41 -4.13
CA VAL F 212 -10.04 55.22 -2.69
C VAL F 212 -9.80 56.58 -2.04
N GLY F 213 -10.82 57.09 -1.36
CA GLY F 213 -10.69 58.33 -0.64
C GLY F 213 -11.45 58.29 0.66
N ALA F 214 -11.59 59.44 1.31
CA ALA F 214 -12.34 59.54 2.55
C ALA F 214 -12.87 60.95 2.66
N GLY F 215 -13.83 61.13 3.57
CA GLY F 215 -14.32 62.43 3.94
C GLY F 215 -13.95 62.78 5.38
N ASN F 216 -14.48 63.91 5.83
CA ASN F 216 -14.34 64.28 7.23
C ASN F 216 -14.94 63.21 8.12
N VAL F 217 -14.14 62.68 9.04
CA VAL F 217 -14.53 61.54 9.86
C VAL F 217 -15.01 62.09 11.20
N PRO F 218 -16.32 62.04 11.48
CA PRO F 218 -16.83 62.59 12.74
C PRO F 218 -16.98 61.52 13.81
N VAL F 219 -16.75 61.96 15.04
CA VAL F 219 -17.10 61.20 16.22
C VAL F 219 -17.96 62.08 17.12
N VAL F 220 -18.93 61.47 17.79
CA VAL F 220 -19.76 62.16 18.76
C VAL F 220 -19.69 61.42 20.08
N ILE F 221 -19.76 62.19 21.16
CA ILE F 221 -19.64 61.73 22.53
C ILE F 221 -20.85 62.23 23.30
N ASP F 222 -21.54 61.31 23.96
CA ASP F 222 -22.69 61.68 24.77
C ASP F 222 -22.29 61.72 26.24
N GLU F 223 -23.26 61.98 27.10
CA GLU F 223 -23.01 62.15 28.52
C GLU F 223 -22.70 60.83 29.21
N THR F 224 -23.24 59.73 28.70
CA THR F 224 -23.17 58.47 29.41
C THR F 224 -21.89 57.68 29.13
N ALA F 225 -20.98 58.22 28.33
CA ALA F 225 -19.69 57.59 28.12
C ALA F 225 -18.67 58.10 29.14
N ASP F 226 -17.67 57.27 29.42
CA ASP F 226 -16.55 57.70 30.25
C ASP F 226 -15.54 58.47 29.41
N ILE F 227 -15.15 59.64 29.92
CA ILE F 227 -14.43 60.61 29.10
C ILE F 227 -13.05 60.09 28.73
N LYS F 228 -12.31 59.63 29.73
CA LYS F 228 -10.89 59.37 29.56
C LYS F 228 -10.64 58.26 28.55
N ARG F 229 -11.61 57.37 28.39
CA ARG F 229 -11.48 56.28 27.43
C ARG F 229 -11.31 56.81 26.01
N ALA F 230 -12.32 57.52 25.52
CA ALA F 230 -12.26 58.13 24.20
C ALA F 230 -11.10 59.10 24.13
N VAL F 231 -10.94 59.93 25.15
CA VAL F 231 -9.78 60.83 25.20
C VAL F 231 -8.52 60.07 24.83
N ALA F 232 -8.29 58.95 25.52
CA ALA F 232 -7.15 58.10 25.22
C ALA F 232 -7.14 57.68 23.77
N SER F 233 -8.16 56.92 23.37
CA SER F 233 -8.12 56.27 22.07
C SER F 233 -7.80 57.27 20.98
N ILE F 234 -8.41 58.45 21.06
CA ILE F 234 -8.18 59.34 19.94
C ILE F 234 -6.93 60.17 20.15
N LEU F 235 -6.33 60.21 21.36
CA LEU F 235 -4.94 60.69 21.33
C LEU F 235 -4.05 59.74 20.55
N MET F 236 -4.19 58.43 20.80
CA MET F 236 -3.37 57.50 20.03
C MET F 236 -3.60 57.66 18.52
N SER F 237 -4.86 57.73 18.10
CA SER F 237 -5.12 57.85 16.67
C SER F 237 -4.71 59.23 16.15
N LYS F 238 -4.95 60.29 16.93
CA LYS F 238 -4.64 61.65 16.50
C LYS F 238 -3.16 61.78 16.24
N THR F 239 -2.35 61.23 17.14
CA THR F 239 -0.90 61.31 17.04
C THR F 239 -0.32 60.35 16.01
N PHE F 240 -1.06 59.33 15.57
CA PHE F 240 -0.45 58.42 14.61
C PHE F 240 0.19 59.10 13.40
N ASP F 241 1.52 59.08 13.35
CA ASP F 241 2.36 59.70 12.33
C ASP F 241 1.72 61.03 11.90
N ASN F 242 1.45 61.87 12.91
CA ASN F 242 0.84 63.18 12.72
C ASN F 242 -0.52 63.08 12.03
N GLY F 243 -1.22 61.97 12.25
CA GLY F 243 -2.57 61.83 11.75
C GLY F 243 -2.72 61.92 10.25
N VAL F 244 -1.90 61.18 9.51
CA VAL F 244 -1.91 61.22 8.06
C VAL F 244 -2.59 60.00 7.45
N VAL F 245 -3.19 59.13 8.26
CA VAL F 245 -3.81 57.93 7.74
C VAL F 245 -5.21 58.25 7.21
N CYS F 246 -5.67 57.44 6.26
CA CYS F 246 -7.04 57.57 5.78
C CYS F 246 -8.02 57.34 6.92
N ALA F 247 -9.22 57.90 6.76
CA ALA F 247 -10.32 57.71 7.69
C ALA F 247 -9.90 58.00 9.14
N SER F 248 -9.28 59.14 9.34
CA SER F 248 -8.87 59.55 10.68
C SER F 248 -9.75 60.70 11.18
N GLU F 249 -9.65 60.96 12.47
CA GLU F 249 -10.38 62.04 13.12
C GLU F 249 -10.40 63.33 12.31
N GLN F 250 -11.59 63.92 12.19
CA GLN F 250 -11.70 65.28 11.68
C GLN F 250 -12.62 66.18 12.49
N ALA F 251 -13.57 65.64 13.24
CA ALA F 251 -14.50 66.49 13.97
C ALA F 251 -14.88 65.84 15.29
N ALA F 252 -14.81 66.63 16.35
CA ALA F 252 -15.15 66.17 17.69
C ALA F 252 -16.47 66.80 18.09
N ILE F 253 -17.46 65.98 18.40
CA ILE F 253 -18.80 66.44 18.75
C ILE F 253 -19.07 66.06 20.19
N VAL F 254 -19.36 67.06 21.02
CA VAL F 254 -19.51 66.88 22.45
C VAL F 254 -20.88 67.39 22.87
N VAL F 255 -21.64 66.54 23.56
CA VAL F 255 -22.94 66.96 24.05
C VAL F 255 -22.78 67.93 25.22
N SER F 256 -23.90 68.51 25.63
CA SER F 256 -23.90 69.80 26.33
C SER F 256 -23.11 69.76 27.64
N GLU F 257 -23.62 69.05 28.64
CA GLU F 257 -23.16 69.27 30.01
C GLU F 257 -21.95 68.42 30.38
N VAL F 258 -21.35 67.73 29.41
CA VAL F 258 -20.12 67.00 29.73
C VAL F 258 -18.95 67.70 29.05
N TYR F 259 -19.14 68.96 28.68
CA TYR F 259 -18.33 69.61 27.66
C TYR F 259 -17.01 70.14 28.22
N ASP F 260 -17.09 71.08 29.17
CA ASP F 260 -15.88 71.73 29.63
C ASP F 260 -14.99 70.77 30.42
N GLU F 261 -15.58 69.75 31.02
CA GLU F 261 -14.76 68.75 31.69
C GLU F 261 -13.96 67.93 30.69
N VAL F 262 -14.56 67.54 29.58
CA VAL F 262 -13.76 66.92 28.54
C VAL F 262 -12.67 67.88 28.09
N LYS F 263 -13.00 69.17 28.03
CA LYS F 263 -12.02 70.12 27.55
C LYS F 263 -10.82 70.21 28.46
N GLU F 264 -11.05 70.28 29.77
CA GLU F 264 -9.89 70.33 30.65
C GLU F 264 -9.16 68.99 30.61
N ARG F 265 -9.88 67.90 30.33
CA ARG F 265 -9.19 66.62 30.16
C ARG F 265 -8.16 66.67 29.04
N PHE F 266 -8.52 67.24 27.89
CA PHE F 266 -7.47 67.61 26.95
C PHE F 266 -6.44 68.54 27.57
N ALA F 267 -6.90 69.57 28.29
CA ALA F 267 -5.92 70.46 28.92
C ALA F 267 -5.07 69.72 29.95
N THR F 268 -5.62 68.67 30.57
CA THR F 268 -4.80 67.84 31.43
C THR F 268 -3.78 67.02 30.66
N HIS F 269 -3.77 67.15 29.34
CA HIS F 269 -2.84 66.40 28.51
C HIS F 269 -2.22 67.36 27.52
N LYS F 270 -1.49 66.81 26.56
CA LYS F 270 -0.66 67.63 25.69
C LYS F 270 -1.48 68.43 24.69
N ALA F 271 -2.77 68.15 24.57
CA ALA F 271 -3.61 68.92 23.65
C ALA F 271 -3.73 70.36 24.12
N HIS F 272 -3.57 71.29 23.18
CA HIS F 272 -3.70 72.72 23.45
C HIS F 272 -5.05 73.21 22.96
N VAL F 273 -5.95 73.53 23.89
CA VAL F 273 -7.18 74.16 23.49
C VAL F 273 -6.89 75.55 22.93
N LEU F 274 -7.84 76.07 22.16
CA LEU F 274 -7.62 77.35 21.50
C LEU F 274 -8.95 78.03 21.22
N SER F 275 -9.09 79.30 21.63
CA SER F 275 -10.33 80.01 21.38
C SER F 275 -10.14 81.47 20.96
N LYS F 276 -8.97 81.85 20.48
CA LYS F 276 -8.73 83.27 20.19
C LYS F 276 -8.36 83.49 18.75
N ALA F 277 -7.86 84.69 18.43
CA ALA F 277 -7.40 85.01 17.09
C ALA F 277 -6.47 83.95 16.53
N ASP F 278 -5.86 83.13 17.39
CA ASP F 278 -5.10 82.00 16.91
C ASP F 278 -5.96 81.03 16.11
N ALA F 279 -7.28 81.09 16.28
CA ALA F 279 -8.17 80.39 15.35
C ALA F 279 -7.86 80.79 13.92
N ASP F 280 -7.96 82.09 13.63
CA ASP F 280 -7.58 82.59 12.30
C ASP F 280 -6.11 82.35 12.02
N LYS F 281 -5.29 82.48 13.07
CA LYS F 281 -3.84 82.37 12.90
C LYS F 281 -3.44 81.00 12.40
N VAL F 282 -4.25 79.98 12.68
CA VAL F 282 -4.00 78.67 12.12
C VAL F 282 -4.85 78.42 10.89
N ARG F 283 -6.03 79.05 10.82
CA ARG F 283 -6.94 78.82 9.70
C ARG F 283 -6.40 79.44 8.42
N LYS F 284 -5.50 80.41 8.54
CA LYS F 284 -4.84 80.94 7.35
C LYS F 284 -4.13 79.83 6.60
N VAL F 285 -3.15 79.20 7.24
CA VAL F 285 -2.37 78.14 6.64
C VAL F 285 -3.16 76.86 6.49
N LEU F 286 -4.21 76.69 7.31
CA LEU F 286 -5.07 75.52 7.15
C LEU F 286 -5.62 75.45 5.73
N LEU F 287 -6.22 76.52 5.27
CA LEU F 287 -6.82 76.60 3.94
C LEU F 287 -6.38 77.92 3.35
N ILE F 288 -5.22 77.92 2.70
CA ILE F 288 -4.71 79.15 2.12
C ILE F 288 -5.42 79.47 0.82
N ASP F 289 -5.36 78.54 -0.13
CA ASP F 289 -5.91 78.74 -1.46
C ASP F 289 -7.36 78.33 -1.56
N GLY F 290 -7.98 77.96 -0.44
CA GLY F 290 -9.24 77.26 -0.51
C GLY F 290 -9.11 75.82 -0.92
N ALA F 291 -7.89 75.29 -1.01
CA ALA F 291 -7.65 73.95 -1.49
C ALA F 291 -6.62 73.25 -0.62
N LEU F 292 -6.73 73.42 0.70
CA LEU F 292 -6.06 72.56 1.68
C LEU F 292 -4.54 72.63 1.52
N ASN F 293 -4.00 73.79 1.89
CA ASN F 293 -2.56 74.07 1.83
C ASN F 293 -1.72 72.85 2.17
N ALA F 294 -0.72 72.58 1.34
CA ALA F 294 -0.11 71.25 1.25
C ALA F 294 1.14 71.07 2.11
N LYS F 295 1.49 72.04 2.93
CA LYS F 295 2.50 71.81 3.96
C LYS F 295 2.03 72.17 5.36
N ILE F 296 0.89 71.61 5.77
CA ILE F 296 0.63 71.26 7.15
C ILE F 296 0.76 69.76 7.36
N VAL F 297 1.17 69.04 6.32
CA VAL F 297 0.98 67.59 6.25
C VAL F 297 2.00 66.92 7.14
N GLY F 298 1.51 66.11 8.08
CA GLY F 298 2.42 65.37 8.93
C GLY F 298 3.37 66.26 9.69
N GLN F 299 2.90 67.41 10.13
CA GLN F 299 3.91 68.24 10.75
C GLN F 299 3.66 68.35 12.24
N PRO F 300 4.70 68.44 13.05
CA PRO F 300 4.51 68.41 14.51
C PRO F 300 3.74 69.62 15.01
N ALA F 301 3.12 69.44 16.18
CA ALA F 301 2.24 70.47 16.71
C ALA F 301 3.00 71.76 16.99
N ALA F 302 4.19 71.67 17.58
CA ALA F 302 4.98 72.87 17.81
C ALA F 302 5.33 73.54 16.49
N ALA F 303 5.69 72.74 15.49
CA ALA F 303 6.04 73.27 14.19
C ALA F 303 4.88 74.01 13.56
N ILE F 304 3.69 73.40 13.58
CA ILE F 304 2.54 74.04 12.94
C ILE F 304 2.05 75.22 13.76
N ALA F 305 2.34 75.24 15.05
CA ALA F 305 1.96 76.39 15.86
C ALA F 305 2.80 77.60 15.51
N GLU F 306 4.13 77.45 15.56
CA GLU F 306 4.98 78.59 15.22
C GLU F 306 4.85 78.94 13.74
N MET F 307 4.72 77.93 12.88
CA MET F 307 4.60 78.14 11.46
C MET F 307 3.19 78.60 11.09
N ALA F 308 2.28 78.57 12.06
CA ALA F 308 1.07 79.37 12.00
C ALA F 308 1.25 80.72 12.66
N GLY F 309 2.31 80.90 13.42
CA GLY F 309 2.65 82.19 13.99
C GLY F 309 2.54 82.34 15.49
N VAL F 310 2.32 81.25 16.23
CA VAL F 310 2.18 81.33 17.69
C VAL F 310 3.10 80.31 18.33
N LYS F 311 3.60 80.64 19.52
CA LYS F 311 4.54 79.75 20.19
C LYS F 311 3.79 78.92 21.22
N VAL F 312 4.14 77.64 21.30
CA VAL F 312 3.36 76.65 22.05
C VAL F 312 4.31 75.82 22.91
N PRO F 313 3.82 75.35 24.06
CA PRO F 313 4.61 74.37 24.83
C PRO F 313 4.97 73.15 23.98
N ALA F 314 6.23 72.71 24.10
CA ALA F 314 6.84 71.90 23.07
C ALA F 314 6.23 70.51 22.95
N ASP F 315 6.06 69.81 24.07
CA ASP F 315 5.62 68.43 24.03
C ASP F 315 4.16 68.29 23.62
N THR F 316 3.46 69.39 23.41
CA THR F 316 2.07 69.36 22.98
C THR F 316 1.93 68.52 21.72
N LYS F 317 0.74 68.01 21.51
CA LYS F 317 0.55 67.00 20.49
C LYS F 317 -0.44 67.42 19.41
N VAL F 318 -1.53 68.07 19.80
CA VAL F 318 -2.59 68.44 18.90
C VAL F 318 -3.16 69.76 19.38
N LEU F 319 -3.56 70.62 18.45
CA LEU F 319 -4.23 71.86 18.77
C LEU F 319 -5.72 71.69 18.54
N VAL F 320 -6.53 72.29 19.40
CA VAL F 320 -7.98 72.07 19.48
C VAL F 320 -8.69 73.37 19.17
N GLY F 321 -9.60 73.35 18.19
CA GLY F 321 -10.28 74.55 17.76
C GLY F 321 -11.72 74.61 18.25
N GLU F 322 -12.14 75.82 18.65
CA GLU F 322 -13.49 76.08 19.12
C GLU F 322 -14.37 76.80 18.13
N GLY F 323 -13.79 77.63 17.26
CA GLY F 323 -14.59 78.49 16.40
C GLY F 323 -15.34 77.68 15.37
N LEU F 324 -16.20 76.79 15.86
CA LEU F 324 -16.83 75.75 15.06
C LEU F 324 -18.32 75.65 15.36
N GLY F 325 -18.88 76.64 16.06
CA GLY F 325 -20.31 76.67 16.26
C GLY F 325 -21.09 76.73 14.97
N LYS F 326 -20.49 77.29 13.94
CA LYS F 326 -21.03 77.26 12.58
C LYS F 326 -20.71 75.93 11.92
N VAL F 327 -21.63 75.44 11.11
CA VAL F 327 -21.51 74.15 10.43
C VAL F 327 -21.72 74.40 8.95
N SER F 328 -20.64 74.39 8.17
CA SER F 328 -20.72 74.53 6.72
C SER F 328 -19.35 74.25 6.11
N TYR F 329 -19.31 74.32 4.78
CA TYR F 329 -18.05 74.10 4.07
C TYR F 329 -17.00 75.12 4.45
N ASP F 330 -17.39 76.39 4.60
CA ASP F 330 -16.42 77.47 4.74
C ASP F 330 -15.51 77.29 5.94
N ASP F 331 -15.92 76.50 6.94
CA ASP F 331 -15.05 76.20 8.06
C ASP F 331 -13.90 75.33 7.59
N GLU F 332 -12.68 75.73 7.89
CA GLU F 332 -11.53 74.90 7.54
C GLU F 332 -11.46 73.68 8.43
N PHE F 333 -11.93 73.80 9.67
CA PHE F 333 -12.04 72.63 10.53
C PHE F 333 -13.03 71.63 9.97
N ALA F 334 -14.03 72.10 9.22
CA ALA F 334 -14.99 71.20 8.62
C ALA F 334 -14.32 70.26 7.62
N HIS F 335 -13.45 70.79 6.76
CA HIS F 335 -12.70 69.93 5.87
C HIS F 335 -11.76 69.05 6.70
N GLU F 336 -11.21 68.03 6.06
CA GLU F 336 -10.25 67.19 6.76
C GLU F 336 -8.94 67.95 6.97
N LYS F 337 -8.17 67.49 7.95
CA LYS F 337 -6.98 68.18 8.42
C LYS F 337 -5.70 67.41 8.15
N LEU F 338 -5.72 66.08 8.30
CA LEU F 338 -4.61 65.21 7.86
C LEU F 338 -3.32 65.62 8.56
N SER F 339 -3.46 66.23 9.73
CA SER F 339 -2.35 66.74 10.52
C SER F 339 -2.77 66.71 11.97
N PRO F 340 -1.82 66.72 12.91
CA PRO F 340 -2.20 66.63 14.32
C PRO F 340 -2.93 67.87 14.81
N THR F 341 -4.09 68.12 14.21
CA THR F 341 -4.96 69.22 14.58
C THR F 341 -6.40 68.71 14.63
N LEU F 342 -7.20 69.32 15.49
CA LEU F 342 -8.60 68.94 15.59
C LEU F 342 -9.44 70.13 16.05
N GLY F 343 -10.65 70.20 15.53
CA GLY F 343 -11.66 71.14 16.01
C GLY F 343 -12.84 70.37 16.57
N LEU F 344 -13.46 70.92 17.61
CA LEU F 344 -14.57 70.27 18.27
C LEU F 344 -15.85 71.06 18.09
N PHE F 345 -16.96 70.42 18.47
CA PHE F 345 -18.26 71.06 18.52
C PHE F 345 -18.82 71.08 19.93
N ARG F 346 -19.79 71.98 20.13
CA ARG F 346 -20.58 72.04 21.35
C ARG F 346 -21.99 71.62 20.97
N ALA F 347 -22.32 70.35 21.22
CA ALA F 347 -23.65 69.84 20.90
C ALA F 347 -24.59 70.05 22.08
N ASP F 348 -25.88 70.03 21.78
CA ASP F 348 -26.92 70.24 22.78
C ASP F 348 -27.43 68.92 23.34
N ASN F 349 -27.96 68.05 22.48
CA ASN F 349 -28.43 66.76 22.95
C ASN F 349 -27.98 65.66 22.00
N PHE F 350 -28.49 64.46 22.22
CA PHE F 350 -28.17 63.33 21.35
C PHE F 350 -28.52 63.65 19.90
N GLU F 351 -29.72 64.16 19.70
CA GLU F 351 -30.25 64.42 18.37
C GLU F 351 -29.59 65.62 17.72
N ASP F 352 -29.25 66.63 18.51
CA ASP F 352 -28.46 67.74 17.98
C ASP F 352 -27.13 67.24 17.43
N ALA F 353 -26.45 66.39 18.20
CA ALA F 353 -25.19 65.83 17.76
C ALA F 353 -25.38 65.00 16.50
N VAL F 354 -26.47 64.23 16.44
CA VAL F 354 -26.73 63.41 15.27
C VAL F 354 -26.90 64.29 14.04
N ALA F 355 -27.69 65.36 14.17
CA ALA F 355 -27.91 66.25 13.04
C ALA F 355 -26.60 66.87 12.59
N GLN F 356 -25.81 67.38 13.53
CA GLN F 356 -24.52 67.96 13.16
C GLN F 356 -23.65 66.92 12.50
N ALA F 357 -23.71 65.68 12.98
CA ALA F 357 -22.90 64.63 12.41
C ALA F 357 -23.25 64.39 10.95
N VAL F 358 -24.54 64.23 10.66
CA VAL F 358 -24.96 63.93 9.29
C VAL F 358 -24.57 65.09 8.37
N THR F 359 -24.89 66.30 8.80
CA THR F 359 -24.45 67.46 8.05
C THR F 359 -22.94 67.47 7.91
N MET F 360 -22.22 66.96 8.89
CA MET F 360 -20.78 67.05 8.78
C MET F 360 -20.26 66.05 7.77
N VAL F 361 -20.87 64.87 7.72
CA VAL F 361 -20.33 63.85 6.83
C VAL F 361 -20.55 64.28 5.41
N GLU F 362 -21.72 64.82 5.10
CA GLU F 362 -22.03 65.02 3.69
C GLU F 362 -20.97 65.89 3.00
N ILE F 363 -20.29 66.73 3.78
CA ILE F 363 -19.25 67.60 3.24
C ILE F 363 -18.14 66.78 2.60
N GLY F 364 -17.77 65.66 3.24
CA GLY F 364 -16.78 64.79 2.64
C GLY F 364 -17.23 64.24 1.30
N GLY F 365 -18.53 64.01 1.14
CA GLY F 365 -19.05 63.45 -0.10
C GLY F 365 -18.91 61.96 -0.22
N ILE F 366 -18.11 61.33 0.65
CA ILE F 366 -17.94 59.89 0.67
C ILE F 366 -18.27 59.40 2.07
N GLY F 367 -19.20 58.45 2.15
CA GLY F 367 -19.49 57.86 3.44
C GLY F 367 -18.48 56.78 3.76
N HIS F 368 -17.53 57.10 4.63
CA HIS F 368 -16.42 56.18 4.91
C HIS F 368 -16.45 55.64 6.33
N THR F 369 -16.46 56.51 7.34
CA THR F 369 -16.27 56.06 8.71
C THR F 369 -16.94 57.03 9.66
N SER F 370 -17.49 56.51 10.75
CA SER F 370 -17.98 57.41 11.79
C SER F 370 -18.00 56.71 13.15
N GLY F 371 -17.91 57.51 14.21
CA GLY F 371 -17.62 57.00 15.53
C GLY F 371 -18.56 57.49 16.62
N LEU F 372 -18.95 56.56 17.49
CA LEU F 372 -19.83 56.83 18.62
C LEU F 372 -19.14 56.43 19.90
N TYR F 373 -19.08 57.35 20.86
CA TYR F 373 -18.55 57.05 22.18
C TYR F 373 -19.67 57.22 23.18
N THR F 374 -20.06 56.12 23.81
CA THR F 374 -21.27 56.11 24.61
C THR F 374 -21.27 54.91 25.52
N ASN F 375 -22.19 54.93 26.49
CA ASN F 375 -22.53 53.72 27.23
C ASN F 375 -23.23 52.76 26.29
N GLN F 376 -23.09 51.46 26.56
CA GLN F 376 -23.22 50.48 25.49
C GLN F 376 -24.36 49.47 25.71
N ASP F 377 -24.61 49.05 26.95
CA ASP F 377 -25.75 48.17 27.18
C ASP F 377 -26.83 48.81 28.03
N VAL F 378 -26.79 50.12 28.22
CA VAL F 378 -27.93 50.81 28.79
C VAL F 378 -28.69 51.47 27.65
N ASN F 379 -27.99 51.72 26.54
CA ASN F 379 -28.52 52.44 25.39
C ASN F 379 -28.28 51.57 24.17
N ALA F 380 -29.31 50.85 23.73
CA ALA F 380 -29.30 50.26 22.40
C ALA F 380 -30.14 51.07 21.42
N ASP F 381 -31.24 51.62 21.95
CA ASP F 381 -32.03 52.58 21.20
C ASP F 381 -31.14 53.67 20.62
N ARG F 382 -30.28 54.25 21.46
CA ARG F 382 -29.33 55.24 20.98
C ARG F 382 -28.41 54.65 19.93
N ILE F 383 -27.88 53.45 20.20
CA ILE F 383 -26.97 52.83 19.25
C ILE F 383 -27.54 52.95 17.86
N ARG F 384 -28.71 52.38 17.68
CA ARG F 384 -29.07 52.18 16.29
C ARG F 384 -30.04 53.24 15.79
N TYR F 385 -30.51 54.12 16.67
CA TYR F 385 -30.94 55.45 16.26
C TYR F 385 -29.83 56.12 15.46
N PHE F 386 -28.66 56.23 16.11
CA PHE F 386 -27.47 56.79 15.48
C PHE F 386 -27.10 56.02 14.23
N GLY F 387 -27.13 54.70 14.31
CA GLY F 387 -26.83 53.90 13.14
C GLY F 387 -27.80 54.17 12.01
N ASP F 388 -29.06 54.44 12.34
CA ASP F 388 -30.07 54.68 11.32
C ASP F 388 -29.78 55.95 10.56
N LYS F 389 -29.40 57.02 11.26
CA LYS F 389 -29.17 58.28 10.54
C LYS F 389 -27.88 58.28 9.76
N LEU F 390 -26.84 57.66 10.28
CA LEU F 390 -25.53 57.84 9.69
C LEU F 390 -25.35 56.92 8.49
N LYS F 391 -24.84 57.49 7.41
CA LYS F 391 -24.52 56.72 6.21
C LYS F 391 -23.07 57.06 5.90
N THR F 392 -22.16 56.41 6.61
CA THR F 392 -20.78 56.30 6.21
C THR F 392 -20.63 54.90 5.64
N ALA F 393 -19.42 54.49 5.37
CA ALA F 393 -19.26 53.08 5.02
C ALA F 393 -19.43 52.20 6.24
N ARG F 394 -19.08 52.71 7.42
CA ARG F 394 -18.68 51.86 8.52
C ARG F 394 -18.76 52.60 9.85
N ILE F 395 -19.46 51.99 10.81
CA ILE F 395 -19.77 52.61 12.09
C ILE F 395 -18.93 51.90 13.13
N LEU F 396 -18.24 52.65 13.99
CA LEU F 396 -17.56 52.06 15.13
C LEU F 396 -18.04 52.73 16.41
N VAL F 397 -18.30 51.93 17.44
CA VAL F 397 -18.75 52.45 18.72
C VAL F 397 -17.67 52.22 19.75
N ASN F 398 -17.29 53.28 20.45
CA ASN F 398 -16.30 53.21 21.53
C ASN F 398 -14.98 52.60 21.04
N ILE F 399 -14.60 52.95 19.82
CA ILE F 399 -13.41 52.40 19.18
C ILE F 399 -12.69 53.47 18.38
N PRO F 400 -11.36 53.53 18.43
CA PRO F 400 -10.63 54.37 17.47
C PRO F 400 -10.69 53.79 16.07
N THR F 401 -10.65 54.69 15.08
CA THR F 401 -10.79 54.30 13.68
C THR F 401 -9.43 54.05 13.02
N THR F 402 -8.60 53.25 13.69
CA THR F 402 -7.24 52.99 13.22
C THR F 402 -6.90 51.54 13.52
N HIS F 403 -5.60 51.25 13.48
CA HIS F 403 -5.11 49.88 13.52
C HIS F 403 -3.88 49.83 14.41
N GLY F 404 -3.97 49.06 15.49
CA GLY F 404 -2.85 48.84 16.38
C GLY F 404 -3.05 49.41 17.76
N GLY F 405 -3.45 48.57 18.71
CA GLY F 405 -3.60 48.98 20.08
C GLY F 405 -2.64 48.20 20.96
N ILE F 406 -3.16 47.30 21.79
CA ILE F 406 -2.33 46.32 22.50
C ILE F 406 -2.38 45.01 21.73
N GLY F 407 -1.20 44.43 21.52
CA GLY F 407 -1.07 43.15 20.88
C GLY F 407 -1.43 43.14 19.41
N ASP F 408 -2.48 42.38 19.08
CA ASP F 408 -2.80 42.07 17.69
C ASP F 408 -3.10 43.32 16.88
N LEU F 409 -4.22 43.98 17.18
CA LEU F 409 -4.65 45.18 16.47
C LEU F 409 -5.91 45.67 17.17
N TYR F 410 -6.17 46.97 17.16
CA TYR F 410 -7.44 47.52 17.62
C TYR F 410 -8.06 48.35 16.50
N ASN F 411 -9.06 47.78 15.82
CA ASN F 411 -9.61 46.47 16.18
C ASN F 411 -8.90 45.37 15.36
N PHE F 412 -8.87 44.15 15.91
CA PHE F 412 -7.94 43.14 15.42
C PHE F 412 -8.40 42.40 14.17
N ASN F 413 -9.65 42.56 13.75
CA ASN F 413 -10.08 42.06 12.45
C ASN F 413 -10.87 43.17 11.76
N VAL F 414 -10.26 43.78 10.76
CA VAL F 414 -10.83 44.90 10.03
C VAL F 414 -9.92 45.22 8.85
N ALA F 415 -10.52 45.61 7.74
CA ALA F 415 -9.78 46.12 6.61
C ALA F 415 -9.16 47.47 6.97
N PRO F 416 -8.09 47.86 6.31
CA PRO F 416 -7.48 49.15 6.64
C PRO F 416 -8.38 50.30 6.22
N SER F 417 -8.14 51.46 6.81
CA SER F 417 -8.89 52.65 6.44
C SER F 417 -8.71 52.98 4.97
N LEU F 418 -7.61 52.55 4.37
CA LEU F 418 -7.42 52.66 2.94
C LEU F 418 -8.15 51.48 2.28
N THR F 419 -7.84 51.22 1.01
CA THR F 419 -8.40 50.10 0.25
C THR F 419 -9.91 50.22 0.07
N LEU F 420 -10.51 51.34 0.44
CA LEU F 420 -11.96 51.55 0.34
C LEU F 420 -12.23 52.55 -0.78
N GLY F 421 -12.65 52.05 -1.94
CA GLY F 421 -12.98 52.88 -3.07
C GLY F 421 -14.43 52.72 -3.47
N CYS F 422 -14.80 53.48 -4.50
CA CYS F 422 -16.14 53.40 -5.07
C CYS F 422 -16.09 53.75 -6.54
N GLY F 423 -17.05 53.21 -7.29
CA GLY F 423 -17.18 53.54 -8.69
C GLY F 423 -17.82 54.88 -8.95
N SER F 424 -18.26 55.57 -7.90
CA SER F 424 -18.85 56.89 -8.04
C SER F 424 -18.31 57.79 -6.93
N TRP F 425 -18.29 59.09 -7.20
CA TRP F 425 -17.91 60.06 -6.18
C TRP F 425 -19.19 60.46 -5.46
N GLY F 426 -20.29 60.55 -6.22
CA GLY F 426 -21.29 61.61 -6.19
C GLY F 426 -21.69 62.12 -4.83
N GLY F 427 -22.33 61.25 -4.09
CA GLY F 427 -22.83 61.61 -2.78
C GLY F 427 -23.32 60.34 -2.18
N ASN F 428 -23.12 60.19 -0.86
CA ASN F 428 -23.54 59.00 -0.14
C ASN F 428 -22.91 57.74 -0.73
N SER F 429 -21.85 57.91 -1.54
CA SER F 429 -21.22 56.79 -2.23
C SER F 429 -20.45 55.99 -1.18
N ILE F 430 -21.11 54.95 -0.67
CA ILE F 430 -20.56 54.13 0.39
C ILE F 430 -19.41 53.31 -0.17
N SER F 431 -18.21 53.54 0.37
CA SER F 431 -17.03 52.88 -0.16
C SER F 431 -17.11 51.37 0.07
N GLU F 432 -16.54 50.62 -0.86
CA GLU F 432 -16.42 49.18 -0.75
C GLU F 432 -14.96 48.80 -0.95
N ASN F 433 -14.48 47.88 -0.11
CA ASN F 433 -13.10 47.47 -0.25
C ASN F 433 -12.96 46.60 -1.50
N VAL F 434 -11.75 46.53 -2.02
CA VAL F 434 -11.50 45.97 -3.34
C VAL F 434 -11.21 44.48 -3.24
N GLY F 435 -11.62 43.75 -4.27
CA GLY F 435 -11.39 42.33 -4.37
C GLY F 435 -11.10 41.90 -5.79
N PRO F 436 -10.50 40.73 -5.94
CA PRO F 436 -10.05 40.28 -7.27
C PRO F 436 -11.17 40.09 -8.29
N LYS F 437 -12.39 39.79 -7.87
CA LYS F 437 -13.49 39.76 -8.84
C LYS F 437 -13.70 41.14 -9.46
N HIS F 438 -13.37 42.21 -8.76
CA HIS F 438 -13.30 43.50 -9.43
C HIS F 438 -12.19 43.57 -10.45
N LEU F 439 -11.27 42.61 -10.44
CA LEU F 439 -10.13 42.59 -11.34
C LEU F 439 -10.16 41.43 -12.32
N ILE F 440 -11.28 40.73 -12.44
CA ILE F 440 -11.32 39.48 -13.19
C ILE F 440 -12.62 39.40 -13.97
N ASN F 441 -12.56 38.80 -15.16
CA ASN F 441 -13.68 38.74 -16.09
C ASN F 441 -14.23 37.33 -16.14
N LYS F 442 -15.51 37.22 -16.49
CA LYS F 442 -16.29 36.02 -16.27
C LYS F 442 -16.48 35.19 -17.53
N LYS F 443 -16.81 33.92 -17.33
CA LYS F 443 -17.39 33.09 -18.38
C LYS F 443 -18.30 32.02 -17.81
N THR F 444 -19.48 31.91 -18.38
CA THR F 444 -20.22 30.67 -18.32
C THR F 444 -20.41 30.17 -19.74
N VAL F 445 -20.22 28.87 -19.89
CA VAL F 445 -20.53 28.19 -21.12
C VAL F 445 -21.63 27.18 -20.79
N ALA F 446 -22.73 27.28 -21.53
CA ALA F 446 -23.88 26.44 -21.31
C ALA F 446 -23.80 25.27 -22.27
N LYS F 447 -24.18 24.09 -21.78
CA LYS F 447 -24.15 22.93 -22.64
C LYS F 447 -25.53 22.46 -23.06
N ARG F 448 -25.64 22.43 -24.38
CA ARG F 448 -26.25 21.33 -25.09
C ARG F 448 -26.38 20.05 -24.28
N ALA F 449 -27.63 19.57 -24.15
CA ALA F 449 -27.90 18.33 -23.43
C ALA F 449 -29.31 17.83 -23.72
N GLU F 450 -29.58 16.63 -23.23
CA GLU F 450 -30.83 15.91 -23.44
C GLU F 450 -31.71 15.98 -22.18
N ASN F 451 -32.92 15.41 -22.27
CA ASN F 451 -34.02 15.73 -21.36
C ASN F 451 -34.45 14.50 -20.57
N MET F 452 -35.55 14.60 -19.81
CA MET F 452 -36.24 13.49 -19.16
C MET F 452 -37.69 13.39 -19.57
N LEU F 453 -38.07 12.21 -20.03
CA LEU F 453 -39.47 11.87 -20.22
C LEU F 453 -39.88 10.89 -19.13
N TRP F 454 -41.18 10.62 -19.06
CA TRP F 454 -41.78 10.21 -17.81
C TRP F 454 -42.86 9.16 -17.99
N HIS F 455 -43.03 8.33 -16.97
CA HIS F 455 -44.25 7.54 -16.87
C HIS F 455 -44.41 7.09 -15.42
N LYS F 456 -45.40 7.63 -14.74
CA LYS F 456 -45.60 7.37 -13.32
C LYS F 456 -47.08 7.12 -13.07
N LEU F 457 -47.38 6.25 -12.13
CA LEU F 457 -48.75 5.80 -11.91
C LEU F 457 -49.05 5.72 -10.43
N PRO F 458 -50.31 5.90 -10.03
CA PRO F 458 -50.71 5.56 -8.67
C PRO F 458 -50.46 4.08 -8.42
N LYS F 459 -50.14 3.76 -7.18
CA LYS F 459 -49.66 2.42 -6.88
C LYS F 459 -50.78 1.38 -6.88
N SER F 460 -51.98 1.75 -6.43
CA SER F 460 -52.96 0.75 -6.03
C SER F 460 -54.32 1.05 -6.63
N ILE F 461 -54.88 0.06 -7.32
CA ILE F 461 -56.17 0.19 -8.00
C ILE F 461 -56.92 -1.14 -7.90
N TYR F 462 -58.25 -1.05 -7.84
CA TYR F 462 -59.12 -2.22 -7.87
C TYR F 462 -60.16 -2.05 -8.96
N PHE F 463 -60.70 -3.16 -9.45
CA PHE F 463 -61.65 -3.11 -10.56
C PHE F 463 -62.48 -4.40 -10.69
N ARG F 464 -63.73 -4.31 -10.23
CA ARG F 464 -65.00 -5.07 -10.36
C ARG F 464 -66.19 -4.57 -9.58
N ARG F 465 -67.31 -4.99 -10.16
CA ARG F 465 -68.58 -5.25 -9.52
C ARG F 465 -68.30 -5.64 -8.08
N GLY F 466 -68.96 -4.98 -7.14
CA GLY F 466 -68.81 -5.35 -5.75
C GLY F 466 -67.37 -5.26 -5.28
N SER F 467 -66.59 -4.39 -5.89
CA SER F 467 -65.27 -4.15 -5.35
C SER F 467 -65.37 -3.66 -3.92
N LEU F 468 -66.33 -2.77 -3.69
CA LEU F 468 -66.30 -1.93 -2.49
C LEU F 468 -65.95 -2.73 -1.26
N PRO F 469 -66.73 -3.74 -0.85
CA PRO F 469 -66.41 -4.40 0.42
C PRO F 469 -65.06 -5.06 0.39
N ILE F 470 -64.76 -5.78 -0.70
CA ILE F 470 -63.50 -6.49 -0.77
C ILE F 470 -62.37 -5.52 -1.04
N ALA F 471 -62.68 -4.35 -1.60
CA ALA F 471 -61.64 -3.34 -1.77
C ALA F 471 -61.25 -2.73 -0.43
N LEU F 472 -62.24 -2.32 0.35
CA LEU F 472 -61.98 -1.64 1.61
C LEU F 472 -61.69 -2.61 2.73
N SER F 473 -61.82 -3.91 2.49
CA SER F 473 -61.52 -4.89 3.53
C SER F 473 -60.12 -4.68 4.09
N ASP F 474 -59.18 -4.26 3.25
CA ASP F 474 -57.78 -4.12 3.61
C ASP F 474 -57.49 -2.80 4.25
N LEU F 475 -58.49 -2.18 4.85
CA LEU F 475 -58.38 -0.88 5.49
C LEU F 475 -58.34 -0.96 7.03
N GLU F 476 -57.25 -1.45 7.65
CA GLU F 476 -57.33 -1.96 9.02
C GLU F 476 -57.52 -0.85 10.04
N GLY F 477 -56.43 -0.17 10.39
CA GLY F 477 -56.36 0.72 11.52
C GLY F 477 -56.31 2.18 11.16
N LYS F 478 -56.36 2.50 9.87
CA LYS F 478 -56.58 3.88 9.50
C LYS F 478 -57.83 4.34 10.24
N LYS F 479 -57.69 5.36 11.08
CA LYS F 479 -58.76 5.58 12.07
C LYS F 479 -59.70 6.70 11.63
N ARG F 480 -59.18 7.86 11.24
CA ARG F 480 -60.10 8.93 10.89
C ARG F 480 -60.30 8.99 9.39
N ALA F 481 -61.52 9.37 9.02
CA ALA F 481 -61.92 9.33 7.63
C ALA F 481 -62.72 10.58 7.37
N PHE F 482 -62.69 11.02 6.13
CA PHE F 482 -63.42 12.18 5.69
C PHE F 482 -64.01 11.89 4.32
N LEU F 483 -65.24 12.33 4.14
CA LEU F 483 -65.96 12.16 2.90
C LEU F 483 -65.93 13.43 2.08
N VAL F 484 -65.64 13.28 0.78
CA VAL F 484 -65.81 14.33 -0.20
C VAL F 484 -66.72 13.80 -1.29
N THR F 485 -67.79 14.54 -1.55
CA THR F 485 -68.92 14.13 -2.39
C THR F 485 -69.75 15.35 -2.72
N ASP F 486 -70.84 15.12 -3.44
CA ASP F 486 -71.83 16.10 -3.86
C ASP F 486 -73.18 15.80 -3.22
N ARG F 487 -73.97 16.86 -2.99
CA ARG F 487 -75.24 16.67 -2.32
C ARG F 487 -76.23 15.89 -3.17
N PHE F 488 -76.07 15.88 -4.49
CA PHE F 488 -76.94 15.03 -5.30
C PHE F 488 -76.67 13.56 -4.99
N LEU F 489 -75.40 13.16 -5.09
CA LEU F 489 -75.03 11.77 -4.88
C LEU F 489 -75.18 11.37 -3.43
N PHE F 490 -74.72 12.22 -2.51
CA PHE F 490 -75.01 12.00 -1.10
C PHE F 490 -76.50 11.91 -0.86
N ASN F 491 -77.28 12.70 -1.59
CA ASN F 491 -78.72 12.63 -1.49
C ASN F 491 -79.23 11.26 -1.89
N ASN F 492 -78.64 10.68 -2.92
CA ASN F 492 -79.00 9.33 -3.30
C ASN F 492 -78.52 8.34 -2.25
N GLY F 493 -79.09 7.14 -2.29
CA GLY F 493 -78.70 6.09 -1.37
C GLY F 493 -77.35 5.49 -1.73
N TYR F 494 -76.33 6.34 -1.76
CA TYR F 494 -74.98 5.91 -2.09
C TYR F 494 -74.01 6.13 -0.94
N ALA F 495 -73.97 7.35 -0.40
CA ALA F 495 -73.06 7.62 0.70
C ALA F 495 -73.35 6.73 1.89
N ASP F 496 -74.63 6.56 2.22
CA ASP F 496 -75.06 5.64 3.26
C ASP F 496 -74.32 4.32 3.20
N ASP F 497 -74.14 3.79 1.99
CA ASP F 497 -73.48 2.50 1.83
C ASP F 497 -72.05 2.55 2.37
N VAL F 498 -71.29 3.57 1.96
CA VAL F 498 -69.89 3.64 2.36
C VAL F 498 -69.77 4.00 3.84
N VAL F 499 -70.63 4.87 4.37
CA VAL F 499 -70.47 5.14 5.80
C VAL F 499 -70.85 3.90 6.61
N ALA F 500 -71.81 3.12 6.14
CA ALA F 500 -72.11 1.87 6.81
C ALA F 500 -70.89 0.94 6.78
N LEU F 501 -70.25 0.83 5.62
CA LEU F 501 -69.05 0.01 5.55
C LEU F 501 -67.91 0.63 6.36
N LEU F 502 -67.99 1.91 6.66
CA LEU F 502 -66.98 2.52 7.51
C LEU F 502 -67.23 2.15 8.95
N LYS F 503 -68.51 2.13 9.34
CA LYS F 503 -68.90 1.58 10.62
C LYS F 503 -68.53 0.11 10.73
N ALA F 504 -68.39 -0.57 9.58
CA ALA F 504 -68.16 -2.00 9.60
C ALA F 504 -67.02 -2.37 10.54
N GLN F 505 -65.97 -1.57 10.56
CA GLN F 505 -65.02 -1.65 11.67
C GLN F 505 -65.07 -0.38 12.51
N GLY F 506 -65.73 0.66 12.02
CA GLY F 506 -66.17 1.77 12.84
C GLY F 506 -65.21 2.94 12.80
N MET F 507 -65.52 3.93 11.97
CA MET F 507 -64.63 5.06 11.72
C MET F 507 -65.33 6.35 12.09
N GLU F 508 -64.59 7.27 12.70
CA GLU F 508 -65.09 8.62 12.89
C GLU F 508 -64.97 9.40 11.59
N VAL F 509 -66.12 9.68 10.98
CA VAL F 509 -66.22 10.22 9.64
C VAL F 509 -67.17 11.39 9.63
N GLN F 510 -67.14 12.15 8.55
CA GLN F 510 -68.15 13.17 8.30
C GLN F 510 -68.25 13.39 6.79
N THR F 511 -69.48 13.37 6.30
CA THR F 511 -69.74 13.60 4.89
C THR F 511 -69.58 15.07 4.57
N PHE F 512 -69.00 15.34 3.42
CA PHE F 512 -68.93 16.70 2.89
C PHE F 512 -69.43 16.65 1.45
N PHE F 513 -70.64 17.13 1.26
CA PHE F 513 -71.33 17.14 -0.03
C PHE F 513 -71.54 18.55 -0.58
N GLU F 514 -70.61 19.47 -0.29
CA GLU F 514 -70.87 20.88 -0.49
C GLU F 514 -70.06 21.47 -1.64
N VAL F 515 -69.92 20.71 -2.72
CA VAL F 515 -69.27 21.20 -3.94
C VAL F 515 -70.24 21.08 -5.11
N GLU F 516 -70.36 22.13 -5.90
CA GLU F 516 -71.20 22.04 -7.08
C GLU F 516 -70.33 21.66 -8.28
N ALA F 517 -70.74 22.09 -9.46
CA ALA F 517 -70.05 21.65 -10.67
C ALA F 517 -68.59 22.10 -10.74
N ASP F 518 -68.09 22.89 -9.79
CA ASP F 518 -66.75 23.40 -9.97
C ASP F 518 -66.03 23.68 -8.65
N PRO F 519 -64.69 23.59 -8.66
CA PRO F 519 -63.91 24.23 -7.59
C PRO F 519 -64.02 25.74 -7.70
N THR F 520 -64.14 26.39 -6.54
CA THR F 520 -64.68 27.74 -6.49
C THR F 520 -63.75 28.79 -5.88
N LEU F 521 -62.84 28.39 -5.02
CA LEU F 521 -62.10 29.21 -4.07
C LEU F 521 -62.97 29.57 -2.88
N SER F 522 -64.16 29.00 -2.76
CA SER F 522 -65.09 29.26 -1.67
C SER F 522 -65.39 28.02 -0.85
N VAL F 523 -65.71 26.90 -1.49
CA VAL F 523 -65.85 25.67 -0.73
C VAL F 523 -64.50 25.17 -0.28
N VAL F 524 -63.47 25.41 -1.09
CA VAL F 524 -62.18 24.79 -0.83
C VAL F 524 -61.70 25.12 0.58
N GLU F 525 -61.82 26.39 0.97
CA GLU F 525 -61.35 26.76 2.29
C GLU F 525 -62.29 26.32 3.40
N LYS F 526 -63.62 26.32 3.18
CA LYS F 526 -64.46 25.82 4.27
C LYS F 526 -64.21 24.34 4.50
N GLY F 527 -64.08 23.57 3.42
CA GLY F 527 -63.76 22.16 3.58
C GLY F 527 -62.42 21.95 4.25
N ALA F 528 -61.42 22.73 3.83
CA ALA F 528 -60.12 22.62 4.47
C ALA F 528 -60.21 22.93 5.95
N ALA F 529 -60.90 24.02 6.30
CA ALA F 529 -61.02 24.39 7.70
C ALA F 529 -61.77 23.34 8.50
N ALA F 530 -62.86 22.82 7.94
CA ALA F 530 -63.64 21.82 8.65
C ALA F 530 -62.82 20.57 8.92
N MET F 531 -62.16 20.04 7.89
CA MET F 531 -61.41 18.82 8.10
C MET F 531 -60.21 19.07 9.02
N GLN F 532 -59.52 20.20 8.87
CA GLN F 532 -58.41 20.46 9.76
C GLN F 532 -58.88 20.73 11.18
N SER F 533 -60.17 21.05 11.35
CA SER F 533 -60.74 20.97 12.67
C SER F 533 -60.88 19.52 13.08
N PHE F 534 -61.24 18.67 12.12
CA PHE F 534 -61.43 17.26 12.42
C PHE F 534 -60.10 16.52 12.53
N GLN F 535 -59.08 16.98 11.80
CA GLN F 535 -57.82 16.25 11.62
C GLN F 535 -58.05 14.83 11.13
N PRO F 536 -58.76 14.60 10.03
CA PRO F 536 -58.89 13.22 9.55
C PRO F 536 -57.55 12.70 9.07
N ASP F 537 -57.47 11.38 8.98
CA ASP F 537 -56.23 10.78 8.53
C ASP F 537 -56.42 9.99 7.24
N VAL F 538 -57.64 9.83 6.77
CA VAL F 538 -57.91 9.25 5.46
C VAL F 538 -58.96 10.10 4.77
N ILE F 539 -58.76 10.35 3.49
CA ILE F 539 -59.67 11.20 2.72
C ILE F 539 -60.28 10.35 1.62
N LEU F 540 -61.60 10.40 1.53
CA LEU F 540 -62.38 9.61 0.59
C LEU F 540 -62.97 10.52 -0.48
N ALA F 541 -62.46 10.40 -1.69
CA ALA F 541 -62.93 11.19 -2.81
C ALA F 541 -63.98 10.41 -3.56
N LEU F 542 -65.14 11.04 -3.78
CA LEU F 542 -66.27 10.35 -4.38
C LEU F 542 -66.69 11.11 -5.63
N GLY F 543 -67.08 10.38 -6.67
CA GLY F 543 -67.81 11.03 -7.75
C GLY F 543 -67.11 11.33 -9.06
N GLY F 544 -67.46 12.47 -9.65
CA GLY F 544 -67.01 12.83 -10.98
C GLY F 544 -66.63 14.28 -11.15
N GLY F 545 -65.40 14.52 -11.57
CA GLY F 545 -64.87 15.85 -11.78
C GLY F 545 -64.68 16.62 -10.49
N SER F 546 -65.42 17.72 -10.36
CA SER F 546 -65.13 18.71 -9.34
C SER F 546 -64.97 18.14 -7.93
N PRO F 547 -65.79 17.20 -7.45
CA PRO F 547 -65.63 16.76 -6.06
C PRO F 547 -64.24 16.27 -5.74
N MET F 548 -63.59 15.55 -6.65
CA MET F 548 -62.34 14.91 -6.26
C MET F 548 -61.19 15.91 -6.19
N ASP F 549 -60.87 16.54 -7.30
CA ASP F 549 -59.70 17.41 -7.38
C ASP F 549 -59.72 18.56 -6.38
N ALA F 550 -60.86 19.24 -6.22
CA ALA F 550 -60.96 20.25 -5.19
C ALA F 550 -60.53 19.69 -3.85
N ALA F 551 -61.06 18.51 -3.50
CA ALA F 551 -60.58 17.80 -2.33
C ALA F 551 -59.07 17.78 -2.31
N LYS F 552 -58.46 17.19 -3.34
CA LYS F 552 -56.99 17.16 -3.43
C LYS F 552 -56.42 18.50 -3.02
N ILE F 553 -56.89 19.57 -3.66
CA ILE F 553 -56.40 20.90 -3.36
C ILE F 553 -56.51 21.18 -1.88
N MET F 554 -57.73 21.19 -1.34
CA MET F 554 -57.87 21.47 0.07
C MET F 554 -57.22 20.39 0.90
N TRP F 555 -57.14 19.18 0.36
CA TRP F 555 -56.35 18.16 1.01
C TRP F 555 -54.95 18.67 1.30
N VAL F 556 -54.28 19.15 0.25
CA VAL F 556 -52.91 19.62 0.44
C VAL F 556 -52.92 20.86 1.30
N MET F 557 -54.03 21.59 1.30
CA MET F 557 -54.09 22.77 2.14
C MET F 557 -54.07 22.37 3.60
N TYR F 558 -54.61 21.20 3.91
CA TYR F 558 -54.46 20.63 5.24
C TYR F 558 -53.01 20.31 5.55
N GLU F 559 -52.27 19.85 4.54
CA GLU F 559 -50.90 19.43 4.78
C GLU F 559 -50.02 20.62 5.14
N HIS F 560 -50.14 21.72 4.41
CA HIS F 560 -49.52 22.99 4.76
C HIS F 560 -50.56 24.09 4.92
N PRO F 561 -51.08 24.26 6.12
CA PRO F 561 -51.95 25.41 6.40
C PRO F 561 -51.22 26.74 6.23
N ASP F 562 -49.90 26.73 6.31
CA ASP F 562 -49.12 27.96 6.38
C ASP F 562 -49.10 28.76 5.09
N THR F 563 -48.73 28.13 3.98
CA THR F 563 -48.48 28.85 2.74
C THR F 563 -49.75 29.45 2.18
N HIS F 564 -49.61 30.50 1.39
CA HIS F 564 -50.70 30.89 0.52
C HIS F 564 -50.75 30.02 -0.74
N PHE F 565 -51.59 30.43 -1.69
CA PHE F 565 -52.09 29.48 -2.68
C PHE F 565 -51.65 29.81 -4.10
N GLU F 566 -51.49 31.12 -4.41
CA GLU F 566 -51.13 31.45 -5.78
C GLU F 566 -49.94 30.64 -6.15
N GLU F 567 -48.87 30.85 -5.41
CA GLU F 567 -47.59 30.25 -5.69
C GLU F 567 -47.69 28.74 -5.77
N LEU F 568 -48.70 28.15 -5.14
CA LEU F 568 -49.00 26.77 -5.49
C LEU F 568 -49.40 26.68 -6.95
N ALA F 569 -50.27 27.58 -7.41
CA ALA F 569 -50.56 27.63 -8.84
C ALA F 569 -49.44 28.30 -9.63
N MET F 570 -48.95 29.42 -9.16
CA MET F 570 -48.13 30.31 -9.92
C MET F 570 -46.77 29.67 -10.10
N ARG F 571 -46.35 28.92 -9.09
CA ARG F 571 -45.12 28.19 -9.03
C ARG F 571 -45.15 26.92 -9.87
N PHE F 572 -46.30 26.26 -9.97
CA PHE F 572 -46.36 24.97 -10.63
C PHE F 572 -47.50 25.04 -11.65
N MET F 573 -47.16 25.35 -12.89
CA MET F 573 -48.17 25.58 -13.92
C MET F 573 -48.36 24.40 -14.85
N ASP F 574 -47.31 23.63 -15.12
CA ASP F 574 -47.38 22.50 -16.03
C ASP F 574 -46.19 21.58 -15.76
N ILE F 575 -45.85 20.79 -16.77
CA ILE F 575 -44.86 19.74 -16.67
C ILE F 575 -43.48 20.30 -16.99
N ARG F 576 -42.47 19.54 -16.54
CA ARG F 576 -41.11 19.58 -17.06
C ARG F 576 -40.32 20.79 -16.57
N LYS F 577 -40.99 21.75 -15.95
CA LYS F 577 -40.19 22.70 -15.20
C LYS F 577 -40.08 22.22 -13.77
N ARG F 578 -39.28 21.16 -13.58
CA ARG F 578 -39.16 20.56 -12.26
C ARG F 578 -38.24 21.41 -11.39
N ILE F 579 -38.76 22.61 -11.10
CA ILE F 579 -38.02 23.69 -10.49
C ILE F 579 -38.95 24.39 -9.51
N TYR F 580 -38.82 24.09 -8.23
CA TYR F 580 -37.79 23.20 -7.72
C TYR F 580 -38.25 22.08 -6.78
N LYS F 581 -39.16 22.37 -5.86
CA LYS F 581 -39.39 21.43 -4.77
C LYS F 581 -40.86 21.06 -4.69
N PHE F 582 -41.21 20.38 -3.60
CA PHE F 582 -42.59 19.98 -3.46
C PHE F 582 -43.22 20.80 -2.34
N PRO F 583 -44.52 20.99 -2.37
CA PRO F 583 -45.24 21.04 -1.11
C PRO F 583 -45.29 19.62 -0.60
N LYS F 584 -45.04 19.47 0.69
CA LYS F 584 -44.44 18.24 1.17
C LYS F 584 -45.49 17.32 1.80
N MET F 585 -46.12 16.48 0.97
CA MET F 585 -47.17 15.56 1.41
C MET F 585 -46.75 14.11 1.27
N GLY F 586 -47.76 13.24 1.43
CA GLY F 586 -47.57 11.90 1.96
C GLY F 586 -47.63 11.86 3.47
N LYS F 587 -48.26 12.86 4.07
CA LYS F 587 -47.94 13.29 5.42
C LYS F 587 -48.76 12.59 6.49
N LYS F 588 -50.04 12.92 6.56
CA LYS F 588 -50.91 12.64 7.68
C LYS F 588 -52.29 12.25 7.20
N ALA F 589 -52.44 12.02 5.89
CA ALA F 589 -53.68 11.59 5.27
C ALA F 589 -53.33 10.88 3.98
N GLU F 590 -54.20 9.95 3.59
CA GLU F 590 -54.05 9.27 2.31
C GLU F 590 -55.30 9.50 1.48
N LEU F 591 -55.21 9.20 0.18
CA LEU F 591 -56.26 9.47 -0.78
C LEU F 591 -56.86 8.20 -1.37
N VAL F 592 -58.17 8.03 -1.19
CA VAL F 592 -58.88 6.89 -1.76
C VAL F 592 -60.00 7.42 -2.64
N CYS F 593 -59.90 7.15 -3.95
CA CYS F 593 -60.79 7.78 -4.92
C CYS F 593 -61.70 6.76 -5.57
N ILE F 594 -62.93 7.20 -5.81
CA ILE F 594 -63.98 6.43 -6.46
C ILE F 594 -64.53 7.26 -7.59
N THR F 595 -64.32 6.81 -8.82
CA THR F 595 -64.94 7.49 -9.94
C THR F 595 -66.41 7.11 -10.03
N THR F 596 -67.19 7.93 -10.72
CA THR F 596 -68.57 7.58 -10.98
C THR F 596 -68.92 7.75 -12.45
N THR F 597 -68.23 8.66 -13.13
CA THR F 597 -68.56 8.99 -14.51
C THR F 597 -67.60 8.27 -15.45
N SER F 598 -68.16 7.54 -16.41
CA SER F 598 -67.36 6.86 -17.40
C SER F 598 -66.92 7.87 -18.44
N GLY F 599 -65.65 8.28 -18.38
CA GLY F 599 -65.14 9.22 -19.36
C GLY F 599 -64.13 10.22 -18.86
N THR F 600 -63.90 10.27 -17.55
CA THR F 600 -62.89 11.14 -16.99
C THR F 600 -61.75 10.33 -16.42
N GLY F 601 -60.53 10.71 -16.78
CA GLY F 601 -59.36 10.06 -16.25
C GLY F 601 -58.78 10.89 -15.14
N SER F 602 -59.59 11.80 -14.59
CA SER F 602 -59.11 12.71 -13.57
C SER F 602 -58.68 11.99 -12.31
N GLU F 603 -59.38 10.93 -11.93
CA GLU F 603 -59.10 10.28 -10.65
C GLU F 603 -57.75 9.57 -10.65
N VAL F 604 -57.02 9.62 -11.76
CA VAL F 604 -55.68 9.06 -11.78
C VAL F 604 -54.68 10.17 -12.06
N THR F 605 -55.12 11.20 -12.77
CA THR F 605 -54.22 12.27 -13.14
C THR F 605 -53.85 13.12 -11.93
N PRO F 606 -52.66 13.67 -11.92
CA PRO F 606 -52.25 14.62 -10.87
C PRO F 606 -52.63 16.04 -11.25
N PHE F 607 -53.89 16.23 -11.65
CA PHE F 607 -54.33 17.50 -12.17
C PHE F 607 -55.45 18.05 -11.32
N ALA F 608 -55.57 19.38 -11.33
CA ALA F 608 -56.65 20.04 -10.62
C ALA F 608 -56.93 21.36 -11.34
N VAL F 609 -58.20 21.76 -11.29
CA VAL F 609 -58.63 23.04 -11.85
C VAL F 609 -59.43 23.75 -10.79
N VAL F 610 -59.08 24.99 -10.51
CA VAL F 610 -59.83 25.81 -9.57
C VAL F 610 -60.19 27.13 -10.24
N THR F 611 -61.33 27.67 -9.88
CA THR F 611 -61.86 28.86 -10.52
C THR F 611 -61.94 29.99 -9.52
N ASP F 612 -61.52 31.17 -9.94
CA ASP F 612 -61.50 32.33 -9.07
C ASP F 612 -62.92 32.84 -8.82
N ASP F 613 -63.06 33.76 -7.86
CA ASP F 613 -64.40 34.21 -7.52
C ASP F 613 -64.78 35.58 -8.09
N LYS F 614 -63.82 36.45 -8.43
CA LYS F 614 -64.26 37.68 -9.08
C LYS F 614 -64.92 37.36 -10.40
N THR F 615 -64.09 36.96 -11.34
CA THR F 615 -64.38 36.74 -12.74
C THR F 615 -64.17 35.31 -13.19
N GLY F 616 -63.90 34.40 -12.26
CA GLY F 616 -63.67 33.02 -12.61
C GLY F 616 -62.35 32.78 -13.30
N ALA F 617 -61.26 33.33 -12.78
CA ALA F 617 -59.94 33.06 -13.29
C ALA F 617 -59.61 31.58 -13.13
N LYS F 618 -59.14 30.96 -14.22
CA LYS F 618 -58.79 29.56 -14.24
C LYS F 618 -57.40 29.37 -13.65
N TYR F 619 -57.26 28.38 -12.79
CA TYR F 619 -55.96 28.05 -12.21
C TYR F 619 -55.75 26.56 -12.39
N PRO F 620 -54.89 26.16 -13.32
CA PRO F 620 -54.56 24.74 -13.50
C PRO F 620 -53.36 24.30 -12.68
N LEU F 621 -53.52 23.20 -11.96
CA LEU F 621 -52.48 22.61 -11.14
C LEU F 621 -52.09 21.25 -11.70
N ALA F 622 -50.78 21.02 -11.80
CA ALA F 622 -50.29 19.81 -12.44
C ALA F 622 -48.91 19.46 -11.90
N ASP F 623 -48.85 18.42 -11.06
CA ASP F 623 -47.59 17.81 -10.66
C ASP F 623 -47.85 16.47 -9.99
N TYR F 624 -46.95 15.51 -10.22
CA TYR F 624 -47.24 14.11 -9.98
C TYR F 624 -47.52 13.77 -8.53
N GLU F 625 -47.11 14.57 -7.55
CA GLU F 625 -47.48 14.21 -6.20
C GLU F 625 -48.96 14.37 -5.93
N LEU F 626 -49.70 14.99 -6.86
CA LEU F 626 -51.14 15.06 -6.73
C LEU F 626 -51.83 13.73 -6.98
N THR F 627 -51.16 12.75 -7.55
CA THR F 627 -51.80 11.49 -7.85
C THR F 627 -52.27 10.81 -6.57
N PRO F 628 -53.54 10.41 -6.49
CA PRO F 628 -53.98 9.64 -5.33
C PRO F 628 -53.28 8.30 -5.30
N GLN F 629 -52.98 7.83 -4.10
CA GLN F 629 -52.35 6.52 -4.03
C GLN F 629 -53.37 5.41 -4.19
N MET F 630 -54.67 5.74 -4.06
CA MET F 630 -55.70 4.71 -4.06
C MET F 630 -56.78 5.02 -5.08
N ALA F 631 -57.01 4.09 -6.00
CA ALA F 631 -58.06 4.24 -7.00
C ALA F 631 -58.88 2.96 -7.09
N ILE F 632 -60.20 3.12 -7.10
CA ILE F 632 -61.10 1.98 -7.25
C ILE F 632 -62.09 2.27 -8.36
N VAL F 633 -62.26 1.30 -9.24
CA VAL F 633 -63.11 1.41 -10.41
C VAL F 633 -64.11 0.28 -10.31
N ASP F 634 -65.26 0.55 -9.70
CA ASP F 634 -66.36 -0.39 -9.63
C ASP F 634 -67.32 -0.07 -10.77
N ALA F 635 -68.20 -1.02 -11.07
CA ALA F 635 -69.26 -0.75 -12.01
C ALA F 635 -70.59 -0.49 -11.33
N ASN F 636 -70.86 -1.15 -10.19
CA ASN F 636 -72.19 -1.14 -9.59
C ASN F 636 -72.88 0.19 -9.79
N LEU F 637 -72.12 1.26 -9.66
CA LEU F 637 -72.59 2.61 -9.94
C LEU F 637 -73.40 2.75 -11.23
N VAL F 638 -72.79 2.66 -12.41
CA VAL F 638 -73.58 3.17 -13.53
C VAL F 638 -74.06 2.03 -14.40
N MET F 639 -75.22 1.50 -14.00
CA MET F 639 -76.21 0.85 -14.85
C MET F 639 -77.36 1.79 -15.13
N ASN F 640 -77.62 2.71 -14.22
CA ASN F 640 -78.81 3.55 -14.31
C ASN F 640 -78.52 4.97 -14.81
N MET F 641 -77.27 5.36 -14.94
CA MET F 641 -76.98 6.69 -15.46
C MET F 641 -77.41 6.77 -16.92
N PRO F 642 -78.21 7.78 -17.28
CA PRO F 642 -78.95 7.72 -18.54
C PRO F 642 -78.18 8.24 -19.74
N LYS F 643 -78.67 7.88 -20.91
CA LYS F 643 -78.22 8.46 -22.17
C LYS F 643 -78.68 9.91 -22.23
N SER F 644 -77.85 10.75 -22.84
CA SER F 644 -76.59 10.33 -23.42
C SER F 644 -75.43 10.93 -22.65
N LEU F 645 -75.61 11.13 -21.34
CA LEU F 645 -74.49 11.51 -20.52
C LEU F 645 -73.41 10.44 -20.58
N THR F 646 -73.85 9.19 -20.71
CA THR F 646 -72.97 8.11 -21.15
C THR F 646 -72.14 8.56 -22.34
N ALA F 647 -72.82 9.03 -23.39
CA ALA F 647 -72.11 9.45 -24.59
C ALA F 647 -71.16 10.60 -24.29
N PHE F 648 -71.58 11.52 -23.43
CA PHE F 648 -70.74 12.67 -23.14
C PHE F 648 -69.41 12.21 -22.54
N GLY F 649 -69.47 11.38 -21.50
CA GLY F 649 -68.24 10.89 -20.91
C GLY F 649 -67.41 10.07 -21.89
N GLY F 650 -68.06 9.17 -22.62
CA GLY F 650 -67.32 8.34 -23.56
C GLY F 650 -66.61 9.17 -24.60
N TYR F 651 -67.28 10.19 -25.12
CA TYR F 651 -66.66 11.04 -26.12
C TYR F 651 -65.53 11.86 -25.53
N ASP F 652 -65.66 12.30 -24.28
CA ASP F 652 -64.53 12.95 -23.62
C ASP F 652 -63.32 12.03 -23.60
N ALA F 653 -63.54 10.78 -23.19
CA ALA F 653 -62.43 9.83 -23.14
C ALA F 653 -61.86 9.60 -24.54
N VAL F 654 -62.74 9.53 -25.53
CA VAL F 654 -62.32 9.33 -26.91
C VAL F 654 -61.36 10.42 -27.32
N THR F 655 -61.76 11.66 -27.09
CA THR F 655 -60.89 12.81 -27.35
C THR F 655 -59.58 12.66 -26.61
N HIS F 656 -59.64 12.33 -25.31
CA HIS F 656 -58.43 12.16 -24.52
C HIS F 656 -57.47 11.22 -25.23
N ALA F 657 -58.00 10.10 -25.70
CA ALA F 657 -57.14 9.10 -26.31
C ALA F 657 -56.53 9.60 -27.61
N LEU F 658 -57.35 10.05 -28.55
CA LEU F 658 -56.80 10.36 -29.87
C LEU F 658 -55.80 11.49 -29.76
N GLU F 659 -56.11 12.50 -28.94
CA GLU F 659 -55.11 13.53 -28.75
C GLU F 659 -53.85 12.97 -28.12
N ALA F 660 -53.98 12.07 -27.15
CA ALA F 660 -52.80 11.61 -26.45
C ALA F 660 -51.85 10.90 -27.40
N TYR F 661 -52.39 10.07 -28.28
CA TYR F 661 -51.52 9.28 -29.14
C TYR F 661 -50.68 10.17 -30.04
N VAL F 662 -51.28 11.23 -30.59
CA VAL F 662 -50.60 12.05 -31.58
C VAL F 662 -49.79 13.15 -30.91
N SER F 663 -49.91 13.24 -29.59
CA SER F 663 -49.19 14.28 -28.86
C SER F 663 -47.69 14.12 -29.04
N VAL F 664 -46.98 15.25 -29.11
CA VAL F 664 -45.53 15.18 -29.24
C VAL F 664 -44.91 14.61 -27.98
N LEU F 665 -45.59 14.72 -26.85
CA LEU F 665 -45.12 14.12 -25.61
C LEU F 665 -45.34 12.62 -25.58
N ALA F 666 -46.00 12.07 -26.59
CA ALA F 666 -46.31 10.65 -26.60
C ALA F 666 -45.02 9.84 -26.64
N ASN F 667 -44.74 9.16 -25.54
CA ASN F 667 -43.74 8.12 -25.57
C ASN F 667 -44.37 6.84 -26.12
N GLU F 668 -43.55 5.81 -26.24
CA GLU F 668 -44.09 4.50 -26.57
C GLU F 668 -45.03 4.01 -25.46
N TYR F 669 -44.87 4.55 -24.26
CA TYR F 669 -45.54 3.97 -23.10
C TYR F 669 -47.06 4.10 -23.21
N SER F 670 -47.52 5.30 -23.56
CA SER F 670 -48.95 5.56 -23.64
C SER F 670 -49.58 4.91 -24.87
N ASP F 671 -48.76 4.62 -25.88
CA ASP F 671 -49.32 4.10 -27.13
C ASP F 671 -50.05 2.79 -26.89
N GLY F 672 -49.49 1.91 -26.06
CA GLY F 672 -50.08 0.59 -25.88
C GLY F 672 -51.52 0.65 -25.43
N GLN F 673 -51.75 1.07 -24.19
CA GLN F 673 -53.11 1.07 -23.69
C GLN F 673 -53.98 2.16 -24.32
N ALA F 674 -53.40 3.22 -24.88
CA ALA F 674 -54.24 4.14 -25.66
C ALA F 674 -54.86 3.42 -26.85
N LEU F 675 -54.01 2.74 -27.63
CA LEU F 675 -54.49 1.90 -28.73
C LEU F 675 -55.49 0.88 -28.22
N GLN F 676 -55.22 0.30 -27.06
CA GLN F 676 -56.11 -0.72 -26.51
C GLN F 676 -57.50 -0.16 -26.28
N ALA F 677 -57.58 0.97 -25.57
CA ALA F 677 -58.87 1.55 -25.26
C ALA F 677 -59.61 1.94 -26.53
N LEU F 678 -58.89 2.54 -27.49
CA LEU F 678 -59.52 2.92 -28.73
C LEU F 678 -60.08 1.72 -29.47
N LYS F 679 -59.28 0.66 -29.59
CA LYS F 679 -59.76 -0.53 -30.27
C LYS F 679 -60.97 -1.11 -29.58
N MET F 680 -60.93 -1.18 -28.24
CA MET F 680 -61.95 -1.93 -27.53
C MET F 680 -63.23 -1.12 -27.36
N LEU F 681 -63.18 0.17 -27.63
CA LEU F 681 -64.38 0.94 -27.41
C LEU F 681 -65.37 0.86 -28.58
N LYS F 682 -64.84 0.65 -29.79
CA LYS F 682 -65.64 0.79 -30.99
C LYS F 682 -66.83 -0.16 -31.04
N GLU F 683 -66.78 -1.24 -30.27
CA GLU F 683 -67.86 -2.22 -30.25
C GLU F 683 -68.88 -1.93 -29.16
N TYR F 684 -68.39 -1.49 -28.01
CA TYR F 684 -69.21 -1.43 -26.82
C TYR F 684 -69.85 -0.06 -26.63
N LEU F 685 -69.41 0.95 -27.37
CA LEU F 685 -70.19 2.20 -27.35
C LEU F 685 -71.59 2.03 -27.91
N PRO F 686 -71.81 1.53 -29.13
CA PRO F 686 -73.18 1.46 -29.63
C PRO F 686 -74.07 0.60 -28.76
N SER F 687 -73.52 -0.52 -28.28
CA SER F 687 -74.31 -1.41 -27.44
C SER F 687 -74.69 -0.74 -26.14
N SER F 688 -73.71 -0.21 -25.41
CA SER F 688 -74.01 0.38 -24.11
C SER F 688 -74.93 1.58 -24.25
N TYR F 689 -74.73 2.37 -25.30
CA TYR F 689 -75.61 3.50 -25.56
C TYR F 689 -77.02 3.04 -25.82
N ALA F 690 -77.18 1.99 -26.64
CA ALA F 690 -78.50 1.43 -26.87
C ALA F 690 -78.96 0.57 -25.71
N ASN F 691 -78.05 -0.21 -25.11
CA ASN F 691 -78.41 -1.20 -24.13
C ASN F 691 -77.75 -0.88 -22.79
N GLY F 692 -78.56 -0.81 -21.76
CA GLY F 692 -78.11 -0.57 -20.41
C GLY F 692 -79.31 -0.09 -19.62
N ALA F 693 -79.54 -0.68 -18.45
CA ALA F 693 -78.66 -1.68 -17.87
C ALA F 693 -78.90 -3.10 -18.38
N LYS F 694 -79.67 -3.24 -19.46
CA LYS F 694 -79.93 -4.58 -19.97
C LYS F 694 -78.65 -5.29 -20.37
N ASP F 695 -77.59 -4.54 -20.63
CA ASP F 695 -76.30 -5.10 -21.03
C ASP F 695 -75.25 -4.77 -19.98
N PRO F 696 -75.17 -5.53 -18.89
CA PRO F 696 -74.11 -5.29 -17.91
C PRO F 696 -72.80 -5.88 -18.38
N ILE F 697 -72.51 -5.72 -19.67
CA ILE F 697 -71.24 -6.12 -20.27
C ILE F 697 -70.59 -4.85 -20.77
N ALA F 698 -71.21 -4.21 -21.75
CA ALA F 698 -70.58 -3.07 -22.39
C ALA F 698 -70.33 -1.93 -21.40
N ARG F 699 -71.21 -1.77 -20.42
CA ARG F 699 -71.11 -0.61 -19.53
C ARG F 699 -69.81 -0.63 -18.74
N GLU F 700 -69.53 -1.74 -18.05
CA GLU F 700 -68.27 -1.79 -17.32
C GLU F 700 -67.09 -1.84 -18.28
N LYS F 701 -67.29 -2.39 -19.48
CA LYS F 701 -66.20 -2.38 -20.45
C LYS F 701 -65.79 -0.97 -20.80
N VAL F 702 -66.75 -0.10 -21.11
CA VAL F 702 -66.39 1.27 -21.46
C VAL F 702 -65.93 2.01 -20.22
N HIS F 703 -66.42 1.64 -19.05
CA HIS F 703 -65.89 2.22 -17.83
C HIS F 703 -64.39 1.96 -17.72
N ASN F 704 -64.00 0.70 -17.90
CA ASN F 704 -62.58 0.38 -17.86
C ASN F 704 -61.83 1.09 -18.97
N ALA F 705 -62.45 1.21 -20.14
CA ALA F 705 -61.79 1.89 -21.24
C ALA F 705 -61.50 3.34 -20.88
N ALA F 706 -62.46 4.01 -20.25
CA ALA F 706 -62.25 5.39 -19.83
C ALA F 706 -61.13 5.47 -18.81
N THR F 707 -61.10 4.52 -17.88
CA THR F 707 -60.01 4.50 -16.92
C THR F 707 -58.67 4.35 -17.62
N ILE F 708 -58.62 3.49 -18.64
CA ILE F 708 -57.40 3.31 -19.40
C ILE F 708 -57.01 4.60 -20.12
N ALA F 709 -57.99 5.30 -20.65
CA ALA F 709 -57.69 6.59 -21.28
C ALA F 709 -57.05 7.53 -20.26
N GLY F 710 -57.60 7.56 -19.05
CA GLY F 710 -57.00 8.36 -18.01
C GLY F 710 -55.58 7.93 -17.71
N ILE F 711 -55.33 6.63 -17.73
CA ILE F 711 -53.96 6.14 -17.64
C ILE F 711 -53.13 6.76 -18.75
N ALA F 712 -53.69 6.80 -19.96
CA ALA F 712 -52.94 7.24 -21.12
C ALA F 712 -52.52 8.69 -20.98
N PHE F 713 -53.47 9.62 -20.99
CA PHE F 713 -52.99 10.99 -21.00
C PHE F 713 -52.55 11.47 -19.63
N ALA F 714 -52.37 10.55 -18.67
CA ALA F 714 -51.76 10.92 -17.41
C ALA F 714 -50.32 11.36 -17.61
N ASN F 715 -49.67 10.93 -18.68
CA ASN F 715 -48.32 11.36 -19.03
C ASN F 715 -48.26 12.18 -20.29
N ALA F 716 -49.05 11.84 -21.30
CA ALA F 716 -49.15 12.64 -22.51
C ALA F 716 -50.20 13.72 -22.26
N PHE F 717 -49.81 14.97 -22.41
CA PHE F 717 -50.72 16.05 -22.10
C PHE F 717 -51.81 16.20 -23.15
N LEU F 718 -52.73 17.13 -22.88
CA LEU F 718 -53.93 17.28 -23.69
C LEU F 718 -53.61 17.99 -25.01
N GLY F 719 -54.58 17.97 -25.92
CA GLY F 719 -54.51 18.68 -27.16
C GLY F 719 -55.20 20.03 -27.07
N VAL F 720 -54.98 20.83 -28.12
CA VAL F 720 -55.52 22.18 -28.15
C VAL F 720 -57.04 22.15 -28.07
N CYS F 721 -57.64 21.16 -28.73
CA CYS F 721 -59.08 21.01 -28.69
C CYS F 721 -59.58 20.91 -27.25
N HIS F 722 -58.80 20.29 -26.37
CA HIS F 722 -59.35 20.02 -25.04
C HIS F 722 -59.57 21.31 -24.25
N SER F 723 -58.54 22.14 -24.11
CA SER F 723 -58.75 23.39 -23.39
C SER F 723 -59.68 24.30 -24.17
N MET F 724 -59.62 24.24 -25.49
CA MET F 724 -60.52 25.06 -26.28
C MET F 724 -61.97 24.71 -25.97
N ALA F 725 -62.25 23.42 -25.82
CA ALA F 725 -63.59 22.98 -25.44
C ALA F 725 -63.89 23.32 -23.99
N HIS F 726 -62.86 23.28 -23.13
CA HIS F 726 -63.00 23.87 -21.81
C HIS F 726 -63.63 25.23 -21.91
N LYS F 727 -63.14 26.01 -22.87
CA LYS F 727 -63.62 27.38 -22.99
C LYS F 727 -65.06 27.42 -23.46
N ILE F 728 -65.35 26.79 -24.60
CA ILE F 728 -66.72 26.76 -25.11
C ILE F 728 -67.69 26.34 -24.02
N GLY F 729 -67.35 25.31 -23.27
CA GLY F 729 -68.16 24.98 -22.11
C GLY F 729 -68.22 26.12 -21.12
N ALA F 730 -67.12 26.86 -20.97
CA ALA F 730 -67.06 27.90 -19.95
C ALA F 730 -68.08 28.99 -20.20
N GLU F 731 -68.12 29.58 -21.40
CA GLU F 731 -69.00 30.73 -21.55
C GLU F 731 -70.47 30.30 -21.66
N PHE F 732 -70.75 29.23 -22.39
CA PHE F 732 -72.13 28.87 -22.67
C PHE F 732 -72.68 27.80 -21.75
N HIS F 733 -71.96 27.50 -20.66
CA HIS F 733 -72.39 26.51 -19.67
C HIS F 733 -72.60 25.14 -20.30
N LEU F 734 -71.98 24.91 -21.44
CA LEU F 734 -72.08 23.62 -22.12
C LEU F 734 -71.28 22.58 -21.35
N PRO F 735 -71.78 21.35 -21.25
CA PRO F 735 -71.04 20.33 -20.52
C PRO F 735 -69.77 19.93 -21.26
N HIS F 736 -68.80 19.47 -20.48
CA HIS F 736 -67.60 18.90 -21.08
C HIS F 736 -67.96 17.60 -21.78
N GLY F 737 -67.09 17.17 -22.69
CA GLY F 737 -67.24 15.85 -23.26
C GLY F 737 -67.96 15.84 -24.58
N LEU F 738 -69.00 16.67 -24.72
CA LEU F 738 -69.64 16.84 -26.01
C LEU F 738 -69.20 18.11 -26.72
N ALA F 739 -68.79 19.13 -25.97
CA ALA F 739 -68.29 20.34 -26.60
C ALA F 739 -67.09 20.03 -27.48
N ASN F 740 -66.10 19.35 -26.92
CA ASN F 740 -64.98 18.88 -27.72
C ASN F 740 -65.44 17.90 -28.80
N ALA F 741 -66.44 17.08 -28.48
CA ALA F 741 -66.91 16.08 -29.43
C ALA F 741 -67.49 16.74 -30.68
N LEU F 742 -67.81 18.03 -30.60
CA LEU F 742 -68.26 18.76 -31.78
C LEU F 742 -67.09 19.26 -32.60
N LEU F 743 -65.88 19.14 -32.08
CA LEU F 743 -64.72 19.77 -32.67
C LEU F 743 -63.81 18.79 -33.37
N ILE F 744 -63.72 17.55 -32.84
CA ILE F 744 -62.62 16.66 -33.17
C ILE F 744 -62.41 16.64 -34.66
N ALA F 745 -63.53 16.63 -35.40
CA ALA F 745 -63.48 16.49 -36.84
C ALA F 745 -62.53 17.51 -37.44
N ASN F 746 -62.91 18.78 -37.37
CA ASN F 746 -62.06 19.78 -37.98
C ASN F 746 -60.66 19.73 -37.40
N VAL F 747 -60.56 19.32 -36.13
CA VAL F 747 -59.28 19.32 -35.46
C VAL F 747 -58.28 18.49 -36.24
N VAL F 748 -58.65 17.27 -36.61
CA VAL F 748 -57.69 16.43 -37.29
C VAL F 748 -57.49 16.93 -38.72
N ARG F 749 -58.50 17.58 -39.28
CA ARG F 749 -58.32 18.22 -40.56
C ARG F 749 -57.31 19.34 -40.46
N TYR F 750 -57.20 19.96 -39.29
CA TYR F 750 -56.09 20.87 -39.06
C TYR F 750 -54.78 20.09 -39.11
N ASN F 751 -54.76 18.92 -38.47
CA ASN F 751 -53.61 18.04 -38.57
C ASN F 751 -53.51 17.40 -39.94
N ALA F 752 -54.57 17.49 -40.74
CA ALA F 752 -54.54 16.93 -42.09
C ALA F 752 -53.67 17.83 -42.95
N ASN F 753 -52.36 17.64 -42.82
CA ASN F 753 -51.40 18.45 -43.55
C ASN F 753 -50.24 17.58 -43.99
N ASP F 754 -49.75 17.84 -45.20
CA ASP F 754 -48.59 17.10 -45.70
C ASP F 754 -47.32 17.68 -45.10
N ASN F 755 -47.04 18.95 -45.37
CA ASN F 755 -45.82 19.56 -44.88
C ASN F 755 -45.87 21.08 -44.84
N PRO F 756 -46.80 21.69 -44.11
CA PRO F 756 -46.77 23.14 -43.96
C PRO F 756 -45.72 23.53 -42.92
N THR F 757 -44.58 24.00 -43.40
CA THR F 757 -43.51 24.44 -42.52
C THR F 757 -43.62 25.94 -42.29
N LYS F 758 -44.83 26.36 -41.95
CA LYS F 758 -45.11 27.76 -41.66
C LYS F 758 -44.84 28.12 -40.21
N GLN F 759 -45.20 27.25 -39.28
CA GLN F 759 -45.03 27.55 -37.86
C GLN F 759 -44.54 26.34 -37.07
N THR F 760 -44.36 25.20 -37.73
CA THR F 760 -43.93 24.00 -37.03
C THR F 760 -42.51 24.16 -36.50
N ALA F 761 -42.23 23.48 -35.40
CA ALA F 761 -40.93 23.55 -34.76
C ALA F 761 -40.40 22.14 -34.53
N PHE F 762 -39.18 21.91 -34.97
CA PHE F 762 -38.47 20.66 -34.70
C PHE F 762 -39.29 19.47 -35.19
N SER F 763 -39.73 19.58 -36.43
CA SER F 763 -40.69 18.64 -36.99
C SER F 763 -40.06 17.27 -37.17
N GLN F 764 -38.89 17.21 -37.78
CA GLN F 764 -38.29 15.96 -38.22
C GLN F 764 -37.37 15.36 -37.17
N TYR F 765 -37.69 15.58 -35.90
CA TYR F 765 -36.86 15.13 -34.79
C TYR F 765 -37.33 13.81 -34.20
N ASP F 766 -38.57 13.77 -33.77
CA ASP F 766 -39.20 12.60 -33.17
C ASP F 766 -40.58 12.33 -33.74
N ARG F 767 -41.25 13.36 -34.26
CA ARG F 767 -42.58 13.22 -34.80
C ARG F 767 -42.50 13.34 -36.30
N PRO F 768 -42.30 12.27 -37.03
CA PRO F 768 -42.11 12.39 -38.49
C PRO F 768 -43.33 12.99 -39.19
N GLN F 769 -44.50 12.40 -38.98
CA GLN F 769 -45.72 12.91 -39.57
C GLN F 769 -46.92 12.32 -38.87
N ALA F 770 -47.85 13.19 -38.46
CA ALA F 770 -49.06 12.74 -37.80
C ALA F 770 -49.92 11.91 -38.74
N ARG F 771 -49.96 12.30 -40.02
CA ARG F 771 -50.79 11.58 -40.99
C ARG F 771 -50.50 10.09 -40.95
N ARG F 772 -49.23 9.73 -40.90
CA ARG F 772 -48.87 8.32 -40.86
C ARG F 772 -49.43 7.69 -39.60
N ARG F 773 -49.34 8.41 -38.48
CA ARG F 773 -49.81 7.88 -37.21
C ARG F 773 -51.30 7.59 -37.29
N TYR F 774 -52.04 8.53 -37.88
CA TYR F 774 -53.46 8.36 -38.05
C TYR F 774 -53.75 7.14 -38.92
N ALA F 775 -52.98 6.98 -40.00
CA ALA F 775 -53.19 5.82 -40.87
C ALA F 775 -52.88 4.52 -40.15
N GLU F 776 -51.90 4.54 -39.26
CA GLU F 776 -51.61 3.37 -38.44
C GLU F 776 -52.81 3.05 -37.57
N VAL F 777 -53.46 4.09 -37.05
CA VAL F 777 -54.70 3.88 -36.31
C VAL F 777 -55.74 3.24 -37.22
N ALA F 778 -55.86 3.76 -38.44
CA ALA F 778 -56.91 3.33 -39.36
C ALA F 778 -56.77 1.85 -39.67
N ASP F 779 -55.65 1.47 -40.27
CA ASP F 779 -55.42 0.06 -40.56
C ASP F 779 -55.33 -0.75 -39.28
N HIS F 780 -55.00 -0.10 -38.17
CA HIS F 780 -54.88 -0.82 -36.91
C HIS F 780 -56.25 -1.21 -36.38
N LEU F 781 -57.26 -0.42 -36.71
CA LEU F 781 -58.64 -0.86 -36.61
C LEU F 781 -59.04 -1.74 -37.78
N GLY F 782 -58.23 -1.76 -38.84
CA GLY F 782 -58.71 -2.29 -40.10
C GLY F 782 -59.76 -1.42 -40.74
N LEU F 783 -59.65 -0.11 -40.59
CA LEU F 783 -60.60 0.85 -41.17
C LEU F 783 -60.18 1.28 -42.56
N SER F 784 -59.46 0.42 -43.27
CA SER F 784 -58.88 0.79 -44.54
C SER F 784 -58.84 -0.42 -45.45
N GLN F 785 -59.00 -0.16 -46.75
CA GLN F 785 -58.74 -1.17 -47.74
C GLN F 785 -57.27 -1.57 -47.65
N PRO F 786 -56.95 -2.86 -47.80
CA PRO F 786 -55.54 -3.25 -47.80
C PRO F 786 -54.71 -2.50 -48.82
N GLY F 787 -55.27 -2.19 -49.99
CA GLY F 787 -54.60 -1.30 -50.92
C GLY F 787 -55.12 0.11 -50.80
N ASP F 788 -54.40 0.96 -50.06
CA ASP F 788 -54.85 2.32 -49.79
C ASP F 788 -53.65 3.25 -49.74
N ARG F 789 -53.92 4.54 -49.92
CA ARG F 789 -52.98 5.56 -49.52
C ARG F 789 -53.37 6.10 -48.15
N THR F 790 -52.50 6.94 -47.59
CA THR F 790 -52.75 7.48 -46.27
C THR F 790 -54.07 8.23 -46.22
N ALA F 791 -54.21 9.27 -47.06
CA ALA F 791 -55.37 10.14 -46.99
C ALA F 791 -56.67 9.34 -47.16
N GLN F 792 -56.62 8.27 -47.96
CA GLN F 792 -57.76 7.38 -48.04
C GLN F 792 -58.13 6.85 -46.67
N LYS F 793 -57.15 6.31 -45.96
CA LYS F 793 -57.38 5.80 -44.62
C LYS F 793 -57.87 6.91 -43.70
N ILE F 794 -57.38 8.12 -43.91
CA ILE F 794 -57.72 9.24 -43.03
C ILE F 794 -59.19 9.60 -43.18
N GLU F 795 -59.65 9.73 -44.42
CA GLU F 795 -61.04 10.05 -44.65
C GLU F 795 -61.93 8.91 -44.16
N ARG F 796 -61.49 7.66 -44.34
CA ARG F 796 -62.21 6.55 -43.73
C ARG F 796 -62.29 6.72 -42.22
N LEU F 797 -61.18 7.10 -41.60
CA LEU F 797 -61.17 7.32 -40.16
C LEU F 797 -62.23 8.32 -39.74
N LEU F 798 -62.22 9.48 -40.36
CA LEU F 798 -63.07 10.50 -39.75
C LEU F 798 -64.49 10.37 -40.26
N THR F 799 -64.70 9.69 -41.38
CA THR F 799 -66.05 9.25 -41.72
C THR F 799 -66.58 8.30 -40.67
N TRP F 800 -65.78 7.30 -40.31
CA TRP F 800 -66.12 6.42 -39.21
C TRP F 800 -66.61 7.19 -38.01
N LEU F 801 -65.78 8.12 -37.53
CA LEU F 801 -66.21 8.91 -36.39
C LEU F 801 -67.46 9.72 -36.72
N ASP F 802 -67.61 10.16 -37.96
CA ASP F 802 -68.74 11.00 -38.33
C ASP F 802 -70.06 10.30 -38.05
N GLU F 803 -70.33 9.23 -38.78
CA GLU F 803 -71.64 8.63 -38.52
C GLU F 803 -71.62 7.76 -37.27
N LEU F 804 -70.44 7.50 -36.70
CA LEU F 804 -70.43 6.93 -35.37
C LEU F 804 -71.06 7.89 -34.38
N LYS F 805 -70.62 9.14 -34.38
CA LYS F 805 -71.22 10.13 -33.50
C LYS F 805 -72.61 10.52 -33.97
N VAL F 806 -72.93 10.28 -35.24
CA VAL F 806 -74.34 10.29 -35.65
C VAL F 806 -75.13 9.30 -34.81
N ASN F 807 -74.59 8.10 -34.62
CA ASN F 807 -75.34 7.04 -33.96
C ASN F 807 -75.80 7.45 -32.58
N LEU F 808 -75.11 8.38 -31.94
CA LEU F 808 -75.40 8.74 -30.57
C LEU F 808 -76.15 10.07 -30.45
N ASP F 809 -76.82 10.48 -31.53
CA ASP F 809 -77.88 11.48 -31.45
C ASP F 809 -77.36 12.80 -30.88
N ILE F 810 -76.45 13.40 -31.64
CA ILE F 810 -75.83 14.66 -31.22
C ILE F 810 -75.94 15.64 -32.39
N PRO F 811 -76.07 16.93 -32.09
CA PRO F 811 -76.13 17.92 -33.17
C PRO F 811 -74.81 17.98 -33.92
N LYS F 812 -74.89 18.40 -35.18
CA LYS F 812 -73.73 18.39 -36.05
C LYS F 812 -73.20 19.77 -36.36
N SER F 813 -73.89 20.81 -35.93
CA SER F 813 -73.42 22.17 -35.96
C SER F 813 -73.80 22.82 -34.64
N ILE F 814 -72.94 23.68 -34.13
CA ILE F 814 -73.18 24.20 -32.79
C ILE F 814 -74.41 25.09 -32.77
N GLN F 815 -74.77 25.67 -33.92
CA GLN F 815 -76.08 26.29 -34.02
C GLN F 815 -77.19 25.27 -33.82
N ALA F 816 -77.02 24.08 -34.38
CA ALA F 816 -77.94 22.99 -34.07
C ALA F 816 -77.85 22.57 -32.62
N ALA F 817 -76.78 22.94 -31.93
CA ALA F 817 -76.69 22.72 -30.50
C ALA F 817 -77.41 23.80 -29.70
N GLY F 818 -77.90 24.85 -30.35
CA GLY F 818 -78.69 25.84 -29.66
C GLY F 818 -77.90 27.01 -29.10
N VAL F 819 -77.14 27.69 -29.95
CA VAL F 819 -76.31 28.82 -29.54
C VAL F 819 -76.65 30.02 -30.41
N ALA F 820 -76.92 31.15 -29.77
CA ALA F 820 -77.04 32.39 -30.50
C ALA F 820 -75.71 32.78 -31.13
N GLU F 821 -75.72 32.92 -32.46
CA GLU F 821 -74.49 33.01 -33.23
C GLU F 821 -74.02 34.43 -33.49
N ALA F 822 -74.90 35.42 -33.40
CA ALA F 822 -74.46 36.81 -33.55
C ALA F 822 -73.37 37.12 -32.52
N ASP F 823 -73.66 36.83 -31.25
CA ASP F 823 -72.69 37.03 -30.18
C ASP F 823 -71.54 36.04 -30.29
N PHE F 824 -71.81 34.82 -30.77
CA PHE F 824 -70.71 33.93 -31.12
C PHE F 824 -69.67 34.68 -31.94
N LEU F 825 -70.06 35.25 -33.07
CA LEU F 825 -69.10 36.02 -33.84
C LEU F 825 -68.57 37.20 -33.04
N ALA F 826 -69.43 37.82 -32.24
CA ALA F 826 -69.02 39.01 -31.49
C ALA F 826 -67.86 38.70 -30.54
N LYS F 827 -67.80 37.49 -30.00
CA LYS F 827 -66.96 37.23 -28.85
C LYS F 827 -66.00 36.06 -29.07
N VAL F 828 -66.13 35.38 -30.21
CA VAL F 828 -65.16 34.38 -30.62
C VAL F 828 -63.79 35.00 -30.77
N ASP F 829 -63.72 36.30 -30.98
CA ASP F 829 -62.45 36.96 -31.22
C ASP F 829 -61.51 36.78 -30.02
N GLU F 830 -61.98 37.14 -28.83
CA GLU F 830 -61.15 36.98 -27.63
C GLU F 830 -61.22 35.55 -27.11
N LEU F 831 -62.32 34.85 -27.40
CA LEU F 831 -62.36 33.43 -27.16
C LEU F 831 -61.16 32.74 -27.80
N ALA F 832 -60.83 33.11 -29.03
CA ALA F 832 -59.72 32.48 -29.74
C ALA F 832 -58.38 32.86 -29.12
N VAL F 833 -58.23 34.09 -28.67
CA VAL F 833 -56.93 34.49 -28.15
C VAL F 833 -56.64 33.75 -26.86
N GLU F 834 -57.63 33.62 -25.99
CA GLU F 834 -57.37 32.79 -24.82
C GLU F 834 -57.34 31.32 -25.17
N ALA F 835 -58.03 30.90 -26.22
CA ALA F 835 -57.92 29.54 -26.70
C ALA F 835 -56.50 29.21 -27.14
N PHE F 836 -55.74 30.21 -27.59
CA PHE F 836 -54.37 29.96 -27.99
C PHE F 836 -53.53 29.49 -26.82
N ASP F 837 -53.43 30.30 -25.77
CA ASP F 837 -52.44 30.09 -24.73
C ASP F 837 -52.96 29.25 -23.57
N ASP F 838 -54.20 28.79 -23.63
CA ASP F 838 -54.76 27.97 -22.55
C ASP F 838 -54.06 26.63 -22.52
N GLN F 839 -52.84 26.62 -21.95
CA GLN F 839 -52.10 25.40 -21.65
C GLN F 839 -52.17 24.39 -22.78
N CYS F 840 -52.09 24.88 -24.02
CA CYS F 840 -52.15 24.04 -25.22
C CYS F 840 -51.18 24.48 -26.32
N THR F 841 -49.86 24.53 -26.08
CA THR F 841 -49.08 24.33 -24.85
C THR F 841 -49.44 23.30 -23.76
N GLY F 842 -49.78 22.06 -24.12
CA GLY F 842 -49.95 21.62 -25.49
C GLY F 842 -48.82 20.91 -26.16
N ALA F 843 -49.01 19.60 -26.31
CA ALA F 843 -48.17 18.76 -27.14
C ALA F 843 -48.62 18.79 -28.60
N ASN F 844 -49.40 19.80 -28.98
CA ASN F 844 -49.87 19.92 -30.34
C ASN F 844 -48.66 19.99 -31.25
N PRO F 845 -48.51 19.06 -32.19
CA PRO F 845 -47.32 19.06 -33.03
C PRO F 845 -47.13 20.34 -33.82
N ARG F 846 -48.21 21.00 -34.23
CA ARG F 846 -48.10 22.20 -35.03
C ARG F 846 -48.56 23.42 -34.24
N TYR F 847 -47.89 24.54 -34.47
CA TYR F 847 -48.44 25.81 -34.05
C TYR F 847 -49.79 26.09 -34.68
N PRO F 848 -50.75 26.54 -33.89
CA PRO F 848 -51.85 27.35 -34.40
C PRO F 848 -51.48 28.83 -34.26
N LEU F 849 -52.13 29.66 -35.07
CA LEU F 849 -52.18 31.08 -34.79
C LEU F 849 -53.63 31.47 -34.63
N ILE F 850 -53.85 32.71 -34.20
CA ILE F 850 -55.20 33.16 -33.86
C ILE F 850 -56.13 32.96 -35.04
N ALA F 851 -55.63 33.16 -36.26
CA ALA F 851 -56.50 33.08 -37.43
C ALA F 851 -57.14 31.70 -37.56
N GLU F 852 -56.32 30.65 -37.54
CA GLU F 852 -56.84 29.31 -37.82
C GLU F 852 -57.89 28.88 -36.80
N LEU F 853 -57.67 29.20 -35.53
CA LEU F 853 -58.68 28.92 -34.52
C LEU F 853 -60.03 29.47 -34.92
N LYS F 854 -60.04 30.72 -35.39
CA LYS F 854 -61.27 31.36 -35.75
C LYS F 854 -61.96 30.64 -36.91
N GLU F 855 -61.18 30.23 -37.92
CA GLU F 855 -61.72 29.46 -39.02
C GLU F 855 -62.37 28.19 -38.51
N VAL F 856 -61.66 27.48 -37.65
CA VAL F 856 -62.17 26.22 -37.13
C VAL F 856 -63.45 26.44 -36.34
N LEU F 857 -63.47 27.47 -35.50
CA LEU F 857 -64.63 27.71 -34.67
C LEU F 857 -65.86 28.01 -35.52
N LEU F 858 -65.71 28.87 -36.52
CA LEU F 858 -66.85 29.17 -37.37
C LEU F 858 -67.28 27.94 -38.17
N ALA F 859 -66.33 27.17 -38.69
CA ALA F 859 -66.68 26.00 -39.48
C ALA F 859 -67.43 24.98 -38.64
N SER F 860 -66.95 24.74 -37.43
CA SER F 860 -67.61 23.80 -36.53
C SER F 860 -69.00 24.28 -36.15
N TYR F 861 -69.14 25.57 -35.87
CA TYR F 861 -70.44 26.08 -35.47
C TYR F 861 -71.47 25.86 -36.56
N TYR F 862 -71.06 26.05 -37.80
CA TYR F 862 -71.91 25.81 -38.96
C TYR F 862 -71.85 24.38 -39.44
N GLY F 863 -71.11 23.52 -38.73
CA GLY F 863 -70.90 22.17 -39.22
C GLY F 863 -70.14 22.11 -40.52
N LYS F 864 -69.40 23.12 -40.81
CA LYS F 864 -68.65 23.20 -42.05
C LYS F 864 -67.33 22.46 -41.92
N PRO F 865 -66.86 21.84 -43.00
CA PRO F 865 -65.58 21.11 -42.96
C PRO F 865 -64.41 22.09 -43.10
N PHE F 866 -63.61 22.20 -42.04
CA PHE F 866 -62.40 23.01 -42.08
C PHE F 866 -61.39 22.35 -42.99
N VAL F 867 -61.31 22.82 -44.23
CA VAL F 867 -60.42 22.25 -45.22
C VAL F 867 -59.79 23.37 -46.03
N GLU F 868 -58.52 23.20 -46.38
CA GLU F 868 -57.78 24.18 -47.15
C GLU F 868 -56.95 23.51 -48.23
N GLU G 450 -67.97 -13.80 -8.60
CA GLU G 450 -66.89 -13.57 -9.56
C GLU G 450 -65.57 -13.37 -8.84
N ASN G 451 -64.52 -13.09 -9.61
CA ASN G 451 -63.19 -12.89 -9.07
C ASN G 451 -62.78 -11.43 -9.19
N MET G 452 -61.54 -11.14 -8.85
CA MET G 452 -60.99 -9.80 -9.01
C MET G 452 -59.59 -9.90 -9.60
N LEU G 453 -59.00 -8.77 -9.97
CA LEU G 453 -57.81 -8.78 -10.79
C LEU G 453 -57.04 -7.47 -10.64
N TRP G 454 -55.86 -7.36 -11.26
CA TRP G 454 -54.82 -6.51 -10.71
C TRP G 454 -54.07 -5.66 -11.71
N HIS G 455 -53.59 -4.53 -11.20
CA HIS G 455 -52.52 -3.78 -11.85
C HIS G 455 -51.85 -2.91 -10.79
N LYS G 456 -50.70 -3.33 -10.31
CA LYS G 456 -49.93 -2.56 -9.34
C LYS G 456 -48.50 -2.45 -9.81
N LEU G 457 -47.95 -1.24 -9.76
CA LEU G 457 -46.61 -0.97 -10.24
C LEU G 457 -45.88 -0.13 -9.23
N PRO G 458 -44.55 -0.19 -9.22
CA PRO G 458 -43.77 0.78 -8.44
C PRO G 458 -44.07 2.21 -8.90
N LYS G 459 -43.86 3.16 -7.98
CA LYS G 459 -44.36 4.52 -8.19
C LYS G 459 -43.55 5.30 -9.21
N SER G 460 -42.23 5.08 -9.27
CA SER G 460 -41.36 6.02 -9.96
C SER G 460 -40.27 5.32 -10.75
N ILE G 461 -40.16 5.69 -12.02
CA ILE G 461 -39.13 5.19 -12.91
C ILE G 461 -38.48 6.38 -13.61
N TYR G 462 -37.15 6.42 -13.58
CA TYR G 462 -36.38 7.37 -14.38
C TYR G 462 -35.61 6.54 -15.41
N PHE G 463 -35.75 6.88 -16.68
CA PHE G 463 -35.30 5.91 -17.67
C PHE G 463 -34.84 6.57 -18.95
N ARG G 464 -33.53 6.74 -19.11
CA ARG G 464 -32.92 6.95 -20.41
C ARG G 464 -31.41 6.81 -20.49
N ARG G 465 -30.97 6.97 -21.74
CA ARG G 465 -29.68 7.51 -22.12
C ARG G 465 -29.27 8.64 -21.22
N GLY G 466 -28.15 8.44 -20.52
CA GLY G 466 -27.61 9.47 -19.64
C GLY G 466 -28.58 9.95 -18.59
N SER G 467 -29.39 9.06 -18.03
CA SER G 467 -30.37 9.48 -17.04
C SER G 467 -29.82 9.37 -15.63
N LEU G 468 -28.78 8.57 -15.44
CA LEU G 468 -28.35 8.19 -14.10
C LEU G 468 -28.03 9.37 -13.20
N PRO G 469 -27.22 10.35 -13.61
CA PRO G 469 -26.93 11.44 -12.67
C PRO G 469 -28.16 12.25 -12.30
N ILE G 470 -28.93 12.70 -13.30
CA ILE G 470 -30.14 13.45 -13.02
C ILE G 470 -31.14 12.56 -12.29
N ALA G 471 -31.04 11.25 -12.49
CA ALA G 471 -31.92 10.35 -11.76
C ALA G 471 -31.60 10.37 -10.26
N LEU G 472 -30.32 10.21 -9.92
CA LEU G 472 -29.94 10.15 -8.50
C LEU G 472 -29.90 11.51 -7.84
N SER G 473 -29.98 12.59 -8.62
CA SER G 473 -29.87 13.92 -8.04
C SER G 473 -30.85 14.12 -6.89
N ASP G 474 -32.08 13.65 -7.05
CA ASP G 474 -33.17 13.93 -6.10
C ASP G 474 -33.01 13.21 -4.78
N LEU G 475 -31.87 12.62 -4.48
CA LEU G 475 -31.68 11.78 -3.30
C LEU G 475 -30.94 12.53 -2.20
N GLU G 476 -31.27 13.81 -2.01
CA GLU G 476 -30.45 14.67 -1.18
C GLU G 476 -30.61 14.35 0.30
N GLY G 477 -31.83 14.51 0.83
CA GLY G 477 -32.04 14.52 2.27
C GLY G 477 -31.63 13.25 2.98
N LYS G 478 -31.48 12.15 2.27
CA LYS G 478 -31.15 10.88 2.89
C LYS G 478 -29.68 10.88 3.31
N LYS G 479 -29.36 10.05 4.30
CA LYS G 479 -28.03 10.08 4.91
C LYS G 479 -27.26 8.78 4.69
N ARG G 480 -27.81 7.64 5.09
CA ARG G 480 -27.09 6.38 5.01
C ARG G 480 -27.42 5.64 3.72
N ALA G 481 -26.64 4.61 3.42
CA ALA G 481 -26.88 3.83 2.22
C ALA G 481 -26.13 2.52 2.28
N PHE G 482 -26.62 1.54 1.53
CA PHE G 482 -25.94 0.28 1.30
C PHE G 482 -26.03 -0.05 -0.18
N LEU G 483 -24.97 -0.66 -0.71
CA LEU G 483 -24.89 -1.02 -2.11
C LEU G 483 -24.76 -2.53 -2.25
N VAL G 484 -25.55 -3.11 -3.16
CA VAL G 484 -25.43 -4.50 -3.54
C VAL G 484 -25.15 -4.57 -5.03
N THR G 485 -24.20 -5.42 -5.41
CA THR G 485 -23.78 -5.58 -6.79
C THR G 485 -23.01 -6.89 -6.89
N ASP G 486 -22.32 -7.08 -8.00
CA ASP G 486 -21.50 -8.27 -8.20
C ASP G 486 -20.02 -7.90 -8.19
N ARG G 487 -19.19 -8.90 -7.88
CA ARG G 487 -17.76 -8.69 -7.78
C ARG G 487 -17.17 -8.27 -9.12
N PHE G 488 -17.64 -8.88 -10.22
CA PHE G 488 -17.10 -8.54 -11.53
C PHE G 488 -17.35 -7.08 -11.86
N LEU G 489 -18.61 -6.64 -11.77
CA LEU G 489 -18.92 -5.25 -12.02
C LEU G 489 -18.25 -4.34 -10.99
N PHE G 490 -18.06 -4.84 -9.77
CA PHE G 490 -17.32 -4.07 -8.78
C PHE G 490 -15.91 -3.80 -9.25
N ASN G 491 -15.27 -4.82 -9.83
CA ASN G 491 -13.96 -4.62 -10.44
C ASN G 491 -14.05 -3.64 -11.59
N ASN G 492 -15.10 -3.75 -12.39
CA ASN G 492 -15.32 -2.82 -13.49
C ASN G 492 -15.57 -1.41 -12.94
N GLY G 493 -15.25 -0.42 -13.76
CA GLY G 493 -15.41 0.96 -13.37
C GLY G 493 -16.84 1.43 -13.42
N TYR G 494 -17.72 0.79 -12.64
CA TYR G 494 -19.11 1.17 -12.57
C TYR G 494 -19.52 1.55 -11.16
N ALA G 495 -19.11 0.78 -10.16
CA ALA G 495 -19.44 1.10 -8.77
C ALA G 495 -18.78 2.39 -8.34
N ASP G 496 -17.56 2.64 -8.81
CA ASP G 496 -16.88 3.90 -8.51
C ASP G 496 -17.71 5.09 -8.95
N ASP G 497 -18.40 4.96 -10.08
CA ASP G 497 -19.24 6.06 -10.58
C ASP G 497 -20.31 6.43 -9.56
N VAL G 498 -21.06 5.43 -9.10
CA VAL G 498 -22.16 5.67 -8.17
C VAL G 498 -21.63 6.18 -6.84
N VAL G 499 -20.57 5.55 -6.32
CA VAL G 499 -20.07 6.00 -5.03
C VAL G 499 -19.55 7.42 -5.11
N ALA G 500 -18.95 7.80 -6.24
CA ALA G 500 -18.50 9.18 -6.41
C ALA G 500 -19.69 10.13 -6.43
N LEU G 501 -20.75 9.77 -7.16
CA LEU G 501 -21.93 10.64 -7.19
C LEU G 501 -22.56 10.75 -5.82
N LEU G 502 -22.47 9.71 -5.01
CA LEU G 502 -23.00 9.77 -3.64
C LEU G 502 -22.13 10.66 -2.77
N LYS G 503 -20.81 10.49 -2.85
CA LYS G 503 -19.91 11.32 -2.08
C LYS G 503 -20.02 12.78 -2.50
N ALA G 504 -20.51 13.03 -3.71
CA ALA G 504 -20.80 14.39 -4.14
C ALA G 504 -21.75 15.06 -3.15
N GLN G 505 -22.74 14.32 -2.68
CA GLN G 505 -23.48 14.76 -1.50
C GLN G 505 -22.80 14.31 -0.23
N GLY G 506 -22.27 13.09 -0.23
CA GLY G 506 -21.50 12.56 0.87
C GLY G 506 -22.35 11.66 1.73
N MET G 507 -22.30 10.37 1.44
CA MET G 507 -23.18 9.38 2.04
C MET G 507 -22.31 8.29 2.67
N GLU G 508 -22.63 7.91 3.90
CA GLU G 508 -22.00 6.73 4.49
C GLU G 508 -22.48 5.51 3.73
N VAL G 509 -21.58 4.91 2.94
CA VAL G 509 -21.97 3.86 2.00
C VAL G 509 -21.02 2.69 2.14
N GLN G 510 -21.49 1.54 1.65
CA GLN G 510 -20.67 0.34 1.53
C GLN G 510 -21.32 -0.53 0.47
N THR G 511 -20.48 -1.19 -0.32
CA THR G 511 -20.95 -2.04 -1.39
C THR G 511 -20.90 -3.50 -0.96
N PHE G 512 -21.84 -4.28 -1.48
CA PHE G 512 -21.81 -5.72 -1.36
C PHE G 512 -21.75 -6.28 -2.78
N PHE G 513 -20.55 -6.69 -3.20
CA PHE G 513 -20.35 -7.25 -4.52
C PHE G 513 -20.16 -8.76 -4.49
N GLU G 514 -20.57 -9.41 -3.40
CA GLU G 514 -20.30 -10.81 -3.16
C GLU G 514 -21.52 -11.68 -3.42
N VAL G 515 -22.31 -11.33 -4.43
CA VAL G 515 -23.42 -12.17 -4.89
C VAL G 515 -22.99 -12.88 -6.15
N GLU G 516 -23.24 -14.19 -6.21
CA GLU G 516 -23.01 -14.95 -7.42
C GLU G 516 -24.34 -15.15 -8.15
N ALA G 517 -24.32 -16.05 -9.14
CA ALA G 517 -25.42 -16.18 -10.08
C ALA G 517 -26.74 -16.51 -9.42
N ASP G 518 -26.75 -16.91 -8.15
CA ASP G 518 -27.99 -17.35 -7.55
C ASP G 518 -28.06 -16.99 -6.08
N PRO G 519 -29.25 -16.64 -5.58
CA PRO G 519 -29.42 -16.45 -4.14
C PRO G 519 -29.13 -17.73 -3.37
N THR G 520 -28.52 -17.57 -2.20
CA THR G 520 -27.82 -18.68 -1.57
C THR G 520 -28.46 -19.19 -0.29
N LEU G 521 -29.31 -18.38 0.35
CA LEU G 521 -29.73 -18.58 1.74
C LEU G 521 -28.54 -18.47 2.69
N SER G 522 -27.35 -18.15 2.18
CA SER G 522 -26.16 -17.88 2.99
C SER G 522 -25.64 -16.48 2.77
N VAL G 523 -25.40 -16.11 1.50
CA VAL G 523 -24.99 -14.75 1.18
C VAL G 523 -26.01 -13.75 1.68
N VAL G 524 -27.30 -14.13 1.63
CA VAL G 524 -28.36 -13.20 1.98
C VAL G 524 -28.22 -12.73 3.43
N GLU G 525 -27.95 -13.65 4.35
CA GLU G 525 -27.95 -13.25 5.75
C GLU G 525 -26.61 -12.65 6.17
N LYS G 526 -25.50 -13.01 5.52
CA LYS G 526 -24.26 -12.29 5.81
C LYS G 526 -24.38 -10.85 5.35
N GLY G 527 -24.97 -10.62 4.18
CA GLY G 527 -25.22 -9.25 3.74
C GLY G 527 -26.18 -8.51 4.65
N ALA G 528 -27.27 -9.17 5.05
CA ALA G 528 -28.24 -8.55 5.93
C ALA G 528 -27.62 -8.21 7.27
N ALA G 529 -26.78 -9.11 7.81
CA ALA G 529 -26.12 -8.85 9.08
C ALA G 529 -25.15 -7.69 8.98
N ALA G 530 -24.37 -7.63 7.89
CA ALA G 530 -23.45 -6.51 7.71
C ALA G 530 -24.20 -5.20 7.66
N MET G 531 -25.30 -5.16 6.90
CA MET G 531 -26.00 -3.89 6.75
C MET G 531 -26.73 -3.52 8.04
N GLN G 532 -27.35 -4.48 8.73
CA GLN G 532 -28.01 -4.15 9.98
C GLN G 532 -27.00 -3.76 11.05
N SER G 533 -25.76 -4.21 10.93
CA SER G 533 -24.70 -3.62 11.73
C SER G 533 -24.47 -2.17 11.30
N PHE G 534 -24.51 -1.91 10.00
CA PHE G 534 -24.40 -0.54 9.52
C PHE G 534 -25.67 0.25 9.79
N GLN G 535 -26.84 -0.38 9.60
CA GLN G 535 -28.16 0.23 9.73
C GLN G 535 -28.39 1.36 8.72
N PRO G 536 -28.33 1.11 7.42
CA PRO G 536 -28.64 2.18 6.46
C PRO G 536 -30.13 2.39 6.35
N ASP G 537 -30.49 3.52 5.75
CA ASP G 537 -31.88 3.81 5.43
C ASP G 537 -32.16 3.74 3.95
N VAL G 538 -31.14 3.57 3.13
CA VAL G 538 -31.28 3.52 1.68
C VAL G 538 -30.53 2.30 1.18
N ILE G 539 -31.14 1.58 0.25
CA ILE G 539 -30.50 0.44 -0.37
C ILE G 539 -30.59 0.58 -1.89
N LEU G 540 -29.46 0.34 -2.54
CA LEU G 540 -29.32 0.42 -3.99
C LEU G 540 -28.92 -0.92 -4.57
N ALA G 541 -29.69 -1.38 -5.54
CA ALA G 541 -29.46 -2.65 -6.22
C ALA G 541 -28.93 -2.38 -7.62
N LEU G 542 -27.92 -3.14 -8.02
CA LEU G 542 -27.28 -3.01 -9.32
C LEU G 542 -27.29 -4.33 -10.07
N GLY G 543 -27.60 -4.28 -11.36
CA GLY G 543 -27.34 -5.43 -12.21
C GLY G 543 -28.54 -6.15 -12.77
N GLY G 544 -28.50 -7.48 -12.72
CA GLY G 544 -29.58 -8.29 -13.24
C GLY G 544 -29.80 -9.55 -12.43
N GLY G 545 -31.02 -9.75 -11.97
CA GLY G 545 -31.39 -10.94 -11.24
C GLY G 545 -30.91 -11.04 -9.81
N SER G 546 -29.95 -11.92 -9.57
CA SER G 546 -29.56 -12.29 -8.21
C SER G 546 -29.19 -11.12 -7.33
N PRO G 547 -28.38 -10.14 -7.76
CA PRO G 547 -28.09 -9.01 -6.85
C PRO G 547 -29.34 -8.31 -6.38
N MET G 548 -30.36 -8.19 -7.23
CA MET G 548 -31.54 -7.43 -6.87
C MET G 548 -32.40 -8.17 -5.85
N ASP G 549 -32.92 -9.33 -6.24
CA ASP G 549 -33.83 -10.05 -5.35
C ASP G 549 -33.16 -10.41 -4.03
N ALA G 550 -31.89 -10.83 -4.07
CA ALA G 550 -31.17 -11.08 -2.83
C ALA G 550 -31.19 -9.83 -1.95
N ALA G 551 -30.88 -8.68 -2.53
CA ALA G 551 -31.09 -7.42 -1.82
C ALA G 551 -32.45 -7.38 -1.17
N LYS G 552 -33.51 -7.52 -1.99
CA LYS G 552 -34.86 -7.61 -1.44
C LYS G 552 -34.87 -8.46 -0.20
N ILE G 553 -34.46 -9.71 -0.34
CA ILE G 553 -34.52 -10.64 0.78
C ILE G 553 -33.77 -10.08 1.97
N MET G 554 -32.51 -9.71 1.78
CA MET G 554 -31.74 -9.25 2.93
C MET G 554 -32.41 -8.04 3.54
N TRP G 555 -32.91 -7.14 2.70
CA TRP G 555 -33.57 -5.95 3.20
C TRP G 555 -34.78 -6.35 4.04
N VAL G 556 -35.63 -7.22 3.50
CA VAL G 556 -36.82 -7.57 4.27
C VAL G 556 -36.39 -8.30 5.53
N MET G 557 -35.29 -9.07 5.45
CA MET G 557 -34.77 -9.71 6.66
C MET G 557 -34.35 -8.66 7.66
N TYR G 558 -33.72 -7.59 7.18
CA TYR G 558 -33.39 -6.49 8.06
C TYR G 558 -34.63 -5.80 8.60
N GLU G 559 -35.71 -5.78 7.80
CA GLU G 559 -36.90 -5.05 8.22
C GLU G 559 -37.50 -5.65 9.48
N HIS G 560 -37.54 -6.97 9.56
CA HIS G 560 -37.96 -7.68 10.76
C HIS G 560 -36.89 -8.70 11.10
N PRO G 561 -35.83 -8.28 11.77
CA PRO G 561 -34.72 -9.21 12.06
C PRO G 561 -35.08 -10.33 13.02
N ASP G 562 -36.35 -10.39 13.43
CA ASP G 562 -36.81 -11.41 14.37
C ASP G 562 -37.54 -12.56 13.69
N THR G 563 -38.29 -12.28 12.64
CA THR G 563 -39.04 -13.35 11.98
C THR G 563 -38.07 -14.33 11.33
N HIS G 564 -38.40 -15.61 11.39
CA HIS G 564 -37.54 -16.61 10.80
C HIS G 564 -37.93 -16.85 9.35
N PHE G 565 -37.06 -17.56 8.64
CA PHE G 565 -37.19 -17.63 7.19
C PHE G 565 -38.35 -18.54 6.76
N GLU G 566 -38.50 -19.69 7.43
CA GLU G 566 -39.34 -20.75 6.87
C GLU G 566 -40.81 -20.38 6.84
N GLU G 567 -41.30 -19.75 7.90
CA GLU G 567 -42.71 -19.37 7.91
C GLU G 567 -42.99 -18.37 6.80
N LEU G 568 -42.06 -17.47 6.55
CA LEU G 568 -42.19 -16.56 5.41
C LEU G 568 -42.19 -17.33 4.11
N ALA G 569 -41.25 -18.27 3.98
CA ALA G 569 -41.08 -18.98 2.71
C ALA G 569 -42.33 -19.76 2.35
N MET G 570 -42.82 -20.57 3.27
CA MET G 570 -44.01 -21.37 2.99
C MET G 570 -45.29 -20.57 3.05
N ARG G 571 -45.30 -19.44 3.76
CA ARG G 571 -46.52 -18.65 3.85
C ARG G 571 -46.84 -17.93 2.55
N PHE G 572 -45.81 -17.53 1.80
CA PHE G 572 -46.01 -16.71 0.61
C PHE G 572 -45.36 -17.39 -0.58
N MET G 573 -46.15 -18.18 -1.30
CA MET G 573 -45.70 -18.76 -2.55
C MET G 573 -46.35 -18.13 -3.77
N ASP G 574 -47.58 -17.64 -3.64
CA ASP G 574 -48.34 -17.23 -4.81
C ASP G 574 -49.39 -16.21 -4.42
N ILE G 575 -50.09 -15.70 -5.44
CA ILE G 575 -51.02 -14.59 -5.31
C ILE G 575 -52.41 -15.11 -5.65
N ARG G 576 -53.43 -14.33 -5.25
CA ARG G 576 -54.84 -14.70 -5.17
C ARG G 576 -55.02 -15.59 -3.95
N LYS G 577 -53.90 -15.97 -3.33
CA LYS G 577 -53.87 -16.51 -1.98
C LYS G 577 -53.68 -15.38 -0.97
N ARG G 578 -54.57 -14.40 -0.98
CA ARG G 578 -54.44 -13.22 -0.12
C ARG G 578 -54.88 -13.57 1.30
N ILE G 579 -54.27 -14.63 1.80
CA ILE G 579 -54.43 -15.06 3.17
C ILE G 579 -53.03 -15.23 3.75
N TYR G 580 -52.70 -14.42 4.74
CA TYR G 580 -53.57 -13.34 5.15
C TYR G 580 -52.89 -11.97 5.09
N LYS G 581 -51.74 -11.84 5.74
CA LYS G 581 -51.05 -10.56 5.85
C LYS G 581 -49.54 -10.76 5.88
N PHE G 582 -48.83 -9.65 5.71
CA PHE G 582 -47.38 -9.58 5.69
C PHE G 582 -46.91 -8.51 6.68
N PRO G 583 -45.84 -8.78 7.42
CA PRO G 583 -45.29 -7.74 8.31
C PRO G 583 -44.87 -6.51 7.53
N LYS G 584 -45.13 -5.34 8.12
CA LYS G 584 -44.84 -4.08 7.46
C LYS G 584 -43.35 -3.95 7.18
N MET G 585 -43.02 -3.48 5.99
CA MET G 585 -41.63 -3.28 5.60
C MET G 585 -41.43 -1.87 5.07
N GLY G 586 -40.15 -1.50 4.94
CA GLY G 586 -39.79 -0.17 4.48
C GLY G 586 -39.78 0.90 5.55
N LYS G 587 -39.95 0.52 6.82
CA LYS G 587 -40.06 1.52 7.87
C LYS G 587 -38.74 2.26 8.10
N LYS G 588 -37.61 1.57 7.87
CA LYS G 588 -36.31 2.14 8.18
C LYS G 588 -35.33 2.14 7.02
N ALA G 589 -35.59 1.39 5.95
CA ALA G 589 -34.69 1.31 4.82
C ALA G 589 -35.54 1.10 3.60
N GLU G 590 -34.97 1.31 2.41
CA GLU G 590 -35.95 1.51 1.38
C GLU G 590 -35.23 1.54 0.03
N LEU G 591 -35.91 1.08 -1.05
CA LEU G 591 -35.21 0.46 -2.20
C LEU G 591 -35.24 1.16 -3.56
N VAL G 592 -34.02 1.37 -4.09
CA VAL G 592 -33.80 1.94 -5.42
C VAL G 592 -32.98 0.98 -6.28
N CYS G 593 -33.40 0.83 -7.54
CA CYS G 593 -33.01 -0.29 -8.40
C CYS G 593 -32.44 0.19 -9.72
N ILE G 594 -31.39 -0.50 -10.19
CA ILE G 594 -30.71 -0.19 -11.44
C ILE G 594 -30.53 -1.49 -12.23
N THR G 595 -31.05 -1.51 -13.45
CA THR G 595 -30.85 -2.66 -14.32
C THR G 595 -29.59 -2.49 -15.17
N THR G 596 -29.05 -3.61 -15.61
CA THR G 596 -27.89 -3.59 -16.51
C THR G 596 -28.14 -4.47 -17.72
N THR G 597 -28.90 -5.54 -17.55
CA THR G 597 -29.13 -6.51 -18.61
C THR G 597 -30.48 -6.28 -19.25
N SER G 598 -30.51 -6.22 -20.57
CA SER G 598 -31.75 -6.08 -21.32
C SER G 598 -32.35 -7.47 -21.52
N GLY G 599 -33.46 -7.74 -20.85
CA GLY G 599 -34.14 -9.01 -21.03
C GLY G 599 -34.82 -9.59 -19.80
N THR G 600 -34.62 -8.98 -18.65
CA THR G 600 -35.22 -9.45 -17.40
C THR G 600 -36.06 -8.34 -16.78
N GLY G 601 -37.12 -8.73 -16.09
CA GLY G 601 -38.02 -7.79 -15.46
C GLY G 601 -38.01 -7.86 -13.96
N SER G 602 -36.96 -8.47 -13.39
CA SER G 602 -36.87 -8.59 -11.95
C SER G 602 -36.74 -7.26 -11.25
N GLU G 603 -36.38 -6.20 -11.99
CA GLU G 603 -36.30 -4.87 -11.41
C GLU G 603 -37.65 -4.37 -10.94
N VAL G 604 -38.74 -4.91 -11.48
CA VAL G 604 -40.07 -4.37 -11.24
C VAL G 604 -40.98 -5.39 -10.58
N THR G 605 -40.74 -6.67 -10.85
CA THR G 605 -41.66 -7.67 -10.31
C THR G 605 -41.40 -7.88 -8.83
N PRO G 606 -42.46 -8.16 -8.06
CA PRO G 606 -42.30 -8.45 -6.63
C PRO G 606 -41.99 -9.92 -6.38
N PHE G 607 -40.95 -10.42 -7.05
CA PHE G 607 -40.64 -11.84 -7.04
C PHE G 607 -39.23 -12.08 -6.53
N ALA G 608 -39.01 -13.26 -5.95
CA ALA G 608 -37.68 -13.72 -5.58
C ALA G 608 -37.71 -15.24 -5.51
N VAL G 609 -36.56 -15.86 -5.75
CA VAL G 609 -36.36 -17.30 -5.56
C VAL G 609 -35.01 -17.50 -4.91
N VAL G 610 -34.97 -18.28 -3.83
CA VAL G 610 -33.74 -18.49 -3.08
C VAL G 610 -33.47 -19.99 -2.95
N THR G 611 -32.19 -20.36 -2.95
CA THR G 611 -31.78 -21.75 -3.02
C THR G 611 -31.09 -22.17 -1.74
N ASP G 612 -31.41 -23.37 -1.26
CA ASP G 612 -30.66 -23.98 -0.17
C ASP G 612 -29.27 -24.39 -0.65
N ASP G 613 -28.27 -24.18 0.22
CA ASP G 613 -26.94 -24.69 -0.09
C ASP G 613 -26.83 -26.18 0.21
N LYS G 614 -27.47 -26.63 1.28
CA LYS G 614 -27.35 -28.02 1.68
C LYS G 614 -28.05 -28.94 0.70
N THR G 615 -29.27 -28.58 0.30
CA THR G 615 -30.10 -29.45 -0.53
C THR G 615 -30.39 -28.88 -1.90
N GLY G 616 -30.05 -27.62 -2.17
CA GLY G 616 -30.45 -27.01 -3.42
C GLY G 616 -31.94 -26.84 -3.56
N ALA G 617 -32.65 -26.56 -2.47
CA ALA G 617 -34.09 -26.40 -2.51
C ALA G 617 -34.45 -24.99 -2.95
N LYS G 618 -35.37 -24.90 -3.90
CA LYS G 618 -35.74 -23.61 -4.48
C LYS G 618 -37.00 -23.10 -3.77
N TYR G 619 -36.96 -21.84 -3.37
CA TYR G 619 -38.05 -21.23 -2.61
C TYR G 619 -38.54 -20.01 -3.36
N PRO G 620 -39.72 -20.06 -3.99
CA PRO G 620 -40.30 -18.86 -4.58
C PRO G 620 -41.10 -18.05 -3.57
N LEU G 621 -40.78 -16.76 -3.49
CA LEU G 621 -41.49 -15.80 -2.65
C LEU G 621 -42.05 -14.72 -3.57
N ALA G 622 -43.33 -14.40 -3.41
CA ALA G 622 -43.99 -13.49 -4.34
C ALA G 622 -45.16 -12.80 -3.67
N ASP G 623 -45.05 -11.49 -3.49
CA ASP G 623 -46.18 -10.62 -3.16
C ASP G 623 -45.78 -9.15 -3.32
N TYR G 624 -46.77 -8.31 -3.59
CA TYR G 624 -46.55 -7.02 -4.25
C TYR G 624 -45.67 -6.07 -3.47
N GLU G 625 -45.47 -6.28 -2.18
CA GLU G 625 -44.62 -5.35 -1.44
C GLU G 625 -43.14 -5.44 -1.85
N LEU G 626 -42.75 -6.50 -2.56
CA LEU G 626 -41.35 -6.65 -2.97
C LEU G 626 -40.97 -5.74 -4.14
N THR G 627 -41.93 -5.04 -4.72
CA THR G 627 -41.61 -4.09 -5.78
C THR G 627 -40.77 -2.96 -5.20
N PRO G 628 -39.62 -2.64 -5.78
CA PRO G 628 -38.85 -1.49 -5.30
C PRO G 628 -39.65 -0.21 -5.50
N GLN G 629 -39.43 0.78 -4.64
CA GLN G 629 -40.10 2.05 -4.89
C GLN G 629 -39.62 2.60 -6.21
N MET G 630 -38.30 2.48 -6.45
CA MET G 630 -37.64 3.36 -7.41
C MET G 630 -36.89 2.53 -8.42
N ALA G 631 -37.10 2.84 -9.69
CA ALA G 631 -36.45 2.11 -10.75
C ALA G 631 -35.77 3.08 -11.69
N ILE G 632 -34.62 2.68 -12.20
CA ILE G 632 -33.88 3.49 -13.16
C ILE G 632 -33.43 2.59 -14.30
N VAL G 633 -33.63 3.08 -15.52
CA VAL G 633 -33.28 2.36 -16.74
C VAL G 633 -32.43 3.29 -17.58
N ASP G 634 -31.11 3.22 -17.39
CA ASP G 634 -30.15 3.91 -18.25
C ASP G 634 -29.47 2.90 -19.13
N ALA G 635 -28.89 3.38 -20.23
CA ALA G 635 -28.36 2.49 -21.24
C ALA G 635 -26.86 2.59 -21.42
N ASN G 636 -26.24 3.69 -21.02
CA ASN G 636 -24.79 3.79 -21.08
C ASN G 636 -24.12 2.61 -20.39
N LEU G 637 -24.69 2.14 -19.28
CA LEU G 637 -24.19 0.91 -18.68
C LEU G 637 -24.22 -0.26 -19.66
N VAL G 638 -25.23 -0.33 -20.53
CA VAL G 638 -25.38 -1.50 -21.39
C VAL G 638 -25.30 -1.12 -22.86
N MET G 639 -24.07 -0.95 -23.35
CA MET G 639 -23.75 -0.59 -24.73
C MET G 639 -22.70 -1.52 -25.30
N ASN G 640 -21.81 -1.99 -24.45
CA ASN G 640 -20.70 -2.85 -24.84
C ASN G 640 -21.00 -4.33 -24.58
N MET G 641 -22.16 -4.64 -24.07
CA MET G 641 -22.48 -6.01 -23.71
C MET G 641 -22.48 -6.87 -24.96
N PRO G 642 -21.97 -8.10 -24.90
CA PRO G 642 -21.67 -8.85 -26.12
C PRO G 642 -22.84 -9.69 -26.62
N LYS G 643 -22.70 -10.15 -27.85
CA LYS G 643 -23.55 -11.18 -28.42
C LYS G 643 -22.96 -12.55 -28.07
N SER G 644 -23.83 -13.53 -27.91
CA SER G 644 -25.27 -13.35 -28.05
C SER G 644 -25.92 -13.24 -26.68
N LEU G 645 -25.17 -12.68 -25.72
CA LEU G 645 -25.78 -12.32 -24.45
C LEU G 645 -26.94 -11.37 -24.67
N THR G 646 -26.78 -10.45 -25.61
CA THR G 646 -27.89 -9.64 -26.09
C THR G 646 -29.04 -10.53 -26.54
N ALA G 647 -28.74 -11.52 -27.37
CA ALA G 647 -29.78 -12.44 -27.82
C ALA G 647 -30.38 -13.20 -26.64
N PHE G 648 -29.54 -13.61 -25.68
CA PHE G 648 -30.05 -14.37 -24.55
C PHE G 648 -31.09 -13.57 -23.77
N GLY G 649 -30.74 -12.34 -23.37
CA GLY G 649 -31.70 -11.53 -22.66
C GLY G 649 -32.92 -11.21 -23.50
N GLY G 650 -32.72 -10.88 -24.78
CA GLY G 650 -33.84 -10.53 -25.62
C GLY G 650 -34.84 -11.66 -25.75
N TYR G 651 -34.34 -12.88 -25.96
CA TYR G 651 -35.25 -14.01 -26.07
C TYR G 651 -35.90 -14.31 -24.73
N ASP G 652 -35.19 -14.12 -23.61
CA ASP G 652 -35.84 -14.30 -22.32
C ASP G 652 -37.05 -13.38 -22.19
N ALA G 653 -36.85 -12.10 -22.48
CA ALA G 653 -37.95 -11.15 -22.40
C ALA G 653 -39.05 -11.49 -23.39
N VAL G 654 -38.67 -11.96 -24.58
CA VAL G 654 -39.65 -12.33 -25.59
C VAL G 654 -40.54 -13.44 -25.06
N THR G 655 -39.93 -14.48 -24.49
CA THR G 655 -40.71 -15.53 -23.85
C THR G 655 -41.65 -14.96 -22.81
N HIS G 656 -41.13 -14.08 -21.97
CA HIS G 656 -41.95 -13.49 -20.92
C HIS G 656 -43.19 -12.83 -21.51
N ALA G 657 -42.99 -12.00 -22.52
CA ALA G 657 -44.12 -11.30 -23.13
C ALA G 657 -45.11 -12.27 -23.75
N LEU G 658 -44.59 -13.23 -24.53
CA LEU G 658 -45.46 -14.11 -25.28
C LEU G 658 -46.31 -14.95 -24.34
N GLU G 659 -45.73 -15.45 -23.26
CA GLU G 659 -46.54 -16.16 -22.28
C GLU G 659 -47.50 -15.22 -21.59
N ALA G 660 -47.09 -13.98 -21.35
CA ALA G 660 -47.94 -13.06 -20.60
C ALA G 660 -49.23 -12.77 -21.34
N TYR G 661 -49.15 -12.57 -22.66
CA TYR G 661 -50.35 -12.19 -23.40
C TYR G 661 -51.41 -13.27 -23.36
N VAL G 662 -51.01 -14.53 -23.54
CA VAL G 662 -51.97 -15.62 -23.63
C VAL G 662 -52.23 -16.21 -22.26
N SER G 663 -51.74 -15.54 -21.22
CA SER G 663 -51.96 -16.02 -19.86
C SER G 663 -53.44 -15.99 -19.51
N VAL G 664 -53.86 -16.93 -18.67
CA VAL G 664 -55.26 -16.95 -18.29
C VAL G 664 -55.56 -15.81 -17.34
N LEU G 665 -54.53 -15.28 -16.69
CA LEU G 665 -54.65 -14.09 -15.84
C LEU G 665 -54.50 -12.82 -16.65
N ALA G 666 -54.43 -12.91 -17.96
CA ALA G 666 -54.23 -11.73 -18.78
C ALA G 666 -55.40 -10.77 -18.63
N ASN G 667 -55.17 -9.66 -17.95
CA ASN G 667 -56.18 -8.62 -17.84
C ASN G 667 -56.21 -7.79 -19.13
N GLU G 668 -57.14 -6.86 -19.19
CA GLU G 668 -57.15 -5.91 -20.29
C GLU G 668 -55.90 -5.03 -20.27
N TYR G 669 -55.28 -4.88 -19.09
CA TYR G 669 -54.18 -3.93 -18.94
C TYR G 669 -52.87 -4.44 -19.52
N SER G 670 -52.64 -5.75 -19.51
CA SER G 670 -51.33 -6.27 -19.93
C SER G 670 -51.15 -6.23 -21.44
N ASP G 671 -52.23 -6.40 -22.19
CA ASP G 671 -52.14 -6.71 -23.62
C ASP G 671 -51.48 -5.56 -24.39
N GLY G 672 -51.84 -4.32 -24.06
CA GLY G 672 -51.30 -3.19 -24.78
C GLY G 672 -49.79 -3.14 -24.77
N GLN G 673 -49.19 -3.07 -23.58
CA GLN G 673 -47.74 -2.96 -23.51
C GLN G 673 -47.05 -4.26 -23.94
N ALA G 674 -47.71 -5.41 -23.73
CA ALA G 674 -47.13 -6.63 -24.27
C ALA G 674 -46.97 -6.54 -25.78
N LEU G 675 -48.05 -6.17 -26.47
CA LEU G 675 -47.99 -6.09 -27.92
C LEU G 675 -47.05 -4.98 -28.36
N GLN G 676 -46.93 -3.92 -27.58
CA GLN G 676 -46.01 -2.85 -27.94
C GLN G 676 -44.56 -3.32 -27.87
N ALA G 677 -44.19 -3.98 -26.79
CA ALA G 677 -42.83 -4.53 -26.72
C ALA G 677 -42.60 -5.53 -27.84
N LEU G 678 -43.61 -6.35 -28.14
CA LEU G 678 -43.47 -7.34 -29.21
C LEU G 678 -43.31 -6.66 -30.56
N LYS G 679 -44.09 -5.62 -30.83
CA LYS G 679 -43.98 -4.90 -32.08
C LYS G 679 -42.60 -4.26 -32.20
N MET G 680 -42.12 -3.62 -31.14
CA MET G 680 -40.86 -2.92 -31.26
C MET G 680 -39.68 -3.87 -31.35
N LEU G 681 -39.79 -5.06 -30.77
CA LEU G 681 -38.62 -5.93 -30.83
C LEU G 681 -38.25 -6.30 -32.25
N LYS G 682 -39.25 -6.51 -33.12
CA LYS G 682 -39.01 -7.16 -34.40
C LYS G 682 -38.13 -6.36 -35.34
N GLU G 683 -37.94 -5.07 -35.11
CA GLU G 683 -37.09 -4.27 -35.99
C GLU G 683 -35.74 -3.93 -35.37
N TYR G 684 -35.65 -3.91 -34.04
CA TYR G 684 -34.42 -3.44 -33.41
C TYR G 684 -33.62 -4.55 -32.74
N LEU G 685 -34.18 -5.74 -32.56
CA LEU G 685 -33.34 -6.86 -32.15
C LEU G 685 -32.30 -7.26 -33.19
N PRO G 686 -32.63 -7.41 -34.48
CA PRO G 686 -31.58 -7.84 -35.42
C PRO G 686 -30.49 -6.81 -35.62
N SER G 687 -30.86 -5.53 -35.66
CA SER G 687 -29.85 -4.49 -35.77
C SER G 687 -28.96 -4.48 -34.52
N SER G 688 -29.58 -4.48 -33.34
CA SER G 688 -28.81 -4.41 -32.11
C SER G 688 -27.90 -5.62 -31.96
N TYR G 689 -28.41 -6.80 -32.31
CA TYR G 689 -27.58 -8.00 -32.33
C TYR G 689 -26.43 -7.85 -33.30
N ALA G 690 -26.69 -7.27 -34.48
CA ALA G 690 -25.63 -7.07 -35.46
C ALA G 690 -24.81 -5.83 -35.14
N ASN G 691 -25.45 -4.77 -34.68
CA ASN G 691 -24.80 -3.48 -34.54
C ASN G 691 -24.89 -3.01 -33.10
N GLY G 692 -23.74 -2.64 -32.54
CA GLY G 692 -23.68 -2.13 -31.18
C GLY G 692 -22.27 -2.22 -30.64
N ALA G 693 -21.79 -1.18 -29.95
CA ALA G 693 -22.58 0.01 -29.68
C ALA G 693 -22.57 1.00 -30.84
N LYS G 694 -22.24 0.52 -32.04
CA LYS G 694 -22.33 1.34 -33.23
C LYS G 694 -23.77 1.75 -33.53
N ASP G 695 -24.75 1.08 -32.92
CA ASP G 695 -26.14 1.43 -33.06
C ASP G 695 -26.72 1.87 -31.72
N PRO G 696 -26.48 3.11 -31.29
CA PRO G 696 -27.09 3.59 -30.05
C PRO G 696 -28.52 4.04 -30.29
N ILE G 697 -29.28 3.23 -31.00
CA ILE G 697 -30.71 3.45 -31.20
C ILE G 697 -31.47 2.18 -30.84
N ALA G 698 -31.04 1.05 -31.40
CA ALA G 698 -31.69 -0.22 -31.13
C ALA G 698 -31.43 -0.69 -29.70
N ARG G 699 -30.23 -0.48 -29.17
CA ARG G 699 -29.86 -1.09 -27.89
C ARG G 699 -30.71 -0.56 -26.75
N GLU G 700 -30.77 0.77 -26.59
CA GLU G 700 -31.62 1.31 -25.53
C GLU G 700 -33.08 1.00 -25.80
N LYS G 701 -33.49 0.95 -27.07
CA LYS G 701 -34.87 0.66 -27.37
C LYS G 701 -35.24 -0.74 -26.88
N VAL G 702 -34.46 -1.74 -27.24
CA VAL G 702 -34.74 -3.10 -26.78
C VAL G 702 -34.58 -3.20 -25.26
N HIS G 703 -33.71 -2.38 -24.67
CA HIS G 703 -33.68 -2.26 -23.21
C HIS G 703 -35.04 -1.85 -22.68
N ASN G 704 -35.65 -0.86 -23.34
CA ASN G 704 -36.99 -0.43 -22.97
C ASN G 704 -38.00 -1.55 -23.17
N ALA G 705 -37.86 -2.33 -24.24
CA ALA G 705 -38.75 -3.47 -24.45
C ALA G 705 -38.69 -4.41 -23.28
N ALA G 706 -37.47 -4.71 -22.81
CA ALA G 706 -37.30 -5.57 -21.66
C ALA G 706 -38.02 -5.00 -20.45
N THR G 707 -37.87 -3.70 -20.23
CA THR G 707 -38.59 -3.07 -19.12
C THR G 707 -40.10 -3.20 -19.29
N ILE G 708 -40.59 -3.00 -20.52
CA ILE G 708 -42.03 -3.08 -20.78
C ILE G 708 -42.55 -4.47 -20.46
N ALA G 709 -41.83 -5.48 -20.93
CA ALA G 709 -42.21 -6.84 -20.61
C ALA G 709 -42.24 -7.06 -19.10
N GLY G 710 -41.20 -6.57 -18.40
CA GLY G 710 -41.19 -6.70 -16.96
C GLY G 710 -42.40 -6.08 -16.32
N ILE G 711 -42.84 -4.95 -16.84
CA ILE G 711 -44.10 -4.35 -16.40
C ILE G 711 -45.25 -5.30 -16.69
N ALA G 712 -45.24 -5.91 -17.87
CA ALA G 712 -46.39 -6.67 -18.33
C ALA G 712 -46.60 -7.91 -17.47
N PHE G 713 -45.61 -8.81 -17.41
CA PHE G 713 -45.88 -10.06 -16.70
C PHE G 713 -45.83 -9.91 -15.18
N ALA G 714 -45.48 -8.74 -14.66
CA ALA G 714 -45.60 -8.51 -13.23
C ALA G 714 -47.05 -8.63 -12.76
N ASN G 715 -48.00 -8.51 -13.68
CA ASN G 715 -49.42 -8.70 -13.37
C ASN G 715 -49.99 -9.99 -13.94
N ALA G 716 -49.68 -10.32 -15.19
CA ALA G 716 -50.11 -11.56 -15.81
C ALA G 716 -48.97 -12.56 -15.72
N PHE G 717 -49.14 -13.58 -14.89
CA PHE G 717 -48.01 -14.39 -14.45
C PHE G 717 -47.50 -15.30 -15.57
N LEU G 718 -46.41 -15.99 -15.26
CA LEU G 718 -45.65 -16.78 -16.23
C LEU G 718 -46.25 -18.17 -16.41
N GLY G 719 -45.70 -18.90 -17.39
CA GLY G 719 -46.20 -20.20 -17.76
C GLY G 719 -45.15 -21.31 -17.64
N VAL G 720 -45.56 -22.49 -18.11
CA VAL G 720 -44.83 -23.72 -17.85
C VAL G 720 -43.43 -23.66 -18.44
N CYS G 721 -43.30 -23.11 -19.66
CA CYS G 721 -42.01 -23.07 -20.33
C CYS G 721 -40.97 -22.36 -19.49
N HIS G 722 -41.37 -21.32 -18.77
CA HIS G 722 -40.45 -20.64 -17.87
C HIS G 722 -39.91 -21.57 -16.81
N SER G 723 -40.80 -22.34 -16.17
CA SER G 723 -40.37 -23.25 -15.13
C SER G 723 -39.43 -24.31 -15.68
N MET G 724 -39.75 -24.88 -16.84
CA MET G 724 -38.89 -25.95 -17.34
C MET G 724 -37.55 -25.40 -17.80
N ALA G 725 -37.53 -24.20 -18.37
CA ALA G 725 -36.25 -23.57 -18.67
C ALA G 725 -35.45 -23.36 -17.40
N HIS G 726 -36.11 -22.89 -16.33
CA HIS G 726 -35.45 -22.70 -15.05
C HIS G 726 -34.78 -23.98 -14.59
N LYS G 727 -35.53 -25.08 -14.58
CA LYS G 727 -34.97 -26.34 -14.11
C LYS G 727 -33.83 -26.82 -15.00
N ILE G 728 -34.06 -26.88 -16.32
CA ILE G 728 -33.07 -27.43 -17.23
C ILE G 728 -31.78 -26.64 -17.13
N GLY G 729 -31.87 -25.32 -17.05
CA GLY G 729 -30.70 -24.52 -16.79
C GLY G 729 -30.08 -24.82 -15.44
N ALA G 730 -30.90 -25.17 -14.45
CA ALA G 730 -30.35 -25.49 -13.14
C ALA G 730 -29.45 -26.72 -13.19
N GLU G 731 -29.93 -27.81 -13.79
CA GLU G 731 -29.13 -29.05 -13.72
C GLU G 731 -27.93 -29.00 -14.66
N PHE G 732 -28.13 -28.57 -15.91
CA PHE G 732 -27.07 -28.58 -16.90
C PHE G 732 -26.26 -27.28 -16.89
N HIS G 733 -26.47 -26.43 -15.90
CA HIS G 733 -25.77 -25.15 -15.79
C HIS G 733 -26.02 -24.26 -17.00
N LEU G 734 -27.14 -24.46 -17.71
CA LEU G 734 -27.46 -23.68 -18.89
C LEU G 734 -28.00 -22.31 -18.49
N PRO G 735 -27.63 -21.26 -19.21
CA PRO G 735 -28.17 -19.94 -18.90
C PRO G 735 -29.64 -19.85 -19.24
N HIS G 736 -30.35 -19.03 -18.47
CA HIS G 736 -31.71 -18.67 -18.81
C HIS G 736 -31.69 -17.72 -20.01
N GLY G 737 -32.79 -17.70 -20.74
CA GLY G 737 -32.88 -16.83 -21.90
C GLY G 737 -32.79 -17.59 -23.20
N LEU G 738 -31.91 -18.60 -23.25
CA LEU G 738 -31.86 -19.51 -24.37
C LEU G 738 -32.39 -20.89 -24.05
N ALA G 739 -32.42 -21.27 -22.76
CA ALA G 739 -33.04 -22.53 -22.38
C ALA G 739 -34.52 -22.54 -22.76
N ASN G 740 -35.24 -21.48 -22.39
CA ASN G 740 -36.64 -21.36 -22.79
C ASN G 740 -36.78 -21.16 -24.29
N ALA G 741 -35.83 -20.46 -24.92
CA ALA G 741 -35.97 -20.14 -26.34
C ALA G 741 -36.05 -21.40 -27.18
N LEU G 742 -35.26 -22.41 -26.86
CA LEU G 742 -35.31 -23.65 -27.60
C LEU G 742 -36.62 -24.39 -27.39
N LEU G 743 -37.41 -24.00 -26.40
CA LEU G 743 -38.62 -24.72 -26.05
C LEU G 743 -39.87 -24.20 -26.74
N ILE G 744 -39.97 -22.87 -26.89
CA ILE G 744 -41.24 -22.21 -27.10
C ILE G 744 -42.00 -22.79 -28.29
N ALA G 745 -41.30 -23.04 -29.40
CA ALA G 745 -41.96 -23.61 -30.57
C ALA G 745 -42.82 -24.81 -30.16
N ASN G 746 -42.20 -25.86 -29.62
CA ASN G 746 -43.00 -27.00 -29.19
C ASN G 746 -44.08 -26.56 -28.21
N VAL G 747 -43.73 -25.70 -27.26
CA VAL G 747 -44.70 -25.17 -26.31
C VAL G 747 -45.95 -24.71 -27.02
N VAL G 748 -45.79 -23.80 -27.99
CA VAL G 748 -46.98 -23.25 -28.63
C VAL G 748 -47.65 -24.32 -29.47
N ARG G 749 -46.86 -25.18 -30.11
CA ARG G 749 -47.45 -26.30 -30.84
C ARG G 749 -48.22 -27.20 -29.88
N TYR G 750 -47.75 -27.28 -28.64
CA TYR G 750 -48.52 -27.95 -27.59
C TYR G 750 -49.80 -27.18 -27.29
N ASN G 751 -49.69 -25.86 -27.13
CA ASN G 751 -50.85 -25.09 -26.69
C ASN G 751 -51.86 -24.91 -27.80
N ALA G 752 -51.40 -24.72 -29.04
CA ALA G 752 -52.28 -24.43 -30.16
C ALA G 752 -53.08 -25.69 -30.50
N ASN G 753 -54.33 -25.70 -30.06
CA ASN G 753 -55.23 -26.83 -30.28
C ASN G 753 -56.65 -26.31 -30.49
N ASP G 754 -57.45 -27.09 -31.23
CA ASP G 754 -58.81 -26.65 -31.53
C ASP G 754 -59.72 -26.81 -30.33
N ASN G 755 -59.93 -28.04 -29.88
CA ASN G 755 -60.77 -28.26 -28.71
C ASN G 755 -60.52 -29.61 -28.03
N PRO G 756 -59.31 -29.90 -27.56
CA PRO G 756 -59.11 -31.09 -26.72
C PRO G 756 -59.56 -30.80 -25.30
N THR G 757 -60.73 -31.30 -24.95
CA THR G 757 -61.30 -31.07 -23.62
C THR G 757 -60.92 -32.21 -22.68
N LYS G 758 -59.62 -32.46 -22.62
CA LYS G 758 -59.07 -33.53 -21.78
C LYS G 758 -58.67 -33.04 -20.38
N GLN G 759 -57.89 -31.96 -20.30
CA GLN G 759 -57.57 -31.36 -19.01
C GLN G 759 -57.90 -29.88 -18.98
N THR G 760 -58.59 -29.37 -19.99
CA THR G 760 -59.08 -28.00 -19.97
C THR G 760 -60.13 -27.83 -18.87
N ALA G 761 -60.15 -26.64 -18.27
CA ALA G 761 -61.12 -26.31 -17.25
C ALA G 761 -61.75 -24.97 -17.59
N PHE G 762 -62.97 -24.76 -17.07
CA PHE G 762 -63.65 -23.46 -17.12
C PHE G 762 -63.58 -22.80 -18.49
N SER G 763 -63.49 -23.65 -19.52
CA SER G 763 -62.94 -23.24 -20.80
C SER G 763 -63.63 -22.00 -21.37
N GLN G 764 -64.96 -21.93 -21.26
CA GLN G 764 -65.74 -21.04 -22.10
C GLN G 764 -66.19 -19.77 -21.39
N TYR G 765 -65.56 -19.42 -20.27
CA TYR G 765 -66.02 -18.24 -19.54
C TYR G 765 -65.18 -17.01 -19.82
N ASP G 766 -63.86 -17.13 -19.81
CA ASP G 766 -63.00 -15.99 -20.02
C ASP G 766 -62.02 -16.17 -21.17
N ARG G 767 -61.52 -17.39 -21.37
CA ARG G 767 -60.56 -17.63 -22.42
C ARG G 767 -61.30 -18.17 -23.64
N PRO G 768 -61.44 -17.40 -24.71
CA PRO G 768 -62.10 -17.92 -25.91
C PRO G 768 -61.31 -19.06 -26.54
N GLN G 769 -60.07 -18.78 -26.92
CA GLN G 769 -59.18 -19.77 -27.47
C GLN G 769 -57.80 -19.16 -27.64
N ALA G 770 -56.76 -19.95 -27.33
CA ALA G 770 -55.39 -19.49 -27.54
C ALA G 770 -55.11 -19.26 -29.02
N ARG G 771 -55.59 -20.18 -29.89
CA ARG G 771 -55.40 -20.04 -31.32
C ARG G 771 -55.84 -18.67 -31.81
N ARG G 772 -56.99 -18.20 -31.33
CA ARG G 772 -57.44 -16.86 -31.69
C ARG G 772 -56.42 -15.82 -31.26
N ARG G 773 -55.87 -15.99 -30.04
CA ARG G 773 -54.91 -15.02 -29.54
C ARG G 773 -53.67 -14.96 -30.42
N TYR G 774 -53.15 -16.12 -30.81
CA TYR G 774 -51.99 -16.14 -31.68
C TYR G 774 -52.31 -15.52 -33.03
N ALA G 775 -53.50 -15.80 -33.56
CA ALA G 775 -53.90 -15.21 -34.84
C ALA G 775 -54.00 -13.69 -34.74
N GLU G 776 -54.56 -13.19 -33.64
CA GLU G 776 -54.64 -11.74 -33.44
C GLU G 776 -53.26 -11.12 -33.36
N VAL G 777 -52.34 -11.78 -32.64
CA VAL G 777 -50.98 -11.25 -32.57
C VAL G 777 -50.35 -11.22 -33.97
N ALA G 778 -50.49 -12.31 -34.71
CA ALA G 778 -49.85 -12.40 -36.02
C ALA G 778 -50.40 -11.35 -36.98
N ASP G 779 -51.72 -11.29 -37.12
CA ASP G 779 -52.31 -10.32 -38.03
C ASP G 779 -52.06 -8.89 -37.57
N HIS G 780 -52.09 -8.67 -36.25
CA HIS G 780 -51.71 -7.36 -35.72
C HIS G 780 -50.26 -7.07 -36.03
N LEU G 781 -49.41 -8.09 -35.99
CA LEU G 781 -48.01 -7.95 -36.38
C LEU G 781 -47.82 -7.92 -37.89
N GLY G 782 -48.90 -7.98 -38.66
CA GLY G 782 -48.78 -8.06 -40.10
C GLY G 782 -48.12 -9.33 -40.57
N LEU G 783 -48.27 -10.41 -39.81
CA LEU G 783 -47.65 -11.70 -40.14
C LEU G 783 -48.64 -12.65 -40.78
N SER G 784 -49.55 -12.12 -41.61
CA SER G 784 -50.57 -12.94 -42.22
C SER G 784 -51.03 -12.30 -43.52
N GLN G 785 -51.28 -13.14 -44.52
CA GLN G 785 -51.89 -12.66 -45.74
C GLN G 785 -53.31 -12.14 -45.44
N PRO G 786 -53.77 -11.11 -46.14
CA PRO G 786 -55.09 -10.53 -45.81
C PRO G 786 -56.23 -11.53 -45.80
N GLY G 787 -56.28 -12.47 -46.74
CA GLY G 787 -57.28 -13.51 -46.67
C GLY G 787 -56.71 -14.78 -46.06
N ASP G 788 -56.94 -14.98 -44.76
CA ASP G 788 -56.29 -16.07 -44.05
C ASP G 788 -57.23 -16.72 -43.06
N ARG G 789 -56.96 -18.00 -42.80
CA ARG G 789 -57.55 -18.71 -41.68
C ARG G 789 -56.64 -18.58 -40.47
N THR G 790 -57.12 -19.06 -39.34
CA THR G 790 -56.32 -18.98 -38.11
C THR G 790 -55.05 -19.79 -38.22
N ALA G 791 -55.16 -21.05 -38.65
CA ALA G 791 -54.04 -21.97 -38.53
C ALA G 791 -52.83 -21.48 -39.32
N GLN G 792 -53.04 -20.99 -40.53
CA GLN G 792 -51.91 -20.55 -41.34
C GLN G 792 -51.30 -19.27 -40.78
N LYS G 793 -52.12 -18.44 -40.14
CA LYS G 793 -51.56 -17.32 -39.39
C LYS G 793 -50.63 -17.83 -38.31
N ILE G 794 -51.05 -18.87 -37.58
CA ILE G 794 -50.20 -19.44 -36.54
C ILE G 794 -48.90 -19.93 -37.16
N GLU G 795 -49.02 -20.64 -38.28
CA GLU G 795 -47.85 -21.16 -38.98
C GLU G 795 -46.88 -20.04 -39.30
N ARG G 796 -47.37 -18.98 -39.93
CA ARG G 796 -46.53 -17.85 -40.27
C ARG G 796 -45.85 -17.30 -39.03
N LEU G 797 -46.59 -17.21 -37.92
CA LEU G 797 -46.04 -16.65 -36.70
C LEU G 797 -44.85 -17.47 -36.21
N LEU G 798 -45.04 -18.78 -36.07
CA LEU G 798 -43.92 -19.51 -35.48
C LEU G 798 -42.78 -19.67 -36.48
N THR G 799 -43.06 -19.69 -37.78
CA THR G 799 -41.98 -19.64 -38.76
C THR G 799 -41.19 -18.35 -38.63
N TRP G 800 -41.89 -17.25 -38.39
CA TRP G 800 -41.22 -15.98 -38.16
C TRP G 800 -40.25 -16.09 -36.99
N LEU G 801 -40.73 -16.61 -35.85
CA LEU G 801 -39.83 -16.72 -34.71
C LEU G 801 -38.71 -17.72 -34.98
N ASP G 802 -38.95 -18.71 -35.84
CA ASP G 802 -37.88 -19.64 -36.22
C ASP G 802 -36.76 -18.93 -36.94
N GLU G 803 -37.08 -18.24 -38.03
CA GLU G 803 -36.04 -17.53 -38.75
C GLU G 803 -35.42 -16.45 -37.88
N LEU G 804 -36.20 -15.92 -36.93
CA LEU G 804 -35.67 -14.97 -35.98
C LEU G 804 -34.56 -15.57 -35.13
N LYS G 805 -34.83 -16.71 -34.51
CA LYS G 805 -33.81 -17.33 -33.67
C LYS G 805 -32.64 -17.84 -34.49
N VAL G 806 -32.88 -18.14 -35.78
CA VAL G 806 -31.77 -18.43 -36.68
C VAL G 806 -30.89 -17.21 -36.85
N ASN G 807 -31.52 -16.03 -37.01
CA ASN G 807 -30.76 -14.81 -37.22
C ASN G 807 -29.86 -14.48 -36.04
N LEU G 808 -30.21 -14.96 -34.84
CA LEU G 808 -29.45 -14.64 -33.63
C LEU G 808 -28.62 -15.83 -33.15
N ASP G 809 -28.37 -16.80 -34.02
CA ASP G 809 -27.29 -17.78 -33.85
C ASP G 809 -27.46 -18.59 -32.56
N ILE G 810 -28.52 -19.37 -32.56
CA ILE G 810 -28.76 -20.35 -31.49
C ILE G 810 -28.92 -21.71 -32.15
N PRO G 811 -28.63 -22.79 -31.43
CA PRO G 811 -28.82 -24.13 -32.01
C PRO G 811 -30.28 -24.48 -32.17
N LYS G 812 -30.54 -25.64 -32.78
CA LYS G 812 -31.89 -26.10 -33.04
C LYS G 812 -32.36 -27.23 -32.13
N SER G 813 -31.44 -27.86 -31.38
CA SER G 813 -31.81 -28.94 -30.49
C SER G 813 -30.91 -28.90 -29.26
N ILE G 814 -31.38 -29.53 -28.19
CA ILE G 814 -30.64 -29.51 -26.94
C ILE G 814 -29.33 -30.28 -27.09
N GLN G 815 -29.35 -31.37 -27.86
CA GLN G 815 -28.09 -32.03 -28.19
C GLN G 815 -27.19 -31.11 -28.99
N ALA G 816 -27.76 -30.34 -29.91
CA ALA G 816 -26.98 -29.34 -30.64
C ALA G 816 -26.41 -28.28 -29.71
N ALA G 817 -27.01 -28.10 -28.54
CA ALA G 817 -26.46 -27.20 -27.54
C ALA G 817 -25.29 -27.80 -26.78
N GLY G 818 -24.98 -29.07 -27.02
CA GLY G 818 -23.89 -29.72 -26.32
C GLY G 818 -24.36 -30.42 -25.06
N VAL G 819 -25.44 -31.18 -25.18
CA VAL G 819 -26.02 -31.92 -24.07
C VAL G 819 -26.03 -33.40 -24.42
N ALA G 820 -25.46 -34.21 -23.53
CA ALA G 820 -25.43 -35.66 -23.74
C ALA G 820 -26.83 -36.24 -23.64
N GLU G 821 -27.07 -37.31 -24.39
CA GLU G 821 -28.37 -37.96 -24.40
C GLU G 821 -28.53 -38.97 -23.28
N ALA G 822 -27.44 -39.57 -22.81
CA ALA G 822 -27.53 -40.54 -21.73
C ALA G 822 -28.11 -39.91 -20.47
N ASP G 823 -27.42 -38.90 -19.94
CA ASP G 823 -27.92 -38.21 -18.76
C ASP G 823 -29.23 -37.48 -19.04
N PHE G 824 -29.44 -37.04 -20.29
CA PHE G 824 -30.70 -36.41 -20.63
C PHE G 824 -31.86 -37.37 -20.43
N LEU G 825 -31.74 -38.58 -20.95
CA LEU G 825 -32.79 -39.57 -20.78
C LEU G 825 -32.85 -40.06 -19.34
N ALA G 826 -31.72 -40.04 -18.63
CA ALA G 826 -31.72 -40.44 -17.23
C ALA G 826 -32.50 -39.45 -16.38
N LYS G 827 -32.39 -38.15 -16.69
CA LYS G 827 -32.94 -37.12 -15.84
C LYS G 827 -34.28 -36.60 -16.30
N VAL G 828 -34.67 -36.86 -17.55
CA VAL G 828 -35.88 -36.27 -18.11
C VAL G 828 -37.13 -36.79 -17.40
N ASP G 829 -37.08 -38.03 -16.89
CA ASP G 829 -38.23 -38.60 -16.20
C ASP G 829 -38.61 -37.75 -14.99
N GLU G 830 -37.65 -37.49 -14.10
CA GLU G 830 -37.96 -36.65 -12.96
C GLU G 830 -38.01 -35.18 -13.35
N LEU G 831 -37.41 -34.82 -14.48
CA LEU G 831 -37.50 -33.44 -14.94
C LEU G 831 -38.95 -33.07 -15.26
N ALA G 832 -39.63 -33.91 -16.05
CA ALA G 832 -41.01 -33.61 -16.41
C ALA G 832 -41.90 -33.57 -15.17
N VAL G 833 -41.73 -34.53 -14.26
CA VAL G 833 -42.57 -34.53 -13.08
C VAL G 833 -42.33 -33.27 -12.25
N GLU G 834 -41.06 -32.97 -11.93
CA GLU G 834 -40.76 -31.81 -11.11
C GLU G 834 -41.15 -30.51 -11.80
N ALA G 835 -41.23 -30.52 -13.13
CA ALA G 835 -41.71 -29.35 -13.83
C ALA G 835 -43.23 -29.21 -13.75
N PHE G 836 -43.95 -30.32 -13.56
CA PHE G 836 -45.40 -30.25 -13.52
C PHE G 836 -45.91 -29.28 -12.45
N ASP G 837 -45.20 -29.16 -11.34
CA ASP G 837 -45.71 -28.48 -10.16
C ASP G 837 -45.08 -27.12 -9.91
N ASP G 838 -44.04 -26.75 -10.66
CA ASP G 838 -43.22 -25.57 -10.37
C ASP G 838 -43.97 -24.30 -10.73
N GLN G 839 -44.84 -23.88 -9.80
CA GLN G 839 -45.61 -22.64 -9.91
C GLN G 839 -46.07 -22.36 -11.34
N CYS G 840 -46.55 -23.39 -12.03
CA CYS G 840 -46.88 -23.24 -13.44
C CYS G 840 -48.17 -23.96 -13.86
N THR G 841 -49.33 -23.72 -13.21
CA THR G 841 -49.65 -22.90 -12.02
C THR G 841 -48.98 -21.57 -11.66
N GLY G 842 -48.80 -20.64 -12.60
CA GLY G 842 -49.08 -20.84 -14.01
C GLY G 842 -50.45 -20.50 -14.49
N ALA G 843 -50.49 -19.58 -15.43
CA ALA G 843 -51.70 -19.17 -16.12
C ALA G 843 -51.94 -20.01 -17.36
N ASN G 844 -51.38 -21.21 -17.42
CA ASN G 844 -51.48 -22.06 -18.60
C ASN G 844 -52.95 -22.43 -18.80
N PRO G 845 -53.53 -22.08 -19.96
CA PRO G 845 -54.97 -22.36 -20.16
C PRO G 845 -55.31 -23.84 -20.14
N ARG G 846 -54.55 -24.67 -20.87
CA ARG G 846 -54.78 -26.10 -20.86
C ARG G 846 -53.89 -26.76 -19.81
N TYR G 847 -54.50 -27.56 -18.95
CA TYR G 847 -53.70 -28.22 -17.93
C TYR G 847 -52.84 -29.31 -18.57
N PRO G 848 -51.58 -29.41 -18.17
CA PRO G 848 -50.71 -30.45 -18.71
C PRO G 848 -50.73 -31.68 -17.81
N LEU G 849 -50.28 -32.79 -18.39
CA LEU G 849 -49.96 -33.97 -17.61
C LEU G 849 -48.53 -34.40 -17.96
N ILE G 850 -47.86 -34.96 -16.95
CA ILE G 850 -46.41 -35.17 -17.02
C ILE G 850 -46.01 -35.92 -18.28
N ALA G 851 -46.91 -36.74 -18.80
CA ALA G 851 -46.60 -37.53 -19.99
C ALA G 851 -46.29 -36.63 -21.18
N GLU G 852 -47.11 -35.60 -21.41
CA GLU G 852 -46.87 -34.69 -22.52
C GLU G 852 -45.55 -33.96 -22.37
N LEU G 853 -45.13 -33.71 -21.13
CA LEU G 853 -43.94 -32.92 -20.87
C LEU G 853 -42.71 -33.57 -21.48
N LYS G 854 -42.52 -34.86 -21.21
CA LYS G 854 -41.38 -35.56 -21.78
C LYS G 854 -41.43 -35.60 -23.30
N GLU G 855 -42.61 -35.76 -23.89
CA GLU G 855 -42.72 -35.75 -25.34
C GLU G 855 -42.18 -34.45 -25.90
N VAL G 856 -42.61 -33.33 -25.31
CA VAL G 856 -42.10 -32.04 -25.72
C VAL G 856 -40.59 -31.96 -25.51
N LEU G 857 -40.12 -32.49 -24.37
CA LEU G 857 -38.70 -32.41 -24.05
C LEU G 857 -37.85 -33.15 -25.08
N LEU G 858 -38.26 -34.35 -25.45
CA LEU G 858 -37.52 -35.12 -26.44
C LEU G 858 -37.59 -34.47 -27.81
N ALA G 859 -38.76 -33.92 -28.17
CA ALA G 859 -38.86 -33.20 -29.42
C ALA G 859 -37.87 -32.05 -29.46
N SER G 860 -37.76 -31.33 -28.33
CA SER G 860 -36.80 -30.24 -28.23
C SER G 860 -35.37 -30.76 -28.35
N TYR G 861 -35.07 -31.88 -27.71
CA TYR G 861 -33.71 -32.41 -27.77
C TYR G 861 -33.36 -32.84 -29.18
N TYR G 862 -34.34 -32.96 -30.06
CA TYR G 862 -34.14 -33.57 -31.36
C TYR G 862 -34.50 -32.66 -32.54
N GLY G 863 -35.33 -31.65 -32.35
CA GLY G 863 -35.63 -30.73 -33.45
C GLY G 863 -37.11 -30.77 -33.81
N LYS G 864 -37.39 -31.21 -35.05
CA LYS G 864 -38.65 -31.85 -35.41
C LYS G 864 -39.94 -31.08 -35.11
N PRO G 865 -40.39 -30.23 -36.04
CA PRO G 865 -41.68 -29.53 -35.86
C PRO G 865 -42.78 -30.49 -35.41
N PHE G 866 -43.49 -30.09 -34.37
CA PHE G 866 -44.45 -30.94 -33.66
C PHE G 866 -45.84 -30.70 -34.24
N VAL G 867 -46.22 -31.49 -35.25
CA VAL G 867 -47.49 -31.29 -35.92
C VAL G 867 -48.25 -32.61 -35.92
N GLU G 868 -49.56 -32.53 -35.64
CA GLU G 868 -50.42 -33.71 -35.62
C GLU G 868 -51.59 -33.55 -36.58
N PRO H 2 -39.65 -54.23 11.54
CA PRO H 2 -40.66 -55.05 10.87
C PRO H 2 -41.83 -55.39 11.78
N VAL H 3 -43.05 -55.13 11.32
CA VAL H 3 -44.25 -55.31 12.12
C VAL H 3 -45.22 -56.19 11.34
N THR H 4 -45.30 -57.46 11.69
CA THR H 4 -46.24 -58.37 11.08
C THR H 4 -47.06 -59.19 12.07
N ASN H 5 -46.63 -59.28 13.33
CA ASN H 5 -47.33 -60.06 14.34
C ASN H 5 -47.62 -59.19 15.55
N LEU H 6 -48.35 -59.76 16.51
CA LEU H 6 -48.77 -59.01 17.69
C LEU H 6 -47.63 -58.80 18.69
N ALA H 7 -46.63 -59.68 18.69
CA ALA H 7 -45.50 -59.51 19.60
C ALA H 7 -44.76 -58.21 19.32
N GLU H 8 -44.20 -58.08 18.12
CA GLU H 8 -43.54 -56.83 17.75
C GLU H 8 -44.53 -55.68 17.73
N LEU H 9 -45.81 -55.98 17.49
CA LEU H 9 -46.85 -54.96 17.55
C LEU H 9 -46.85 -54.28 18.91
N ASP H 10 -46.97 -55.07 19.98
CA ASP H 10 -46.97 -54.49 21.31
C ASP H 10 -45.59 -53.95 21.68
N ALA H 11 -44.53 -54.51 21.10
CA ALA H 11 -43.20 -53.95 21.31
C ALA H 11 -43.13 -52.50 20.85
N LEU H 12 -43.53 -52.23 19.59
CA LEU H 12 -43.48 -50.83 19.16
C LEU H 12 -44.60 -50.02 19.76
N VAL H 13 -45.66 -50.65 20.26
CA VAL H 13 -46.66 -49.94 21.04
C VAL H 13 -46.02 -49.31 22.27
N ALA H 14 -45.27 -50.12 23.03
CA ALA H 14 -44.56 -49.61 24.20
C ALA H 14 -43.50 -48.58 23.78
N ARG H 15 -42.80 -48.84 22.67
CA ARG H 15 -41.78 -47.91 22.18
C ARG H 15 -42.37 -46.53 21.90
N VAL H 16 -43.33 -46.45 20.97
CA VAL H 16 -43.95 -45.18 20.65
C VAL H 16 -44.71 -44.61 21.84
N LYS H 17 -45.12 -45.45 22.80
CA LYS H 17 -45.76 -44.93 24.00
C LYS H 17 -44.78 -44.09 24.82
N ALA H 18 -43.60 -44.65 25.11
CA ALA H 18 -42.59 -43.86 25.81
C ALA H 18 -42.17 -42.65 24.98
N ALA H 19 -42.12 -42.83 23.65
CA ALA H 19 -41.75 -41.73 22.76
C ALA H 19 -42.73 -40.57 22.85
N GLN H 20 -44.04 -40.85 22.81
CA GLN H 20 -45.04 -39.81 22.99
C GLN H 20 -44.99 -39.24 24.41
N ALA H 21 -44.70 -40.09 25.40
CA ALA H 21 -44.61 -39.62 26.78
C ALA H 21 -43.57 -38.52 26.90
N GLU H 22 -42.40 -38.72 26.29
CA GLU H 22 -41.40 -37.65 26.32
C GLU H 22 -41.73 -36.52 25.34
N PHE H 23 -42.40 -36.83 24.22
CA PHE H 23 -42.68 -35.82 23.21
C PHE H 23 -43.70 -34.80 23.69
N ALA H 24 -44.60 -35.21 24.57
CA ALA H 24 -45.67 -34.30 25.03
C ALA H 24 -45.17 -33.25 26.03
N THR H 25 -43.89 -33.17 26.35
CA THR H 25 -43.37 -32.15 27.26
C THR H 25 -42.72 -30.99 26.51
N PHE H 26 -42.90 -30.92 25.20
CA PHE H 26 -42.17 -30.00 24.35
C PHE H 26 -42.88 -28.65 24.28
N SER H 27 -42.08 -27.59 24.16
CA SER H 27 -42.59 -26.23 24.14
C SER H 27 -43.08 -25.85 22.74
N GLN H 28 -43.94 -24.82 22.69
CA GLN H 28 -44.54 -24.38 21.44
C GLN H 28 -43.49 -23.88 20.45
N GLU H 29 -42.62 -22.99 20.92
CA GLU H 29 -41.66 -22.34 20.04
C GLU H 29 -40.69 -23.31 19.39
N GLN H 30 -40.55 -24.51 19.93
CA GLN H 30 -39.69 -25.52 19.33
C GLN H 30 -40.43 -26.52 18.48
N VAL H 31 -41.69 -26.81 18.80
CA VAL H 31 -42.48 -27.66 17.91
C VAL H 31 -42.81 -26.91 16.63
N ASP H 32 -42.83 -25.58 16.68
CA ASP H 32 -43.19 -24.81 15.50
C ASP H 32 -42.21 -25.02 14.35
N LYS H 33 -40.91 -25.02 14.65
CA LYS H 33 -39.93 -25.15 13.57
C LYS H 33 -39.95 -26.55 12.98
N ILE H 34 -40.22 -27.56 13.82
CA ILE H 34 -40.43 -28.90 13.32
C ILE H 34 -41.64 -28.92 12.39
N PHE H 35 -42.71 -28.26 12.81
CA PHE H 35 -43.90 -28.12 11.98
C PHE H 35 -43.56 -27.57 10.60
N ARG H 36 -42.82 -26.47 10.58
CA ARG H 36 -42.46 -25.85 9.31
C ARG H 36 -41.61 -26.78 8.46
N ALA H 37 -40.57 -27.37 9.06
CA ALA H 37 -39.66 -28.23 8.30
C ALA H 37 -40.38 -29.45 7.75
N ALA H 38 -41.25 -30.06 8.54
CA ALA H 38 -42.00 -31.21 8.06
C ALA H 38 -42.95 -30.83 6.94
N SER H 39 -43.69 -29.73 7.11
CA SER H 39 -44.62 -29.33 6.07
C SER H 39 -43.90 -29.04 4.76
N LEU H 40 -42.77 -28.35 4.84
CA LEU H 40 -42.01 -28.05 3.63
C LEU H 40 -41.50 -29.33 2.97
N ALA H 41 -40.91 -30.22 3.76
CA ALA H 41 -40.35 -31.44 3.18
C ALA H 41 -41.44 -32.29 2.54
N ALA H 42 -42.61 -32.34 3.19
CA ALA H 42 -43.74 -33.07 2.61
C ALA H 42 -44.17 -32.43 1.29
N ASN H 43 -44.23 -31.10 1.25
CA ASN H 43 -44.67 -30.43 0.03
C ASN H 43 -43.63 -30.52 -1.08
N GLN H 44 -42.36 -30.81 -0.76
CA GLN H 44 -41.34 -30.90 -1.79
C GLN H 44 -41.56 -32.12 -2.69
N ALA H 45 -41.51 -33.31 -2.11
CA ALA H 45 -41.55 -34.55 -2.89
C ALA H 45 -42.98 -35.06 -3.05
N ARG H 46 -43.81 -34.23 -3.64
CA ARG H 46 -45.19 -34.62 -3.89
C ARG H 46 -45.26 -35.66 -5.02
N ILE H 47 -44.37 -35.54 -6.01
CA ILE H 47 -44.50 -36.35 -7.22
C ILE H 47 -43.92 -37.75 -7.08
N PRO H 48 -42.77 -37.97 -6.43
CA PRO H 48 -42.36 -39.37 -6.22
C PRO H 48 -43.42 -40.15 -5.47
N LEU H 49 -44.06 -39.51 -4.51
CA LEU H 49 -45.14 -40.14 -3.77
C LEU H 49 -46.35 -40.39 -4.66
N ALA H 50 -46.68 -39.43 -5.54
CA ALA H 50 -47.82 -39.63 -6.44
C ALA H 50 -47.56 -40.78 -7.41
N GLN H 51 -46.35 -40.84 -7.97
CA GLN H 51 -46.00 -41.93 -8.87
C GLN H 51 -46.05 -43.27 -8.16
N MET H 52 -45.52 -43.30 -6.94
CA MET H 52 -45.55 -44.51 -6.12
C MET H 52 -46.99 -44.96 -5.87
N ALA H 53 -47.86 -44.01 -5.52
CA ALA H 53 -49.25 -44.34 -5.24
C ALA H 53 -49.96 -44.83 -6.50
N VAL H 54 -49.69 -44.21 -7.64
CA VAL H 54 -50.35 -44.64 -8.88
C VAL H 54 -49.92 -46.06 -9.23
N GLU H 55 -48.62 -46.33 -9.21
CA GLU H 55 -48.16 -47.65 -9.60
C GLU H 55 -48.63 -48.72 -8.62
N GLU H 56 -48.66 -48.40 -7.32
CA GLU H 56 -49.07 -49.39 -6.34
C GLU H 56 -50.58 -49.64 -6.41
N SER H 57 -51.36 -48.57 -6.57
CA SER H 57 -52.81 -48.73 -6.70
C SER H 57 -53.18 -49.45 -7.98
N GLY H 58 -52.48 -49.15 -9.06
CA GLY H 58 -52.81 -49.69 -10.37
C GLY H 58 -53.75 -48.84 -11.19
N MET H 59 -54.33 -47.79 -10.61
CA MET H 59 -55.20 -46.88 -11.35
C MET H 59 -55.01 -45.48 -10.78
N GLY H 60 -55.76 -44.53 -11.33
CA GLY H 60 -55.65 -43.14 -10.95
C GLY H 60 -54.80 -42.34 -11.92
N ILE H 61 -54.80 -41.02 -11.71
CA ILE H 61 -54.06 -40.09 -12.55
C ILE H 61 -52.96 -39.47 -11.70
N VAL H 62 -51.73 -39.48 -12.21
CA VAL H 62 -50.58 -39.02 -11.45
C VAL H 62 -50.74 -37.55 -11.09
N GLU H 63 -51.12 -36.73 -12.08
CA GLU H 63 -51.11 -35.28 -11.89
C GLU H 63 -52.18 -34.83 -10.92
N ASP H 64 -53.34 -35.49 -10.92
CA ASP H 64 -54.34 -35.20 -9.90
C ASP H 64 -53.80 -35.45 -8.51
N LYS H 65 -53.06 -36.55 -8.34
CA LYS H 65 -52.46 -36.85 -7.04
C LYS H 65 -51.39 -35.84 -6.68
N VAL H 66 -50.60 -35.40 -7.67
CA VAL H 66 -49.60 -34.37 -7.43
C VAL H 66 -50.25 -33.09 -6.93
N ILE H 67 -51.29 -32.63 -7.64
CA ILE H 67 -51.92 -31.36 -7.31
C ILE H 67 -52.65 -31.47 -5.97
N LYS H 68 -53.27 -32.61 -5.70
CA LYS H 68 -53.96 -32.77 -4.42
C LYS H 68 -52.98 -32.89 -3.27
N ASN H 69 -51.80 -33.47 -3.49
CA ASN H 69 -50.75 -33.46 -2.48
C ASN H 69 -50.32 -32.03 -2.18
N HIS H 70 -50.06 -31.25 -3.23
CA HIS H 70 -49.68 -29.85 -3.05
C HIS H 70 -50.75 -29.09 -2.27
N PHE H 71 -52.01 -29.21 -2.70
CA PHE H 71 -53.10 -28.50 -2.05
C PHE H 71 -53.24 -28.91 -0.60
N ALA H 72 -53.18 -30.22 -0.34
CA ALA H 72 -53.30 -30.70 1.02
C ALA H 72 -52.22 -30.12 1.90
N SER H 73 -50.96 -30.26 1.50
CA SER H 73 -49.86 -29.79 2.34
C SER H 73 -49.95 -28.29 2.57
N GLU H 74 -50.16 -27.52 1.49
CA GLU H 74 -50.17 -26.07 1.63
C GLU H 74 -51.34 -25.63 2.51
N PHE H 75 -52.52 -26.21 2.31
CA PHE H 75 -53.70 -25.77 3.05
C PHE H 75 -53.57 -26.14 4.52
N ILE H 76 -53.11 -27.36 4.81
CA ILE H 76 -53.03 -27.80 6.19
C ILE H 76 -51.98 -27.00 6.95
N TYR H 77 -50.88 -26.65 6.29
CA TYR H 77 -49.91 -25.78 6.94
C TYR H 77 -50.49 -24.39 7.16
N ASN H 78 -51.05 -23.79 6.10
CA ASN H 78 -51.46 -22.39 6.16
C ASN H 78 -52.57 -22.18 7.19
N LYS H 79 -53.58 -23.03 7.17
CA LYS H 79 -54.69 -22.83 8.09
C LYS H 79 -54.28 -23.10 9.54
N TYR H 80 -53.24 -23.90 9.76
CA TYR H 80 -52.77 -24.20 11.10
C TYR H 80 -51.31 -23.79 11.29
N LYS H 81 -50.93 -22.64 10.77
CA LYS H 81 -49.57 -22.15 10.96
C LYS H 81 -49.23 -22.02 12.44
N ASP H 82 -49.95 -21.15 13.14
CA ASP H 82 -49.52 -20.68 14.46
C ASP H 82 -50.75 -20.70 15.36
N GLU H 83 -50.86 -21.74 16.18
CA GLU H 83 -51.95 -21.83 17.14
C GLU H 83 -51.38 -22.25 18.48
N LYS H 84 -51.82 -21.59 19.54
CA LYS H 84 -51.35 -21.90 20.90
C LYS H 84 -51.83 -23.28 21.31
N THR H 85 -50.91 -24.23 21.42
CA THR H 85 -51.26 -25.61 21.73
C THR H 85 -50.43 -26.22 22.85
N CYS H 86 -49.54 -25.47 23.48
CA CYS H 86 -48.68 -25.99 24.55
C CYS H 86 -48.78 -25.09 25.76
N GLY H 87 -49.03 -25.69 26.92
CA GLY H 87 -49.02 -24.94 28.17
C GLY H 87 -50.33 -24.26 28.52
N ILE H 88 -50.23 -23.07 29.12
CA ILE H 88 -51.42 -22.33 29.51
C ILE H 88 -52.08 -21.74 28.26
N LEU H 89 -53.42 -21.78 28.22
CA LEU H 89 -54.18 -21.22 27.12
C LEU H 89 -54.90 -19.93 27.50
N GLU H 90 -55.71 -19.93 28.56
CA GLU H 90 -56.38 -18.69 28.94
C GLU H 90 -56.28 -18.52 30.45
N GLU H 91 -56.32 -17.26 30.88
CA GLU H 91 -56.08 -16.93 32.28
C GLU H 91 -57.08 -15.86 32.75
N ASP H 92 -57.53 -16.01 33.98
CA ASP H 92 -58.25 -14.97 34.73
C ASP H 92 -57.45 -14.79 36.02
N ASP H 93 -56.46 -13.90 35.98
CA ASP H 93 -55.63 -13.65 37.15
C ASP H 93 -56.45 -13.07 38.30
N ASN H 94 -57.38 -12.16 37.99
CA ASN H 94 -58.23 -11.57 39.01
C ASN H 94 -59.10 -12.61 39.70
N LEU H 95 -59.40 -13.72 39.03
CA LEU H 95 -60.08 -14.85 39.63
C LEU H 95 -59.17 -16.06 39.81
N GLY H 96 -57.92 -15.98 39.33
CA GLY H 96 -57.00 -17.08 39.47
C GLY H 96 -57.38 -18.33 38.71
N THR H 97 -58.32 -18.23 37.77
CA THR H 97 -58.79 -19.39 37.02
C THR H 97 -57.94 -19.53 35.77
N MET H 98 -57.19 -20.62 35.69
CA MET H 98 -56.27 -20.87 34.61
C MET H 98 -56.72 -22.10 33.83
N THR H 99 -56.71 -22.01 32.51
CA THR H 99 -57.16 -23.09 31.65
C THR H 99 -56.04 -23.44 30.68
N ILE H 100 -55.51 -24.66 30.81
CA ILE H 100 -54.49 -25.18 29.92
C ILE H 100 -55.09 -26.26 29.05
N ALA H 101 -54.31 -26.69 28.07
CA ALA H 101 -54.62 -27.81 27.19
C ALA H 101 -53.56 -28.89 27.38
N GLU H 102 -53.93 -30.11 27.00
CA GLU H 102 -52.97 -31.21 27.10
C GLU H 102 -53.32 -32.24 26.06
N PRO H 103 -52.33 -32.89 25.45
CA PRO H 103 -52.61 -33.81 24.34
C PRO H 103 -53.39 -35.05 24.76
N VAL H 104 -53.73 -35.90 23.79
CA VAL H 104 -54.57 -37.07 24.04
C VAL H 104 -53.71 -38.32 24.20
N GLY H 105 -52.85 -38.60 23.23
CA GLY H 105 -52.00 -39.77 23.31
C GLY H 105 -51.90 -40.58 22.04
N ILE H 106 -52.36 -41.82 22.09
CA ILE H 106 -52.17 -42.75 20.98
C ILE H 106 -53.44 -42.82 20.15
N ILE H 107 -53.26 -42.78 18.83
CA ILE H 107 -54.36 -42.86 17.89
C ILE H 107 -53.97 -43.82 16.77
N CYS H 108 -54.96 -44.49 16.22
CA CYS H 108 -54.80 -45.29 15.01
C CYS H 108 -55.38 -44.55 13.82
N GLY H 109 -54.77 -44.77 12.66
CA GLY H 109 -55.25 -44.18 11.43
C GLY H 109 -55.42 -45.22 10.33
N ILE H 110 -56.60 -45.25 9.70
CA ILE H 110 -56.92 -46.24 8.67
C ILE H 110 -56.83 -45.57 7.30
N VAL H 111 -56.10 -46.20 6.40
CA VAL H 111 -55.75 -45.62 5.10
C VAL H 111 -56.45 -46.42 4.01
N PRO H 112 -57.28 -45.78 3.18
CA PRO H 112 -57.83 -46.47 2.00
C PRO H 112 -56.94 -46.31 0.77
N THR H 113 -57.22 -47.14 -0.23
CA THR H 113 -56.45 -47.11 -1.47
C THR H 113 -56.81 -45.94 -2.36
N THR H 114 -57.98 -45.33 -2.17
CA THR H 114 -58.39 -44.22 -3.02
C THR H 114 -57.48 -43.01 -2.84
N ASN H 115 -57.11 -42.69 -1.60
CA ASN H 115 -56.22 -41.58 -1.28
C ASN H 115 -55.18 -42.06 -0.27
N PRO H 116 -54.28 -42.96 -0.70
CA PRO H 116 -53.39 -43.59 0.27
C PRO H 116 -52.31 -42.67 0.84
N THR H 117 -51.90 -41.65 0.10
CA THR H 117 -50.78 -40.82 0.52
C THR H 117 -51.20 -39.46 1.07
N SER H 118 -52.26 -38.85 0.54
CA SER H 118 -52.67 -37.53 1.01
C SER H 118 -53.17 -37.58 2.44
N THR H 119 -54.08 -38.51 2.73
CA THR H 119 -54.58 -38.67 4.10
C THR H 119 -53.44 -38.94 5.07
N ALA H 120 -52.41 -39.65 4.62
CA ALA H 120 -51.28 -39.97 5.48
C ALA H 120 -50.59 -38.71 5.96
N ILE H 121 -50.21 -37.82 5.04
CA ILE H 121 -49.52 -36.61 5.44
C ILE H 121 -50.45 -35.72 6.25
N PHE H 122 -51.75 -35.70 5.90
CA PHE H 122 -52.72 -34.92 6.66
C PHE H 122 -52.71 -35.31 8.14
N LYS H 123 -53.00 -36.59 8.39
CA LYS H 123 -53.09 -37.06 9.77
C LYS H 123 -51.75 -36.93 10.48
N SER H 124 -50.65 -37.24 9.78
CA SER H 124 -49.34 -37.17 10.41
C SER H 124 -49.04 -35.75 10.88
N LEU H 125 -49.24 -34.77 10.00
CA LEU H 125 -48.91 -33.40 10.37
C LEU H 125 -49.82 -32.90 11.49
N ILE H 126 -51.12 -33.22 11.44
CA ILE H 126 -51.97 -32.72 12.51
C ILE H 126 -51.60 -33.36 13.85
N SER H 127 -51.32 -34.66 13.85
CA SER H 127 -50.90 -35.32 15.08
C SER H 127 -49.63 -34.68 15.63
N LEU H 128 -48.63 -34.51 14.77
CA LEU H 128 -47.38 -33.89 15.23
C LEU H 128 -47.60 -32.50 15.76
N LYS H 129 -48.55 -31.76 15.16
CA LYS H 129 -48.86 -30.43 15.67
C LYS H 129 -49.41 -30.52 17.09
N THR H 130 -50.24 -31.52 17.35
CA THR H 130 -50.91 -31.61 18.65
C THR H 130 -50.12 -32.40 19.68
N ARG H 131 -48.85 -32.73 19.39
CA ARG H 131 -48.00 -33.46 20.33
C ARG H 131 -48.62 -34.80 20.73
N ASN H 132 -49.09 -35.55 19.74
CA ASN H 132 -49.73 -36.83 19.96
C ASN H 132 -49.10 -37.88 19.05
N GLY H 133 -49.45 -39.15 19.28
CA GLY H 133 -48.92 -40.25 18.49
C GLY H 133 -49.95 -40.97 17.65
N ILE H 134 -49.49 -41.62 16.58
CA ILE H 134 -50.40 -42.22 15.61
C ILE H 134 -49.81 -43.54 15.11
N ILE H 135 -50.70 -44.51 14.86
CA ILE H 135 -50.35 -45.76 14.21
C ILE H 135 -51.25 -45.91 12.99
N PHE H 136 -50.69 -46.47 11.92
CA PHE H 136 -51.33 -46.56 10.62
C PHE H 136 -51.80 -47.99 10.37
N SER H 137 -53.00 -48.10 9.81
CA SER H 137 -53.47 -49.37 9.25
C SER H 137 -53.63 -49.21 7.75
N PRO H 138 -52.54 -49.21 7.00
CA PRO H 138 -52.63 -49.02 5.55
C PRO H 138 -53.34 -50.19 4.90
N HIS H 139 -53.95 -49.92 3.75
CA HIS H 139 -54.56 -51.01 3.03
C HIS H 139 -53.50 -51.88 2.38
N PRO H 140 -53.68 -53.21 2.35
CA PRO H 140 -52.65 -54.07 1.76
C PRO H 140 -52.33 -53.71 0.31
N ARG H 141 -53.33 -53.28 -0.46
CA ARG H 141 -53.09 -52.92 -1.86
C ARG H 141 -52.14 -51.74 -1.97
N ALA H 142 -52.57 -50.58 -1.50
CA ALA H 142 -51.79 -49.35 -1.55
C ALA H 142 -51.20 -49.14 -0.17
N LYS H 143 -50.08 -49.77 0.07
CA LYS H 143 -49.42 -49.68 1.37
C LYS H 143 -47.99 -49.17 1.28
N ASN H 144 -47.23 -49.65 0.30
CA ASN H 144 -45.81 -49.29 0.23
C ASN H 144 -45.63 -47.80 0.01
N SER H 145 -46.50 -47.18 -0.78
CA SER H 145 -46.49 -45.73 -0.89
C SER H 145 -46.76 -45.08 0.45
N THR H 146 -47.76 -45.58 1.18
CA THR H 146 -48.10 -45.03 2.49
C THR H 146 -46.94 -45.19 3.47
N ASN H 147 -46.35 -46.39 3.53
CA ASN H 147 -45.20 -46.60 4.40
C ASN H 147 -44.06 -45.67 4.03
N ALA H 148 -43.78 -45.53 2.73
CA ALA H 148 -42.68 -44.69 2.28
C ALA H 148 -42.90 -43.23 2.67
N ALA H 149 -44.14 -42.75 2.52
CA ALA H 149 -44.44 -41.39 2.96
C ALA H 149 -44.24 -41.27 4.47
N ALA H 150 -44.65 -42.29 5.23
CA ALA H 150 -44.48 -42.26 6.67
C ALA H 150 -43.01 -42.19 7.06
N LYS H 151 -42.15 -42.98 6.40
CA LYS H 151 -40.73 -42.88 6.73
C LYS H 151 -40.20 -41.51 6.37
N LEU H 152 -40.61 -40.97 5.21
CA LEU H 152 -40.06 -39.68 4.78
C LEU H 152 -40.40 -38.58 5.78
N VAL H 153 -41.66 -38.54 6.20
CA VAL H 153 -42.08 -37.50 7.15
C VAL H 153 -41.45 -37.75 8.52
N LEU H 154 -41.32 -39.01 8.92
CA LEU H 154 -40.67 -39.32 10.20
C LEU H 154 -39.22 -38.85 10.19
N ASP H 155 -38.50 -39.09 9.09
CA ASP H 155 -37.11 -38.66 9.00
C ASP H 155 -37.00 -37.14 8.98
N ALA H 156 -37.89 -36.48 8.23
CA ALA H 156 -37.88 -35.01 8.24
C ALA H 156 -38.14 -34.48 9.64
N ALA H 157 -38.96 -35.18 10.42
CA ALA H 157 -39.13 -34.81 11.82
C ALA H 157 -37.89 -35.11 12.65
N ILE H 158 -37.24 -36.25 12.39
CA ILE H 158 -36.06 -36.64 13.16
C ILE H 158 -34.99 -35.59 13.01
N ALA H 159 -34.77 -35.11 11.80
CA ALA H 159 -33.80 -34.04 11.61
C ALA H 159 -34.46 -32.71 11.96
N ALA H 160 -35.17 -32.71 13.09
CA ALA H 160 -35.68 -31.49 13.68
C ALA H 160 -35.71 -31.55 15.21
N GLY H 161 -35.05 -32.53 15.83
CA GLY H 161 -35.12 -32.71 17.26
C GLY H 161 -36.32 -33.50 17.73
N ALA H 162 -37.07 -34.11 16.83
CA ALA H 162 -38.18 -34.95 17.24
C ALA H 162 -37.64 -36.19 17.96
N PRO H 163 -38.45 -36.79 18.85
CA PRO H 163 -38.04 -38.05 19.48
C PRO H 163 -37.81 -39.13 18.44
N LYS H 164 -37.27 -40.26 18.91
CA LYS H 164 -36.81 -41.31 18.01
C LYS H 164 -37.90 -41.72 17.02
N ASP H 165 -39.15 -41.76 17.47
CA ASP H 165 -40.28 -41.88 16.56
C ASP H 165 -41.52 -41.41 17.30
N ILE H 166 -42.56 -41.14 16.52
CA ILE H 166 -43.91 -40.93 17.06
C ILE H 166 -44.85 -41.75 16.21
N ILE H 167 -44.36 -42.18 15.04
CA ILE H 167 -45.17 -42.81 14.00
C ILE H 167 -45.01 -44.31 14.10
N GLY H 168 -46.14 -45.02 14.11
CA GLY H 168 -46.13 -46.45 13.95
C GLY H 168 -47.06 -46.83 12.81
N TRP H 169 -46.82 -48.03 12.26
CA TRP H 169 -47.64 -48.53 11.17
C TRP H 169 -47.39 -50.02 11.04
N ILE H 170 -48.36 -50.71 10.44
CA ILE H 170 -48.26 -52.14 10.21
C ILE H 170 -47.41 -52.37 8.97
N ASP H 171 -46.75 -53.51 8.91
CA ASP H 171 -46.20 -54.04 7.67
C ASP H 171 -47.01 -55.27 7.28
N GLN H 172 -47.38 -55.36 5.99
CA GLN H 172 -48.26 -56.40 5.51
C GLN H 172 -49.54 -56.41 6.34
N PRO H 173 -50.43 -55.45 6.16
CA PRO H 173 -51.54 -55.29 7.09
C PRO H 173 -52.54 -56.43 6.97
N SER H 174 -53.04 -56.87 8.11
CA SER H 174 -53.98 -57.99 8.18
C SER H 174 -55.16 -57.59 9.04
N VAL H 175 -56.30 -58.25 8.81
CA VAL H 175 -57.51 -57.93 9.54
C VAL H 175 -57.33 -58.24 11.02
N GLU H 176 -56.61 -59.31 11.35
CA GLU H 176 -56.43 -59.67 12.76
C GLU H 176 -55.57 -58.64 13.48
N LEU H 177 -54.49 -58.17 12.84
CA LEU H 177 -53.67 -57.13 13.46
C LEU H 177 -54.45 -55.83 13.63
N SER H 178 -55.26 -55.48 12.62
CA SER H 178 -56.05 -54.25 12.70
C SER H 178 -57.07 -54.33 13.83
N ASN H 179 -57.70 -55.50 14.03
CA ASN H 179 -58.64 -55.64 15.13
C ASN H 179 -57.92 -55.66 16.47
N ALA H 180 -56.76 -56.32 16.55
CA ALA H 180 -56.01 -56.37 17.80
C ALA H 180 -55.58 -54.98 18.24
N LEU H 181 -55.13 -54.15 17.30
CA LEU H 181 -54.78 -52.78 17.66
C LEU H 181 -56.03 -51.93 17.88
N MET H 182 -57.11 -52.22 17.15
CA MET H 182 -58.35 -51.47 17.34
C MET H 182 -58.93 -51.70 18.73
N LYS H 183 -58.74 -52.90 19.27
CA LYS H 183 -59.12 -53.21 20.64
C LYS H 183 -57.94 -53.20 21.60
N HIS H 184 -56.77 -52.77 21.13
CA HIS H 184 -55.63 -52.61 22.02
C HIS H 184 -55.95 -51.57 23.09
N ASP H 185 -55.48 -51.84 24.31
CA ASP H 185 -55.79 -50.96 25.42
C ASP H 185 -55.12 -49.60 25.27
N GLY H 186 -53.91 -49.57 24.74
CA GLY H 186 -53.08 -48.39 24.77
C GLY H 186 -53.46 -47.26 23.84
N ILE H 187 -54.39 -47.46 22.91
CA ILE H 187 -54.78 -46.44 21.96
C ILE H 187 -55.90 -45.60 22.55
N ALA H 188 -55.88 -44.30 22.24
CA ALA H 188 -56.89 -43.37 22.75
C ALA H 188 -57.92 -42.98 21.70
N LEU H 189 -57.54 -42.90 20.42
CA LEU H 189 -58.51 -42.57 19.39
C LEU H 189 -58.24 -43.39 18.14
N ILE H 190 -59.26 -43.49 17.28
CA ILE H 190 -59.14 -44.16 15.99
C ILE H 190 -59.76 -43.25 14.93
N LEU H 191 -59.11 -43.18 13.77
CA LEU H 191 -59.57 -42.37 12.65
C LEU H 191 -59.76 -43.29 11.45
N ALA H 192 -61.01 -43.60 11.15
CA ALA H 192 -61.38 -44.50 10.07
C ALA H 192 -62.08 -43.73 8.96
N THR H 193 -61.60 -43.90 7.73
CA THR H 193 -62.20 -43.24 6.58
C THR H 193 -62.30 -44.25 5.44
N GLY H 194 -63.30 -44.04 4.59
CA GLY H 194 -63.44 -44.85 3.38
C GLY H 194 -64.74 -45.61 3.27
N GLY H 195 -64.65 -46.93 3.11
CA GLY H 195 -65.81 -47.78 2.94
C GLY H 195 -66.71 -47.84 4.16
N PRO H 196 -68.02 -47.91 3.93
CA PRO H 196 -68.96 -47.94 5.06
C PRO H 196 -68.81 -49.16 5.96
N GLY H 197 -68.27 -50.26 5.45
CA GLY H 197 -68.11 -51.44 6.29
C GLY H 197 -67.18 -51.21 7.46
N MET H 198 -66.08 -50.50 7.23
CA MET H 198 -65.10 -50.28 8.28
C MET H 198 -65.54 -49.21 9.26
N VAL H 199 -66.28 -48.19 8.81
CA VAL H 199 -66.62 -47.08 9.69
C VAL H 199 -67.61 -47.51 10.76
N LYS H 200 -68.56 -48.38 10.41
CA LYS H 200 -69.51 -48.85 11.40
C LYS H 200 -68.85 -49.78 12.40
N ALA H 201 -67.92 -50.61 11.94
CA ALA H 201 -67.17 -51.48 12.85
C ALA H 201 -66.31 -50.65 13.80
N ALA H 202 -65.68 -49.59 13.29
CA ALA H 202 -64.92 -48.70 14.16
C ALA H 202 -65.84 -47.98 15.16
N TYR H 203 -67.04 -47.63 14.71
CA TYR H 203 -68.05 -47.10 15.62
C TYR H 203 -68.39 -48.14 16.68
N SER H 204 -68.56 -49.39 16.28
CA SER H 204 -68.86 -50.48 17.22
C SER H 204 -67.58 -51.00 17.85
N SER H 205 -66.89 -50.10 18.55
CA SER H 205 -65.64 -50.45 19.22
C SER H 205 -65.65 -50.10 20.70
N GLY H 206 -66.68 -49.45 21.22
CA GLY H 206 -66.68 -49.05 22.62
C GLY H 206 -65.60 -48.06 22.96
N LYS H 207 -65.06 -47.36 21.97
CA LYS H 207 -63.95 -46.44 22.11
C LYS H 207 -64.27 -45.20 21.28
N PRO H 208 -63.66 -44.06 21.60
CA PRO H 208 -63.91 -42.85 20.80
C PRO H 208 -63.56 -43.08 19.34
N ALA H 209 -64.42 -42.58 18.45
CA ALA H 209 -64.25 -42.82 17.02
C ALA H 209 -65.07 -41.81 16.23
N ILE H 210 -64.50 -41.33 15.13
CA ILE H 210 -65.20 -40.50 14.17
C ILE H 210 -64.78 -40.93 12.77
N GLY H 211 -65.76 -41.04 11.86
CA GLY H 211 -65.49 -41.49 10.51
C GLY H 211 -65.83 -40.48 9.45
N VAL H 212 -64.86 -40.17 8.59
CA VAL H 212 -65.06 -39.23 7.49
C VAL H 212 -65.54 -40.03 6.28
N GLY H 213 -66.81 -39.84 5.92
CA GLY H 213 -67.37 -40.56 4.81
C GLY H 213 -68.16 -39.67 3.86
N ALA H 214 -68.80 -40.27 2.86
CA ALA H 214 -69.61 -39.52 1.92
C ALA H 214 -70.70 -40.44 1.39
N GLY H 215 -71.84 -39.82 1.04
CA GLY H 215 -72.94 -40.54 0.43
C GLY H 215 -73.18 -40.10 -1.01
N ASN H 216 -74.28 -40.59 -1.56
CA ASN H 216 -74.69 -40.19 -2.89
C ASN H 216 -74.94 -38.69 -2.92
N VAL H 217 -74.19 -37.97 -3.74
CA VAL H 217 -74.27 -36.52 -3.80
C VAL H 217 -75.21 -36.16 -4.95
N PRO H 218 -76.39 -35.63 -4.68
CA PRO H 218 -77.31 -35.24 -5.75
C PRO H 218 -77.20 -33.78 -6.12
N VAL H 219 -77.45 -33.52 -7.40
CA VAL H 219 -77.53 -32.17 -7.94
C VAL H 219 -78.86 -32.05 -8.66
N VAL H 220 -79.60 -30.99 -8.34
CA VAL H 220 -80.87 -30.71 -8.98
C VAL H 220 -80.68 -29.52 -9.93
N ILE H 221 -81.20 -29.64 -11.14
CA ILE H 221 -81.13 -28.60 -12.14
C ILE H 221 -82.55 -28.26 -12.56
N ASP H 222 -82.93 -26.99 -12.45
CA ASP H 222 -84.26 -26.54 -12.82
C ASP H 222 -84.23 -25.90 -14.21
N GLU H 223 -85.38 -25.39 -14.63
CA GLU H 223 -85.50 -24.85 -15.98
C GLU H 223 -84.78 -23.52 -16.15
N THR H 224 -84.85 -22.65 -15.15
CA THR H 224 -84.21 -21.34 -15.22
C THR H 224 -82.69 -21.44 -15.19
N ALA H 225 -82.15 -22.66 -15.10
CA ALA H 225 -80.73 -22.90 -15.16
C ALA H 225 -80.23 -22.86 -16.60
N ASP H 226 -79.02 -22.33 -16.79
CA ASP H 226 -78.36 -22.43 -18.08
C ASP H 226 -77.76 -23.82 -18.23
N ILE H 227 -77.96 -24.43 -19.40
CA ILE H 227 -77.56 -25.82 -19.61
C ILE H 227 -76.05 -25.94 -19.68
N LYS H 228 -75.40 -25.04 -20.42
CA LYS H 228 -73.99 -25.24 -20.75
C LYS H 228 -73.12 -25.21 -19.52
N ARG H 229 -73.37 -24.26 -18.63
CA ARG H 229 -72.52 -24.05 -17.48
C ARG H 229 -72.60 -25.24 -16.53
N ALA H 230 -73.82 -25.73 -16.30
CA ALA H 230 -74.01 -26.92 -15.48
C ALA H 230 -73.33 -28.13 -16.11
N VAL H 231 -73.50 -28.31 -17.42
CA VAL H 231 -72.92 -29.49 -18.07
C VAL H 231 -71.40 -29.45 -17.97
N ALA H 232 -70.80 -28.29 -18.26
CA ALA H 232 -69.35 -28.19 -18.24
C ALA H 232 -68.81 -28.41 -16.84
N SER H 233 -69.43 -27.79 -15.85
CA SER H 233 -68.97 -27.94 -14.48
C SER H 233 -69.10 -29.37 -13.99
N ILE H 234 -70.24 -30.01 -14.28
CA ILE H 234 -70.40 -31.38 -13.83
C ILE H 234 -69.42 -32.30 -14.54
N LEU H 235 -69.13 -32.04 -15.83
CA LEU H 235 -68.22 -32.93 -16.54
C LEU H 235 -66.81 -32.78 -16.03
N MET H 236 -66.35 -31.55 -15.78
CA MET H 236 -65.01 -31.41 -15.21
C MET H 236 -64.91 -32.06 -13.84
N SER H 237 -65.90 -31.81 -12.97
CA SER H 237 -65.84 -32.37 -11.61
C SER H 237 -65.85 -33.89 -11.65
N LYS H 238 -66.68 -34.50 -12.51
CA LYS H 238 -66.74 -35.94 -12.58
C LYS H 238 -65.51 -36.53 -13.23
N THR H 239 -64.98 -35.87 -14.26
CA THR H 239 -63.78 -36.35 -14.93
C THR H 239 -62.55 -36.26 -14.06
N PHE H 240 -62.57 -35.44 -13.01
CA PHE H 240 -61.41 -35.44 -12.13
C PHE H 240 -61.11 -36.82 -11.56
N ASP H 241 -60.01 -37.42 -12.02
CA ASP H 241 -59.47 -38.68 -11.48
C ASP H 241 -60.52 -39.80 -11.46
N ASN H 242 -61.22 -39.96 -12.58
CA ASN H 242 -62.21 -41.03 -12.74
C ASN H 242 -63.26 -41.01 -11.63
N GLY H 243 -63.53 -39.82 -11.09
CA GLY H 243 -64.54 -39.70 -10.06
C GLY H 243 -64.23 -40.49 -8.81
N VAL H 244 -63.01 -40.38 -8.29
CA VAL H 244 -62.62 -41.06 -7.06
C VAL H 244 -62.53 -40.11 -5.87
N VAL H 245 -62.84 -38.82 -6.05
CA VAL H 245 -62.81 -37.87 -4.95
C VAL H 245 -64.01 -38.11 -4.04
N CYS H 246 -63.80 -37.95 -2.74
CA CYS H 246 -64.90 -38.09 -1.79
C CYS H 246 -65.97 -37.03 -2.06
N ALA H 247 -67.19 -37.33 -1.62
CA ALA H 247 -68.33 -36.42 -1.74
C ALA H 247 -68.51 -35.95 -3.18
N SER H 248 -68.33 -36.87 -4.12
CA SER H 248 -68.49 -36.56 -5.53
C SER H 248 -69.90 -36.86 -5.99
N GLU H 249 -70.27 -36.24 -7.12
CA GLU H 249 -71.63 -36.38 -7.65
C GLU H 249 -71.96 -37.84 -7.92
N GLN H 250 -73.20 -38.22 -7.63
CA GLN H 250 -73.63 -39.61 -7.78
C GLN H 250 -74.96 -39.78 -8.50
N ALA H 251 -75.79 -38.74 -8.61
CA ALA H 251 -77.01 -38.83 -9.39
C ALA H 251 -77.51 -37.42 -9.69
N ALA H 252 -78.15 -37.27 -10.85
CA ALA H 252 -78.58 -35.98 -11.35
C ALA H 252 -80.11 -35.95 -11.45
N ILE H 253 -80.70 -34.85 -11.02
CA ILE H 253 -82.14 -34.63 -11.12
C ILE H 253 -82.38 -33.56 -12.18
N VAL H 254 -83.09 -33.94 -13.23
CA VAL H 254 -83.38 -33.03 -14.34
C VAL H 254 -84.89 -32.83 -14.39
N VAL H 255 -85.31 -31.57 -14.36
CA VAL H 255 -86.73 -31.28 -14.39
C VAL H 255 -87.28 -31.53 -15.79
N SER H 256 -88.62 -31.62 -15.88
CA SER H 256 -89.27 -32.14 -17.08
C SER H 256 -88.96 -31.31 -18.31
N GLU H 257 -89.15 -29.99 -18.21
CA GLU H 257 -89.18 -29.15 -19.40
C GLU H 257 -87.81 -29.07 -20.06
N VAL H 258 -86.74 -29.13 -19.27
CA VAL H 258 -85.40 -28.96 -19.83
C VAL H 258 -84.65 -30.30 -19.83
N TYR H 259 -85.38 -31.40 -19.96
CA TYR H 259 -84.79 -32.73 -19.84
C TYR H 259 -84.06 -33.18 -21.10
N ASP H 260 -84.78 -33.31 -22.22
CA ASP H 260 -84.22 -33.97 -23.38
C ASP H 260 -83.09 -33.16 -24.00
N GLU H 261 -83.15 -31.82 -23.88
CA GLU H 261 -82.04 -31.03 -24.40
C GLU H 261 -80.79 -31.20 -23.53
N VAL H 262 -80.96 -31.39 -22.22
CA VAL H 262 -79.82 -31.72 -21.37
C VAL H 262 -79.25 -33.08 -21.76
N LYS H 263 -80.13 -34.04 -22.04
CA LYS H 263 -79.69 -35.37 -22.45
C LYS H 263 -78.87 -35.30 -23.75
N GLU H 264 -79.43 -34.67 -24.78
CA GLU H 264 -78.68 -34.51 -26.03
C GLU H 264 -77.45 -33.64 -25.83
N ARG H 265 -77.45 -32.76 -24.85
CA ARG H 265 -76.26 -32.00 -24.53
C ARG H 265 -75.14 -32.91 -24.05
N PHE H 266 -75.48 -33.89 -23.22
CA PHE H 266 -74.52 -34.95 -22.92
C PHE H 266 -74.12 -35.69 -24.19
N ALA H 267 -75.07 -35.94 -25.08
CA ALA H 267 -74.74 -36.58 -26.35
C ALA H 267 -73.78 -35.72 -27.18
N THR H 268 -73.83 -34.40 -27.02
CA THR H 268 -72.92 -33.53 -27.77
C THR H 268 -71.49 -33.57 -27.26
N HIS H 269 -71.20 -34.37 -26.23
CA HIS H 269 -69.88 -34.39 -25.64
C HIS H 269 -69.51 -35.85 -25.38
N LYS H 270 -68.42 -36.06 -24.64
CA LYS H 270 -67.89 -37.37 -24.31
C LYS H 270 -68.85 -38.20 -23.49
N ALA H 271 -69.86 -37.60 -22.88
CA ALA H 271 -70.86 -38.38 -22.15
C ALA H 271 -71.57 -39.32 -23.11
N HIS H 272 -71.56 -40.60 -22.79
CA HIS H 272 -72.20 -41.63 -23.61
C HIS H 272 -73.50 -42.04 -22.92
N VAL H 273 -74.63 -41.66 -23.50
CA VAL H 273 -75.92 -42.01 -22.93
C VAL H 273 -76.17 -43.51 -23.10
N LEU H 274 -77.06 -44.04 -22.26
CA LEU H 274 -77.36 -45.47 -22.29
C LEU H 274 -78.79 -45.71 -21.84
N SER H 275 -79.55 -46.47 -22.63
CA SER H 275 -80.95 -46.73 -22.32
C SER H 275 -81.38 -48.16 -22.61
N LYS H 276 -80.43 -49.08 -22.74
CA LYS H 276 -80.78 -50.44 -23.17
C LYS H 276 -80.26 -51.50 -22.21
N ALA H 277 -80.30 -52.76 -22.64
CA ALA H 277 -79.85 -53.86 -21.80
C ALA H 277 -78.39 -53.71 -21.38
N ASP H 278 -77.65 -52.78 -21.96
CA ASP H 278 -76.32 -52.52 -21.42
C ASP H 278 -76.40 -51.73 -20.13
N ALA H 279 -77.53 -51.06 -19.88
CA ALA H 279 -77.77 -50.54 -18.54
C ALA H 279 -77.76 -51.67 -17.53
N ASP H 280 -78.33 -52.82 -17.91
CA ASP H 280 -78.26 -53.99 -17.05
C ASP H 280 -76.85 -54.59 -17.05
N LYS H 281 -76.21 -54.62 -18.21
CA LYS H 281 -74.85 -55.12 -18.30
C LYS H 281 -73.91 -54.37 -17.37
N VAL H 282 -74.18 -53.08 -17.16
CA VAL H 282 -73.38 -52.30 -16.24
C VAL H 282 -73.95 -52.34 -14.82
N ARG H 283 -75.26 -52.52 -14.68
CA ARG H 283 -75.82 -52.63 -13.33
C ARG H 283 -75.31 -53.87 -12.63
N LYS H 284 -75.10 -54.96 -13.38
CA LYS H 284 -74.50 -56.15 -12.80
C LYS H 284 -73.08 -55.85 -12.31
N VAL H 285 -72.31 -55.09 -13.10
CA VAL H 285 -70.89 -54.93 -12.80
C VAL H 285 -70.65 -53.82 -11.77
N LEU H 286 -71.54 -52.84 -11.66
CA LEU H 286 -71.47 -51.89 -10.56
C LEU H 286 -71.70 -52.60 -9.24
N LEU H 287 -72.73 -53.45 -9.19
CA LEU H 287 -73.18 -54.05 -7.95
C LEU H 287 -73.19 -55.56 -8.19
N ILE H 288 -72.03 -56.17 -7.98
CA ILE H 288 -71.92 -57.61 -8.19
C ILE H 288 -72.40 -58.37 -6.96
N ASP H 289 -71.90 -58.01 -5.79
CA ASP H 289 -72.22 -58.68 -4.54
C ASP H 289 -73.25 -57.92 -3.72
N GLY H 290 -73.85 -56.87 -4.27
CA GLY H 290 -74.58 -55.94 -3.44
C GLY H 290 -73.71 -54.99 -2.67
N ALA H 291 -72.40 -55.03 -2.87
CA ALA H 291 -71.45 -54.27 -2.08
C ALA H 291 -70.37 -53.66 -2.97
N LEU H 292 -70.79 -53.04 -4.08
CA LEU H 292 -69.93 -52.12 -4.83
C LEU H 292 -68.67 -52.82 -5.35
N ASN H 293 -68.90 -53.67 -6.35
CA ASN H 293 -67.84 -54.34 -7.10
C ASN H 293 -66.60 -53.45 -7.26
N ALA H 294 -65.45 -53.98 -6.86
CA ALA H 294 -64.20 -53.21 -6.80
C ALA H 294 -63.35 -53.32 -8.06
N LYS H 295 -63.85 -53.96 -9.11
CA LYS H 295 -63.11 -54.05 -10.36
C LYS H 295 -63.33 -52.85 -11.26
N ILE H 296 -64.08 -51.85 -10.80
CA ILE H 296 -64.33 -50.63 -11.55
C ILE H 296 -63.78 -49.40 -10.85
N VAL H 297 -62.96 -49.58 -9.82
CA VAL H 297 -62.49 -48.45 -9.01
C VAL H 297 -61.50 -47.63 -9.81
N GLY H 298 -61.85 -46.37 -10.08
CA GLY H 298 -60.98 -45.47 -10.81
C GLY H 298 -60.59 -45.98 -12.18
N GLN H 299 -61.54 -46.57 -12.92
CA GLN H 299 -61.22 -47.12 -14.23
C GLN H 299 -61.87 -46.29 -15.34
N PRO H 300 -61.20 -46.11 -16.47
CA PRO H 300 -61.72 -45.24 -17.53
C PRO H 300 -63.00 -45.79 -18.14
N ALA H 301 -63.70 -44.91 -18.86
CA ALA H 301 -65.02 -45.24 -19.38
C ALA H 301 -64.96 -46.42 -20.34
N ALA H 302 -63.93 -46.47 -21.19
CA ALA H 302 -63.80 -47.56 -22.13
C ALA H 302 -63.60 -48.89 -21.41
N ALA H 303 -62.75 -48.91 -20.39
CA ALA H 303 -62.47 -50.16 -19.69
C ALA H 303 -63.72 -50.68 -18.99
N ILE H 304 -64.42 -49.80 -18.28
CA ILE H 304 -65.64 -50.23 -17.59
C ILE H 304 -66.72 -50.62 -18.60
N ALA H 305 -66.78 -49.95 -19.74
CA ALA H 305 -67.76 -50.33 -20.76
C ALA H 305 -67.48 -51.73 -21.29
N GLU H 306 -66.21 -52.02 -21.61
CA GLU H 306 -65.90 -53.34 -22.17
C GLU H 306 -66.04 -54.42 -21.11
N MET H 307 -65.75 -54.13 -19.85
CA MET H 307 -65.95 -55.16 -18.83
C MET H 307 -67.43 -55.35 -18.53
N ALA H 308 -68.24 -54.32 -18.78
CA ALA H 308 -69.68 -54.50 -18.81
C ALA H 308 -70.12 -55.33 -20.01
N GLY H 309 -69.27 -55.45 -21.02
CA GLY H 309 -69.57 -56.23 -22.19
C GLY H 309 -69.93 -55.44 -23.43
N VAL H 310 -69.57 -54.17 -23.51
CA VAL H 310 -69.96 -53.32 -24.62
C VAL H 310 -68.74 -52.56 -25.14
N LYS H 311 -68.76 -52.24 -26.42
CA LYS H 311 -67.81 -51.30 -26.99
C LYS H 311 -68.38 -49.89 -26.91
N VAL H 312 -67.50 -48.95 -26.58
CA VAL H 312 -67.85 -47.53 -26.57
C VAL H 312 -66.73 -46.75 -27.23
N PRO H 313 -67.08 -45.65 -27.93
CA PRO H 313 -66.03 -44.82 -28.53
C PRO H 313 -65.00 -44.40 -27.49
N ALA H 314 -63.72 -44.54 -27.85
CA ALA H 314 -62.65 -44.40 -26.86
C ALA H 314 -62.63 -43.01 -26.24
N ASP H 315 -63.11 -42.00 -26.97
CA ASP H 315 -63.06 -40.63 -26.46
C ASP H 315 -64.03 -40.39 -25.30
N THR H 316 -64.98 -41.29 -25.07
CA THR H 316 -65.96 -41.07 -24.02
C THR H 316 -65.29 -41.11 -22.65
N LYS H 317 -65.94 -40.47 -21.67
CA LYS H 317 -65.42 -40.42 -20.32
C LYS H 317 -66.41 -40.89 -19.28
N VAL H 318 -67.70 -40.63 -19.47
CA VAL H 318 -68.72 -41.02 -18.51
C VAL H 318 -69.86 -41.74 -19.24
N LEU H 319 -70.50 -42.65 -18.54
CA LEU H 319 -71.65 -43.39 -19.04
C LEU H 319 -72.88 -42.92 -18.28
N VAL H 320 -73.92 -42.56 -19.02
CA VAL H 320 -75.09 -41.89 -18.45
C VAL H 320 -76.24 -42.88 -18.44
N GLY H 321 -76.70 -43.23 -17.24
CA GLY H 321 -77.81 -44.15 -17.06
C GLY H 321 -79.11 -43.39 -16.84
N GLU H 322 -80.12 -43.75 -17.62
CA GLU H 322 -81.44 -43.14 -17.50
C GLU H 322 -82.51 -44.11 -17.02
N GLY H 323 -82.18 -45.39 -16.84
CA GLY H 323 -83.13 -46.32 -16.26
C GLY H 323 -83.24 -46.12 -14.75
N LEU H 324 -83.53 -44.89 -14.35
CA LEU H 324 -83.54 -44.51 -12.93
C LEU H 324 -84.88 -43.93 -12.52
N GLY H 325 -85.96 -44.32 -13.19
CA GLY H 325 -87.27 -43.88 -12.78
C GLY H 325 -87.65 -44.35 -11.38
N LYS H 326 -87.06 -45.44 -10.92
CA LYS H 326 -87.27 -45.96 -9.58
C LYS H 326 -86.26 -45.37 -8.62
N VAL H 327 -86.71 -45.08 -7.40
CA VAL H 327 -85.89 -44.41 -6.39
C VAL H 327 -85.88 -45.29 -5.15
N SER H 328 -84.82 -46.06 -4.96
CA SER H 328 -84.64 -46.86 -3.75
C SER H 328 -83.22 -47.39 -3.72
N TYR H 329 -82.90 -48.09 -2.63
CA TYR H 329 -81.55 -48.60 -2.43
C TYR H 329 -81.17 -49.59 -3.51
N ASP H 330 -82.11 -50.43 -3.95
CA ASP H 330 -81.80 -51.52 -4.86
C ASP H 330 -81.23 -51.02 -6.18
N ASP H 331 -81.44 -49.75 -6.51
CA ASP H 331 -80.85 -49.20 -7.71
C ASP H 331 -79.34 -49.14 -7.57
N GLU H 332 -78.63 -49.84 -8.46
CA GLU H 332 -77.19 -49.74 -8.49
C GLU H 332 -76.74 -48.31 -8.71
N PHE H 333 -77.49 -47.56 -9.54
CA PHE H 333 -77.17 -46.16 -9.77
C PHE H 333 -77.40 -45.33 -8.50
N ALA H 334 -78.40 -45.70 -7.70
CA ALA H 334 -78.66 -44.96 -6.47
C ALA H 334 -77.47 -44.99 -5.52
N HIS H 335 -76.72 -46.08 -5.52
CA HIS H 335 -75.49 -46.13 -4.74
C HIS H 335 -74.44 -45.20 -5.33
N GLU H 336 -73.50 -44.78 -4.49
CA GLU H 336 -72.35 -44.04 -4.98
C GLU H 336 -71.52 -44.92 -5.90
N LYS H 337 -70.85 -44.29 -6.87
CA LYS H 337 -70.19 -45.02 -7.94
C LYS H 337 -68.67 -45.01 -7.87
N LEU H 338 -68.05 -43.90 -7.49
CA LEU H 338 -66.59 -43.80 -7.37
C LEU H 338 -65.92 -44.19 -8.69
N SER H 339 -66.56 -43.84 -9.79
CA SER H 339 -66.08 -44.19 -11.11
C SER H 339 -66.70 -43.23 -12.11
N PRO H 340 -66.10 -43.05 -13.28
CA PRO H 340 -66.66 -42.11 -14.25
C PRO H 340 -67.97 -42.63 -14.84
N THR H 341 -68.97 -42.74 -13.97
CA THR H 341 -70.30 -43.20 -14.33
C THR H 341 -71.32 -42.33 -13.62
N LEU H 342 -72.50 -42.22 -14.23
CA LEU H 342 -73.54 -41.36 -13.68
C LEU H 342 -74.91 -41.86 -14.13
N GLY H 343 -75.85 -41.83 -13.20
CA GLY H 343 -77.26 -42.06 -13.51
C GLY H 343 -78.04 -40.79 -13.20
N LEU H 344 -78.95 -40.43 -14.09
CA LEU H 344 -79.75 -39.23 -13.95
C LEU H 344 -81.19 -39.57 -13.59
N PHE H 345 -81.90 -38.54 -13.14
CA PHE H 345 -83.33 -38.63 -12.89
C PHE H 345 -84.11 -37.75 -13.86
N ARG H 346 -85.37 -38.10 -14.05
CA ARG H 346 -86.31 -37.31 -14.83
C ARG H 346 -87.35 -36.77 -13.86
N ALA H 347 -87.17 -35.52 -13.44
CA ALA H 347 -88.07 -34.89 -12.49
C ALA H 347 -89.22 -34.20 -13.21
N ASP H 348 -90.29 -33.94 -12.47
CA ASP H 348 -91.46 -33.26 -13.00
C ASP H 348 -91.40 -31.76 -12.76
N ASN H 349 -91.24 -31.34 -11.51
CA ASN H 349 -91.17 -29.92 -11.18
C ASN H 349 -90.04 -29.64 -10.21
N PHE H 350 -90.02 -28.43 -9.67
CA PHE H 350 -89.02 -28.07 -8.67
C PHE H 350 -89.18 -28.90 -7.41
N GLU H 351 -90.42 -29.05 -6.93
CA GLU H 351 -90.66 -29.75 -5.68
C GLU H 351 -90.56 -31.26 -5.81
N ASP H 352 -90.96 -31.82 -6.96
CA ASP H 352 -90.68 -33.23 -7.22
C ASP H 352 -89.19 -33.47 -7.22
N ALA H 353 -88.43 -32.54 -7.81
CA ALA H 353 -86.98 -32.63 -7.77
C ALA H 353 -86.46 -32.56 -6.35
N VAL H 354 -87.04 -31.70 -5.52
CA VAL H 354 -86.62 -31.58 -4.12
C VAL H 354 -86.88 -32.89 -3.38
N ALA H 355 -88.06 -33.46 -3.58
CA ALA H 355 -88.38 -34.73 -2.91
C ALA H 355 -87.45 -35.83 -3.36
N GLN H 356 -87.17 -35.90 -4.66
CA GLN H 356 -86.24 -36.91 -5.17
C GLN H 356 -84.85 -36.71 -4.58
N ALA H 357 -84.41 -35.45 -4.47
CA ALA H 357 -83.12 -35.17 -3.87
C ALA H 357 -83.08 -35.61 -2.41
N VAL H 358 -84.14 -35.33 -1.66
CA VAL H 358 -84.20 -35.82 -0.28
C VAL H 358 -84.08 -37.33 -0.27
N THR H 359 -84.85 -38.02 -1.12
CA THR H 359 -84.83 -39.47 -1.17
C THR H 359 -83.44 -40.00 -1.50
N MET H 360 -82.67 -39.24 -2.28
CA MET H 360 -81.26 -39.59 -2.45
C MET H 360 -80.48 -39.42 -1.16
N VAL H 361 -80.68 -38.29 -0.48
CA VAL H 361 -79.76 -37.94 0.59
C VAL H 361 -79.91 -38.88 1.78
N GLU H 362 -81.09 -39.45 2.02
CA GLU H 362 -81.09 -40.37 3.17
C GLU H 362 -80.35 -41.65 2.86
N ILE H 363 -80.18 -41.99 1.58
CA ILE H 363 -79.53 -43.25 1.23
C ILE H 363 -78.08 -43.25 1.70
N GLY H 364 -77.38 -42.14 1.51
CA GLY H 364 -76.01 -42.04 2.00
C GLY H 364 -75.92 -42.14 3.50
N GLY H 365 -76.93 -41.65 4.22
CA GLY H 365 -76.94 -41.67 5.66
C GLY H 365 -76.15 -40.56 6.30
N ILE H 366 -75.38 -39.80 5.52
CA ILE H 366 -74.58 -38.70 6.03
C ILE H 366 -74.94 -37.46 5.24
N GLY H 367 -75.24 -36.38 5.96
CA GLY H 367 -75.51 -35.11 5.28
C GLY H 367 -74.21 -34.38 5.03
N HIS H 368 -73.70 -34.52 3.81
CA HIS H 368 -72.37 -34.03 3.47
C HIS H 368 -72.42 -32.88 2.48
N THR H 369 -73.01 -33.10 1.31
CA THR H 369 -73.01 -32.11 0.23
C THR H 369 -74.29 -32.23 -0.58
N SER H 370 -74.64 -31.13 -1.25
CA SER H 370 -75.80 -31.08 -2.12
C SER H 370 -75.60 -29.98 -3.16
N GLY H 371 -76.05 -30.23 -4.38
CA GLY H 371 -75.83 -29.32 -5.49
C GLY H 371 -77.12 -28.82 -6.11
N LEU H 372 -77.14 -27.53 -6.41
CA LEU H 372 -78.24 -26.88 -7.10
C LEU H 372 -77.69 -26.08 -8.26
N TYR H 373 -78.25 -26.29 -9.45
CA TYR H 373 -77.88 -25.54 -10.65
C TYR H 373 -79.13 -24.77 -11.07
N THR H 374 -79.13 -23.46 -10.82
CA THR H 374 -80.33 -22.65 -11.07
C THR H 374 -79.92 -21.21 -11.31
N ASN H 375 -80.88 -20.42 -11.78
CA ASN H 375 -80.68 -18.98 -11.82
C ASN H 375 -80.75 -18.42 -10.40
N GLN H 376 -79.84 -17.50 -10.09
CA GLN H 376 -79.61 -17.09 -8.72
C GLN H 376 -80.44 -15.87 -8.31
N ASP H 377 -80.41 -14.80 -9.11
CA ASP H 377 -80.98 -13.53 -8.67
C ASP H 377 -82.48 -13.44 -8.84
N VAL H 378 -83.08 -14.31 -9.66
CA VAL H 378 -84.52 -14.23 -9.91
C VAL H 378 -85.26 -15.17 -8.97
N ASN H 379 -84.57 -16.20 -8.48
CA ASN H 379 -85.17 -17.19 -7.59
C ASN H 379 -84.33 -17.28 -6.32
N ALA H 380 -84.62 -16.40 -5.36
CA ALA H 380 -84.07 -16.53 -4.01
C ALA H 380 -85.03 -17.29 -3.09
N ASP H 381 -86.33 -17.19 -3.37
CA ASP H 381 -87.30 -18.10 -2.75
C ASP H 381 -86.88 -19.55 -2.96
N ARG H 382 -86.53 -19.89 -4.20
CA ARG H 382 -86.04 -21.24 -4.49
C ARG H 382 -84.81 -21.54 -3.68
N ILE H 383 -83.90 -20.56 -3.55
CA ILE H 383 -82.65 -20.80 -2.83
C ILE H 383 -82.94 -21.14 -1.37
N ARG H 384 -83.75 -20.32 -0.70
CA ARG H 384 -83.95 -20.54 0.73
C ARG H 384 -84.83 -21.75 1.00
N TYR H 385 -85.86 -21.99 0.18
CA TYR H 385 -86.65 -23.20 0.34
C TYR H 385 -85.78 -24.43 0.14
N PHE H 386 -84.94 -24.41 -0.90
CA PHE H 386 -84.00 -25.48 -1.18
C PHE H 386 -83.10 -25.74 0.02
N GLY H 387 -82.61 -24.67 0.66
CA GLY H 387 -81.82 -24.84 1.86
C GLY H 387 -82.62 -25.43 3.00
N ASP H 388 -83.89 -25.04 3.13
CA ASP H 388 -84.73 -25.56 4.19
C ASP H 388 -84.95 -27.06 4.05
N LYS H 389 -85.20 -27.51 2.81
CA LYS H 389 -85.58 -28.91 2.63
C LYS H 389 -84.39 -29.85 2.81
N LEU H 390 -83.19 -29.42 2.47
CA LEU H 390 -82.03 -30.29 2.50
C LEU H 390 -81.29 -30.20 3.82
N LYS H 391 -80.64 -31.31 4.19
CA LYS H 391 -79.83 -31.40 5.40
C LYS H 391 -78.49 -32.05 5.00
N THR H 392 -77.56 -31.22 4.55
CA THR H 392 -76.21 -31.66 4.24
C THR H 392 -75.23 -30.60 4.72
N ALA H 393 -73.98 -31.02 4.95
CA ALA H 393 -72.97 -30.11 5.47
C ALA H 393 -72.70 -28.98 4.50
N ARG H 394 -72.64 -29.27 3.20
CA ARG H 394 -72.34 -28.29 2.18
C ARG H 394 -73.53 -28.12 1.23
N ILE H 395 -73.91 -26.87 0.98
CA ILE H 395 -74.92 -26.53 0.00
C ILE H 395 -74.26 -25.67 -1.05
N LEU H 396 -74.28 -26.12 -2.31
CA LEU H 396 -73.70 -25.36 -3.40
C LEU H 396 -74.77 -25.00 -4.41
N VAL H 397 -74.72 -23.77 -4.91
CA VAL H 397 -75.62 -23.30 -5.95
C VAL H 397 -74.78 -22.83 -7.12
N ASN H 398 -74.95 -23.49 -8.26
CA ASN H 398 -74.21 -23.17 -9.47
C ASN H 398 -72.70 -23.32 -9.24
N ILE H 399 -72.34 -24.33 -8.45
CA ILE H 399 -70.95 -24.53 -8.04
C ILE H 399 -70.59 -26.00 -8.15
N PRO H 400 -69.48 -26.35 -8.79
CA PRO H 400 -69.03 -27.75 -8.78
C PRO H 400 -68.63 -28.20 -7.39
N THR H 401 -68.81 -29.48 -7.14
CA THR H 401 -68.44 -30.08 -5.86
C THR H 401 -67.02 -30.64 -5.89
N THR H 402 -66.08 -29.81 -6.32
CA THR H 402 -64.69 -30.22 -6.47
C THR H 402 -63.80 -29.06 -6.08
N HIS H 403 -62.51 -29.16 -6.41
CA HIS H 403 -61.53 -28.16 -6.00
C HIS H 403 -60.59 -27.87 -7.16
N GLY H 404 -60.62 -26.64 -7.67
CA GLY H 404 -59.73 -26.22 -8.74
C GLY H 404 -60.40 -25.91 -10.06
N GLY H 405 -60.54 -24.62 -10.37
CA GLY H 405 -61.01 -24.15 -11.66
C GLY H 405 -59.99 -23.27 -12.35
N ILE H 406 -60.26 -21.97 -12.45
CA ILE H 406 -59.25 -20.99 -12.86
C ILE H 406 -58.66 -20.41 -11.59
N GLY H 407 -57.43 -19.93 -11.68
CA GLY H 407 -56.82 -19.16 -10.62
C GLY H 407 -56.63 -19.91 -9.32
N ASP H 408 -57.12 -19.33 -8.22
CA ASP H 408 -56.90 -19.86 -6.90
C ASP H 408 -57.47 -21.26 -6.74
N LEU H 409 -58.80 -21.36 -6.73
CA LEU H 409 -59.49 -22.60 -6.46
C LEU H 409 -60.99 -22.35 -6.58
N TYR H 410 -61.73 -23.36 -7.06
CA TYR H 410 -63.19 -23.32 -7.18
C TYR H 410 -63.85 -24.35 -6.28
N ASN H 411 -64.23 -23.90 -5.08
CA ASN H 411 -64.05 -22.51 -4.68
C ASN H 411 -62.84 -22.33 -3.75
N PHE H 412 -62.26 -21.13 -3.76
CA PHE H 412 -61.03 -20.86 -3.01
C PHE H 412 -61.23 -20.97 -1.51
N ASN H 413 -62.45 -20.81 -1.02
CA ASN H 413 -62.74 -20.74 0.41
C ASN H 413 -63.44 -21.99 0.92
N VAL H 414 -63.09 -23.15 0.38
CA VAL H 414 -63.70 -24.41 0.80
C VAL H 414 -62.63 -25.34 1.33
N ALA H 415 -63.01 -26.14 2.32
CA ALA H 415 -62.19 -27.26 2.75
C ALA H 415 -62.31 -28.38 1.72
N PRO H 416 -61.39 -29.35 1.74
CA PRO H 416 -61.53 -30.50 0.85
C PRO H 416 -62.81 -31.25 1.11
N SER H 417 -63.22 -32.06 0.13
CA SER H 417 -64.38 -32.92 0.33
C SER H 417 -64.14 -33.95 1.43
N LEU H 418 -62.88 -34.27 1.72
CA LEU H 418 -62.52 -35.06 2.90
C LEU H 418 -62.51 -34.15 4.12
N THR H 419 -61.94 -34.64 5.22
CA THR H 419 -61.85 -33.94 6.51
C THR H 419 -63.22 -33.68 7.12
N LEU H 420 -64.31 -34.06 6.46
CA LEU H 420 -65.66 -33.84 6.96
C LEU H 420 -66.20 -35.17 7.49
N GLY H 421 -66.08 -35.35 8.80
CA GLY H 421 -66.56 -36.57 9.44
C GLY H 421 -67.60 -36.26 10.49
N CYS H 422 -68.10 -37.32 11.11
CA CYS H 422 -69.10 -37.21 12.15
C CYS H 422 -68.84 -38.27 13.22
N GLY H 423 -69.39 -38.03 14.40
CA GLY H 423 -69.33 -38.97 15.49
C GLY H 423 -70.42 -40.01 15.48
N SER H 424 -71.24 -40.05 14.43
CA SER H 424 -72.35 -40.99 14.34
C SER H 424 -72.59 -41.35 12.88
N TRP H 425 -73.32 -42.43 12.66
CA TRP H 425 -73.62 -42.93 11.33
C TRP H 425 -75.11 -43.07 11.01
N GLY H 426 -75.97 -43.14 12.03
CA GLY H 426 -77.37 -43.49 11.86
C GLY H 426 -78.12 -42.76 10.77
N GLY H 427 -78.34 -41.46 10.94
CA GLY H 427 -79.10 -40.71 9.96
C GLY H 427 -79.01 -39.22 10.17
N ASN H 428 -79.03 -38.45 9.07
CA ASN H 428 -78.87 -37.00 9.10
C ASN H 428 -77.62 -36.58 9.87
N SER H 429 -76.64 -37.47 9.96
CA SER H 429 -75.38 -37.20 10.66
C SER H 429 -74.56 -36.25 9.79
N ILE H 430 -74.82 -34.95 9.97
CA ILE H 430 -74.14 -33.93 9.20
C ILE H 430 -72.65 -33.99 9.51
N SER H 431 -71.84 -34.35 8.52
CA SER H 431 -70.41 -34.46 8.73
C SER H 431 -69.80 -33.09 9.04
N GLU H 432 -68.82 -33.08 9.93
CA GLU H 432 -68.18 -31.85 10.38
C GLU H 432 -66.68 -31.96 10.18
N ASN H 433 -66.04 -30.81 9.97
CA ASN H 433 -64.60 -30.77 9.85
C ASN H 433 -63.94 -31.04 11.21
N VAL H 434 -62.65 -31.36 11.16
CA VAL H 434 -61.91 -31.80 12.34
C VAL H 434 -60.79 -30.83 12.62
N GLY H 435 -60.57 -30.55 13.91
CA GLY H 435 -59.51 -29.68 14.33
C GLY H 435 -58.88 -30.14 15.63
N PRO H 436 -57.82 -29.45 16.07
CA PRO H 436 -57.16 -29.84 17.32
C PRO H 436 -58.03 -29.70 18.55
N LYS H 437 -59.13 -28.93 18.48
CA LYS H 437 -60.08 -28.91 19.58
C LYS H 437 -60.64 -30.30 19.87
N HIS H 438 -60.80 -31.11 18.82
CA HIS H 438 -61.16 -32.52 19.00
C HIS H 438 -59.98 -33.36 19.45
N LEU H 439 -58.76 -32.83 19.39
CA LEU H 439 -57.54 -33.61 19.56
C LEU H 439 -56.73 -33.16 20.77
N ILE H 440 -57.23 -32.18 21.53
CA ILE H 440 -56.59 -31.75 22.77
C ILE H 440 -57.66 -31.63 23.84
N ASN H 441 -57.34 -32.07 25.06
CA ASN H 441 -58.27 -31.98 26.18
C ASN H 441 -57.89 -30.82 27.07
N LYS H 442 -58.88 -30.02 27.44
CA LYS H 442 -58.66 -28.80 28.21
C LYS H 442 -58.98 -29.04 29.68
N LYS H 443 -58.16 -28.47 30.55
CA LYS H 443 -58.42 -28.51 31.99
C LYS H 443 -58.29 -27.12 32.57
N THR H 444 -58.99 -26.89 33.68
CA THR H 444 -59.01 -25.58 34.31
C THR H 444 -58.90 -25.73 35.82
N VAL H 445 -58.33 -24.71 36.45
CA VAL H 445 -58.13 -24.64 37.89
C VAL H 445 -58.65 -23.30 38.39
N ALA H 446 -59.37 -23.34 39.51
CA ALA H 446 -59.88 -22.15 40.16
C ALA H 446 -59.19 -21.98 41.51
N LYS H 447 -58.83 -20.74 41.84
CA LYS H 447 -58.14 -20.42 43.08
C LYS H 447 -59.04 -19.59 43.98
N ARG H 448 -59.04 -19.91 45.27
CA ARG H 448 -59.84 -19.18 46.23
C ARG H 448 -59.38 -17.74 46.33
N ALA H 449 -60.33 -16.81 46.26
CA ALA H 449 -60.03 -15.39 46.31
C ALA H 449 -61.00 -14.66 47.23
#